data_3H0L
#
_entry.id   3H0L
#
_cell.length_a   127.482
_cell.length_b   131.012
_cell.length_c   154.668
_cell.angle_alpha   90.02
_cell.angle_beta   90.00
_cell.angle_gamma   89.91
#
_symmetry.space_group_name_H-M   'P 1'
#
loop_
_entity.id
_entity.type
_entity.pdbx_description
1 polymer 'Glutamyl-tRNA(Gln) amidotransferase subunit A'
2 polymer 'Aspartyl/glutamyl-tRNA(Asn/Gln) amidotransferase subunit B'
3 polymer 'Glutamyl-tRNA(Gln) amidotransferase subunit C'
4 non-polymer ASPARAGINE
5 non-polymer "ADENOSINE-5'-DIPHOSPHATE"
6 non-polymer 'MAGNESIUM ION'
7 non-polymer 'ZINC ION'
#
loop_
_entity_poly.entity_id
_entity_poly.type
_entity_poly.pdbx_seq_one_letter_code
_entity_poly.pdbx_strand_id
1 'polypeptide(L)'
;MLWKKSLSELRELLKRGEVSPKEVVESFYDRYNQTEEKVKAYITPLYGKALKQAESLKERELPLFGIPIAVKDNILVEGE
KTTCASKILENFVAPYDATVIERLKKAGALIVGKTNLDEFAMGSSTEYSAFFPTKNPWDLERVPGGSSGGSAASVAVLSA
PVSLGSDTGGSIRQPASFCGVIGIKPTYGRVSRYGLVAFASSLDQIGVFGRRTEDVALVLEVISGWDEKDSTSAKVPVPE
WSEEVKKEVKGLKIGLPKEFFEYELQPQVKEAFENFIKELEKEGFEIKEVSLPHVKYSIPTYYIIAPSEASSNLARYDGV
RYGYRAKEYKDIFEMYARTRDEGFGPEVKRRIMLGTFALSAGYYDAYYLKAQKVRRLITNDFLKAFEEVDVIASPTTPTL
PFKFGERLENPIEMYLSDILTVPANLAGLPAISIPIAWKDGLPVGGQLIGKHWDETTLLQISYLWEQKFKHYEKIPLT
;
A,D,G,J,M,P,S,V
2 'polypeptide(L)'
;MNEKYEAVIGLEIHVQMDTKTKMFCGCKVEFGAEPNTNVCPVCLGMPGALPIVNKRAVEYAIRASLALNCEVHEESVFAR
KHYFYPDLPKGYQISQYEKPLATNGWVELNLPNGEKKKVRIRRLHIEEDAGKNIHEGDKTLVDLNRAGTPLMEIVTEPDI
RTPEEARLFLEKLRNIMRYAGVSKADMEKGQLRCDINVSIRPKGSKEFGTRVEIKNVNSFRFVQKALEYEIERQINVVEE
GGEVVQETRTFDPQTGKTYPMRTKEEAEDYRYFPDPDLVPLKVKKEWIEEIKKNMPELPDQRFERLIKEYGLSEYEAGIL
VNHKEVGDFFEEAVRHFKEPKGIVNWLINDLLGLLRDKGISIEESPVKPEHLAELVKLIKEKVISTKIGKEVIKEMVETG
KTPSQIVEEKGLKQITDENQIKELVKKIFEKHPKEVERLKQGEEKLIGFFVGQVMRETRGKANPQVVNKVIRELVKEV
;
B,E,H,K,N,Q,T,W
3 'polypeptide(L)'
;MVDREWVLKIAKLARLELKEEEIEVFQKQLSDILDFIDQLKELDTENVEPYIQEFEETPMREDEPHPSLDREKALMNAPE
RKDGFFVVPRVVEV
;
C,F,I,L,O,R,U,X
#
loop_
_chem_comp.id
_chem_comp.type
_chem_comp.name
_chem_comp.formula
ADP non-polymer ADENOSINE-5'-DIPHOSPHATE 'C10 H15 N5 O10 P2'
MG non-polymer 'MAGNESIUM ION' 'Mg 2'
ZN non-polymer 'ZINC ION' 'Zn 2'
#
# COMPACT_ATOMS: atom_id res chain seq x y z
N MET A 1 8.26 44.28 -44.90
CA MET A 1 8.33 42.80 -45.14
C MET A 1 8.89 42.06 -43.90
N LEU A 2 9.04 42.79 -42.78
CA LEU A 2 9.44 42.25 -41.46
C LEU A 2 10.97 42.16 -41.24
N TRP A 3 11.64 41.36 -42.05
CA TRP A 3 13.10 41.37 -42.03
C TRP A 3 13.62 42.71 -42.55
N LYS A 4 12.74 43.42 -43.23
CA LYS A 4 13.02 44.74 -43.79
C LYS A 4 12.82 45.82 -42.74
N LYS A 5 12.37 45.43 -41.55
CA LYS A 5 12.06 46.40 -40.49
C LYS A 5 13.18 46.55 -39.46
N SER A 6 13.30 47.74 -38.89
CA SER A 6 14.33 48.01 -37.91
C SER A 6 13.90 47.50 -36.56
N LEU A 7 14.81 47.55 -35.59
CA LEU A 7 14.54 47.04 -34.23
C LEU A 7 13.52 47.89 -33.47
N SER A 8 13.37 49.15 -33.89
CA SER A 8 12.37 50.05 -33.31
C SER A 8 10.99 49.64 -33.82
N GLU A 9 10.91 49.40 -35.12
CA GLU A 9 9.70 48.94 -35.78
C GLU A 9 9.33 47.56 -35.23
N LEU A 10 10.33 46.70 -35.07
CA LEU A 10 10.11 45.36 -34.55
C LEU A 10 9.70 45.35 -33.08
N ARG A 11 10.32 46.19 -32.28
CA ARG A 11 10.00 46.26 -30.85
C ARG A 11 8.56 46.68 -30.59
N GLU A 12 8.11 47.76 -31.22
CA GLU A 12 6.72 48.22 -31.07
C GLU A 12 5.72 47.10 -31.43
N LEU A 13 6.00 46.41 -32.53
CA LEU A 13 5.21 45.26 -32.98
C LEU A 13 5.21 44.07 -32.00
N LEU A 14 6.33 43.87 -31.31
CA LEU A 14 6.48 42.73 -30.40
C LEU A 14 5.87 43.02 -29.03
N LYS A 15 6.00 44.27 -28.62
CA LYS A 15 5.53 44.73 -27.32
C LYS A 15 4.00 44.72 -27.25
N ARG A 16 3.36 44.98 -28.41
CA ARG A 16 1.89 45.00 -28.53
C ARG A 16 1.34 43.73 -29.18
N GLY A 17 2.14 42.66 -29.16
CA GLY A 17 1.71 41.34 -29.60
C GLY A 17 1.31 41.19 -31.05
N GLU A 18 1.35 42.29 -31.81
CA GLU A 18 1.05 42.27 -33.24
C GLU A 18 1.90 41.23 -33.98
N VAL A 19 3.08 40.95 -33.42
CA VAL A 19 3.96 39.90 -33.93
C VAL A 19 4.57 39.12 -32.75
N SER A 20 4.97 37.88 -33.01
CA SER A 20 5.68 37.08 -32.01
C SER A 20 7.16 36.86 -32.39
N PRO A 21 8.01 36.59 -31.38
CA PRO A 21 9.42 36.29 -31.59
C PRO A 21 9.68 35.27 -32.71
N LYS A 22 8.84 34.24 -32.74
CA LYS A 22 8.95 33.16 -33.71
C LYS A 22 8.82 33.65 -35.15
N GLU A 23 7.88 34.57 -35.37
CA GLU A 23 7.63 35.12 -36.71
C GLU A 23 8.82 35.94 -37.19
N VAL A 24 9.35 36.78 -36.28
CA VAL A 24 10.56 37.57 -36.54
C VAL A 24 11.69 36.66 -37.04
N VAL A 25 11.99 35.62 -36.26
CA VAL A 25 13.01 34.64 -36.62
C VAL A 25 12.72 34.00 -37.98
N GLU A 26 11.45 33.62 -38.19
CA GLU A 26 10.98 33.02 -39.45
C GLU A 26 11.26 33.95 -40.64
N SER A 27 10.97 35.25 -40.45
CA SER A 27 11.18 36.24 -41.48
C SER A 27 12.65 36.30 -41.94
N PHE A 28 13.56 36.47 -40.98
CA PHE A 28 14.97 36.55 -41.27
C PHE A 28 15.52 35.23 -41.79
N TYR A 29 14.92 34.13 -41.30
CA TYR A 29 15.23 32.79 -41.77
C TYR A 29 14.98 32.66 -43.28
N ASP A 30 13.83 33.17 -43.72
CA ASP A 30 13.52 33.17 -45.15
C ASP A 30 14.53 33.96 -45.97
N ARG A 31 14.77 35.19 -45.53
CA ARG A 31 15.75 36.08 -46.14
C ARG A 31 17.14 35.41 -46.17
N TYR A 32 17.44 34.65 -45.12
CA TYR A 32 18.63 33.81 -45.06
C TYR A 32 18.62 32.82 -46.23
N ASN A 33 17.50 32.10 -46.37
CA ASN A 33 17.37 31.10 -47.45
C ASN A 33 17.39 31.69 -48.82
N GLN A 34 16.87 32.92 -48.94
CA GLN A 34 16.99 33.70 -50.18
C GLN A 34 18.46 33.95 -50.58
N THR A 35 19.29 34.29 -49.57
CA THR A 35 20.59 34.93 -49.80
C THR A 35 21.81 34.03 -49.63
N GLU A 36 21.72 33.09 -48.68
CA GLU A 36 22.89 32.40 -48.20
C GLU A 36 23.74 31.68 -49.23
N GLU A 37 23.11 31.09 -50.25
CA GLU A 37 23.83 30.37 -51.31
C GLU A 37 24.79 31.29 -52.06
N LYS A 38 24.40 32.56 -52.21
CA LYS A 38 25.25 33.53 -52.88
C LYS A 38 26.28 34.09 -51.89
N VAL A 39 25.79 34.55 -50.73
CA VAL A 39 26.58 35.28 -49.72
C VAL A 39 27.55 34.41 -48.89
N LYS A 40 27.01 33.35 -48.27
CA LYS A 40 27.76 32.46 -47.38
C LYS A 40 28.27 33.19 -46.13
N ALA A 41 27.36 33.85 -45.42
CA ALA A 41 27.71 34.56 -44.21
C ALA A 41 27.99 33.64 -43.00
N TYR A 42 27.32 32.49 -42.94
CA TYR A 42 27.38 31.67 -41.73
C TYR A 42 28.23 30.41 -41.84
N ILE A 43 28.81 30.03 -40.70
CA ILE A 43 29.45 28.74 -40.55
C ILE A 43 28.39 27.79 -40.00
N THR A 44 27.68 28.24 -38.97
CA THR A 44 26.72 27.40 -38.33
C THR A 44 25.47 28.24 -38.18
N PRO A 45 24.47 27.98 -39.04
CA PRO A 45 23.20 28.69 -38.95
C PRO A 45 22.44 28.08 -37.78
N LEU A 46 21.83 28.91 -36.94
CA LEU A 46 21.12 28.38 -35.79
C LEU A 46 19.68 28.89 -35.74
N TYR A 47 19.14 29.24 -36.91
CA TYR A 47 17.75 29.71 -37.04
C TYR A 47 16.76 28.66 -36.53
N GLY A 48 17.05 27.40 -36.83
CA GLY A 48 16.28 26.26 -36.33
C GLY A 48 16.18 26.28 -34.81
N LYS A 49 17.33 26.43 -34.16
CA LYS A 49 17.38 26.42 -32.70
C LYS A 49 16.73 27.68 -32.11
N ALA A 50 16.90 28.82 -32.80
CA ALA A 50 16.35 30.09 -32.36
C ALA A 50 14.80 30.04 -32.42
N LEU A 51 14.28 29.39 -33.46
CA LEU A 51 12.84 29.10 -33.59
C LEU A 51 12.26 28.48 -32.34
N LYS A 52 12.91 27.42 -31.86
CA LYS A 52 12.48 26.75 -30.63
C LYS A 52 12.63 27.60 -29.38
N GLN A 53 13.73 28.36 -29.28
CA GLN A 53 14.00 29.23 -28.13
C GLN A 53 13.00 30.37 -28.07
N ALA A 54 12.48 30.74 -29.23
CA ALA A 54 11.50 31.81 -29.36
C ALA A 54 10.16 31.45 -28.70
N GLU A 55 9.78 30.19 -28.77
CA GLU A 55 8.49 29.73 -28.21
C GLU A 55 8.38 30.04 -26.71
N SER A 56 9.50 29.89 -26.00
CA SER A 56 9.50 30.07 -24.54
C SER A 56 9.81 31.51 -24.13
N LEU A 57 10.08 32.36 -25.11
CA LEU A 57 10.40 33.76 -24.87
C LEU A 57 9.10 34.53 -24.65
N LYS A 58 8.90 35.08 -23.45
CA LYS A 58 7.62 35.72 -23.16
C LYS A 58 7.64 37.13 -22.61
N GLU A 59 8.59 37.44 -21.71
CA GLU A 59 8.61 38.80 -21.15
C GLU A 59 9.02 39.84 -22.19
N ARG A 60 8.03 40.64 -22.61
CA ARG A 60 8.20 41.55 -23.75
C ARG A 60 9.01 42.80 -23.43
N GLU A 61 9.08 43.17 -22.15
CA GLU A 61 9.77 44.41 -21.78
C GLU A 61 11.31 44.32 -21.77
N LEU A 62 11.82 43.10 -22.01
CA LEU A 62 13.25 42.87 -22.19
C LEU A 62 13.79 43.70 -23.36
N PRO A 63 14.91 44.44 -23.13
CA PRO A 63 15.41 45.42 -24.10
C PRO A 63 15.63 44.90 -25.52
N LEU A 64 16.00 43.63 -25.68
CA LEU A 64 16.16 43.06 -27.02
C LEU A 64 15.18 41.92 -27.27
N PHE A 65 14.01 42.02 -26.64
CA PHE A 65 13.01 40.94 -26.57
C PHE A 65 13.03 39.93 -27.74
N GLY A 66 12.63 40.31 -28.94
CA GLY A 66 12.48 39.29 -29.97
C GLY A 66 13.55 39.31 -31.02
N ILE A 67 14.63 40.04 -30.76
CA ILE A 67 15.61 40.37 -31.79
C ILE A 67 16.58 39.23 -32.11
N PRO A 68 16.61 38.79 -33.38
CA PRO A 68 17.66 37.91 -33.91
C PRO A 68 19.01 38.64 -33.97
N ILE A 69 20.09 37.91 -33.70
CA ILE A 69 21.44 38.48 -33.73
C ILE A 69 22.45 37.43 -34.21
N ALA A 70 23.22 37.77 -35.26
CA ALA A 70 24.31 36.91 -35.71
C ALA A 70 25.51 37.20 -34.82
N VAL A 71 26.38 36.20 -34.69
CA VAL A 71 27.53 36.27 -33.83
C VAL A 71 28.75 35.68 -34.56
N LYS A 72 29.87 36.40 -34.51
CA LYS A 72 31.11 35.94 -35.12
C LYS A 72 31.58 34.64 -34.47
N ASP A 73 32.11 33.73 -35.27
CA ASP A 73 32.46 32.42 -34.74
C ASP A 73 33.82 32.31 -34.06
N ASN A 74 34.28 33.44 -33.51
CA ASN A 74 35.30 33.43 -32.49
C ASN A 74 34.73 33.89 -31.11
N ILE A 75 33.40 34.08 -31.04
CA ILE A 75 32.76 34.38 -29.74
C ILE A 75 32.03 33.12 -29.34
N LEU A 76 32.32 32.59 -28.15
CA LEU A 76 31.74 31.31 -27.70
C LEU A 76 30.27 31.38 -27.40
N VAL A 77 29.54 30.46 -28.03
CA VAL A 77 28.13 30.25 -27.75
C VAL A 77 27.99 28.83 -27.22
N GLU A 78 27.52 28.71 -25.99
CA GLU A 78 27.51 27.42 -25.30
C GLU A 78 26.69 26.35 -25.98
N GLY A 79 27.29 25.17 -26.16
CA GLY A 79 26.57 24.05 -26.69
C GLY A 79 26.67 23.98 -28.19
N GLU A 80 27.14 25.04 -28.83
CA GLU A 80 27.34 25.01 -30.30
C GLU A 80 28.80 25.15 -30.63
N LYS A 81 29.17 24.69 -31.82
CA LYS A 81 30.52 24.80 -32.33
C LYS A 81 31.03 26.25 -32.37
N THR A 82 32.24 26.45 -31.85
CA THR A 82 32.98 27.68 -32.10
C THR A 82 34.27 27.28 -32.79
N THR A 83 34.33 27.57 -34.10
CA THR A 83 35.37 27.09 -34.99
C THR A 83 36.54 28.05 -35.22
N CYS A 84 36.28 29.34 -34.98
CA CYS A 84 37.17 30.43 -35.39
C CYS A 84 37.60 30.25 -36.83
N ALA A 85 36.74 29.57 -37.59
CA ALA A 85 36.94 29.31 -38.99
C ALA A 85 38.25 28.55 -39.19
N SER A 86 38.58 27.68 -38.24
CA SER A 86 39.80 26.87 -38.28
C SER A 86 39.56 25.37 -38.28
N LYS A 87 40.39 24.63 -39.03
CA LYS A 87 40.42 23.17 -38.97
C LYS A 87 40.75 22.69 -37.54
N ILE A 88 41.61 23.45 -36.84
CA ILE A 88 42.05 23.05 -35.51
C ILE A 88 40.90 23.12 -34.48
N LEU A 89 39.82 23.83 -34.84
CA LEU A 89 38.69 23.96 -33.94
C LEU A 89 37.31 23.61 -34.53
N GLU A 90 37.28 22.98 -35.70
CA GLU A 90 36.00 22.45 -36.17
C GLU A 90 35.67 21.31 -35.25
N ASN A 91 34.40 21.22 -34.85
CA ASN A 91 34.00 20.17 -33.91
C ASN A 91 34.30 20.51 -32.45
N PHE A 92 34.89 21.69 -32.21
CA PHE A 92 34.98 22.17 -30.85
C PHE A 92 33.62 22.72 -30.43
N VAL A 93 32.98 22.06 -29.48
CA VAL A 93 31.72 22.52 -28.88
C VAL A 93 32.00 23.39 -27.68
N ALA A 94 31.52 24.62 -27.72
CA ALA A 94 31.80 25.58 -26.67
C ALA A 94 31.16 25.11 -25.37
N PRO A 95 31.96 24.98 -24.30
CA PRO A 95 31.50 24.58 -22.96
C PRO A 95 30.98 25.72 -22.08
N TYR A 96 31.00 26.94 -22.62
CA TYR A 96 30.55 28.11 -21.88
C TYR A 96 30.28 29.28 -22.81
N ASP A 97 29.46 30.23 -22.34
CA ASP A 97 29.09 31.38 -23.14
C ASP A 97 30.00 32.57 -22.84
N ALA A 98 30.51 33.20 -23.90
CA ALA A 98 31.12 34.50 -23.78
C ALA A 98 30.22 35.40 -22.94
N THR A 99 30.82 36.32 -22.20
CA THR A 99 30.06 37.24 -21.34
C THR A 99 29.00 38.05 -22.14
N VAL A 100 29.35 38.46 -23.35
CA VAL A 100 28.42 39.22 -24.19
C VAL A 100 27.20 38.38 -24.60
N ILE A 101 27.39 37.09 -24.85
CA ILE A 101 26.32 36.19 -25.24
C ILE A 101 25.38 35.96 -24.07
N GLU A 102 25.96 35.86 -22.88
CA GLU A 102 25.19 35.80 -21.64
C GLU A 102 24.31 37.04 -21.47
N ARG A 103 24.87 38.21 -21.77
CA ARG A 103 24.16 39.48 -21.61
C ARG A 103 23.09 39.70 -22.67
N LEU A 104 23.34 39.26 -23.90
CA LEU A 104 22.33 39.32 -24.94
C LEU A 104 21.17 38.36 -24.65
N LYS A 105 21.50 37.14 -24.24
CA LYS A 105 20.50 36.16 -23.89
C LYS A 105 19.62 36.67 -22.78
N LYS A 106 20.23 37.28 -21.78
CA LYS A 106 19.47 37.83 -20.67
C LYS A 106 18.59 38.99 -21.11
N ALA A 107 18.92 39.61 -22.25
CA ALA A 107 18.17 40.78 -22.74
C ALA A 107 17.11 40.39 -23.77
N GLY A 108 16.93 39.09 -23.94
CA GLY A 108 15.90 38.55 -24.83
C GLY A 108 16.37 38.25 -26.26
N ALA A 109 17.59 38.63 -26.61
CA ALA A 109 18.06 38.41 -27.97
C ALA A 109 18.03 36.92 -28.38
N LEU A 110 17.98 36.67 -29.67
CA LEU A 110 17.99 35.30 -30.15
C LEU A 110 19.16 35.03 -31.08
N ILE A 111 20.14 34.29 -30.60
CA ILE A 111 21.33 33.99 -31.44
C ILE A 111 20.94 33.15 -32.63
N VAL A 112 21.10 33.72 -33.82
CA VAL A 112 20.59 33.08 -35.02
C VAL A 112 21.65 32.37 -35.87
N GLY A 113 22.92 32.50 -35.49
CA GLY A 113 23.99 31.79 -36.21
C GLY A 113 25.43 32.22 -35.95
N LYS A 114 26.35 31.36 -36.37
CA LYS A 114 27.76 31.63 -36.17
C LYS A 114 28.35 31.95 -37.51
N THR A 115 28.96 33.11 -37.53
CA THR A 115 29.27 33.87 -38.70
C THR A 115 30.70 33.56 -39.23
N ASN A 116 30.89 33.62 -40.55
CA ASN A 116 32.19 33.23 -41.14
C ASN A 116 33.22 34.35 -40.86
N LEU A 117 34.51 33.98 -40.91
CA LEU A 117 35.62 34.88 -40.56
C LEU A 117 36.92 34.40 -41.19
N ASP A 118 37.91 35.29 -41.25
CA ASP A 118 39.28 34.86 -41.52
C ASP A 118 39.67 33.97 -40.34
N GLU A 119 40.46 32.92 -40.64
CA GLU A 119 40.78 31.95 -39.61
C GLU A 119 41.53 32.64 -38.48
N PHE A 120 40.97 32.47 -37.27
CA PHE A 120 41.40 33.06 -36.01
C PHE A 120 41.43 34.58 -36.08
N ALA A 121 40.63 35.11 -37.01
CA ALA A 121 40.38 36.56 -37.10
C ALA A 121 41.59 37.34 -37.65
N MET A 122 42.43 36.64 -38.41
CA MET A 122 43.61 37.21 -39.02
C MET A 122 43.45 37.31 -40.54
N GLY A 123 43.23 38.54 -41.01
CA GLY A 123 43.01 38.82 -42.42
C GLY A 123 42.05 39.98 -42.60
N SER A 124 41.98 40.47 -43.85
CA SER A 124 41.11 41.60 -44.17
C SER A 124 40.05 41.34 -45.25
N SER A 125 39.65 40.09 -45.47
CA SER A 125 38.81 39.79 -46.62
C SER A 125 37.95 38.56 -46.43
N THR A 126 38.21 37.77 -45.39
CA THR A 126 37.48 36.52 -45.11
C THR A 126 37.90 35.33 -45.99
N GLU A 127 38.74 35.60 -47.00
CA GLU A 127 39.28 34.55 -47.83
C GLU A 127 40.06 33.50 -47.03
N TYR A 128 40.53 33.87 -45.85
CA TYR A 128 41.33 32.96 -44.99
C TYR A 128 40.49 32.09 -44.06
N SER A 129 39.17 32.16 -44.19
CA SER A 129 38.31 31.16 -43.60
C SER A 129 38.78 29.81 -44.10
N ALA A 130 39.02 28.88 -43.19
CA ALA A 130 39.50 27.54 -43.56
C ALA A 130 38.44 26.71 -44.28
N PHE A 131 37.22 27.23 -44.31
CA PHE A 131 36.10 26.50 -44.87
C PHE A 131 35.63 27.00 -46.25
N PHE A 132 35.42 28.31 -46.38
CA PHE A 132 34.91 28.94 -47.59
C PHE A 132 34.89 30.45 -47.46
N PRO A 133 35.08 31.16 -48.59
CA PRO A 133 34.94 32.62 -48.62
C PRO A 133 33.48 33.08 -48.48
N THR A 134 33.25 34.13 -47.71
CA THR A 134 32.00 34.88 -47.72
C THR A 134 32.17 35.92 -48.82
N LYS A 135 31.07 36.23 -49.51
CA LYS A 135 31.10 37.14 -50.68
C LYS A 135 30.30 38.44 -50.40
N ASN A 136 30.74 39.54 -51.01
CA ASN A 136 30.11 40.87 -50.85
C ASN A 136 28.76 40.88 -51.58
N PRO A 137 27.66 41.02 -50.82
CA PRO A 137 26.29 41.11 -51.36
C PRO A 137 26.05 42.26 -52.37
N TRP A 138 26.97 43.21 -52.47
CA TRP A 138 26.80 44.25 -53.45
C TRP A 138 27.53 43.92 -54.73
N ASP A 139 28.41 42.92 -54.69
CA ASP A 139 29.06 42.41 -55.89
C ASP A 139 29.78 41.13 -55.48
N LEU A 140 29.20 39.98 -55.84
CA LEU A 140 29.72 38.69 -55.37
C LEU A 140 31.06 38.30 -55.98
N GLU A 141 31.59 39.12 -56.89
CA GLU A 141 32.99 38.99 -57.34
C GLU A 141 33.92 39.70 -56.34
N ARG A 142 33.31 40.41 -55.36
CA ARG A 142 34.09 41.21 -54.39
C ARG A 142 34.05 40.70 -52.92
N VAL A 143 35.14 40.98 -52.19
CA VAL A 143 35.29 40.52 -50.81
C VAL A 143 34.44 41.38 -49.87
N PRO A 144 33.94 40.82 -48.76
CA PRO A 144 33.09 41.59 -47.83
C PRO A 144 33.94 42.31 -46.81
N GLY A 145 35.26 42.07 -46.88
CA GLY A 145 36.18 42.56 -45.87
C GLY A 145 36.50 41.45 -44.86
N GLY A 146 37.36 41.80 -43.90
CA GLY A 146 37.67 40.89 -42.81
C GLY A 146 38.32 41.55 -41.61
N SER A 147 38.35 40.86 -40.48
CA SER A 147 37.96 39.44 -40.40
C SER A 147 36.47 39.13 -40.21
N SER A 148 35.69 40.07 -39.65
CA SER A 148 34.24 39.85 -39.47
C SER A 148 33.41 39.88 -40.77
N GLY A 149 33.86 39.20 -41.82
CA GLY A 149 33.17 39.22 -43.12
C GLY A 149 31.69 38.84 -43.08
N GLY A 150 31.39 37.72 -42.44
CA GLY A 150 30.05 37.16 -42.43
C GLY A 150 29.11 37.96 -41.58
N SER A 151 29.62 38.62 -40.55
CA SER A 151 28.77 39.41 -39.65
C SER A 151 28.34 40.69 -40.33
N ALA A 152 29.22 41.23 -41.18
CA ALA A 152 28.92 42.45 -41.92
C ALA A 152 27.92 42.07 -42.98
N ALA A 153 28.29 41.05 -43.78
CA ALA A 153 27.48 40.59 -44.90
C ALA A 153 26.03 40.27 -44.54
N SER A 154 25.83 39.56 -43.45
CA SER A 154 24.49 39.13 -43.06
C SER A 154 23.67 40.33 -42.63
N VAL A 155 24.29 41.30 -42.00
CA VAL A 155 23.61 42.55 -41.66
C VAL A 155 23.29 43.33 -42.95
N ALA A 156 24.16 43.21 -43.96
CA ALA A 156 23.97 43.93 -45.21
C ALA A 156 22.75 43.39 -45.96
N VAL A 157 22.66 42.07 -46.13
CA VAL A 157 21.51 41.44 -46.81
C VAL A 157 20.29 41.39 -45.90
N LEU A 158 20.47 41.70 -44.63
CA LEU A 158 19.40 41.65 -43.65
C LEU A 158 18.90 40.23 -43.38
N SER A 159 19.80 39.27 -43.54
CA SER A 159 19.58 37.92 -43.02
C SER A 159 19.65 37.94 -41.48
N ALA A 160 20.17 39.03 -40.91
CA ALA A 160 19.95 39.38 -39.50
C ALA A 160 20.05 40.88 -39.42
N PRO A 161 19.31 41.50 -38.48
CA PRO A 161 19.27 42.97 -38.41
C PRO A 161 20.51 43.56 -37.79
N VAL A 162 21.11 42.80 -36.88
CA VAL A 162 22.16 43.32 -36.04
C VAL A 162 23.12 42.17 -35.78
N SER A 163 24.37 42.48 -35.46
CA SER A 163 25.41 41.46 -35.49
C SER A 163 26.54 41.81 -34.54
N LEU A 164 27.20 40.79 -34.02
CA LEU A 164 28.41 40.97 -33.22
C LEU A 164 29.63 40.57 -34.07
N GLY A 165 30.68 41.37 -34.04
CA GLY A 165 31.99 40.99 -34.62
C GLY A 165 33.07 41.26 -33.56
N SER A 166 34.34 41.17 -33.97
CA SER A 166 35.44 41.63 -33.15
C SER A 166 36.40 42.48 -34.01
N ASP A 167 37.20 43.34 -33.38
CA ASP A 167 38.04 44.31 -34.09
C ASP A 167 39.43 44.33 -33.43
N THR A 168 40.45 43.75 -34.08
CA THR A 168 41.80 43.79 -33.53
C THR A 168 42.61 44.89 -34.20
N GLY A 169 42.32 45.16 -35.46
CA GLY A 169 43.02 46.17 -36.23
C GLY A 169 42.15 46.67 -37.34
N GLY A 170 40.84 46.59 -37.12
CA GLY A 170 39.90 47.07 -38.11
C GLY A 170 38.89 46.05 -38.53
N SER A 171 38.75 44.97 -37.76
CA SER A 171 37.92 43.82 -38.18
C SER A 171 36.41 44.00 -38.11
N ILE A 172 35.94 45.09 -37.53
CA ILE A 172 34.53 45.45 -37.66
C ILE A 172 34.41 46.55 -38.69
N ARG A 173 35.18 47.61 -38.50
CA ARG A 173 35.03 48.82 -39.31
C ARG A 173 35.17 48.51 -40.80
N GLN A 174 36.25 47.83 -41.15
CA GLN A 174 36.57 47.58 -42.55
C GLN A 174 35.43 46.84 -43.25
N PRO A 175 34.94 45.78 -42.61
CA PRO A 175 33.80 45.01 -43.15
C PRO A 175 32.53 45.86 -43.21
N ALA A 176 32.32 46.70 -42.20
CA ALA A 176 31.25 47.68 -42.22
C ALA A 176 31.35 48.57 -43.47
N SER A 177 32.55 49.11 -43.71
CA SER A 177 32.80 49.91 -44.90
C SER A 177 32.44 49.13 -46.17
N PHE A 178 33.00 47.94 -46.31
CA PHE A 178 32.91 47.18 -47.55
C PHE A 178 31.47 46.76 -47.83
N CYS A 179 30.74 46.43 -46.77
CA CYS A 179 29.36 45.92 -46.90
C CYS A 179 28.29 47.00 -46.79
N GLY A 180 28.70 48.24 -46.59
CA GLY A 180 27.73 49.35 -46.59
C GLY A 180 26.81 49.31 -45.39
N VAL A 181 27.41 49.15 -44.21
CA VAL A 181 26.71 48.96 -42.96
C VAL A 181 27.45 49.73 -41.87
N ILE A 182 26.77 49.99 -40.74
CA ILE A 182 27.38 50.67 -39.58
C ILE A 182 28.09 49.64 -38.71
N GLY A 183 29.32 49.94 -38.29
CA GLY A 183 30.06 49.02 -37.45
C GLY A 183 30.96 49.77 -36.51
N ILE A 184 30.92 49.40 -35.24
CA ILE A 184 31.65 50.15 -34.24
C ILE A 184 32.53 49.21 -33.45
N LYS A 185 33.72 49.66 -33.11
CA LYS A 185 34.53 49.02 -32.11
C LYS A 185 34.66 50.03 -31.00
N PRO A 186 34.13 49.73 -29.82
CA PRO A 186 34.15 50.62 -28.65
C PRO A 186 35.55 50.77 -28.04
N THR A 187 35.65 51.61 -27.00
CA THR A 187 36.94 51.81 -26.32
C THR A 187 37.44 50.47 -25.85
N TYR A 188 38.76 50.27 -25.96
CA TYR A 188 39.32 49.06 -25.37
C TYR A 188 39.01 49.01 -23.88
N GLY A 189 38.33 47.95 -23.46
CA GLY A 189 37.93 47.78 -22.06
C GLY A 189 36.44 47.96 -21.89
N ARG A 190 35.73 48.51 -22.88
CA ARG A 190 34.28 48.69 -22.74
C ARG A 190 33.46 47.39 -22.78
N VAL A 191 33.94 46.41 -23.53
CA VAL A 191 33.21 45.17 -23.67
C VAL A 191 34.16 44.03 -23.31
N SER A 192 33.66 43.06 -22.54
CA SER A 192 34.49 42.01 -22.01
C SER A 192 35.05 41.11 -23.12
N ARG A 193 36.23 40.56 -22.89
CA ARG A 193 36.82 39.66 -23.87
C ARG A 193 36.75 38.26 -23.32
N TYR A 194 35.92 38.08 -22.30
CA TYR A 194 35.68 36.74 -21.77
C TYR A 194 34.82 35.94 -22.73
N GLY A 195 35.41 34.92 -23.34
CA GLY A 195 34.69 34.10 -24.29
C GLY A 195 34.97 34.53 -25.71
N LEU A 196 35.87 35.48 -25.87
CA LEU A 196 36.32 35.92 -27.16
C LEU A 196 37.63 35.17 -27.43
N VAL A 197 37.66 34.34 -28.45
CA VAL A 197 38.90 33.61 -28.72
C VAL A 197 39.97 34.65 -29.03
N ALA A 198 40.96 34.73 -28.14
CA ALA A 198 41.99 35.78 -28.19
C ALA A 198 42.92 35.65 -29.38
N PHE A 199 43.10 36.79 -30.05
CA PHE A 199 44.05 36.98 -31.13
C PHE A 199 45.19 37.82 -30.53
N ALA A 200 44.94 39.12 -30.37
CA ALA A 200 45.87 40.03 -29.70
C ALA A 200 45.13 40.64 -28.53
N SER A 201 45.43 40.13 -27.34
CA SER A 201 44.68 40.50 -26.13
C SER A 201 44.67 41.99 -25.88
N SER A 202 45.77 42.65 -26.23
CA SER A 202 45.92 44.08 -25.94
C SER A 202 45.24 44.99 -26.98
N LEU A 203 44.64 44.36 -28.00
CA LEU A 203 44.09 45.03 -29.18
C LEU A 203 42.64 44.60 -29.47
N ASP A 204 42.30 43.34 -29.19
CA ASP A 204 40.95 42.78 -29.45
C ASP A 204 39.82 43.58 -28.77
N GLN A 205 38.71 43.76 -29.48
CA GLN A 205 37.48 44.20 -28.83
C GLN A 205 36.26 43.70 -29.62
N ILE A 206 35.29 43.13 -28.93
CA ILE A 206 34.01 42.85 -29.55
C ILE A 206 33.37 44.19 -29.89
N GLY A 207 32.61 44.19 -30.98
CA GLY A 207 31.84 45.37 -31.40
C GLY A 207 30.57 44.96 -32.13
N VAL A 208 29.92 45.92 -32.76
CA VAL A 208 28.55 45.73 -33.25
C VAL A 208 28.37 46.21 -34.68
N PHE A 209 27.61 45.45 -35.46
CA PHE A 209 27.19 45.90 -36.79
C PHE A 209 25.69 46.10 -36.78
N GLY A 210 25.24 47.13 -37.49
CA GLY A 210 23.81 47.41 -37.69
C GLY A 210 23.62 48.34 -38.88
N ARG A 211 22.37 48.66 -39.18
CA ARG A 211 22.04 49.53 -40.31
C ARG A 211 21.46 50.85 -39.84
N ARG A 212 20.99 50.88 -38.60
CA ARG A 212 20.51 52.11 -37.99
C ARG A 212 21.29 52.35 -36.72
N THR A 213 21.67 53.60 -36.48
CA THR A 213 22.50 53.96 -35.35
C THR A 213 21.89 53.58 -34.01
N GLU A 214 20.56 53.57 -33.93
CA GLU A 214 19.91 53.16 -32.69
C GLU A 214 20.04 51.67 -32.43
N ASP A 215 19.96 50.86 -33.50
CA ASP A 215 20.14 49.41 -33.38
C ASP A 215 21.53 49.15 -32.76
N VAL A 216 22.55 49.77 -33.34
CA VAL A 216 23.93 49.63 -32.92
C VAL A 216 24.14 50.15 -31.49
N ALA A 217 23.54 51.28 -31.16
CA ALA A 217 23.68 51.87 -29.83
C ALA A 217 23.07 50.99 -28.74
N LEU A 218 21.97 50.31 -29.05
CA LEU A 218 21.28 49.47 -28.08
C LEU A 218 22.04 48.17 -27.84
N VAL A 219 22.47 47.51 -28.91
CA VAL A 219 23.20 46.23 -28.77
C VAL A 219 24.49 46.46 -27.98
N LEU A 220 25.15 47.58 -28.27
CA LEU A 220 26.38 47.97 -27.59
C LEU A 220 26.13 48.22 -26.12
N GLU A 221 25.07 48.96 -25.79
CA GLU A 221 24.72 49.21 -24.38
C GLU A 221 24.52 47.90 -23.62
N VAL A 222 23.86 46.96 -24.28
CA VAL A 222 23.53 45.70 -23.64
C VAL A 222 24.77 44.88 -23.29
N ILE A 223 25.69 44.77 -24.24
CA ILE A 223 26.89 43.94 -24.09
C ILE A 223 28.05 44.59 -23.33
N SER A 224 28.02 45.90 -23.19
CA SER A 224 29.11 46.64 -22.56
C SER A 224 29.05 46.59 -21.04
N GLY A 225 30.11 47.07 -20.39
CA GLY A 225 30.17 47.13 -18.94
C GLY A 225 31.11 46.13 -18.29
N TRP A 226 31.48 46.45 -17.05
CA TRP A 226 32.44 45.68 -16.28
C TRP A 226 32.12 44.21 -16.21
N ASP A 227 33.15 43.38 -16.37
CA ASP A 227 33.04 41.93 -16.19
C ASP A 227 34.13 41.51 -15.24
N GLU A 228 33.76 40.79 -14.20
CA GLU A 228 34.70 40.29 -13.18
C GLU A 228 35.58 39.17 -13.74
N LYS A 229 35.13 38.55 -14.82
CA LYS A 229 35.84 37.46 -15.46
C LYS A 229 36.91 37.99 -16.42
N ASP A 230 37.03 39.31 -16.54
CA ASP A 230 37.99 39.97 -17.43
C ASP A 230 38.75 41.09 -16.73
N SER A 231 40.06 40.90 -16.53
CA SER A 231 40.89 41.86 -15.79
C SER A 231 41.10 43.19 -16.52
N THR A 232 40.80 43.22 -17.80
CA THR A 232 41.12 44.37 -18.62
C THR A 232 39.87 45.18 -18.90
N SER A 233 38.71 44.63 -18.50
CA SER A 233 37.43 45.33 -18.65
C SER A 233 37.36 46.45 -17.62
N ALA A 234 36.99 47.63 -18.04
CA ALA A 234 36.98 48.82 -17.18
C ALA A 234 35.81 48.85 -16.24
N LYS A 235 36.04 49.34 -15.02
CA LYS A 235 34.96 49.62 -14.06
C LYS A 235 34.43 51.02 -14.31
N VAL A 236 33.76 51.19 -15.44
CA VAL A 236 33.23 52.47 -15.89
C VAL A 236 31.76 52.21 -16.22
N PRO A 237 30.85 53.07 -15.71
CA PRO A 237 29.41 52.90 -15.99
C PRO A 237 29.10 53.04 -17.48
N VAL A 238 28.19 52.21 -17.97
CA VAL A 238 27.79 52.27 -19.38
C VAL A 238 26.78 53.41 -19.58
N PRO A 239 27.10 54.38 -20.45
CA PRO A 239 26.16 55.43 -20.80
C PRO A 239 24.88 54.90 -21.44
N GLU A 240 23.77 55.60 -21.21
CA GLU A 240 22.47 55.20 -21.74
C GLU A 240 22.42 55.58 -23.22
N TRP A 241 23.16 54.83 -24.04
CA TRP A 241 23.39 55.22 -25.44
C TRP A 241 22.11 55.30 -26.30
N SER A 242 21.12 54.47 -25.99
CA SER A 242 19.86 54.47 -26.73
C SER A 242 19.10 55.80 -26.54
N GLU A 243 19.25 56.39 -25.36
CA GLU A 243 18.67 57.69 -25.07
C GLU A 243 19.57 58.84 -25.47
N GLU A 244 20.80 58.54 -25.90
CA GLU A 244 21.79 59.59 -26.09
C GLU A 244 22.09 59.89 -27.56
N VAL A 245 21.91 58.89 -28.44
CA VAL A 245 22.19 59.01 -29.88
C VAL A 245 21.40 60.11 -30.55
N LYS A 246 20.14 60.25 -30.13
CA LYS A 246 19.20 61.15 -30.77
C LYS A 246 19.44 62.63 -30.41
N LYS A 247 20.18 62.86 -29.32
CA LYS A 247 20.56 64.21 -28.89
C LYS A 247 21.57 64.86 -29.85
N GLU A 248 21.72 66.18 -29.75
CA GLU A 248 22.59 66.93 -30.62
C GLU A 248 23.45 67.88 -29.82
N VAL A 249 24.77 67.72 -29.92
CA VAL A 249 25.70 68.60 -29.22
C VAL A 249 26.24 69.65 -30.18
N LYS A 250 26.18 70.91 -29.75
CA LYS A 250 26.54 72.01 -30.60
C LYS A 250 28.03 72.31 -30.62
N GLY A 251 28.50 72.74 -31.79
CA GLY A 251 29.87 73.20 -32.00
C GLY A 251 30.92 72.14 -31.80
N LEU A 252 30.65 70.93 -32.29
CA LEU A 252 31.64 69.86 -32.31
C LEU A 252 32.72 70.12 -33.38
N LYS A 253 33.88 69.48 -33.23
CA LYS A 253 35.02 69.73 -34.11
C LYS A 253 35.60 68.42 -34.69
N ILE A 254 35.99 68.45 -35.97
CA ILE A 254 36.51 67.29 -36.65
C ILE A 254 37.92 67.56 -37.15
N GLY A 255 38.82 66.63 -36.84
CA GLY A 255 40.22 66.71 -37.20
C GLY A 255 40.50 65.87 -38.41
N LEU A 256 41.22 66.45 -39.36
CA LEU A 256 41.68 65.75 -40.53
C LEU A 256 43.18 65.63 -40.45
N PRO A 257 43.69 64.46 -40.09
CA PRO A 257 45.15 64.30 -39.95
C PRO A 257 45.92 64.62 -41.23
N LYS A 258 46.83 65.60 -41.15
CA LYS A 258 47.69 66.00 -42.27
C LYS A 258 48.48 64.85 -42.85
N GLU A 259 48.86 63.90 -42.00
CA GLU A 259 49.71 62.79 -42.39
C GLU A 259 48.91 61.84 -43.27
N PHE A 260 47.58 61.92 -43.17
CA PHE A 260 46.72 61.06 -44.00
C PHE A 260 46.62 61.52 -45.48
N PHE A 261 46.99 62.78 -45.74
CA PHE A 261 46.99 63.28 -47.12
C PHE A 261 48.01 62.52 -47.97
N GLU A 262 49.08 62.05 -47.34
CA GLU A 262 50.13 61.33 -48.03
C GLU A 262 49.78 59.87 -48.33
N TYR A 263 48.61 59.44 -47.86
CA TYR A 263 48.17 58.07 -48.02
C TYR A 263 47.55 57.89 -49.40
N GLU A 264 47.97 56.86 -50.13
CA GLU A 264 47.36 56.56 -51.44
C GLU A 264 45.86 56.17 -51.27
N LEU A 265 44.97 57.01 -51.78
CA LEU A 265 43.52 56.72 -51.82
C LEU A 265 43.04 56.54 -53.23
N GLN A 266 42.13 55.60 -53.44
CA GLN A 266 41.38 55.56 -54.70
C GLN A 266 40.54 56.83 -54.83
N PRO A 267 40.59 57.46 -56.02
CA PRO A 267 39.85 58.68 -56.33
C PRO A 267 38.38 58.66 -55.92
N GLN A 268 37.71 57.53 -56.09
CA GLN A 268 36.31 57.37 -55.68
C GLN A 268 36.14 57.52 -54.16
N VAL A 269 37.08 56.95 -53.41
CA VAL A 269 37.06 57.03 -51.95
C VAL A 269 37.32 58.48 -51.53
N LYS A 270 38.32 59.09 -52.16
CA LYS A 270 38.71 60.49 -51.88
C LYS A 270 37.53 61.45 -52.07
N GLU A 271 36.88 61.32 -53.23
CA GLU A 271 35.67 62.06 -53.61
C GLU A 271 34.52 61.89 -52.62
N ALA A 272 34.22 60.64 -52.27
CA ALA A 272 33.17 60.32 -51.30
C ALA A 272 33.44 60.92 -49.93
N PHE A 273 34.72 60.88 -49.53
CA PHE A 273 35.12 61.40 -48.22
C PHE A 273 35.03 62.92 -48.15
N GLU A 274 35.55 63.59 -49.18
CA GLU A 274 35.45 65.06 -49.29
C GLU A 274 34.02 65.57 -49.19
N ASN A 275 33.10 64.84 -49.80
CA ASN A 275 31.70 65.19 -49.80
C ASN A 275 31.05 64.98 -48.42
N PHE A 276 31.44 63.88 -47.75
CA PHE A 276 31.02 63.59 -46.38
C PHE A 276 31.37 64.78 -45.47
N ILE A 277 32.61 65.25 -45.62
CA ILE A 277 33.12 66.37 -44.81
C ILE A 277 32.47 67.72 -45.16
N LYS A 278 32.29 67.99 -46.45
CA LYS A 278 31.59 69.20 -46.89
C LYS A 278 30.20 69.25 -46.31
N GLU A 279 29.49 68.13 -46.36
CA GLU A 279 28.11 68.06 -45.92
C GLU A 279 28.02 68.20 -44.40
N LEU A 280 29.03 67.69 -43.70
CA LEU A 280 29.12 67.86 -42.25
C LEU A 280 29.45 69.30 -41.89
N GLU A 281 30.34 69.91 -42.66
CA GLU A 281 30.60 71.34 -42.54
C GLU A 281 29.32 72.18 -42.63
N LYS A 282 28.50 71.90 -43.64
CA LYS A 282 27.21 72.59 -43.81
C LYS A 282 26.30 72.52 -42.59
N GLU A 283 26.32 71.37 -41.90
CA GLU A 283 25.48 71.15 -40.72
C GLU A 283 26.08 71.80 -39.47
N GLY A 284 27.24 72.42 -39.61
CA GLY A 284 27.79 73.25 -38.55
C GLY A 284 28.98 72.72 -37.76
N PHE A 285 29.56 71.63 -38.27
CA PHE A 285 30.75 71.06 -37.69
C PHE A 285 31.93 71.94 -38.10
N GLU A 286 32.80 72.27 -37.15
CA GLU A 286 34.05 72.95 -37.50
C GLU A 286 35.09 71.92 -37.95
N ILE A 287 35.72 72.16 -39.09
CA ILE A 287 36.64 71.22 -39.70
C ILE A 287 38.06 71.77 -39.59
N LYS A 288 38.96 71.01 -38.95
CA LYS A 288 40.33 71.44 -38.68
C LYS A 288 41.37 70.39 -39.08
N GLU A 289 42.50 70.83 -39.63
CA GLU A 289 43.63 69.93 -39.88
C GLU A 289 44.32 69.64 -38.55
N VAL A 290 44.61 68.37 -38.27
CA VAL A 290 45.41 68.02 -37.10
C VAL A 290 46.69 67.31 -37.52
N SER A 291 47.65 67.21 -36.60
CA SER A 291 48.88 66.42 -36.82
C SER A 291 48.87 65.17 -35.94
N LEU A 292 49.26 64.05 -36.54
CA LEU A 292 49.60 62.83 -35.83
C LEU A 292 50.96 62.40 -36.39
N PRO A 293 52.05 63.03 -35.89
CA PRO A 293 53.37 62.81 -36.50
C PRO A 293 53.83 61.35 -36.60
N HIS A 294 53.26 60.46 -35.79
CA HIS A 294 53.68 59.05 -35.75
C HIS A 294 52.73 58.06 -36.42
N VAL A 295 51.52 58.47 -36.80
CA VAL A 295 50.56 57.51 -37.38
C VAL A 295 51.13 56.62 -38.48
N LYS A 296 52.00 57.16 -39.33
CA LYS A 296 52.47 56.38 -40.46
C LYS A 296 53.10 55.10 -39.98
N TYR A 297 53.58 55.11 -38.74
CA TYR A 297 54.22 53.96 -38.12
C TYR A 297 53.26 52.91 -37.58
N SER A 298 51.95 53.19 -37.65
CA SER A 298 50.90 52.30 -37.13
C SER A 298 50.94 50.87 -37.65
N ILE A 299 51.05 50.73 -38.97
CA ILE A 299 51.09 49.42 -39.63
C ILE A 299 52.27 48.53 -39.15
N PRO A 300 53.51 49.03 -39.23
CA PRO A 300 54.70 48.28 -38.78
C PRO A 300 54.57 47.89 -37.32
N THR A 301 54.06 48.83 -36.53
CA THR A 301 53.87 48.61 -35.12
C THR A 301 52.88 47.48 -34.88
N TYR A 302 51.76 47.51 -35.63
CA TYR A 302 50.66 46.56 -35.46
C TYR A 302 51.12 45.19 -35.88
N TYR A 303 51.94 45.14 -36.92
CA TYR A 303 52.33 43.87 -37.48
C TYR A 303 53.54 43.30 -36.82
N ILE A 304 53.87 43.90 -35.68
CA ILE A 304 54.82 43.32 -34.73
C ILE A 304 54.03 42.91 -33.49
N ILE A 305 53.27 43.84 -32.92
CA ILE A 305 52.44 43.55 -31.73
C ILE A 305 51.42 42.40 -31.92
N ALA A 306 50.56 42.52 -32.92
CA ALA A 306 49.52 41.53 -33.20
C ALA A 306 50.06 40.09 -33.38
N PRO A 307 50.99 39.86 -34.35
CA PRO A 307 51.61 38.53 -34.50
C PRO A 307 52.24 38.01 -33.21
N SER A 308 52.82 38.90 -32.40
CA SER A 308 53.50 38.47 -31.20
C SER A 308 52.49 37.87 -30.24
N GLU A 309 51.47 38.67 -29.90
CA GLU A 309 50.43 38.25 -28.96
C GLU A 309 49.75 37.03 -29.53
N ALA A 310 49.55 37.01 -30.85
CA ALA A 310 48.92 35.85 -31.49
C ALA A 310 49.73 34.57 -31.33
N SER A 311 51.07 34.63 -31.41
CA SER A 311 51.85 33.41 -31.27
C SER A 311 51.67 32.90 -29.84
N SER A 312 51.54 33.82 -28.90
CA SER A 312 51.37 33.43 -27.50
C SER A 312 50.00 32.86 -27.26
N ASN A 313 49.00 33.56 -27.77
CA ASN A 313 47.60 33.17 -27.55
C ASN A 313 47.17 31.90 -28.27
N LEU A 314 47.94 31.49 -29.28
CA LEU A 314 47.60 30.31 -30.05
C LEU A 314 48.45 29.11 -29.67
N ALA A 315 49.22 29.29 -28.60
CA ALA A 315 50.10 28.26 -28.08
C ALA A 315 49.32 27.06 -27.55
N ARG A 316 48.05 27.31 -27.21
CA ARG A 316 47.19 26.37 -26.52
C ARG A 316 46.51 25.36 -27.43
N TYR A 317 46.53 25.62 -28.72
CA TYR A 317 45.92 24.74 -29.70
C TYR A 317 46.98 23.69 -30.05
N ASP A 318 46.81 22.51 -29.45
CA ASP A 318 47.89 21.54 -29.21
C ASP A 318 47.49 20.08 -29.27
N GLY A 319 46.21 19.79 -29.51
CA GLY A 319 45.74 18.39 -29.58
C GLY A 319 45.60 17.66 -28.25
N VAL A 320 45.82 18.37 -27.15
CA VAL A 320 45.76 17.76 -25.84
C VAL A 320 44.37 17.83 -25.20
N ARG A 321 43.80 19.03 -24.99
CA ARG A 321 42.53 19.15 -24.22
C ARG A 321 41.25 19.22 -25.05
N TYR A 322 41.39 19.63 -26.31
CA TYR A 322 40.25 19.85 -27.20
C TYR A 322 40.69 19.96 -28.66
N GLY A 323 39.72 20.00 -29.57
CA GLY A 323 39.97 20.28 -30.97
C GLY A 323 40.74 19.23 -31.76
N TYR A 324 41.29 19.67 -32.88
CA TYR A 324 41.94 18.78 -33.84
C TYR A 324 43.21 18.14 -33.31
N ARG A 325 43.40 16.87 -33.67
CA ARG A 325 44.66 16.20 -33.45
C ARG A 325 45.02 15.36 -34.65
N ALA A 326 46.25 15.54 -35.14
CA ALA A 326 46.75 14.77 -36.26
C ALA A 326 46.61 13.27 -36.02
N LYS A 327 46.43 12.52 -37.10
CA LYS A 327 46.23 11.09 -37.00
C LYS A 327 47.54 10.30 -36.81
N GLU A 328 48.61 10.71 -37.49
CA GLU A 328 49.91 9.98 -37.46
C GLU A 328 50.98 10.73 -36.69
N TYR A 329 51.57 10.09 -35.69
CA TYR A 329 52.67 10.69 -34.93
C TYR A 329 53.44 9.65 -34.10
N LYS A 330 54.75 9.82 -33.98
CA LYS A 330 55.62 8.86 -33.31
C LYS A 330 55.89 9.28 -31.87
N ASP A 331 55.67 10.60 -31.63
CA ASP A 331 56.06 11.28 -30.39
C ASP A 331 55.04 12.34 -30.01
N ILE A 332 55.17 12.83 -28.76
CA ILE A 332 54.42 14.02 -28.36
C ILE A 332 54.85 15.21 -29.22
N PHE A 333 56.13 15.28 -29.56
CA PHE A 333 56.62 16.39 -30.36
C PHE A 333 55.94 16.38 -31.73
N GLU A 334 55.97 15.23 -32.40
CA GLU A 334 55.26 15.11 -33.68
C GLU A 334 53.78 15.37 -33.51
N MET A 335 53.18 14.85 -32.43
CA MET A 335 51.76 15.09 -32.24
C MET A 335 51.51 16.58 -32.27
N TYR A 336 52.30 17.31 -31.49
CA TYR A 336 52.19 18.75 -31.39
C TYR A 336 52.35 19.39 -32.75
N ALA A 337 53.50 19.16 -33.37
CA ALA A 337 53.93 19.89 -34.55
C ALA A 337 53.15 19.54 -35.79
N ARG A 338 52.55 18.35 -35.80
CA ARG A 338 51.71 17.92 -36.92
C ARG A 338 50.29 18.41 -36.76
N THR A 339 49.76 18.30 -35.55
CA THR A 339 48.45 18.83 -35.26
C THR A 339 48.37 20.28 -35.71
N ARG A 340 49.43 21.04 -35.43
CA ARG A 340 49.42 22.49 -35.62
C ARG A 340 49.66 22.85 -37.06
N ASP A 341 50.60 22.18 -37.72
CA ASP A 341 50.82 22.46 -39.11
C ASP A 341 49.59 22.13 -39.93
N GLU A 342 48.88 21.07 -39.54
CA GLU A 342 47.70 20.63 -40.28
C GLU A 342 46.44 21.38 -39.91
N GLY A 343 46.36 21.85 -38.67
CA GLY A 343 45.15 22.50 -38.16
C GLY A 343 45.09 23.99 -38.43
N PHE A 344 46.26 24.63 -38.47
CA PHE A 344 46.37 26.06 -38.77
C PHE A 344 46.47 26.37 -40.26
N GLY A 345 45.75 27.42 -40.67
CA GLY A 345 45.89 27.99 -42.02
C GLY A 345 47.19 28.75 -42.27
N PRO A 346 47.42 29.18 -43.51
CA PRO A 346 48.68 29.80 -43.84
C PRO A 346 48.92 31.17 -43.19
N GLU A 347 47.91 32.04 -43.15
CA GLU A 347 48.09 33.38 -42.56
C GLU A 347 48.37 33.23 -41.08
N VAL A 348 47.63 32.35 -40.44
CA VAL A 348 47.86 32.04 -39.04
C VAL A 348 49.29 31.56 -38.84
N LYS A 349 49.69 30.55 -39.62
CA LYS A 349 51.06 30.02 -39.48
C LYS A 349 52.11 31.09 -39.66
N ARG A 350 51.90 31.99 -40.61
CA ARG A 350 52.76 33.17 -40.83
C ARG A 350 52.93 34.10 -39.62
N ARG A 351 51.85 34.34 -38.89
CA ARG A 351 51.92 35.25 -37.77
C ARG A 351 52.46 34.56 -36.55
N ILE A 352 52.20 33.26 -36.43
CA ILE A 352 52.87 32.45 -35.41
C ILE A 352 54.39 32.48 -35.55
N MET A 353 54.90 32.25 -36.76
CA MET A 353 56.37 32.27 -36.97
C MET A 353 56.91 33.66 -36.63
N LEU A 354 56.30 34.69 -37.22
CA LEU A 354 56.72 36.05 -36.98
C LEU A 354 56.68 36.42 -35.49
N GLY A 355 55.59 36.03 -34.82
CA GLY A 355 55.43 36.26 -33.39
C GLY A 355 56.50 35.60 -32.55
N THR A 356 56.75 34.32 -32.77
CA THR A 356 57.79 33.66 -31.95
C THR A 356 59.19 34.22 -32.23
N PHE A 357 59.40 34.81 -33.40
CA PHE A 357 60.62 35.59 -33.65
C PHE A 357 60.64 36.90 -32.84
N ALA A 358 59.58 37.69 -32.94
CA ALA A 358 59.55 39.00 -32.30
C ALA A 358 59.67 38.95 -30.77
N LEU A 359 59.35 37.80 -30.18
CA LEU A 359 59.43 37.59 -28.74
C LEU A 359 60.72 36.89 -28.34
N SER A 360 61.41 36.34 -29.32
CA SER A 360 62.67 35.66 -29.03
C SER A 360 63.67 36.63 -28.40
N ALA A 361 64.39 36.15 -27.39
CA ALA A 361 65.40 36.95 -26.72
C ALA A 361 66.45 37.26 -27.75
N GLY A 362 66.99 38.47 -27.70
CA GLY A 362 67.90 38.85 -28.76
C GLY A 362 67.20 39.70 -29.81
N TYR A 363 65.89 39.49 -29.97
CA TYR A 363 65.07 40.31 -30.87
C TYR A 363 63.89 41.03 -30.21
N TYR A 364 63.54 40.63 -28.98
CA TYR A 364 62.42 41.17 -28.25
C TYR A 364 62.49 42.69 -28.10
N ASP A 365 63.66 43.20 -27.72
CA ASP A 365 63.90 44.63 -27.49
C ASP A 365 63.69 45.48 -28.75
N ALA A 366 64.19 44.99 -29.88
CA ALA A 366 64.07 45.72 -31.14
C ALA A 366 62.74 45.50 -31.85
N TYR A 367 62.03 44.44 -31.48
CA TYR A 367 60.74 44.11 -32.07
C TYR A 367 59.58 44.48 -31.16
N TYR A 368 59.11 43.57 -30.30
CA TYR A 368 57.90 43.78 -29.47
C TYR A 368 58.03 44.96 -28.51
N LEU A 369 59.11 45.00 -27.74
CA LEU A 369 59.24 46.10 -26.76
C LEU A 369 59.28 47.45 -27.48
N LYS A 370 60.13 47.55 -28.50
CA LYS A 370 60.17 48.71 -29.36
C LYS A 370 58.79 49.14 -29.84
N ALA A 371 58.03 48.19 -30.39
CA ALA A 371 56.71 48.45 -30.93
C ALA A 371 55.76 48.99 -29.86
N GLN A 372 55.87 48.49 -28.63
CA GLN A 372 54.97 48.90 -27.56
C GLN A 372 55.29 50.30 -27.15
N LYS A 373 56.54 50.71 -27.33
CA LYS A 373 56.94 52.11 -27.11
C LYS A 373 56.43 53.05 -28.20
N VAL A 374 56.73 52.71 -29.47
CA VAL A 374 56.14 53.46 -30.60
C VAL A 374 54.61 53.57 -30.48
N ARG A 375 54.00 52.56 -29.88
CA ARG A 375 52.55 52.50 -29.67
C ARG A 375 52.09 53.60 -28.71
N ARG A 376 52.87 53.88 -27.67
CA ARG A 376 52.63 55.02 -26.79
C ARG A 376 52.83 56.38 -27.48
N LEU A 377 53.82 56.46 -28.35
CA LEU A 377 54.03 57.64 -29.17
C LEU A 377 52.81 57.93 -30.05
N ILE A 378 52.21 56.87 -30.57
CA ILE A 378 51.07 57.01 -31.47
C ILE A 378 49.80 57.38 -30.71
N THR A 379 49.62 56.76 -29.55
CA THR A 379 48.53 57.12 -28.65
C THR A 379 48.62 58.60 -28.24
N ASN A 380 49.82 59.03 -27.87
CA ASN A 380 50.03 60.40 -27.45
C ASN A 380 49.72 61.43 -28.55
N ASP A 381 50.04 61.10 -29.81
CA ASP A 381 49.61 61.94 -30.95
C ASP A 381 48.12 62.17 -30.81
N PHE A 382 47.36 61.11 -30.55
CA PHE A 382 45.91 61.23 -30.53
C PHE A 382 45.43 62.09 -29.36
N LEU A 383 45.93 61.82 -28.16
CA LEU A 383 45.55 62.58 -26.96
C LEU A 383 45.79 64.07 -27.11
N LYS A 384 46.87 64.43 -27.81
CA LYS A 384 47.19 65.83 -28.04
C LYS A 384 46.27 66.45 -29.10
N ALA A 385 46.08 65.74 -30.22
CA ALA A 385 45.10 66.16 -31.23
C ALA A 385 43.68 66.28 -30.65
N PHE A 386 43.34 65.45 -29.67
CA PHE A 386 42.02 65.51 -29.05
C PHE A 386 41.86 66.71 -28.12
N GLU A 387 42.94 67.44 -27.91
CA GLU A 387 42.88 68.68 -27.12
C GLU A 387 42.23 69.79 -27.95
N GLU A 388 42.38 69.69 -29.27
CA GLU A 388 41.91 70.71 -30.21
C GLU A 388 40.60 70.32 -30.91
N VAL A 389 40.36 69.02 -31.02
CA VAL A 389 39.29 68.47 -31.85
C VAL A 389 38.47 67.43 -31.07
N ASP A 390 37.28 67.07 -31.55
CA ASP A 390 36.44 66.12 -30.81
C ASP A 390 36.44 64.70 -31.38
N VAL A 391 36.54 64.61 -32.70
CA VAL A 391 36.62 63.33 -33.38
C VAL A 391 37.65 63.51 -34.50
N ILE A 392 38.21 62.41 -34.97
CA ILE A 392 39.16 62.43 -36.05
C ILE A 392 38.51 61.67 -37.19
N ALA A 393 38.48 62.25 -38.38
CA ALA A 393 37.82 61.56 -39.48
C ALA A 393 38.77 61.19 -40.62
N SER A 394 38.45 60.08 -41.28
CA SER A 394 39.17 59.68 -42.48
C SER A 394 38.31 58.68 -43.20
N PRO A 395 38.70 58.30 -44.43
CA PRO A 395 38.05 57.12 -45.00
C PRO A 395 38.36 55.92 -44.11
N THR A 396 37.49 54.92 -44.15
CA THR A 396 37.72 53.72 -43.33
C THR A 396 38.77 52.86 -44.04
N THR A 397 38.75 52.97 -45.37
CA THR A 397 39.54 52.12 -46.27
C THR A 397 40.12 52.98 -47.39
N PRO A 398 41.35 52.67 -47.84
CA PRO A 398 41.91 53.42 -48.96
C PRO A 398 41.28 53.09 -50.31
N THR A 399 40.59 51.96 -50.40
CA THR A 399 40.01 51.51 -51.66
C THR A 399 38.56 51.06 -51.51
N LEU A 400 37.90 50.92 -52.67
CA LEU A 400 36.64 50.21 -52.77
C LEU A 400 36.89 48.71 -52.57
N PRO A 401 35.85 47.95 -52.12
CA PRO A 401 35.94 46.50 -51.99
C PRO A 401 36.67 45.89 -53.16
N PHE A 402 37.69 45.10 -52.87
CA PHE A 402 38.55 44.53 -53.90
C PHE A 402 38.13 43.08 -54.30
N LYS A 403 38.75 42.54 -55.34
CA LYS A 403 38.34 41.23 -55.85
C LYS A 403 39.04 40.08 -55.13
N PHE A 404 38.38 38.92 -55.12
CA PHE A 404 38.96 37.69 -54.62
C PHE A 404 40.27 37.41 -55.33
N GLY A 405 41.21 36.85 -54.59
CA GLY A 405 42.53 36.52 -55.12
C GLY A 405 43.47 37.70 -55.34
N GLU A 406 42.95 38.92 -55.14
CA GLU A 406 43.70 40.12 -55.49
C GLU A 406 44.84 40.39 -54.51
N ARG A 407 44.68 39.95 -53.26
CA ARG A 407 45.62 40.27 -52.19
C ARG A 407 46.08 39.00 -51.48
N LEU A 408 46.06 37.88 -52.22
CA LEU A 408 46.54 36.60 -51.68
C LEU A 408 47.92 36.29 -52.21
N GLU A 409 48.31 36.98 -53.28
CA GLU A 409 49.63 36.79 -53.89
C GLU A 409 50.77 37.09 -52.89
N ASN A 410 50.96 38.38 -52.56
CA ASN A 410 51.84 38.79 -51.47
C ASN A 410 50.99 39.06 -50.22
N PRO A 411 51.26 38.34 -49.10
CA PRO A 411 50.58 38.55 -47.81
C PRO A 411 50.54 40.03 -47.42
N ILE A 412 51.61 40.76 -47.71
CA ILE A 412 51.71 42.19 -47.42
C ILE A 412 50.61 43.05 -48.03
N GLU A 413 50.18 42.69 -49.23
CA GLU A 413 49.13 43.43 -49.92
C GLU A 413 47.83 43.37 -49.12
N MET A 414 47.63 42.29 -48.37
CA MET A 414 46.48 42.15 -47.47
C MET A 414 46.55 43.13 -46.27
N TYR A 415 47.75 43.24 -45.70
CA TYR A 415 48.04 44.10 -44.56
C TYR A 415 47.74 45.55 -44.83
N LEU A 416 48.08 45.98 -46.04
CA LEU A 416 47.86 47.37 -46.45
C LEU A 416 46.39 47.80 -46.53
N SER A 417 45.46 46.86 -46.41
CA SER A 417 44.04 47.16 -46.26
C SER A 417 43.72 47.89 -44.96
N ASP A 418 44.62 47.74 -43.98
CA ASP A 418 44.38 48.11 -42.58
C ASP A 418 44.94 49.49 -42.20
N ILE A 419 45.63 50.13 -43.15
CA ILE A 419 46.39 51.36 -42.89
C ILE A 419 45.59 52.49 -42.19
N LEU A 420 44.28 52.52 -42.37
CA LEU A 420 43.47 53.61 -41.75
C LEU A 420 42.74 53.16 -40.52
N THR A 421 42.81 51.85 -40.24
CA THR A 421 42.02 51.23 -39.19
C THR A 421 42.80 50.86 -37.95
N VAL A 422 44.07 50.47 -38.13
CA VAL A 422 44.91 50.00 -37.04
C VAL A 422 45.26 51.09 -36.01
N PRO A 423 45.35 52.38 -36.44
CA PRO A 423 45.73 53.32 -35.42
C PRO A 423 44.76 53.34 -34.23
N ALA A 424 43.47 53.17 -34.45
CA ALA A 424 42.50 53.22 -33.31
C ALA A 424 42.71 52.08 -32.30
N ASN A 425 43.07 50.89 -32.77
CA ASN A 425 43.33 49.76 -31.89
C ASN A 425 44.60 49.96 -31.04
N LEU A 426 45.64 50.50 -31.68
CA LEU A 426 46.88 50.85 -31.01
C LEU A 426 46.64 51.84 -29.87
N ALA A 427 45.91 52.90 -30.14
CA ALA A 427 45.62 53.88 -29.11
C ALA A 427 44.51 53.46 -28.11
N GLY A 428 43.86 52.32 -28.35
CA GLY A 428 42.78 51.81 -27.52
C GLY A 428 41.47 52.59 -27.64
N LEU A 429 41.35 53.36 -28.73
CA LEU A 429 40.25 54.31 -28.91
C LEU A 429 39.03 53.68 -29.57
N PRO A 430 37.84 54.24 -29.33
CA PRO A 430 36.70 53.74 -30.09
C PRO A 430 36.71 54.31 -31.47
N ALA A 431 36.12 53.59 -32.42
CA ALA A 431 36.08 54.06 -33.79
C ALA A 431 34.91 53.41 -34.54
N ILE A 432 34.23 54.21 -35.34
CA ILE A 432 33.06 53.74 -36.07
C ILE A 432 33.29 53.88 -37.56
N SER A 433 32.74 52.96 -38.33
CA SER A 433 32.67 53.12 -39.77
C SER A 433 31.21 53.26 -40.16
N ILE A 434 30.87 54.37 -40.82
CA ILE A 434 29.50 54.58 -41.33
C ILE A 434 29.53 54.72 -42.83
N PRO A 435 28.46 54.25 -43.51
CA PRO A 435 28.44 54.37 -44.97
C PRO A 435 28.15 55.80 -45.42
N ILE A 436 28.99 56.30 -46.31
CA ILE A 436 28.99 57.72 -46.69
C ILE A 436 28.60 57.95 -48.16
N ALA A 437 28.69 56.90 -48.98
CA ALA A 437 28.40 56.98 -50.40
C ALA A 437 28.38 55.59 -51.00
N TRP A 438 27.95 55.54 -52.25
CA TRP A 438 28.00 54.37 -53.13
C TRP A 438 28.67 54.80 -54.40
N LYS A 439 29.76 54.12 -54.76
CA LYS A 439 30.61 54.57 -55.84
C LYS A 439 30.92 53.40 -56.76
N ASP A 440 30.46 53.49 -58.00
CA ASP A 440 30.62 52.39 -58.97
C ASP A 440 29.90 51.12 -58.48
N GLY A 441 28.82 51.32 -57.72
CA GLY A 441 27.97 50.24 -57.18
C GLY A 441 28.39 49.69 -55.82
N LEU A 442 29.47 50.24 -55.27
CA LEU A 442 30.14 49.70 -54.11
C LEU A 442 30.10 50.68 -52.93
N PRO A 443 29.83 50.18 -51.70
CA PRO A 443 29.84 50.98 -50.47
C PRO A 443 31.19 51.64 -50.19
N VAL A 444 31.13 52.81 -49.56
CA VAL A 444 32.31 53.51 -49.08
C VAL A 444 32.03 53.93 -47.63
N GLY A 445 32.97 53.59 -46.74
CA GLY A 445 32.87 53.93 -45.33
C GLY A 445 33.62 55.18 -44.93
N GLY A 446 32.97 56.02 -44.13
CA GLY A 446 33.65 57.11 -43.42
C GLY A 446 33.92 56.70 -41.99
N GLN A 447 35.11 57.05 -41.49
CA GLN A 447 35.53 56.62 -40.16
C GLN A 447 35.63 57.79 -39.22
N LEU A 448 35.15 57.60 -38.01
CA LEU A 448 35.31 58.59 -36.96
C LEU A 448 35.97 57.91 -35.81
N ILE A 449 37.06 58.50 -35.34
CA ILE A 449 37.73 58.00 -34.15
C ILE A 449 37.43 58.96 -33.03
N GLY A 450 36.99 58.40 -31.91
CA GLY A 450 36.64 59.24 -30.74
C GLY A 450 37.63 59.12 -29.61
N LYS A 451 37.42 59.94 -28.58
CA LYS A 451 38.22 59.90 -27.36
C LYS A 451 37.83 58.66 -26.56
N HIS A 452 38.72 58.25 -25.65
CA HIS A 452 38.45 57.12 -24.81
C HIS A 452 37.13 57.37 -24.11
N TRP A 453 36.25 56.37 -24.20
CA TRP A 453 34.94 56.39 -23.51
C TRP A 453 33.89 57.25 -24.19
N ASP A 454 34.24 57.85 -25.32
CA ASP A 454 33.31 58.73 -26.02
C ASP A 454 32.65 58.09 -27.22
N GLU A 455 32.05 56.93 -27.01
CA GLU A 455 31.24 56.27 -28.04
C GLU A 455 29.98 57.09 -28.34
N THR A 456 29.49 57.80 -27.32
CA THR A 456 28.31 58.67 -27.46
C THR A 456 28.41 59.58 -28.68
N THR A 457 29.51 60.33 -28.76
CA THR A 457 29.66 61.29 -29.83
C THR A 457 29.73 60.60 -31.20
N LEU A 458 30.58 59.58 -31.30
CA LEU A 458 30.64 58.75 -32.49
C LEU A 458 29.25 58.30 -32.91
N LEU A 459 28.45 57.90 -31.94
CA LEU A 459 27.12 57.41 -32.26
C LEU A 459 26.19 58.55 -32.68
N GLN A 460 26.30 59.69 -31.98
CA GLN A 460 25.49 60.86 -32.29
C GLN A 460 25.73 61.31 -33.74
N ILE A 461 26.98 61.53 -34.12
CA ILE A 461 27.30 61.92 -35.49
C ILE A 461 26.80 60.88 -36.50
N SER A 462 26.80 59.61 -36.09
CA SER A 462 26.32 58.55 -36.97
C SER A 462 24.81 58.70 -37.18
N TYR A 463 24.10 59.03 -36.11
CA TYR A 463 22.66 59.27 -36.19
C TYR A 463 22.30 60.48 -37.06
N LEU A 464 23.06 61.55 -36.92
CA LEU A 464 22.84 62.73 -37.75
C LEU A 464 23.16 62.42 -39.21
N TRP A 465 24.23 61.66 -39.47
CA TRP A 465 24.59 61.36 -40.85
C TRP A 465 23.54 60.52 -41.58
N GLU A 466 22.91 59.58 -40.86
CA GLU A 466 21.94 58.69 -41.51
C GLU A 466 20.65 59.43 -41.92
N GLN A 467 20.32 60.49 -41.18
CA GLN A 467 19.15 61.32 -41.48
C GLN A 467 19.38 62.08 -42.78
N LYS A 468 20.61 62.51 -43.02
CA LYS A 468 20.97 63.15 -44.29
C LYS A 468 21.08 62.11 -45.38
N PHE A 469 21.74 60.99 -45.06
CA PHE A 469 22.05 59.94 -46.04
C PHE A 469 21.53 58.61 -45.51
N LYS A 470 20.36 58.21 -46.00
CA LYS A 470 19.62 57.07 -45.49
C LYS A 470 20.13 55.76 -46.11
N HIS A 471 21.32 55.36 -45.70
CA HIS A 471 22.00 54.17 -46.24
C HIS A 471 21.31 52.87 -45.89
N TYR A 472 20.45 52.93 -44.87
CA TYR A 472 19.73 51.74 -44.40
C TYR A 472 18.66 51.27 -45.39
N GLU A 473 18.38 52.11 -46.38
CA GLU A 473 17.39 51.81 -47.42
C GLU A 473 18.01 51.07 -48.60
N LYS A 474 19.33 51.19 -48.75
CA LYS A 474 20.04 50.46 -49.79
C LYS A 474 20.18 48.97 -49.42
N ILE A 475 19.32 48.15 -50.00
CA ILE A 475 19.30 46.70 -49.73
C ILE A 475 19.79 45.88 -50.93
N PRO A 476 20.85 45.10 -50.74
CA PRO A 476 21.40 44.33 -51.86
C PRO A 476 20.60 43.05 -52.06
N LEU A 477 20.85 42.37 -53.18
CA LEU A 477 20.12 41.15 -53.56
C LEU A 477 18.59 41.27 -53.42
N THR A 478 18.06 42.36 -53.97
CA THR A 478 16.62 42.67 -54.07
C THR A 478 15.86 42.57 -52.73
N GLU B 3 90.79 19.68 2.65
CA GLU B 3 90.33 19.59 1.24
C GLU B 3 90.76 20.80 0.40
N LYS B 4 91.17 20.54 -0.84
CA LYS B 4 91.59 21.57 -1.81
C LYS B 4 90.43 22.44 -2.33
N TYR B 5 89.24 21.84 -2.43
CA TYR B 5 88.11 22.45 -3.12
C TYR B 5 87.05 23.03 -2.21
N GLU B 6 86.02 23.59 -2.85
CA GLU B 6 84.94 24.27 -2.18
C GLU B 6 83.69 24.04 -3.02
N ALA B 7 82.58 23.70 -2.37
CA ALA B 7 81.33 23.53 -3.08
C ALA B 7 80.56 24.84 -3.09
N VAL B 8 80.02 25.21 -4.25
CA VAL B 8 79.15 26.37 -4.37
C VAL B 8 77.76 25.88 -4.76
N ILE B 9 76.78 26.17 -3.92
CA ILE B 9 75.43 25.62 -4.06
C ILE B 9 74.37 26.72 -4.05
N GLY B 10 73.48 26.65 -5.03
CA GLY B 10 72.31 27.52 -5.09
C GLY B 10 71.08 26.67 -5.27
N LEU B 11 69.94 27.13 -4.74
CA LEU B 11 68.69 26.38 -4.82
C LEU B 11 67.55 27.21 -5.43
N GLU B 12 66.65 26.50 -6.14
CA GLU B 12 65.46 27.07 -6.73
C GLU B 12 64.25 26.35 -6.17
N ILE B 13 63.49 27.07 -5.34
CA ILE B 13 62.43 26.45 -4.57
C ILE B 13 61.08 26.95 -5.04
N HIS B 14 60.16 26.03 -5.28
CA HIS B 14 58.79 26.41 -5.58
C HIS B 14 57.93 26.04 -4.38
N VAL B 15 57.27 27.04 -3.81
CA VAL B 15 56.47 26.85 -2.60
C VAL B 15 55.00 27.07 -2.92
N GLN B 16 54.19 26.06 -2.62
CA GLN B 16 52.76 26.13 -2.85
C GLN B 16 52.07 26.93 -1.75
N MET B 17 51.30 27.91 -2.15
CA MET B 17 50.62 28.79 -1.21
C MET B 17 49.34 28.16 -0.71
N ASP B 18 49.16 28.20 0.62
CA ASP B 18 47.97 27.65 1.28
C ASP B 18 46.73 28.53 1.09
N THR B 19 46.37 28.80 -0.16
CA THR B 19 45.13 29.49 -0.49
C THR B 19 43.98 28.47 -0.68
N LYS B 20 42.74 28.95 -0.65
CA LYS B 20 41.57 28.09 -0.91
C LYS B 20 41.43 27.86 -2.41
N THR B 21 41.86 28.89 -3.15
CA THR B 21 41.53 29.07 -4.55
C THR B 21 42.81 29.10 -5.40
N LYS B 22 42.69 28.78 -6.69
CA LYS B 22 43.86 28.85 -7.58
C LYS B 22 44.36 30.29 -7.82
N MET B 23 45.46 30.43 -8.56
CA MET B 23 46.07 31.74 -8.74
C MET B 23 45.27 32.70 -9.63
N PHE B 24 44.60 32.13 -10.63
CA PHE B 24 44.03 32.92 -11.72
C PHE B 24 42.60 32.55 -12.02
N CYS B 25 42.04 31.63 -11.24
CA CYS B 25 40.59 31.35 -11.20
C CYS B 25 40.11 30.92 -9.83
N GLY B 26 38.82 30.69 -9.71
CA GLY B 26 38.20 30.36 -8.42
C GLY B 26 38.06 28.88 -8.08
N CYS B 27 38.78 28.03 -8.79
CA CYS B 27 38.75 26.62 -8.49
C CYS B 27 39.54 26.31 -7.24
N LYS B 28 39.12 25.27 -6.54
CA LYS B 28 39.72 24.91 -5.27
C LYS B 28 41.10 24.34 -5.45
N VAL B 29 41.98 24.73 -4.52
CA VAL B 29 43.24 24.06 -4.34
C VAL B 29 43.01 23.02 -3.24
N GLU B 30 43.14 21.75 -3.58
CA GLU B 30 43.08 20.67 -2.59
C GLU B 30 43.79 19.41 -3.05
N PHE B 31 44.36 18.67 -2.10
CA PHE B 31 45.16 17.48 -2.42
C PHE B 31 44.29 16.22 -2.54
N GLY B 32 44.61 15.41 -3.54
CA GLY B 32 43.95 14.11 -3.76
C GLY B 32 42.49 14.09 -4.21
N ALA B 33 42.07 15.10 -4.97
CA ALA B 33 40.73 15.09 -5.58
C ALA B 33 40.70 14.14 -6.78
N GLU B 34 39.49 13.82 -7.25
CA GLU B 34 39.31 13.06 -8.49
C GLU B 34 39.85 13.86 -9.69
N PRO B 35 40.60 13.18 -10.59
CA PRO B 35 41.26 13.84 -11.71
C PRO B 35 40.34 14.80 -12.46
N ASN B 36 40.86 15.99 -12.76
CA ASN B 36 40.12 16.99 -13.52
C ASN B 36 38.73 17.35 -12.97
N THR B 37 38.62 17.48 -11.64
CA THR B 37 37.36 17.98 -11.06
C THR B 37 37.42 19.42 -10.59
N ASN B 38 38.56 19.83 -10.04
CA ASN B 38 38.76 21.22 -9.64
C ASN B 38 39.37 22.07 -10.76
N VAL B 39 38.56 22.34 -11.78
CA VAL B 39 39.09 22.73 -13.08
C VAL B 39 38.08 23.57 -13.85
N CYS B 40 38.55 24.21 -14.93
CA CYS B 40 38.05 25.53 -15.30
C CYS B 40 38.41 25.86 -16.74
N PRO B 41 37.52 26.58 -17.42
CA PRO B 41 37.86 27.26 -18.67
C PRO B 41 39.18 28.01 -18.55
N VAL B 42 39.41 28.64 -17.41
CA VAL B 42 40.62 29.45 -17.20
C VAL B 42 41.81 28.54 -17.00
N CYS B 43 41.79 27.78 -15.91
CA CYS B 43 42.89 26.90 -15.57
C CYS B 43 43.00 25.69 -16.49
N LEU B 44 42.05 25.54 -17.41
CA LEU B 44 42.13 24.47 -18.41
C LEU B 44 42.70 24.94 -19.73
N GLY B 45 43.02 26.23 -19.82
CA GLY B 45 43.58 26.83 -21.02
C GLY B 45 42.62 26.68 -22.19
N MET B 46 41.36 26.94 -21.91
CA MET B 46 40.34 26.90 -22.93
C MET B 46 40.35 28.19 -23.71
N PRO B 47 39.84 28.15 -24.96
CA PRO B 47 39.86 29.34 -25.80
C PRO B 47 38.90 30.38 -25.22
N GLY B 48 39.34 31.64 -25.12
CA GLY B 48 38.48 32.69 -24.65
C GLY B 48 38.55 32.99 -23.18
N ALA B 49 39.21 32.11 -22.43
CA ALA B 49 39.25 32.17 -20.96
C ALA B 49 40.37 33.08 -20.40
N LEU B 50 40.03 33.95 -19.44
CA LEU B 50 40.95 35.00 -18.96
C LEU B 50 41.35 34.82 -17.48
N PRO B 51 42.62 35.17 -17.13
CA PRO B 51 43.11 35.03 -15.75
C PRO B 51 42.70 36.20 -14.86
N ILE B 52 42.33 35.91 -13.61
CA ILE B 52 42.02 36.93 -12.58
C ILE B 52 42.84 36.67 -11.30
N VAL B 53 43.73 37.61 -10.97
CA VAL B 53 44.66 37.49 -9.85
C VAL B 53 43.97 37.27 -8.50
N ASN B 54 44.44 36.27 -7.77
CA ASN B 54 44.00 35.99 -6.40
C ASN B 54 44.64 36.93 -5.37
N LYS B 55 43.82 37.70 -4.68
CA LYS B 55 44.29 38.68 -3.70
C LYS B 55 45.06 38.07 -2.52
N ARG B 56 44.58 36.96 -1.99
CA ARG B 56 45.27 36.30 -0.88
C ARG B 56 46.60 35.70 -1.31
N ALA B 57 46.65 35.18 -2.54
CA ALA B 57 47.91 34.74 -3.12
C ALA B 57 48.91 35.90 -3.08
N VAL B 58 48.47 37.07 -3.51
CA VAL B 58 49.31 38.25 -3.46
C VAL B 58 49.73 38.60 -2.02
N GLU B 59 48.74 38.62 -1.11
CA GLU B 59 48.99 38.96 0.28
C GLU B 59 49.99 38.01 0.92
N TYR B 60 49.81 36.71 0.69
CA TYR B 60 50.74 35.69 1.21
C TYR B 60 52.16 35.81 0.67
N ALA B 61 52.28 36.15 -0.61
CA ALA B 61 53.58 36.29 -1.27
C ALA B 61 54.35 37.52 -0.78
N ILE B 62 53.61 38.57 -0.41
CA ILE B 62 54.22 39.75 0.20
C ILE B 62 54.69 39.40 1.62
N ARG B 63 53.83 38.76 2.39
CA ARG B 63 54.18 38.29 3.72
C ARG B 63 55.42 37.39 3.71
N ALA B 64 55.47 36.43 2.80
CA ALA B 64 56.65 35.56 2.66
C ALA B 64 57.91 36.33 2.28
N SER B 65 57.77 37.31 1.39
CA SER B 65 58.90 38.15 0.97
C SER B 65 59.54 38.89 2.13
N LEU B 66 58.68 39.49 2.96
CA LEU B 66 59.08 40.23 4.16
C LEU B 66 59.72 39.30 5.17
N ALA B 67 59.11 38.13 5.38
CA ALA B 67 59.66 37.17 6.32
C ALA B 67 61.03 36.70 5.83
N LEU B 68 61.27 36.77 4.51
CA LEU B 68 62.60 36.49 3.97
C LEU B 68 63.48 37.74 3.81
N ASN B 69 63.03 38.85 4.39
CA ASN B 69 63.83 40.08 4.48
C ASN B 69 64.11 40.71 3.13
N CYS B 70 63.19 40.49 2.18
CA CYS B 70 63.31 41.01 0.83
C CYS B 70 62.75 42.42 0.75
N GLU B 71 63.25 43.14 -0.24
CA GLU B 71 62.66 44.38 -0.67
C GLU B 71 61.44 44.01 -1.55
N VAL B 72 60.25 44.42 -1.13
CA VAL B 72 59.03 44.19 -1.89
C VAL B 72 58.82 45.36 -2.85
N HIS B 73 58.68 45.07 -4.14
CA HIS B 73 58.59 46.10 -5.15
C HIS B 73 57.15 46.47 -5.42
N GLU B 74 56.88 47.76 -5.34
CA GLU B 74 55.50 48.24 -5.35
C GLU B 74 54.85 47.97 -6.72
N GLU B 75 55.67 47.88 -7.78
CA GLU B 75 55.17 47.44 -9.08
C GLU B 75 55.93 46.21 -9.57
N SER B 76 55.20 45.16 -9.96
CA SER B 76 55.77 43.98 -10.57
C SER B 76 54.83 43.49 -11.69
N VAL B 77 55.35 42.65 -12.58
CA VAL B 77 54.62 42.33 -13.80
C VAL B 77 54.54 40.82 -14.04
N PHE B 78 53.33 40.32 -14.28
CA PHE B 78 53.18 38.93 -14.72
C PHE B 78 53.60 38.80 -16.16
N ALA B 79 54.43 37.81 -16.44
CA ALA B 79 55.01 37.59 -17.75
C ALA B 79 54.61 36.20 -18.24
N ARG B 80 54.57 35.99 -19.56
CA ARG B 80 54.27 34.66 -20.07
C ARG B 80 55.55 33.90 -20.35
N LYS B 81 55.63 32.68 -19.82
CA LYS B 81 56.79 31.82 -19.99
C LYS B 81 56.35 30.66 -20.86
N HIS B 82 56.78 30.65 -22.13
CA HIS B 82 56.27 29.70 -23.13
C HIS B 82 57.05 28.40 -23.24
N TYR B 83 56.32 27.29 -23.20
CA TYR B 83 56.84 25.98 -23.61
C TYR B 83 55.70 24.99 -23.80
N PHE B 84 55.94 23.94 -24.59
CA PHE B 84 54.91 22.96 -24.89
C PHE B 84 55.16 21.73 -24.05
N TYR B 85 54.17 21.41 -23.25
CA TYR B 85 54.20 20.21 -22.42
C TYR B 85 52.78 19.87 -21.98
N PRO B 86 52.40 18.56 -22.03
CA PRO B 86 51.04 18.08 -21.77
C PRO B 86 50.41 18.57 -20.47
N ASP B 87 51.22 18.78 -19.43
CA ASP B 87 50.70 19.32 -18.15
C ASP B 87 50.58 20.85 -18.07
N LEU B 88 50.81 21.55 -19.18
CA LEU B 88 50.76 23.03 -19.21
C LEU B 88 49.80 23.46 -20.30
N PRO B 89 48.55 23.73 -19.87
CA PRO B 89 47.37 23.90 -20.70
C PRO B 89 47.44 25.03 -21.74
N LYS B 90 48.05 26.16 -21.40
CA LYS B 90 48.03 27.32 -22.29
C LYS B 90 49.20 27.40 -23.28
N GLY B 91 50.24 26.60 -23.06
CA GLY B 91 51.43 26.67 -23.90
C GLY B 91 52.35 27.71 -23.27
N TYR B 92 51.90 28.27 -22.15
CA TYR B 92 52.73 29.14 -21.34
C TYR B 92 52.38 29.06 -19.86
N GLN B 93 53.35 29.40 -19.02
CA GLN B 93 53.19 29.58 -17.60
C GLN B 93 53.20 31.07 -17.28
N ILE B 94 52.21 31.52 -16.52
CA ILE B 94 52.21 32.92 -16.07
C ILE B 94 53.04 32.99 -14.79
N SER B 95 54.13 33.74 -14.86
CA SER B 95 54.96 34.01 -13.71
C SER B 95 55.45 35.44 -13.77
N GLN B 96 56.61 35.69 -13.17
CA GLN B 96 57.27 36.98 -13.28
C GLN B 96 58.74 36.83 -13.65
N TYR B 97 59.31 37.86 -14.27
CA TYR B 97 60.60 37.74 -14.93
C TYR B 97 61.57 38.81 -14.43
N GLU B 98 61.95 39.72 -15.33
CA GLU B 98 62.20 41.11 -14.96
C GLU B 98 60.99 41.71 -14.26
N LYS B 99 61.23 42.40 -13.15
CA LYS B 99 60.14 42.92 -12.32
C LYS B 99 59.41 41.79 -11.60
N PRO B 100 60.14 41.08 -10.74
CA PRO B 100 59.52 40.18 -9.76
C PRO B 100 58.97 40.95 -8.56
N LEU B 101 58.19 40.28 -7.73
CA LEU B 101 57.64 40.90 -6.52
C LEU B 101 58.73 41.35 -5.53
N ALA B 102 59.67 40.48 -5.22
CA ALA B 102 60.63 40.72 -4.15
C ALA B 102 62.04 40.31 -4.53
N THR B 103 63.01 40.88 -3.86
CA THR B 103 64.38 40.83 -4.30
C THR B 103 65.25 41.16 -3.09
N ASN B 104 66.52 40.75 -3.12
CA ASN B 104 67.50 41.17 -2.11
C ASN B 104 67.09 40.83 -0.68
N GLY B 105 66.83 39.56 -0.40
CA GLY B 105 66.53 39.11 0.95
C GLY B 105 67.58 38.17 1.50
N TRP B 106 67.30 37.56 2.65
CA TRP B 106 68.26 36.69 3.29
C TRP B 106 67.62 35.76 4.30
N VAL B 107 68.24 34.60 4.47
CA VAL B 107 67.86 33.66 5.52
C VAL B 107 69.09 33.38 6.38
N GLU B 108 68.89 33.34 7.69
CA GLU B 108 69.98 33.00 8.59
C GLU B 108 69.93 31.54 9.04
N LEU B 109 71.04 30.85 8.82
CA LEU B 109 71.24 29.46 9.22
C LEU B 109 72.01 29.36 10.54
N ASN B 110 71.55 28.50 11.43
CA ASN B 110 72.28 28.21 12.64
C ASN B 110 72.97 26.88 12.44
N LEU B 111 74.30 26.93 12.46
CA LEU B 111 75.11 25.77 12.16
C LEU B 111 75.42 24.96 13.44
N PRO B 112 75.70 23.64 13.31
CA PRO B 112 75.99 22.77 14.45
C PRO B 112 77.11 23.33 15.33
N ASN B 113 78.25 23.69 14.72
CA ASN B 113 79.38 24.27 15.44
C ASN B 113 79.03 25.54 16.23
N GLY B 114 77.79 26.02 16.09
CA GLY B 114 77.27 27.16 16.86
C GLY B 114 77.29 28.49 16.13
N GLU B 115 77.91 28.50 14.95
CA GLU B 115 78.01 29.72 14.15
C GLU B 115 76.79 29.94 13.26
N LYS B 116 76.54 31.21 12.97
CA LYS B 116 75.40 31.60 12.16
C LYS B 116 75.87 32.16 10.83
N LYS B 117 75.19 31.73 9.77
CA LYS B 117 75.57 32.01 8.40
C LYS B 117 74.37 32.60 7.67
N LYS B 118 74.62 33.40 6.63
CA LYS B 118 73.54 33.89 5.80
C LYS B 118 73.55 33.35 4.40
N VAL B 119 72.34 33.01 3.94
CA VAL B 119 72.06 32.65 2.56
C VAL B 119 71.11 33.71 1.98
N ARG B 120 71.55 34.35 0.90
CA ARG B 120 70.77 35.41 0.26
C ARG B 120 69.64 34.84 -0.58
N ILE B 121 68.52 35.56 -0.57
CA ILE B 121 67.44 35.32 -1.48
C ILE B 121 67.58 36.30 -2.63
N ARG B 122 67.77 35.75 -3.82
CA ARG B 122 67.95 36.50 -5.04
C ARG B 122 66.62 37.09 -5.50
N ARG B 123 65.57 36.28 -5.48
CA ARG B 123 64.21 36.74 -5.81
C ARG B 123 63.10 35.90 -5.16
N LEU B 124 61.94 36.50 -5.04
CA LEU B 124 60.73 35.74 -4.83
C LEU B 124 59.73 36.31 -5.83
N HIS B 125 59.19 35.43 -6.68
CA HIS B 125 58.13 35.83 -7.57
C HIS B 125 56.90 34.93 -7.49
N ILE B 126 55.78 35.47 -7.94
CA ILE B 126 54.51 34.77 -8.01
C ILE B 126 54.31 34.08 -9.36
N GLU B 127 53.81 32.86 -9.31
CA GLU B 127 53.50 32.12 -10.53
C GLU B 127 52.53 30.99 -10.27
N GLU B 128 51.94 30.47 -11.33
CA GLU B 128 51.00 29.39 -11.23
C GLU B 128 51.70 28.06 -11.52
N ASP B 129 51.12 27.00 -10.97
CA ASP B 129 51.61 25.65 -11.15
C ASP B 129 51.12 25.05 -12.46
N ALA B 130 51.81 24.02 -12.93
CA ALA B 130 51.34 23.18 -14.02
C ALA B 130 50.51 22.02 -13.44
N GLY B 131 49.90 21.19 -14.29
CA GLY B 131 49.21 19.97 -13.82
C GLY B 131 50.18 18.83 -13.57
N LYS B 132 49.65 17.60 -13.44
CA LYS B 132 50.49 16.41 -13.24
C LYS B 132 50.21 15.29 -14.23
N ASN B 133 51.29 14.69 -14.72
CA ASN B 133 51.23 13.53 -15.60
C ASN B 133 51.38 12.21 -14.83
N ILE B 134 50.60 11.22 -15.26
CA ILE B 134 50.75 9.81 -14.86
C ILE B 134 51.09 9.00 -16.14
N HIS B 135 52.12 8.15 -16.11
CA HIS B 135 52.42 7.30 -17.26
C HIS B 135 51.82 5.92 -17.09
N GLU B 136 51.19 5.41 -18.16
CA GLU B 136 50.48 4.14 -18.12
C GLU B 136 50.60 3.51 -19.50
N GLY B 137 51.53 2.56 -19.64
CA GLY B 137 51.72 1.92 -20.94
C GLY B 137 52.41 2.88 -21.91
N ASP B 138 51.87 3.00 -23.12
CA ASP B 138 52.43 3.88 -24.16
C ASP B 138 51.76 5.26 -24.16
N LYS B 139 51.01 5.55 -23.10
CA LYS B 139 50.28 6.79 -22.95
C LYS B 139 50.66 7.59 -21.70
N THR B 140 50.45 8.90 -21.73
CA THR B 140 50.51 9.73 -20.52
C THR B 140 49.11 10.24 -20.18
N LEU B 141 48.73 10.12 -18.92
CA LEU B 141 47.45 10.60 -18.44
C LEU B 141 47.62 11.91 -17.68
N VAL B 142 46.82 12.91 -18.07
CA VAL B 142 46.99 14.28 -17.58
C VAL B 142 45.88 14.71 -16.62
N ASP B 143 46.25 15.02 -15.39
CA ASP B 143 45.32 15.61 -14.44
C ASP B 143 45.67 17.09 -14.29
N LEU B 144 44.76 17.96 -14.68
CA LEU B 144 44.97 19.39 -14.56
C LEU B 144 44.35 20.02 -13.30
N ASN B 145 44.09 19.24 -12.27
CA ASN B 145 43.63 19.80 -10.97
C ASN B 145 44.63 20.81 -10.37
N ARG B 146 45.91 20.56 -10.62
CA ARG B 146 46.96 21.36 -10.00
C ARG B 146 47.37 22.59 -10.86
N ALA B 147 47.03 22.57 -12.14
CA ALA B 147 47.33 23.66 -13.04
C ALA B 147 46.72 24.92 -12.47
N GLY B 148 47.53 25.95 -12.35
CA GLY B 148 47.06 27.24 -11.85
C GLY B 148 47.17 27.42 -10.35
N THR B 149 47.64 26.42 -9.62
CA THR B 149 47.83 26.55 -8.17
C THR B 149 48.95 27.58 -7.97
N PRO B 150 48.80 28.50 -6.99
CA PRO B 150 49.80 29.54 -6.77
C PRO B 150 51.10 29.02 -6.21
N LEU B 151 52.21 29.54 -6.74
CA LEU B 151 53.53 29.16 -6.29
C LEU B 151 54.33 30.40 -6.04
N MET B 152 55.20 30.33 -5.03
CA MET B 152 56.25 31.33 -4.89
C MET B 152 57.51 30.69 -5.43
N GLU B 153 58.13 31.26 -6.45
CA GLU B 153 59.41 30.72 -6.85
C GLU B 153 60.46 31.48 -6.07
N ILE B 154 61.23 30.79 -5.25
CA ILE B 154 62.28 31.37 -4.42
C ILE B 154 63.68 30.95 -4.92
N VAL B 155 64.50 31.93 -5.28
CA VAL B 155 65.83 31.59 -5.81
C VAL B 155 66.89 32.14 -4.88
N THR B 156 67.85 31.30 -4.56
CA THR B 156 68.93 31.55 -3.64
C THR B 156 70.10 32.09 -4.43
N GLU B 157 70.96 32.89 -3.82
CA GLU B 157 72.30 33.11 -4.39
C GLU B 157 73.17 31.87 -4.11
N PRO B 158 74.27 31.68 -4.88
CA PRO B 158 75.08 30.48 -4.62
C PRO B 158 75.91 30.60 -3.34
N ASP B 159 75.23 30.80 -2.21
CA ASP B 159 75.87 31.09 -0.95
C ASP B 159 76.06 29.85 -0.07
N ILE B 160 75.38 28.76 -0.43
CA ILE B 160 75.45 27.51 0.31
C ILE B 160 76.77 26.80 -0.03
N ARG B 161 77.39 26.19 0.99
CA ARG B 161 78.74 25.63 0.87
C ARG B 161 78.81 24.12 1.17
N THR B 162 77.73 23.55 1.68
CA THR B 162 77.77 22.22 2.27
C THR B 162 76.43 21.49 2.11
N PRO B 163 76.46 20.16 1.89
CA PRO B 163 75.19 19.43 1.78
C PRO B 163 74.31 19.64 3.01
N GLU B 164 74.93 19.70 4.18
CA GLU B 164 74.21 19.89 5.44
C GLU B 164 73.54 21.26 5.48
N GLU B 165 74.29 22.28 5.06
CA GLU B 165 73.79 23.66 4.94
C GLU B 165 72.60 23.73 4.01
N ALA B 166 72.65 22.98 2.92
CA ALA B 166 71.55 22.93 1.97
C ALA B 166 70.27 22.44 2.62
N ARG B 167 70.39 21.36 3.41
CA ARG B 167 69.27 20.80 4.16
C ARG B 167 68.79 21.78 5.22
N LEU B 168 69.72 22.28 6.03
CA LEU B 168 69.39 23.29 7.05
C LEU B 168 68.71 24.52 6.48
N PHE B 169 69.17 24.98 5.33
CA PHE B 169 68.47 26.05 4.62
C PHE B 169 67.01 25.66 4.34
N LEU B 170 66.85 24.53 3.70
CA LEU B 170 65.54 24.04 3.34
C LEU B 170 64.61 23.90 4.55
N GLU B 171 65.14 23.42 5.67
CA GLU B 171 64.39 23.27 6.92
C GLU B 171 63.92 24.62 7.50
N LYS B 172 64.82 25.62 7.47
CA LYS B 172 64.52 26.96 7.96
C LYS B 172 63.50 27.64 7.06
N LEU B 173 63.72 27.55 5.74
CA LEU B 173 62.73 28.09 4.79
C LEU B 173 61.34 27.49 5.07
N ARG B 174 61.28 26.18 5.24
CA ARG B 174 60.02 25.54 5.56
C ARG B 174 59.40 26.11 6.82
N ASN B 175 60.21 26.28 7.87
CA ASN B 175 59.72 26.73 9.16
C ASN B 175 59.25 28.19 9.14
N ILE B 176 59.99 29.05 8.44
CA ILE B 176 59.51 30.41 8.21
C ILE B 176 58.15 30.46 7.47
N MET B 177 58.02 29.70 6.39
CA MET B 177 56.76 29.60 5.66
C MET B 177 55.61 29.15 6.56
N ARG B 178 55.87 28.14 7.37
CA ARG B 178 54.89 27.64 8.31
C ARG B 178 54.49 28.63 9.38
N TYR B 179 55.49 29.27 10.01
CA TYR B 179 55.26 30.30 11.01
C TYR B 179 54.50 31.47 10.41
N ALA B 180 54.92 31.93 9.24
CA ALA B 180 54.23 33.04 8.56
C ALA B 180 52.82 32.67 8.15
N GLY B 181 52.56 31.37 8.02
CA GLY B 181 51.24 30.84 7.74
C GLY B 181 50.89 30.89 6.26
N VAL B 182 51.91 30.90 5.42
CA VAL B 182 51.68 31.09 3.98
C VAL B 182 51.57 29.78 3.22
N SER B 183 52.22 28.74 3.75
CA SER B 183 52.25 27.43 3.12
C SER B 183 52.56 26.34 4.13
N LYS B 184 52.04 25.14 3.89
CA LYS B 184 52.35 23.97 4.72
C LYS B 184 53.76 23.44 4.43
N ALA B 185 54.20 23.65 3.19
CA ALA B 185 55.60 23.49 2.78
C ALA B 185 56.25 22.13 3.05
N ASP B 186 55.45 21.08 3.01
CA ASP B 186 55.97 19.72 3.15
C ASP B 186 56.24 19.14 1.76
N MET B 187 57.49 18.73 1.51
CA MET B 187 57.87 18.08 0.23
C MET B 187 57.01 16.85 -0.07
N GLU B 188 56.68 16.09 0.98
CA GLU B 188 55.84 14.90 0.90
C GLU B 188 54.56 15.09 0.05
N LYS B 189 53.92 16.25 0.20
CA LYS B 189 52.64 16.52 -0.45
C LYS B 189 52.80 17.40 -1.71
N GLY B 190 54.03 17.56 -2.17
CA GLY B 190 54.36 18.40 -3.34
C GLY B 190 54.23 19.90 -3.10
N GLN B 191 54.19 20.30 -1.83
CA GLN B 191 54.00 21.69 -1.45
C GLN B 191 55.30 22.48 -1.50
N LEU B 192 56.42 21.77 -1.60
CA LEU B 192 57.71 22.39 -1.72
C LEU B 192 58.53 21.54 -2.67
N ARG B 193 59.00 22.17 -3.73
CA ARG B 193 59.90 21.55 -4.68
C ARG B 193 61.27 22.21 -4.58
N CYS B 194 62.33 21.46 -4.93
CA CYS B 194 63.66 22.02 -4.88
C CYS B 194 64.56 21.51 -6.00
N ASP B 195 65.09 22.44 -6.79
CA ASP B 195 66.09 22.08 -7.80
C ASP B 195 67.42 22.59 -7.31
N ILE B 196 68.44 21.75 -7.44
CA ILE B 196 69.74 22.03 -6.87
C ILE B 196 70.70 22.40 -7.98
N ASN B 197 71.53 23.42 -7.74
CA ASN B 197 72.62 23.80 -8.64
C ASN B 197 73.91 23.77 -7.88
N VAL B 198 74.93 23.16 -8.47
CA VAL B 198 76.20 22.98 -7.76
C VAL B 198 77.43 23.00 -8.67
N SER B 199 78.45 23.73 -8.22
CA SER B 199 79.75 23.77 -8.87
C SER B 199 80.84 23.62 -7.82
N ILE B 200 82.06 23.27 -8.25
CA ILE B 200 83.21 23.27 -7.34
C ILE B 200 84.25 24.28 -7.75
N ARG B 201 85.21 24.52 -6.86
CA ARG B 201 86.04 25.70 -6.91
C ARG B 201 87.25 25.46 -6.01
N PRO B 202 88.48 25.61 -6.54
CA PRO B 202 89.64 25.63 -5.64
C PRO B 202 89.40 26.56 -4.44
N LYS B 203 89.74 26.10 -3.24
CA LYS B 203 89.43 26.83 -2.01
C LYS B 203 89.94 28.28 -2.05
N GLY B 204 89.10 29.21 -1.60
CA GLY B 204 89.44 30.62 -1.57
C GLY B 204 89.45 31.32 -2.92
N SER B 205 89.08 30.59 -3.99
CA SER B 205 88.91 31.19 -5.32
C SER B 205 87.64 32.04 -5.36
N LYS B 206 87.63 33.05 -6.23
CA LYS B 206 86.48 33.92 -6.39
C LYS B 206 85.76 33.66 -7.71
N GLU B 207 86.40 32.88 -8.58
CA GLU B 207 85.82 32.50 -9.86
C GLU B 207 84.77 31.40 -9.65
N PHE B 208 83.84 31.25 -10.58
CA PHE B 208 82.82 30.22 -10.44
C PHE B 208 83.05 29.03 -11.37
N GLY B 209 82.96 27.83 -10.78
CA GLY B 209 83.11 26.58 -11.54
C GLY B 209 81.87 26.27 -12.34
N THR B 210 82.00 25.32 -13.27
CA THR B 210 80.91 24.90 -14.16
C THR B 210 79.77 24.28 -13.35
N ARG B 211 78.54 24.64 -13.71
CA ARG B 211 77.36 24.35 -12.92
C ARG B 211 76.57 23.13 -13.39
N VAL B 212 76.30 22.22 -12.45
CA VAL B 212 75.39 21.08 -12.68
C VAL B 212 74.09 21.29 -11.90
N GLU B 213 72.98 20.94 -12.55
CA GLU B 213 71.66 21.09 -12.01
C GLU B 213 71.11 19.71 -11.70
N ILE B 214 70.69 19.47 -10.46
CA ILE B 214 70.04 18.20 -10.14
C ILE B 214 68.55 18.43 -9.86
N LYS B 215 67.68 17.80 -10.65
CA LYS B 215 66.25 18.03 -10.53
C LYS B 215 65.48 16.87 -9.89
N ASN B 216 64.29 17.19 -9.38
CA ASN B 216 63.41 16.23 -8.69
C ASN B 216 64.04 15.35 -7.62
N VAL B 217 64.64 16.05 -6.66
CA VAL B 217 65.05 15.46 -5.40
C VAL B 217 63.90 15.77 -4.43
N ASN B 218 63.36 14.72 -3.81
CA ASN B 218 62.00 14.73 -3.21
C ASN B 218 61.89 14.85 -1.69
N SER B 219 63.00 15.02 -1.00
CA SER B 219 63.02 15.18 0.46
C SER B 219 64.25 15.97 0.85
N PHE B 220 64.21 16.57 2.04
CA PHE B 220 65.35 17.34 2.53
C PHE B 220 66.59 16.45 2.69
N ARG B 221 66.37 15.20 3.13
CA ARG B 221 67.46 14.24 3.28
C ARG B 221 68.08 13.89 1.94
N PHE B 222 67.22 13.71 0.94
CA PHE B 222 67.69 13.37 -0.41
C PHE B 222 68.52 14.50 -1.06
N VAL B 223 68.20 15.76 -0.76
CA VAL B 223 69.04 16.85 -1.28
C VAL B 223 70.43 16.82 -0.66
N GLN B 224 70.52 16.42 0.60
CA GLN B 224 71.83 16.27 1.22
C GLN B 224 72.59 15.12 0.55
N LYS B 225 71.92 14.00 0.34
CA LYS B 225 72.55 12.83 -0.24
C LYS B 225 73.00 13.10 -1.68
N ALA B 226 72.10 13.66 -2.49
CA ALA B 226 72.40 14.05 -3.86
C ALA B 226 73.63 14.93 -3.90
N LEU B 227 73.64 15.92 -3.03
CA LEU B 227 74.75 16.86 -2.96
C LEU B 227 76.02 16.22 -2.49
N GLU B 228 75.94 15.38 -1.45
CA GLU B 228 77.10 14.63 -0.94
C GLU B 228 77.84 13.90 -2.05
N TYR B 229 77.08 13.15 -2.86
CA TYR B 229 77.65 12.39 -3.95
C TYR B 229 78.20 13.27 -5.06
N GLU B 230 77.39 14.24 -5.50
CA GLU B 230 77.73 15.09 -6.64
C GLU B 230 79.02 15.88 -6.43
N ILE B 231 79.21 16.37 -5.21
CA ILE B 231 80.44 17.04 -4.82
C ILE B 231 81.63 16.09 -4.99
N GLU B 232 81.51 14.88 -4.46
CA GLU B 232 82.53 13.83 -4.66
C GLU B 232 82.75 13.60 -6.15
N ARG B 233 81.67 13.40 -6.90
CA ARG B 233 81.74 13.13 -8.33
C ARG B 233 82.57 14.17 -9.08
N GLN B 234 82.29 15.45 -8.79
CA GLN B 234 82.94 16.56 -9.48
C GLN B 234 84.39 16.70 -9.11
N ILE B 235 84.70 16.46 -7.84
CA ILE B 235 86.10 16.51 -7.36
C ILE B 235 86.93 15.42 -8.05
N ASN B 236 86.39 14.19 -8.11
CA ASN B 236 86.99 13.09 -8.87
C ASN B 236 87.36 13.54 -10.29
N VAL B 237 86.33 13.91 -11.07
CA VAL B 237 86.50 14.37 -12.45
C VAL B 237 87.65 15.37 -12.62
N VAL B 238 87.64 16.41 -11.78
CA VAL B 238 88.61 17.51 -11.86
C VAL B 238 90.04 17.10 -11.55
N GLU B 239 90.22 16.29 -10.50
CA GLU B 239 91.55 15.84 -10.09
C GLU B 239 92.09 14.68 -10.93
N GLU B 240 91.20 14.02 -11.68
CA GLU B 240 91.61 13.03 -12.69
C GLU B 240 92.07 13.71 -13.99
N GLY B 241 92.11 15.04 -13.98
CA GLY B 241 92.53 15.84 -15.13
C GLY B 241 91.41 16.20 -16.11
N GLY B 242 90.17 15.80 -15.79
CA GLY B 242 89.02 16.05 -16.65
C GLY B 242 88.30 17.36 -16.37
N GLU B 243 87.48 17.78 -17.33
CA GLU B 243 86.64 18.95 -17.16
C GLU B 243 85.21 18.52 -16.84
N VAL B 244 84.63 19.16 -15.82
CA VAL B 244 83.23 18.92 -15.45
C VAL B 244 82.29 19.60 -16.45
N VAL B 245 81.32 18.82 -16.94
CA VAL B 245 80.45 19.25 -18.02
C VAL B 245 79.10 19.77 -17.49
N GLN B 246 78.64 20.87 -18.09
CA GLN B 246 77.40 21.53 -17.69
C GLN B 246 76.17 20.80 -18.19
N GLU B 247 75.40 20.25 -17.26
CA GLU B 247 74.20 19.46 -17.60
C GLU B 247 73.19 19.43 -16.45
N THR B 248 72.01 18.90 -16.73
CA THR B 248 71.06 18.53 -15.70
C THR B 248 71.22 17.04 -15.41
N ARG B 249 71.06 16.66 -14.14
CA ARG B 249 71.15 15.26 -13.74
C ARG B 249 69.97 14.88 -12.86
N THR B 250 69.82 13.59 -12.62
CA THR B 250 68.78 13.04 -11.76
C THR B 250 69.40 12.31 -10.59
N PHE B 251 68.61 12.08 -9.54
CA PHE B 251 69.10 11.39 -8.35
C PHE B 251 68.21 10.20 -8.05
N ASP B 252 68.83 9.03 -7.93
CA ASP B 252 68.10 7.84 -7.53
C ASP B 252 68.25 7.61 -6.04
N PRO B 253 67.12 7.71 -5.30
CA PRO B 253 67.12 7.52 -3.85
C PRO B 253 67.70 6.16 -3.47
N GLN B 254 67.30 5.12 -4.21
CA GLN B 254 67.74 3.73 -4.01
C GLN B 254 69.26 3.53 -4.10
N THR B 255 69.90 4.15 -5.07
CA THR B 255 71.37 4.02 -5.24
C THR B 255 72.22 5.12 -4.58
N GLY B 256 71.60 6.25 -4.28
CA GLY B 256 72.30 7.41 -3.72
C GLY B 256 73.27 8.07 -4.69
N LYS B 257 72.98 7.95 -5.98
CA LYS B 257 73.86 8.44 -7.04
C LYS B 257 73.15 9.38 -7.99
N THR B 258 73.92 10.23 -8.66
CA THR B 258 73.40 11.17 -9.65
C THR B 258 73.77 10.71 -11.05
N TYR B 259 72.82 10.83 -11.99
CA TYR B 259 73.01 10.31 -13.35
C TYR B 259 72.75 11.35 -14.43
N PRO B 260 73.62 11.37 -15.47
CA PRO B 260 73.37 12.22 -16.63
C PRO B 260 72.12 11.72 -17.34
N MET B 261 71.61 12.51 -18.28
CA MET B 261 70.38 12.13 -18.99
C MET B 261 70.68 11.61 -20.39
N ARG B 262 69.90 10.62 -20.80
CA ARG B 262 70.07 9.98 -22.12
C ARG B 262 69.73 10.93 -23.28
N THR B 263 68.88 11.91 -22.99
CA THR B 263 68.41 12.87 -23.97
C THR B 263 69.25 14.16 -23.94
N LYS B 264 69.86 14.47 -25.08
CA LYS B 264 70.66 15.68 -25.25
C LYS B 264 69.77 16.88 -25.63
N GLU B 265 68.63 16.97 -24.94
CA GLU B 265 67.61 17.99 -25.22
C GLU B 265 67.89 19.34 -24.54
N GLU B 266 68.36 20.30 -25.36
CA GLU B 266 68.63 21.68 -24.91
C GLU B 266 67.33 22.46 -24.65
N ALA B 267 67.40 23.42 -23.74
CA ALA B 267 66.25 24.26 -23.43
C ALA B 267 65.95 25.23 -24.58
N GLU B 268 64.69 25.65 -24.65
CA GLU B 268 64.23 26.54 -25.70
C GLU B 268 63.85 27.89 -25.10
N ASP B 269 64.10 28.94 -25.86
CA ASP B 269 63.74 30.32 -25.57
C ASP B 269 62.34 30.38 -24.97
N TYR B 270 62.19 31.04 -23.83
CA TYR B 270 60.89 31.15 -23.19
C TYR B 270 60.00 32.26 -23.76
N ARG B 271 60.55 33.13 -24.61
CA ARG B 271 59.78 34.18 -25.29
C ARG B 271 58.93 34.95 -24.28
N TYR B 272 59.57 35.33 -23.18
CA TYR B 272 59.01 36.16 -22.11
C TYR B 272 58.44 37.52 -22.54
N PHE B 273 57.22 37.85 -22.07
CA PHE B 273 56.69 39.20 -22.27
C PHE B 273 55.50 39.41 -21.33
N PRO B 274 55.16 40.68 -21.00
CA PRO B 274 54.12 40.87 -19.97
C PRO B 274 52.82 40.28 -20.48
N ASP B 275 52.17 39.43 -19.69
CA ASP B 275 50.88 38.90 -20.09
C ASP B 275 50.00 40.10 -20.40
N PRO B 276 49.47 40.15 -21.64
CA PRO B 276 48.62 41.28 -21.95
C PRO B 276 47.18 41.08 -21.44
N ASP B 277 46.87 39.95 -20.78
CA ASP B 277 45.55 39.80 -20.12
C ASP B 277 45.51 40.42 -18.73
N LEU B 278 46.64 40.96 -18.29
CA LEU B 278 46.77 41.43 -16.92
C LEU B 278 47.51 42.76 -16.86
N VAL B 279 47.00 43.68 -16.06
CA VAL B 279 47.73 44.89 -15.71
C VAL B 279 48.80 44.62 -14.67
N PRO B 280 49.79 45.50 -14.57
CA PRO B 280 50.87 45.35 -13.59
C PRO B 280 50.35 45.20 -12.17
N LEU B 281 51.01 44.37 -11.38
CA LEU B 281 50.67 44.22 -9.99
C LEU B 281 51.21 45.42 -9.23
N LYS B 282 50.29 46.28 -8.80
CA LYS B 282 50.64 47.46 -8.03
C LYS B 282 50.33 47.23 -6.55
N VAL B 283 51.37 47.28 -5.74
CA VAL B 283 51.28 46.97 -4.33
C VAL B 283 51.54 48.24 -3.54
N LYS B 284 50.46 48.79 -2.95
CA LYS B 284 50.51 50.01 -2.13
C LYS B 284 51.48 49.85 -0.97
N LYS B 285 52.24 50.91 -0.67
CA LYS B 285 53.10 50.95 0.51
C LYS B 285 52.30 50.66 1.78
N GLU B 286 51.09 51.23 1.83
CA GLU B 286 50.19 51.08 2.97
C GLU B 286 49.84 49.63 3.27
N TRP B 287 49.80 48.79 2.24
CA TRP B 287 49.49 47.37 2.39
C TRP B 287 50.67 46.56 2.88
N ILE B 288 51.87 46.90 2.38
CA ILE B 288 53.12 46.33 2.89
C ILE B 288 53.25 46.63 4.39
N GLU B 289 53.10 47.90 4.76
CA GLU B 289 53.07 48.38 6.15
C GLU B 289 52.10 47.56 7.02
N GLU B 290 50.92 47.30 6.50
CA GLU B 290 49.87 46.60 7.23
C GLU B 290 50.22 45.13 7.46
N ILE B 291 50.87 44.52 6.47
CA ILE B 291 51.29 43.12 6.55
C ILE B 291 52.52 43.00 7.47
N LYS B 292 53.41 43.97 7.36
CA LYS B 292 54.59 44.12 8.23
C LYS B 292 54.19 44.22 9.73
N LYS B 293 53.24 45.12 10.03
CA LYS B 293 52.75 45.38 11.39
C LYS B 293 52.05 44.15 11.98
N ASN B 294 51.30 43.44 11.14
CA ASN B 294 50.55 42.26 11.57
C ASN B 294 51.22 40.91 11.29
N MET B 295 52.53 40.94 11.04
CA MET B 295 53.30 39.74 10.77
C MET B 295 53.18 38.78 11.95
N PRO B 296 52.84 37.50 11.68
CA PRO B 296 52.95 36.45 12.71
C PRO B 296 54.36 36.37 13.26
N GLU B 297 54.54 35.76 14.42
CA GLU B 297 55.86 35.62 14.99
C GLU B 297 56.67 34.55 14.24
N LEU B 298 57.95 34.85 14.05
CA LEU B 298 58.84 34.06 13.24
C LEU B 298 59.79 33.27 14.11
N PRO B 299 60.40 32.19 13.58
CA PRO B 299 61.13 31.26 14.45
C PRO B 299 62.29 31.86 15.27
N ASP B 300 63.08 32.74 14.66
CA ASP B 300 64.23 33.34 15.36
C ASP B 300 63.79 34.24 16.52
N GLN B 301 62.68 34.96 16.30
CA GLN B 301 62.04 35.76 17.33
C GLN B 301 61.53 34.86 18.47
N ARG B 302 60.71 33.86 18.14
CA ARG B 302 60.14 32.98 19.14
C ARG B 302 61.23 32.38 20.02
N PHE B 303 62.33 31.95 19.40
CA PHE B 303 63.49 31.37 20.06
C PHE B 303 64.02 32.22 21.20
N GLU B 304 64.25 33.50 20.95
CA GLU B 304 64.75 34.39 21.99
C GLU B 304 63.67 34.69 23.04
N ARG B 305 62.41 34.74 22.62
CA ARG B 305 61.31 35.03 23.52
C ARG B 305 61.11 33.92 24.57
N LEU B 306 61.16 32.66 24.15
CA LEU B 306 61.00 31.53 25.08
C LEU B 306 62.15 31.45 26.07
N ILE B 307 63.37 31.60 25.58
CA ILE B 307 64.58 31.70 26.41
C ILE B 307 64.41 32.75 27.51
N LYS B 308 63.79 33.88 27.17
CA LYS B 308 63.49 34.93 28.14
C LYS B 308 62.22 34.64 28.94
N GLU B 309 61.07 34.68 28.27
CA GLU B 309 59.77 34.55 28.94
C GLU B 309 59.62 33.30 29.85
N TYR B 310 60.44 32.28 29.60
CA TYR B 310 60.28 31.00 30.30
C TYR B 310 61.60 30.44 30.82
N GLY B 311 62.70 31.10 30.50
CA GLY B 311 64.02 30.68 30.96
C GLY B 311 64.51 29.32 30.47
N LEU B 312 64.00 28.88 29.32
CA LEU B 312 64.44 27.63 28.71
C LEU B 312 65.88 27.71 28.21
N SER B 313 66.54 26.56 28.11
CA SER B 313 67.87 26.47 27.51
C SER B 313 67.75 26.55 25.98
N GLU B 314 68.86 26.86 25.32
CA GLU B 314 68.88 26.90 23.85
C GLU B 314 68.58 25.54 23.21
N TYR B 315 68.80 24.48 23.98
CA TYR B 315 68.48 23.14 23.54
C TYR B 315 66.97 22.92 23.58
N GLU B 316 66.35 23.43 24.64
CA GLU B 316 64.93 23.25 24.86
C GLU B 316 64.12 24.11 23.89
N ALA B 317 64.42 25.41 23.86
CA ALA B 317 63.70 26.33 22.97
C ALA B 317 63.84 25.91 21.50
N GLY B 318 65.02 25.44 21.10
CA GLY B 318 65.28 24.95 19.75
C GLY B 318 64.33 23.84 19.32
N ILE B 319 64.17 22.85 20.19
CA ILE B 319 63.18 21.79 19.98
C ILE B 319 61.77 22.35 19.78
N LEU B 320 61.37 23.27 20.66
CA LEU B 320 60.01 23.84 20.66
C LEU B 320 59.74 24.73 19.46
N VAL B 321 60.80 25.32 18.91
CA VAL B 321 60.69 26.26 17.80
C VAL B 321 60.83 25.54 16.46
N ASN B 322 61.73 24.55 16.39
CA ASN B 322 61.93 23.77 15.16
C ASN B 322 60.71 22.94 14.76
N HIS B 323 59.92 22.54 15.74
CA HIS B 323 58.61 21.91 15.53
C HIS B 323 57.59 22.82 16.21
N LYS B 324 56.98 23.72 15.44
CA LYS B 324 56.15 24.81 15.96
C LYS B 324 55.04 24.33 16.88
N GLU B 325 54.37 23.23 16.49
CA GLU B 325 53.22 22.68 17.24
C GLU B 325 53.59 22.17 18.63
N VAL B 326 54.86 21.87 18.85
CA VAL B 326 55.40 21.49 20.16
C VAL B 326 55.48 22.73 21.06
N GLY B 327 56.02 23.81 20.52
CA GLY B 327 56.04 25.09 21.22
C GLY B 327 54.65 25.59 21.56
N ASP B 328 53.72 25.44 20.61
CA ASP B 328 52.32 25.84 20.81
C ASP B 328 51.67 25.06 21.96
N PHE B 329 51.92 23.76 21.97
CA PHE B 329 51.46 22.86 23.04
C PHE B 329 52.03 23.34 24.38
N PHE B 330 53.34 23.48 24.43
CA PHE B 330 54.02 23.94 25.63
C PHE B 330 53.39 25.20 26.20
N GLU B 331 53.19 26.21 25.36
CA GLU B 331 52.70 27.49 25.85
C GLU B 331 51.25 27.46 26.34
N GLU B 332 50.43 26.61 25.73
CA GLU B 332 49.06 26.43 26.18
C GLU B 332 49.01 25.65 27.50
N ALA B 333 50.04 24.83 27.73
CA ALA B 333 50.16 24.09 28.99
C ALA B 333 50.65 25.00 30.11
N VAL B 334 51.73 25.74 29.86
CA VAL B 334 52.31 26.68 30.82
C VAL B 334 51.28 27.74 31.25
N ARG B 335 50.19 27.84 30.48
CA ARG B 335 49.14 28.81 30.77
C ARG B 335 48.25 28.28 31.89
N HIS B 336 47.94 26.99 31.83
CA HIS B 336 47.15 26.31 32.86
C HIS B 336 47.85 26.14 34.20
N PHE B 337 49.17 26.02 34.18
CA PHE B 337 49.98 25.88 35.41
C PHE B 337 51.36 26.49 35.17
N LYS B 338 51.64 27.62 35.81
CA LYS B 338 52.82 28.43 35.52
C LYS B 338 54.14 27.84 36.07
N GLU B 339 54.39 26.58 35.73
CA GLU B 339 55.65 25.89 36.05
C GLU B 339 56.36 25.49 34.74
N PRO B 340 57.12 26.44 34.15
CA PRO B 340 57.71 26.22 32.82
C PRO B 340 58.77 25.12 32.82
N LYS B 341 59.71 25.17 33.77
CA LYS B 341 60.79 24.20 33.85
C LYS B 341 60.28 22.78 33.98
N GLY B 342 59.27 22.59 34.83
CA GLY B 342 58.69 21.28 35.03
C GLY B 342 57.98 20.79 33.79
N ILE B 343 57.29 21.69 33.10
CA ILE B 343 56.52 21.31 31.91
C ILE B 343 57.40 20.92 30.70
N VAL B 344 58.46 21.67 30.42
CA VAL B 344 59.36 21.28 29.33
C VAL B 344 59.98 19.93 29.55
N ASN B 345 60.38 19.67 30.80
CA ASN B 345 60.95 18.39 31.19
C ASN B 345 60.05 17.25 30.78
N TRP B 346 58.81 17.29 31.28
CA TRP B 346 57.83 16.22 31.07
C TRP B 346 57.35 16.12 29.62
N LEU B 347 57.37 17.25 28.92
CA LEU B 347 57.07 17.33 27.49
C LEU B 347 58.14 16.67 26.65
N ILE B 348 59.38 17.12 26.82
CA ILE B 348 60.52 16.62 26.04
C ILE B 348 60.92 15.20 26.42
N ASN B 349 61.07 14.96 27.73
CA ASN B 349 61.65 13.73 28.22
C ASN B 349 60.66 12.56 28.25
N ASP B 350 59.38 12.90 28.27
CA ASP B 350 58.34 11.88 28.44
C ASP B 350 57.31 11.82 27.30
N LEU B 351 56.51 12.86 27.16
CA LEU B 351 55.36 12.84 26.23
C LEU B 351 55.75 12.65 24.77
N LEU B 352 56.68 13.48 24.30
CA LEU B 352 57.18 13.43 22.94
C LEU B 352 57.61 12.02 22.49
N GLY B 353 58.39 11.33 23.31
CA GLY B 353 58.83 9.98 23.00
C GLY B 353 57.70 8.97 22.99
N LEU B 354 56.72 9.16 23.87
CA LEU B 354 55.57 8.27 23.96
C LEU B 354 54.66 8.40 22.74
N LEU B 355 54.50 9.62 22.25
CA LEU B 355 53.72 9.88 21.04
C LEU B 355 54.41 9.37 19.77
N ARG B 356 55.73 9.56 19.71
CA ARG B 356 56.54 9.05 18.60
C ARG B 356 56.33 7.57 18.41
N ASP B 357 56.40 6.83 19.52
CA ASP B 357 56.27 5.36 19.55
C ASP B 357 54.91 4.87 19.03
N LYS B 358 53.85 5.57 19.45
CA LYS B 358 52.49 5.30 18.97
C LYS B 358 52.26 5.87 17.57
N GLY B 359 53.21 6.66 17.08
CA GLY B 359 53.17 7.21 15.72
C GLY B 359 52.16 8.32 15.55
N ILE B 360 51.94 9.08 16.62
CA ILE B 360 50.94 10.15 16.66
C ILE B 360 51.55 11.55 16.83
N SER B 361 51.08 12.48 16.00
CA SER B 361 51.53 13.86 16.00
C SER B 361 51.04 14.60 17.24
N ILE B 362 51.79 15.63 17.65
CA ILE B 362 51.47 16.43 18.84
C ILE B 362 50.15 17.22 18.72
N GLU B 363 49.73 17.54 17.50
CA GLU B 363 48.44 18.20 17.29
C GLU B 363 47.31 17.29 17.73
N GLU B 364 47.52 15.98 17.56
CA GLU B 364 46.45 15.02 17.80
C GLU B 364 46.63 14.09 19.02
N SER B 365 47.48 14.52 19.96
CA SER B 365 47.79 13.73 21.16
C SER B 365 46.61 13.70 22.14
N PRO B 366 46.37 12.53 22.76
CA PRO B 366 45.32 12.37 23.78
C PRO B 366 45.59 13.22 25.01
N VAL B 367 46.88 13.41 25.34
CA VAL B 367 47.26 14.31 26.41
C VAL B 367 47.20 15.72 25.88
N LYS B 368 46.22 16.48 26.36
CA LYS B 368 46.06 17.88 25.99
C LYS B 368 46.90 18.73 26.92
N PRO B 369 47.25 19.96 26.49
CA PRO B 369 48.05 20.82 27.33
C PRO B 369 47.52 20.95 28.78
N GLU B 370 46.22 20.83 28.95
CA GLU B 370 45.59 20.88 30.28
C GLU B 370 46.05 19.71 31.13
N HIS B 371 46.10 18.53 30.51
CA HIS B 371 46.41 17.30 31.19
C HIS B 371 47.87 17.24 31.63
N LEU B 372 48.77 17.77 30.81
CA LEU B 372 50.18 17.80 31.18
C LEU B 372 50.42 18.81 32.31
N ALA B 373 49.82 20.00 32.18
CA ALA B 373 49.88 21.02 33.23
C ALA B 373 49.32 20.47 34.54
N GLU B 374 48.25 19.69 34.44
CA GLU B 374 47.66 19.04 35.60
C GLU B 374 48.57 17.98 36.20
N LEU B 375 49.10 17.08 35.36
CA LEU B 375 50.03 16.07 35.84
C LEU B 375 51.25 16.70 36.51
N VAL B 376 51.85 17.71 35.88
CA VAL B 376 53.03 18.36 36.44
C VAL B 376 52.69 19.06 37.75
N LYS B 377 51.40 19.40 37.94
CA LYS B 377 50.91 20.01 39.18
C LYS B 377 51.01 19.01 40.34
N LEU B 378 50.50 17.80 40.12
CA LEU B 378 50.55 16.71 41.09
C LEU B 378 51.98 16.31 41.49
N ILE B 379 52.92 16.37 40.55
CA ILE B 379 54.34 16.09 40.83
C ILE B 379 54.98 17.21 41.67
N LYS B 380 54.66 18.46 41.34
CA LYS B 380 55.18 19.63 42.06
C LYS B 380 54.64 19.69 43.49
N GLU B 381 53.33 19.52 43.63
CA GLU B 381 52.64 19.60 44.92
C GLU B 381 52.84 18.35 45.79
N LYS B 382 53.61 17.41 45.26
CA LYS B 382 53.97 16.16 45.94
C LYS B 382 52.77 15.24 46.19
N VAL B 383 51.71 15.41 45.39
CA VAL B 383 50.53 14.55 45.44
C VAL B 383 50.86 13.12 45.01
N ILE B 384 51.68 13.01 43.95
CA ILE B 384 52.27 11.73 43.53
C ILE B 384 53.78 11.87 43.29
N SER B 385 54.45 10.73 43.19
CA SER B 385 55.89 10.67 42.95
C SER B 385 56.18 10.59 41.46
N THR B 386 57.40 10.97 41.09
CA THR B 386 57.89 10.83 39.72
C THR B 386 57.68 9.41 39.21
N LYS B 387 58.01 8.42 40.04
CA LYS B 387 57.82 7.01 39.67
C LYS B 387 56.38 6.71 39.26
N ILE B 388 55.44 7.27 40.03
CA ILE B 388 54.01 7.11 39.76
C ILE B 388 53.60 8.00 38.58
N GLY B 389 54.16 9.20 38.53
CA GLY B 389 53.96 10.12 37.40
C GLY B 389 54.31 9.55 36.04
N LYS B 390 55.35 8.74 35.98
CA LYS B 390 55.75 8.10 34.74
C LYS B 390 54.83 6.96 34.33
N GLU B 391 54.18 6.34 35.33
CA GLU B 391 53.20 5.28 35.11
C GLU B 391 51.89 5.84 34.59
N VAL B 392 51.47 6.99 35.11
CA VAL B 392 50.20 7.61 34.70
C VAL B 392 50.26 8.30 33.34
N ILE B 393 51.40 8.93 33.01
CA ILE B 393 51.59 9.54 31.70
C ILE B 393 51.52 8.50 30.56
N LYS B 394 52.06 7.30 30.82
CA LYS B 394 51.99 6.21 29.86
C LYS B 394 50.56 5.78 29.58
N GLU B 395 49.73 5.78 30.61
CA GLU B 395 48.35 5.39 30.45
C GLU B 395 47.48 6.55 29.96
N MET B 396 47.87 7.78 30.31
CA MET B 396 47.26 8.98 29.76
C MET B 396 47.29 8.92 28.24
N VAL B 397 48.47 8.61 27.71
CA VAL B 397 48.68 8.42 26.28
C VAL B 397 47.87 7.24 25.75
N GLU B 398 47.83 6.17 26.53
CA GLU B 398 47.11 4.94 26.19
C GLU B 398 45.60 5.09 26.14
N THR B 399 45.05 5.92 27.03
CA THR B 399 43.62 6.07 27.19
C THR B 399 43.14 7.42 26.66
N GLY B 400 43.55 8.48 27.35
CA GLY B 400 43.07 9.83 27.07
C GLY B 400 42.45 10.45 28.30
N LYS B 401 42.53 9.73 29.42
CA LYS B 401 41.95 10.19 30.67
C LYS B 401 42.84 11.22 31.36
N THR B 402 42.23 12.11 32.13
CA THR B 402 42.97 13.14 32.88
C THR B 402 43.92 12.47 33.87
N PRO B 403 45.02 13.14 34.27
CA PRO B 403 45.87 12.59 35.32
C PRO B 403 45.11 12.32 36.63
N SER B 404 44.28 13.27 37.05
CA SER B 404 43.47 13.12 38.28
C SER B 404 42.46 11.98 38.19
N GLN B 405 41.89 11.79 37.00
CA GLN B 405 41.02 10.65 36.71
C GLN B 405 41.67 9.31 37.06
N ILE B 406 42.85 9.04 36.49
CA ILE B 406 43.54 7.75 36.72
C ILE B 406 44.22 7.63 38.08
N VAL B 407 44.49 8.77 38.74
CA VAL B 407 45.00 8.77 40.11
C VAL B 407 43.93 8.20 41.05
N GLU B 408 42.70 8.67 40.90
CA GLU B 408 41.55 8.20 41.67
C GLU B 408 41.24 6.74 41.34
N GLU B 409 41.09 6.47 40.05
CA GLU B 409 40.78 5.12 39.54
C GLU B 409 41.76 4.02 40.01
N LYS B 410 42.94 4.42 40.49
CA LYS B 410 43.97 3.45 40.89
C LYS B 410 44.55 3.69 42.29
N GLY B 411 44.02 4.69 43.00
CA GLY B 411 44.48 5.02 44.35
C GLY B 411 45.65 5.99 44.33
N LEU B 412 45.58 7.03 45.17
CA LEU B 412 46.60 8.08 45.21
C LEU B 412 47.96 7.57 45.70
N VAL C 2 66.19 35.33 -45.65
CA VAL C 2 66.45 34.61 -44.37
C VAL C 2 66.50 33.09 -44.58
N ASP C 3 67.40 32.43 -43.86
CA ASP C 3 67.77 31.03 -44.11
C ASP C 3 66.64 30.02 -44.06
N ARG C 4 66.91 28.84 -44.62
CA ARG C 4 66.10 27.66 -44.39
C ARG C 4 66.26 27.26 -42.94
N GLU C 5 67.51 27.30 -42.48
CA GLU C 5 67.86 27.03 -41.09
C GLU C 5 67.00 27.85 -40.12
N TRP C 6 66.82 29.14 -40.44
CA TRP C 6 66.04 30.06 -39.62
C TRP C 6 64.59 29.61 -39.53
N VAL C 7 63.98 29.38 -40.69
CA VAL C 7 62.59 28.95 -40.80
C VAL C 7 62.33 27.71 -39.96
N LEU C 8 63.23 26.73 -40.08
CA LEU C 8 63.10 25.47 -39.35
C LEU C 8 63.27 25.64 -37.85
N LYS C 9 64.19 26.52 -37.44
CA LYS C 9 64.43 26.80 -36.02
C LYS C 9 63.22 27.47 -35.36
N ILE C 10 62.63 28.44 -36.07
CA ILE C 10 61.49 29.17 -35.57
C ILE C 10 60.29 28.25 -35.53
N ALA C 11 60.13 27.40 -36.54
CA ALA C 11 58.95 26.51 -36.58
C ALA C 11 59.04 25.46 -35.48
N LYS C 12 60.25 25.05 -35.15
CA LYS C 12 60.49 24.10 -34.06
C LYS C 12 59.96 24.70 -32.76
N LEU C 13 60.40 25.92 -32.45
CA LEU C 13 59.97 26.64 -31.24
C LEU C 13 58.46 26.72 -31.13
N ALA C 14 57.83 26.93 -32.28
CA ALA C 14 56.41 27.12 -32.43
C ALA C 14 55.63 25.80 -32.56
N ARG C 15 56.36 24.69 -32.63
CA ARG C 15 55.76 23.36 -32.88
C ARG C 15 54.90 23.34 -34.14
N LEU C 16 55.50 23.77 -35.25
CA LEU C 16 54.93 23.58 -36.57
C LEU C 16 55.86 22.65 -37.32
N GLU C 17 55.35 21.50 -37.74
CA GLU C 17 56.12 20.63 -38.64
C GLU C 17 55.80 21.06 -40.07
N LEU C 18 56.63 21.94 -40.61
CA LEU C 18 56.36 22.50 -41.91
C LEU C 18 56.56 21.47 -43.00
N LYS C 19 55.65 21.50 -43.98
CA LYS C 19 55.77 20.70 -45.18
C LYS C 19 56.75 21.41 -46.09
N GLU C 20 57.46 20.64 -46.93
CA GLU C 20 58.56 21.20 -47.72
C GLU C 20 58.14 22.38 -48.63
N GLU C 21 56.90 22.34 -49.10
CA GLU C 21 56.26 23.44 -49.84
C GLU C 21 56.22 24.75 -49.03
N GLU C 22 55.88 24.63 -47.74
CA GLU C 22 55.75 25.76 -46.80
C GLU C 22 57.10 26.38 -46.45
N ILE C 23 58.10 25.55 -46.19
CA ILE C 23 59.44 26.04 -45.90
C ILE C 23 59.96 27.03 -46.95
N GLU C 24 59.69 26.75 -48.23
CA GLU C 24 60.18 27.60 -49.29
C GLU C 24 59.36 28.87 -49.42
N VAL C 25 58.04 28.75 -49.37
CA VAL C 25 57.13 29.90 -49.40
C VAL C 25 57.37 30.83 -48.20
N PHE C 26 57.46 30.27 -47.00
CA PHE C 26 57.63 31.07 -45.79
C PHE C 26 59.00 31.72 -45.71
N GLN C 27 59.96 31.23 -46.50
CA GLN C 27 61.26 31.89 -46.63
C GLN C 27 61.14 33.27 -47.28
N LYS C 28 60.41 33.33 -48.39
CA LYS C 28 60.24 34.58 -49.11
C LYS C 28 59.25 35.50 -48.39
N GLN C 29 58.09 34.97 -48.04
CA GLN C 29 57.05 35.74 -47.37
C GLN C 29 57.52 36.40 -46.06
N LEU C 30 58.22 35.64 -45.22
CA LEU C 30 58.73 36.16 -43.96
C LEU C 30 59.85 37.18 -44.12
N SER C 31 60.74 36.91 -45.08
CA SER C 31 61.77 37.88 -45.47
C SER C 31 61.14 39.21 -45.87
N ASP C 32 60.10 39.13 -46.69
CA ASP C 32 59.40 40.31 -47.17
C ASP C 32 58.75 41.05 -46.02
N ILE C 33 58.03 40.31 -45.18
CA ILE C 33 57.34 40.89 -44.04
C ILE C 33 58.32 41.53 -43.06
N LEU C 34 59.46 40.89 -42.85
CA LEU C 34 60.50 41.46 -41.98
C LEU C 34 61.10 42.74 -42.53
N ASP C 35 61.20 42.87 -43.86
CA ASP C 35 61.61 44.13 -44.48
C ASP C 35 60.48 45.14 -44.37
N PHE C 36 59.25 44.64 -44.54
CA PHE C 36 58.07 45.47 -44.52
C PHE C 36 57.88 46.21 -43.19
N ILE C 37 58.11 45.53 -42.07
CA ILE C 37 57.81 46.08 -40.75
C ILE C 37 59.01 46.77 -40.13
N ASP C 38 60.14 46.72 -40.81
CA ASP C 38 61.38 47.34 -40.34
C ASP C 38 61.41 48.85 -40.55
N GLN C 39 60.52 49.59 -39.90
CA GLN C 39 60.47 51.04 -40.03
C GLN C 39 60.78 51.75 -38.73
N LEU C 40 60.83 51.02 -37.63
CA LEU C 40 60.76 51.61 -36.31
C LEU C 40 62.11 52.13 -35.75
N LYS C 41 63.23 51.65 -36.28
CA LYS C 41 64.57 52.09 -35.84
C LYS C 41 64.74 53.60 -35.91
N GLU C 42 64.14 54.21 -36.92
CA GLU C 42 64.14 55.66 -37.10
C GLU C 42 63.74 56.43 -35.87
N LEU C 43 62.81 55.87 -35.10
CA LEU C 43 62.22 56.58 -33.97
C LEU C 43 63.03 56.40 -32.70
N ASP C 44 63.08 57.48 -31.92
CA ASP C 44 63.73 57.46 -30.62
C ASP C 44 62.75 57.02 -29.55
N THR C 45 63.09 55.94 -28.86
CA THR C 45 62.26 55.40 -27.79
C THR C 45 62.99 55.17 -26.47
N GLU C 46 64.26 55.57 -26.38
CA GLU C 46 64.85 55.79 -25.05
C GLU C 46 63.91 56.81 -24.41
N ASN C 47 63.59 56.68 -23.15
CA ASN C 47 62.69 57.71 -22.56
C ASN C 47 61.25 57.66 -23.04
N VAL C 48 60.84 56.55 -23.65
CA VAL C 48 59.42 56.28 -23.89
C VAL C 48 59.01 55.03 -23.11
N GLU C 49 57.96 55.15 -22.30
CA GLU C 49 57.41 53.99 -21.60
C GLU C 49 56.58 53.11 -22.54
N PRO C 50 56.80 51.77 -22.51
CA PRO C 50 55.94 50.85 -23.24
C PRO C 50 54.49 51.08 -22.87
N TYR C 51 53.61 50.99 -23.85
CA TYR C 51 52.18 51.18 -23.68
C TYR C 51 51.52 50.21 -22.68
N ILE C 52 50.83 50.74 -21.68
CA ILE C 52 49.91 49.95 -20.88
C ILE C 52 48.60 50.71 -20.84
N GLN C 53 47.50 50.00 -20.73
CA GLN C 53 46.24 50.69 -20.54
C GLN C 53 46.21 51.30 -19.13
N GLU C 54 45.53 52.44 -19.02
CA GLU C 54 45.35 53.14 -17.74
C GLU C 54 44.52 52.31 -16.75
N PHE C 55 44.90 52.33 -15.49
CA PHE C 55 44.17 51.65 -14.42
C PHE C 55 44.58 52.27 -13.10
N GLU C 56 43.64 52.37 -12.15
CA GLU C 56 43.97 52.98 -10.85
C GLU C 56 44.60 51.96 -9.91
N GLU C 57 43.94 50.82 -9.75
CA GLU C 57 44.44 49.75 -8.92
C GLU C 57 44.44 48.44 -9.68
N THR C 58 45.36 47.55 -9.32
CA THR C 58 45.33 46.19 -9.87
C THR C 58 44.02 45.49 -9.46
N PRO C 59 43.24 45.02 -10.44
CA PRO C 59 42.09 44.14 -10.29
C PRO C 59 42.43 42.79 -9.66
N MET C 60 41.85 42.55 -8.50
CA MET C 60 42.11 41.33 -7.76
C MET C 60 40.79 40.74 -7.37
N ARG C 61 40.82 39.51 -6.91
CA ARG C 61 39.63 38.77 -6.65
C ARG C 61 39.80 38.13 -5.28
N GLU C 62 38.71 38.10 -4.51
CA GLU C 62 38.69 37.44 -3.20
C GLU C 62 39.04 35.95 -3.31
N ASP C 63 39.66 35.39 -2.26
CA ASP C 63 39.97 33.96 -2.22
C ASP C 63 38.76 33.09 -1.83
N GLU C 64 37.74 33.09 -2.69
CA GLU C 64 36.51 32.31 -2.44
C GLU C 64 36.23 31.41 -3.61
N PRO C 65 36.04 30.10 -3.36
CA PRO C 65 35.74 29.12 -4.40
C PRO C 65 34.52 29.45 -5.28
N HIS C 66 34.68 29.26 -6.59
CA HIS C 66 33.60 29.33 -7.57
C HIS C 66 33.36 27.91 -8.06
N PRO C 67 32.09 27.58 -8.40
CA PRO C 67 31.79 26.26 -8.92
C PRO C 67 32.62 25.96 -10.15
N SER C 68 33.36 24.87 -10.11
CA SER C 68 34.14 24.39 -11.25
C SER C 68 33.25 23.93 -12.39
N LEU C 69 33.89 23.67 -13.52
CA LEU C 69 33.22 23.14 -14.69
C LEU C 69 32.92 21.67 -14.44
N ASP C 70 31.76 21.21 -14.90
CA ASP C 70 31.40 19.81 -14.83
C ASP C 70 32.43 19.00 -15.63
N ARG C 71 33.01 17.97 -15.02
CA ARG C 71 34.11 17.20 -15.62
C ARG C 71 33.79 16.64 -17.00
N GLU C 72 32.52 16.28 -17.19
CA GLU C 72 31.99 15.81 -18.46
C GLU C 72 32.15 16.87 -19.56
N LYS C 73 31.78 18.11 -19.24
CA LYS C 73 32.00 19.26 -20.13
C LYS C 73 33.46 19.63 -20.30
N ALA C 74 34.25 19.41 -19.25
CA ALA C 74 35.67 19.69 -19.29
C ALA C 74 36.42 18.74 -20.22
N LEU C 75 35.89 17.53 -20.37
CA LEU C 75 36.55 16.47 -21.12
C LEU C 75 35.91 16.20 -22.48
N MET C 76 34.63 16.53 -22.63
CA MET C 76 33.88 16.26 -23.86
C MET C 76 34.61 16.49 -25.20
N ASN C 77 35.48 17.51 -25.25
CA ASN C 77 36.15 17.91 -26.48
C ASN C 77 37.50 17.21 -26.69
N ALA C 78 37.91 16.47 -25.67
CA ALA C 78 39.19 15.82 -25.61
C ALA C 78 39.38 14.75 -26.71
N PRO C 79 40.45 14.85 -27.52
CA PRO C 79 40.76 13.82 -28.54
C PRO C 79 40.76 12.40 -27.97
N GLU C 80 41.31 12.22 -26.77
CA GLU C 80 41.27 10.94 -26.07
C GLU C 80 41.19 11.15 -24.57
N ARG C 81 40.25 10.47 -23.93
CA ARG C 81 40.16 10.55 -22.47
C ARG C 81 40.10 9.15 -21.79
N LYS C 82 40.55 9.07 -20.55
CA LYS C 82 40.51 7.81 -19.81
C LYS C 82 40.43 8.03 -18.30
N ASP C 83 39.38 7.51 -17.70
CA ASP C 83 39.24 7.49 -16.24
C ASP C 83 39.28 8.86 -15.56
N GLY C 84 38.82 9.90 -16.26
CA GLY C 84 38.87 11.28 -15.75
C GLY C 84 40.10 12.10 -16.20
N PHE C 85 40.98 11.47 -16.98
CA PHE C 85 42.25 12.03 -17.43
C PHE C 85 42.28 12.35 -18.94
N PHE C 86 43.00 13.41 -19.30
CA PHE C 86 43.32 13.67 -20.68
C PHE C 86 44.41 12.68 -21.10
N VAL C 87 44.27 12.11 -22.29
CA VAL C 87 45.24 11.11 -22.72
C VAL C 87 46.08 11.61 -23.90
N VAL C 88 47.39 11.47 -23.79
CA VAL C 88 48.31 11.85 -24.86
C VAL C 88 49.33 10.74 -24.97
N PRO C 89 50.07 10.68 -26.09
CA PRO C 89 51.18 9.70 -26.15
C PRO C 89 52.17 9.94 -25.02
N ARG C 90 52.68 8.85 -24.44
CA ARG C 90 53.62 8.91 -23.32
C ARG C 90 54.74 9.91 -23.50
N VAL C 91 55.12 10.59 -22.42
CA VAL C 91 56.29 11.48 -22.41
C VAL C 91 57.42 10.95 -21.51
N VAL C 92 58.66 11.23 -21.86
CA VAL C 92 59.79 10.65 -21.12
C VAL C 92 60.16 11.46 -19.86
N MET D 1 -22.93 -31.31 -104.17
CA MET D 1 -23.44 -29.97 -104.58
C MET D 1 -22.50 -28.82 -104.16
N LEU D 2 -21.29 -29.18 -103.72
CA LEU D 2 -20.20 -28.23 -103.40
C LEU D 2 -20.20 -27.74 -101.94
N TRP D 3 -21.26 -27.04 -101.54
CA TRP D 3 -21.42 -26.71 -100.12
C TRP D 3 -21.71 -27.97 -99.32
N LYS D 4 -22.09 -29.03 -100.04
CA LYS D 4 -22.35 -30.34 -99.47
C LYS D 4 -21.06 -31.14 -99.30
N LYS D 5 -19.94 -30.55 -99.72
CA LYS D 5 -18.66 -31.26 -99.73
C LYS D 5 -17.76 -30.88 -98.55
N SER D 6 -16.95 -31.83 -98.11
CA SER D 6 -16.04 -31.63 -96.97
C SER D 6 -14.83 -30.84 -97.39
N LEU D 7 -14.01 -30.44 -96.41
CA LEU D 7 -12.78 -29.70 -96.67
C LEU D 7 -11.72 -30.54 -97.39
N SER D 8 -11.80 -31.86 -97.23
CA SER D 8 -10.91 -32.78 -97.95
C SER D 8 -11.30 -32.82 -99.42
N GLU D 9 -12.59 -32.96 -99.68
CA GLU D 9 -13.12 -32.97 -101.03
C GLU D 9 -12.92 -31.62 -101.69
N LEU D 10 -13.10 -30.54 -100.92
CA LEU D 10 -12.89 -29.19 -101.41
C LEU D 10 -11.44 -28.90 -101.74
N ARG D 11 -10.54 -29.35 -100.87
CA ARG D 11 -9.10 -29.10 -101.06
C ARG D 11 -8.56 -29.75 -102.33
N GLU D 12 -8.85 -31.04 -102.49
CA GLU D 12 -8.46 -31.79 -103.68
C GLU D 12 -8.90 -31.05 -104.95
N LEU D 13 -10.16 -30.61 -104.96
CA LEU D 13 -10.71 -29.85 -106.08
C LEU D 13 -10.06 -28.48 -106.31
N LEU D 14 -9.61 -27.85 -105.23
CA LEU D 14 -9.01 -26.52 -105.31
C LEU D 14 -7.55 -26.61 -105.73
N LYS D 15 -6.87 -27.64 -105.23
CA LYS D 15 -5.45 -27.83 -105.50
C LYS D 15 -5.18 -28.15 -106.98
N ARG D 16 -6.13 -28.85 -107.60
CA ARG D 16 -6.05 -29.23 -109.01
C ARG D 16 -6.90 -28.34 -109.90
N GLY D 17 -7.25 -27.16 -109.40
CA GLY D 17 -7.92 -26.12 -110.18
C GLY D 17 -9.29 -26.45 -110.73
N GLU D 18 -9.77 -27.67 -110.44
CA GLU D 18 -11.09 -28.11 -110.86
C GLU D 18 -12.17 -27.11 -110.39
N VAL D 19 -11.86 -26.42 -109.30
CA VAL D 19 -12.71 -25.38 -108.73
C VAL D 19 -11.87 -24.18 -108.23
N SER D 20 -12.51 -23.02 -108.15
CA SER D 20 -11.89 -21.78 -107.71
C SER D 20 -12.43 -21.38 -106.33
N PRO D 21 -11.61 -20.65 -105.53
CA PRO D 21 -12.10 -20.18 -104.23
C PRO D 21 -13.40 -19.38 -104.35
N LYS D 22 -13.56 -18.61 -105.41
CA LYS D 22 -14.78 -17.82 -105.61
C LYS D 22 -16.03 -18.70 -105.76
N GLU D 23 -15.88 -19.83 -106.47
CA GLU D 23 -16.99 -20.76 -106.66
C GLU D 23 -17.44 -21.35 -105.32
N VAL D 24 -16.46 -21.79 -104.53
CA VAL D 24 -16.70 -22.33 -103.20
C VAL D 24 -17.53 -21.33 -102.36
N VAL D 25 -17.06 -20.08 -102.32
CA VAL D 25 -17.78 -19.03 -101.60
C VAL D 25 -19.19 -18.85 -102.15
N GLU D 26 -19.33 -18.84 -103.48
CA GLU D 26 -20.64 -18.71 -104.13
C GLU D 26 -21.58 -19.85 -103.74
N SER D 27 -21.04 -21.06 -103.68
CA SER D 27 -21.80 -22.23 -103.27
C SER D 27 -22.44 -22.05 -101.89
N PHE D 28 -21.61 -21.76 -100.89
CA PHE D 28 -22.07 -21.54 -99.52
C PHE D 28 -22.96 -20.31 -99.39
N TYR D 29 -22.68 -19.29 -100.21
CA TYR D 29 -23.51 -18.08 -100.29
C TYR D 29 -24.94 -18.41 -100.72
N ASP D 30 -25.07 -19.28 -101.73
CA ASP D 30 -26.36 -19.80 -102.19
C ASP D 30 -27.11 -20.45 -101.04
N ARG D 31 -26.43 -21.42 -100.40
CA ARG D 31 -26.98 -22.16 -99.27
C ARG D 31 -27.37 -21.24 -98.13
N TYR D 32 -26.57 -20.17 -97.95
CA TYR D 32 -26.90 -19.11 -97.00
C TYR D 32 -28.23 -18.47 -97.38
N ASN D 33 -28.34 -18.10 -98.66
CA ASN D 33 -29.58 -17.49 -99.19
C ASN D 33 -30.80 -18.40 -99.06
N GLN D 34 -30.58 -19.69 -99.24
CA GLN D 34 -31.61 -20.70 -98.99
C GLN D 34 -32.11 -20.70 -97.53
N THR D 35 -31.19 -20.59 -96.57
CA THR D 35 -31.49 -20.91 -95.18
C THR D 35 -31.66 -19.74 -94.23
N GLU D 36 -30.97 -18.64 -94.49
CA GLU D 36 -30.80 -17.59 -93.48
C GLU D 36 -32.10 -17.00 -92.93
N GLU D 37 -33.11 -16.85 -93.78
CA GLU D 37 -34.39 -16.26 -93.35
C GLU D 37 -35.03 -17.11 -92.25
N LYS D 38 -34.82 -18.42 -92.32
CA LYS D 38 -35.34 -19.35 -91.33
C LYS D 38 -34.41 -19.39 -90.10
N VAL D 39 -33.11 -19.63 -90.36
CA VAL D 39 -32.05 -19.87 -89.36
C VAL D 39 -31.61 -18.61 -88.58
N LYS D 40 -31.20 -17.58 -89.32
CA LYS D 40 -30.67 -16.34 -88.75
C LYS D 40 -29.36 -16.57 -87.98
N ALA D 41 -28.40 -17.21 -88.65
CA ALA D 41 -27.10 -17.48 -88.06
C ALA D 41 -26.23 -16.22 -87.88
N TYR D 42 -26.40 -15.27 -88.79
CA TYR D 42 -25.45 -14.17 -88.91
C TYR D 42 -25.92 -12.81 -88.41
N ILE D 43 -24.99 -12.05 -87.85
CA ILE D 43 -25.22 -10.66 -87.58
C ILE D 43 -24.73 -9.89 -88.80
N THR D 44 -23.54 -10.22 -89.27
CA THR D 44 -22.94 -9.51 -90.36
C THR D 44 -22.45 -10.54 -91.35
N PRO D 45 -23.24 -10.78 -92.42
CA PRO D 45 -22.79 -11.66 -93.51
C PRO D 45 -21.69 -10.95 -94.30
N LEU D 46 -20.63 -11.66 -94.67
CA LEU D 46 -19.51 -11.05 -95.37
C LEU D 46 -19.15 -11.85 -96.65
N TYR D 47 -20.12 -12.61 -97.14
CA TYR D 47 -19.98 -13.43 -98.35
C TYR D 47 -19.61 -12.55 -99.56
N GLY D 48 -20.23 -11.37 -99.65
CA GLY D 48 -19.89 -10.35 -100.64
C GLY D 48 -18.41 -9.95 -100.60
N LYS D 49 -17.90 -9.69 -99.41
CA LYS D 49 -16.51 -9.29 -99.27
C LYS D 49 -15.57 -10.48 -99.50
N ALA D 50 -16.02 -11.66 -99.11
CA ALA D 50 -15.22 -12.87 -99.24
C ALA D 50 -15.04 -13.20 -100.73
N LEU D 51 -16.13 -13.00 -101.48
CA LEU D 51 -16.14 -13.09 -102.94
C LEU D 51 -15.00 -12.31 -103.59
N LYS D 52 -14.84 -11.05 -103.19
CA LYS D 52 -13.76 -10.20 -103.71
C LYS D 52 -12.37 -10.63 -103.25
N GLN D 53 -12.25 -11.06 -101.99
CA GLN D 53 -10.98 -11.51 -101.44
C GLN D 53 -10.52 -12.80 -102.11
N ALA D 54 -11.50 -13.56 -102.59
CA ALA D 54 -11.27 -14.83 -103.25
C ALA D 54 -10.51 -14.66 -104.57
N GLU D 55 -10.82 -13.57 -105.28
CA GLU D 55 -10.20 -13.27 -106.58
C GLU D 55 -8.67 -13.22 -106.50
N SER D 56 -8.14 -12.61 -105.44
CA SER D 56 -6.70 -12.46 -105.30
C SER D 56 -6.02 -13.61 -104.55
N LEU D 57 -6.83 -14.59 -104.15
CA LEU D 57 -6.31 -15.79 -103.48
C LEU D 57 -5.72 -16.74 -104.52
N LYS D 58 -4.41 -17.00 -104.44
CA LYS D 58 -3.75 -17.76 -105.51
C LYS D 58 -2.95 -18.96 -105.07
N GLU D 59 -2.15 -18.83 -104.00
CA GLU D 59 -1.32 -19.95 -103.59
C GLU D 59 -2.16 -21.10 -103.01
N ARG D 60 -2.25 -22.18 -103.78
CA ARG D 60 -3.14 -23.30 -103.47
C ARG D 60 -2.65 -24.19 -102.32
N GLU D 61 -1.34 -24.18 -102.07
CA GLU D 61 -0.74 -25.09 -101.09
C GLU D 61 -0.97 -24.65 -99.62
N LEU D 62 -1.57 -23.47 -99.47
CA LEU D 62 -2.02 -22.96 -98.16
C LEU D 62 -2.99 -23.94 -97.50
N PRO D 63 -2.79 -24.24 -96.20
CA PRO D 63 -3.54 -25.28 -95.49
C PRO D 63 -5.06 -25.13 -95.58
N LEU D 64 -5.56 -23.89 -95.58
CA LEU D 64 -7.00 -23.65 -95.66
C LEU D 64 -7.36 -22.89 -96.92
N PHE D 65 -6.60 -23.13 -97.98
CA PHE D 65 -6.67 -22.32 -99.21
C PHE D 65 -8.02 -21.68 -99.52
N GLY D 66 -9.03 -22.46 -99.91
CA GLY D 66 -10.24 -21.81 -100.40
C GLY D 66 -11.40 -21.78 -99.43
N ILE D 67 -11.12 -22.15 -98.19
CA ILE D 67 -12.16 -22.52 -97.25
C ILE D 67 -12.89 -21.31 -96.62
N PRO D 68 -14.22 -21.23 -96.82
CA PRO D 68 -15.03 -20.29 -96.06
C PRO D 68 -15.10 -20.68 -94.59
N ILE D 69 -15.11 -19.68 -93.71
CA ILE D 69 -15.25 -19.93 -92.28
C ILE D 69 -16.08 -18.82 -91.63
N ALA D 70 -17.08 -19.22 -90.84
CA ALA D 70 -17.87 -18.25 -90.08
C ALA D 70 -17.16 -18.01 -88.75
N VAL D 71 -17.37 -16.84 -88.17
CA VAL D 71 -16.64 -16.44 -86.99
C VAL D 71 -17.65 -15.79 -86.04
N LYS D 72 -17.59 -16.15 -84.77
CA LYS D 72 -18.52 -15.63 -83.76
C LYS D 72 -18.26 -14.12 -83.57
N ASP D 73 -19.32 -13.35 -83.40
CA ASP D 73 -19.18 -11.88 -83.33
C ASP D 73 -18.66 -11.30 -81.99
N ASN D 74 -17.93 -12.11 -81.22
CA ASN D 74 -17.09 -11.56 -80.17
C ASN D 74 -15.60 -11.82 -80.46
N ILE D 75 -15.31 -12.25 -81.68
CA ILE D 75 -13.93 -12.36 -82.13
C ILE D 75 -13.75 -11.23 -83.14
N LEU D 76 -12.80 -10.34 -82.88
CA LEU D 76 -12.55 -9.16 -83.75
C LEU D 76 -12.00 -9.52 -85.11
N VAL D 77 -12.71 -9.03 -86.14
CA VAL D 77 -12.27 -9.11 -87.53
C VAL D 77 -12.12 -7.67 -88.00
N GLU D 78 -10.88 -7.30 -88.34
CA GLU D 78 -10.52 -5.93 -88.67
C GLU D 78 -11.32 -5.28 -89.80
N GLY D 79 -11.82 -4.09 -89.54
CA GLY D 79 -12.51 -3.34 -90.56
C GLY D 79 -13.99 -3.67 -90.62
N GLU D 80 -14.41 -4.72 -89.94
CA GLU D 80 -15.87 -5.01 -89.85
C GLU D 80 -16.38 -4.86 -88.42
N LYS D 81 -17.69 -4.70 -88.29
CA LYS D 81 -18.33 -4.62 -86.99
C LYS D 81 -18.06 -5.86 -86.14
N THR D 82 -17.68 -5.62 -84.87
CA THR D 82 -17.72 -6.63 -83.81
C THR D 82 -18.74 -6.12 -82.76
N THR D 83 -19.92 -6.75 -82.74
CA THR D 83 -21.02 -6.26 -81.90
C THR D 83 -21.15 -6.97 -80.53
N CYS D 84 -20.58 -8.18 -80.44
CA CYS D 84 -20.85 -9.13 -79.34
C CYS D 84 -22.34 -9.22 -79.10
N ALA D 85 -23.10 -8.98 -80.16
CA ALA D 85 -24.53 -9.09 -80.10
C ALA D 85 -25.09 -8.13 -79.06
N SER D 86 -24.45 -6.96 -78.94
CA SER D 86 -24.82 -5.93 -77.96
C SER D 86 -25.16 -4.58 -78.57
N LYS D 87 -26.19 -3.90 -78.02
CA LYS D 87 -26.45 -2.48 -78.36
C LYS D 87 -25.25 -1.61 -78.05
N ILE D 88 -24.47 -1.97 -77.02
CA ILE D 88 -23.36 -1.15 -76.57
C ILE D 88 -22.20 -1.19 -77.57
N LEU D 89 -22.19 -2.18 -78.46
CA LEU D 89 -21.13 -2.33 -79.45
C LEU D 89 -21.62 -2.46 -80.90
N GLU D 90 -22.90 -2.16 -81.15
CA GLU D 90 -23.30 -2.10 -82.56
C GLU D 90 -22.65 -0.88 -83.13
N ASN D 91 -22.15 -0.98 -84.35
CA ASN D 91 -21.40 0.15 -84.93
C ASN D 91 -19.96 0.28 -84.43
N PHE D 92 -19.51 -0.63 -83.56
CA PHE D 92 -18.08 -0.72 -83.26
C PHE D 92 -17.39 -1.45 -84.42
N VAL D 93 -16.53 -0.72 -85.12
CA VAL D 93 -15.68 -1.30 -86.17
C VAL D 93 -14.36 -1.74 -85.56
N ALA D 94 -14.05 -3.02 -85.71
CA ALA D 94 -12.86 -3.58 -85.11
C ALA D 94 -11.60 -2.98 -85.73
N PRO D 95 -10.72 -2.39 -84.91
CA PRO D 95 -9.46 -1.76 -85.33
C PRO D 95 -8.30 -2.73 -85.48
N TYR D 96 -8.50 -3.99 -85.14
CA TYR D 96 -7.43 -5.00 -85.28
C TYR D 96 -8.03 -6.38 -85.50
N ASP D 97 -7.19 -7.33 -85.92
CA ASP D 97 -7.53 -8.73 -86.09
C ASP D 97 -7.21 -9.52 -84.82
N ALA D 98 -8.18 -10.31 -84.33
CA ALA D 98 -7.88 -11.30 -83.29
C ALA D 98 -6.78 -12.19 -83.83
N THR D 99 -5.92 -12.72 -82.95
CA THR D 99 -4.79 -13.55 -83.38
C THR D 99 -5.24 -14.72 -84.27
N VAL D 100 -6.35 -15.35 -83.90
CA VAL D 100 -6.87 -16.48 -84.64
C VAL D 100 -7.29 -16.11 -86.07
N ILE D 101 -7.86 -14.91 -86.22
CA ILE D 101 -8.28 -14.42 -87.54
C ILE D 101 -7.05 -14.13 -88.41
N GLU D 102 -6.01 -13.57 -87.78
CA GLU D 102 -4.72 -13.37 -88.42
C GLU D 102 -4.19 -14.69 -88.98
N ARG D 103 -4.26 -15.74 -88.16
CA ARG D 103 -3.75 -17.07 -88.48
C ARG D 103 -4.57 -17.81 -89.53
N LEU D 104 -5.89 -17.64 -89.51
CA LEU D 104 -6.76 -18.20 -90.53
C LEU D 104 -6.49 -17.52 -91.89
N LYS D 105 -6.43 -16.18 -91.86
CA LYS D 105 -6.18 -15.38 -93.05
C LYS D 105 -4.86 -15.80 -93.70
N LYS D 106 -3.85 -16.00 -92.87
CA LYS D 106 -2.55 -16.40 -93.35
C LYS D 106 -2.58 -17.81 -93.95
N ALA D 107 -3.60 -18.59 -93.56
CA ALA D 107 -3.72 -19.98 -94.01
C ALA D 107 -4.62 -20.10 -95.22
N GLY D 108 -5.04 -18.96 -95.75
CA GLY D 108 -5.90 -18.92 -96.90
C GLY D 108 -7.41 -18.89 -96.66
N ALA D 109 -7.84 -19.04 -95.42
CA ALA D 109 -9.27 -19.13 -95.15
C ALA D 109 -10.00 -17.85 -95.54
N LEU D 110 -11.31 -17.95 -95.78
CA LEU D 110 -12.07 -16.78 -96.16
C LEU D 110 -13.20 -16.51 -95.18
N ILE D 111 -13.05 -15.47 -94.36
CA ILE D 111 -14.07 -15.12 -93.35
C ILE D 111 -15.39 -14.75 -94.03
N VAL D 112 -16.42 -15.57 -93.86
CA VAL D 112 -17.68 -15.32 -94.60
C VAL D 112 -18.78 -14.66 -93.79
N GLY D 113 -18.53 -14.39 -92.51
CA GLY D 113 -19.52 -13.66 -91.73
C GLY D 113 -19.38 -13.68 -90.23
N LYS D 114 -20.13 -12.81 -89.58
CA LYS D 114 -20.07 -12.64 -88.15
C LYS D 114 -21.36 -13.16 -87.58
N THR D 115 -21.20 -14.09 -86.68
CA THR D 115 -22.27 -15.00 -86.39
C THR D 115 -22.97 -14.64 -85.05
N ASN D 116 -24.26 -14.96 -84.93
CA ASN D 116 -25.07 -14.43 -83.82
C ASN D 116 -24.67 -15.12 -82.51
N LEU D 117 -24.97 -14.46 -81.38
CA LEU D 117 -24.62 -14.96 -80.06
C LEU D 117 -25.52 -14.38 -78.99
N ASP D 118 -25.51 -15.01 -77.80
CA ASP D 118 -26.02 -14.38 -76.60
C ASP D 118 -25.16 -13.13 -76.37
N GLU D 119 -25.79 -12.06 -75.87
CA GLU D 119 -25.05 -10.82 -75.75
C GLU D 119 -23.89 -11.00 -74.81
N PHE D 120 -22.70 -10.71 -75.34
CA PHE D 120 -21.43 -10.78 -74.64
C PHE D 120 -21.15 -12.18 -74.21
N ALA D 121 -21.77 -13.11 -74.92
CA ALA D 121 -21.49 -14.55 -74.78
C ALA D 121 -22.04 -15.14 -73.49
N MET D 122 -23.03 -14.48 -72.90
CA MET D 122 -23.64 -14.90 -71.65
C MET D 122 -25.05 -15.44 -71.87
N GLY D 123 -25.17 -16.77 -71.82
CA GLY D 123 -26.45 -17.45 -72.01
C GLY D 123 -26.25 -18.81 -72.68
N SER D 124 -27.33 -19.59 -72.77
CA SER D 124 -27.21 -20.94 -73.29
C SER D 124 -28.16 -21.26 -74.46
N SER D 125 -28.60 -20.24 -75.20
CA SER D 125 -29.72 -20.42 -76.16
C SER D 125 -29.69 -19.41 -77.30
N THR D 126 -28.90 -18.36 -77.16
CA THR D 126 -28.82 -17.28 -78.14
C THR D 126 -30.02 -16.30 -78.11
N GLU D 127 -31.03 -16.61 -77.30
CA GLU D 127 -32.14 -15.72 -77.12
C GLU D 127 -31.69 -14.34 -76.66
N TYR D 128 -30.56 -14.27 -75.96
CA TYR D 128 -30.10 -12.98 -75.39
C TYR D 128 -29.27 -12.12 -76.34
N SER D 129 -29.17 -12.54 -77.60
CA SER D 129 -28.74 -11.66 -78.67
C SER D 129 -29.59 -10.42 -78.58
N ALA D 130 -28.95 -9.25 -78.54
CA ALA D 130 -29.69 -7.98 -78.46
C ALA D 130 -30.43 -7.67 -79.76
N PHE D 131 -30.16 -8.45 -80.79
CA PHE D 131 -30.66 -8.18 -82.14
C PHE D 131 -31.84 -9.07 -82.54
N PHE D 132 -31.64 -10.39 -82.44
CA PHE D 132 -32.63 -11.40 -82.82
C PHE D 132 -32.16 -12.80 -82.43
N PRO D 133 -33.11 -13.72 -82.23
CA PRO D 133 -32.77 -15.11 -81.92
C PRO D 133 -32.32 -15.87 -83.17
N THR D 134 -31.29 -16.71 -83.02
CA THR D 134 -30.97 -17.72 -84.03
C THR D 134 -31.86 -18.93 -83.72
N LYS D 135 -32.28 -19.65 -84.76
CA LYS D 135 -33.22 -20.78 -84.64
C LYS D 135 -32.55 -22.11 -84.96
N ASN D 136 -32.93 -23.19 -84.26
CA ASN D 136 -32.38 -24.53 -84.53
C ASN D 136 -32.86 -25.07 -85.90
N PRO D 137 -31.93 -25.28 -86.84
CA PRO D 137 -32.29 -25.79 -88.18
C PRO D 137 -32.94 -27.18 -88.21
N TRP D 138 -32.98 -27.86 -87.07
CA TRP D 138 -33.64 -29.16 -86.99
C TRP D 138 -35.07 -29.02 -86.50
N ASP D 139 -35.39 -27.86 -85.92
CA ASP D 139 -36.76 -27.51 -85.57
C ASP D 139 -36.75 -26.05 -85.16
N LEU D 140 -37.25 -25.19 -86.07
CA LEU D 140 -37.18 -23.75 -85.86
C LEU D 140 -38.05 -23.24 -84.68
N GLU D 141 -38.79 -24.15 -84.03
CA GLU D 141 -39.45 -23.83 -82.74
C GLU D 141 -38.45 -23.98 -81.60
N ARG D 142 -37.26 -24.48 -81.92
CA ARG D 142 -36.25 -24.80 -80.91
C ARG D 142 -34.95 -23.98 -80.99
N VAL D 143 -34.29 -23.89 -79.85
CA VAL D 143 -33.10 -23.10 -79.60
C VAL D 143 -31.88 -23.82 -80.23
N PRO D 144 -30.90 -23.08 -80.79
CA PRO D 144 -29.70 -23.76 -81.30
C PRO D 144 -28.64 -23.96 -80.22
N GLY D 145 -28.92 -23.47 -79.02
CA GLY D 145 -27.95 -23.43 -77.93
C GLY D 145 -27.29 -22.08 -77.81
N GLY D 146 -26.41 -21.96 -76.83
CA GLY D 146 -25.60 -20.76 -76.71
C GLY D 146 -24.42 -20.87 -75.79
N SER D 147 -23.56 -19.85 -75.81
CA SER D 147 -23.79 -18.64 -76.63
C SER D 147 -23.41 -18.68 -78.14
N SER D 148 -22.54 -19.61 -78.56
CA SER D 148 -22.20 -19.68 -79.99
C SER D 148 -23.32 -20.24 -80.89
N GLY D 149 -24.57 -19.78 -80.72
CA GLY D 149 -25.70 -20.30 -81.47
C GLY D 149 -25.61 -20.24 -83.00
N GLY D 150 -25.21 -19.09 -83.53
CA GLY D 150 -25.10 -18.91 -84.98
C GLY D 150 -23.95 -19.69 -85.60
N SER D 151 -22.87 -19.89 -84.84
CA SER D 151 -21.70 -20.62 -85.35
C SER D 151 -22.00 -22.08 -85.52
N ALA D 152 -22.84 -22.58 -84.60
CA ALA D 152 -23.21 -23.97 -84.63
C ALA D 152 -24.22 -24.16 -85.76
N ALA D 153 -25.27 -23.34 -85.74
CA ALA D 153 -26.35 -23.38 -86.74
C ALA D 153 -25.88 -23.28 -88.19
N SER D 154 -24.99 -22.34 -88.50
CA SER D 154 -24.48 -22.20 -89.87
C SER D 154 -23.70 -23.43 -90.31
N VAL D 155 -22.95 -24.05 -89.40
CA VAL D 155 -22.26 -25.28 -89.76
C VAL D 155 -23.26 -26.43 -89.91
N ALA D 156 -24.38 -26.35 -89.18
CA ALA D 156 -25.39 -27.39 -89.25
C ALA D 156 -26.09 -27.39 -90.62
N VAL D 157 -26.53 -26.22 -91.08
CA VAL D 157 -27.16 -26.10 -92.40
C VAL D 157 -26.11 -26.06 -93.53
N LEU D 158 -24.85 -25.96 -93.15
CA LEU D 158 -23.75 -25.89 -94.10
C LEU D 158 -23.78 -24.62 -94.94
N SER D 159 -24.29 -23.53 -94.35
CA SER D 159 -24.04 -22.21 -94.91
C SER D 159 -22.55 -21.82 -94.71
N ALA D 160 -21.84 -22.60 -93.92
CA ALA D 160 -20.38 -22.59 -93.87
C ALA D 160 -19.98 -23.95 -93.38
N PRO D 161 -18.83 -24.47 -93.88
CA PRO D 161 -18.44 -25.85 -93.54
C PRO D 161 -17.88 -25.94 -92.13
N VAL D 162 -17.22 -24.88 -91.70
CA VAL D 162 -16.50 -24.92 -90.45
C VAL D 162 -16.65 -23.54 -89.81
N SER D 163 -16.37 -23.44 -88.51
CA SER D 163 -16.80 -22.25 -87.77
C SER D 163 -15.94 -22.05 -86.54
N LEU D 164 -15.74 -20.78 -86.14
CA LEU D 164 -15.11 -20.46 -84.85
C LEU D 164 -16.22 -20.03 -83.87
N GLY D 165 -16.14 -20.52 -82.64
CA GLY D 165 -16.97 -20.03 -81.52
C GLY D 165 -16.06 -19.77 -80.31
N SER D 166 -16.66 -19.49 -79.15
CA SER D 166 -15.91 -19.41 -77.90
C SER D 166 -16.64 -20.22 -76.83
N ASP D 167 -15.92 -20.70 -75.80
CA ASP D 167 -16.51 -21.56 -74.78
C ASP D 167 -16.04 -21.09 -73.39
N THR D 168 -16.94 -20.43 -72.64
CA THR D 168 -16.66 -20.02 -71.25
C THR D 168 -17.14 -21.07 -70.23
N GLY D 169 -18.28 -21.68 -70.52
CA GLY D 169 -18.85 -22.69 -69.65
C GLY D 169 -19.70 -23.66 -70.43
N GLY D 170 -19.36 -23.83 -71.69
CA GLY D 170 -20.07 -24.78 -72.52
C GLY D 170 -20.51 -24.20 -73.84
N SER D 171 -20.13 -22.96 -74.14
CA SER D 171 -20.64 -22.23 -75.33
C SER D 171 -20.22 -22.72 -76.74
N ILE D 172 -19.38 -23.74 -76.80
CA ILE D 172 -19.15 -24.40 -78.09
C ILE D 172 -19.86 -25.74 -78.05
N ARG D 173 -19.55 -26.53 -77.04
CA ARG D 173 -20.09 -27.88 -76.95
C ARG D 173 -21.64 -27.96 -76.89
N GLN D 174 -22.30 -27.12 -76.09
CA GLN D 174 -23.74 -27.35 -76.02
C GLN D 174 -24.47 -26.93 -77.32
N PRO D 175 -24.05 -25.83 -77.98
CA PRO D 175 -24.51 -25.59 -79.33
C PRO D 175 -24.17 -26.72 -80.31
N ALA D 176 -22.99 -27.33 -80.19
CA ALA D 176 -22.62 -28.46 -81.07
C ALA D 176 -23.63 -29.55 -80.81
N SER D 177 -23.96 -29.77 -79.54
CA SER D 177 -24.87 -30.86 -79.17
C SER D 177 -26.25 -30.63 -79.78
N PHE D 178 -26.84 -29.45 -79.51
CA PHE D 178 -28.15 -29.07 -80.02
C PHE D 178 -28.27 -29.01 -81.55
N CYS D 179 -27.22 -28.59 -82.24
CA CYS D 179 -27.32 -28.46 -83.68
C CYS D 179 -26.82 -29.70 -84.41
N GLY D 180 -26.33 -30.67 -83.66
CA GLY D 180 -25.96 -31.94 -84.28
C GLY D 180 -24.68 -31.84 -85.07
N VAL D 181 -23.67 -31.26 -84.46
CA VAL D 181 -22.43 -30.91 -85.13
C VAL D 181 -21.30 -31.18 -84.14
N ILE D 182 -20.08 -31.31 -84.64
CA ILE D 182 -18.88 -31.48 -83.80
C ILE D 182 -18.39 -30.13 -83.31
N GLY D 183 -18.12 -30.01 -82.01
CA GLY D 183 -17.56 -28.76 -81.48
C GLY D 183 -16.56 -29.01 -80.39
N ILE D 184 -15.42 -28.34 -80.44
CA ILE D 184 -14.39 -28.59 -79.45
C ILE D 184 -14.02 -27.29 -78.77
N LYS D 185 -13.77 -27.36 -77.47
CA LYS D 185 -13.05 -26.33 -76.75
C LYS D 185 -11.75 -26.97 -76.32
N PRO D 186 -10.62 -26.47 -76.82
CA PRO D 186 -9.29 -26.99 -76.49
C PRO D 186 -8.88 -26.66 -75.04
N THR D 187 -7.73 -27.18 -74.64
CA THR D 187 -7.15 -26.86 -73.33
C THR D 187 -7.08 -25.37 -73.16
N TYR D 188 -7.34 -24.90 -71.93
CA TYR D 188 -7.17 -23.48 -71.67
C TYR D 188 -5.71 -23.08 -71.84
N GLY D 189 -5.44 -22.14 -72.74
CA GLY D 189 -4.08 -21.76 -73.08
C GLY D 189 -3.68 -22.22 -74.48
N ARG D 190 -4.40 -23.17 -75.07
CA ARG D 190 -4.01 -23.63 -76.39
C ARG D 190 -4.30 -22.64 -77.55
N VAL D 191 -5.34 -21.82 -77.38
CA VAL D 191 -5.63 -20.82 -78.39
C VAL D 191 -5.62 -19.44 -77.76
N SER D 192 -5.09 -18.47 -78.49
CA SER D 192 -4.94 -17.12 -77.95
C SER D 192 -6.30 -16.45 -77.72
N ARG D 193 -6.33 -15.60 -76.69
CA ARG D 193 -7.54 -14.88 -76.34
C ARG D 193 -7.38 -13.42 -76.76
N TYR D 194 -6.35 -13.15 -77.55
CA TYR D 194 -6.11 -11.82 -78.10
C TYR D 194 -7.09 -11.54 -79.21
N GLY D 195 -7.97 -10.58 -78.97
CA GLY D 195 -9.00 -10.24 -79.94
C GLY D 195 -10.28 -11.01 -79.69
N LEU D 196 -10.33 -11.73 -78.57
CA LEU D 196 -11.57 -12.37 -78.13
C LEU D 196 -12.14 -11.40 -77.09
N VAL D 197 -13.34 -10.88 -77.33
CA VAL D 197 -13.91 -9.99 -76.34
C VAL D 197 -14.06 -10.80 -75.08
N ALA D 198 -13.33 -10.41 -74.03
CA ALA D 198 -13.29 -11.16 -72.75
C ALA D 198 -14.60 -11.12 -71.98
N PHE D 199 -15.04 -12.31 -71.56
CA PHE D 199 -16.20 -12.48 -70.69
C PHE D 199 -15.61 -12.89 -69.32
N ALA D 200 -15.10 -14.13 -69.22
CA ALA D 200 -14.36 -14.60 -68.05
C ALA D 200 -12.99 -15.03 -68.52
N SER D 201 -11.99 -14.21 -68.25
CA SER D 201 -10.63 -14.41 -68.74
C SER D 201 -10.02 -15.76 -68.33
N SER D 202 -10.33 -16.19 -67.11
CA SER D 202 -9.77 -17.43 -66.59
C SER D 202 -10.48 -18.71 -67.12
N LEU D 203 -11.54 -18.51 -67.92
CA LEU D 203 -12.44 -19.58 -68.39
C LEU D 203 -12.65 -19.61 -69.91
N ASP D 204 -12.56 -18.44 -70.57
CA ASP D 204 -12.73 -18.25 -72.00
C ASP D 204 -11.76 -19.10 -72.87
N GLN D 205 -12.27 -19.75 -73.92
CA GLN D 205 -11.38 -20.22 -75.02
C GLN D 205 -12.09 -20.27 -76.37
N ILE D 206 -11.40 -19.78 -77.39
CA ILE D 206 -11.89 -19.98 -78.72
C ILE D 206 -11.83 -21.46 -79.01
N GLY D 207 -12.76 -21.92 -79.84
CA GLY D 207 -12.78 -23.31 -80.31
C GLY D 207 -13.48 -23.40 -81.64
N VAL D 208 -13.77 -24.64 -82.07
CA VAL D 208 -14.11 -24.88 -83.47
C VAL D 208 -15.32 -25.77 -83.63
N PHE D 209 -16.18 -25.43 -84.59
CA PHE D 209 -17.28 -26.31 -85.00
C PHE D 209 -17.01 -26.83 -86.40
N GLY D 210 -17.35 -28.11 -86.62
CA GLY D 210 -17.33 -28.73 -87.96
C GLY D 210 -18.22 -29.96 -87.99
N ARG D 211 -18.24 -30.64 -89.14
CA ARG D 211 -19.08 -31.82 -89.30
C ARG D 211 -18.27 -33.09 -89.42
N ARG D 212 -17.03 -32.94 -89.85
CA ARG D 212 -16.08 -34.06 -89.91
C ARG D 212 -14.89 -33.75 -89.00
N THR D 213 -14.43 -34.76 -88.29
CA THR D 213 -13.37 -34.56 -87.31
C THR D 213 -12.10 -33.98 -87.92
N GLU D 214 -11.85 -34.28 -89.20
CA GLU D 214 -10.66 -33.75 -89.89
C GLU D 214 -10.76 -32.25 -90.11
N ASP D 215 -11.96 -31.80 -90.46
CA ASP D 215 -12.25 -30.37 -90.61
C ASP D 215 -11.89 -29.66 -89.32
N VAL D 216 -12.47 -30.12 -88.21
CA VAL D 216 -12.25 -29.56 -86.88
C VAL D 216 -10.78 -29.65 -86.42
N ALA D 217 -10.10 -30.76 -86.68
CA ALA D 217 -8.68 -30.92 -86.30
C ALA D 217 -7.73 -29.98 -87.06
N LEU D 218 -8.04 -29.68 -88.32
CA LEU D 218 -7.22 -28.79 -89.12
C LEU D 218 -7.42 -27.32 -88.72
N VAL D 219 -8.66 -26.88 -88.58
CA VAL D 219 -8.91 -25.50 -88.19
C VAL D 219 -8.28 -25.22 -86.83
N LEU D 220 -8.39 -26.18 -85.91
CA LEU D 220 -7.77 -26.08 -84.58
C LEU D 220 -6.25 -25.97 -84.66
N GLU D 221 -5.62 -26.84 -85.44
CA GLU D 221 -4.18 -26.79 -85.60
C GLU D 221 -3.73 -25.41 -86.09
N VAL D 222 -4.46 -24.86 -87.05
CA VAL D 222 -4.10 -23.58 -87.64
C VAL D 222 -4.17 -22.43 -86.63
N ILE D 223 -5.23 -22.37 -85.82
CA ILE D 223 -5.43 -21.26 -84.89
C ILE D 223 -4.71 -21.41 -83.54
N SER D 224 -4.21 -22.60 -83.25
CA SER D 224 -3.61 -22.87 -81.95
C SER D 224 -2.17 -22.43 -81.88
N GLY D 225 -1.62 -22.45 -80.68
CA GLY D 225 -0.21 -22.15 -80.48
C GLY D 225 0.05 -20.82 -79.81
N TRP D 226 1.25 -20.73 -79.23
CA TRP D 226 1.71 -19.56 -78.48
C TRP D 226 1.49 -18.23 -79.20
N ASP D 227 1.04 -17.25 -78.43
CA ASP D 227 0.86 -15.91 -78.92
C ASP D 227 1.52 -15.00 -77.90
N GLU D 228 2.43 -14.15 -78.36
CA GLU D 228 3.14 -13.19 -77.50
C GLU D 228 2.21 -12.08 -76.97
N LYS D 229 1.09 -11.90 -77.66
CA LYS D 229 0.12 -10.89 -77.31
C LYS D 229 -0.81 -11.38 -76.20
N ASP D 230 -0.62 -12.62 -75.76
CA ASP D 230 -1.47 -13.24 -74.74
C ASP D 230 -0.66 -13.91 -73.63
N SER D 231 -0.72 -13.36 -72.42
CA SER D 231 0.10 -13.87 -71.30
C SER D 231 -0.29 -15.26 -70.84
N THR D 232 -1.49 -15.68 -71.18
CA THR D 232 -2.02 -16.93 -70.66
C THR D 232 -1.90 -18.03 -71.69
N SER D 233 -1.53 -17.68 -72.91
CA SER D 233 -1.34 -18.69 -73.98
C SER D 233 -0.07 -19.45 -73.70
N ALA D 234 -0.14 -20.77 -73.84
CA ALA D 234 0.93 -21.65 -73.41
C ALA D 234 2.02 -21.76 -74.47
N LYS D 235 3.28 -21.86 -74.01
CA LYS D 235 4.42 -22.10 -74.90
C LYS D 235 4.60 -23.60 -75.05
N VAL D 236 3.61 -24.23 -75.69
CA VAL D 236 3.59 -25.68 -75.93
C VAL D 236 3.42 -25.83 -77.44
N PRO D 237 4.22 -26.70 -78.08
CA PRO D 237 4.06 -26.92 -79.53
C PRO D 237 2.71 -27.54 -79.90
N VAL D 238 2.16 -27.12 -81.04
CA VAL D 238 0.87 -27.63 -81.52
C VAL D 238 1.09 -28.99 -82.21
N PRO D 239 0.42 -30.05 -81.72
CA PRO D 239 0.50 -31.35 -82.37
C PRO D 239 -0.06 -31.30 -83.78
N GLU D 240 0.47 -32.15 -84.67
CA GLU D 240 0.02 -32.18 -86.05
C GLU D 240 -1.28 -32.97 -86.11
N TRP D 241 -2.34 -32.33 -85.63
CA TRP D 241 -3.62 -32.99 -85.43
C TRP D 241 -4.25 -33.59 -86.67
N SER D 242 -4.04 -32.97 -87.83
CA SER D 242 -4.59 -33.47 -89.10
C SER D 242 -3.98 -34.82 -89.49
N GLU D 243 -2.74 -35.05 -89.07
CA GLU D 243 -2.09 -36.33 -89.28
C GLU D 243 -2.33 -37.32 -88.13
N GLU D 244 -2.96 -36.83 -87.06
CA GLU D 244 -3.05 -37.65 -85.85
C GLU D 244 -4.45 -38.23 -85.58
N VAL D 245 -5.49 -37.56 -86.08
CA VAL D 245 -6.89 -37.99 -85.90
C VAL D 245 -7.18 -39.38 -86.45
N LYS D 246 -6.58 -39.68 -87.60
CA LYS D 246 -6.82 -40.93 -88.33
C LYS D 246 -6.18 -42.15 -87.65
N LYS D 247 -5.16 -41.91 -86.82
CA LYS D 247 -4.49 -42.97 -86.05
C LYS D 247 -5.40 -43.59 -84.98
N GLU D 248 -5.01 -44.77 -84.50
CA GLU D 248 -5.82 -45.50 -83.53
C GLU D 248 -4.93 -46.00 -82.39
N VAL D 249 -5.24 -45.57 -81.17
CA VAL D 249 -4.48 -45.96 -79.98
C VAL D 249 -5.22 -47.09 -79.26
N LYS D 250 -4.51 -48.17 -78.97
CA LYS D 250 -5.13 -49.34 -78.39
C LYS D 250 -5.31 -49.26 -76.87
N GLY D 251 -6.39 -49.88 -76.40
CA GLY D 251 -6.63 -50.06 -74.97
C GLY D 251 -6.89 -48.77 -74.21
N LEU D 252 -7.58 -47.83 -74.85
CA LEU D 252 -8.00 -46.59 -74.17
C LEU D 252 -9.09 -46.86 -73.14
N LYS D 253 -9.27 -45.93 -72.20
CA LYS D 253 -10.19 -46.11 -71.08
C LYS D 253 -11.15 -44.91 -70.91
N ILE D 254 -12.41 -45.19 -70.59
CA ILE D 254 -13.43 -44.15 -70.47
C ILE D 254 -14.04 -44.17 -69.09
N GLY D 255 -14.04 -43.01 -68.44
CA GLY D 255 -14.58 -42.87 -67.10
C GLY D 255 -16.00 -42.34 -67.11
N LEU D 256 -16.87 -43.00 -66.36
CA LEU D 256 -18.24 -42.52 -66.18
C LEU D 256 -18.39 -42.05 -64.75
N PRO D 257 -18.36 -40.73 -64.54
CA PRO D 257 -18.44 -40.22 -63.16
C PRO D 257 -19.73 -40.66 -62.45
N LYS D 258 -19.57 -41.30 -61.29
CA LYS D 258 -20.67 -41.79 -60.47
C LYS D 258 -21.59 -40.65 -60.04
N GLU D 259 -21.02 -39.47 -59.84
CA GLU D 259 -21.79 -38.33 -59.36
C GLU D 259 -22.75 -37.86 -60.44
N PHE D 260 -22.47 -38.21 -61.70
CA PHE D 260 -23.36 -37.83 -62.81
C PHE D 260 -24.64 -38.66 -62.89
N PHE D 261 -24.64 -39.82 -62.24
CA PHE D 261 -25.84 -40.64 -62.20
C PHE D 261 -26.97 -39.93 -61.45
N GLU D 262 -26.62 -39.05 -60.53
CA GLU D 262 -27.62 -38.37 -59.76
C GLU D 262 -28.19 -37.14 -60.48
N TYR D 263 -27.69 -36.87 -61.69
CA TYR D 263 -28.14 -35.71 -62.48
C TYR D 263 -29.40 -36.05 -63.27
N GLU D 264 -30.44 -35.22 -63.16
CA GLU D 264 -31.66 -35.41 -63.92
C GLU D 264 -31.36 -35.34 -65.42
N LEU D 265 -31.49 -36.47 -66.11
CA LEU D 265 -31.44 -36.53 -67.58
C LEU D 265 -32.79 -36.84 -68.19
N GLN D 266 -33.08 -36.21 -69.32
CA GLN D 266 -34.17 -36.66 -70.18
C GLN D 266 -33.91 -38.10 -70.66
N PRO D 267 -34.94 -38.98 -70.58
CA PRO D 267 -34.87 -40.39 -70.98
C PRO D 267 -34.25 -40.61 -72.36
N GLN D 268 -34.62 -39.79 -73.34
CA GLN D 268 -34.02 -39.84 -74.68
C GLN D 268 -32.50 -39.66 -74.65
N VAL D 269 -32.04 -38.70 -73.84
CA VAL D 269 -30.63 -38.40 -73.73
C VAL D 269 -29.93 -39.58 -73.07
N LYS D 270 -30.50 -40.06 -71.97
CA LYS D 270 -29.95 -41.21 -71.22
C LYS D 270 -29.73 -42.39 -72.17
N GLU D 271 -30.80 -42.74 -72.90
CA GLU D 271 -30.85 -43.83 -73.88
C GLU D 271 -29.76 -43.69 -74.95
N ALA D 272 -29.68 -42.49 -75.52
CA ALA D 272 -28.70 -42.17 -76.56
C ALA D 272 -27.28 -42.33 -76.05
N PHE D 273 -27.05 -41.86 -74.81
CA PHE D 273 -25.73 -41.95 -74.20
C PHE D 273 -25.29 -43.38 -73.87
N GLU D 274 -26.21 -44.15 -73.29
CA GLU D 274 -25.97 -45.58 -73.01
C GLU D 274 -25.55 -46.36 -74.24
N ASN D 275 -26.19 -46.08 -75.38
CA ASN D 275 -25.88 -46.75 -76.62
C ASN D 275 -24.52 -46.34 -77.17
N PHE D 276 -24.22 -45.05 -77.07
CA PHE D 276 -22.92 -44.51 -77.45
C PHE D 276 -21.81 -45.26 -76.74
N ILE D 277 -21.99 -45.44 -75.43
CA ILE D 277 -21.01 -46.15 -74.60
C ILE D 277 -20.95 -47.67 -74.88
N LYS D 278 -22.11 -48.31 -75.07
CA LYS D 278 -22.14 -49.73 -75.43
C LYS D 278 -21.41 -49.96 -76.75
N GLU D 279 -21.62 -49.06 -77.72
CA GLU D 279 -21.00 -49.18 -79.02
C GLU D 279 -19.50 -48.98 -78.97
N LEU D 280 -19.05 -48.09 -78.10
CA LEU D 280 -17.62 -47.89 -77.88
C LEU D 280 -17.02 -49.09 -77.15
N GLU D 281 -17.75 -49.63 -76.17
CA GLU D 281 -17.35 -50.86 -75.50
C GLU D 281 -17.07 -51.97 -76.52
N LYS D 282 -17.99 -52.14 -77.49
CA LYS D 282 -17.83 -53.13 -78.55
C LYS D 282 -16.55 -52.95 -79.35
N GLU D 283 -16.17 -51.70 -79.61
CA GLU D 283 -14.95 -51.37 -80.38
C GLU D 283 -13.68 -51.53 -79.56
N GLY D 284 -13.82 -51.86 -78.28
CA GLY D 284 -12.67 -52.24 -77.45
C GLY D 284 -12.24 -51.26 -76.38
N PHE D 285 -13.05 -50.23 -76.17
CA PHE D 285 -12.78 -49.30 -75.07
C PHE D 285 -13.12 -49.98 -73.77
N GLU D 286 -12.25 -49.83 -72.78
CA GLU D 286 -12.57 -50.26 -71.43
C GLU D 286 -13.38 -49.17 -70.71
N ILE D 287 -14.51 -49.56 -70.12
CA ILE D 287 -15.45 -48.61 -69.53
C ILE D 287 -15.47 -48.75 -68.01
N LYS D 288 -15.14 -47.67 -67.30
CA LYS D 288 -14.97 -47.70 -65.83
C LYS D 288 -15.68 -46.56 -65.14
N GLU D 289 -16.28 -46.83 -63.99
CA GLU D 289 -16.89 -45.77 -63.20
C GLU D 289 -15.78 -45.02 -62.47
N VAL D 290 -15.84 -43.69 -62.50
CA VAL D 290 -14.92 -42.87 -61.72
C VAL D 290 -15.68 -42.00 -60.70
N SER D 291 -14.94 -41.44 -59.75
CA SER D 291 -15.48 -40.51 -58.77
C SER D 291 -14.93 -39.11 -59.06
N LEU D 292 -15.82 -38.13 -58.96
CA LEU D 292 -15.43 -36.72 -58.94
C LEU D 292 -16.27 -36.12 -57.81
N PRO D 293 -15.83 -36.31 -56.54
CA PRO D 293 -16.67 -35.97 -55.39
C PRO D 293 -17.13 -34.51 -55.33
N HIS D 294 -16.48 -33.61 -56.07
CA HIS D 294 -16.77 -32.19 -56.02
C HIS D 294 -17.58 -31.64 -57.20
N VAL D 295 -17.67 -32.39 -58.30
CA VAL D 295 -18.28 -31.84 -59.52
C VAL D 295 -19.63 -31.19 -59.33
N LYS D 296 -20.44 -31.73 -58.41
CA LYS D 296 -21.79 -31.18 -58.24
C LYS D 296 -21.72 -29.72 -57.88
N TYR D 297 -20.55 -29.28 -57.37
CA TYR D 297 -20.36 -27.87 -57.01
C TYR D 297 -19.94 -27.00 -58.17
N SER D 298 -19.79 -27.58 -59.35
CA SER D 298 -19.31 -26.86 -60.53
C SER D 298 -20.16 -25.65 -60.90
N ILE D 299 -21.49 -25.82 -60.86
CA ILE D 299 -22.44 -24.77 -61.25
C ILE D 299 -22.35 -23.54 -60.33
N PRO D 300 -22.52 -23.74 -59.00
CA PRO D 300 -22.45 -22.55 -58.15
C PRO D 300 -21.08 -21.89 -58.19
N THR D 301 -20.04 -22.70 -58.38
CA THR D 301 -18.68 -22.21 -58.52
C THR D 301 -18.55 -21.31 -59.76
N TYR D 302 -19.13 -21.77 -60.86
CA TYR D 302 -19.01 -21.09 -62.15
C TYR D 302 -19.82 -19.84 -62.11
N TYR D 303 -20.94 -19.87 -61.40
CA TYR D 303 -21.83 -18.73 -61.40
C TYR D 303 -21.49 -17.72 -60.31
N ILE D 304 -20.30 -17.87 -59.77
CA ILE D 304 -19.64 -16.84 -58.97
C ILE D 304 -18.40 -16.37 -59.73
N ILE D 305 -17.56 -17.29 -60.22
CA ILE D 305 -16.35 -16.89 -60.97
C ILE D 305 -16.64 -16.09 -62.23
N ALA D 306 -17.42 -16.67 -63.14
CA ALA D 306 -17.76 -16.03 -64.42
C ALA D 306 -18.43 -14.63 -64.27
N PRO D 307 -19.57 -14.52 -63.57
CA PRO D 307 -20.10 -13.17 -63.23
C PRO D 307 -19.07 -12.19 -62.65
N SER D 308 -18.18 -12.63 -61.76
CA SER D 308 -17.19 -11.70 -61.20
C SER D 308 -16.26 -11.17 -62.28
N GLU D 309 -15.61 -12.08 -63.00
CA GLU D 309 -14.66 -11.66 -64.02
C GLU D 309 -15.38 -10.84 -65.08
N ALA D 310 -16.63 -11.20 -65.34
CA ALA D 310 -17.44 -10.46 -66.33
C ALA D 310 -17.72 -9.03 -65.90
N SER D 311 -17.87 -8.79 -64.60
CA SER D 311 -18.21 -7.44 -64.17
C SER D 311 -16.94 -6.62 -64.33
N SER D 312 -15.80 -7.26 -64.15
CA SER D 312 -14.53 -6.56 -64.27
C SER D 312 -14.26 -6.30 -65.75
N ASN D 313 -14.47 -7.33 -66.57
CA ASN D 313 -14.14 -7.26 -67.99
C ASN D 313 -15.03 -6.33 -68.78
N LEU D 314 -16.21 -6.05 -68.26
CA LEU D 314 -17.17 -5.20 -68.98
C LEU D 314 -17.20 -3.78 -68.43
N ALA D 315 -16.26 -3.50 -67.52
CA ALA D 315 -16.07 -2.19 -66.92
C ALA D 315 -15.71 -1.11 -67.97
N ARG D 316 -15.14 -1.58 -69.09
CA ARG D 316 -14.57 -0.71 -70.10
C ARG D 316 -15.58 -0.16 -71.08
N TYR D 317 -16.79 -0.71 -71.08
CA TYR D 317 -17.84 -0.24 -71.98
C TYR D 317 -18.61 0.88 -71.27
N ASP D 318 -18.31 2.12 -71.69
CA ASP D 318 -18.48 3.32 -70.86
C ASP D 318 -18.81 4.60 -71.65
N GLY D 319 -18.90 4.51 -72.98
CA GLY D 319 -19.23 5.66 -73.81
C GLY D 319 -18.12 6.66 -74.02
N VAL D 320 -16.91 6.32 -73.57
CA VAL D 320 -15.80 7.26 -73.67
C VAL D 320 -14.98 7.05 -74.94
N ARG D 321 -14.44 5.85 -75.18
CA ARG D 321 -13.50 5.67 -76.29
C ARG D 321 -14.10 5.04 -77.57
N TYR D 322 -15.23 4.36 -77.45
CA TYR D 322 -15.85 3.65 -78.56
C TYR D 322 -17.27 3.26 -78.19
N GLY D 323 -18.02 2.76 -79.18
CA GLY D 323 -19.32 2.18 -78.97
C GLY D 323 -20.43 3.15 -78.58
N TYR D 324 -21.48 2.59 -77.99
CA TYR D 324 -22.69 3.34 -77.66
C TYR D 324 -22.51 4.38 -76.55
N ARG D 325 -23.14 5.53 -76.74
CA ARG D 325 -23.25 6.53 -75.72
C ARG D 325 -24.69 7.04 -75.64
N ALA D 326 -25.26 7.03 -74.44
CA ALA D 326 -26.61 7.58 -74.19
C ALA D 326 -26.72 9.01 -74.73
N LYS D 327 -27.91 9.39 -75.19
CA LYS D 327 -28.10 10.70 -75.77
C LYS D 327 -28.34 11.81 -74.74
N GLU D 328 -29.00 11.49 -73.63
CA GLU D 328 -29.32 12.47 -72.56
C GLU D 328 -28.57 12.25 -71.24
N TYR D 329 -27.79 13.24 -70.80
CA TYR D 329 -27.09 13.14 -69.52
C TYR D 329 -26.63 14.49 -68.97
N LYS D 330 -26.69 14.66 -67.65
CA LYS D 330 -26.36 15.94 -67.00
C LYS D 330 -24.91 16.06 -66.54
N ASP D 331 -24.31 14.92 -66.18
CA ASP D 331 -22.92 14.84 -65.70
C ASP D 331 -22.33 13.46 -66.03
N ILE D 332 -21.00 13.38 -66.11
CA ILE D 332 -20.28 12.15 -66.50
C ILE D 332 -20.86 10.90 -65.84
N PHE D 333 -21.30 11.01 -64.59
CA PHE D 333 -21.92 9.89 -63.88
C PHE D 333 -23.14 9.36 -64.62
N GLU D 334 -24.07 10.27 -64.96
CA GLU D 334 -25.23 9.89 -65.77
C GLU D 334 -24.83 9.36 -67.13
N MET D 335 -23.84 9.97 -67.75
CA MET D 335 -23.39 9.46 -69.02
C MET D 335 -23.01 8.00 -68.89
N TYR D 336 -22.21 7.70 -67.87
CA TYR D 336 -21.75 6.35 -67.60
C TYR D 336 -22.93 5.43 -67.37
N ALA D 337 -23.74 5.77 -66.36
CA ALA D 337 -24.78 4.90 -65.85
C ALA D 337 -25.93 4.69 -66.83
N ARG D 338 -26.13 5.65 -67.74
CA ARG D 338 -27.22 5.58 -68.73
C ARG D 338 -26.77 4.84 -69.95
N THR D 339 -25.56 5.14 -70.39
CA THR D 339 -24.98 4.42 -71.50
C THR D 339 -25.07 2.92 -71.23
N ARG D 340 -24.75 2.53 -70.01
CA ARG D 340 -24.61 1.12 -69.66
C ARG D 340 -25.95 0.45 -69.38
N ASP D 341 -26.84 1.14 -68.67
CA ASP D 341 -28.20 0.61 -68.51
C ASP D 341 -28.89 0.41 -69.85
N GLU D 342 -28.63 1.32 -70.79
CA GLU D 342 -29.25 1.29 -72.11
C GLU D 342 -28.56 0.37 -73.11
N GLY D 343 -27.24 0.22 -72.97
CA GLY D 343 -26.45 -0.56 -73.94
C GLY D 343 -26.38 -2.04 -73.61
N PHE D 344 -26.44 -2.37 -72.32
CA PHE D 344 -26.37 -3.76 -71.87
C PHE D 344 -27.74 -4.42 -71.78
N GLY D 345 -27.78 -5.69 -72.21
CA GLY D 345 -28.98 -6.53 -72.09
C GLY D 345 -29.20 -7.04 -70.67
N PRO D 346 -30.31 -7.78 -70.44
CA PRO D 346 -30.70 -8.07 -69.06
C PRO D 346 -29.80 -9.11 -68.41
N GLU D 347 -29.49 -10.19 -69.13
CA GLU D 347 -28.59 -11.20 -68.60
C GLU D 347 -27.25 -10.55 -68.23
N VAL D 348 -26.77 -9.73 -69.14
CA VAL D 348 -25.51 -9.04 -68.90
C VAL D 348 -25.58 -8.19 -67.64
N LYS D 349 -26.64 -7.40 -67.52
CA LYS D 349 -26.80 -6.56 -66.35
C LYS D 349 -26.84 -7.39 -65.08
N ARG D 350 -27.49 -8.55 -65.15
CA ARG D 350 -27.54 -9.46 -64.01
C ARG D 350 -26.17 -9.94 -63.52
N ARG D 351 -25.29 -10.24 -64.46
CA ARG D 351 -24.02 -10.83 -64.12
C ARG D 351 -23.09 -9.73 -63.65
N ILE D 352 -23.25 -8.54 -64.21
CA ILE D 352 -22.54 -7.37 -63.72
C ILE D 352 -22.88 -7.10 -62.25
N MET D 353 -24.17 -7.05 -61.91
CA MET D 353 -24.60 -6.79 -60.53
C MET D 353 -24.06 -7.85 -59.58
N LEU D 354 -24.27 -9.12 -59.92
CA LEU D 354 -23.73 -10.22 -59.14
C LEU D 354 -22.21 -10.15 -59.03
N GLY D 355 -21.57 -9.78 -60.13
CA GLY D 355 -20.12 -9.71 -60.18
C GLY D 355 -19.56 -8.73 -59.17
N THR D 356 -20.11 -7.52 -59.15
CA THR D 356 -19.58 -6.44 -58.34
C THR D 356 -19.89 -6.67 -56.86
N PHE D 357 -20.88 -7.52 -56.59
CA PHE D 357 -21.10 -8.03 -55.24
C PHE D 357 -20.05 -9.06 -54.85
N ALA D 358 -19.94 -10.11 -55.67
CA ALA D 358 -18.93 -11.17 -55.43
C ALA D 358 -17.51 -10.66 -55.17
N LEU D 359 -17.16 -9.50 -55.72
CA LEU D 359 -15.83 -8.92 -55.55
C LEU D 359 -15.79 -7.86 -54.46
N SER D 360 -16.96 -7.44 -53.99
CA SER D 360 -17.01 -6.39 -52.97
C SER D 360 -16.36 -6.89 -51.69
N ALA D 361 -15.58 -6.02 -51.05
CA ALA D 361 -14.87 -6.38 -49.84
C ALA D 361 -15.92 -6.68 -48.78
N GLY D 362 -15.64 -7.65 -47.93
CA GLY D 362 -16.68 -8.13 -47.05
C GLY D 362 -17.38 -9.35 -47.62
N TYR D 363 -17.36 -9.50 -48.94
CA TYR D 363 -17.99 -10.65 -49.57
C TYR D 363 -17.05 -11.44 -50.49
N TYR D 364 -15.92 -10.84 -50.82
CA TYR D 364 -14.91 -11.43 -51.68
C TYR D 364 -14.45 -12.82 -51.22
N ASP D 365 -14.16 -12.92 -49.91
CA ASP D 365 -13.61 -14.14 -49.29
C ASP D 365 -14.59 -15.30 -49.38
N ALA D 366 -15.86 -15.03 -49.12
CA ALA D 366 -16.88 -16.07 -49.14
C ALA D 366 -17.44 -16.36 -50.55
N TYR D 367 -17.24 -15.41 -51.47
CA TYR D 367 -17.68 -15.59 -52.85
C TYR D 367 -16.55 -15.96 -53.82
N TYR D 368 -15.92 -14.98 -54.49
CA TYR D 368 -14.91 -15.25 -55.52
C TYR D 368 -13.73 -16.07 -54.99
N LEU D 369 -13.17 -15.66 -53.85
CA LEU D 369 -12.02 -16.38 -53.29
C LEU D 369 -12.36 -17.84 -53.04
N LYS D 370 -13.40 -18.06 -52.27
CA LYS D 370 -13.88 -19.40 -51.97
C LYS D 370 -14.12 -20.21 -53.24
N ALA D 371 -14.77 -19.59 -54.22
CA ALA D 371 -15.08 -20.29 -55.49
C ALA D 371 -13.80 -20.73 -56.24
N GLN D 372 -12.75 -19.93 -56.14
CA GLN D 372 -11.49 -20.19 -56.81
C GLN D 372 -10.77 -21.33 -56.09
N LYS D 373 -11.07 -21.50 -54.80
CA LYS D 373 -10.58 -22.63 -54.04
C LYS D 373 -11.31 -23.94 -54.39
N VAL D 374 -12.64 -23.91 -54.28
CA VAL D 374 -13.46 -25.06 -54.71
C VAL D 374 -13.14 -25.48 -56.16
N ARG D 375 -12.73 -24.53 -56.98
CA ARG D 375 -12.35 -24.76 -58.35
C ARG D 375 -11.07 -25.62 -58.43
N ARG D 376 -10.15 -25.46 -57.48
CA ARG D 376 -8.97 -26.35 -57.40
C ARG D 376 -9.34 -27.75 -56.91
N LEU D 377 -10.28 -27.81 -55.97
CA LEU D 377 -10.84 -29.08 -55.53
C LEU D 377 -11.40 -29.88 -56.72
N ILE D 378 -12.18 -29.20 -57.58
CA ILE D 378 -12.81 -29.80 -58.75
C ILE D 378 -11.75 -30.24 -59.76
N THR D 379 -10.78 -29.36 -59.99
CA THR D 379 -9.68 -29.65 -60.90
C THR D 379 -8.98 -30.91 -60.44
N ASN D 380 -8.71 -31.01 -59.14
CA ASN D 380 -8.02 -32.16 -58.56
C ASN D 380 -8.80 -33.48 -58.65
N ASP D 381 -10.13 -33.43 -58.55
CA ASP D 381 -10.96 -34.62 -58.84
C ASP D 381 -10.55 -35.15 -60.20
N PHE D 382 -10.48 -34.26 -61.18
CA PHE D 382 -10.22 -34.67 -62.53
C PHE D 382 -8.82 -35.28 -62.67
N LEU D 383 -7.79 -34.63 -62.11
CA LEU D 383 -6.42 -35.12 -62.28
C LEU D 383 -6.24 -36.50 -61.68
N LYS D 384 -6.97 -36.75 -60.60
CA LYS D 384 -6.96 -38.03 -59.90
C LYS D 384 -7.72 -39.12 -60.70
N ALA D 385 -8.92 -38.79 -61.17
CA ALA D 385 -9.64 -39.71 -62.07
C ALA D 385 -8.86 -39.98 -63.36
N PHE D 386 -8.04 -39.04 -63.79
CA PHE D 386 -7.27 -39.22 -65.02
C PHE D 386 -6.06 -40.13 -64.83
N GLU D 387 -5.81 -40.52 -63.59
CA GLU D 387 -4.79 -41.51 -63.27
C GLU D 387 -5.26 -42.91 -63.66
N GLU D 388 -6.57 -43.15 -63.59
CA GLU D 388 -7.17 -44.46 -63.91
C GLU D 388 -7.71 -44.57 -65.34
N VAL D 389 -8.07 -43.43 -65.92
CA VAL D 389 -8.91 -43.35 -67.11
C VAL D 389 -8.28 -42.35 -68.11
N ASP D 390 -8.63 -42.43 -69.39
CA ASP D 390 -8.04 -41.50 -70.36
C ASP D 390 -8.95 -40.33 -70.78
N VAL D 391 -10.25 -40.60 -70.83
CA VAL D 391 -11.21 -39.58 -71.13
C VAL D 391 -12.37 -39.77 -70.18
N ILE D 392 -13.16 -38.73 -69.98
CA ILE D 392 -14.33 -38.79 -69.13
C ILE D 392 -15.54 -38.53 -70.03
N ALA D 393 -16.51 -39.43 -70.06
CA ALA D 393 -17.68 -39.22 -70.93
C ALA D 393 -18.98 -38.92 -70.17
N SER D 394 -19.85 -38.15 -70.82
CA SER D 394 -21.17 -37.93 -70.30
C SER D 394 -21.97 -37.40 -71.47
N PRO D 395 -23.30 -37.24 -71.31
CA PRO D 395 -24.04 -36.43 -72.28
C PRO D 395 -23.51 -35.00 -72.19
N THR D 396 -23.61 -34.23 -73.28
CA THR D 396 -23.18 -32.85 -73.24
C THR D 396 -24.20 -31.99 -72.51
N THR D 397 -25.46 -32.41 -72.65
CA THR D 397 -26.61 -31.68 -72.17
C THR D 397 -27.57 -32.68 -71.52
N PRO D 398 -28.23 -32.28 -70.43
CA PRO D 398 -29.20 -33.17 -69.83
C PRO D 398 -30.55 -33.30 -70.58
N THR D 399 -30.82 -32.41 -71.53
CA THR D 399 -32.04 -32.49 -72.32
C THR D 399 -31.79 -32.36 -73.80
N LEU D 400 -32.82 -32.69 -74.59
CA LEU D 400 -32.93 -32.30 -76.01
C LEU D 400 -33.10 -30.79 -76.09
N PRO D 401 -32.77 -30.20 -77.26
CA PRO D 401 -32.99 -28.79 -77.55
C PRO D 401 -34.35 -28.33 -77.08
N PHE D 402 -34.37 -27.30 -76.25
CA PHE D 402 -35.63 -26.81 -75.68
C PHE D 402 -36.28 -25.69 -76.52
N LYS D 403 -37.49 -25.28 -76.12
CA LYS D 403 -38.21 -24.29 -76.90
C LYS D 403 -37.87 -22.86 -76.49
N PHE D 404 -38.07 -21.92 -77.42
CA PHE D 404 -37.92 -20.50 -77.14
C PHE D 404 -38.86 -20.13 -76.00
N GLY D 405 -38.43 -19.15 -75.19
CA GLY D 405 -39.23 -18.69 -74.04
C GLY D 405 -39.25 -19.64 -72.85
N GLU D 406 -38.75 -20.86 -73.03
CA GLU D 406 -38.83 -21.88 -71.99
C GLU D 406 -37.99 -21.61 -70.75
N ARG D 407 -36.87 -20.92 -70.93
CA ARG D 407 -35.90 -20.73 -69.86
C ARG D 407 -35.57 -19.25 -69.70
N LEU D 408 -36.53 -18.40 -70.07
CA LEU D 408 -36.37 -16.95 -69.91
C LEU D 408 -37.16 -16.44 -68.70
N GLU D 409 -38.11 -17.26 -68.23
CA GLU D 409 -38.89 -16.94 -67.03
C GLU D 409 -37.97 -16.71 -65.80
N ASN D 410 -37.39 -17.79 -65.29
CA ASN D 410 -36.39 -17.74 -64.22
C ASN D 410 -34.99 -17.84 -64.88
N PRO D 411 -34.13 -16.81 -64.69
CA PRO D 411 -32.78 -16.85 -65.26
C PRO D 411 -32.05 -18.13 -64.87
N ILE D 412 -32.31 -18.61 -63.65
CA ILE D 412 -31.71 -19.85 -63.13
C ILE D 412 -31.92 -21.06 -64.05
N GLU D 413 -33.12 -21.16 -64.63
CA GLU D 413 -33.47 -22.27 -65.52
C GLU D 413 -32.52 -22.33 -66.72
N MET D 414 -32.03 -21.18 -67.14
CA MET D 414 -31.05 -21.09 -68.21
C MET D 414 -29.67 -21.63 -67.76
N TYR D 415 -29.26 -21.27 -66.55
CA TYR D 415 -27.99 -21.74 -65.99
C TYR D 415 -27.88 -23.27 -65.93
N LEU D 416 -28.99 -23.91 -65.62
CA LEU D 416 -29.03 -25.35 -65.45
C LEU D 416 -28.82 -26.13 -66.75
N SER D 417 -28.75 -25.42 -67.87
CA SER D 417 -28.38 -26.00 -69.16
C SER D 417 -26.93 -26.42 -69.18
N ASP D 418 -26.12 -25.78 -68.32
CA ASP D 418 -24.67 -25.89 -68.36
C ASP D 418 -24.08 -26.95 -67.41
N ILE D 419 -24.94 -27.68 -66.69
CA ILE D 419 -24.48 -28.56 -65.59
C ILE D 419 -23.43 -29.59 -65.99
N LEU D 420 -23.43 -29.97 -67.25
CA LEU D 420 -22.53 -31.01 -67.68
C LEU D 420 -21.35 -30.45 -68.42
N THR D 421 -21.37 -29.14 -68.71
CA THR D 421 -20.40 -28.45 -69.53
C THR D 421 -19.35 -27.63 -68.77
N VAL D 422 -19.77 -27.00 -67.67
CA VAL D 422 -18.90 -26.07 -66.94
C VAL D 422 -17.74 -26.75 -66.22
N PRO D 423 -17.88 -28.02 -65.83
CA PRO D 423 -16.74 -28.59 -65.12
C PRO D 423 -15.44 -28.55 -65.94
N ALA D 424 -15.52 -28.70 -67.27
CA ALA D 424 -14.30 -28.69 -68.12
C ALA D 424 -13.63 -27.32 -68.18
N ASN D 425 -14.40 -26.24 -68.07
CA ASN D 425 -13.78 -24.92 -68.09
C ASN D 425 -13.11 -24.60 -66.77
N LEU D 426 -13.80 -24.98 -65.69
CA LEU D 426 -13.28 -24.85 -64.35
C LEU D 426 -11.92 -25.50 -64.20
N ALA D 427 -11.76 -26.71 -64.73
CA ALA D 427 -10.50 -27.44 -64.65
C ALA D 427 -9.50 -27.07 -65.77
N GLY D 428 -9.91 -26.17 -66.66
CA GLY D 428 -9.09 -25.78 -67.81
C GLY D 428 -8.81 -26.87 -68.81
N LEU D 429 -9.68 -27.89 -68.84
CA LEU D 429 -9.52 -29.10 -69.65
C LEU D 429 -10.08 -28.98 -71.06
N PRO D 430 -9.51 -29.73 -72.02
CA PRO D 430 -10.20 -29.77 -73.31
C PRO D 430 -11.45 -30.63 -73.24
N ALA D 431 -12.45 -30.32 -74.08
CA ALA D 431 -13.67 -31.12 -74.11
C ALA D 431 -14.34 -31.00 -75.47
N ILE D 432 -14.86 -32.12 -75.95
CA ILE D 432 -15.46 -32.15 -77.26
C ILE D 432 -16.91 -32.60 -77.15
N SER D 433 -17.80 -32.00 -77.95
CA SER D 433 -19.16 -32.53 -78.09
C SER D 433 -19.35 -33.09 -79.50
N ILE D 434 -19.77 -34.34 -79.54
CA ILE D 434 -19.86 -35.15 -80.76
C ILE D 434 -21.33 -35.59 -80.87
N PRO D 435 -21.91 -35.59 -82.10
CA PRO D 435 -23.30 -36.08 -82.23
C PRO D 435 -23.38 -37.60 -82.18
N ILE D 436 -24.24 -38.11 -81.29
CA ILE D 436 -24.29 -39.53 -80.95
C ILE D 436 -25.62 -40.23 -81.34
N ALA D 437 -26.67 -39.44 -81.53
CA ALA D 437 -27.97 -39.94 -81.95
C ALA D 437 -28.87 -38.80 -82.34
N TRP D 438 -30.01 -39.17 -82.93
CA TRP D 438 -31.13 -38.28 -83.23
C TRP D 438 -32.34 -38.88 -82.56
N LYS D 439 -32.98 -38.09 -81.70
CA LYS D 439 -34.06 -38.58 -80.88
C LYS D 439 -35.23 -37.63 -81.00
N ASP D 440 -36.38 -38.16 -81.45
CA ASP D 440 -37.60 -37.37 -81.70
C ASP D 440 -37.29 -36.20 -82.65
N GLY D 441 -36.35 -36.45 -83.57
CA GLY D 441 -35.99 -35.50 -84.62
C GLY D 441 -34.90 -34.51 -84.27
N LEU D 442 -34.39 -34.61 -83.04
CA LEU D 442 -33.42 -33.65 -82.50
C LEU D 442 -32.06 -34.28 -82.19
N PRO D 443 -30.96 -33.56 -82.47
CA PRO D 443 -29.61 -34.04 -82.18
C PRO D 443 -29.38 -34.23 -80.69
N VAL D 444 -28.53 -35.21 -80.37
CA VAL D 444 -28.06 -35.44 -79.01
C VAL D 444 -26.53 -35.54 -79.08
N GLY D 445 -25.87 -34.81 -78.18
CA GLY D 445 -24.41 -34.75 -78.10
C GLY D 445 -23.83 -35.64 -77.02
N GLY D 446 -22.73 -36.33 -77.36
CA GLY D 446 -21.92 -37.04 -76.38
C GLY D 446 -20.68 -36.20 -76.11
N GLN D 447 -20.23 -36.18 -74.85
CA GLN D 447 -19.14 -35.31 -74.46
C GLN D 447 -17.98 -36.15 -73.98
N LEU D 448 -16.79 -35.78 -74.43
CA LEU D 448 -15.56 -36.38 -73.92
C LEU D 448 -14.70 -35.28 -73.40
N ILE D 449 -14.27 -35.44 -72.15
CA ILE D 449 -13.36 -34.51 -71.53
C ILE D 449 -12.02 -35.20 -71.48
N GLY D 450 -10.99 -34.51 -71.95
CA GLY D 450 -9.63 -35.06 -71.98
C GLY D 450 -8.69 -34.41 -70.99
N LYS D 451 -7.48 -34.96 -70.92
CA LYS D 451 -6.43 -34.42 -70.05
C LYS D 451 -5.92 -33.15 -70.68
N HIS D 452 -5.29 -32.30 -69.87
CA HIS D 452 -4.67 -31.08 -70.36
C HIS D 452 -3.76 -31.46 -71.54
N TRP D 453 -3.97 -30.78 -72.66
CA TRP D 453 -3.10 -30.90 -73.84
C TRP D 453 -3.40 -32.12 -74.71
N ASP D 454 -4.39 -32.92 -74.30
CA ASP D 454 -4.72 -34.14 -75.02
C ASP D 454 -5.95 -34.00 -75.91
N GLU D 455 -5.97 -32.95 -76.73
CA GLU D 455 -6.99 -32.80 -77.75
C GLU D 455 -6.90 -33.92 -78.80
N THR D 456 -5.69 -34.45 -79.02
CA THR D 456 -5.48 -35.56 -79.95
C THR D 456 -6.45 -36.71 -79.72
N THR D 457 -6.47 -37.22 -78.49
CA THR D 457 -7.32 -38.34 -78.11
C THR D 457 -8.81 -38.05 -78.32
N LEU D 458 -9.27 -36.93 -77.78
CA LEU D 458 -10.62 -36.42 -78.01
C LEU D 458 -10.95 -36.44 -79.49
N LEU D 459 -9.98 -36.07 -80.31
CA LEU D 459 -10.20 -35.99 -81.76
C LEU D 459 -10.21 -37.38 -82.41
N GLN D 460 -9.31 -38.23 -81.95
CA GLN D 460 -9.24 -39.58 -82.45
C GLN D 460 -10.57 -40.31 -82.21
N ILE D 461 -11.02 -40.35 -80.95
CA ILE D 461 -12.31 -40.97 -80.62
C ILE D 461 -13.42 -40.38 -81.49
N SER D 462 -13.31 -39.08 -81.79
CA SER D 462 -14.34 -38.42 -82.57
C SER D 462 -14.34 -38.98 -83.97
N TYR D 463 -13.14 -39.16 -84.52
CA TYR D 463 -12.97 -39.75 -85.85
C TYR D 463 -13.48 -41.18 -85.94
N LEU D 464 -13.20 -41.98 -84.92
CA LEU D 464 -13.71 -43.34 -84.88
C LEU D 464 -15.24 -43.35 -84.81
N TRP D 465 -15.82 -42.47 -83.99
CA TRP D 465 -17.26 -42.50 -83.82
C TRP D 465 -18.01 -42.12 -85.10
N GLU D 466 -17.46 -41.19 -85.88
CA GLU D 466 -18.12 -40.75 -87.12
C GLU D 466 -18.14 -41.84 -88.21
N GLN D 467 -17.14 -42.73 -88.16
CA GLN D 467 -17.05 -43.92 -89.01
C GLN D 467 -18.23 -44.85 -88.74
N LYS D 468 -18.55 -45.03 -87.46
CA LYS D 468 -19.66 -45.88 -87.06
C LYS D 468 -20.97 -45.15 -87.32
N PHE D 469 -21.02 -43.88 -86.92
CA PHE D 469 -22.23 -43.08 -87.00
C PHE D 469 -21.96 -41.80 -87.81
N LYS D 470 -22.32 -41.85 -89.10
CA LYS D 470 -22.02 -40.77 -90.04
C LYS D 470 -23.01 -39.61 -89.92
N HIS D 471 -22.86 -38.84 -88.85
CA HIS D 471 -23.76 -37.71 -88.55
C HIS D 471 -23.64 -36.57 -89.55
N TYR D 472 -22.51 -36.53 -90.25
CA TYR D 472 -22.23 -35.48 -91.22
C TYR D 472 -23.15 -35.54 -92.44
N GLU D 473 -23.85 -36.67 -92.59
CA GLU D 473 -24.78 -36.87 -93.70
C GLU D 473 -26.16 -36.34 -93.36
N LYS D 474 -26.44 -36.16 -92.08
CA LYS D 474 -27.71 -35.63 -91.64
C LYS D 474 -27.76 -34.12 -91.88
N ILE D 475 -28.43 -33.70 -92.94
CA ILE D 475 -28.45 -32.29 -93.34
C ILE D 475 -29.85 -31.70 -93.20
N PRO D 476 -30.00 -30.66 -92.37
CA PRO D 476 -31.32 -30.08 -92.12
C PRO D 476 -31.73 -29.15 -93.24
N LEU D 477 -33.00 -28.78 -93.26
CA LEU D 477 -33.52 -27.87 -94.27
C LEU D 477 -33.16 -28.29 -95.71
N THR D 478 -33.36 -29.59 -95.97
CA THR D 478 -33.19 -30.23 -97.30
C THR D 478 -31.84 -29.98 -97.96
N GLU E 3 6.08 23.47 -27.82
CA GLU E 3 4.81 23.01 -28.46
C GLU E 3 4.22 21.77 -27.75
N LYS E 4 2.91 21.80 -27.51
CA LYS E 4 2.17 20.69 -26.89
C LYS E 4 2.02 19.48 -27.83
N TYR E 5 1.93 19.74 -29.14
CA TYR E 5 1.55 18.72 -30.12
C TYR E 5 2.70 18.15 -30.95
N GLU E 6 2.34 17.23 -31.84
CA GLU E 6 3.31 16.48 -32.63
C GLU E 6 2.62 16.17 -33.95
N ALA E 7 3.28 16.43 -35.06
CA ALA E 7 2.72 16.07 -36.35
C ALA E 7 3.14 14.67 -36.74
N VAL E 8 2.16 13.91 -37.27
CA VAL E 8 2.42 12.57 -37.81
C VAL E 8 2.14 12.59 -39.31
N ILE E 9 3.17 12.31 -40.12
CA ILE E 9 3.05 12.47 -41.55
C ILE E 9 3.47 11.22 -42.29
N GLY E 10 2.60 10.77 -43.20
CA GLY E 10 2.90 9.67 -44.12
C GLY E 10 2.72 10.11 -45.55
N LEU E 11 3.52 9.56 -46.47
CA LEU E 11 3.42 9.92 -47.87
C LEU E 11 3.16 8.72 -48.79
N GLU E 12 2.42 8.98 -49.88
CA GLU E 12 2.18 8.00 -50.95
C GLU E 12 2.73 8.55 -52.25
N ILE E 13 3.79 7.95 -52.73
CA ILE E 13 4.53 8.50 -53.84
C ILE E 13 4.40 7.59 -55.06
N HIS E 14 4.05 8.16 -56.21
CA HIS E 14 4.07 7.40 -57.44
C HIS E 14 5.24 7.85 -58.28
N VAL E 15 6.08 6.88 -58.66
CA VAL E 15 7.32 7.17 -59.35
C VAL E 15 7.27 6.56 -60.74
N GLN E 16 7.42 7.39 -61.76
CA GLN E 16 7.36 6.93 -63.12
C GLN E 16 8.70 6.30 -63.51
N MET E 17 8.64 5.10 -64.06
CA MET E 17 9.86 4.37 -64.40
C MET E 17 10.38 4.76 -65.77
N ASP E 18 11.68 5.02 -65.82
CA ASP E 18 12.33 5.47 -67.03
C ASP E 18 12.56 4.29 -68.02
N THR E 19 11.47 3.61 -68.39
CA THR E 19 11.50 2.57 -69.42
C THR E 19 11.20 3.20 -70.79
N LYS E 20 11.52 2.49 -71.86
CA LYS E 20 11.22 2.96 -73.22
C LYS E 20 9.75 2.75 -73.52
N THR E 21 9.20 1.70 -72.91
CA THR E 21 7.91 1.10 -73.28
C THR E 21 6.94 1.17 -72.10
N LYS E 22 5.63 1.07 -72.36
CA LYS E 22 4.65 1.06 -71.27
C LYS E 22 4.69 -0.24 -70.47
N MET E 23 3.88 -0.31 -69.43
CA MET E 23 3.95 -1.44 -68.51
C MET E 23 3.41 -2.74 -69.11
N PHE E 24 2.37 -2.62 -69.94
CA PHE E 24 1.59 -3.78 -70.37
C PHE E 24 1.42 -3.85 -71.87
N CYS E 25 2.07 -2.94 -72.60
CA CYS E 25 2.16 -3.00 -74.07
C CYS E 25 3.42 -2.30 -74.53
N GLY E 26 3.72 -2.40 -75.83
CA GLY E 26 4.97 -1.89 -76.39
C GLY E 26 4.93 -0.46 -76.91
N CYS E 27 3.92 0.32 -76.50
CA CYS E 27 3.88 1.74 -76.86
C CYS E 27 4.99 2.48 -76.14
N LYS E 28 5.49 3.52 -76.78
CA LYS E 28 6.54 4.33 -76.20
C LYS E 28 6.06 5.16 -75.01
N VAL E 29 6.91 5.24 -74.00
CA VAL E 29 6.81 6.21 -72.93
C VAL E 29 7.65 7.42 -73.37
N GLU E 30 7.00 8.57 -73.57
CA GLU E 30 7.70 9.83 -73.86
C GLU E 30 6.87 11.06 -73.52
N PHE E 31 7.55 12.14 -73.14
CA PHE E 31 6.88 13.37 -72.72
C PHE E 31 6.57 14.28 -73.90
N GLY E 32 5.39 14.90 -73.85
CA GLY E 32 4.97 15.89 -74.85
C GLY E 32 4.73 15.42 -76.28
N ALA E 33 4.31 14.17 -76.47
CA ALA E 33 3.89 13.73 -77.82
C ALA E 33 2.49 14.31 -78.17
N GLU E 34 2.12 14.18 -79.44
CA GLU E 34 0.78 14.53 -79.93
C GLU E 34 -0.26 13.61 -79.31
N PRO E 35 -1.42 14.17 -78.87
CA PRO E 35 -2.39 13.46 -78.07
C PRO E 35 -2.82 12.17 -78.73
N ASN E 36 -2.93 11.09 -77.94
CA ASN E 36 -3.27 9.76 -78.44
C ASN E 36 -2.47 9.28 -79.67
N THR E 37 -1.14 9.46 -79.65
CA THR E 37 -0.29 8.81 -80.68
C THR E 37 0.48 7.59 -80.21
N ASN E 38 1.03 7.59 -78.99
CA ASN E 38 1.62 6.36 -78.44
C ASN E 38 0.61 5.46 -77.73
N VAL E 39 -0.21 4.82 -78.55
CA VAL E 39 -1.44 4.29 -78.09
C VAL E 39 -1.77 3.05 -78.91
N CYS E 40 -2.49 2.09 -78.31
CA CYS E 40 -2.78 0.79 -78.94
C CYS E 40 -3.97 0.14 -78.27
N PRO E 41 -4.45 -1.02 -78.81
CA PRO E 41 -5.63 -1.67 -78.22
C PRO E 41 -5.47 -1.99 -76.76
N VAL E 42 -4.27 -2.37 -76.35
CA VAL E 42 -4.02 -2.73 -74.97
C VAL E 42 -4.20 -1.52 -74.07
N CYS E 43 -3.32 -0.54 -74.24
CA CYS E 43 -3.33 0.62 -73.38
C CYS E 43 -4.57 1.49 -73.58
N LEU E 44 -5.32 1.24 -74.66
CA LEU E 44 -6.55 1.98 -74.94
C LEU E 44 -7.83 1.37 -74.33
N GLY E 45 -7.67 0.22 -73.65
CA GLY E 45 -8.78 -0.48 -73.05
C GLY E 45 -9.77 -0.93 -74.11
N MET E 46 -9.24 -1.47 -75.21
CA MET E 46 -10.12 -1.88 -76.27
C MET E 46 -10.59 -3.30 -76.02
N PRO E 47 -11.79 -3.65 -76.56
CA PRO E 47 -12.29 -5.01 -76.32
C PRO E 47 -11.34 -6.04 -76.94
N GLY E 48 -11.00 -7.10 -76.18
CA GLY E 48 -10.19 -8.19 -76.73
C GLY E 48 -8.71 -8.07 -76.48
N ALA E 49 -8.27 -6.91 -75.98
CA ALA E 49 -6.88 -6.57 -75.83
C ALA E 49 -6.29 -7.02 -74.48
N LEU E 50 -5.11 -7.64 -74.49
CA LEU E 50 -4.54 -8.28 -73.30
C LEU E 50 -3.19 -7.70 -72.86
N PRO E 51 -2.93 -7.66 -71.53
CA PRO E 51 -1.70 -7.01 -71.01
C PRO E 51 -0.51 -7.96 -70.99
N ILE E 52 0.68 -7.44 -71.32
CA ILE E 52 1.92 -8.22 -71.28
C ILE E 52 2.99 -7.47 -70.47
N VAL E 53 3.49 -8.10 -69.41
CA VAL E 53 4.39 -7.45 -68.46
C VAL E 53 5.72 -7.04 -69.10
N ASN E 54 6.09 -5.79 -68.86
CA ASN E 54 7.39 -5.22 -69.17
C ASN E 54 8.51 -5.75 -68.24
N LYS E 55 9.46 -6.51 -68.80
CA LYS E 55 10.56 -7.07 -68.04
C LYS E 55 11.43 -6.00 -67.35
N ARG E 56 11.71 -4.90 -68.06
CA ARG E 56 12.59 -3.85 -67.53
C ARG E 56 11.89 -3.07 -66.43
N ALA E 57 10.57 -2.89 -66.59
CA ALA E 57 9.79 -2.33 -65.52
C ALA E 57 9.96 -3.19 -64.27
N VAL E 58 9.90 -4.52 -64.42
CA VAL E 58 10.06 -5.40 -63.27
C VAL E 58 11.46 -5.31 -62.70
N GLU E 59 12.46 -5.32 -63.58
CA GLU E 59 13.85 -5.16 -63.18
C GLU E 59 14.06 -3.87 -62.36
N TYR E 60 13.59 -2.74 -62.89
CA TYR E 60 13.73 -1.44 -62.24
C TYR E 60 13.09 -1.39 -60.87
N ALA E 61 11.88 -1.95 -60.75
CA ALA E 61 11.12 -1.95 -59.50
C ALA E 61 11.80 -2.81 -58.43
N ILE E 62 12.44 -3.90 -58.85
CA ILE E 62 13.26 -4.68 -57.94
C ILE E 62 14.48 -3.87 -57.47
N ARG E 63 15.17 -3.24 -58.40
CA ARG E 63 16.34 -2.45 -58.10
C ARG E 63 15.96 -1.34 -57.12
N ALA E 64 14.87 -0.62 -57.41
CA ALA E 64 14.40 0.44 -56.51
C ALA E 64 14.08 -0.11 -55.12
N SER E 65 13.50 -1.31 -55.08
CA SER E 65 13.03 -1.89 -53.83
C SER E 65 14.19 -2.18 -52.89
N LEU E 66 15.28 -2.68 -53.49
CA LEU E 66 16.53 -2.98 -52.81
C LEU E 66 17.26 -1.71 -52.39
N ALA E 67 17.27 -0.71 -53.28
CA ALA E 67 17.82 0.61 -52.94
C ALA E 67 17.09 1.21 -51.75
N LEU E 68 15.80 0.85 -51.60
CA LEU E 68 15.02 1.32 -50.44
C LEU E 68 15.03 0.32 -49.27
N ASN E 69 15.94 -0.66 -49.38
CA ASN E 69 16.18 -1.61 -48.31
C ASN E 69 15.00 -2.52 -47.99
N CYS E 70 14.15 -2.76 -48.98
CA CYS E 70 12.97 -3.59 -48.82
C CYS E 70 13.27 -5.06 -48.97
N GLU E 71 12.40 -5.86 -48.38
CA GLU E 71 12.33 -7.28 -48.69
C GLU E 71 11.59 -7.44 -50.02
N VAL E 72 12.26 -7.96 -51.04
CA VAL E 72 11.57 -8.26 -52.29
C VAL E 72 10.96 -9.66 -52.20
N HIS E 73 9.66 -9.75 -52.49
CA HIS E 73 8.93 -11.02 -52.43
C HIS E 73 8.96 -11.78 -53.74
N GLU E 74 9.41 -13.01 -53.66
CA GLU E 74 9.68 -13.80 -54.84
C GLU E 74 8.40 -14.04 -55.66
N GLU E 75 7.25 -13.98 -55.00
CA GLU E 75 5.98 -14.02 -55.71
C GLU E 75 5.09 -12.86 -55.31
N SER E 76 4.59 -12.14 -56.31
CA SER E 76 3.61 -11.05 -56.11
C SER E 76 2.56 -11.09 -57.20
N VAL E 77 1.43 -10.46 -56.96
CA VAL E 77 0.31 -10.63 -57.90
C VAL E 77 -0.26 -9.31 -58.34
N PHE E 78 -0.47 -9.19 -59.65
CA PHE E 78 -1.15 -8.03 -60.20
C PHE E 78 -2.64 -8.14 -59.92
N ALA E 79 -3.23 -7.08 -59.38
CA ALA E 79 -4.64 -7.06 -58.99
C ALA E 79 -5.40 -5.96 -59.76
N ARG E 80 -6.69 -6.13 -59.99
CA ARG E 80 -7.43 -5.12 -60.68
C ARG E 80 -8.07 -4.17 -59.70
N LYS E 81 -7.82 -2.88 -59.86
CA LYS E 81 -8.39 -1.86 -59.00
C LYS E 81 -9.42 -1.11 -59.81
N HIS E 82 -10.69 -1.28 -59.45
CA HIS E 82 -11.81 -0.76 -60.23
C HIS E 82 -12.27 0.64 -59.84
N TYR E 83 -12.44 1.50 -60.84
CA TYR E 83 -13.18 2.76 -60.69
C TYR E 83 -13.47 3.37 -62.06
N PHE E 84 -14.50 4.21 -62.14
CA PHE E 84 -14.91 4.79 -63.41
C PHE E 84 -14.41 6.22 -63.47
N TYR E 85 -13.62 6.50 -64.50
CA TYR E 85 -13.05 7.83 -64.72
C TYR E 85 -12.49 7.92 -66.15
N PRO E 86 -12.79 9.02 -66.87
CA PRO E 86 -12.45 9.19 -68.29
C PRO E 86 -11.00 8.92 -68.64
N ASP E 87 -10.08 9.20 -67.72
CA ASP E 87 -8.67 8.92 -68.03
C ASP E 87 -8.21 7.49 -67.69
N LEU E 88 -9.17 6.61 -67.36
CA LEU E 88 -8.87 5.21 -67.03
C LEU E 88 -9.64 4.26 -67.94
N PRO E 89 -9.00 3.90 -69.06
CA PRO E 89 -9.58 3.18 -70.19
C PRO E 89 -10.30 1.85 -69.90
N LYS E 90 -9.83 1.06 -68.92
CA LYS E 90 -10.36 -0.28 -68.70
C LYS E 90 -11.47 -0.32 -67.65
N GLY E 91 -11.62 0.74 -66.88
CA GLY E 91 -12.56 0.74 -65.75
C GLY E 91 -11.86 0.11 -64.56
N TYR E 92 -10.58 -0.25 -64.77
CA TYR E 92 -9.73 -0.64 -63.67
C TYR E 92 -8.29 -0.25 -63.89
N GLN E 93 -7.52 -0.16 -62.81
CA GLN E 93 -6.09 0.03 -62.86
C GLN E 93 -5.47 -1.31 -62.46
N ILE E 94 -4.51 -1.77 -63.24
CA ILE E 94 -3.74 -2.93 -62.82
C ILE E 94 -2.62 -2.46 -61.89
N SER E 95 -2.64 -2.96 -60.65
CA SER E 95 -1.60 -2.68 -59.69
C SER E 95 -1.37 -3.93 -58.85
N GLN E 96 -0.90 -3.76 -57.63
CA GLN E 96 -0.80 -4.84 -56.71
C GLN E 96 -1.49 -4.45 -55.42
N TYR E 97 -1.92 -5.44 -54.66
CA TYR E 97 -2.74 -5.20 -53.48
C TYR E 97 -2.20 -5.95 -52.24
N GLU E 98 -2.88 -6.99 -51.77
CA GLU E 98 -2.19 -7.94 -50.91
C GLU E 98 -1.17 -8.57 -51.88
N LYS E 99 -0.05 -9.10 -51.41
CA LYS E 99 1.00 -9.57 -52.36
C LYS E 99 1.66 -8.48 -53.25
N PRO E 100 2.19 -7.40 -52.63
CA PRO E 100 2.99 -6.40 -53.36
C PRO E 100 4.40 -6.90 -53.57
N LEU E 101 5.14 -6.27 -54.48
CA LEU E 101 6.51 -6.69 -54.79
C LEU E 101 7.50 -6.60 -53.61
N ALA E 102 7.45 -5.51 -52.85
CA ALA E 102 8.42 -5.28 -51.80
C ALA E 102 7.78 -4.62 -50.58
N THR E 103 8.41 -4.82 -49.43
CA THR E 103 7.79 -4.50 -48.16
C THR E 103 8.93 -4.26 -47.13
N ASN E 104 8.60 -3.59 -45.99
CA ASN E 104 9.54 -3.40 -44.87
C ASN E 104 10.91 -2.85 -45.27
N GLY E 105 10.91 -1.64 -45.82
CA GLY E 105 12.16 -0.96 -46.18
C GLY E 105 12.35 0.30 -45.37
N TRP E 106 13.36 1.09 -45.74
CA TRP E 106 13.66 2.29 -44.99
C TRP E 106 14.50 3.27 -45.78
N VAL E 107 14.29 4.55 -45.50
CA VAL E 107 15.12 5.63 -46.03
C VAL E 107 15.77 6.35 -44.85
N GLU E 108 17.04 6.67 -44.97
CA GLU E 108 17.70 7.49 -43.95
C GLU E 108 17.78 8.96 -44.35
N LEU E 109 17.28 9.80 -43.47
CA LEU E 109 17.30 11.25 -43.59
C LEU E 109 18.46 11.87 -42.80
N ASN E 110 19.21 12.77 -43.43
CA ASN E 110 20.18 13.55 -42.69
C ASN E 110 19.59 14.91 -42.40
N LEU E 111 19.44 15.20 -41.11
CA LEU E 111 18.81 16.42 -40.64
C LEU E 111 19.83 17.55 -40.50
N PRO E 112 19.35 18.83 -40.60
CA PRO E 112 20.22 20.01 -40.45
C PRO E 112 21.04 20.00 -39.15
N ASN E 113 20.39 19.74 -38.01
CA ASN E 113 21.07 19.64 -36.72
C ASN E 113 22.16 18.57 -36.66
N GLY E 114 22.29 17.80 -37.74
CA GLY E 114 23.37 16.82 -37.88
C GLY E 114 22.96 15.40 -37.55
N GLU E 115 21.75 15.23 -37.02
CA GLU E 115 21.31 13.87 -36.70
C GLU E 115 20.60 13.14 -37.86
N LYS E 116 20.67 11.82 -37.81
CA LYS E 116 20.12 10.99 -38.87
C LYS E 116 18.88 10.26 -38.36
N LYS E 117 17.85 10.24 -39.19
CA LYS E 117 16.53 9.68 -38.84
C LYS E 117 16.12 8.67 -39.90
N LYS E 118 15.28 7.72 -39.52
CA LYS E 118 14.76 6.76 -40.48
C LYS E 118 13.27 6.92 -40.73
N VAL E 119 12.89 6.87 -42.00
CA VAL E 119 11.50 6.76 -42.40
C VAL E 119 11.32 5.41 -43.10
N ARG E 120 10.34 4.64 -42.64
CA ARG E 120 10.12 3.30 -43.20
C ARG E 120 9.34 3.36 -44.50
N ILE E 121 9.69 2.45 -45.40
CA ILE E 121 8.85 2.17 -46.55
C ILE E 121 7.97 0.99 -46.21
N ARG E 122 6.65 1.25 -46.24
CA ARG E 122 5.63 0.26 -45.93
C ARG E 122 5.52 -0.74 -47.10
N ARG E 123 5.57 -0.23 -48.32
CA ARG E 123 5.46 -1.07 -49.51
C ARG E 123 6.00 -0.39 -50.76
N LEU E 124 6.37 -1.21 -51.73
CA LEU E 124 6.58 -0.75 -53.07
C LEU E 124 5.84 -1.72 -53.95
N HIS E 125 4.91 -1.24 -54.75
CA HIS E 125 4.33 -2.12 -55.75
C HIS E 125 4.39 -1.52 -57.17
N ILE E 126 4.27 -2.41 -58.15
CA ILE E 126 4.17 -2.05 -59.56
C ILE E 126 2.72 -1.80 -59.98
N GLU E 127 2.53 -0.77 -60.81
CA GLU E 127 1.22 -0.47 -61.37
C GLU E 127 1.34 0.46 -62.56
N GLU E 128 0.32 0.49 -63.39
CA GLU E 128 0.28 1.30 -64.56
C GLU E 128 -0.38 2.66 -64.26
N ASP E 129 0.00 3.67 -65.05
CA ASP E 129 -0.54 5.02 -64.94
C ASP E 129 -1.86 5.11 -65.68
N ALA E 130 -2.67 6.10 -65.32
CA ALA E 130 -3.85 6.49 -66.10
C ALA E 130 -3.43 7.55 -67.15
N GLY E 131 -4.34 7.94 -68.04
CA GLY E 131 -4.09 9.05 -68.97
C GLY E 131 -4.26 10.43 -68.31
N LYS E 132 -4.30 11.48 -69.13
CA LYS E 132 -4.50 12.86 -68.65
C LYS E 132 -5.69 13.60 -69.26
N ASN E 133 -6.42 14.29 -68.42
CA ASN E 133 -7.54 15.13 -68.83
C ASN E 133 -7.17 16.60 -68.97
N ILE E 134 -7.68 17.23 -70.03
CA ILE E 134 -7.64 18.68 -70.22
C ILE E 134 -9.10 19.18 -70.22
N HIS E 135 -9.37 20.26 -69.48
CA HIS E 135 -10.73 20.81 -69.43
C HIS E 135 -10.83 22.03 -70.35
N GLU E 136 -11.88 22.08 -71.15
CA GLU E 136 -12.05 23.09 -72.18
C GLU E 136 -13.55 23.36 -72.33
N GLY E 137 -14.03 24.44 -71.74
CA GLY E 137 -15.45 24.75 -71.79
C GLY E 137 -16.21 23.77 -70.95
N ASP E 138 -17.32 23.23 -71.50
CA ASP E 138 -18.16 22.25 -70.81
C ASP E 138 -17.76 20.80 -71.12
N LYS E 139 -16.58 20.64 -71.70
CA LYS E 139 -16.02 19.34 -72.08
C LYS E 139 -14.68 19.01 -71.40
N THR E 140 -14.41 17.70 -71.23
CA THR E 140 -13.08 17.24 -70.84
C THR E 140 -12.46 16.54 -72.04
N LEU E 141 -11.20 16.88 -72.33
CA LEU E 141 -10.45 16.30 -73.43
C LEU E 141 -9.44 15.29 -72.91
N VAL E 142 -9.54 14.05 -73.37
CA VAL E 142 -8.77 12.93 -72.81
C VAL E 142 -7.62 12.46 -73.71
N ASP E 143 -6.39 12.54 -73.22
CA ASP E 143 -5.22 12.02 -73.92
C ASP E 143 -4.75 10.78 -73.19
N LEU E 144 -4.73 9.64 -73.87
CA LEU E 144 -4.35 8.40 -73.20
C LEU E 144 -2.93 7.98 -73.54
N ASN E 145 -2.08 8.94 -73.93
CA ASN E 145 -0.65 8.66 -74.13
C ASN E 145 0.03 8.10 -72.90
N ARG E 146 -0.43 8.53 -71.72
CA ARG E 146 0.20 8.17 -70.46
C ARG E 146 -0.43 6.94 -69.80
N ALA E 147 -1.65 6.59 -70.21
CA ALA E 147 -2.30 5.37 -69.77
C ALA E 147 -1.38 4.18 -69.98
N GLY E 148 -1.06 3.45 -68.90
CA GLY E 148 -0.25 2.25 -68.95
C GLY E 148 1.24 2.46 -68.73
N THR E 149 1.65 3.70 -68.50
CA THR E 149 3.05 3.99 -68.18
C THR E 149 3.35 3.36 -66.81
N PRO E 150 4.52 2.72 -66.64
CA PRO E 150 4.83 2.00 -65.40
C PRO E 150 5.09 2.92 -64.21
N LEU E 151 4.51 2.58 -63.06
CA LEU E 151 4.71 3.38 -61.85
C LEU E 151 5.03 2.50 -60.68
N MET E 152 5.92 2.99 -59.81
CA MET E 152 6.15 2.34 -58.55
C MET E 152 5.27 3.12 -57.57
N GLU E 153 4.35 2.45 -56.87
CA GLU E 153 3.66 3.16 -55.81
C GLU E 153 4.45 2.91 -54.55
N ILE E 154 4.94 3.98 -53.91
CA ILE E 154 5.75 3.87 -52.70
C ILE E 154 5.00 4.48 -51.50
N VAL E 155 4.74 3.67 -50.48
CA VAL E 155 3.99 4.14 -49.32
C VAL E 155 4.91 4.16 -48.11
N THR E 156 4.94 5.29 -47.41
CA THR E 156 5.74 5.45 -46.21
C THR E 156 4.91 5.03 -45.01
N GLU E 157 5.57 4.66 -43.92
CA GLU E 157 4.89 4.63 -42.62
C GLU E 157 4.75 6.06 -42.06
N PRO E 158 3.85 6.28 -41.07
CA PRO E 158 3.70 7.68 -40.64
C PRO E 158 4.85 8.12 -39.72
N ASP E 159 6.07 8.06 -40.26
CA ASP E 159 7.28 8.23 -39.45
C ASP E 159 7.83 9.66 -39.53
N ILE E 160 7.32 10.44 -40.49
CA ILE E 160 7.75 11.81 -40.72
C ILE E 160 7.08 12.71 -39.69
N ARG E 161 7.83 13.68 -39.16
CA ARG E 161 7.38 14.54 -38.05
C ARG E 161 7.31 16.05 -38.34
N THR E 162 7.85 16.47 -39.48
CA THR E 162 8.09 17.87 -39.73
C THR E 162 7.93 18.17 -41.23
N PRO E 163 7.41 19.36 -41.58
CA PRO E 163 7.34 19.70 -43.01
C PRO E 163 8.69 19.60 -43.70
N GLU E 164 9.76 19.99 -43.00
CA GLU E 164 11.10 19.97 -43.57
C GLU E 164 11.53 18.53 -43.84
N GLU E 165 11.28 17.66 -42.86
CA GLU E 165 11.53 16.23 -43.00
C GLU E 165 10.84 15.65 -44.20
N ALA E 166 9.61 16.09 -44.45
CA ALA E 166 8.83 15.59 -45.55
C ALA E 166 9.51 15.94 -46.88
N ARG E 167 9.95 17.20 -47.00
CA ARG E 167 10.72 17.64 -48.16
C ARG E 167 12.04 16.86 -48.28
N LEU E 168 12.80 16.82 -47.19
CA LEU E 168 14.06 16.08 -47.17
C LEU E 168 13.89 14.61 -47.56
N PHE E 169 12.82 13.97 -47.09
CA PHE E 169 12.46 12.62 -47.53
C PHE E 169 12.30 12.56 -49.04
N LEU E 170 11.45 13.44 -49.54
CA LEU E 170 11.19 13.51 -50.96
C LEU E 170 12.46 13.71 -51.79
N GLU E 171 13.38 14.53 -51.27
CA GLU E 171 14.63 14.84 -51.95
C GLU E 171 15.55 13.62 -52.05
N LYS E 172 15.65 12.90 -50.94
CA LYS E 172 16.46 11.71 -50.86
C LYS E 172 15.85 10.59 -51.70
N LEU E 173 14.53 10.40 -51.58
CA LEU E 173 13.84 9.46 -52.48
C LEU E 173 14.20 9.75 -53.93
N ARG E 174 14.09 11.01 -54.33
CA ARG E 174 14.41 11.40 -55.69
C ARG E 174 15.85 11.00 -56.07
N ASN E 175 16.78 11.30 -55.17
CA ASN E 175 18.19 11.09 -55.42
C ASN E 175 18.56 9.63 -55.49
N ILE E 176 17.96 8.80 -54.63
CA ILE E 176 18.14 7.36 -54.72
C ILE E 176 17.64 6.79 -56.07
N MET E 177 16.43 7.19 -56.48
CA MET E 177 15.89 6.78 -57.78
C MET E 177 16.83 7.17 -58.91
N ARG E 178 17.30 8.41 -58.86
CA ARG E 178 18.19 8.89 -59.90
C ARG E 178 19.51 8.13 -59.95
N TYR E 179 20.12 7.92 -58.78
CA TYR E 179 21.36 7.15 -58.65
C TYR E 179 21.19 5.70 -59.12
N ALA E 180 20.12 5.06 -58.67
CA ALA E 180 19.76 3.71 -59.08
C ALA E 180 19.51 3.64 -60.58
N GLY E 181 19.17 4.77 -61.17
CA GLY E 181 18.94 4.86 -62.62
C GLY E 181 17.56 4.35 -63.03
N VAL E 182 16.63 4.32 -62.08
CA VAL E 182 15.32 3.76 -62.37
C VAL E 182 14.31 4.78 -62.89
N SER E 183 14.48 6.04 -62.49
CA SER E 183 13.53 7.10 -62.84
C SER E 183 14.23 8.46 -62.80
N LYS E 184 13.77 9.41 -63.62
CA LYS E 184 14.27 10.78 -63.58
C LYS E 184 13.71 11.52 -62.36
N ALA E 185 12.49 11.13 -61.96
CA ALA E 185 11.89 11.50 -60.67
C ALA E 185 11.73 12.98 -60.40
N ASP E 186 11.54 13.77 -61.45
CA ASP E 186 11.32 15.21 -61.30
C ASP E 186 9.82 15.47 -61.31
N MET E 187 9.31 16.11 -60.26
CA MET E 187 7.89 16.44 -60.15
C MET E 187 7.42 17.32 -61.32
N GLU E 188 8.28 18.23 -61.77
CA GLU E 188 8.00 19.15 -62.88
C GLU E 188 7.42 18.46 -64.13
N LYS E 189 7.91 17.27 -64.44
CA LYS E 189 7.51 16.55 -65.64
C LYS E 189 6.52 15.44 -65.33
N GLY E 190 5.94 15.47 -64.12
CA GLY E 190 4.97 14.45 -63.65
C GLY E 190 5.53 13.08 -63.36
N GLN E 191 6.86 12.98 -63.18
CA GLN E 191 7.56 11.71 -62.98
C GLN E 191 7.55 11.28 -61.54
N LEU E 192 7.16 12.19 -60.66
CA LEU E 192 7.02 11.90 -59.25
C LEU E 192 5.80 12.64 -58.77
N ARG E 193 4.86 11.90 -58.20
CA ARG E 193 3.67 12.47 -57.58
C ARG E 193 3.71 12.19 -56.09
N CYS E 194 3.05 13.02 -55.31
CA CYS E 194 3.04 12.81 -53.88
C CYS E 194 1.72 13.24 -53.23
N ASP E 195 1.10 12.30 -52.52
CA ASP E 195 -0.10 12.54 -51.74
C ASP E 195 0.31 12.56 -50.28
N ILE E 196 -0.16 13.56 -49.54
CA ILE E 196 0.27 13.79 -48.18
C ILE E 196 -0.82 13.36 -47.24
N ASN E 197 -0.43 12.69 -46.15
CA ASN E 197 -1.34 12.26 -45.11
C ASN E 197 -0.83 12.82 -43.78
N VAL E 198 -1.68 13.50 -43.01
CA VAL E 198 -1.23 14.20 -41.80
C VAL E 198 -2.25 14.22 -40.66
N SER E 199 -1.76 13.90 -39.46
CA SER E 199 -2.55 13.98 -38.25
C SER E 199 -1.72 14.67 -37.16
N ILE E 200 -2.41 15.16 -36.12
CA ILE E 200 -1.71 15.72 -34.95
C ILE E 200 -2.00 14.91 -33.68
N ARG E 201 -1.18 15.12 -32.66
CA ARG E 201 -1.14 14.23 -31.53
C ARG E 201 -0.45 14.93 -30.36
N PRO E 202 -1.06 14.89 -29.16
CA PRO E 202 -0.36 15.42 -27.96
C PRO E 202 1.05 14.81 -27.86
N LYS E 203 2.06 15.65 -27.60
CA LYS E 203 3.46 15.22 -27.58
C LYS E 203 3.65 13.96 -26.74
N GLY E 204 4.42 13.01 -27.27
CA GLY E 204 4.73 11.78 -26.56
C GLY E 204 3.58 10.78 -26.48
N SER E 205 2.44 11.10 -27.09
CA SER E 205 1.33 10.14 -27.18
C SER E 205 1.66 9.05 -28.20
N LYS E 206 1.05 7.87 -28.03
CA LYS E 206 1.26 6.73 -28.94
C LYS E 206 0.02 6.47 -29.78
N GLU E 207 -1.08 7.12 -29.41
CA GLU E 207 -2.34 7.06 -30.15
C GLU E 207 -2.22 7.86 -31.44
N PHE E 208 -3.06 7.56 -32.44
CA PHE E 208 -3.01 8.30 -33.69
C PHE E 208 -4.21 9.23 -33.85
N GLY E 209 -3.92 10.49 -34.20
CA GLY E 209 -4.95 11.50 -34.43
C GLY E 209 -5.64 11.29 -35.76
N THR E 210 -6.76 11.96 -35.96
CA THR E 210 -7.54 11.76 -37.19
C THR E 210 -6.79 12.35 -38.39
N ARG E 211 -6.90 11.64 -39.51
CA ARG E 211 -6.03 11.86 -40.67
C ARG E 211 -6.66 12.68 -41.79
N VAL E 212 -5.93 13.71 -42.24
CA VAL E 212 -6.29 14.48 -43.42
C VAL E 212 -5.32 14.18 -44.57
N GLU E 213 -5.87 14.00 -45.77
CA GLU E 213 -5.05 13.80 -46.96
C GLU E 213 -5.05 15.04 -47.83
N ILE E 214 -3.87 15.52 -48.20
CA ILE E 214 -3.77 16.63 -49.14
C ILE E 214 -3.24 16.12 -50.47
N LYS E 215 -4.03 16.31 -51.53
CA LYS E 215 -3.66 15.79 -52.84
C LYS E 215 -3.19 16.85 -53.83
N ASN E 216 -2.49 16.41 -54.87
CA ASN E 216 -1.98 17.28 -55.95
C ASN E 216 -1.17 18.48 -55.48
N VAL E 217 -0.13 18.18 -54.70
CA VAL E 217 0.84 19.17 -54.33
C VAL E 217 2.02 18.86 -55.26
N ASN E 218 2.46 19.89 -56.01
CA ASN E 218 3.20 19.69 -57.26
C ASN E 218 4.71 19.96 -57.23
N SER E 219 5.26 20.27 -56.05
CA SER E 219 6.69 20.52 -55.90
C SER E 219 7.12 20.13 -54.50
N PHE E 220 8.41 19.86 -54.31
CA PHE E 220 8.92 19.54 -52.98
C PHE E 220 8.69 20.69 -52.01
N ARG E 221 8.86 21.91 -52.50
CA ARG E 221 8.65 23.11 -51.69
C ARG E 221 7.19 23.27 -51.30
N PHE E 222 6.31 22.96 -52.23
CA PHE E 222 4.87 23.03 -51.99
C PHE E 222 4.37 22.04 -50.93
N VAL E 223 4.98 20.84 -50.85
CA VAL E 223 4.60 19.89 -49.80
C VAL E 223 5.01 20.41 -48.42
N GLN E 224 6.13 21.11 -48.36
CA GLN E 224 6.53 21.77 -47.13
C GLN E 224 5.50 22.83 -46.72
N LYS E 225 5.12 23.70 -47.66
CA LYS E 225 4.19 24.78 -47.36
C LYS E 225 2.80 24.26 -47.00
N ALA E 226 2.29 23.32 -47.80
CA ALA E 226 1.01 22.68 -47.51
C ALA E 226 1.01 22.14 -46.10
N LEU E 227 2.07 21.41 -45.76
CA LEU E 227 2.23 20.83 -44.45
C LEU E 227 2.36 21.86 -43.36
N GLU E 228 3.18 22.88 -43.60
CA GLU E 228 3.36 23.96 -42.62
C GLU E 228 2.02 24.54 -42.18
N TYR E 229 1.17 24.83 -43.17
CA TYR E 229 -0.13 25.42 -42.89
C TYR E 229 -1.09 24.44 -42.22
N GLU E 230 -1.17 23.22 -42.77
CA GLU E 230 -2.12 22.20 -42.30
C GLU E 230 -1.91 21.82 -40.84
N ILE E 231 -0.64 21.74 -40.42
CA ILE E 231 -0.30 21.50 -39.02
C ILE E 231 -0.85 22.65 -38.16
N GLU E 232 -0.60 23.88 -38.60
CA GLU E 232 -1.15 25.07 -37.93
C GLU E 232 -2.67 24.97 -37.85
N ARG E 233 -3.30 24.68 -38.99
CA ARG E 233 -4.76 24.63 -39.06
C ARG E 233 -5.35 23.63 -38.06
N GLN E 234 -4.74 22.44 -37.99
CA GLN E 234 -5.23 21.36 -37.14
C GLN E 234 -5.03 21.67 -35.67
N ILE E 235 -3.90 22.32 -35.33
CA ILE E 235 -3.62 22.71 -33.94
C ILE E 235 -4.63 23.77 -33.47
N ASN E 236 -4.92 24.75 -34.32
CA ASN E 236 -5.97 25.74 -34.06
C ASN E 236 -7.28 25.04 -33.70
N VAL E 237 -7.81 24.25 -34.64
CA VAL E 237 -9.07 23.53 -34.46
C VAL E 237 -9.17 22.83 -33.10
N VAL E 238 -8.13 22.05 -32.77
CA VAL E 238 -8.09 21.22 -31.57
C VAL E 238 -8.05 22.03 -30.27
N GLU E 239 -7.25 23.10 -30.24
CA GLU E 239 -7.14 23.92 -29.03
C GLU E 239 -8.28 24.94 -28.90
N GLU E 240 -9.04 25.15 -29.97
CA GLU E 240 -10.27 25.91 -29.92
C GLU E 240 -11.44 25.06 -29.40
N GLY E 241 -11.13 23.83 -28.98
CA GLY E 241 -12.12 22.89 -28.45
C GLY E 241 -12.84 22.06 -29.50
N GLY E 242 -12.45 22.20 -30.77
CA GLY E 242 -13.06 21.46 -31.89
C GLY E 242 -12.39 20.14 -32.25
N GLU E 243 -13.11 19.30 -32.99
CA GLU E 243 -12.61 18.03 -33.48
C GLU E 243 -12.17 18.20 -34.92
N VAL E 244 -10.97 17.70 -35.24
CA VAL E 244 -10.48 17.70 -36.62
C VAL E 244 -11.18 16.59 -37.42
N VAL E 245 -11.71 16.96 -38.58
CA VAL E 245 -12.52 16.03 -39.40
C VAL E 245 -11.69 15.37 -40.49
N GLN E 246 -11.96 14.08 -40.69
CA GLN E 246 -11.25 13.29 -41.69
C GLN E 246 -11.76 13.57 -43.12
N GLU E 247 -10.87 14.11 -43.95
CA GLU E 247 -11.21 14.55 -45.31
C GLU E 247 -9.99 14.57 -46.22
N THR E 248 -10.24 14.74 -47.52
CA THR E 248 -9.21 15.10 -48.46
C THR E 248 -9.27 16.62 -48.67
N ARG E 249 -8.10 17.25 -48.82
CA ARG E 249 -7.99 18.68 -49.05
C ARG E 249 -7.11 18.99 -50.26
N THR E 250 -7.18 20.23 -50.75
CA THR E 250 -6.29 20.69 -51.82
C THR E 250 -5.45 21.84 -51.33
N PHE E 251 -4.39 22.14 -52.06
CA PHE E 251 -3.47 23.20 -51.70
C PHE E 251 -3.33 24.20 -52.85
N ASP E 252 -3.58 25.47 -52.57
CA ASP E 252 -3.34 26.52 -53.56
C ASP E 252 -1.97 27.14 -53.36
N PRO E 253 -1.06 26.94 -54.33
CA PRO E 253 0.29 27.50 -54.29
C PRO E 253 0.26 29.02 -54.06
N GLN E 254 -0.64 29.71 -54.78
CA GLN E 254 -0.76 31.18 -54.71
C GLN E 254 -1.13 31.72 -53.31
N THR E 255 -2.00 31.01 -52.59
CA THR E 255 -2.43 31.44 -51.26
C THR E 255 -1.66 30.81 -50.11
N GLY E 256 -1.02 29.66 -50.37
CA GLY E 256 -0.32 28.89 -49.33
C GLY E 256 -1.24 28.24 -48.30
N LYS E 257 -2.48 27.94 -48.70
CA LYS E 257 -3.50 27.43 -47.80
C LYS E 257 -4.13 26.16 -48.32
N THR E 258 -4.65 25.34 -47.40
CA THR E 258 -5.35 24.11 -47.75
C THR E 258 -6.86 24.29 -47.59
N TYR E 259 -7.62 23.72 -48.53
CA TYR E 259 -9.07 23.90 -48.55
C TYR E 259 -9.82 22.57 -48.62
N PRO E 260 -10.91 22.45 -47.81
CA PRO E 260 -11.81 21.31 -47.95
C PRO E 260 -12.45 21.32 -49.33
N MET E 261 -13.11 20.22 -49.69
CA MET E 261 -13.72 20.09 -51.01
C MET E 261 -15.23 20.30 -50.96
N ARG E 262 -15.74 20.95 -51.99
CA ARG E 262 -17.17 21.25 -52.12
C ARG E 262 -18.04 20.00 -52.28
N THR E 263 -17.44 18.94 -52.84
CA THR E 263 -18.12 17.67 -53.07
C THR E 263 -17.89 16.68 -51.92
N LYS E 264 -18.99 16.24 -51.29
CA LYS E 264 -18.95 15.22 -50.23
C LYS E 264 -18.95 13.79 -50.83
N GLU E 265 -18.13 13.63 -51.87
CA GLU E 265 -18.02 12.37 -52.61
C GLU E 265 -17.10 11.35 -51.92
N GLU E 266 -17.73 10.36 -51.29
CA GLU E 266 -17.02 9.25 -50.62
C GLU E 266 -16.42 8.29 -51.64
N ALA E 267 -15.32 7.63 -51.26
CA ALA E 267 -14.69 6.63 -52.13
C ALA E 267 -15.53 5.35 -52.24
N GLU E 268 -15.32 4.64 -53.34
CA GLU E 268 -16.06 3.42 -53.64
C GLU E 268 -15.12 2.23 -53.58
N ASP E 269 -15.66 1.11 -53.08
CA ASP E 269 -14.99 -0.19 -53.07
C ASP E 269 -14.22 -0.45 -54.36
N TYR E 270 -12.94 -0.79 -54.25
CA TYR E 270 -12.15 -1.03 -55.45
C TYR E 270 -12.33 -2.43 -56.06
N ARG E 271 -13.03 -3.32 -55.36
CA ARG E 271 -13.32 -4.68 -55.84
C ARG E 271 -12.07 -5.36 -56.39
N TYR E 272 -11.01 -5.29 -55.60
CA TYR E 272 -9.72 -5.90 -55.93
C TYR E 272 -9.78 -7.41 -56.10
N PHE E 273 -9.07 -7.91 -57.12
CA PHE E 273 -8.92 -9.33 -57.29
C PHE E 273 -7.81 -9.61 -58.31
N PRO E 274 -7.15 -10.78 -58.21
CA PRO E 274 -6.01 -10.97 -59.15
C PRO E 274 -6.47 -10.83 -60.61
N ASP E 275 -5.82 -9.98 -61.38
CA ASP E 275 -6.12 -9.90 -62.80
C ASP E 275 -6.02 -11.31 -63.36
N PRO E 276 -7.09 -11.78 -64.02
CA PRO E 276 -7.02 -13.11 -64.55
C PRO E 276 -6.38 -13.15 -65.94
N ASP E 277 -5.98 -11.99 -66.50
CA ASP E 277 -5.18 -12.03 -67.76
C ASP E 277 -3.70 -12.25 -67.52
N LEU E 278 -3.28 -12.26 -66.24
CA LEU E 278 -1.85 -12.40 -65.88
C LEU E 278 -1.65 -13.42 -64.75
N VAL E 279 -0.58 -14.19 -64.91
CA VAL E 279 -0.13 -15.11 -63.88
C VAL E 279 0.66 -14.32 -62.84
N PRO E 280 0.87 -14.89 -61.64
CA PRO E 280 1.64 -14.16 -60.62
C PRO E 280 3.06 -13.86 -61.08
N LEU E 281 3.55 -12.71 -60.62
CA LEU E 281 4.91 -12.30 -60.90
C LEU E 281 5.86 -13.12 -60.02
N LYS E 282 6.60 -14.02 -60.65
CA LYS E 282 7.53 -14.88 -59.94
C LYS E 282 8.94 -14.38 -60.19
N VAL E 283 9.61 -13.98 -59.12
CA VAL E 283 10.93 -13.37 -59.21
C VAL E 283 11.98 -14.25 -58.55
N LYS E 284 12.80 -14.87 -59.41
CA LYS E 284 13.85 -15.80 -58.98
C LYS E 284 14.82 -15.13 -58.02
N LYS E 285 15.20 -15.85 -56.97
CA LYS E 285 16.24 -15.44 -56.02
C LYS E 285 17.52 -15.03 -56.78
N GLU E 286 17.86 -15.80 -57.80
CA GLU E 286 19.03 -15.58 -58.62
C GLU E 286 19.05 -14.22 -59.30
N TRP E 287 17.87 -13.70 -59.61
CA TRP E 287 17.72 -12.42 -60.30
C TRP E 287 17.88 -11.25 -59.34
N ILE E 288 17.29 -11.39 -58.16
CA ILE E 288 17.50 -10.47 -57.05
C ILE E 288 19.00 -10.34 -56.71
N GLU E 289 19.67 -11.47 -56.48
CA GLU E 289 21.14 -11.55 -56.29
C GLU E 289 21.92 -10.83 -57.40
N GLU E 290 21.49 -10.98 -58.64
CA GLU E 290 22.18 -10.38 -59.80
C GLU E 290 22.01 -8.86 -59.83
N ILE E 291 20.84 -8.38 -59.43
CA ILE E 291 20.55 -6.94 -59.39
C ILE E 291 21.24 -6.30 -58.20
N LYS E 292 21.24 -7.02 -57.08
CA LYS E 292 21.98 -6.65 -55.86
C LYS E 292 23.49 -6.47 -56.11
N LYS E 293 24.10 -7.47 -56.75
CA LYS E 293 25.53 -7.49 -57.09
C LYS E 293 25.93 -6.37 -58.07
N ASN E 294 25.06 -6.08 -59.03
CA ASN E 294 25.31 -5.03 -60.04
C ASN E 294 24.67 -3.70 -59.76
N MET E 295 24.22 -3.49 -58.53
CA MET E 295 23.56 -2.24 -58.15
C MET E 295 24.51 -1.07 -58.38
N PRO E 296 24.03 -0.01 -59.07
CA PRO E 296 24.78 1.26 -59.17
C PRO E 296 25.07 1.80 -57.78
N GLU E 297 26.03 2.72 -57.66
CA GLU E 297 26.36 3.31 -56.38
C GLU E 297 25.26 4.29 -55.93
N LEU E 298 24.96 4.24 -54.64
CA LEU E 298 23.85 5.00 -54.07
C LEU E 298 24.40 6.18 -53.28
N PRO E 299 23.57 7.21 -53.03
CA PRO E 299 24.07 8.45 -52.47
C PRO E 299 24.84 8.35 -51.15
N ASP E 300 24.35 7.57 -50.19
CA ASP E 300 25.01 7.44 -48.88
C ASP E 300 26.36 6.74 -48.97
N GLN E 301 26.47 5.78 -49.90
CA GLN E 301 27.75 5.15 -50.23
C GLN E 301 28.72 6.15 -50.85
N ARG E 302 28.29 6.84 -51.91
CA ARG E 302 29.16 7.79 -52.60
C ARG E 302 29.68 8.84 -51.62
N PHE E 303 28.80 9.35 -50.76
CA PHE E 303 29.15 10.32 -49.73
C PHE E 303 30.37 9.93 -48.87
N GLU E 304 30.38 8.72 -48.34
CA GLU E 304 31.51 8.25 -47.55
C GLU E 304 32.76 7.98 -48.42
N ARG E 305 32.56 7.55 -49.66
CA ARG E 305 33.68 7.25 -50.57
C ARG E 305 34.44 8.52 -50.99
N LEU E 306 33.72 9.60 -51.28
CA LEU E 306 34.35 10.87 -51.65
C LEU E 306 35.16 11.44 -50.48
N ILE E 307 34.53 11.49 -49.30
CA ILE E 307 35.19 11.84 -48.02
C ILE E 307 36.52 11.10 -47.83
N LYS E 308 36.55 9.81 -48.18
CA LYS E 308 37.77 9.03 -48.12
C LYS E 308 38.65 9.22 -49.35
N GLU E 309 38.19 8.72 -50.49
CA GLU E 309 39.00 8.73 -51.73
C GLU E 309 39.60 10.10 -52.11
N TYR E 310 39.03 11.18 -51.60
CA TYR E 310 39.42 12.53 -52.02
C TYR E 310 39.62 13.49 -50.85
N GLY E 311 39.27 13.02 -49.65
CA GLY E 311 39.43 13.82 -48.43
C GLY E 311 38.59 15.09 -48.35
N LEU E 312 37.47 15.11 -49.08
CA LEU E 312 36.51 16.22 -49.03
C LEU E 312 35.85 16.35 -47.66
N SER E 313 35.41 17.55 -47.33
CA SER E 313 34.66 17.77 -46.11
C SER E 313 33.21 17.28 -46.33
N GLU E 314 32.47 17.13 -45.24
CA GLU E 314 31.05 16.70 -45.31
C GLU E 314 30.17 17.74 -46.01
N TYR E 315 30.59 19.01 -45.97
CA TYR E 315 29.92 20.08 -46.70
C TYR E 315 30.15 19.94 -48.21
N GLU E 316 31.38 19.61 -48.60
CA GLU E 316 31.74 19.48 -49.99
C GLU E 316 31.11 18.25 -50.65
N ALA E 317 31.35 17.09 -50.04
CA ALA E 317 30.80 15.82 -50.51
C ALA E 317 29.27 15.85 -50.62
N GLY E 318 28.61 16.48 -49.63
CA GLY E 318 27.15 16.66 -49.64
C GLY E 318 26.63 17.39 -50.87
N ILE E 319 27.27 18.49 -51.22
CA ILE E 319 26.97 19.21 -52.46
C ILE E 319 27.11 18.31 -53.68
N LEU E 320 28.21 17.56 -53.75
CA LEU E 320 28.54 16.73 -54.92
C LEU E 320 27.62 15.54 -55.07
N VAL E 321 27.08 15.07 -53.94
CA VAL E 321 26.23 13.88 -53.89
C VAL E 321 24.74 14.25 -54.05
N ASN E 322 24.34 15.35 -53.42
CA ASN E 322 22.96 15.85 -53.56
C ASN E 322 22.55 16.22 -54.99
N HIS E 323 23.51 16.71 -55.76
CA HIS E 323 23.32 16.91 -57.18
C HIS E 323 24.33 16.00 -57.89
N LYS E 324 23.86 14.82 -58.32
CA LYS E 324 24.75 13.75 -58.81
C LYS E 324 25.70 14.19 -59.90
N GLU E 325 25.19 14.99 -60.85
CA GLU E 325 25.94 15.40 -62.04
C GLU E 325 27.10 16.34 -61.71
N VAL E 326 27.06 16.96 -60.53
CA VAL E 326 28.16 17.78 -60.02
C VAL E 326 29.31 16.86 -59.58
N GLY E 327 28.99 15.87 -58.78
CA GLY E 327 29.94 14.83 -58.39
C GLY E 327 30.57 14.10 -59.57
N ASP E 328 29.78 13.79 -60.60
CA ASP E 328 30.27 13.12 -61.81
C ASP E 328 31.26 14.01 -62.55
N PHE E 329 30.94 15.30 -62.60
CA PHE E 329 31.81 16.30 -63.21
C PHE E 329 33.14 16.35 -62.44
N PHE E 330 33.04 16.53 -61.13
CA PHE E 330 34.21 16.55 -60.27
C PHE E 330 35.13 15.35 -60.51
N GLU E 331 34.58 14.14 -60.49
CA GLU E 331 35.38 12.92 -60.60
C GLU E 331 36.06 12.78 -61.97
N GLU E 332 35.41 13.27 -63.03
CA GLU E 332 36.02 13.23 -64.35
C GLU E 332 37.09 14.30 -64.48
N ALA E 333 36.99 15.34 -63.67
CA ALA E 333 38.00 16.38 -63.63
C ALA E 333 39.23 15.92 -62.85
N VAL E 334 39.02 15.40 -61.65
CA VAL E 334 40.09 14.92 -60.79
C VAL E 334 40.88 13.78 -61.46
N ARG E 335 40.31 13.26 -62.55
CA ARG E 335 40.94 12.18 -63.28
C ARG E 335 42.04 12.75 -64.18
N HIS E 336 41.73 13.88 -64.81
CA HIS E 336 42.67 14.60 -65.67
C HIS E 336 43.84 15.29 -64.93
N PHE E 337 43.60 15.71 -63.69
CA PHE E 337 44.65 16.30 -62.84
C PHE E 337 44.35 15.98 -61.39
N LYS E 338 45.21 15.16 -60.78
CA LYS E 338 44.93 14.58 -59.45
C LYS E 338 45.13 15.57 -58.27
N GLU E 339 44.50 16.73 -58.38
CA GLU E 339 44.45 17.73 -57.32
C GLU E 339 42.99 17.92 -56.87
N PRO E 340 42.52 17.04 -55.96
CA PRO E 340 41.11 17.05 -55.54
C PRO E 340 40.69 18.32 -54.80
N LYS E 341 41.51 18.74 -53.83
CA LYS E 341 41.17 19.89 -53.00
C LYS E 341 41.11 21.19 -53.81
N GLY E 342 42.03 21.34 -54.76
CA GLY E 342 42.02 22.48 -55.67
C GLY E 342 40.79 22.48 -56.54
N ILE E 343 40.43 21.31 -57.07
CA ILE E 343 39.29 21.21 -57.99
C ILE E 343 37.92 21.48 -57.34
N VAL E 344 37.65 20.92 -56.16
CA VAL E 344 36.39 21.20 -55.47
C VAL E 344 36.21 22.68 -55.21
N ASN E 345 37.29 23.32 -54.76
CA ASN E 345 37.29 24.74 -54.51
C ASN E 345 36.79 25.52 -55.73
N TRP E 346 37.47 25.34 -56.85
CA TRP E 346 37.16 26.06 -58.10
C TRP E 346 35.81 25.67 -58.72
N LEU E 347 35.39 24.42 -58.48
CA LEU E 347 34.06 23.95 -58.90
C LEU E 347 32.94 24.58 -58.09
N ILE E 348 33.02 24.50 -56.77
CA ILE E 348 31.98 25.01 -55.86
C ILE E 348 31.97 26.53 -55.81
N ASN E 349 33.16 27.12 -55.64
CA ASN E 349 33.26 28.55 -55.37
C ASN E 349 33.18 29.42 -56.60
N ASP E 350 33.48 28.83 -57.74
CA ASP E 350 33.55 29.59 -58.98
C ASP E 350 32.58 29.15 -60.07
N LEU E 351 32.80 27.94 -60.58
CA LEU E 351 32.08 27.42 -61.74
C LEU E 351 30.57 27.34 -61.54
N LEU E 352 30.16 26.67 -60.47
CA LEU E 352 28.75 26.47 -60.16
C LEU E 352 27.95 27.76 -60.12
N GLY E 353 28.50 28.79 -59.48
CA GLY E 353 27.83 30.08 -59.40
C GLY E 353 27.72 30.79 -60.74
N LEU E 354 28.75 30.62 -61.58
CA LEU E 354 28.76 31.25 -62.90
C LEU E 354 27.74 30.60 -63.83
N LEU E 355 27.66 29.27 -63.77
CA LEU E 355 26.67 28.51 -64.52
C LEU E 355 25.22 28.82 -64.08
N ARG E 356 25.03 28.94 -62.77
CA ARG E 356 23.72 29.30 -62.23
C ARG E 356 23.22 30.60 -62.83
N ASP E 357 24.11 31.60 -62.88
CA ASP E 357 23.77 32.95 -63.36
C ASP E 357 23.38 32.96 -64.85
N LYS E 358 24.14 32.21 -65.65
CA LYS E 358 23.84 31.94 -67.05
C LYS E 358 22.60 31.05 -67.25
N GLY E 359 22.14 30.42 -66.16
CA GLY E 359 20.98 29.53 -66.20
C GLY E 359 21.25 28.22 -66.90
N ILE E 360 22.50 27.75 -66.86
CA ILE E 360 22.86 26.47 -67.50
C ILE E 360 23.26 25.36 -66.55
N SER E 361 22.78 24.15 -66.85
CA SER E 361 23.01 22.96 -66.07
C SER E 361 24.45 22.49 -66.22
N ILE E 362 24.96 21.81 -65.20
CA ILE E 362 26.33 21.28 -65.19
C ILE E 362 26.59 20.22 -66.30
N GLU E 363 25.53 19.53 -66.71
CA GLU E 363 25.59 18.57 -67.81
C GLU E 363 26.02 19.28 -69.09
N GLU E 364 25.51 20.50 -69.24
CA GLU E 364 25.63 21.28 -70.48
C GLU E 364 26.65 22.44 -70.45
N SER E 365 27.53 22.47 -69.44
CA SER E 365 28.48 23.58 -69.26
C SER E 365 29.60 23.59 -70.31
N PRO E 366 29.93 24.80 -70.84
CA PRO E 366 31.05 24.98 -71.77
C PRO E 366 32.38 24.54 -71.18
N VAL E 367 32.54 24.76 -69.87
CA VAL E 367 33.72 24.27 -69.16
C VAL E 367 33.55 22.78 -68.91
N LYS E 368 34.34 21.97 -69.60
CA LYS E 368 34.31 20.54 -69.43
C LYS E 368 35.29 20.15 -68.34
N PRO E 369 35.12 18.96 -67.72
CA PRO E 369 36.04 18.51 -66.67
C PRO E 369 37.52 18.66 -67.02
N GLU E 370 37.86 18.52 -68.30
CA GLU E 370 39.24 18.70 -68.78
C GLU E 370 39.71 20.13 -68.56
N HIS E 371 38.83 21.08 -68.87
CA HIS E 371 39.13 22.50 -68.80
C HIS E 371 39.35 22.99 -67.38
N LEU E 372 38.55 22.47 -66.45
CA LEU E 372 38.70 22.83 -65.04
C LEU E 372 39.99 22.23 -64.49
N ALA E 373 40.22 20.95 -64.78
CA ALA E 373 41.45 20.28 -64.37
C ALA E 373 42.68 20.99 -64.93
N GLU E 374 42.55 21.46 -66.18
CA GLU E 374 43.62 22.23 -66.81
C GLU E 374 43.81 23.61 -66.17
N LEU E 375 42.73 24.35 -65.95
CA LEU E 375 42.82 25.65 -65.26
C LEU E 375 43.43 25.52 -63.87
N VAL E 376 42.96 24.55 -63.09
CA VAL E 376 43.48 24.32 -61.74
C VAL E 376 44.95 23.88 -61.77
N LYS E 377 45.38 23.32 -62.89
CA LYS E 377 46.79 22.98 -63.12
C LYS E 377 47.68 24.24 -63.19
N LEU E 378 47.27 25.21 -64.02
CA LEU E 378 47.95 26.49 -64.17
C LEU E 378 48.06 27.30 -62.87
N ILE E 379 47.03 27.20 -62.03
CA ILE E 379 47.02 27.86 -60.71
C ILE E 379 47.98 27.19 -59.73
N LYS E 380 47.99 25.85 -59.73
CA LYS E 380 48.87 25.07 -58.86
C LYS E 380 50.34 25.25 -59.25
N GLU E 381 50.61 25.15 -60.55
CA GLU E 381 51.99 25.22 -61.08
C GLU E 381 52.52 26.66 -61.15
N LYS E 382 51.70 27.61 -60.69
CA LYS E 382 52.08 29.03 -60.60
C LYS E 382 52.21 29.69 -61.98
N VAL E 383 51.60 29.07 -62.99
CA VAL E 383 51.64 29.61 -64.36
C VAL E 383 50.86 30.91 -64.46
N ILE E 384 49.71 30.95 -63.77
CA ILE E 384 48.96 32.20 -63.55
C ILE E 384 48.51 32.33 -62.10
N SER E 385 48.03 33.52 -61.77
CA SER E 385 47.59 33.85 -60.43
C SER E 385 46.09 33.62 -60.29
N THR E 386 45.65 33.45 -59.04
CA THR E 386 44.24 33.35 -58.69
C THR E 386 43.46 34.51 -59.31
N LYS E 387 43.98 35.72 -59.17
CA LYS E 387 43.35 36.91 -59.76
C LYS E 387 43.08 36.73 -61.27
N ILE E 388 44.07 36.18 -61.97
CA ILE E 388 43.98 35.96 -63.40
C ILE E 388 43.08 34.75 -63.66
N GLY E 389 43.24 33.73 -62.82
CA GLY E 389 42.41 32.53 -62.87
C GLY E 389 40.93 32.80 -62.81
N LYS E 390 40.53 33.81 -62.03
CA LYS E 390 39.13 34.16 -61.89
C LYS E 390 38.61 34.91 -63.11
N GLU E 391 39.52 35.61 -63.78
CA GLU E 391 39.21 36.31 -65.03
C GLU E 391 39.03 35.35 -66.23
N VAL E 392 39.85 34.31 -66.29
CA VAL E 392 39.76 33.34 -67.39
C VAL E 392 38.58 32.36 -67.25
N ILE E 393 38.27 31.94 -66.02
CA ILE E 393 37.13 31.06 -65.80
C ILE E 393 35.84 31.73 -66.22
N LYS E 394 35.75 33.04 -65.99
CA LYS E 394 34.58 33.85 -66.38
C LYS E 394 34.39 33.83 -67.90
N GLU E 395 35.51 33.91 -68.62
CA GLU E 395 35.46 33.91 -70.06
C GLU E 395 35.39 32.50 -70.64
N MET E 396 35.94 31.52 -69.91
CA MET E 396 35.76 30.10 -70.24
C MET E 396 34.27 29.78 -70.34
N VAL E 397 33.51 30.22 -69.34
CA VAL E 397 32.07 30.08 -69.33
C VAL E 397 31.44 30.87 -70.47
N GLU E 398 31.96 32.06 -70.71
CA GLU E 398 31.44 32.97 -71.73
C GLU E 398 31.65 32.48 -73.16
N THR E 399 32.79 31.82 -73.42
CA THR E 399 33.14 31.36 -74.76
C THR E 399 33.03 29.84 -74.90
N GLY E 400 33.85 29.12 -74.16
CA GLY E 400 33.96 27.68 -74.29
C GLY E 400 35.38 27.28 -74.63
N LYS E 401 36.27 28.26 -74.66
CA LYS E 401 37.68 28.03 -74.99
C LYS E 401 38.44 27.44 -73.81
N THR E 402 39.48 26.64 -74.11
CA THR E 402 40.36 26.05 -73.10
C THR E 402 40.99 27.14 -72.24
N PRO E 403 41.35 26.85 -70.98
CA PRO E 403 42.13 27.81 -70.20
C PRO E 403 43.44 28.23 -70.90
N SER E 404 44.19 27.26 -71.41
CA SER E 404 45.46 27.53 -72.12
C SER E 404 45.25 28.37 -73.39
N GLN E 405 44.13 28.11 -74.09
CA GLN E 405 43.74 28.91 -75.25
C GLN E 405 43.66 30.41 -74.94
N ILE E 406 42.90 30.79 -73.92
CA ILE E 406 42.73 32.22 -73.59
C ILE E 406 43.92 32.84 -72.83
N VAL E 407 44.75 31.99 -72.23
CA VAL E 407 46.01 32.43 -71.63
C VAL E 407 46.96 32.95 -72.72
N GLU E 408 47.11 32.19 -73.81
CA GLU E 408 47.91 32.63 -74.95
C GLU E 408 47.27 33.84 -75.66
N GLU E 409 45.99 33.71 -76.00
CA GLU E 409 45.23 34.77 -76.66
C GLU E 409 45.29 36.14 -75.97
N LYS E 410 45.66 36.17 -74.70
CA LYS E 410 45.71 37.43 -73.95
C LYS E 410 47.02 37.68 -73.18
N GLY E 411 48.01 36.81 -73.39
CA GLY E 411 49.32 36.92 -72.74
C GLY E 411 49.36 36.27 -71.36
N LEU E 412 50.41 35.50 -71.08
CA LEU E 412 50.53 34.77 -69.82
C LEU E 412 50.70 35.70 -68.60
N VAL F 2 -33.57 -9.59 -50.94
CA VAL F 2 -32.53 -8.53 -50.73
C VAL F 2 -33.07 -7.13 -51.09
N ASP F 3 -32.68 -6.13 -50.30
CA ASP F 3 -33.19 -4.75 -50.33
C ASP F 3 -33.30 -4.09 -51.71
N ARG F 4 -34.18 -3.10 -51.80
CA ARG F 4 -34.12 -2.11 -52.88
C ARG F 4 -32.83 -1.32 -52.73
N GLU F 5 -32.55 -0.92 -51.49
CA GLU F 5 -31.34 -0.21 -51.11
C GLU F 5 -30.08 -0.91 -51.65
N TRP F 6 -30.06 -2.24 -51.50
CA TRP F 6 -28.95 -3.08 -51.93
C TRP F 6 -28.75 -2.99 -53.44
N VAL F 7 -29.84 -3.22 -54.17
CA VAL F 7 -29.86 -3.15 -55.62
C VAL F 7 -29.34 -1.81 -56.14
N LEU F 8 -29.80 -0.72 -55.53
CA LEU F 8 -29.37 0.63 -55.89
C LEU F 8 -27.89 0.87 -55.61
N LYS F 9 -27.40 0.32 -54.49
CA LYS F 9 -26.02 0.47 -54.06
C LYS F 9 -25.08 -0.25 -55.03
N ILE F 10 -25.42 -1.49 -55.36
CA ILE F 10 -24.62 -2.30 -56.27
C ILE F 10 -24.64 -1.70 -57.66
N ALA F 11 -25.82 -1.25 -58.12
CA ALA F 11 -25.95 -0.63 -59.44
C ALA F 11 -25.11 0.64 -59.58
N LYS F 12 -25.01 1.39 -58.48
CA LYS F 12 -24.21 2.59 -58.45
C LYS F 12 -22.73 2.23 -58.68
N LEU F 13 -22.25 1.25 -57.92
CA LEU F 13 -20.85 0.80 -58.02
C LEU F 13 -20.52 0.39 -59.45
N ALA F 14 -21.49 -0.26 -60.10
CA ALA F 14 -21.34 -0.75 -61.46
C ALA F 14 -21.75 0.27 -62.53
N ARG F 15 -22.19 1.45 -62.12
CA ARG F 15 -22.63 2.49 -63.07
C ARG F 15 -23.74 1.99 -64.00
N LEU F 16 -24.78 1.44 -63.40
CA LEU F 16 -26.01 1.16 -64.10
C LEU F 16 -27.09 2.06 -63.48
N GLU F 17 -27.69 2.92 -64.31
CA GLU F 17 -28.84 3.69 -63.87
C GLU F 17 -30.08 2.85 -64.17
N LEU F 18 -30.47 2.05 -63.20
CA LEU F 18 -31.57 1.13 -63.41
C LEU F 18 -32.90 1.87 -63.55
N LYS F 19 -33.70 1.42 -64.51
CA LYS F 19 -35.09 1.87 -64.66
C LYS F 19 -35.92 1.17 -63.61
N GLU F 20 -36.99 1.84 -63.18
CA GLU F 20 -37.80 1.37 -62.04
C GLU F 20 -38.32 -0.07 -62.20
N GLU F 21 -38.61 -0.46 -63.45
CA GLU F 21 -39.00 -1.85 -63.78
C GLU F 21 -37.92 -2.87 -63.41
N GLU F 22 -36.67 -2.50 -63.67
CA GLU F 22 -35.51 -3.39 -63.47
C GLU F 22 -35.19 -3.55 -62.00
N ILE F 23 -35.23 -2.45 -61.26
CA ILE F 23 -35.03 -2.48 -59.81
C ILE F 23 -35.90 -3.57 -59.12
N GLU F 24 -37.17 -3.67 -59.51
CA GLU F 24 -38.07 -4.66 -58.93
C GLU F 24 -37.77 -6.09 -59.38
N VAL F 25 -37.52 -6.25 -60.67
CA VAL F 25 -37.20 -7.54 -61.25
C VAL F 25 -35.86 -8.08 -60.72
N PHE F 26 -34.84 -7.22 -60.70
CA PHE F 26 -33.51 -7.63 -60.24
C PHE F 26 -33.46 -7.90 -58.74
N GLN F 27 -34.44 -7.39 -58.00
CA GLN F 27 -34.60 -7.75 -56.60
C GLN F 27 -34.89 -9.24 -56.43
N LYS F 28 -35.89 -9.74 -57.15
CA LYS F 28 -36.26 -11.15 -57.01
C LYS F 28 -35.22 -12.05 -57.66
N GLN F 29 -34.82 -11.69 -58.88
CA GLN F 29 -33.89 -12.50 -59.65
C GLN F 29 -32.54 -12.68 -58.95
N LEU F 30 -31.98 -11.59 -58.44
CA LEU F 30 -30.71 -11.66 -57.75
C LEU F 30 -30.78 -12.40 -56.41
N SER F 31 -31.87 -12.18 -55.66
CA SER F 31 -32.15 -12.98 -54.45
C SER F 31 -32.17 -14.46 -54.77
N ASP F 32 -32.90 -14.82 -55.81
CA ASP F 32 -33.00 -16.19 -56.27
C ASP F 32 -31.63 -16.77 -56.59
N ILE F 33 -30.87 -16.04 -57.41
CA ILE F 33 -29.54 -16.47 -57.82
C ILE F 33 -28.59 -16.59 -56.63
N LEU F 34 -28.70 -15.65 -55.68
CA LEU F 34 -27.89 -15.69 -54.47
C LEU F 34 -28.17 -16.92 -53.62
N ASP F 35 -29.43 -17.34 -53.57
CA ASP F 35 -29.80 -18.58 -52.89
C ASP F 35 -29.31 -19.75 -53.72
N PHE F 36 -29.41 -19.59 -55.04
CA PHE F 36 -29.03 -20.62 -55.98
C PHE F 36 -27.56 -21.04 -55.83
N ILE F 37 -26.67 -20.07 -55.78
CA ILE F 37 -25.23 -20.33 -55.81
C ILE F 37 -24.63 -20.56 -54.43
N ASP F 38 -25.44 -20.41 -53.39
CA ASP F 38 -24.90 -20.60 -52.05
C ASP F 38 -24.90 -22.04 -51.57
N GLN F 39 -24.04 -22.84 -52.19
CA GLN F 39 -23.80 -24.21 -51.77
C GLN F 39 -22.38 -24.45 -51.27
N LEU F 40 -21.51 -23.45 -51.37
CA LEU F 40 -20.09 -23.69 -51.19
C LEU F 40 -19.61 -23.73 -49.72
N LYS F 41 -20.37 -23.15 -48.79
CA LYS F 41 -20.01 -23.14 -47.37
C LYS F 41 -19.73 -24.55 -46.83
N GLU F 42 -20.47 -25.53 -47.34
CA GLU F 42 -20.36 -26.90 -46.88
C GLU F 42 -18.95 -27.46 -47.06
N LEU F 43 -18.20 -26.90 -48.01
CA LEU F 43 -16.87 -27.42 -48.31
C LEU F 43 -15.80 -26.73 -47.50
N ASP F 44 -14.81 -27.51 -47.09
CA ASP F 44 -13.66 -27.02 -46.35
C ASP F 44 -12.58 -26.59 -47.32
N THR F 45 -12.19 -25.32 -47.23
CA THR F 45 -11.17 -24.77 -48.13
C THR F 45 -10.07 -24.01 -47.41
N GLU F 46 -10.05 -24.12 -46.08
CA GLU F 46 -8.85 -23.80 -45.30
C GLU F 46 -7.85 -24.81 -45.88
N ASN F 47 -6.61 -24.43 -46.14
CA ASN F 47 -5.69 -25.44 -46.72
C ASN F 47 -5.94 -25.83 -48.18
N VAL F 48 -6.76 -25.06 -48.90
CA VAL F 48 -6.83 -25.22 -50.36
C VAL F 48 -6.33 -23.93 -51.03
N GLU F 49 -5.40 -24.08 -51.97
CA GLU F 49 -4.90 -22.91 -52.66
C GLU F 49 -5.85 -22.53 -53.81
N PRO F 50 -6.18 -21.23 -53.93
CA PRO F 50 -7.00 -20.77 -55.05
C PRO F 50 -6.40 -21.20 -56.37
N TYR F 51 -7.26 -21.52 -57.32
CA TYR F 51 -6.87 -22.03 -58.63
C TYR F 51 -6.02 -21.04 -59.45
N ILE F 52 -4.84 -21.47 -59.90
CA ILE F 52 -4.13 -20.72 -60.94
C ILE F 52 -3.74 -21.72 -62.00
N GLN F 53 -3.66 -21.26 -63.25
CA GLN F 53 -3.14 -22.13 -64.30
C GLN F 53 -1.65 -22.38 -64.05
N GLU F 54 -1.17 -23.56 -64.41
CA GLU F 54 0.24 -23.89 -64.25
C GLU F 54 1.13 -23.11 -65.23
N PHE F 55 2.30 -22.71 -64.76
CA PHE F 55 3.28 -22.01 -65.59
C PHE F 55 4.65 -22.14 -64.92
N GLU F 56 5.70 -22.21 -65.73
CA GLU F 56 7.03 -22.36 -65.17
C GLU F 56 7.58 -21.01 -64.73
N GLU F 57 7.60 -20.07 -65.67
CA GLU F 57 8.08 -18.71 -65.42
C GLU F 57 7.03 -17.70 -65.80
N THR F 58 7.07 -16.55 -65.13
CA THR F 58 6.22 -15.42 -65.53
C THR F 58 6.63 -14.94 -66.94
N PRO F 59 5.68 -14.95 -67.89
CA PRO F 59 5.81 -14.33 -69.20
C PRO F 59 6.07 -12.83 -69.16
N MET F 60 7.23 -12.45 -69.68
CA MET F 60 7.58 -11.06 -69.73
C MET F 60 8.01 -10.74 -71.11
N ARG F 61 8.14 -9.46 -71.39
CA ARG F 61 8.37 -8.97 -72.72
C ARG F 61 9.51 -7.97 -72.61
N GLU F 62 10.38 -7.97 -73.62
CA GLU F 62 11.50 -7.03 -73.68
C GLU F 62 11.04 -5.57 -73.79
N ASP F 63 11.83 -4.65 -73.26
CA ASP F 63 11.50 -3.23 -73.33
C ASP F 63 11.85 -2.62 -74.68
N GLU F 64 11.16 -3.07 -75.73
CA GLU F 64 11.37 -2.57 -77.10
C GLU F 64 10.06 -2.07 -77.65
N PRO F 65 10.03 -0.82 -78.14
CA PRO F 65 8.83 -0.25 -78.77
C PRO F 65 8.24 -1.07 -79.94
N HIS F 66 6.91 -1.17 -79.95
CA HIS F 66 6.17 -1.76 -81.06
C HIS F 66 5.40 -0.61 -81.67
N PRO F 67 5.19 -0.66 -83.01
CA PRO F 67 4.41 0.38 -83.70
C PRO F 67 3.03 0.51 -83.08
N SER F 68 2.72 1.72 -82.61
CA SER F 68 1.41 2.06 -82.08
C SER F 68 0.33 2.02 -83.14
N LEU F 69 -0.90 2.09 -82.66
CA LEU F 69 -2.07 2.12 -83.51
C LEU F 69 -2.16 3.51 -84.15
N ASP F 70 -2.55 3.54 -85.42
CA ASP F 70 -2.75 4.77 -86.14
C ASP F 70 -3.83 5.56 -85.41
N ARG F 71 -3.55 6.84 -85.10
CA ARG F 71 -4.46 7.66 -84.31
C ARG F 71 -5.88 7.77 -84.88
N GLU F 72 -6.00 7.71 -86.20
CA GLU F 72 -7.31 7.75 -86.85
C GLU F 72 -8.12 6.49 -86.51
N LYS F 73 -7.45 5.33 -86.52
CA LYS F 73 -8.08 4.07 -86.09
C LYS F 73 -8.35 4.00 -84.61
N ALA F 74 -7.51 4.69 -83.82
CA ALA F 74 -7.66 4.76 -82.36
C ALA F 74 -8.87 5.60 -81.97
N LEU F 75 -9.21 6.57 -82.82
CA LEU F 75 -10.28 7.53 -82.54
C LEU F 75 -11.56 7.24 -83.33
N MET F 76 -11.44 6.57 -84.48
CA MET F 76 -12.60 6.32 -85.36
C MET F 76 -13.91 5.96 -84.67
N ASN F 77 -13.83 5.17 -83.60
CA ASN F 77 -15.04 4.66 -82.93
C ASN F 77 -15.60 5.61 -81.87
N ALA F 78 -14.87 6.68 -81.58
CA ALA F 78 -15.18 7.58 -80.46
C ALA F 78 -16.49 8.34 -80.64
N PRO F 79 -17.41 8.25 -79.65
CA PRO F 79 -18.63 9.07 -79.71
C PRO F 79 -18.38 10.56 -80.06
N GLU F 80 -17.34 11.15 -79.49
CA GLU F 80 -16.98 12.55 -79.74
C GLU F 80 -15.47 12.72 -79.66
N ARG F 81 -14.86 13.28 -80.70
CA ARG F 81 -13.42 13.58 -80.66
C ARG F 81 -13.12 15.04 -81.03
N LYS F 82 -12.01 15.56 -80.51
CA LYS F 82 -11.55 16.93 -80.81
C LYS F 82 -10.02 17.05 -80.76
N ASP F 83 -9.43 17.51 -81.86
CA ASP F 83 -7.99 17.84 -81.91
C ASP F 83 -7.05 16.71 -81.48
N GLY F 84 -7.45 15.46 -81.69
CA GLY F 84 -6.66 14.30 -81.28
C GLY F 84 -7.05 13.71 -79.92
N PHE F 85 -8.06 14.30 -79.28
CA PHE F 85 -8.53 13.93 -77.94
C PHE F 85 -9.90 13.23 -77.96
N PHE F 86 -10.12 12.35 -76.98
CA PHE F 86 -11.45 11.84 -76.73
C PHE F 86 -12.20 12.92 -75.96
N VAL F 87 -13.47 13.09 -76.27
CA VAL F 87 -14.22 14.15 -75.61
C VAL F 87 -15.36 13.58 -74.79
N VAL F 88 -15.47 14.05 -73.56
CA VAL F 88 -16.55 13.66 -72.66
C VAL F 88 -17.05 14.91 -71.98
N PRO F 89 -18.24 14.85 -71.34
CA PRO F 89 -18.64 16.02 -70.57
C PRO F 89 -17.63 16.30 -69.47
N ARG F 90 -17.39 17.58 -69.20
CA ARG F 90 -16.42 18.04 -68.20
C ARG F 90 -16.52 17.28 -66.88
N VAL F 91 -15.37 17.01 -66.28
CA VAL F 91 -15.30 16.46 -64.91
C VAL F 91 -14.72 17.48 -63.90
N VAL F 92 -15.16 17.37 -62.65
CA VAL F 92 -14.79 18.36 -61.64
C VAL F 92 -13.43 18.06 -60.99
N MET G 1 51.77 -22.10 -10.82
CA MET G 1 51.22 -22.82 -9.61
C MET G 1 50.26 -23.95 -10.00
N LEU G 2 50.22 -24.26 -11.30
CA LEU G 2 49.44 -25.39 -11.90
C LEU G 2 47.99 -25.05 -12.25
N TRP G 3 47.19 -24.69 -11.26
CA TRP G 3 45.87 -24.11 -11.53
C TRP G 3 45.99 -22.78 -12.26
N LYS G 4 47.18 -22.20 -12.14
CA LYS G 4 47.51 -20.93 -12.78
C LYS G 4 47.95 -21.15 -14.22
N LYS G 5 48.04 -22.42 -14.65
CA LYS G 5 48.52 -22.76 -15.99
C LYS G 5 47.37 -22.96 -16.99
N SER G 6 47.66 -22.67 -18.25
CA SER G 6 46.72 -22.83 -19.35
C SER G 6 46.65 -24.29 -19.77
N LEU G 7 45.65 -24.62 -20.60
CA LEU G 7 45.48 -25.98 -21.10
C LEU G 7 46.64 -26.41 -22.01
N SER G 8 47.31 -25.44 -22.63
CA SER G 8 48.48 -25.69 -23.47
C SER G 8 49.66 -26.08 -22.59
N GLU G 9 49.87 -25.30 -21.53
CA GLU G 9 50.90 -25.59 -20.55
C GLU G 9 50.61 -26.90 -19.84
N LEU G 10 49.34 -27.13 -19.50
CA LEU G 10 48.94 -28.37 -18.85
C LEU G 10 49.09 -29.60 -19.74
N ARG G 11 48.71 -29.45 -21.01
CA ARG G 11 48.76 -30.56 -21.96
C ARG G 11 50.19 -31.08 -22.15
N GLU G 12 51.12 -30.17 -22.45
CA GLU G 12 52.52 -30.53 -22.63
C GLU G 12 53.06 -31.27 -21.41
N LEU G 13 52.71 -30.78 -20.21
CA LEU G 13 53.14 -31.43 -18.97
C LEU G 13 52.49 -32.81 -18.74
N LEU G 14 51.28 -33.00 -19.25
CA LEU G 14 50.57 -34.27 -19.07
C LEU G 14 51.03 -35.30 -20.09
N LYS G 15 51.28 -34.84 -21.31
CA LYS G 15 51.71 -35.71 -22.42
C LYS G 15 53.08 -36.33 -22.16
N ARG G 16 53.94 -35.59 -21.46
CA ARG G 16 55.27 -36.07 -21.12
C ARG G 16 55.40 -36.49 -19.66
N GLY G 17 54.26 -36.80 -19.05
CA GLY G 17 54.20 -37.41 -17.72
C GLY G 17 54.73 -36.61 -16.56
N GLU G 18 55.23 -35.40 -16.86
CA GLU G 18 55.77 -34.49 -15.84
C GLU G 18 54.72 -34.23 -14.74
N VAL G 19 53.46 -34.37 -15.13
CA VAL G 19 52.31 -34.27 -14.21
C VAL G 19 51.25 -35.35 -14.53
N SER G 20 50.46 -35.71 -13.52
CA SER G 20 49.36 -36.65 -13.66
C SER G 20 48.00 -35.93 -13.62
N PRO G 21 46.97 -36.49 -14.28
CA PRO G 21 45.61 -35.95 -14.20
C PRO G 21 45.14 -35.68 -12.76
N LYS G 22 45.51 -36.57 -11.83
CA LYS G 22 45.13 -36.46 -10.42
C LYS G 22 45.71 -35.20 -9.77
N GLU G 23 46.95 -34.85 -10.13
CA GLU G 23 47.62 -33.65 -9.63
C GLU G 23 46.94 -32.37 -10.10
N VAL G 24 46.62 -32.34 -11.39
CA VAL G 24 45.86 -31.24 -12.02
C VAL G 24 44.56 -31.00 -11.24
N VAL G 25 43.79 -32.05 -11.03
CA VAL G 25 42.55 -31.98 -10.30
C VAL G 25 42.76 -31.50 -8.85
N GLU G 26 43.80 -32.03 -8.20
CA GLU G 26 44.18 -31.61 -6.85
C GLU G 26 44.52 -30.12 -6.78
N SER G 27 45.24 -29.62 -7.78
CA SER G 27 45.58 -28.20 -7.84
C SER G 27 44.34 -27.30 -7.86
N PHE G 28 43.42 -27.57 -8.79
CA PHE G 28 42.19 -26.82 -8.94
C PHE G 28 41.29 -26.97 -7.71
N TYR G 29 41.33 -28.17 -7.12
CA TYR G 29 40.60 -28.48 -5.89
C TYR G 29 41.05 -27.57 -4.73
N ASP G 30 42.37 -27.36 -4.63
CA ASP G 30 42.92 -26.46 -3.62
C ASP G 30 42.41 -25.04 -3.85
N ARG G 31 42.58 -24.54 -5.07
CA ARG G 31 42.09 -23.22 -5.48
C ARG G 31 40.59 -23.07 -5.18
N TYR G 32 39.83 -24.14 -5.42
CA TYR G 32 38.42 -24.22 -5.04
C TYR G 32 38.26 -24.00 -3.55
N ASN G 33 39.00 -24.74 -2.74
CA ASN G 33 39.00 -24.61 -1.28
C ASN G 33 39.40 -23.22 -0.80
N GLN G 34 40.32 -22.59 -1.52
CA GLN G 34 40.69 -21.19 -1.27
C GLN G 34 39.49 -20.24 -1.46
N THR G 35 38.75 -20.44 -2.55
CA THR G 35 37.82 -19.42 -3.07
C THR G 35 36.35 -19.64 -2.77
N GLU G 36 35.92 -20.90 -2.69
CA GLU G 36 34.49 -21.20 -2.74
C GLU G 36 33.64 -20.51 -1.69
N GLU G 37 34.15 -20.40 -0.47
CA GLU G 37 33.45 -19.76 0.64
C GLU G 37 33.02 -18.34 0.28
N LYS G 38 33.87 -17.66 -0.47
CA LYS G 38 33.65 -16.29 -0.92
C LYS G 38 32.76 -16.27 -2.17
N VAL G 39 33.15 -17.04 -3.19
CA VAL G 39 32.52 -17.03 -4.51
C VAL G 39 31.18 -17.79 -4.60
N LYS G 40 31.17 -19.04 -4.15
CA LYS G 40 30.01 -19.93 -4.25
C LYS G 40 29.63 -20.26 -5.71
N ALA G 41 30.60 -20.74 -6.48
CA ALA G 41 30.36 -21.05 -7.87
C ALA G 41 29.50 -22.33 -8.04
N TYR G 42 29.62 -23.28 -7.11
CA TYR G 42 29.06 -24.63 -7.28
C TYR G 42 27.81 -24.95 -6.49
N ILE G 43 26.94 -25.72 -7.12
CA ILE G 43 25.88 -26.40 -6.40
C ILE G 43 26.43 -27.76 -5.93
N THR G 44 27.05 -28.50 -6.85
CA THR G 44 27.54 -29.83 -6.54
C THR G 44 28.98 -29.89 -6.97
N PRO G 45 29.92 -29.77 -6.01
CA PRO G 45 31.34 -29.95 -6.33
C PRO G 45 31.59 -31.43 -6.56
N LEU G 46 32.37 -31.76 -7.58
CA LEU G 46 32.63 -33.15 -7.91
C LEU G 46 34.12 -33.46 -7.99
N TYR G 47 34.95 -32.63 -7.35
CA TYR G 47 36.41 -32.79 -7.36
C TYR G 47 36.81 -34.12 -6.74
N GLY G 48 36.10 -34.52 -5.68
CA GLY G 48 36.29 -35.83 -5.04
C GLY G 48 36.13 -36.96 -6.03
N LYS G 49 35.04 -36.92 -6.80
CA LYS G 49 34.77 -37.94 -7.80
C LYS G 49 35.75 -37.87 -8.97
N ALA G 50 36.13 -36.66 -9.36
CA ALA G 50 37.06 -36.47 -10.48
C ALA G 50 38.43 -37.01 -10.12
N LEU G 51 38.83 -36.83 -8.86
CA LEU G 51 40.05 -37.42 -8.33
C LEU G 51 40.14 -38.92 -8.58
N LYS G 52 39.06 -39.63 -8.30
CA LYS G 52 39.01 -41.07 -8.52
C LYS G 52 38.96 -41.45 -9.99
N GLN G 53 38.23 -40.68 -10.81
CA GLN G 53 38.15 -40.94 -12.26
C GLN G 53 39.51 -40.69 -12.93
N ALA G 54 40.29 -39.81 -12.34
CA ALA G 54 41.61 -39.46 -12.83
C ALA G 54 42.61 -40.61 -12.76
N GLU G 55 42.48 -41.43 -11.72
CA GLU G 55 43.36 -42.58 -11.53
C GLU G 55 43.35 -43.54 -12.71
N SER G 56 42.18 -43.76 -13.31
CA SER G 56 42.06 -44.71 -14.42
C SER G 56 42.21 -44.05 -15.80
N LEU G 57 42.45 -42.75 -15.80
CA LEU G 57 42.67 -42.00 -17.02
C LEU G 57 44.10 -42.21 -17.48
N LYS G 58 44.30 -42.82 -18.65
CA LYS G 58 45.65 -43.21 -19.07
C LYS G 58 46.11 -42.75 -20.46
N GLU G 59 45.21 -42.84 -21.44
CA GLU G 59 45.51 -42.45 -22.81
C GLU G 59 45.79 -40.95 -22.94
N ARG G 60 47.07 -40.58 -23.08
CA ARG G 60 47.50 -39.18 -23.03
C ARG G 60 47.17 -38.36 -24.28
N GLU G 61 46.99 -39.04 -25.41
CA GLU G 61 46.80 -38.35 -26.68
C GLU G 61 45.38 -37.80 -26.88
N LEU G 62 44.49 -38.13 -25.96
CA LEU G 62 43.12 -37.60 -25.92
C LEU G 62 43.14 -36.06 -25.85
N PRO G 63 42.31 -35.39 -26.68
CA PRO G 63 42.37 -33.93 -26.87
C PRO G 63 42.26 -33.11 -25.58
N LEU G 64 41.47 -33.59 -24.62
CA LEU G 64 41.34 -32.90 -23.33
C LEU G 64 41.82 -33.77 -22.17
N PHE G 65 42.81 -34.61 -22.43
CA PHE G 65 43.30 -35.62 -21.51
C PHE G 65 43.10 -35.35 -20.01
N GLY G 66 43.80 -34.40 -19.42
CA GLY G 66 43.70 -34.30 -17.97
C GLY G 66 42.90 -33.14 -17.46
N ILE G 67 42.09 -32.55 -18.34
CA ILE G 67 41.54 -31.23 -18.10
C ILE G 67 40.28 -31.27 -17.24
N PRO G 68 40.31 -30.59 -16.07
CA PRO G 68 39.07 -30.33 -15.31
C PRO G 68 38.16 -29.35 -16.05
N ILE G 69 36.85 -29.54 -15.90
CA ILE G 69 35.85 -28.68 -16.53
C ILE G 69 34.59 -28.59 -15.67
N ALA G 70 34.20 -27.35 -15.33
CA ALA G 70 32.95 -27.08 -14.63
C ALA G 70 31.82 -27.14 -15.64
N VAL G 71 30.63 -27.44 -15.15
CA VAL G 71 29.46 -27.65 -16.00
C VAL G 71 28.25 -27.02 -15.33
N LYS G 72 27.51 -26.20 -16.08
CA LYS G 72 26.30 -25.59 -15.58
C LYS G 72 25.27 -26.65 -15.12
N ASP G 73 24.59 -26.38 -14.01
CA ASP G 73 23.66 -27.39 -13.48
C ASP G 73 22.28 -27.46 -14.18
N ASN G 74 22.23 -27.02 -15.43
CA ASN G 74 21.14 -27.40 -16.33
C ASN G 74 21.61 -28.32 -17.47
N ILE G 75 22.87 -28.76 -17.40
CA ILE G 75 23.39 -29.78 -18.33
C ILE G 75 23.51 -31.09 -17.54
N LEU G 76 22.82 -32.14 -18.01
CA LEU G 76 22.78 -33.40 -17.29
C LEU G 76 24.09 -34.16 -17.32
N VAL G 77 24.52 -34.55 -16.12
CA VAL G 77 25.69 -35.39 -15.90
C VAL G 77 25.18 -36.60 -15.16
N GLU G 78 25.30 -37.75 -15.80
CA GLU G 78 24.70 -38.98 -15.29
C GLU G 78 25.18 -39.42 -13.92
N GLY G 79 24.22 -39.75 -13.07
CA GLY G 79 24.54 -40.28 -11.77
C GLY G 79 24.65 -39.20 -10.73
N GLU G 80 24.75 -37.94 -11.15
CA GLU G 80 24.81 -36.82 -10.21
C GLU G 80 23.60 -35.95 -10.39
N LYS G 81 23.25 -35.20 -9.34
CA LYS G 81 22.12 -34.29 -9.33
C LYS G 81 22.20 -33.21 -10.41
N THR G 82 21.08 -33.00 -11.10
CA THR G 82 20.91 -31.85 -11.97
C THR G 82 19.71 -31.08 -11.48
N THR G 83 19.96 -29.95 -10.80
CA THR G 83 18.93 -29.23 -10.07
C THR G 83 18.30 -28.05 -10.82
N CYS G 84 19.01 -27.57 -11.86
CA CYS G 84 18.70 -26.29 -12.51
C CYS G 84 18.51 -25.19 -11.52
N ALA G 85 19.17 -25.33 -10.37
CA ALA G 85 19.08 -24.38 -9.27
C ALA G 85 17.64 -24.18 -8.83
N SER G 86 16.85 -25.27 -8.89
CA SER G 86 15.44 -25.23 -8.53
C SER G 86 15.11 -26.21 -7.41
N LYS G 87 14.20 -25.80 -6.52
CA LYS G 87 13.59 -26.70 -5.52
C LYS G 87 12.84 -27.85 -6.18
N ILE G 88 12.31 -27.60 -7.38
CA ILE G 88 11.52 -28.60 -8.09
C ILE G 88 12.39 -29.77 -8.58
N LEU G 89 13.70 -29.55 -8.67
CA LEU G 89 14.65 -30.56 -9.14
C LEU G 89 15.85 -30.80 -8.22
N GLU G 90 15.80 -30.34 -6.97
CA GLU G 90 16.86 -30.75 -6.08
C GLU G 90 16.55 -32.19 -5.77
N ASN G 91 17.59 -33.03 -5.74
CA ASN G 91 17.36 -34.47 -5.54
C ASN G 91 17.02 -35.22 -6.81
N PHE G 92 16.88 -34.50 -7.91
CA PHE G 92 16.79 -35.18 -9.20
C PHE G 92 18.19 -35.67 -9.62
N VAL G 93 18.37 -36.99 -9.69
CA VAL G 93 19.59 -37.59 -10.19
C VAL G 93 19.47 -37.86 -11.68
N ALA G 94 20.42 -37.34 -12.44
CA ALA G 94 20.38 -37.43 -13.88
C ALA G 94 20.55 -38.88 -14.31
N PRO G 95 19.57 -39.40 -15.06
CA PRO G 95 19.60 -40.78 -15.57
C PRO G 95 20.41 -40.98 -16.85
N TYR G 96 20.97 -39.90 -17.40
CA TYR G 96 21.69 -39.97 -18.66
C TYR G 96 22.61 -38.78 -18.78
N ASP G 97 23.59 -38.87 -19.68
CA ASP G 97 24.53 -37.80 -19.95
C ASP G 97 24.04 -36.95 -21.12
N ALA G 98 24.08 -35.63 -20.97
CA ALA G 98 23.91 -34.73 -22.09
C ALA G 98 24.95 -35.08 -23.14
N THR G 99 24.65 -34.87 -24.42
CA THR G 99 25.55 -35.24 -25.50
C THR G 99 26.94 -34.59 -25.35
N VAL G 100 26.98 -33.32 -24.93
CA VAL G 100 28.26 -32.64 -24.75
C VAL G 100 29.10 -33.27 -23.65
N ILE G 101 28.46 -33.74 -22.61
CA ILE G 101 29.15 -34.37 -21.49
C ILE G 101 29.74 -35.73 -21.96
N GLU G 102 28.99 -36.43 -22.79
CA GLU G 102 29.46 -37.66 -23.40
C GLU G 102 30.71 -37.38 -24.24
N ARG G 103 30.69 -36.28 -24.97
CA ARG G 103 31.81 -35.88 -25.85
C ARG G 103 33.04 -35.40 -25.09
N LEU G 104 32.83 -34.68 -24.00
CA LEU G 104 33.95 -34.28 -23.16
C LEU G 104 34.59 -35.48 -22.47
N LYS G 105 33.76 -36.37 -21.91
CA LYS G 105 34.24 -37.58 -21.25
C LYS G 105 35.06 -38.41 -22.21
N LYS G 106 34.57 -38.54 -23.43
CA LYS G 106 35.25 -39.30 -24.46
C LYS G 106 36.60 -38.65 -24.82
N ALA G 107 36.71 -37.35 -24.57
CA ALA G 107 37.91 -36.60 -24.94
C ALA G 107 38.91 -36.49 -23.79
N GLY G 108 38.62 -37.21 -22.72
CA GLY G 108 39.48 -37.23 -21.55
C GLY G 108 39.21 -36.19 -20.48
N ALA G 109 38.26 -35.28 -20.69
CA ALA G 109 38.01 -34.24 -19.69
C ALA G 109 37.50 -34.81 -18.36
N LEU G 110 37.66 -34.04 -17.29
CA LEU G 110 37.18 -34.46 -15.99
C LEU G 110 36.17 -33.49 -15.37
N ILE G 111 34.92 -33.92 -15.29
CA ILE G 111 33.85 -33.06 -14.77
C ILE G 111 34.08 -32.78 -13.28
N VAL G 112 34.36 -31.52 -12.93
CA VAL G 112 34.71 -31.22 -11.55
C VAL G 112 33.60 -30.60 -10.72
N GLY G 113 32.47 -30.30 -11.34
CA GLY G 113 31.33 -29.88 -10.55
C GLY G 113 30.18 -29.27 -11.31
N LYS G 114 29.08 -29.14 -10.61
CA LYS G 114 27.89 -28.57 -11.19
C LYS G 114 27.73 -27.19 -10.63
N THR G 115 27.64 -26.24 -11.53
CA THR G 115 27.85 -24.86 -11.23
C THR G 115 26.51 -24.12 -11.04
N ASN G 116 26.50 -23.07 -10.22
CA ASN G 116 25.27 -22.37 -9.81
C ASN G 116 24.72 -21.55 -10.99
N LEU G 117 23.40 -21.29 -10.96
CA LEU G 117 22.68 -20.55 -11.99
C LEU G 117 21.43 -19.88 -11.44
N ASP G 118 20.87 -18.92 -12.17
CA ASP G 118 19.49 -18.51 -11.92
C ASP G 118 18.63 -19.74 -12.18
N GLU G 119 17.56 -19.87 -11.40
CA GLU G 119 16.73 -21.07 -11.48
C GLU G 119 16.12 -21.20 -12.88
N PHE G 120 16.35 -22.37 -13.45
CA PHE G 120 15.98 -22.74 -14.81
C PHE G 120 16.56 -21.81 -15.85
N ALA G 121 17.66 -21.16 -15.49
CA ALA G 121 18.45 -20.30 -16.40
C ALA G 121 17.76 -18.98 -16.78
N MET G 122 16.83 -18.57 -15.94
CA MET G 122 16.06 -17.35 -16.15
C MET G 122 16.52 -16.27 -15.23
N GLY G 123 17.27 -15.32 -15.78
CA GLY G 123 17.76 -14.19 -15.00
C GLY G 123 19.13 -13.75 -15.49
N SER G 124 19.60 -12.61 -14.98
CA SER G 124 20.83 -12.03 -15.50
C SER G 124 21.91 -11.75 -14.43
N SER G 125 21.82 -12.45 -13.30
CA SER G 125 22.71 -12.17 -12.16
C SER G 125 22.99 -13.35 -11.22
N THR G 126 22.25 -14.45 -11.40
CA THR G 126 22.33 -15.62 -10.52
C THR G 126 21.61 -15.49 -9.16
N GLU G 127 21.17 -14.29 -8.83
CA GLU G 127 20.41 -14.10 -7.61
C GLU G 127 19.18 -15.01 -7.54
N TYR G 128 18.66 -15.45 -8.68
CA TYR G 128 17.45 -16.29 -8.72
C TYR G 128 17.69 -17.77 -8.54
N SER G 129 18.95 -18.15 -8.27
CA SER G 129 19.27 -19.48 -7.82
C SER G 129 18.42 -19.74 -6.59
N ALA G 130 17.72 -20.88 -6.57
CA ALA G 130 16.85 -21.21 -5.44
C ALA G 130 17.62 -21.55 -4.18
N PHE G 131 18.94 -21.68 -4.32
CA PHE G 131 19.77 -22.12 -3.22
C PHE G 131 20.63 -21.03 -2.54
N PHE G 132 21.32 -20.23 -3.35
CA PHE G 132 22.22 -19.19 -2.87
C PHE G 132 22.77 -18.39 -4.05
N PRO G 133 23.09 -17.10 -3.81
CA PRO G 133 23.73 -16.27 -4.84
C PRO G 133 25.21 -16.65 -5.01
N THR G 134 25.68 -16.69 -6.26
CA THR G 134 27.11 -16.69 -6.57
C THR G 134 27.54 -15.22 -6.59
N LYS G 135 28.77 -14.97 -6.15
CA LYS G 135 29.31 -13.61 -6.02
C LYS G 135 30.47 -13.34 -7.01
N ASN G 136 30.54 -12.11 -7.50
CA ASN G 136 31.59 -11.70 -8.42
C ASN G 136 32.96 -11.67 -7.72
N PRO G 137 33.91 -12.53 -8.18
CA PRO G 137 35.27 -12.60 -7.61
C PRO G 137 36.08 -11.30 -7.68
N TRP G 138 35.63 -10.33 -8.47
CA TRP G 138 36.29 -9.04 -8.54
C TRP G 138 35.74 -8.04 -7.54
N ASP G 139 34.56 -8.33 -7.01
CA ASP G 139 33.95 -7.50 -5.96
C ASP G 139 32.78 -8.31 -5.44
N LEU G 140 32.97 -8.95 -4.30
CA LEU G 140 31.96 -9.82 -3.75
C LEU G 140 30.66 -9.09 -3.35
N GLU G 141 30.64 -7.76 -3.46
CA GLU G 141 29.38 -7.00 -3.31
C GLU G 141 28.60 -6.98 -4.62
N ARG G 142 29.22 -7.51 -5.68
CA ARG G 142 28.64 -7.45 -7.00
C ARG G 142 28.27 -8.81 -7.57
N VAL G 143 27.39 -8.78 -8.56
CA VAL G 143 26.89 -10.01 -9.19
C VAL G 143 27.84 -10.51 -10.27
N PRO G 144 27.89 -11.83 -10.49
CA PRO G 144 28.77 -12.34 -11.54
C PRO G 144 28.07 -12.37 -12.88
N GLY G 145 26.80 -11.97 -12.89
CA GLY G 145 25.95 -12.07 -14.07
C GLY G 145 25.11 -13.33 -14.04
N GLY G 146 24.29 -13.50 -15.08
CA GLY G 146 23.52 -14.71 -15.23
C GLY G 146 22.98 -14.95 -16.62
N SER G 147 22.48 -16.16 -16.85
CA SER G 147 22.27 -17.14 -15.78
C SER G 147 23.47 -18.04 -15.46
N SER G 148 24.46 -18.15 -16.34
CA SER G 148 25.67 -18.95 -16.07
C SER G 148 26.67 -18.29 -15.09
N GLY G 149 26.17 -17.78 -13.96
CA GLY G 149 27.01 -17.13 -12.97
C GLY G 149 28.19 -17.94 -12.41
N GLY G 150 27.91 -19.16 -11.96
CA GLY G 150 28.89 -20.03 -11.37
C GLY G 150 29.96 -20.51 -12.36
N SER G 151 29.58 -20.68 -13.62
CA SER G 151 30.49 -21.17 -14.64
C SER G 151 31.47 -20.10 -15.05
N ALA G 152 31.01 -18.85 -15.03
CA ALA G 152 31.86 -17.72 -15.31
C ALA G 152 32.81 -17.48 -14.14
N ALA G 153 32.25 -17.46 -12.93
CA ALA G 153 32.99 -17.18 -11.71
C ALA G 153 34.11 -18.16 -11.45
N SER G 154 33.82 -19.45 -11.56
CA SER G 154 34.85 -20.46 -11.30
C SER G 154 35.98 -20.37 -12.31
N VAL G 155 35.68 -19.97 -13.54
CA VAL G 155 36.71 -19.77 -14.56
C VAL G 155 37.51 -18.49 -14.24
N ALA G 156 36.84 -17.51 -13.66
CA ALA G 156 37.48 -16.26 -13.27
C ALA G 156 38.50 -16.46 -12.14
N VAL G 157 38.12 -17.14 -11.06
CA VAL G 157 39.04 -17.46 -9.96
C VAL G 157 39.96 -18.62 -10.27
N LEU G 158 39.69 -19.31 -11.37
CA LEU G 158 40.48 -20.45 -11.81
C LEU G 158 40.36 -21.65 -10.86
N SER G 159 39.21 -21.79 -10.23
CA SER G 159 38.86 -23.06 -9.58
C SER G 159 38.50 -24.13 -10.64
N ALA G 160 38.41 -23.69 -11.90
CA ALA G 160 38.47 -24.57 -13.07
C ALA G 160 38.93 -23.71 -14.22
N PRO G 161 39.69 -24.31 -15.15
CA PRO G 161 40.29 -23.51 -16.21
C PRO G 161 39.30 -23.18 -17.29
N VAL G 162 38.31 -24.04 -17.46
CA VAL G 162 37.44 -23.96 -18.61
C VAL G 162 36.08 -24.47 -18.13
N SER G 163 35.01 -24.12 -18.82
CA SER G 163 33.67 -24.26 -18.25
C SER G 163 32.61 -24.31 -19.35
N LEU G 164 31.52 -25.03 -19.09
CA LEU G 164 30.35 -25.06 -19.96
C LEU G 164 29.24 -24.21 -19.33
N GLY G 165 28.59 -23.37 -20.12
CA GLY G 165 27.37 -22.70 -19.70
C GLY G 165 26.32 -22.90 -20.80
N SER G 166 25.19 -22.19 -20.69
CA SER G 166 24.27 -22.08 -21.81
C SER G 166 23.84 -20.62 -22.02
N ASP G 167 23.31 -20.28 -23.18
CA ASP G 167 23.01 -18.90 -23.53
C ASP G 167 21.68 -18.84 -24.29
N THR G 168 20.63 -18.33 -23.63
CA THR G 168 19.30 -18.19 -24.26
C THR G 168 19.08 -16.76 -24.78
N GLY G 169 19.63 -15.78 -24.06
CA GLY G 169 19.59 -14.41 -24.49
C GLY G 169 20.74 -13.63 -23.92
N GLY G 170 21.89 -14.29 -23.78
CA GLY G 170 23.09 -13.67 -23.26
C GLY G 170 23.68 -14.34 -22.06
N SER G 171 23.23 -15.57 -21.76
CA SER G 171 23.60 -16.24 -20.49
C SER G 171 25.03 -16.76 -20.33
N ILE G 172 25.79 -16.69 -21.42
CA ILE G 172 27.22 -16.95 -21.38
C ILE G 172 27.96 -15.63 -21.46
N ARG G 173 27.56 -14.79 -22.41
CA ARG G 173 28.29 -13.60 -22.72
C ARG G 173 28.26 -12.59 -21.59
N GLN G 174 27.09 -12.33 -21.02
CA GLN G 174 26.99 -11.34 -19.97
C GLN G 174 27.79 -11.75 -18.71
N PRO G 175 27.70 -13.04 -18.27
CA PRO G 175 28.61 -13.45 -17.21
C PRO G 175 30.10 -13.42 -17.57
N ALA G 176 30.45 -13.75 -18.83
CA ALA G 176 31.84 -13.59 -19.28
C ALA G 176 32.25 -12.13 -19.12
N SER G 177 31.36 -11.20 -19.47
CA SER G 177 31.71 -9.79 -19.40
C SER G 177 31.97 -9.37 -17.95
N PHE G 178 30.99 -9.63 -17.07
CA PHE G 178 31.05 -9.33 -15.64
C PHE G 178 32.22 -9.99 -14.88
N CYS G 179 32.55 -11.20 -15.29
CA CYS G 179 33.55 -12.00 -14.57
C CYS G 179 34.93 -11.85 -15.20
N GLY G 180 34.99 -11.11 -16.31
CA GLY G 180 36.27 -10.80 -16.94
C GLY G 180 36.91 -12.01 -17.57
N VAL G 181 36.11 -12.81 -18.27
CA VAL G 181 36.63 -13.95 -19.02
C VAL G 181 36.05 -13.99 -20.42
N ILE G 182 36.63 -14.83 -21.28
CA ILE G 182 36.05 -15.13 -22.58
C ILE G 182 34.87 -16.09 -22.45
N GLY G 183 33.83 -15.84 -23.23
CA GLY G 183 32.68 -16.72 -23.26
C GLY G 183 32.01 -16.67 -24.59
N ILE G 184 31.72 -17.83 -25.15
CA ILE G 184 31.16 -17.87 -26.50
C ILE G 184 29.84 -18.61 -26.48
N LYS G 185 28.89 -18.13 -27.26
CA LYS G 185 27.73 -18.90 -27.67
C LYS G 185 27.87 -19.11 -29.18
N PRO G 186 28.03 -20.36 -29.63
CA PRO G 186 28.10 -20.69 -31.04
C PRO G 186 26.80 -20.48 -31.82
N THR G 187 26.85 -20.74 -33.12
CA THR G 187 25.69 -20.66 -33.99
C THR G 187 24.61 -21.59 -33.46
N TYR G 188 23.36 -21.13 -33.52
CA TYR G 188 22.28 -22.00 -33.10
C TYR G 188 22.29 -23.22 -34.02
N GLY G 189 22.45 -24.40 -33.44
CA GLY G 189 22.59 -25.63 -34.23
C GLY G 189 23.96 -26.26 -34.12
N ARG G 190 24.95 -25.48 -33.69
CA ARG G 190 26.30 -26.03 -33.64
C ARG G 190 26.58 -27.07 -32.54
N VAL G 191 25.89 -26.91 -31.42
CA VAL G 191 26.08 -27.77 -30.26
C VAL G 191 24.71 -28.34 -29.88
N SER G 192 24.68 -29.63 -29.56
CA SER G 192 23.45 -30.37 -29.31
C SER G 192 22.79 -29.85 -28.04
N ARG G 193 21.47 -29.85 -28.03
CA ARG G 193 20.73 -29.44 -26.84
C ARG G 193 20.14 -30.64 -26.15
N TYR G 194 20.63 -31.83 -26.49
CA TYR G 194 20.23 -33.07 -25.84
C TYR G 194 20.90 -33.17 -24.48
N GLY G 195 20.08 -33.18 -23.44
CA GLY G 195 20.56 -33.19 -22.06
C GLY G 195 20.75 -31.79 -21.52
N LEU G 196 20.33 -30.79 -22.28
CA LEU G 196 20.34 -29.43 -21.81
C LEU G 196 18.90 -29.16 -21.38
N VAL G 197 18.68 -28.89 -20.09
CA VAL G 197 17.31 -28.64 -19.61
C VAL G 197 16.77 -27.41 -20.34
N ALA G 198 15.74 -27.63 -21.15
CA ALA G 198 15.25 -26.63 -22.09
C ALA G 198 14.50 -25.50 -21.37
N PHE G 199 14.89 -24.26 -21.69
CA PHE G 199 14.18 -23.03 -21.31
C PHE G 199 13.46 -22.55 -22.57
N ALA G 200 14.20 -22.03 -23.56
CA ALA G 200 13.60 -21.63 -24.83
C ALA G 200 14.31 -22.38 -25.94
N SER G 201 13.65 -23.44 -26.41
CA SER G 201 14.22 -24.38 -27.37
C SER G 201 14.76 -23.72 -28.66
N SER G 202 14.10 -22.64 -29.08
CA SER G 202 14.43 -21.95 -30.32
C SER G 202 15.58 -20.95 -30.16
N LEU G 203 16.04 -20.77 -28.91
CA LEU G 203 17.06 -19.79 -28.53
C LEU G 203 18.27 -20.36 -27.74
N ASP G 204 18.09 -21.49 -27.04
CA ASP G 204 19.13 -22.12 -26.22
C ASP G 204 20.36 -22.54 -27.04
N GLN G 205 21.56 -22.29 -26.52
CA GLN G 205 22.76 -23.05 -26.92
C GLN G 205 23.74 -23.19 -25.77
N ILE G 206 24.29 -24.39 -25.67
CA ILE G 206 25.45 -24.60 -24.82
C ILE G 206 26.61 -23.85 -25.43
N GLY G 207 27.47 -23.32 -24.56
CA GLY G 207 28.66 -22.58 -24.96
C GLY G 207 29.78 -22.75 -23.95
N VAL G 208 30.88 -22.03 -24.15
CA VAL G 208 32.12 -22.24 -23.38
C VAL G 208 32.66 -20.96 -22.76
N PHE G 209 33.15 -21.09 -21.53
CA PHE G 209 33.95 -20.06 -20.87
C PHE G 209 35.39 -20.52 -20.76
N GLY G 210 36.31 -19.58 -20.93
CA GLY G 210 37.74 -19.81 -20.71
C GLY G 210 38.47 -18.48 -20.56
N ARG G 211 39.80 -18.56 -20.38
CA ARG G 211 40.63 -17.35 -20.21
C ARG G 211 41.53 -17.11 -21.40
N ARG G 212 41.81 -18.18 -22.15
CA ARG G 212 42.58 -18.05 -23.36
C ARG G 212 41.77 -18.58 -24.52
N THR G 213 41.90 -17.92 -25.67
CA THR G 213 41.06 -18.24 -26.81
C THR G 213 41.26 -19.67 -27.29
N GLU G 214 42.46 -20.20 -27.09
CA GLU G 214 42.77 -21.57 -27.49
C GLU G 214 42.02 -22.59 -26.63
N ASP G 215 41.91 -22.29 -25.34
CA ASP G 215 41.12 -23.06 -24.39
C ASP G 215 39.69 -23.19 -24.90
N VAL G 216 39.09 -22.05 -25.17
CA VAL G 216 37.72 -21.93 -25.61
C VAL G 216 37.50 -22.61 -26.97
N ALA G 217 38.42 -22.41 -27.90
CA ALA G 217 38.29 -22.98 -29.24
C ALA G 217 38.37 -24.51 -29.21
N LEU G 218 39.16 -25.06 -28.30
CA LEU G 218 39.31 -26.51 -28.20
C LEU G 218 38.09 -27.15 -27.58
N VAL G 219 37.60 -26.60 -26.47
CA VAL G 219 36.41 -27.18 -25.79
C VAL G 219 35.20 -27.14 -26.72
N LEU G 220 35.04 -26.03 -27.44
CA LEU G 220 33.97 -25.88 -28.42
C LEU G 220 34.08 -26.91 -29.53
N GLU G 221 35.26 -27.08 -30.10
CA GLU G 221 35.48 -28.07 -31.14
C GLU G 221 35.03 -29.47 -30.69
N VAL G 222 35.44 -29.84 -29.48
CA VAL G 222 35.12 -31.15 -28.92
C VAL G 222 33.61 -31.36 -28.75
N ILE G 223 32.88 -30.37 -28.23
CA ILE G 223 31.45 -30.53 -27.93
C ILE G 223 30.50 -30.28 -29.11
N SER G 224 31.02 -29.65 -30.16
CA SER G 224 30.19 -29.27 -31.30
C SER G 224 30.01 -30.41 -32.27
N GLY G 225 29.08 -30.22 -33.23
CA GLY G 225 28.82 -31.19 -34.27
C GLY G 225 27.49 -31.90 -34.15
N TRP G 226 27.06 -32.46 -35.27
CA TRP G 226 25.77 -33.11 -35.41
C TRP G 226 25.50 -34.14 -34.35
N ASP G 227 24.28 -34.11 -33.82
CA ASP G 227 23.80 -35.12 -32.90
C ASP G 227 22.46 -35.65 -33.41
N GLU G 228 22.37 -36.98 -33.52
CA GLU G 228 21.16 -37.66 -34.00
C GLU G 228 20.02 -37.57 -32.98
N LYS G 229 20.38 -37.29 -31.72
CA LYS G 229 19.42 -37.14 -30.64
C LYS G 229 18.80 -35.74 -30.61
N ASP G 230 19.23 -34.87 -31.51
CA ASP G 230 18.75 -33.46 -31.56
C ASP G 230 18.36 -33.05 -32.97
N SER G 231 17.05 -32.80 -33.18
CA SER G 231 16.52 -32.48 -34.51
C SER G 231 17.00 -31.16 -35.05
N THR G 232 17.52 -30.33 -34.17
CA THR G 232 17.80 -28.94 -34.51
C THR G 232 19.30 -28.74 -34.68
N SER G 233 20.06 -29.77 -34.31
CA SER G 233 21.53 -29.77 -34.51
C SER G 233 21.85 -29.91 -35.98
N ALA G 234 22.74 -29.05 -36.49
CA ALA G 234 23.01 -29.00 -37.93
C ALA G 234 24.00 -30.07 -38.37
N LYS G 235 23.78 -30.61 -39.58
CA LYS G 235 24.70 -31.56 -40.18
C LYS G 235 25.73 -30.77 -40.95
N VAL G 236 26.56 -30.05 -40.20
CA VAL G 236 27.61 -29.18 -40.74
C VAL G 236 28.90 -29.65 -40.06
N PRO G 237 29.98 -29.89 -40.85
CA PRO G 237 31.25 -30.30 -40.26
C PRO G 237 31.84 -29.25 -39.30
N VAL G 238 32.45 -29.71 -38.22
CA VAL G 238 33.02 -28.81 -37.23
C VAL G 238 34.42 -28.38 -37.69
N PRO G 239 34.65 -27.07 -37.84
CA PRO G 239 35.96 -26.53 -38.21
C PRO G 239 37.05 -26.90 -37.20
N GLU G 240 38.28 -27.08 -37.67
CA GLU G 240 39.41 -27.39 -36.81
C GLU G 240 39.84 -26.11 -36.08
N TRP G 241 39.03 -25.67 -35.13
CA TRP G 241 39.19 -24.35 -34.52
C TRP G 241 40.49 -24.16 -33.77
N SER G 242 41.01 -25.23 -33.18
CA SER G 242 42.29 -25.16 -32.46
C SER G 242 43.47 -24.83 -33.40
N GLU G 243 43.37 -25.26 -34.65
CA GLU G 243 44.36 -24.93 -35.66
C GLU G 243 44.03 -23.63 -36.41
N GLU G 244 42.87 -23.06 -36.11
CA GLU G 244 42.37 -21.93 -36.90
C GLU G 244 42.46 -20.58 -36.18
N VAL G 245 42.38 -20.59 -34.85
CA VAL G 245 42.43 -19.36 -34.04
C VAL G 245 43.67 -18.54 -34.26
N LYS G 246 44.80 -19.24 -34.39
CA LYS G 246 46.11 -18.62 -34.46
C LYS G 246 46.38 -17.93 -35.79
N LYS G 247 45.65 -18.32 -36.84
CA LYS G 247 45.78 -17.70 -38.16
C LYS G 247 45.23 -16.27 -38.17
N GLU G 248 45.58 -15.51 -39.21
CA GLU G 248 45.18 -14.13 -39.32
C GLU G 248 44.65 -13.83 -40.73
N VAL G 249 43.41 -13.35 -40.80
CA VAL G 249 42.79 -13.02 -42.07
C VAL G 249 42.86 -11.50 -42.30
N LYS G 250 43.35 -11.11 -43.46
CA LYS G 250 43.56 -9.71 -43.74
C LYS G 250 42.32 -8.98 -44.23
N GLY G 251 42.26 -7.71 -43.85
CA GLY G 251 41.22 -6.79 -44.31
C GLY G 251 39.82 -7.12 -43.83
N LEU G 252 39.70 -7.53 -42.57
CA LEU G 252 38.39 -7.80 -41.99
C LEU G 252 37.68 -6.49 -41.68
N LYS G 253 36.36 -6.55 -41.51
CA LYS G 253 35.53 -5.35 -41.33
C LYS G 253 34.61 -5.46 -40.10
N ILE G 254 34.44 -4.34 -39.39
CA ILE G 254 33.66 -4.33 -38.16
C ILE G 254 32.55 -3.30 -38.27
N GLY G 255 31.33 -3.74 -37.98
CA GLY G 255 30.18 -2.88 -38.04
C GLY G 255 29.80 -2.38 -36.67
N LEU G 256 29.53 -1.09 -36.61
CA LEU G 256 29.03 -0.51 -35.38
C LEU G 256 27.61 -0.03 -35.63
N PRO G 257 26.64 -0.76 -35.09
CA PRO G 257 25.25 -0.42 -35.39
C PRO G 257 24.86 0.96 -34.90
N LYS G 258 24.39 1.81 -35.83
CA LYS G 258 23.92 3.19 -35.53
C LYS G 258 22.85 3.24 -34.46
N GLU G 259 21.99 2.21 -34.42
CA GLU G 259 20.88 2.16 -33.50
C GLU G 259 21.38 1.92 -32.07
N PHE G 260 22.59 1.38 -31.95
CA PHE G 260 23.17 1.16 -30.61
C PHE G 260 23.70 2.45 -29.94
N PHE G 261 23.89 3.51 -30.74
CA PHE G 261 24.34 4.80 -30.19
C PHE G 261 23.26 5.38 -29.29
N GLU G 262 22.01 5.04 -29.57
CA GLU G 262 20.86 5.53 -28.77
C GLU G 262 20.66 4.80 -27.44
N TYR G 263 21.47 3.78 -27.20
CA TYR G 263 21.35 2.94 -26.00
C TYR G 263 22.11 3.60 -24.88
N GLU G 264 21.46 3.72 -23.72
CA GLU G 264 22.13 4.28 -22.54
C GLU G 264 23.25 3.36 -22.06
N LEU G 265 24.49 3.85 -22.18
CA LEU G 265 25.68 3.16 -21.68
C LEU G 265 26.29 3.92 -20.51
N GLN G 266 26.79 3.18 -19.53
CA GLN G 266 27.66 3.79 -18.52
C GLN G 266 28.91 4.31 -19.20
N PRO G 267 29.35 5.53 -18.83
CA PRO G 267 30.51 6.19 -19.43
C PRO G 267 31.79 5.36 -19.40
N GLN G 268 32.02 4.63 -18.30
CA GLN G 268 33.12 3.67 -18.20
C GLN G 268 33.09 2.60 -19.30
N VAL G 269 31.89 2.10 -19.59
CA VAL G 269 31.72 1.08 -20.61
C VAL G 269 31.97 1.69 -21.98
N LYS G 270 31.37 2.85 -22.23
CA LYS G 270 31.53 3.53 -23.52
C LYS G 270 33.00 3.80 -23.82
N GLU G 271 33.70 4.33 -22.82
CA GLU G 271 35.12 4.63 -22.85
C GLU G 271 35.99 3.39 -23.19
N ALA G 272 35.76 2.29 -22.46
CA ALA G 272 36.41 1.01 -22.70
C ALA G 272 36.16 0.47 -24.11
N PHE G 273 34.91 0.60 -24.57
CA PHE G 273 34.54 0.12 -25.90
C PHE G 273 35.20 0.91 -27.01
N GLU G 274 35.20 2.23 -26.88
CA GLU G 274 35.81 3.10 -27.91
C GLU G 274 37.31 2.81 -28.06
N ASN G 275 37.97 2.51 -26.94
CA ASN G 275 39.38 2.18 -26.95
C ASN G 275 39.68 0.83 -27.61
N PHE G 276 38.82 -0.16 -27.33
CA PHE G 276 38.89 -1.49 -27.97
C PHE G 276 38.84 -1.34 -29.49
N ILE G 277 37.92 -0.50 -29.94
CA ILE G 277 37.73 -0.23 -31.37
C ILE G 277 38.88 0.57 -32.00
N LYS G 278 39.38 1.59 -31.32
CA LYS G 278 40.52 2.35 -31.82
C LYS G 278 41.74 1.43 -31.95
N GLU G 279 41.90 0.55 -30.98
CA GLU G 279 43.02 -0.35 -30.91
C GLU G 279 42.97 -1.38 -32.04
N LEU G 280 41.77 -1.87 -32.35
CA LEU G 280 41.54 -2.75 -33.49
C LEU G 280 41.73 -2.01 -34.80
N GLU G 281 41.23 -0.79 -34.89
CA GLU G 281 41.50 0.05 -36.05
C GLU G 281 43.02 0.11 -36.34
N LYS G 282 43.84 0.38 -35.32
CA LYS G 282 45.30 0.43 -35.47
C LYS G 282 45.89 -0.83 -36.08
N GLU G 283 45.35 -1.98 -35.68
CA GLU G 283 45.81 -3.28 -36.16
C GLU G 283 45.36 -3.57 -37.59
N GLY G 284 44.56 -2.69 -38.19
CA GLY G 284 44.22 -2.82 -39.60
C GLY G 284 42.79 -3.25 -39.92
N PHE G 285 41.93 -3.26 -38.91
CA PHE G 285 40.52 -3.53 -39.11
C PHE G 285 39.89 -2.29 -39.67
N GLU G 286 39.09 -2.45 -40.72
CA GLU G 286 38.27 -1.36 -41.22
C GLU G 286 36.99 -1.25 -40.37
N ILE G 287 36.71 -0.05 -39.89
CA ILE G 287 35.57 0.19 -38.99
C ILE G 287 34.47 0.97 -39.73
N LYS G 288 33.25 0.41 -39.76
CA LYS G 288 32.11 0.98 -40.48
C LYS G 288 30.86 1.01 -39.64
N GLU G 289 30.07 2.08 -39.77
CA GLU G 289 28.74 2.13 -39.18
C GLU G 289 27.78 1.29 -40.00
N VAL G 290 26.98 0.46 -39.33
CA VAL G 290 25.93 -0.28 -40.01
C VAL G 290 24.56 0.11 -39.45
N SER G 291 23.52 -0.30 -40.17
CA SER G 291 22.14 -0.10 -39.77
C SER G 291 21.51 -1.45 -39.41
N LEU G 292 20.78 -1.48 -38.30
CA LEU G 292 19.96 -2.62 -37.93
C LEU G 292 18.63 -2.00 -37.46
N PRO G 293 17.77 -1.63 -38.41
CA PRO G 293 16.63 -0.77 -38.09
C PRO G 293 15.64 -1.35 -37.09
N HIS G 294 15.68 -2.66 -36.88
CA HIS G 294 14.74 -3.35 -35.98
C HIS G 294 15.31 -3.77 -34.63
N VAL G 295 16.63 -3.68 -34.42
CA VAL G 295 17.22 -4.22 -33.20
C VAL G 295 16.61 -3.74 -31.93
N LYS G 296 16.17 -2.49 -31.90
CA LYS G 296 15.61 -1.94 -30.67
C LYS G 296 14.42 -2.77 -30.19
N TYR G 297 13.83 -3.53 -31.11
CA TYR G 297 12.67 -4.37 -30.80
C TYR G 297 13.07 -5.75 -30.29
N SER G 298 14.38 -6.01 -30.18
CA SER G 298 14.94 -7.28 -29.71
C SER G 298 14.45 -7.70 -28.30
N ILE G 299 14.47 -6.77 -27.35
CA ILE G 299 14.03 -7.02 -25.96
C ILE G 299 12.54 -7.46 -25.83
N PRO G 300 11.58 -6.67 -26.38
CA PRO G 300 10.18 -7.10 -26.25
C PRO G 300 9.92 -8.37 -27.05
N THR G 301 10.58 -8.51 -28.19
CA THR G 301 10.47 -9.75 -28.96
C THR G 301 10.92 -10.95 -28.11
N TYR G 302 12.04 -10.77 -27.39
CA TYR G 302 12.67 -11.84 -26.63
C TYR G 302 11.84 -12.17 -25.41
N TYR G 303 11.25 -11.15 -24.82
CA TYR G 303 10.46 -11.38 -23.62
C TYR G 303 9.01 -11.73 -23.88
N ILE G 304 8.73 -12.06 -25.14
CA ILE G 304 7.51 -12.77 -25.52
C ILE G 304 7.88 -14.20 -25.93
N ILE G 305 8.87 -14.37 -26.81
CA ILE G 305 9.28 -15.70 -27.24
C ILE G 305 9.78 -16.60 -26.11
N ALA G 306 10.78 -16.12 -25.36
CA ALA G 306 11.39 -16.89 -24.28
C ALA G 306 10.39 -17.36 -23.22
N PRO G 307 9.65 -16.44 -22.58
CA PRO G 307 8.58 -16.86 -21.66
C PRO G 307 7.58 -17.87 -22.25
N SER G 308 7.20 -17.71 -23.51
CA SER G 308 6.25 -18.63 -24.13
C SER G 308 6.78 -20.04 -24.19
N GLU G 309 7.94 -20.21 -24.83
CA GLU G 309 8.59 -21.53 -24.93
C GLU G 309 8.88 -22.07 -23.55
N ALA G 310 9.28 -21.19 -22.63
CA ALA G 310 9.49 -21.56 -21.23
C ALA G 310 8.27 -22.17 -20.59
N SER G 311 7.09 -21.60 -20.81
CA SER G 311 5.89 -22.09 -20.13
C SER G 311 5.55 -23.49 -20.67
N SER G 312 5.91 -23.72 -21.94
CA SER G 312 5.69 -25.01 -22.59
C SER G 312 6.69 -26.06 -22.11
N ASN G 313 7.95 -25.68 -22.11
CA ASN G 313 9.01 -26.57 -21.69
C ASN G 313 9.00 -26.87 -20.21
N LEU G 314 8.40 -26.00 -19.40
CA LEU G 314 8.32 -26.27 -17.96
C LEU G 314 7.05 -27.01 -17.50
N ALA G 315 6.18 -27.33 -18.46
CA ALA G 315 4.93 -28.03 -18.22
C ALA G 315 5.13 -29.42 -17.61
N ARG G 316 6.33 -29.96 -17.81
CA ARG G 316 6.64 -31.32 -17.45
C ARG G 316 7.01 -31.51 -15.99
N TYR G 317 7.29 -30.41 -15.29
CA TYR G 317 7.68 -30.45 -13.89
C TYR G 317 6.40 -30.41 -13.06
N ASP G 318 5.98 -31.59 -12.59
CA ASP G 318 4.57 -31.82 -12.17
C ASP G 318 4.36 -32.85 -11.05
N GLY G 319 5.43 -33.34 -10.45
CA GLY G 319 5.34 -34.27 -9.32
C GLY G 319 5.01 -35.70 -9.68
N VAL G 320 4.88 -36.00 -10.97
CA VAL G 320 4.48 -37.33 -11.38
C VAL G 320 5.67 -38.28 -11.58
N ARG G 321 6.64 -37.92 -12.41
CA ARG G 321 7.67 -38.90 -12.80
C ARG G 321 9.03 -38.74 -12.11
N TYR G 322 9.28 -37.56 -11.56
CA TYR G 322 10.58 -37.23 -10.97
C TYR G 322 10.45 -35.96 -10.19
N GLY G 323 11.48 -35.63 -9.40
CA GLY G 323 11.57 -34.34 -8.73
C GLY G 323 10.63 -34.10 -7.56
N TYR G 324 10.44 -32.83 -7.24
CA TYR G 324 9.64 -32.39 -6.10
C TYR G 324 8.17 -32.71 -6.22
N ARG G 325 7.58 -33.10 -5.09
CA ARG G 325 6.14 -33.20 -4.98
C ARG G 325 5.67 -32.66 -3.65
N ALA G 326 4.72 -31.73 -3.68
CA ALA G 326 4.13 -31.17 -2.49
C ALA G 326 3.65 -32.26 -1.51
N LYS G 327 3.73 -31.95 -0.22
CA LYS G 327 3.35 -32.86 0.86
C LYS G 327 1.84 -33.03 1.02
N GLU G 328 1.10 -31.93 0.96
CA GLU G 328 -0.34 -31.92 1.22
C GLU G 328 -1.20 -31.60 -0.02
N TYR G 329 -2.12 -32.50 -0.35
CA TYR G 329 -3.02 -32.29 -1.50
C TYR G 329 -4.26 -33.18 -1.45
N LYS G 330 -5.41 -32.64 -1.87
CA LYS G 330 -6.71 -33.34 -1.82
C LYS G 330 -7.01 -34.10 -3.11
N ASP G 331 -6.56 -33.54 -4.23
CA ASP G 331 -6.71 -34.18 -5.55
C ASP G 331 -5.53 -33.88 -6.46
N ILE G 332 -5.45 -34.58 -7.59
CA ILE G 332 -4.36 -34.42 -8.57
C ILE G 332 -4.16 -32.95 -8.96
N PHE G 333 -5.26 -32.19 -9.05
CA PHE G 333 -5.17 -30.77 -9.39
C PHE G 333 -4.33 -30.04 -8.34
N GLU G 334 -4.67 -30.23 -7.07
CA GLU G 334 -3.90 -29.63 -5.99
C GLU G 334 -2.48 -30.13 -6.01
N MET G 335 -2.28 -31.42 -6.28
CA MET G 335 -0.94 -31.95 -6.32
C MET G 335 -0.14 -31.20 -7.36
N TYR G 336 -0.68 -31.08 -8.57
CA TYR G 336 -0.01 -30.35 -9.63
C TYR G 336 0.29 -28.95 -9.19
N ALA G 337 -0.75 -28.19 -8.81
CA ALA G 337 -0.65 -26.76 -8.64
C ALA G 337 0.12 -26.34 -7.39
N ARG G 338 0.21 -27.25 -6.42
CA ARG G 338 0.99 -26.99 -5.22
C ARG G 338 2.44 -27.36 -5.38
N THR G 339 2.69 -28.48 -6.05
CA THR G 339 4.03 -28.90 -6.38
C THR G 339 4.74 -27.77 -7.08
N ARG G 340 4.05 -27.20 -8.06
CA ARG G 340 4.60 -26.17 -8.92
C ARG G 340 4.75 -24.82 -8.25
N ASP G 341 3.72 -24.37 -7.52
CA ASP G 341 3.87 -23.12 -6.80
C ASP G 341 5.01 -23.18 -5.81
N GLU G 342 5.19 -24.34 -5.18
CA GLU G 342 6.21 -24.52 -4.15
C GLU G 342 7.58 -24.83 -4.73
N GLY G 343 7.62 -25.50 -5.89
CA GLY G 343 8.87 -25.92 -6.50
C GLY G 343 9.55 -24.88 -7.40
N PHE G 344 8.74 -24.03 -8.03
CA PHE G 344 9.22 -22.92 -8.87
C PHE G 344 9.49 -21.66 -8.09
N GLY G 345 10.59 -21.00 -8.46
CA GLY G 345 10.93 -19.66 -7.98
C GLY G 345 10.13 -18.55 -8.65
N PRO G 346 10.31 -17.30 -8.18
CA PRO G 346 9.43 -16.20 -8.58
C PRO G 346 9.61 -15.79 -10.04
N GLU G 347 10.85 -15.63 -10.50
CA GLU G 347 11.04 -15.27 -11.90
C GLU G 347 10.49 -16.36 -12.81
N VAL G 348 10.73 -17.61 -12.45
CA VAL G 348 10.19 -18.75 -13.17
C VAL G 348 8.69 -18.66 -13.22
N LYS G 349 8.04 -18.50 -12.07
CA LYS G 349 6.56 -18.38 -12.07
C LYS G 349 6.06 -17.24 -12.94
N ARG G 350 6.80 -16.13 -12.95
CA ARG G 350 6.44 -14.96 -13.79
C ARG G 350 6.45 -15.23 -15.28
N ARG G 351 7.40 -16.03 -15.75
CA ARG G 351 7.54 -16.31 -17.16
C ARG G 351 6.57 -17.38 -17.58
N ILE G 352 6.32 -18.32 -16.68
CA ILE G 352 5.27 -19.28 -16.91
C ILE G 352 3.91 -18.59 -17.10
N MET G 353 3.55 -17.66 -16.22
CA MET G 353 2.27 -16.92 -16.34
C MET G 353 2.20 -16.16 -17.67
N LEU G 354 3.20 -15.33 -17.90
CA LEU G 354 3.33 -14.58 -19.13
C LEU G 354 3.30 -15.48 -20.39
N GLY G 355 3.97 -16.62 -20.32
CA GLY G 355 4.03 -17.52 -21.45
C GLY G 355 2.67 -18.15 -21.72
N THR G 356 1.97 -18.60 -20.67
CA THR G 356 0.66 -19.21 -20.91
C THR G 356 -0.37 -18.19 -21.45
N PHE G 357 -0.19 -16.92 -21.11
CA PHE G 357 -0.94 -15.83 -21.75
C PHE G 357 -0.58 -15.66 -23.24
N ALA G 358 0.73 -15.50 -23.55
CA ALA G 358 1.20 -15.27 -24.93
C ALA G 358 0.79 -16.36 -25.92
N LEU G 359 0.59 -17.57 -25.43
CA LEU G 359 0.17 -18.70 -26.25
C LEU G 359 -1.33 -18.91 -26.27
N SER G 360 -2.03 -18.23 -25.35
CA SER G 360 -3.48 -18.37 -25.26
C SER G 360 -4.12 -17.90 -26.58
N ALA G 361 -5.13 -18.64 -27.02
CA ALA G 361 -5.87 -18.30 -28.22
C ALA G 361 -6.53 -16.95 -27.97
N GLY G 362 -6.56 -16.12 -28.99
CA GLY G 362 -7.04 -14.78 -28.78
C GLY G 362 -5.90 -13.82 -28.57
N TYR G 363 -4.77 -14.31 -28.04
CA TYR G 363 -3.58 -13.47 -27.89
C TYR G 363 -2.33 -13.98 -28.61
N TYR G 364 -2.36 -15.25 -29.04
CA TYR G 364 -1.27 -15.89 -29.77
C TYR G 364 -0.77 -15.06 -30.95
N ASP G 365 -1.73 -14.61 -31.79
CA ASP G 365 -1.45 -13.85 -33.01
C ASP G 365 -0.72 -12.54 -32.74
N ALA G 366 -1.16 -11.82 -31.70
CA ALA G 366 -0.56 -10.53 -31.36
C ALA G 366 0.71 -10.65 -30.49
N TYR G 367 0.90 -11.81 -29.85
CA TYR G 367 2.07 -12.01 -29.02
C TYR G 367 3.10 -12.95 -29.66
N TYR G 368 3.03 -14.25 -29.41
CA TYR G 368 4.05 -15.18 -29.94
C TYR G 368 4.20 -15.14 -31.46
N LEU G 369 3.09 -15.21 -32.19
CA LEU G 369 3.18 -15.23 -33.65
C LEU G 369 3.85 -13.95 -34.15
N LYS G 370 3.35 -12.82 -33.68
CA LYS G 370 3.92 -11.53 -34.03
C LYS G 370 5.40 -11.48 -33.74
N ALA G 371 5.76 -11.92 -32.54
CA ALA G 371 7.14 -11.90 -32.10
C ALA G 371 8.06 -12.71 -33.00
N GLN G 372 7.56 -13.82 -33.52
CA GLN G 372 8.36 -14.70 -34.36
C GLN G 372 8.53 -14.08 -35.73
N LYS G 373 7.61 -13.19 -36.11
CA LYS G 373 7.73 -12.41 -37.33
C LYS G 373 8.75 -11.28 -37.23
N VAL G 374 8.59 -10.46 -36.19
CA VAL G 374 9.51 -9.40 -35.88
C VAL G 374 10.92 -9.95 -35.70
N ARG G 375 10.99 -11.20 -35.24
CA ARG G 375 12.25 -11.89 -35.09
C ARG G 375 12.91 -12.16 -36.45
N ARG G 376 12.12 -12.42 -37.51
CA ARG G 376 12.72 -12.54 -38.87
C ARG G 376 13.15 -11.21 -39.46
N LEU G 377 12.42 -10.16 -39.12
CA LEU G 377 12.84 -8.81 -39.46
C LEU G 377 14.21 -8.52 -38.89
N ILE G 378 14.37 -8.81 -37.59
CA ILE G 378 15.61 -8.59 -36.88
C ILE G 378 16.75 -9.42 -37.51
N THR G 379 16.47 -10.67 -37.83
CA THR G 379 17.46 -11.56 -38.39
C THR G 379 17.93 -11.00 -39.69
N ASN G 380 16.98 -10.50 -40.48
CA ASN G 380 17.22 -9.95 -41.80
C ASN G 380 18.08 -8.68 -41.78
N ASP G 381 17.87 -7.82 -40.78
CA ASP G 381 18.76 -6.69 -40.51
C ASP G 381 20.20 -7.19 -40.47
N PHE G 382 20.46 -8.24 -39.70
CA PHE G 382 21.82 -8.79 -39.61
C PHE G 382 22.37 -9.30 -40.92
N LEU G 383 21.61 -10.11 -41.62
CA LEU G 383 22.08 -10.73 -42.87
C LEU G 383 22.49 -9.68 -43.91
N LYS G 384 21.74 -8.59 -43.92
CA LYS G 384 21.92 -7.43 -44.78
C LYS G 384 23.21 -6.69 -44.39
N ALA G 385 23.32 -6.33 -43.11
CA ALA G 385 24.53 -5.72 -42.54
C ALA G 385 25.77 -6.59 -42.76
N PHE G 386 25.59 -7.91 -42.78
CA PHE G 386 26.72 -8.83 -42.98
C PHE G 386 27.20 -8.91 -44.42
N GLU G 387 26.48 -8.25 -45.32
CA GLU G 387 26.88 -8.10 -46.72
C GLU G 387 28.02 -7.10 -46.85
N GLU G 388 28.07 -6.15 -45.92
CA GLU G 388 29.05 -5.05 -45.91
C GLU G 388 30.20 -5.25 -44.93
N VAL G 389 29.94 -5.95 -43.82
CA VAL G 389 30.93 -6.13 -42.75
C VAL G 389 31.04 -7.60 -42.34
N ASP G 390 32.05 -7.93 -41.53
CA ASP G 390 32.31 -9.34 -41.17
C ASP G 390 31.85 -9.71 -39.76
N VAL G 391 31.98 -8.77 -38.84
CA VAL G 391 31.51 -8.97 -37.48
C VAL G 391 30.85 -7.66 -37.06
N ILE G 392 29.91 -7.74 -36.12
CA ILE G 392 29.27 -6.55 -35.55
C ILE G 392 29.70 -6.44 -34.08
N ALA G 393 30.19 -5.26 -33.70
CA ALA G 393 30.75 -5.09 -32.37
C ALA G 393 29.91 -4.15 -31.52
N SER G 394 29.91 -4.41 -30.21
CA SER G 394 29.28 -3.51 -29.27
C SER G 394 29.79 -3.89 -27.89
N PRO G 395 29.53 -3.05 -26.86
CA PRO G 395 29.72 -3.58 -25.52
C PRO G 395 28.80 -4.78 -25.30
N THR G 396 29.19 -5.70 -24.41
CA THR G 396 28.37 -6.87 -24.17
C THR G 396 27.19 -6.45 -23.31
N THR G 397 27.44 -5.43 -22.51
CA THR G 397 26.59 -5.04 -21.41
C THR G 397 26.64 -3.49 -21.27
N PRO G 398 25.47 -2.86 -21.06
CA PRO G 398 25.39 -1.39 -20.92
C PRO G 398 26.05 -0.81 -19.65
N THR G 399 26.27 -1.64 -18.64
CA THR G 399 26.84 -1.21 -17.37
C THR G 399 27.98 -2.12 -16.90
N LEU G 400 28.72 -1.63 -15.90
CA LEU G 400 29.61 -2.44 -15.09
C LEU G 400 28.77 -3.40 -14.24
N PRO G 401 29.35 -4.54 -13.78
CA PRO G 401 28.73 -5.42 -12.79
C PRO G 401 28.00 -4.67 -11.71
N PHE G 402 26.72 -4.94 -11.56
CA PHE G 402 25.85 -4.24 -10.61
C PHE G 402 25.78 -4.91 -9.24
N LYS G 403 25.20 -4.23 -8.24
CA LYS G 403 25.14 -4.78 -6.89
C LYS G 403 23.96 -5.72 -6.68
N PHE G 404 24.09 -6.60 -5.70
CA PHE G 404 23.00 -7.48 -5.29
C PHE G 404 21.80 -6.62 -4.84
N GLY G 405 20.60 -7.13 -5.09
CA GLY G 405 19.37 -6.44 -4.72
C GLY G 405 19.04 -5.27 -5.63
N GLU G 406 19.95 -4.90 -6.53
CA GLU G 406 19.76 -3.70 -7.35
C GLU G 406 18.68 -3.83 -8.40
N ARG G 407 18.47 -5.05 -8.90
CA ARG G 407 17.54 -5.29 -9.98
C ARG G 407 16.52 -6.36 -9.62
N LEU G 408 16.28 -6.51 -8.32
CA LEU G 408 15.25 -7.43 -7.86
C LEU G 408 13.94 -6.71 -7.54
N GLU G 409 14.02 -5.38 -7.40
CA GLU G 409 12.83 -4.55 -7.09
C GLU G 409 11.75 -4.72 -8.18
N ASN G 410 12.03 -4.15 -9.35
CA ASN G 410 11.21 -4.34 -10.53
C ASN G 410 11.87 -5.41 -11.43
N PRO G 411 11.17 -6.54 -11.68
CA PRO G 411 11.63 -7.58 -12.60
C PRO G 411 12.21 -7.01 -13.90
N ILE G 412 11.55 -5.97 -14.42
CA ILE G 412 11.94 -5.32 -15.67
C ILE G 412 13.37 -4.83 -15.67
N GLU G 413 13.83 -4.31 -14.53
CA GLU G 413 15.22 -3.82 -14.39
C GLU G 413 16.25 -4.93 -14.68
N MET G 414 15.93 -6.16 -14.31
CA MET G 414 16.77 -7.30 -14.65
C MET G 414 16.80 -7.55 -16.16
N TYR G 415 15.65 -7.47 -16.81
CA TYR G 415 15.57 -7.71 -18.25
C TYR G 415 16.48 -6.80 -19.06
N LEU G 416 16.53 -5.54 -18.64
CA LEU G 416 17.31 -4.50 -19.31
C LEU G 416 18.83 -4.76 -19.31
N SER G 417 19.27 -5.77 -18.56
CA SER G 417 20.64 -6.23 -18.58
C SER G 417 21.00 -6.85 -19.93
N ASP G 418 19.98 -7.31 -20.65
CA ASP G 418 20.14 -8.13 -21.85
C ASP G 418 20.05 -7.40 -23.18
N ILE G 419 19.90 -6.09 -23.14
CA ILE G 419 19.61 -5.29 -24.34
C ILE G 419 20.64 -5.47 -25.47
N LEU G 420 21.88 -5.79 -25.13
CA LEU G 420 22.92 -5.91 -26.15
C LEU G 420 23.19 -7.35 -26.53
N THR G 421 22.68 -8.29 -25.74
CA THR G 421 22.99 -9.70 -25.93
C THR G 421 21.93 -10.39 -26.77
N VAL G 422 20.67 -10.04 -26.53
CA VAL G 422 19.54 -10.89 -26.92
C VAL G 422 19.40 -10.97 -28.43
N PRO G 423 19.88 -9.94 -29.12
CA PRO G 423 19.75 -9.86 -30.58
C PRO G 423 20.41 -11.05 -31.27
N ALA G 424 21.53 -11.50 -30.74
CA ALA G 424 22.27 -12.63 -31.32
C ALA G 424 21.53 -13.99 -31.20
N ASN G 425 20.77 -14.19 -30.13
CA ASN G 425 20.00 -15.44 -30.01
C ASN G 425 18.79 -15.44 -30.95
N LEU G 426 18.09 -14.28 -31.01
CA LEU G 426 17.05 -14.02 -31.99
C LEU G 426 17.45 -14.41 -33.41
N ALA G 427 18.61 -13.93 -33.83
CA ALA G 427 19.06 -14.19 -35.19
C ALA G 427 19.72 -15.56 -35.36
N GLY G 428 19.89 -16.29 -34.27
CA GLY G 428 20.54 -17.57 -34.29
C GLY G 428 22.05 -17.51 -34.56
N LEU G 429 22.66 -16.34 -34.36
CA LEU G 429 24.04 -16.06 -34.69
C LEU G 429 25.01 -16.43 -33.56
N PRO G 430 26.27 -16.73 -33.91
CA PRO G 430 27.29 -16.88 -32.88
C PRO G 430 27.67 -15.52 -32.32
N ALA G 431 28.15 -15.50 -31.07
CA ALA G 431 28.55 -14.24 -30.46
C ALA G 431 29.48 -14.50 -29.27
N ILE G 432 30.57 -13.74 -29.23
CA ILE G 432 31.55 -13.88 -28.17
C ILE G 432 31.62 -12.61 -27.32
N SER G 433 31.84 -12.79 -26.01
CA SER G 433 32.22 -11.68 -25.15
C SER G 433 33.64 -11.90 -24.65
N ILE G 434 34.44 -10.85 -24.85
CA ILE G 434 35.90 -10.81 -24.72
C ILE G 434 36.18 -9.67 -23.73
N PRO G 435 37.05 -9.88 -22.72
CA PRO G 435 37.40 -8.80 -21.80
C PRO G 435 38.29 -7.75 -22.45
N ILE G 436 37.88 -6.49 -22.35
CA ILE G 436 38.52 -5.41 -23.12
C ILE G 436 39.17 -4.31 -22.25
N ALA G 437 38.81 -4.29 -20.97
CA ALA G 437 39.31 -3.32 -20.00
C ALA G 437 38.85 -3.65 -18.60
N TRP G 438 39.47 -2.97 -17.64
CA TRP G 438 39.05 -3.02 -16.23
C TRP G 438 38.86 -1.59 -15.80
N LYS G 439 37.67 -1.32 -15.30
CA LYS G 439 37.27 0.03 -15.05
C LYS G 439 36.68 0.09 -13.65
N ASP G 440 37.28 0.93 -12.80
CA ASP G 440 36.89 1.05 -11.39
C ASP G 440 36.98 -0.31 -10.68
N GLY G 441 37.93 -1.13 -11.12
CA GLY G 441 38.20 -2.44 -10.54
C GLY G 441 37.36 -3.60 -11.09
N LEU G 442 36.46 -3.29 -12.04
CA LEU G 442 35.52 -4.28 -12.58
C LEU G 442 35.75 -4.56 -14.08
N PRO G 443 35.64 -5.82 -14.50
CA PRO G 443 35.76 -6.21 -15.92
C PRO G 443 34.71 -5.57 -16.83
N VAL G 444 35.10 -5.30 -18.07
CA VAL G 444 34.16 -4.87 -19.11
C VAL G 444 34.42 -5.79 -20.31
N GLY G 445 33.32 -6.27 -20.89
CA GLY G 445 33.37 -7.12 -22.07
C GLY G 445 33.02 -6.39 -23.36
N GLY G 446 33.77 -6.71 -24.40
CA GLY G 446 33.44 -6.33 -25.77
C GLY G 446 32.80 -7.53 -26.46
N GLN G 447 31.79 -7.26 -27.27
CA GLN G 447 31.05 -8.33 -27.93
C GLN G 447 31.26 -8.30 -29.42
N LEU G 448 31.48 -9.46 -30.02
CA LEU G 448 31.49 -9.56 -31.46
C LEU G 448 30.45 -10.57 -31.88
N ILE G 449 29.60 -10.16 -32.81
CA ILE G 449 28.59 -11.02 -33.35
C ILE G 449 29.05 -11.40 -34.75
N GLY G 450 29.11 -12.70 -35.01
CA GLY G 450 29.52 -13.23 -36.31
C GLY G 450 28.39 -13.76 -37.17
N LYS G 451 28.73 -14.11 -38.41
CA LYS G 451 27.82 -14.73 -39.35
C LYS G 451 27.52 -16.14 -38.90
N HIS G 452 26.40 -16.68 -39.35
CA HIS G 452 26.09 -18.07 -39.13
C HIS G 452 27.30 -18.94 -39.52
N TRP G 453 27.72 -19.78 -38.58
CA TRP G 453 28.78 -20.77 -38.78
C TRP G 453 30.19 -20.18 -38.73
N ASP G 454 30.28 -18.88 -38.46
CA ASP G 454 31.56 -18.20 -38.45
C ASP G 454 32.13 -17.94 -37.06
N GLU G 455 32.18 -18.98 -36.24
CA GLU G 455 32.82 -18.88 -34.95
C GLU G 455 34.34 -18.69 -35.11
N THR G 456 34.90 -19.21 -36.20
CA THR G 456 36.33 -19.05 -36.48
C THR G 456 36.77 -17.62 -36.35
N THR G 457 36.11 -16.73 -37.08
CA THR G 457 36.47 -15.33 -37.10
C THR G 457 36.41 -14.71 -35.71
N LEU G 458 35.28 -14.93 -35.04
CA LEU G 458 35.09 -14.50 -33.64
C LEU G 458 36.26 -14.96 -32.82
N LEU G 459 36.68 -16.19 -33.03
CA LEU G 459 37.75 -16.74 -32.23
C LEU G 459 39.10 -16.11 -32.60
N GLN G 460 39.33 -15.95 -33.89
CA GLN G 460 40.54 -15.32 -34.36
C GLN G 460 40.71 -13.92 -33.76
N ILE G 461 39.71 -13.07 -33.91
CA ILE G 461 39.78 -11.71 -33.33
C ILE G 461 39.98 -11.76 -31.81
N SER G 462 39.43 -12.79 -31.17
CA SER G 462 39.62 -12.95 -29.75
C SER G 462 41.09 -13.26 -29.45
N TYR G 463 41.68 -14.16 -30.26
CA TYR G 463 43.09 -14.51 -30.14
C TYR G 463 44.01 -13.30 -30.34
N LEU G 464 43.68 -12.46 -31.31
CA LEU G 464 44.47 -11.26 -31.57
C LEU G 464 44.36 -10.29 -30.42
N TRP G 465 43.16 -10.14 -29.89
CA TRP G 465 42.96 -9.16 -28.85
C TRP G 465 43.71 -9.52 -27.58
N GLU G 466 43.79 -10.81 -27.27
CA GLU G 466 44.43 -11.23 -26.00
C GLU G 466 45.94 -11.02 -26.02
N GLN G 467 46.54 -11.07 -27.23
CA GLN G 467 47.95 -10.76 -27.45
C GLN G 467 48.22 -9.29 -27.14
N LYS G 468 47.32 -8.40 -27.54
CA LYS G 468 47.39 -6.99 -27.21
C LYS G 468 47.10 -6.74 -25.73
N PHE G 469 46.04 -7.39 -25.24
CA PHE G 469 45.58 -7.14 -23.88
C PHE G 469 45.40 -8.47 -23.17
N LYS G 470 46.39 -8.79 -22.34
CA LYS G 470 46.52 -10.11 -21.73
C LYS G 470 45.67 -10.23 -20.48
N HIS G 471 44.35 -10.34 -20.68
CA HIS G 471 43.36 -10.37 -19.60
C HIS G 471 43.45 -11.63 -18.75
N TYR G 472 44.11 -12.65 -19.31
CA TYR G 472 44.25 -13.93 -18.65
C TYR G 472 45.17 -13.90 -17.46
N GLU G 473 45.93 -12.82 -17.33
CA GLU G 473 46.86 -12.64 -16.23
C GLU G 473 46.22 -11.96 -15.06
N LYS G 474 45.07 -11.32 -15.30
CA LYS G 474 44.30 -10.67 -14.24
C LYS G 474 43.54 -11.72 -13.41
N ILE G 475 44.10 -12.08 -12.25
CA ILE G 475 43.53 -13.14 -11.40
C ILE G 475 42.98 -12.58 -10.09
N PRO G 476 41.67 -12.73 -9.86
CA PRO G 476 41.04 -12.18 -8.65
C PRO G 476 41.33 -13.06 -7.43
N LEU G 477 41.06 -12.53 -6.24
CA LEU G 477 41.28 -13.24 -4.98
C LEU G 477 42.68 -13.88 -4.86
N THR G 478 43.68 -13.09 -5.23
CA THR G 478 45.13 -13.39 -5.11
C THR G 478 45.56 -14.67 -5.82
N GLU H 3 -40.12 -40.43 -40.28
CA GLU H 3 -39.62 -39.58 -39.15
C GLU H 3 -39.32 -38.13 -39.59
N LYS H 4 -39.60 -37.21 -38.65
CA LYS H 4 -39.43 -35.76 -38.84
C LYS H 4 -37.96 -35.34 -38.88
N TYR H 5 -37.11 -36.05 -38.13
CA TYR H 5 -35.73 -35.63 -37.89
C TYR H 5 -34.68 -36.34 -38.75
N GLU H 6 -33.43 -35.91 -38.53
CA GLU H 6 -32.29 -36.39 -39.28
C GLU H 6 -31.11 -36.40 -38.31
N ALA H 7 -30.34 -37.46 -38.31
CA ALA H 7 -29.13 -37.49 -37.48
C ALA H 7 -27.95 -36.97 -38.28
N VAL H 8 -27.15 -36.11 -37.66
CA VAL H 8 -25.87 -35.65 -38.21
C VAL H 8 -24.74 -36.21 -37.35
N ILE H 9 -23.87 -37.03 -37.95
CA ILE H 9 -22.80 -37.71 -37.20
C ILE H 9 -21.42 -37.47 -37.79
N GLY H 10 -20.48 -37.08 -36.93
CA GLY H 10 -19.08 -36.96 -37.30
C GLY H 10 -18.23 -37.76 -36.33
N LEU H 11 -17.14 -38.35 -36.85
CA LEU H 11 -16.25 -39.19 -36.04
C LEU H 11 -14.82 -38.64 -35.96
N GLU H 12 -14.17 -38.89 -34.82
CA GLU H 12 -12.76 -38.59 -34.67
C GLU H 12 -12.02 -39.86 -34.29
N ILE H 13 -11.24 -40.37 -35.22
CA ILE H 13 -10.61 -41.68 -35.09
C ILE H 13 -9.11 -41.54 -34.86
N HIS H 14 -8.60 -42.24 -33.87
CA HIS H 14 -7.17 -42.29 -33.68
C HIS H 14 -6.70 -43.68 -34.08
N VAL H 15 -5.80 -43.75 -35.06
CA VAL H 15 -5.33 -45.02 -35.61
C VAL H 15 -3.85 -45.23 -35.27
N GLN H 16 -3.57 -46.34 -34.58
CA GLN H 16 -2.22 -46.67 -34.17
C GLN H 16 -1.43 -47.24 -35.35
N MET H 17 -0.25 -46.66 -35.62
CA MET H 17 0.55 -47.10 -36.75
C MET H 17 1.37 -48.32 -36.40
N ASP H 18 1.35 -49.30 -37.29
CA ASP H 18 2.13 -50.53 -37.14
C ASP H 18 3.61 -50.30 -37.44
N THR H 19 4.23 -49.37 -36.72
CA THR H 19 5.68 -49.20 -36.73
C THR H 19 6.38 -50.10 -35.67
N LYS H 20 7.67 -50.33 -35.84
CA LYS H 20 8.46 -51.06 -34.85
C LYS H 20 8.72 -50.16 -33.63
N THR H 21 8.81 -48.88 -33.88
CA THR H 21 9.43 -47.90 -32.99
C THR H 21 8.44 -46.74 -32.75
N LYS H 22 8.60 -46.02 -31.65
CA LYS H 22 7.68 -44.91 -31.35
C LYS H 22 7.84 -43.72 -32.32
N MET H 23 7.00 -42.71 -32.15
CA MET H 23 6.96 -41.58 -33.06
C MET H 23 8.17 -40.63 -32.95
N PHE H 24 8.73 -40.51 -31.75
CA PHE H 24 9.73 -39.49 -31.49
C PHE H 24 10.96 -40.01 -30.74
N CYS H 25 11.01 -41.33 -30.57
CA CYS H 25 12.19 -42.04 -30.04
C CYS H 25 12.23 -43.46 -30.59
N GLY H 26 13.28 -44.18 -30.24
CA GLY H 26 13.54 -45.51 -30.81
C GLY H 26 13.05 -46.66 -29.94
N CYS H 27 12.20 -46.36 -28.96
CA CYS H 27 11.61 -47.40 -28.12
C CYS H 27 10.64 -48.23 -28.93
N LYS H 28 10.48 -49.48 -28.53
CA LYS H 28 9.62 -50.41 -29.23
C LYS H 28 8.16 -50.13 -28.97
N VAL H 29 7.38 -50.26 -30.04
CA VAL H 29 5.93 -50.29 -29.96
C VAL H 29 5.57 -51.77 -29.88
N GLU H 30 5.01 -52.20 -28.76
CA GLU H 30 4.54 -53.58 -28.59
C GLU H 30 3.45 -53.71 -27.54
N PHE H 31 2.55 -54.66 -27.76
CA PHE H 31 1.41 -54.84 -26.87
C PHE H 31 1.73 -55.77 -25.70
N GLY H 32 1.22 -55.41 -24.52
CA GLY H 32 1.38 -56.19 -23.29
C GLY H 32 2.78 -56.41 -22.72
N ALA H 33 3.68 -55.44 -22.86
CA ALA H 33 4.98 -55.55 -22.18
C ALA H 33 4.84 -55.22 -20.70
N GLU H 34 5.89 -55.50 -19.92
CA GLU H 34 5.96 -55.10 -18.50
C GLU H 34 5.96 -53.57 -18.39
N PRO H 35 5.17 -53.03 -17.44
CA PRO H 35 4.96 -51.59 -17.33
C PRO H 35 6.25 -50.79 -17.25
N ASN H 36 6.31 -49.70 -18.02
CA ASN H 36 7.48 -48.84 -18.10
C ASN H 36 8.81 -49.57 -18.47
N THR H 37 8.76 -50.51 -19.41
CA THR H 37 10.02 -51.06 -19.92
C THR H 37 10.45 -50.54 -21.29
N ASN H 38 9.47 -50.23 -22.15
CA ASN H 38 9.76 -49.66 -23.48
C ASN H 38 9.76 -48.15 -23.46
N VAL H 39 10.74 -47.62 -22.75
CA VAL H 39 10.70 -46.29 -22.21
C VAL H 39 12.11 -45.67 -22.24
N CYS H 40 12.21 -44.34 -22.34
CA CYS H 40 13.49 -43.65 -22.44
C CYS H 40 13.28 -42.21 -22.06
N PRO H 41 14.36 -41.41 -21.93
CA PRO H 41 14.23 -39.99 -21.58
C PRO H 41 13.29 -39.19 -22.47
N VAL H 42 13.22 -39.53 -23.77
CA VAL H 42 12.38 -38.75 -24.68
C VAL H 42 10.92 -39.03 -24.38
N CYS H 43 10.50 -40.28 -24.55
CA CYS H 43 9.11 -40.61 -24.36
C CYS H 43 8.68 -40.56 -22.89
N LEU H 44 9.63 -40.39 -21.98
CA LEU H 44 9.31 -40.23 -20.56
C LEU H 44 9.16 -38.77 -20.10
N GLY H 45 9.37 -37.85 -21.04
CA GLY H 45 9.29 -36.43 -20.76
C GLY H 45 10.31 -36.03 -19.72
N MET H 46 11.51 -36.55 -19.87
CA MET H 46 12.56 -36.19 -18.96
C MET H 46 13.18 -34.86 -19.34
N PRO H 47 13.82 -34.17 -18.37
CA PRO H 47 14.43 -32.89 -18.70
C PRO H 47 15.58 -33.10 -19.70
N GLY H 48 15.65 -32.26 -20.72
CA GLY H 48 16.77 -32.25 -21.66
C GLY H 48 16.59 -33.17 -22.85
N ALA H 49 15.51 -33.94 -22.87
CA ALA H 49 15.26 -34.96 -23.86
C ALA H 49 14.51 -34.43 -25.10
N LEU H 50 14.98 -34.77 -26.30
CA LEU H 50 14.46 -34.17 -27.54
C LEU H 50 13.80 -35.18 -28.48
N PRO H 51 12.70 -34.79 -29.16
CA PRO H 51 12.01 -35.64 -30.16
C PRO H 51 12.71 -35.79 -31.50
N ILE H 52 12.66 -36.99 -32.07
CA ILE H 52 13.20 -37.27 -33.40
C ILE H 52 12.16 -38.04 -34.23
N VAL H 53 11.70 -37.41 -35.31
CA VAL H 53 10.66 -37.96 -36.17
C VAL H 53 10.99 -39.33 -36.76
N ASN H 54 10.05 -40.25 -36.59
CA ASN H 54 10.07 -41.58 -37.23
C ASN H 54 9.74 -41.53 -38.73
N LYS H 55 10.69 -41.92 -39.58
CA LYS H 55 10.48 -41.87 -41.03
C LYS H 55 9.32 -42.76 -41.49
N ARG H 56 9.27 -43.98 -40.98
CA ARG H 56 8.23 -44.93 -41.40
C ARG H 56 6.84 -44.47 -40.94
N ALA H 57 6.77 -43.85 -39.76
CA ALA H 57 5.53 -43.23 -39.31
C ALA H 57 5.06 -42.18 -40.32
N VAL H 58 5.99 -41.37 -40.81
CA VAL H 58 5.69 -40.41 -41.88
C VAL H 58 5.24 -41.11 -43.17
N GLU H 59 5.98 -42.13 -43.60
CA GLU H 59 5.65 -42.87 -44.80
C GLU H 59 4.25 -43.45 -44.71
N TYR H 60 3.94 -44.06 -43.58
CA TYR H 60 2.65 -44.72 -43.38
C TYR H 60 1.49 -43.75 -43.40
N ALA H 61 1.67 -42.59 -42.78
CA ALA H 61 0.62 -41.58 -42.70
C ALA H 61 0.34 -40.96 -44.07
N ILE H 62 1.37 -40.86 -44.91
CA ILE H 62 1.21 -40.40 -46.29
C ILE H 62 0.38 -41.43 -47.05
N ARG H 63 0.83 -42.69 -46.97
CA ARG H 63 0.14 -43.83 -47.58
C ARG H 63 -1.34 -43.86 -47.19
N ALA H 64 -1.62 -43.78 -45.91
CA ALA H 64 -2.98 -43.75 -45.42
C ALA H 64 -3.77 -42.56 -45.96
N SER H 65 -3.15 -41.38 -46.02
CA SER H 65 -3.82 -40.16 -46.51
C SER H 65 -4.26 -40.31 -47.94
N LEU H 66 -3.39 -40.90 -48.76
CA LEU H 66 -3.68 -41.17 -50.16
C LEU H 66 -4.78 -42.22 -50.32
N ALA H 67 -4.70 -43.27 -49.50
CA ALA H 67 -5.68 -44.33 -49.54
C ALA H 67 -7.04 -43.75 -49.17
N LEU H 68 -7.05 -42.67 -48.39
CA LEU H 68 -8.29 -41.98 -48.05
C LEU H 68 -8.59 -40.79 -48.98
N ASN H 69 -7.81 -40.72 -50.06
CA ASN H 69 -8.03 -39.81 -51.17
C ASN H 69 -7.81 -38.36 -50.82
N CYS H 70 -6.93 -38.13 -49.84
CA CYS H 70 -6.68 -36.77 -49.37
C CYS H 70 -5.61 -36.10 -50.22
N GLU H 71 -5.62 -34.78 -50.14
CA GLU H 71 -4.52 -33.98 -50.61
C GLU H 71 -3.41 -34.02 -49.54
N VAL H 72 -2.24 -34.55 -49.91
CA VAL H 72 -1.10 -34.54 -49.03
C VAL H 72 -0.36 -33.21 -49.16
N HIS H 73 -0.17 -32.50 -48.05
CA HIS H 73 0.51 -31.21 -48.07
C HIS H 73 2.02 -31.32 -47.89
N GLU H 74 2.74 -30.74 -48.85
CA GLU H 74 4.19 -30.88 -48.95
C GLU H 74 4.84 -30.38 -47.67
N GLU H 75 4.16 -29.46 -47.01
CA GLU H 75 4.67 -28.94 -45.78
C GLU H 75 3.60 -28.96 -44.69
N SER H 76 3.96 -29.54 -43.54
CA SER H 76 3.10 -29.59 -42.37
C SER H 76 3.97 -29.38 -41.12
N VAL H 77 3.33 -29.01 -40.01
CA VAL H 77 4.07 -28.57 -38.84
C VAL H 77 3.58 -29.32 -37.61
N PHE H 78 4.51 -29.85 -36.82
CA PHE H 78 4.18 -30.40 -35.51
C PHE H 78 3.95 -29.29 -34.49
N ALA H 79 2.85 -29.39 -33.77
CA ALA H 79 2.42 -28.36 -32.82
C ALA H 79 2.33 -28.97 -31.44
N ARG H 80 2.59 -28.19 -30.40
CA ARG H 80 2.40 -28.71 -29.06
C ARG H 80 0.99 -28.43 -28.55
N LYS H 81 0.33 -29.48 -28.09
CA LYS H 81 -1.01 -29.41 -27.53
C LYS H 81 -0.90 -29.61 -26.03
N HIS H 82 -1.12 -28.55 -25.27
CA HIS H 82 -0.88 -28.58 -23.82
C HIS H 82 -2.07 -29.01 -22.99
N TYR H 83 -1.85 -29.92 -22.06
CA TYR H 83 -2.77 -30.18 -20.95
C TYR H 83 -2.06 -30.99 -19.87
N PHE H 84 -2.54 -30.87 -18.63
CA PHE H 84 -1.94 -31.62 -17.54
C PHE H 84 -2.76 -32.89 -17.26
N TYR H 85 -2.11 -34.04 -17.38
CA TYR H 85 -2.71 -35.34 -17.08
C TYR H 85 -1.61 -36.37 -16.87
N PRO H 86 -1.76 -37.21 -15.85
CA PRO H 86 -0.74 -38.20 -15.50
C PRO H 86 -0.14 -38.86 -16.75
N ASP H 87 -1.00 -39.36 -17.62
CA ASP H 87 -0.57 -40.22 -18.72
C ASP H 87 0.05 -39.40 -19.84
N LEU H 88 0.31 -38.13 -19.56
CA LEU H 88 0.92 -37.23 -20.55
C LEU H 88 2.18 -36.58 -20.01
N PRO H 89 3.34 -37.23 -20.28
CA PRO H 89 4.61 -36.96 -19.61
C PRO H 89 5.14 -35.53 -19.73
N LYS H 90 4.90 -34.85 -20.85
CA LYS H 90 5.57 -33.58 -21.11
C LYS H 90 4.74 -32.37 -20.77
N GLY H 91 3.45 -32.60 -20.48
CA GLY H 91 2.52 -31.51 -20.22
C GLY H 91 2.03 -31.01 -21.56
N TYR H 92 2.45 -31.71 -22.62
CA TYR H 92 1.89 -31.46 -23.95
C TYR H 92 1.89 -32.70 -24.79
N GLN H 93 1.03 -32.72 -25.80
CA GLN H 93 0.99 -33.73 -26.84
C GLN H 93 1.54 -33.10 -28.12
N ILE H 94 2.52 -33.75 -28.76
CA ILE H 94 2.96 -33.31 -30.08
C ILE H 94 2.00 -33.87 -31.13
N SER H 95 1.27 -32.99 -31.80
CA SER H 95 0.47 -33.35 -32.96
C SER H 95 0.62 -32.32 -34.07
N GLN H 96 -0.42 -32.17 -34.87
CA GLN H 96 -0.48 -31.11 -35.85
C GLN H 96 -1.79 -30.35 -35.63
N TYR H 97 -1.83 -29.10 -36.06
CA TYR H 97 -2.98 -28.22 -35.78
C TYR H 97 -3.43 -27.50 -37.05
N GLU H 98 -3.19 -26.19 -37.20
CA GLU H 98 -3.21 -25.60 -38.55
C GLU H 98 -2.02 -26.30 -39.22
N LYS H 99 -2.01 -26.44 -40.53
CA LYS H 99 -0.93 -27.22 -41.19
C LYS H 99 -0.85 -28.72 -40.81
N PRO H 100 -1.95 -29.48 -41.04
CA PRO H 100 -1.89 -30.93 -40.88
C PRO H 100 -1.35 -31.59 -42.16
N LEU H 101 -0.96 -32.86 -42.07
CA LEU H 101 -0.40 -33.60 -43.22
C LEU H 101 -1.33 -33.70 -44.45
N ALA H 102 -2.60 -34.01 -44.22
CA ALA H 102 -3.55 -34.30 -45.29
C ALA H 102 -4.96 -33.78 -44.98
N THR H 103 -5.72 -33.54 -46.05
CA THR H 103 -6.89 -32.72 -46.01
C THR H 103 -7.77 -33.11 -47.22
N ASN H 104 -9.07 -32.83 -47.13
CA ASN H 104 -10.03 -33.04 -48.23
C ASN H 104 -9.94 -34.42 -48.89
N GLY H 105 -10.21 -35.47 -48.11
CA GLY H 105 -10.35 -36.83 -48.64
C GLY H 105 -11.77 -37.35 -48.48
N TRP H 106 -11.96 -38.63 -48.78
CA TRP H 106 -13.27 -39.25 -48.71
C TRP H 106 -13.18 -40.76 -48.64
N VAL H 107 -14.18 -41.34 -47.99
CA VAL H 107 -14.37 -42.79 -47.99
C VAL H 107 -15.72 -43.12 -48.63
N GLU H 108 -15.77 -44.17 -49.44
CA GLU H 108 -17.01 -44.66 -50.02
C GLU H 108 -17.59 -45.82 -49.22
N LEU H 109 -18.83 -45.64 -48.78
CA LEU H 109 -19.60 -46.68 -48.11
C LEU H 109 -20.56 -47.40 -49.08
N ASN H 110 -20.57 -48.74 -49.01
CA ASN H 110 -21.59 -49.52 -49.71
C ASN H 110 -22.67 -49.83 -48.72
N LEU H 111 -23.88 -49.37 -49.05
CA LEU H 111 -25.04 -49.53 -48.18
C LEU H 111 -25.78 -50.83 -48.49
N PRO H 112 -26.50 -51.38 -47.48
CA PRO H 112 -27.29 -52.61 -47.68
C PRO H 112 -28.22 -52.53 -48.89
N ASN H 113 -29.03 -51.47 -48.94
CA ASN H 113 -29.93 -51.19 -50.06
C ASN H 113 -29.28 -51.18 -51.45
N GLY H 114 -27.95 -51.25 -51.48
CA GLY H 114 -27.18 -51.32 -52.73
C GLY H 114 -26.57 -50.00 -53.17
N GLU H 115 -26.94 -48.92 -52.50
CA GLU H 115 -26.44 -47.58 -52.83
C GLU H 115 -25.09 -47.27 -52.19
N LYS H 116 -24.33 -46.43 -52.89
CA LYS H 116 -23.01 -46.03 -52.47
C LYS H 116 -23.04 -44.57 -52.00
N LYS H 117 -22.40 -44.30 -50.86
CA LYS H 117 -22.45 -43.01 -50.19
C LYS H 117 -21.02 -42.57 -49.90
N LYS H 118 -20.79 -41.25 -49.84
CA LYS H 118 -19.48 -40.74 -49.46
C LYS H 118 -19.45 -40.03 -48.13
N VAL H 119 -18.41 -40.34 -47.36
CA VAL H 119 -18.07 -39.68 -46.10
C VAL H 119 -16.73 -38.99 -46.29
N ARG H 120 -16.72 -37.68 -46.08
CA ARG H 120 -15.50 -36.90 -46.29
C ARG H 120 -14.54 -37.05 -45.14
N ILE H 121 -13.25 -37.10 -45.45
CA ILE H 121 -12.25 -36.89 -44.42
C ILE H 121 -11.79 -35.43 -44.39
N ARG H 122 -12.04 -34.79 -43.23
CA ARG H 122 -11.72 -33.40 -43.00
C ARG H 122 -10.20 -33.27 -42.90
N ARG H 123 -9.56 -34.18 -42.16
CA ARG H 123 -8.11 -34.13 -41.97
C ARG H 123 -7.50 -35.48 -41.58
N LEU H 124 -6.22 -35.64 -41.89
CA LEU H 124 -5.41 -36.65 -41.27
C LEU H 124 -4.16 -35.95 -40.78
N HIS H 125 -3.87 -36.05 -39.49
CA HIS H 125 -2.59 -35.60 -38.99
C HIS H 125 -1.86 -36.65 -38.15
N ILE H 126 -0.55 -36.43 -38.04
CA ILE H 126 0.34 -37.26 -37.25
C ILE H 126 0.43 -36.72 -35.82
N GLU H 127 0.49 -37.65 -34.87
CA GLU H 127 0.65 -37.28 -33.48
C GLU H 127 1.06 -38.52 -32.67
N GLU H 128 1.54 -38.29 -31.47
CA GLU H 128 2.00 -39.32 -30.58
C GLU H 128 0.90 -39.62 -29.55
N ASP H 129 0.91 -40.84 -29.02
CA ASP H 129 -0.07 -41.28 -28.05
C ASP H 129 0.40 -40.92 -26.65
N ALA H 130 -0.55 -40.87 -25.71
CA ALA H 130 -0.28 -40.78 -24.27
C ALA H 130 -0.06 -42.18 -23.68
N GLY H 131 0.32 -42.26 -22.42
CA GLY H 131 0.40 -43.56 -21.74
C GLY H 131 -0.96 -44.05 -21.25
N LYS H 132 -0.96 -45.05 -20.36
CA LYS H 132 -2.19 -45.62 -19.82
C LYS H 132 -2.21 -45.67 -18.31
N ASN H 133 -3.35 -45.27 -17.76
CA ASN H 133 -3.61 -45.28 -16.34
C ASN H 133 -4.36 -46.53 -15.93
N ILE H 134 -3.97 -47.07 -14.77
CA ILE H 134 -4.73 -48.11 -14.07
C ILE H 134 -5.09 -47.55 -12.68
N HIS H 135 -6.34 -47.70 -12.27
CA HIS H 135 -6.77 -47.25 -10.93
C HIS H 135 -6.80 -48.40 -9.93
N GLU H 136 -6.19 -48.19 -8.77
CA GLU H 136 -6.13 -49.19 -7.70
C GLU H 136 -6.27 -48.46 -6.37
N GLY H 137 -7.41 -48.62 -5.73
CA GLY H 137 -7.66 -47.96 -4.45
C GLY H 137 -7.79 -46.45 -4.62
N ASP H 138 -7.10 -45.68 -3.79
CA ASP H 138 -7.10 -44.22 -3.93
C ASP H 138 -5.89 -43.70 -4.72
N LYS H 139 -5.27 -44.58 -5.50
CA LYS H 139 -4.15 -44.19 -6.34
C LYS H 139 -4.35 -44.54 -7.83
N THR H 140 -3.69 -43.80 -8.73
CA THR H 140 -3.65 -44.12 -10.16
C THR H 140 -2.23 -44.62 -10.48
N LEU H 141 -2.14 -45.72 -11.22
CA LEU H 141 -0.88 -46.32 -11.59
C LEU H 141 -0.62 -46.04 -13.08
N VAL H 142 0.50 -45.39 -13.38
CA VAL H 142 0.78 -44.95 -14.73
C VAL H 142 1.85 -45.80 -15.45
N ASP H 143 1.47 -46.43 -16.55
CA ASP H 143 2.43 -47.10 -17.45
C ASP H 143 2.60 -46.22 -18.66
N LEU H 144 3.83 -45.76 -18.90
CA LEU H 144 4.12 -44.93 -20.04
C LEU H 144 4.71 -45.69 -21.23
N ASN H 145 4.51 -46.99 -21.30
CA ASN H 145 4.96 -47.80 -22.48
C ASN H 145 4.38 -47.28 -23.80
N ARG H 146 3.16 -46.77 -23.71
CA ARG H 146 2.40 -46.37 -24.88
C ARG H 146 2.63 -44.89 -25.27
N ALA H 147 3.12 -44.10 -24.31
CA ALA H 147 3.40 -42.70 -24.56
C ALA H 147 4.39 -42.59 -25.72
N GLY H 148 4.02 -41.77 -26.71
CA GLY H 148 4.85 -41.56 -27.90
C GLY H 148 4.58 -42.49 -29.07
N THR H 149 3.72 -43.48 -28.87
CA THR H 149 3.31 -44.35 -29.96
C THR H 149 2.62 -43.50 -31.04
N PRO H 150 2.95 -43.75 -32.34
CA PRO H 150 2.47 -42.92 -33.42
C PRO H 150 1.00 -43.15 -33.72
N LEU H 151 0.29 -42.05 -33.97
CA LEU H 151 -1.13 -42.12 -34.26
C LEU H 151 -1.45 -41.29 -35.44
N MET H 152 -2.43 -41.74 -36.21
CA MET H 152 -3.05 -40.91 -37.21
C MET H 152 -4.35 -40.43 -36.60
N GLU H 153 -4.53 -39.12 -36.40
CA GLU H 153 -5.85 -38.66 -36.01
C GLU H 153 -6.60 -38.38 -37.30
N ILE H 154 -7.74 -39.05 -37.47
CA ILE H 154 -8.56 -38.93 -38.68
C ILE H 154 -9.91 -38.34 -38.29
N VAL H 155 -10.23 -37.17 -38.84
CA VAL H 155 -11.50 -36.49 -38.52
C VAL H 155 -12.39 -36.54 -39.75
N THR H 156 -13.65 -36.95 -39.56
CA THR H 156 -14.64 -36.96 -40.63
C THR H 156 -15.40 -35.64 -40.65
N GLU H 157 -16.00 -35.32 -41.79
CA GLU H 157 -17.04 -34.30 -41.84
C GLU H 157 -18.38 -34.87 -41.29
N PRO H 158 -19.30 -34.01 -40.82
CA PRO H 158 -20.53 -34.57 -40.27
C PRO H 158 -21.46 -35.13 -41.37
N ASP H 159 -20.92 -36.12 -42.11
CA ASP H 159 -21.54 -36.63 -43.33
C ASP H 159 -22.35 -37.90 -43.07
N ILE H 160 -22.12 -38.51 -41.92
CA ILE H 160 -22.78 -39.76 -41.54
C ILE H 160 -24.19 -39.46 -41.00
N ARG H 161 -25.15 -40.32 -41.37
CA ARG H 161 -26.58 -40.07 -41.13
C ARG H 161 -27.28 -41.11 -40.24
N THR H 162 -26.60 -42.23 -39.98
CA THR H 162 -27.24 -43.42 -39.47
C THR H 162 -26.24 -44.21 -38.60
N PRO H 163 -26.69 -44.77 -37.45
CA PRO H 163 -25.83 -45.66 -36.65
C PRO H 163 -25.16 -46.75 -37.48
N GLU H 164 -25.90 -47.33 -38.42
CA GLU H 164 -25.37 -48.39 -39.25
C GLU H 164 -24.23 -47.84 -40.13
N GLU H 165 -24.47 -46.66 -40.71
CA GLU H 165 -23.49 -45.96 -41.55
C GLU H 165 -22.21 -45.70 -40.78
N ALA H 166 -22.36 -45.32 -39.51
CA ALA H 166 -21.19 -45.09 -38.63
C ALA H 166 -20.35 -46.34 -38.47
N ARG H 167 -21.00 -47.48 -38.24
CA ARG H 167 -20.29 -48.76 -38.12
C ARG H 167 -19.67 -49.14 -39.46
N LEU H 168 -20.46 -49.09 -40.53
CA LEU H 168 -19.95 -49.37 -41.87
C LEU H 168 -18.74 -48.49 -42.25
N PHE H 169 -18.77 -47.22 -41.87
CA PHE H 169 -17.63 -46.36 -42.07
C PHE H 169 -16.43 -46.88 -41.32
N LEU H 170 -16.62 -47.11 -40.03
CA LEU H 170 -15.54 -47.66 -39.21
C LEU H 170 -14.96 -48.97 -39.76
N GLU H 171 -15.80 -49.86 -40.28
CA GLU H 171 -15.32 -51.13 -40.84
C GLU H 171 -14.53 -50.94 -42.13
N LYS H 172 -14.98 -50.01 -42.97
CA LYS H 172 -14.31 -49.67 -44.21
C LYS H 172 -12.96 -48.97 -43.94
N LEU H 173 -12.95 -48.00 -43.02
CA LEU H 173 -11.68 -47.39 -42.59
C LEU H 173 -10.70 -48.46 -42.09
N ARG H 174 -11.19 -49.38 -41.26
CA ARG H 174 -10.34 -50.47 -40.76
C ARG H 174 -9.74 -51.29 -41.88
N ASN H 175 -10.57 -51.66 -42.85
CA ASN H 175 -10.17 -52.47 -43.97
C ASN H 175 -9.17 -51.77 -44.88
N ILE H 176 -9.42 -50.50 -45.17
CA ILE H 176 -8.48 -49.66 -45.90
C ILE H 176 -7.06 -49.61 -45.25
N MET H 177 -7.02 -49.33 -43.94
CA MET H 177 -5.80 -49.34 -43.16
C MET H 177 -5.09 -50.67 -43.22
N ARG H 178 -5.84 -51.77 -43.08
CA ARG H 178 -5.26 -53.10 -43.16
C ARG H 178 -4.69 -53.43 -44.53
N TYR H 179 -5.45 -53.14 -45.58
CA TYR H 179 -5.01 -53.36 -46.95
C TYR H 179 -3.77 -52.51 -47.29
N ALA H 180 -3.79 -51.23 -46.92
CA ALA H 180 -2.62 -50.37 -47.11
C ALA H 180 -1.43 -50.84 -46.31
N GLY H 181 -1.68 -51.61 -45.25
CA GLY H 181 -0.61 -52.16 -44.41
C GLY H 181 -0.07 -51.18 -43.40
N VAL H 182 -0.86 -50.16 -43.04
CA VAL H 182 -0.34 -49.13 -42.17
C VAL H 182 -0.63 -49.39 -40.68
N SER H 183 -1.68 -50.16 -40.41
CA SER H 183 -2.16 -50.41 -39.05
C SER H 183 -2.98 -51.68 -39.02
N LYS H 184 -2.93 -52.41 -37.91
CA LYS H 184 -3.81 -53.58 -37.70
C LYS H 184 -5.25 -53.13 -37.35
N ALA H 185 -5.38 -51.96 -36.72
CA ALA H 185 -6.63 -51.22 -36.59
C ALA H 185 -7.78 -51.99 -35.96
N ASP H 186 -7.47 -52.85 -35.00
CA ASP H 186 -8.50 -53.53 -34.24
C ASP H 186 -8.73 -52.79 -32.93
N MET H 187 -9.99 -52.39 -32.69
CA MET H 187 -10.35 -51.72 -31.44
C MET H 187 -10.00 -52.52 -30.18
N GLU H 188 -10.17 -53.84 -30.27
CA GLU H 188 -9.84 -54.78 -29.17
C GLU H 188 -8.47 -54.56 -28.53
N LYS H 189 -7.47 -54.20 -29.33
CA LYS H 189 -6.10 -54.02 -28.84
C LYS H 189 -5.70 -52.54 -28.72
N GLY H 190 -6.71 -51.66 -28.73
CA GLY H 190 -6.50 -50.21 -28.61
C GLY H 190 -5.88 -49.54 -29.84
N GLN H 191 -5.83 -50.29 -30.95
CA GLN H 191 -5.22 -49.82 -32.19
C GLN H 191 -6.08 -48.83 -32.95
N LEU H 192 -7.35 -48.73 -32.56
CA LEU H 192 -8.27 -47.82 -33.19
C LEU H 192 -9.21 -47.34 -32.13
N ARG H 193 -9.26 -46.03 -31.96
CA ARG H 193 -10.15 -45.39 -31.01
C ARG H 193 -11.11 -44.53 -31.79
N CYS H 194 -12.30 -44.33 -31.24
CA CYS H 194 -13.30 -43.54 -31.92
C CYS H 194 -14.16 -42.70 -30.97
N ASP H 195 -14.20 -41.40 -31.23
CA ASP H 195 -15.04 -40.50 -30.47
C ASP H 195 -16.16 -40.07 -31.40
N ILE H 196 -17.39 -40.12 -30.90
CA ILE H 196 -18.57 -39.89 -31.71
C ILE H 196 -19.11 -38.51 -31.39
N ASN H 197 -19.53 -37.80 -32.45
CA ASN H 197 -20.15 -36.50 -32.35
C ASN H 197 -21.49 -36.55 -33.08
N VAL H 198 -22.56 -36.10 -32.43
CA VAL H 198 -23.90 -36.28 -32.98
C VAL H 198 -24.90 -35.18 -32.60
N SER H 199 -25.62 -34.70 -33.62
CA SER H 199 -26.70 -33.74 -33.43
C SER H 199 -27.91 -34.17 -34.26
N ILE H 200 -29.08 -33.60 -33.93
CA ILE H 200 -30.29 -33.86 -34.71
C ILE H 200 -30.80 -32.59 -35.40
N ARG H 201 -31.72 -32.77 -36.33
CA ARG H 201 -32.00 -31.75 -37.32
C ARG H 201 -33.35 -32.08 -37.98
N PRO H 202 -34.33 -31.14 -37.98
CA PRO H 202 -35.53 -31.37 -38.80
C PRO H 202 -35.15 -31.76 -40.23
N LYS H 203 -35.80 -32.80 -40.76
CA LYS H 203 -35.42 -33.35 -42.07
C LYS H 203 -35.35 -32.31 -43.17
N GLY H 204 -34.32 -32.41 -44.01
CA GLY H 204 -34.09 -31.47 -45.09
C GLY H 204 -33.62 -30.08 -44.67
N SER H 205 -33.41 -29.87 -43.36
CA SER H 205 -32.79 -28.64 -42.86
C SER H 205 -31.30 -28.59 -43.23
N LYS H 206 -30.77 -27.38 -43.38
CA LYS H 206 -29.36 -27.15 -43.68
C LYS H 206 -28.60 -26.62 -42.45
N GLU H 207 -29.36 -26.19 -41.45
CA GLU H 207 -28.83 -25.71 -40.17
C GLU H 207 -28.25 -26.89 -39.38
N PHE H 208 -27.31 -26.64 -38.48
CA PHE H 208 -26.78 -27.71 -37.64
C PHE H 208 -27.29 -27.65 -36.19
N GLY H 209 -27.79 -28.78 -35.70
CA GLY H 209 -28.30 -28.88 -34.33
C GLY H 209 -27.16 -28.94 -33.33
N THR H 210 -27.49 -28.78 -32.06
CA THR H 210 -26.44 -28.76 -31.03
C THR H 210 -25.82 -30.13 -30.83
N ARG H 211 -24.51 -30.14 -30.62
CA ARG H 211 -23.72 -31.37 -30.72
C ARG H 211 -23.36 -31.99 -29.37
N VAL H 212 -23.56 -33.30 -29.30
CA VAL H 212 -23.13 -34.12 -28.17
C VAL H 212 -22.00 -35.04 -28.60
N GLU H 213 -20.98 -35.16 -27.75
CA GLU H 213 -19.86 -36.04 -27.99
C GLU H 213 -19.94 -37.23 -27.05
N ILE H 214 -19.85 -38.44 -27.59
CA ILE H 214 -19.78 -39.65 -26.78
C ILE H 214 -18.39 -40.24 -26.87
N LYS H 215 -17.71 -40.33 -25.73
CA LYS H 215 -16.32 -40.84 -25.72
C LYS H 215 -16.19 -42.27 -25.18
N ASN H 216 -15.06 -42.91 -25.52
CA ASN H 216 -14.73 -44.27 -25.06
C ASN H 216 -15.79 -45.31 -25.37
N VAL H 217 -16.15 -45.37 -26.65
CA VAL H 217 -16.99 -46.44 -27.14
C VAL H 217 -15.99 -47.41 -27.77
N ASN H 218 -16.01 -48.67 -27.30
CA ASN H 218 -14.88 -49.60 -27.44
C ASN H 218 -14.96 -50.66 -28.55
N SER H 219 -16.03 -50.66 -29.34
CA SER H 219 -16.21 -51.64 -30.42
C SER H 219 -17.07 -51.02 -31.50
N PHE H 220 -16.98 -51.57 -32.72
CA PHE H 220 -17.80 -51.10 -33.84
C PHE H 220 -19.29 -51.24 -33.52
N ARG H 221 -19.65 -52.35 -32.89
CA ARG H 221 -21.03 -52.60 -32.50
C ARG H 221 -21.53 -51.63 -31.43
N PHE H 222 -20.66 -51.28 -30.48
CA PHE H 222 -21.05 -50.32 -29.45
C PHE H 222 -21.24 -48.90 -29.97
N VAL H 223 -20.50 -48.52 -31.02
CA VAL H 223 -20.74 -47.21 -31.67
C VAL H 223 -22.13 -47.14 -32.29
N GLN H 224 -22.58 -48.26 -32.86
CA GLN H 224 -23.94 -48.34 -33.38
C GLN H 224 -24.95 -48.21 -32.23
N LYS H 225 -24.74 -48.96 -31.15
CA LYS H 225 -25.64 -49.00 -30.02
C LYS H 225 -25.74 -47.64 -29.36
N ALA H 226 -24.58 -47.06 -29.05
CA ALA H 226 -24.50 -45.74 -28.44
C ALA H 226 -25.27 -44.74 -29.27
N LEU H 227 -25.03 -44.79 -30.58
CA LEU H 227 -25.72 -43.89 -31.52
C LEU H 227 -27.21 -44.14 -31.60
N GLU H 228 -27.62 -45.39 -31.70
CA GLU H 228 -29.04 -45.75 -31.75
C GLU H 228 -29.78 -45.09 -30.60
N TYR H 229 -29.23 -45.23 -29.40
CA TYR H 229 -29.84 -44.70 -28.19
C TYR H 229 -29.86 -43.17 -28.19
N GLU H 230 -28.68 -42.59 -28.43
CA GLU H 230 -28.48 -41.13 -28.35
C GLU H 230 -29.38 -40.34 -29.30
N ILE H 231 -29.59 -40.89 -30.50
CA ILE H 231 -30.51 -40.31 -31.46
C ILE H 231 -31.94 -40.31 -30.89
N GLU H 232 -32.37 -41.45 -30.34
CA GLU H 232 -33.66 -41.55 -29.66
C GLU H 232 -33.74 -40.53 -28.54
N ARG H 233 -32.72 -40.49 -27.69
CA ARG H 233 -32.68 -39.60 -26.54
C ARG H 233 -32.87 -38.13 -26.93
N GLN H 234 -32.19 -37.69 -27.98
CA GLN H 234 -32.24 -36.30 -28.40
C GLN H 234 -33.58 -35.97 -29.06
N ILE H 235 -34.15 -36.92 -29.80
CA ILE H 235 -35.47 -36.72 -30.42
C ILE H 235 -36.54 -36.55 -29.34
N ASN H 236 -36.52 -37.43 -28.33
CA ASN H 236 -37.36 -37.30 -27.14
C ASN H 236 -37.31 -35.88 -26.59
N VAL H 237 -36.13 -35.48 -26.12
CA VAL H 237 -35.91 -34.14 -25.54
C VAL H 237 -36.52 -33.00 -26.38
N VAL H 238 -36.25 -32.99 -27.68
CA VAL H 238 -36.71 -31.90 -28.56
C VAL H 238 -38.23 -31.88 -28.77
N GLU H 239 -38.85 -33.06 -28.92
CA GLU H 239 -40.31 -33.16 -29.12
C GLU H 239 -41.10 -32.99 -27.84
N GLU H 240 -40.41 -33.15 -26.71
CA GLU H 240 -40.97 -32.85 -25.40
C GLU H 240 -40.94 -31.35 -25.10
N GLY H 241 -40.48 -30.57 -26.07
CA GLY H 241 -40.39 -29.11 -25.94
C GLY H 241 -39.10 -28.61 -25.32
N GLY H 242 -38.18 -29.53 -25.03
CA GLY H 242 -36.89 -29.20 -24.42
C GLY H 242 -35.76 -28.91 -25.42
N GLU H 243 -34.71 -28.27 -24.93
CA GLU H 243 -33.53 -27.98 -25.73
C GLU H 243 -32.45 -28.98 -25.39
N VAL H 244 -31.81 -29.55 -26.42
CA VAL H 244 -30.69 -30.47 -26.22
C VAL H 244 -29.43 -29.70 -25.86
N VAL H 245 -28.78 -30.14 -24.78
CA VAL H 245 -27.62 -29.45 -24.21
C VAL H 245 -26.30 -30.03 -24.72
N GLN H 246 -25.36 -29.13 -25.02
CA GLN H 246 -24.05 -29.52 -25.53
C GLN H 246 -23.12 -30.02 -24.43
N GLU H 247 -22.77 -31.29 -24.52
CA GLU H 247 -21.93 -31.95 -23.52
C GLU H 247 -21.17 -33.16 -24.07
N THR H 248 -20.28 -33.70 -23.26
CA THR H 248 -19.71 -35.01 -23.51
C THR H 248 -20.46 -36.04 -22.67
N ARG H 249 -20.68 -37.23 -23.21
CA ARG H 249 -21.34 -38.29 -22.47
C ARG H 249 -20.56 -39.59 -22.60
N THR H 250 -20.91 -40.59 -21.78
CA THR H 250 -20.30 -41.91 -21.88
C THR H 250 -21.35 -42.96 -22.18
N PHE H 251 -20.89 -44.14 -22.57
CA PHE H 251 -21.77 -45.22 -22.95
C PHE H 251 -21.47 -46.47 -22.14
N ASP H 252 -22.50 -47.01 -21.48
CA ASP H 252 -22.38 -48.25 -20.72
C ASP H 252 -22.82 -49.42 -21.59
N PRO H 253 -21.87 -50.28 -21.99
CA PRO H 253 -22.19 -51.43 -22.84
C PRO H 253 -23.30 -52.29 -22.21
N GLN H 254 -23.21 -52.50 -20.89
CA GLN H 254 -24.16 -53.35 -20.15
C GLN H 254 -25.61 -52.86 -20.19
N THR H 255 -25.80 -51.55 -20.13
CA THR H 255 -27.15 -50.96 -20.16
C THR H 255 -27.62 -50.48 -21.54
N GLY H 256 -26.67 -50.24 -22.45
CA GLY H 256 -26.98 -49.73 -23.79
C GLY H 256 -27.45 -48.29 -23.81
N LYS H 257 -27.03 -47.52 -22.79
CA LYS H 257 -27.48 -46.13 -22.63
C LYS H 257 -26.31 -45.16 -22.48
N THR H 258 -26.56 -43.90 -22.82
CA THR H 258 -25.56 -42.85 -22.68
C THR H 258 -25.89 -41.95 -21.50
N TYR H 259 -24.84 -41.52 -20.79
CA TYR H 259 -24.98 -40.81 -19.53
C TYR H 259 -24.21 -39.49 -19.53
N PRO H 260 -24.81 -38.42 -18.96
CA PRO H 260 -24.07 -37.18 -18.80
C PRO H 260 -23.01 -37.41 -17.74
N MET H 261 -22.11 -36.44 -17.57
CA MET H 261 -21.04 -36.60 -16.60
C MET H 261 -21.29 -35.77 -15.34
N ARG H 262 -20.92 -36.35 -14.20
CA ARG H 262 -21.05 -35.73 -12.88
C ARG H 262 -20.23 -34.44 -12.74
N THR H 263 -19.11 -34.37 -13.45
CA THR H 263 -18.19 -33.23 -13.41
C THR H 263 -18.47 -32.21 -14.53
N LYS H 264 -18.77 -30.98 -14.11
CA LYS H 264 -18.96 -29.84 -15.02
C LYS H 264 -17.61 -29.24 -15.46
N GLU H 265 -16.65 -30.11 -15.75
CA GLU H 265 -15.28 -29.69 -16.11
C GLU H 265 -15.15 -29.28 -17.58
N GLU H 266 -15.09 -27.97 -17.80
CA GLU H 266 -14.88 -27.41 -19.14
C GLU H 266 -13.44 -27.59 -19.62
N ALA H 267 -13.29 -27.68 -20.94
CA ALA H 267 -11.97 -27.83 -21.57
C ALA H 267 -11.14 -26.54 -21.42
N GLU H 268 -9.83 -26.71 -21.44
CA GLU H 268 -8.92 -25.59 -21.30
C GLU H 268 -8.14 -25.39 -22.59
N ASP H 269 -7.85 -24.13 -22.89
CA ASP H 269 -7.07 -23.72 -24.07
C ASP H 269 -5.83 -24.57 -24.21
N TYR H 270 -5.59 -25.08 -25.40
CA TYR H 270 -4.48 -25.99 -25.60
C TYR H 270 -3.17 -25.26 -25.85
N ARG H 271 -3.23 -23.94 -25.97
CA ARG H 271 -2.05 -23.09 -26.17
C ARG H 271 -1.13 -23.65 -27.28
N TYR H 272 -1.71 -24.02 -28.41
CA TYR H 272 -1.02 -24.52 -29.59
C TYR H 272 0.05 -23.61 -30.14
N PHE H 273 1.18 -24.19 -30.55
CA PHE H 273 2.24 -23.46 -31.24
C PHE H 273 3.24 -24.46 -31.84
N PRO H 274 3.91 -24.12 -32.95
CA PRO H 274 4.86 -25.08 -33.58
C PRO H 274 5.91 -25.57 -32.57
N ASP H 275 6.06 -26.87 -32.38
CA ASP H 275 7.06 -27.33 -31.42
C ASP H 275 8.39 -26.79 -31.91
N PRO H 276 9.13 -26.09 -31.02
CA PRO H 276 10.39 -25.53 -31.48
C PRO H 276 11.55 -26.51 -31.39
N ASP H 277 11.33 -27.74 -30.92
CA ASP H 277 12.34 -28.80 -31.01
C ASP H 277 12.37 -29.46 -32.39
N LEU H 278 11.45 -29.09 -33.27
CA LEU H 278 11.21 -29.77 -34.55
C LEU H 278 11.06 -28.73 -35.67
N VAL H 279 11.72 -28.98 -36.81
CA VAL H 279 11.46 -28.19 -38.03
C VAL H 279 10.20 -28.72 -38.74
N PRO H 280 9.58 -27.88 -39.60
CA PRO H 280 8.48 -28.36 -40.45
C PRO H 280 8.73 -29.66 -41.18
N LEU H 281 7.69 -30.48 -41.26
CA LEU H 281 7.74 -31.71 -41.99
C LEU H 281 7.61 -31.37 -43.48
N LYS H 282 8.70 -31.53 -44.21
CA LYS H 282 8.70 -31.27 -45.63
C LYS H 282 8.68 -32.58 -46.38
N VAL H 283 7.63 -32.75 -47.17
CA VAL H 283 7.37 -33.99 -47.89
C VAL H 283 7.50 -33.74 -49.38
N LYS H 284 8.58 -34.25 -49.96
CA LYS H 284 8.86 -34.10 -51.39
C LYS H 284 7.79 -34.72 -52.25
N LYS H 285 7.43 -34.02 -53.33
CA LYS H 285 6.50 -34.49 -54.34
C LYS H 285 6.91 -35.88 -54.83
N GLU H 286 8.22 -36.03 -55.08
CA GLU H 286 8.83 -37.28 -55.52
C GLU H 286 8.51 -38.48 -54.63
N TRP H 287 8.35 -38.25 -53.33
CA TRP H 287 8.09 -39.31 -52.35
C TRP H 287 6.62 -39.69 -52.33
N ILE H 288 5.76 -38.69 -52.44
CA ILE H 288 4.33 -38.87 -52.63
C ILE H 288 4.06 -39.73 -53.86
N GLU H 289 4.67 -39.35 -55.00
CA GLU H 289 4.61 -40.12 -56.25
C GLU H 289 5.05 -41.56 -56.08
N GLU H 290 6.14 -41.78 -55.34
CA GLU H 290 6.70 -43.12 -55.14
C GLU H 290 5.78 -44.00 -54.30
N ILE H 291 5.11 -43.39 -53.31
CA ILE H 291 4.18 -44.10 -52.43
C ILE H 291 2.89 -44.40 -53.17
N LYS H 292 2.43 -43.43 -53.96
CA LYS H 292 1.29 -43.57 -54.87
C LYS H 292 1.48 -44.72 -55.90
N LYS H 293 2.64 -44.75 -56.55
CA LYS H 293 2.97 -45.74 -57.58
C LYS H 293 3.07 -47.14 -57.02
N ASN H 294 3.67 -47.26 -55.85
CA ASN H 294 3.82 -48.57 -55.25
C ASN H 294 2.74 -48.90 -54.24
N MET H 295 1.61 -48.19 -54.31
CA MET H 295 0.51 -48.41 -53.38
C MET H 295 0.00 -49.84 -53.50
N PRO H 296 -0.15 -50.56 -52.37
CA PRO H 296 -0.82 -51.87 -52.32
C PRO H 296 -2.22 -51.75 -52.88
N GLU H 297 -2.83 -52.87 -53.25
CA GLU H 297 -4.18 -52.83 -53.77
C GLU H 297 -5.17 -52.59 -52.62
N LEU H 298 -6.16 -51.77 -52.89
CA LEU H 298 -7.13 -51.34 -51.89
C LEU H 298 -8.46 -52.08 -52.10
N PRO H 299 -9.33 -52.11 -51.07
CA PRO H 299 -10.52 -52.97 -51.12
C PRO H 299 -11.43 -52.77 -52.33
N ASP H 300 -11.80 -51.52 -52.61
CA ASP H 300 -12.70 -51.20 -53.72
C ASP H 300 -12.15 -51.64 -55.08
N GLN H 301 -10.83 -51.51 -55.26
CA GLN H 301 -10.15 -51.99 -56.45
C GLN H 301 -10.23 -53.50 -56.55
N ARG H 302 -9.81 -54.19 -55.48
CA ARG H 302 -9.82 -55.65 -55.45
C ARG H 302 -11.21 -56.19 -55.76
N PHE H 303 -12.22 -55.59 -55.16
CA PHE H 303 -13.60 -55.97 -55.39
C PHE H 303 -13.98 -56.03 -56.88
N GLU H 304 -13.63 -55.01 -57.66
CA GLU H 304 -13.95 -55.00 -59.09
C GLU H 304 -13.09 -55.98 -59.85
N ARG H 305 -11.85 -56.15 -59.40
CA ARG H 305 -10.91 -57.04 -60.07
C ARG H 305 -11.35 -58.51 -59.97
N LEU H 306 -11.79 -58.92 -58.78
CA LEU H 306 -12.25 -60.31 -58.58
C LEU H 306 -13.51 -60.63 -59.39
N ILE H 307 -14.48 -59.73 -59.36
CA ILE H 307 -15.68 -59.80 -60.21
C ILE H 307 -15.32 -59.98 -61.68
N LYS H 308 -14.28 -59.31 -62.14
CA LYS H 308 -13.75 -59.47 -63.50
C LYS H 308 -12.88 -60.73 -63.62
N GLU H 309 -11.70 -60.68 -63.03
CA GLU H 309 -10.70 -61.74 -63.14
C GLU H 309 -11.23 -63.17 -62.93
N TYR H 310 -12.30 -63.30 -62.15
CA TYR H 310 -12.77 -64.61 -61.71
C TYR H 310 -14.27 -64.80 -61.86
N GLY H 311 -14.95 -63.75 -62.30
CA GLY H 311 -16.40 -63.79 -62.53
C GLY H 311 -17.25 -64.07 -61.30
N LEU H 312 -16.75 -63.69 -60.13
CA LEU H 312 -17.47 -63.86 -58.88
C LEU H 312 -18.67 -62.91 -58.81
N SER H 313 -19.68 -63.26 -58.04
CA SER H 313 -20.81 -62.36 -57.77
C SER H 313 -20.40 -61.28 -56.77
N GLU H 314 -21.20 -60.22 -56.66
CA GLU H 314 -20.93 -59.16 -55.70
C GLU H 314 -21.06 -59.65 -54.24
N TYR H 315 -21.82 -60.72 -54.04
CA TYR H 315 -21.93 -61.38 -52.73
C TYR H 315 -20.63 -62.08 -52.38
N GLU H 316 -20.06 -62.77 -53.37
CA GLU H 316 -18.84 -63.55 -53.18
C GLU H 316 -17.59 -62.69 -53.00
N ALA H 317 -17.38 -61.79 -53.95
CA ALA H 317 -16.28 -60.83 -53.92
C ALA H 317 -16.28 -60.03 -52.61
N GLY H 318 -17.46 -59.55 -52.18
CA GLY H 318 -17.63 -58.83 -50.93
C GLY H 318 -17.07 -59.56 -49.73
N ILE H 319 -17.45 -60.82 -49.57
CA ILE H 319 -16.93 -61.69 -48.52
C ILE H 319 -15.41 -61.77 -48.55
N LEU H 320 -14.86 -61.95 -49.76
CA LEU H 320 -13.42 -62.16 -49.95
C LEU H 320 -12.60 -60.90 -49.76
N VAL H 321 -13.22 -59.76 -50.00
CA VAL H 321 -12.57 -58.45 -49.85
C VAL H 321 -12.73 -57.85 -48.44
N ASN H 322 -13.91 -58.03 -47.83
CA ASN H 322 -14.18 -57.61 -46.44
C ASN H 322 -13.31 -58.29 -45.38
N HIS H 323 -12.94 -59.53 -45.65
CA HIS H 323 -11.97 -60.26 -44.86
C HIS H 323 -10.80 -60.60 -45.82
N LYS H 324 -9.75 -59.78 -45.80
CA LYS H 324 -8.67 -59.82 -46.80
C LYS H 324 -8.01 -61.19 -46.93
N GLU H 325 -7.76 -61.85 -45.79
CA GLU H 325 -7.06 -63.12 -45.71
C GLU H 325 -7.84 -64.27 -46.34
N VAL H 326 -9.16 -64.09 -46.48
CA VAL H 326 -10.01 -65.03 -47.19
C VAL H 326 -9.81 -64.92 -48.71
N GLY H 327 -9.81 -63.68 -49.23
CA GLY H 327 -9.46 -63.42 -50.63
C GLY H 327 -8.06 -63.89 -51.00
N ASP H 328 -7.10 -63.69 -50.09
CA ASP H 328 -5.71 -64.11 -50.29
C ASP H 328 -5.63 -65.64 -50.41
N PHE H 329 -6.38 -66.33 -49.57
CA PHE H 329 -6.48 -67.79 -49.58
C PHE H 329 -7.06 -68.23 -50.91
N PHE H 330 -8.22 -67.67 -51.25
CA PHE H 330 -8.86 -67.97 -52.53
C PHE H 330 -7.90 -67.86 -53.70
N GLU H 331 -7.21 -66.73 -53.82
CA GLU H 331 -6.36 -66.48 -54.97
C GLU H 331 -5.15 -67.43 -55.06
N GLU H 332 -4.64 -67.85 -53.91
CA GLU H 332 -3.54 -68.82 -53.84
C GLU H 332 -4.04 -70.22 -54.19
N ALA H 333 -5.32 -70.46 -53.96
CA ALA H 333 -5.93 -71.73 -54.32
C ALA H 333 -6.22 -71.78 -55.81
N VAL H 334 -6.88 -70.75 -56.33
CA VAL H 334 -7.25 -70.69 -57.74
C VAL H 334 -6.02 -70.70 -58.63
N ARG H 335 -4.85 -70.54 -58.01
CA ARG H 335 -3.58 -70.59 -58.72
C ARG H 335 -3.16 -72.03 -58.98
N HIS H 336 -3.38 -72.89 -57.99
CA HIS H 336 -3.09 -74.33 -58.08
C HIS H 336 -4.05 -75.10 -59.00
N PHE H 337 -5.29 -74.65 -59.08
CA PHE H 337 -6.29 -75.26 -59.95
C PHE H 337 -7.26 -74.19 -60.43
N LYS H 338 -7.19 -73.88 -61.72
CA LYS H 338 -7.90 -72.74 -62.29
C LYS H 338 -9.44 -72.95 -62.45
N GLU H 339 -10.07 -73.37 -61.35
CA GLU H 339 -11.54 -73.48 -61.27
C GLU H 339 -12.07 -72.51 -60.20
N PRO H 340 -12.29 -71.22 -60.59
CA PRO H 340 -12.66 -70.21 -59.61
C PRO H 340 -14.04 -70.45 -59.00
N LYS H 341 -15.04 -70.74 -59.83
CA LYS H 341 -16.43 -70.94 -59.39
C LYS H 341 -16.52 -72.07 -58.37
N GLY H 342 -15.84 -73.17 -58.67
CA GLY H 342 -15.84 -74.33 -57.79
C GLY H 342 -15.16 -74.03 -56.48
N ILE H 343 -14.07 -73.28 -56.53
CA ILE H 343 -13.28 -72.96 -55.34
C ILE H 343 -13.98 -72.00 -54.35
N VAL H 344 -14.61 -70.93 -54.85
CA VAL H 344 -15.41 -70.05 -53.98
C VAL H 344 -16.53 -70.78 -53.26
N ASN H 345 -17.24 -71.62 -54.00
CA ASN H 345 -18.32 -72.44 -53.45
C ASN H 345 -17.86 -73.22 -52.22
N TRP H 346 -16.83 -74.03 -52.38
CA TRP H 346 -16.32 -74.86 -51.30
C TRP H 346 -15.62 -74.08 -50.19
N LEU H 347 -15.08 -72.92 -50.53
CA LEU H 347 -14.47 -72.03 -49.54
C LEU H 347 -15.53 -71.39 -48.65
N ILE H 348 -16.53 -70.77 -49.27
CA ILE H 348 -17.58 -70.05 -48.55
C ILE H 348 -18.59 -70.99 -47.90
N ASN H 349 -19.05 -71.99 -48.65
CA ASN H 349 -20.15 -72.84 -48.21
C ASN H 349 -19.68 -73.96 -47.26
N ASP H 350 -18.38 -74.26 -47.29
CA ASP H 350 -17.85 -75.39 -46.55
C ASP H 350 -16.78 -75.03 -45.54
N LEU H 351 -15.62 -74.62 -46.05
CA LEU H 351 -14.40 -74.46 -45.24
C LEU H 351 -14.51 -73.38 -44.16
N LEU H 352 -14.99 -72.20 -44.57
CA LEU H 352 -15.20 -71.07 -43.68
C LEU H 352 -16.03 -71.41 -42.43
N GLY H 353 -17.14 -72.12 -42.62
CA GLY H 353 -17.99 -72.50 -41.51
C GLY H 353 -17.36 -73.53 -40.60
N LEU H 354 -16.56 -74.41 -41.18
CA LEU H 354 -15.90 -75.46 -40.41
C LEU H 354 -14.81 -74.88 -39.55
N LEU H 355 -14.11 -73.89 -40.09
CA LEU H 355 -13.07 -73.17 -39.35
C LEU H 355 -13.65 -72.34 -38.22
N ARG H 356 -14.76 -71.67 -38.49
CA ARG H 356 -15.42 -70.86 -37.49
C ARG H 356 -15.79 -71.68 -36.29
N ASP H 357 -16.33 -72.88 -36.53
CA ASP H 357 -16.79 -73.76 -35.46
C ASP H 357 -15.64 -74.28 -34.57
N LYS H 358 -14.50 -74.60 -35.20
CA LYS H 358 -13.26 -74.93 -34.51
C LYS H 358 -12.60 -73.70 -33.87
N GLY H 359 -13.08 -72.51 -34.23
CA GLY H 359 -12.56 -71.26 -33.68
C GLY H 359 -11.18 -70.89 -34.20
N ILE H 360 -10.88 -71.31 -35.43
CA ILE H 360 -9.58 -70.96 -36.03
C ILE H 360 -9.63 -70.07 -37.29
N SER H 361 -8.70 -69.13 -37.32
CA SER H 361 -8.61 -68.13 -38.37
C SER H 361 -8.12 -68.75 -39.68
N ILE H 362 -8.50 -68.15 -40.80
CA ILE H 362 -8.11 -68.64 -42.13
C ILE H 362 -6.59 -68.61 -42.39
N GLU H 363 -5.87 -67.71 -41.71
CA GLU H 363 -4.40 -67.67 -41.78
C GLU H 363 -3.83 -68.98 -41.28
N GLU H 364 -4.54 -69.57 -40.31
CA GLU H 364 -4.06 -70.67 -39.47
C GLU H 364 -4.68 -72.04 -39.82
N SER H 365 -5.43 -72.11 -40.91
CA SER H 365 -6.22 -73.32 -41.20
C SER H 365 -5.35 -74.49 -41.67
N PRO H 366 -5.68 -75.71 -41.21
CA PRO H 366 -4.97 -76.92 -41.64
C PRO H 366 -5.14 -77.17 -43.15
N VAL H 367 -6.31 -76.79 -43.68
CA VAL H 367 -6.54 -76.85 -45.13
C VAL H 367 -5.81 -75.66 -45.75
N LYS H 368 -4.74 -75.95 -46.47
CA LYS H 368 -3.99 -74.95 -47.20
C LYS H 368 -4.65 -74.74 -48.56
N PRO H 369 -4.42 -73.56 -49.19
CA PRO H 369 -4.96 -73.35 -50.54
C PRO H 369 -4.68 -74.48 -51.54
N GLU H 370 -3.56 -75.19 -51.38
CA GLU H 370 -3.24 -76.34 -52.22
C GLU H 370 -4.27 -77.44 -52.03
N HIS H 371 -4.64 -77.68 -50.77
CA HIS H 371 -5.53 -78.76 -50.40
C HIS H 371 -6.95 -78.54 -50.88
N LEU H 372 -7.41 -77.29 -50.82
CA LEU H 372 -8.73 -76.97 -51.33
C LEU H 372 -8.77 -77.09 -52.87
N ALA H 373 -7.77 -76.53 -53.53
CA ALA H 373 -7.64 -76.64 -54.98
C ALA H 373 -7.57 -78.10 -55.43
N GLU H 374 -6.88 -78.92 -54.63
CA GLU H 374 -6.77 -80.36 -54.83
C GLU H 374 -8.12 -81.07 -54.64
N LEU H 375 -8.81 -80.77 -53.53
CA LEU H 375 -10.13 -81.32 -53.26
C LEU H 375 -11.11 -80.97 -54.39
N VAL H 376 -11.19 -79.70 -54.75
CA VAL H 376 -12.09 -79.23 -55.80
C VAL H 376 -11.75 -79.87 -57.16
N LYS H 377 -10.50 -80.32 -57.32
CA LYS H 377 -10.06 -81.04 -58.52
C LYS H 377 -10.73 -82.42 -58.62
N LEU H 378 -10.69 -83.17 -57.52
CA LEU H 378 -11.32 -84.48 -57.41
C LEU H 378 -12.85 -84.46 -57.65
N ILE H 379 -13.51 -83.39 -57.18
CA ILE H 379 -14.94 -83.18 -57.39
C ILE H 379 -15.25 -82.88 -58.86
N LYS H 380 -14.44 -82.04 -59.48
CA LYS H 380 -14.64 -81.62 -60.87
C LYS H 380 -14.37 -82.78 -61.85
N GLU H 381 -13.27 -83.51 -61.62
CA GLU H 381 -12.86 -84.63 -62.48
C GLU H 381 -13.66 -85.90 -62.20
N LYS H 382 -14.63 -85.80 -61.28
CA LYS H 382 -15.54 -86.90 -60.92
C LYS H 382 -14.83 -88.08 -60.23
N VAL H 383 -13.67 -87.81 -59.64
CA VAL H 383 -12.93 -88.83 -58.89
C VAL H 383 -13.69 -89.23 -57.62
N ILE H 384 -14.30 -88.23 -56.97
CA ILE H 384 -15.21 -88.44 -55.83
C ILE H 384 -16.48 -87.62 -56.01
N SER H 385 -17.49 -87.97 -55.22
CA SER H 385 -18.78 -87.28 -55.24
C SER H 385 -18.81 -86.16 -54.21
N THR H 386 -19.70 -85.18 -54.42
CA THR H 386 -19.96 -84.12 -53.44
C THR H 386 -20.21 -84.69 -52.03
N LYS H 387 -21.02 -85.75 -51.95
CA LYS H 387 -21.32 -86.48 -50.73
C LYS H 387 -20.03 -86.86 -50.00
N ILE H 388 -19.10 -87.43 -50.76
CA ILE H 388 -17.82 -87.89 -50.25
C ILE H 388 -16.93 -86.68 -49.97
N GLY H 389 -16.96 -85.72 -50.89
CA GLY H 389 -16.23 -84.45 -50.75
C GLY H 389 -16.52 -83.69 -49.47
N LYS H 390 -17.75 -83.76 -49.00
CA LYS H 390 -18.14 -83.09 -47.75
C LYS H 390 -17.66 -83.85 -46.53
N GLU H 391 -17.49 -85.17 -46.68
CA GLU H 391 -16.93 -86.02 -45.60
C GLU H 391 -15.41 -85.84 -45.45
N VAL H 392 -14.72 -85.68 -46.56
CA VAL H 392 -13.26 -85.52 -46.55
C VAL H 392 -12.80 -84.13 -46.10
N ILE H 393 -13.52 -83.09 -46.51
CA ILE H 393 -13.22 -81.72 -46.07
C ILE H 393 -13.34 -81.57 -44.54
N LYS H 394 -14.33 -82.24 -43.95
CA LYS H 394 -14.53 -82.26 -42.51
C LYS H 394 -13.32 -82.86 -41.79
N GLU H 395 -12.77 -83.92 -42.36
CA GLU H 395 -11.62 -84.59 -41.75
C GLU H 395 -10.31 -83.89 -42.12
N MET H 396 -10.27 -83.25 -43.28
CA MET H 396 -9.15 -82.36 -43.65
C MET H 396 -8.95 -81.32 -42.56
N VAL H 397 -10.04 -80.68 -42.16
CA VAL H 397 -10.04 -79.70 -41.07
C VAL H 397 -9.62 -80.36 -39.76
N GLU H 398 -10.12 -81.57 -39.53
CA GLU H 398 -9.85 -82.32 -38.29
C GLU H 398 -8.41 -82.79 -38.14
N THR H 399 -7.77 -83.14 -39.26
CA THR H 399 -6.44 -83.72 -39.24
C THR H 399 -5.41 -82.74 -39.78
N GLY H 400 -5.53 -82.41 -41.07
CA GLY H 400 -4.54 -81.61 -41.77
C GLY H 400 -3.97 -82.36 -42.96
N LYS H 401 -4.50 -83.54 -43.22
CA LYS H 401 -4.02 -84.39 -44.31
C LYS H 401 -4.59 -83.90 -45.64
N THR H 402 -3.85 -84.17 -46.71
CA THR H 402 -4.27 -83.81 -48.07
C THR H 402 -5.57 -84.53 -48.42
N PRO H 403 -6.40 -83.94 -49.30
CA PRO H 403 -7.55 -84.68 -49.83
C PRO H 403 -7.21 -86.06 -50.40
N SER H 404 -6.20 -86.13 -51.27
CA SER H 404 -5.77 -87.40 -51.87
C SER H 404 -5.26 -88.41 -50.83
N GLN H 405 -4.59 -87.91 -49.79
CA GLN H 405 -4.16 -88.72 -48.66
C GLN H 405 -5.32 -89.51 -48.04
N ILE H 406 -6.38 -88.82 -47.64
CA ILE H 406 -7.51 -89.47 -46.97
C ILE H 406 -8.45 -90.23 -47.93
N VAL H 407 -8.38 -89.90 -49.21
CA VAL H 407 -9.09 -90.66 -50.24
C VAL H 407 -8.51 -92.08 -50.34
N GLU H 408 -7.18 -92.18 -50.39
CA GLU H 408 -6.51 -93.49 -50.40
C GLU H 408 -6.72 -94.22 -49.07
N GLU H 409 -6.44 -93.52 -47.97
CA GLU H 409 -6.57 -94.06 -46.61
C GLU H 409 -7.94 -94.67 -46.31
N LYS H 410 -8.96 -94.30 -47.08
CA LYS H 410 -10.32 -94.80 -46.84
C LYS H 410 -11.02 -95.38 -48.08
N GLY H 411 -10.29 -95.51 -49.18
CA GLY H 411 -10.83 -96.07 -50.42
C GLY H 411 -11.54 -95.03 -51.27
N LEU H 412 -11.26 -95.05 -52.58
CA LEU H 412 -11.81 -94.05 -53.52
C LEU H 412 -13.33 -94.17 -53.69
N VAL I 2 -4.05 -5.23 -14.62
CA VAL I 2 -4.81 -6.45 -15.02
C VAL I 2 -5.43 -7.15 -13.79
N ASP I 3 -6.62 -7.70 -13.96
CA ASP I 3 -7.45 -8.25 -12.88
C ASP I 3 -6.78 -9.22 -11.93
N ARG I 4 -7.40 -9.38 -10.75
CA ARG I 4 -7.18 -10.53 -9.89
C ARG I 4 -7.72 -11.75 -10.63
N GLU I 5 -8.91 -11.60 -11.20
CA GLU I 5 -9.55 -12.67 -11.99
C GLU I 5 -8.61 -13.21 -13.04
N TRP I 6 -7.90 -12.32 -13.73
CA TRP I 6 -7.01 -12.72 -14.83
C TRP I 6 -5.84 -13.55 -14.31
N VAL I 7 -5.21 -13.05 -13.25
CA VAL I 7 -4.10 -13.74 -12.61
C VAL I 7 -4.48 -15.15 -12.17
N LEU I 8 -5.65 -15.29 -11.57
CA LEU I 8 -6.17 -16.59 -11.12
C LEU I 8 -6.47 -17.53 -12.29
N LYS I 9 -7.01 -16.98 -13.36
CA LYS I 9 -7.35 -17.73 -14.58
C LYS I 9 -6.08 -18.27 -15.25
N ILE I 10 -5.08 -17.41 -15.38
CA ILE I 10 -3.81 -17.78 -16.02
C ILE I 10 -3.07 -18.80 -15.17
N ALA I 11 -3.08 -18.60 -13.86
CA ALA I 11 -2.42 -19.53 -12.92
C ALA I 11 -3.05 -20.91 -12.94
N LYS I 12 -4.36 -20.94 -13.16
CA LYS I 12 -5.08 -22.20 -13.20
C LYS I 12 -4.64 -22.99 -14.41
N LEU I 13 -4.57 -22.33 -15.56
CA LEU I 13 -4.14 -22.96 -16.80
C LEU I 13 -2.75 -23.57 -16.68
N ALA I 14 -1.89 -22.86 -15.93
CA ALA I 14 -0.49 -23.23 -15.73
C ALA I 14 -0.27 -24.15 -14.52
N ARG I 15 -1.36 -24.45 -13.80
CA ARG I 15 -1.32 -25.23 -12.56
C ARG I 15 -0.34 -24.65 -11.56
N LEU I 16 -0.55 -23.37 -11.24
CA LEU I 16 0.13 -22.73 -10.12
C LEU I 16 -0.95 -22.38 -9.12
N GLU I 17 -0.86 -22.93 -7.91
CA GLU I 17 -1.74 -22.50 -6.84
C GLU I 17 -1.05 -21.35 -6.12
N LEU I 18 -1.36 -20.13 -6.57
CA LEU I 18 -0.71 -18.97 -6.02
C LEU I 18 -1.12 -18.71 -4.58
N LYS I 19 -0.14 -18.37 -3.76
CA LYS I 19 -0.38 -17.89 -2.42
C LYS I 19 -0.85 -16.44 -2.52
N GLU I 20 -1.64 -16.01 -1.53
CA GLU I 20 -2.30 -14.70 -1.54
C GLU I 20 -1.34 -13.51 -1.76
N GLU I 21 -0.14 -13.64 -1.20
CA GLU I 21 0.95 -12.66 -1.40
C GLU I 21 1.38 -12.52 -2.87
N GLU I 22 1.47 -13.66 -3.57
CA GLU I 22 1.88 -13.72 -4.98
C GLU I 22 0.84 -13.14 -5.92
N ILE I 23 -0.43 -13.47 -5.70
CA ILE I 23 -1.52 -12.89 -6.50
C ILE I 23 -1.43 -11.36 -6.59
N GLU I 24 -1.13 -10.70 -5.48
CA GLU I 24 -1.06 -9.24 -5.42
C GLU I 24 0.17 -8.70 -6.16
N VAL I 25 1.32 -9.33 -5.91
CA VAL I 25 2.59 -8.94 -6.53
C VAL I 25 2.57 -9.20 -8.02
N PHE I 26 2.10 -10.39 -8.43
CA PHE I 26 2.06 -10.74 -9.84
C PHE I 26 1.05 -9.91 -10.62
N GLN I 27 0.10 -9.27 -9.94
CA GLN I 27 -0.79 -8.31 -10.60
C GLN I 27 -0.04 -7.09 -11.11
N LYS I 28 0.78 -6.49 -10.23
CA LYS I 28 1.55 -5.32 -10.61
C LYS I 28 2.67 -5.66 -11.57
N GLN I 29 3.45 -6.68 -11.22
CA GLN I 29 4.60 -7.10 -12.02
C GLN I 29 4.23 -7.47 -13.45
N LEU I 30 3.21 -8.31 -13.60
CA LEU I 30 2.78 -8.73 -14.93
C LEU I 30 2.15 -7.61 -15.76
N SER I 31 1.37 -6.74 -15.13
CA SER I 31 0.87 -5.52 -15.79
C SER I 31 2.03 -4.70 -16.34
N ASP I 32 3.04 -4.50 -15.50
CA ASP I 32 4.21 -3.72 -15.86
C ASP I 32 4.94 -4.33 -17.03
N ILE I 33 5.18 -5.63 -16.94
CA ILE I 33 5.82 -6.40 -18.01
C ILE I 33 5.00 -6.37 -19.31
N LEU I 34 3.69 -6.51 -19.20
CA LEU I 34 2.83 -6.43 -20.38
C LEU I 34 2.86 -5.05 -21.06
N ASP I 35 3.03 -3.98 -20.28
CA ASP I 35 3.25 -2.66 -20.84
C ASP I 35 4.65 -2.57 -21.42
N PHE I 36 5.61 -3.21 -20.74
CA PHE I 36 6.99 -3.17 -21.12
C PHE I 36 7.23 -3.75 -22.52
N ILE I 37 6.61 -4.90 -22.81
CA ILE I 37 6.90 -5.65 -24.02
C ILE I 37 5.97 -5.26 -25.17
N ASP I 38 5.06 -4.34 -24.88
CA ASP I 38 4.10 -3.87 -25.87
C ASP I 38 4.65 -2.81 -26.81
N GLN I 39 5.68 -3.16 -27.60
CA GLN I 39 6.21 -2.24 -28.63
C GLN I 39 5.99 -2.71 -30.05
N LEU I 40 5.48 -3.92 -30.23
CA LEU I 40 5.59 -4.58 -31.52
C LEU I 40 4.49 -4.19 -32.54
N LYS I 41 3.37 -3.66 -32.06
CA LYS I 41 2.26 -3.22 -32.92
C LYS I 41 2.70 -2.25 -33.99
N GLU I 42 3.68 -1.42 -33.63
CA GLU I 42 4.28 -0.40 -34.50
C GLU I 42 4.75 -0.98 -35.82
N LEU I 43 5.16 -2.25 -35.81
CA LEU I 43 5.81 -2.85 -36.96
C LEU I 43 4.80 -3.56 -37.84
N ASP I 44 5.00 -3.47 -39.15
CA ASP I 44 4.19 -4.22 -40.10
C ASP I 44 4.74 -5.61 -40.34
N THR I 45 3.94 -6.62 -40.03
CA THR I 45 4.37 -8.01 -40.15
C THR I 45 3.37 -8.82 -40.97
N GLU I 46 2.41 -8.13 -41.59
CA GLU I 46 1.89 -8.54 -42.89
C GLU I 46 3.01 -8.80 -43.88
N ASN I 47 3.01 -10.00 -44.47
CA ASN I 47 4.01 -10.36 -45.47
C ASN I 47 5.40 -10.55 -44.85
N VAL I 48 5.43 -10.87 -43.56
CA VAL I 48 6.65 -11.38 -42.92
C VAL I 48 6.41 -12.84 -42.51
N GLU I 49 7.28 -13.75 -42.96
CA GLU I 49 7.20 -15.13 -42.49
C GLU I 49 7.79 -15.24 -41.08
N PRO I 50 7.06 -15.90 -40.15
CA PRO I 50 7.61 -16.22 -38.84
C PRO I 50 8.95 -16.94 -38.98
N TYR I 51 9.86 -16.65 -38.07
CA TYR I 51 11.21 -17.20 -38.10
C TYR I 51 11.30 -18.72 -37.93
N ILE I 52 11.98 -19.38 -38.86
CA ILE I 52 12.39 -20.76 -38.64
C ILE I 52 13.86 -20.85 -38.96
N GLN I 53 14.57 -21.77 -38.30
CA GLN I 53 15.94 -22.00 -38.69
C GLN I 53 15.98 -22.65 -40.07
N GLU I 54 17.02 -22.34 -40.82
CA GLU I 54 17.18 -22.93 -42.15
C GLU I 54 17.55 -24.41 -42.10
N PHE I 55 16.99 -25.18 -43.01
CA PHE I 55 17.26 -26.61 -43.13
C PHE I 55 16.90 -27.05 -44.53
N GLU I 56 17.63 -28.02 -45.06
CA GLU I 56 17.39 -28.50 -46.41
C GLU I 56 16.26 -29.54 -46.40
N GLU I 57 16.43 -30.59 -45.59
CA GLU I 57 15.42 -31.63 -45.45
C GLU I 57 15.02 -31.83 -44.00
N THR I 58 13.78 -32.27 -43.78
CA THR I 58 13.35 -32.63 -42.43
C THR I 58 14.17 -33.83 -41.95
N PRO I 59 14.87 -33.69 -40.80
CA PRO I 59 15.55 -34.77 -40.09
C PRO I 59 14.60 -35.85 -39.60
N MET I 60 14.83 -37.06 -40.10
CA MET I 60 14.04 -38.19 -39.73
C MET I 60 14.97 -39.30 -39.36
N ARG I 61 14.39 -40.35 -38.79
CA ARG I 61 15.11 -41.41 -38.15
C ARG I 61 14.52 -42.70 -38.70
N GLU I 62 15.35 -43.71 -38.95
CA GLU I 62 14.86 -45.02 -39.39
C GLU I 62 14.03 -45.68 -38.28
N ASP I 63 13.08 -46.51 -38.69
CA ASP I 63 12.24 -47.26 -37.76
C ASP I 63 12.96 -48.48 -37.17
N GLU I 64 13.99 -48.23 -36.36
CA GLU I 64 14.85 -49.25 -35.76
C GLU I 64 14.87 -49.07 -34.25
N PRO I 65 14.53 -50.12 -33.47
CA PRO I 65 14.60 -50.07 -32.01
C PRO I 65 15.98 -49.68 -31.45
N HIS I 66 15.97 -48.80 -30.46
CA HIS I 66 17.13 -48.46 -29.67
C HIS I 66 16.87 -49.00 -28.28
N PRO I 67 17.92 -49.44 -27.57
CA PRO I 67 17.80 -49.91 -26.19
C PRO I 67 17.12 -48.89 -25.30
N SER I 68 16.01 -49.28 -24.69
CA SER I 68 15.30 -48.45 -23.73
C SER I 68 16.11 -48.21 -22.47
N LEU I 69 15.66 -47.26 -21.66
CA LEU I 69 16.25 -46.96 -20.37
C LEU I 69 15.90 -48.08 -19.41
N ASP I 70 16.86 -48.47 -18.56
CA ASP I 70 16.59 -49.49 -17.56
C ASP I 70 15.49 -48.99 -16.63
N ARG I 71 14.48 -49.83 -16.39
CA ARG I 71 13.29 -49.43 -15.63
C ARG I 71 13.57 -48.86 -14.24
N GLU I 72 14.62 -49.36 -13.59
CA GLU I 72 15.01 -48.85 -12.28
C GLU I 72 15.48 -47.41 -12.36
N LYS I 73 16.21 -47.09 -13.43
CA LYS I 73 16.64 -45.72 -13.69
C LYS I 73 15.50 -44.83 -14.13
N ALA I 74 14.51 -45.43 -14.79
CA ALA I 74 13.34 -44.69 -15.27
C ALA I 74 12.44 -44.31 -14.12
N LEU I 75 12.47 -45.12 -13.05
CA LEU I 75 11.62 -44.94 -11.89
C LEU I 75 12.32 -44.33 -10.68
N MET I 76 13.64 -44.49 -10.59
CA MET I 76 14.41 -44.03 -9.42
C MET I 76 14.04 -42.68 -8.83
N ASN I 77 13.65 -41.74 -9.68
CA ASN I 77 13.39 -40.37 -9.27
C ASN I 77 11.94 -40.16 -8.85
N ALA I 78 11.10 -41.16 -9.07
CA ALA I 78 9.66 -41.02 -8.89
C ALA I 78 9.28 -40.78 -7.43
N PRO I 79 8.52 -39.71 -7.15
CA PRO I 79 7.95 -39.49 -5.80
C PRO I 79 7.32 -40.72 -5.14
N GLU I 80 6.59 -41.52 -5.92
CA GLU I 80 5.96 -42.75 -5.47
C GLU I 80 5.88 -43.75 -6.61
N ARG I 81 6.39 -44.96 -6.40
CA ARG I 81 6.26 -46.00 -7.43
C ARG I 81 5.65 -47.28 -6.85
N LYS I 82 4.97 -48.06 -7.69
CA LYS I 82 4.43 -49.37 -7.27
C LYS I 82 4.37 -50.40 -8.42
N ASP I 83 5.00 -51.55 -8.23
CA ASP I 83 4.90 -52.67 -9.19
C ASP I 83 5.30 -52.31 -10.64
N GLY I 84 6.21 -51.35 -10.81
CA GLY I 84 6.67 -50.92 -12.14
C GLY I 84 5.93 -49.69 -12.70
N PHE I 85 5.02 -49.13 -11.90
CA PHE I 85 4.17 -48.01 -12.28
C PHE I 85 4.53 -46.76 -11.49
N PHE I 86 4.28 -45.60 -12.11
CA PHE I 86 4.32 -44.34 -11.41
C PHE I 86 3.02 -44.19 -10.63
N VAL I 87 3.10 -43.68 -9.41
CA VAL I 87 1.90 -43.58 -8.61
C VAL I 87 1.52 -42.14 -8.31
N VAL I 88 0.26 -41.82 -8.58
CA VAL I 88 -0.29 -40.51 -8.29
C VAL I 88 -1.64 -40.70 -7.58
N PRO I 89 -2.16 -39.64 -6.91
CA PRO I 89 -3.52 -39.76 -6.39
C PRO I 89 -4.50 -40.03 -7.51
N ARG I 90 -5.45 -40.91 -7.23
CA ARG I 90 -6.50 -41.33 -8.18
C ARG I 90 -7.08 -40.19 -9.00
N VAL I 91 -7.30 -40.45 -10.29
CA VAL I 91 -8.01 -39.52 -11.19
C VAL I 91 -9.41 -40.07 -11.58
N VAL I 92 -10.36 -39.17 -11.80
CA VAL I 92 -11.74 -39.56 -12.13
C VAL I 92 -11.90 -39.91 -13.61
N MET J 1 63.57 -35.94 87.70
CA MET J 1 64.61 -35.04 87.08
C MET J 1 64.11 -34.36 85.80
N LEU J 2 62.79 -34.41 85.59
CA LEU J 2 62.08 -33.70 84.50
C LEU J 2 61.99 -34.45 83.17
N TRP J 3 63.12 -34.75 82.55
CA TRP J 3 63.14 -35.66 81.40
C TRP J 3 62.74 -37.07 81.82
N LYS J 4 62.82 -37.31 83.13
CA LYS J 4 62.45 -38.57 83.75
C LYS J 4 60.94 -38.63 83.99
N LYS J 5 60.24 -37.53 83.74
CA LYS J 5 58.80 -37.41 84.02
C LYS J 5 57.92 -37.71 82.81
N SER J 6 56.73 -38.27 83.07
CA SER J 6 55.78 -38.59 82.00
C SER J 6 55.05 -37.35 81.55
N LEU J 7 54.27 -37.48 80.47
CA LEU J 7 53.51 -36.35 79.92
C LEU J 7 52.40 -35.89 80.86
N SER J 8 51.93 -36.79 81.73
CA SER J 8 50.93 -36.46 82.76
C SER J 8 51.56 -35.58 83.82
N GLU J 9 52.71 -36.02 84.31
CA GLU J 9 53.50 -35.27 85.28
C GLU J 9 53.91 -33.93 84.70
N LEU J 10 54.33 -33.93 83.44
CA LEU J 10 54.73 -32.73 82.74
C LEU J 10 53.58 -31.75 82.51
N ARG J 11 52.44 -32.28 82.09
CA ARG J 11 51.28 -31.45 81.79
C ARG J 11 50.80 -30.67 83.02
N GLU J 12 50.60 -31.38 84.13
CA GLU J 12 50.20 -30.80 85.42
C GLU J 12 51.11 -29.64 85.79
N LEU J 13 52.42 -29.88 85.69
CA LEU J 13 53.45 -28.87 85.95
C LEU J 13 53.43 -27.67 85.00
N LEU J 14 53.05 -27.90 83.74
CA LEU J 14 53.03 -26.85 82.74
C LEU J 14 51.76 -26.03 82.84
N LYS J 15 50.64 -26.69 83.14
CA LYS J 15 49.34 -26.03 83.25
C LYS J 15 49.29 -25.06 84.43
N ARG J 16 50.03 -25.42 85.49
CA ARG J 16 50.12 -24.61 86.72
C ARG J 16 51.39 -23.75 86.76
N GLY J 17 52.05 -23.59 85.62
CA GLY J 17 53.19 -22.69 85.51
C GLY J 17 54.41 -23.04 86.34
N GLU J 18 54.33 -24.12 87.11
CA GLU J 18 55.45 -24.64 87.92
C GLU J 18 56.70 -24.80 87.04
N VAL J 19 56.46 -25.06 85.76
CA VAL J 19 57.52 -25.19 84.76
C VAL J 19 57.10 -24.54 83.43
N SER J 20 58.10 -24.15 82.63
CA SER J 20 57.86 -23.57 81.31
C SER J 20 58.23 -24.56 80.21
N PRO J 21 57.63 -24.42 79.01
CA PRO J 21 58.00 -25.24 77.87
C PRO J 21 59.49 -25.26 77.58
N LYS J 22 60.14 -24.11 77.77
CA LYS J 22 61.58 -23.99 77.52
C LYS J 22 62.42 -24.87 78.43
N GLU J 23 62.00 -24.96 79.70
CA GLU J 23 62.69 -25.80 80.69
C GLU J 23 62.59 -27.28 80.33
N VAL J 24 61.38 -27.71 79.96
CA VAL J 24 61.12 -29.08 79.49
C VAL J 24 62.07 -29.44 78.34
N VAL J 25 62.11 -28.61 77.30
CA VAL J 25 63.02 -28.77 76.18
C VAL J 25 64.48 -28.84 76.65
N GLU J 26 64.89 -27.90 77.52
CA GLU J 26 66.25 -27.89 78.10
C GLU J 26 66.59 -29.19 78.83
N SER J 27 65.63 -29.75 79.56
CA SER J 27 65.82 -31.01 80.27
C SER J 27 66.18 -32.15 79.32
N PHE J 28 65.33 -32.35 78.31
CA PHE J 28 65.55 -33.41 77.31
C PHE J 28 66.80 -33.15 76.48
N TYR J 29 67.09 -31.88 76.24
CA TYR J 29 68.30 -31.44 75.55
C TYR J 29 69.56 -31.89 76.30
N ASP J 30 69.54 -31.75 77.63
CA ASP J 30 70.66 -32.24 78.45
C ASP J 30 70.82 -33.73 78.35
N ARG J 31 69.71 -34.46 78.54
CA ARG J 31 69.68 -35.91 78.40
C ARG J 31 70.17 -36.36 77.02
N TYR J 32 69.79 -35.59 76.00
CA TYR J 32 70.32 -35.77 74.65
C TYR J 32 71.84 -35.64 74.66
N ASN J 33 72.35 -34.55 75.23
CA ASN J 33 73.80 -34.32 75.32
C ASN J 33 74.52 -35.41 76.08
N GLN J 34 73.89 -35.95 77.12
CA GLN J 34 74.41 -37.12 77.84
C GLN J 34 74.56 -38.36 76.94
N THR J 35 73.56 -38.62 76.10
CA THR J 35 73.37 -39.93 75.46
C THR J 35 73.78 -40.03 74.00
N GLU J 36 73.63 -38.94 73.26
CA GLU J 36 73.71 -38.98 71.80
C GLU J 36 74.98 -39.57 71.22
N GLU J 37 76.13 -39.27 71.82
CA GLU J 37 77.43 -39.77 71.33
C GLU J 37 77.46 -41.30 71.33
N LYS J 38 76.79 -41.90 72.30
CA LYS J 38 76.70 -43.37 72.40
C LYS J 38 75.62 -43.93 71.46
N VAL J 39 74.41 -43.35 71.56
CA VAL J 39 73.23 -43.88 70.88
C VAL J 39 73.10 -43.48 69.41
N LYS J 40 73.29 -42.19 69.11
CA LYS J 40 73.12 -41.64 67.75
C LYS J 40 71.68 -41.77 67.18
N ALA J 41 70.72 -41.25 67.92
CA ALA J 41 69.33 -41.36 67.52
C ALA J 41 68.99 -40.42 66.36
N TYR J 42 69.65 -39.27 66.29
CA TYR J 42 69.24 -38.18 65.41
C TYR J 42 70.10 -37.98 64.19
N ILE J 43 69.44 -37.57 63.11
CA ILE J 43 70.12 -37.07 61.93
C ILE J 43 70.23 -35.55 62.10
N THR J 44 69.11 -34.93 62.47
CA THR J 44 69.05 -33.49 62.61
C THR J 44 68.41 -33.18 63.95
N PRO J 45 69.24 -32.81 64.94
CA PRO J 45 68.72 -32.41 66.23
C PRO J 45 68.15 -31.02 66.07
N LEU J 46 66.99 -30.76 66.67
CA LEU J 46 66.33 -29.47 66.51
C LEU J 46 65.97 -28.84 67.86
N TYR J 47 66.68 -29.28 68.91
CA TYR J 47 66.49 -28.79 70.28
C TYR J 47 66.73 -27.28 70.35
N GLY J 48 67.76 -26.80 69.67
CA GLY J 48 68.03 -25.37 69.56
C GLY J 48 66.83 -24.60 69.04
N LYS J 49 66.19 -25.11 67.98
CA LYS J 49 65.08 -24.41 67.35
C LYS J 49 63.83 -24.54 68.22
N ALA J 50 63.70 -25.68 68.88
CA ALA J 50 62.57 -25.93 69.75
C ALA J 50 62.59 -24.99 70.95
N LEU J 51 63.79 -24.76 71.49
CA LEU J 51 64.02 -23.77 72.55
C LEU J 51 63.44 -22.40 72.19
N LYS J 52 63.70 -21.96 70.96
CA LYS J 52 63.19 -20.68 70.46
C LYS J 52 61.67 -20.68 70.26
N GLN J 53 61.14 -21.78 69.72
CA GLN J 53 59.70 -21.91 69.49
C GLN J 53 58.93 -21.95 70.82
N ALA J 54 59.61 -22.43 71.85
CA ALA J 54 59.04 -22.59 73.18
C ALA J 54 58.72 -21.24 73.81
N GLU J 55 59.57 -20.25 73.56
CA GLU J 55 59.42 -18.89 74.07
C GLU J 55 58.03 -18.32 73.75
N SER J 56 57.56 -18.57 72.53
CA SER J 56 56.30 -18.01 72.06
C SER J 56 55.08 -18.90 72.32
N LEU J 57 55.33 -20.05 72.92
CA LEU J 57 54.26 -20.99 73.24
C LEU J 57 53.60 -20.58 74.55
N LYS J 58 52.30 -20.28 74.51
CA LYS J 58 51.64 -19.67 75.66
C LYS J 58 50.34 -20.32 76.14
N GLU J 59 49.49 -20.71 75.20
CA GLU J 59 48.20 -21.30 75.52
C GLU J 59 48.36 -22.68 76.15
N ARG J 60 48.20 -22.76 77.46
CA ARG J 60 48.53 -23.98 78.21
C ARG J 60 47.54 -25.13 78.05
N GLU J 61 46.30 -24.82 77.68
CA GLU J 61 45.26 -25.84 77.61
C GLU J 61 45.33 -26.71 76.33
N LEU J 62 46.27 -26.37 75.45
CA LEU J 62 46.58 -27.18 74.27
C LEU J 62 47.01 -28.59 74.69
N PRO J 63 46.44 -29.62 74.02
CA PRO J 63 46.58 -31.02 74.45
C PRO J 63 48.01 -31.51 74.62
N LEU J 64 48.94 -30.99 73.83
CA LEU J 64 50.35 -31.38 73.95
C LEU J 64 51.25 -30.19 74.27
N PHE J 65 50.66 -29.22 74.97
CA PHE J 65 51.29 -27.92 75.23
C PHE J 65 52.82 -27.86 75.22
N GLY J 66 53.51 -28.44 76.18
CA GLY J 66 54.94 -28.19 76.19
C GLY J 66 55.81 -29.35 75.75
N ILE J 67 55.19 -30.33 75.09
CA ILE J 67 55.80 -31.63 74.93
C ILE J 67 56.75 -31.72 73.74
N PRO J 68 58.03 -32.05 74.01
CA PRO J 68 58.96 -32.39 72.94
C PRO J 68 58.58 -33.71 72.27
N ILE J 69 58.77 -33.77 70.96
CA ILE J 69 58.52 -35.00 70.19
C ILE J 69 59.57 -35.17 69.09
N ALA J 70 60.20 -36.34 69.06
CA ALA J 70 61.11 -36.69 67.97
C ALA J 70 60.29 -37.22 66.81
N VAL J 71 60.78 -37.02 65.60
CA VAL J 71 60.08 -37.42 64.39
C VAL J 71 61.04 -38.14 63.44
N LYS J 72 60.59 -39.25 62.89
CA LYS J 72 61.39 -40.00 61.93
C LYS J 72 61.72 -39.15 60.72
N ASP J 73 62.93 -39.32 60.18
CA ASP J 73 63.33 -38.48 59.05
C ASP J 73 62.83 -38.89 57.67
N ASN J 74 61.74 -39.64 57.63
CA ASN J 74 60.92 -39.74 56.42
C ASN J 74 59.58 -39.00 56.56
N ILE J 75 59.40 -38.26 57.64
CA ILE J 75 58.21 -37.45 57.80
C ILE J 75 58.64 -36.00 57.61
N LEU J 76 58.04 -35.30 56.64
CA LEU J 76 58.45 -33.93 56.32
C LEU J 76 58.08 -32.90 57.41
N VAL J 77 59.11 -32.19 57.86
CA VAL J 77 58.95 -31.04 58.74
C VAL J 77 59.47 -29.83 57.99
N GLU J 78 58.59 -28.86 57.79
CA GLU J 78 58.89 -27.76 56.89
C GLU J 78 60.04 -26.89 57.32
N GLY J 79 60.93 -26.59 56.37
CA GLY J 79 62.02 -25.68 56.60
C GLY J 79 63.25 -26.41 57.06
N GLU J 80 63.10 -27.67 57.44
CA GLU J 80 64.24 -28.50 57.87
C GLU J 80 64.46 -29.63 56.90
N LYS J 81 65.69 -30.16 56.88
CA LYS J 81 66.08 -31.28 56.04
C LYS J 81 65.23 -32.52 56.33
N THR J 82 64.76 -33.15 55.26
CA THR J 82 64.16 -34.47 55.31
C THR J 82 64.99 -35.40 54.39
N THR J 83 65.83 -36.23 55.01
CA THR J 83 66.85 -37.01 54.29
C THR J 83 66.44 -38.44 53.93
N CYS J 84 65.46 -38.99 54.66
CA CYS J 84 65.13 -40.43 54.65
C CYS J 84 66.39 -41.26 54.81
N ALA J 85 67.38 -40.64 55.45
CA ALA J 85 68.67 -41.26 55.67
C ALA J 85 69.29 -41.72 54.37
N SER J 86 69.12 -40.92 53.32
CA SER J 86 69.64 -41.19 51.99
C SER J 86 70.56 -40.08 51.51
N LYS J 87 71.60 -40.46 50.76
CA LYS J 87 72.44 -39.51 50.02
C LYS J 87 71.63 -38.77 48.99
N ILE J 88 70.60 -39.44 48.47
CA ILE J 88 69.81 -38.86 47.38
C ILE J 88 68.97 -37.67 47.88
N LEU J 89 68.75 -37.61 49.20
CA LEU J 89 67.96 -36.55 49.85
C LEU J 89 68.67 -35.79 50.98
N GLU J 90 69.97 -35.94 51.14
CA GLU J 90 70.62 -35.04 52.09
C GLU J 90 70.65 -33.68 51.44
N ASN J 91 70.37 -32.65 52.21
CA ASN J 91 70.27 -31.31 51.63
C ASN J 91 68.89 -31.00 51.06
N PHE J 92 67.99 -31.99 51.06
CA PHE J 92 66.61 -31.72 50.71
C PHE J 92 65.91 -31.03 51.88
N VAL J 93 65.55 -29.77 51.69
CA VAL J 93 64.78 -29.00 52.66
C VAL J 93 63.30 -29.17 52.36
N ALA J 94 62.56 -29.66 53.35
CA ALA J 94 61.15 -29.92 53.18
C ALA J 94 60.42 -28.61 52.94
N PRO J 95 59.67 -28.49 51.81
CA PRO J 95 58.83 -27.31 51.47
C PRO J 95 57.45 -27.25 52.13
N TYR J 96 57.08 -28.30 52.88
CA TYR J 96 55.77 -28.36 53.48
C TYR J 96 55.82 -29.29 54.69
N ASP J 97 54.79 -29.22 55.53
CA ASP J 97 54.68 -30.06 56.71
C ASP J 97 53.80 -31.24 56.36
N ALA J 98 54.22 -32.44 56.75
CA ALA J 98 53.35 -33.61 56.79
C ALA J 98 52.12 -33.26 57.61
N THR J 99 50.97 -33.85 57.29
CA THR J 99 49.74 -33.56 58.03
C THR J 99 49.87 -33.80 59.53
N VAL J 100 50.55 -34.88 59.93
CA VAL J 100 50.75 -35.17 61.35
C VAL J 100 51.55 -34.10 62.08
N ILE J 101 52.52 -33.50 61.39
CA ILE J 101 53.35 -32.48 61.99
C ILE J 101 52.58 -31.19 62.14
N GLU J 102 51.73 -30.92 61.17
CA GLU J 102 50.77 -29.83 61.23
C GLU J 102 49.88 -29.98 62.48
N ARG J 103 49.39 -31.20 62.71
CA ARG J 103 48.47 -31.50 63.82
C ARG J 103 49.14 -31.51 65.19
N LEU J 104 50.39 -31.98 65.28
CA LEU J 104 51.14 -31.87 66.50
C LEU J 104 51.49 -30.42 66.84
N LYS J 105 51.89 -29.64 65.83
CA LYS J 105 52.24 -28.24 66.02
C LYS J 105 51.03 -27.48 66.52
N LYS J 106 49.85 -27.77 65.95
CA LYS J 106 48.63 -27.11 66.38
C LYS J 106 48.24 -27.51 67.81
N ALA J 107 48.76 -28.64 68.27
CA ALA J 107 48.44 -29.19 69.60
C ALA J 107 49.46 -28.76 70.65
N GLY J 108 50.39 -27.90 70.26
CA GLY J 108 51.38 -27.38 71.16
C GLY J 108 52.68 -28.13 71.22
N ALA J 109 52.80 -29.26 70.52
CA ALA J 109 54.02 -30.06 70.64
C ALA J 109 55.25 -29.31 70.10
N LEU J 110 56.43 -29.72 70.52
CA LEU J 110 57.64 -29.10 70.03
C LEU J 110 58.55 -30.12 69.38
N ILE J 111 58.66 -30.04 68.05
CA ILE J 111 59.52 -30.99 67.28
C ILE J 111 61.00 -30.79 67.63
N VAL J 112 61.57 -31.83 68.23
CA VAL J 112 62.87 -31.72 68.85
C VAL J 112 63.99 -32.32 67.99
N GLY J 113 63.63 -33.02 66.92
CA GLY J 113 64.63 -33.52 65.99
C GLY J 113 64.19 -34.55 64.99
N LYS J 114 65.06 -34.78 64.01
CA LYS J 114 64.76 -35.74 62.96
C LYS J 114 65.62 -36.92 63.23
N THR J 115 64.97 -38.06 63.27
CA THR J 115 65.53 -39.24 63.86
C THR J 115 66.11 -40.20 62.79
N ASN J 116 67.14 -40.97 63.16
CA ASN J 116 67.81 -41.86 62.21
C ASN J 116 66.89 -43.03 61.80
N LEU J 117 67.16 -43.58 60.60
CA LEU J 117 66.41 -44.71 60.03
C LEU J 117 67.23 -45.49 59.00
N ASP J 118 66.78 -46.70 58.67
CA ASP J 118 67.29 -47.38 57.49
C ASP J 118 66.91 -46.51 56.31
N GLU J 119 67.80 -46.47 55.29
CA GLU J 119 67.59 -45.61 54.14
C GLU J 119 66.25 -45.94 53.48
N PHE J 120 65.44 -44.88 53.34
CA PHE J 120 64.08 -44.95 52.80
C PHE J 120 63.19 -45.94 53.54
N ALA J 121 63.53 -46.21 54.79
CA ALA J 121 62.72 -47.04 55.69
C ALA J 121 62.72 -48.52 55.33
N MET J 122 63.76 -48.95 54.63
CA MET J 122 63.88 -50.33 54.20
C MET J 122 64.99 -51.05 54.98
N GLY J 123 64.56 -51.91 55.91
CA GLY J 123 65.48 -52.64 56.76
C GLY J 123 64.96 -52.83 58.16
N SER J 124 65.67 -53.63 58.95
CA SER J 124 65.19 -54.03 60.25
C SER J 124 66.19 -53.78 61.40
N SER J 125 67.15 -52.89 61.18
CA SER J 125 68.21 -52.63 62.17
C SER J 125 68.77 -51.21 62.20
N THR J 126 68.40 -50.38 61.23
CA THR J 126 68.94 -49.01 61.08
C THR J 126 70.38 -48.96 60.53
N GLU J 127 71.02 -50.12 60.43
CA GLU J 127 72.33 -50.22 59.81
C GLU J 127 72.37 -49.66 58.40
N TYR J 128 71.24 -49.65 57.69
CA TYR J 128 71.19 -49.15 56.32
C TYR J 128 71.03 -47.65 56.16
N SER J 129 71.02 -46.94 57.29
CA SER J 129 71.12 -45.50 57.28
C SER J 129 72.35 -45.17 56.47
N ALA J 130 72.21 -44.30 55.47
CA ALA J 130 73.35 -43.87 54.64
C ALA J 130 74.40 -43.07 55.40
N PHE J 131 74.08 -42.68 56.63
CA PHE J 131 74.92 -41.78 57.41
C PHE J 131 75.69 -42.44 58.55
N PHE J 132 74.98 -43.19 59.39
CA PHE J 132 75.56 -43.89 60.54
C PHE J 132 74.54 -44.78 61.21
N PRO J 133 75.01 -45.88 61.84
CA PRO J 133 74.10 -46.70 62.63
C PRO J 133 73.67 -46.04 63.95
N THR J 134 72.38 -46.18 64.30
CA THR J 134 71.91 -45.93 65.65
C THR J 134 72.16 -47.20 66.47
N LYS J 135 72.53 -47.05 67.74
CA LYS J 135 72.86 -48.18 68.61
C LYS J 135 71.85 -48.37 69.72
N ASN J 136 71.61 -49.63 70.12
CA ASN J 136 70.68 -49.95 71.20
C ASN J 136 71.21 -49.49 72.55
N PRO J 137 70.47 -48.59 73.22
CA PRO J 137 70.91 -48.05 74.51
C PRO J 137 70.98 -49.10 75.64
N TRP J 138 70.48 -50.31 75.41
CA TRP J 138 70.60 -51.38 76.42
C TRP J 138 71.85 -52.24 76.19
N ASP J 139 72.43 -52.12 75.01
CA ASP J 139 73.72 -52.73 74.71
C ASP J 139 74.16 -52.13 73.37
N LEU J 140 75.14 -51.24 73.43
CA LEU J 140 75.60 -50.53 72.25
C LEU J 140 76.30 -51.45 71.22
N GLU J 141 76.50 -52.71 71.58
CA GLU J 141 76.99 -53.70 70.63
C GLU J 141 75.81 -54.21 69.79
N ARG J 142 74.60 -53.77 70.15
CA ARG J 142 73.39 -54.29 69.54
C ARG J 142 72.56 -53.27 68.78
N VAL J 143 71.78 -53.76 67.81
CA VAL J 143 70.95 -52.90 66.96
C VAL J 143 69.68 -52.48 67.70
N PRO J 144 69.18 -51.27 67.42
CA PRO J 144 67.93 -50.82 68.06
C PRO J 144 66.70 -51.28 67.30
N GLY J 145 66.91 -52.00 66.19
CA GLY J 145 65.83 -52.37 65.28
C GLY J 145 65.71 -51.41 64.11
N GLY J 146 64.80 -51.71 63.19
CA GLY J 146 64.52 -50.79 62.10
C GLY J 146 63.17 -51.01 61.44
N SER J 147 62.72 -50.05 60.66
CA SER J 147 63.55 -48.90 60.29
C SER J 147 63.55 -47.70 61.23
N SER J 148 62.52 -47.57 62.07
CA SER J 148 62.46 -46.44 63.02
C SER J 148 63.41 -46.56 64.23
N GLY J 149 64.67 -46.94 63.98
CA GLY J 149 65.64 -47.14 65.06
C GLY J 149 65.86 -45.96 66.01
N GLY J 150 66.08 -44.77 65.45
CA GLY J 150 66.33 -43.56 66.22
C GLY J 150 65.13 -43.09 67.03
N SER J 151 63.94 -43.30 66.50
CA SER J 151 62.71 -42.92 67.18
C SER J 151 62.46 -43.76 68.40
N ALA J 152 62.78 -45.04 68.28
CA ALA J 152 62.62 -45.96 69.39
C ALA J 152 63.72 -45.68 70.43
N ALA J 153 64.96 -45.62 69.98
CA ALA J 153 66.12 -45.35 70.82
C ALA J 153 66.03 -44.07 71.64
N SER J 154 65.66 -42.96 71.02
CA SER J 154 65.56 -41.70 71.77
C SER J 154 64.45 -41.74 72.83
N VAL J 155 63.37 -42.46 72.56
CA VAL J 155 62.32 -42.64 73.56
C VAL J 155 62.82 -43.56 74.68
N ALA J 156 63.69 -44.50 74.33
CA ALA J 156 64.21 -45.44 75.31
C ALA J 156 65.17 -44.74 76.31
N VAL J 157 66.12 -43.94 75.83
CA VAL J 157 66.99 -43.18 76.73
C VAL J 157 66.30 -41.94 77.26
N LEU J 158 65.12 -41.65 76.74
CA LEU J 158 64.34 -40.49 77.17
C LEU J 158 64.99 -39.16 76.81
N SER J 159 65.76 -39.15 75.72
CA SER J 159 66.14 -37.89 75.11
C SER J 159 64.94 -37.22 74.39
N ALA J 160 63.83 -37.96 74.31
CA ALA J 160 62.51 -37.43 73.97
C ALA J 160 61.56 -38.39 74.63
N PRO J 161 60.44 -37.87 75.17
CA PRO J 161 59.48 -38.71 75.89
C PRO J 161 58.63 -39.58 74.96
N VAL J 162 58.38 -39.05 73.77
CA VAL J 162 57.41 -39.58 72.85
C VAL J 162 57.98 -39.36 71.45
N SER J 163 57.52 -40.14 70.48
CA SER J 163 58.17 -40.20 69.20
C SER J 163 57.21 -40.61 68.08
N LEU J 164 57.41 -40.09 66.89
CA LEU J 164 56.71 -40.58 65.70
C LEU J 164 57.64 -41.48 64.88
N GLY J 165 57.13 -42.61 64.41
CA GLY J 165 57.86 -43.43 63.44
C GLY J 165 56.89 -43.79 62.33
N SER J 166 57.27 -44.74 61.48
CA SER J 166 56.33 -45.32 60.52
C SER J 166 56.53 -46.85 60.44
N ASP J 167 55.53 -47.56 59.97
CA ASP J 167 55.55 -49.01 60.02
C ASP J 167 54.97 -49.54 58.72
N THR J 168 55.84 -50.14 57.89
CA THR J 168 55.43 -50.74 56.63
C THR J 168 55.30 -52.27 56.76
N GLY J 169 56.21 -52.87 57.52
CA GLY J 169 56.12 -54.28 57.82
C GLY J 169 56.68 -54.60 59.18
N GLY J 170 56.52 -53.65 60.11
CA GLY J 170 57.01 -53.84 61.47
C GLY J 170 57.95 -52.75 61.95
N SER J 171 57.96 -51.62 61.26
CA SER J 171 59.01 -50.60 61.47
C SER J 171 58.82 -49.70 62.71
N ILE J 172 57.68 -49.81 63.38
CA ILE J 172 57.55 -49.26 64.75
C ILE J 172 57.65 -50.37 65.78
N ARG J 173 56.88 -51.42 65.60
CA ARG J 173 56.81 -52.48 66.58
C ARG J 173 58.14 -53.17 66.90
N GLN J 174 58.94 -53.53 65.89
CA GLN J 174 60.15 -54.27 66.22
C GLN J 174 61.22 -53.40 66.87
N PRO J 175 61.40 -52.14 66.42
CA PRO J 175 62.23 -51.26 67.25
C PRO J 175 61.66 -50.99 68.66
N ALA J 176 60.34 -50.93 68.81
CA ALA J 176 59.76 -50.84 70.16
C ALA J 176 60.18 -52.07 70.96
N SER J 177 60.12 -53.25 70.35
CA SER J 177 60.48 -54.47 71.05
C SER J 177 61.94 -54.43 71.49
N PHE J 178 62.86 -54.26 70.53
CA PHE J 178 64.30 -54.16 70.78
C PHE J 178 64.72 -53.08 71.80
N CYS J 179 64.07 -51.93 71.81
CA CYS J 179 64.49 -50.85 72.71
C CYS J 179 63.66 -50.80 73.99
N GLY J 180 62.71 -51.71 74.15
CA GLY J 180 61.99 -51.83 75.42
C GLY J 180 61.07 -50.68 75.68
N VAL J 181 60.23 -50.38 74.70
CA VAL J 181 59.40 -49.20 74.65
C VAL J 181 58.09 -49.66 74.04
N ILE J 182 57.01 -48.90 74.29
CA ILE J 182 55.73 -49.16 73.63
C ILE J 182 55.73 -48.50 72.24
N GLY J 183 55.29 -49.25 71.23
CA GLY J 183 55.12 -48.69 69.89
C GLY J 183 53.89 -49.23 69.20
N ILE J 184 53.10 -48.34 68.59
CA ILE J 184 51.87 -48.74 67.96
C ILE J 184 51.88 -48.36 66.48
N LYS J 185 51.41 -49.26 65.63
CA LYS J 185 51.02 -48.92 64.27
C LYS J 185 49.50 -49.09 64.23
N PRO J 186 48.76 -47.98 64.04
CA PRO J 186 47.32 -47.95 63.93
C PRO J 186 46.79 -48.66 62.67
N THR J 187 45.46 -48.77 62.58
CA THR J 187 44.78 -49.31 61.42
C THR J 187 45.18 -48.54 60.19
N TYR J 188 45.39 -49.26 59.09
CA TYR J 188 45.77 -48.60 57.85
C TYR J 188 44.63 -47.71 57.44
N GLY J 189 44.90 -46.42 57.40
CA GLY J 189 43.87 -45.44 57.09
C GLY J 189 43.64 -44.48 58.24
N ARG J 190 44.04 -44.86 59.44
CA ARG J 190 43.76 -44.00 60.58
C ARG J 190 44.61 -42.72 60.67
N VAL J 191 45.83 -42.77 60.14
CA VAL J 191 46.71 -41.60 60.17
C VAL J 191 47.12 -41.25 58.71
N SER J 192 47.08 -39.96 58.41
CA SER J 192 47.39 -39.47 57.07
C SER J 192 48.82 -39.85 56.63
N ARG J 193 48.97 -40.18 55.34
CA ARG J 193 50.29 -40.49 54.78
C ARG J 193 50.80 -39.30 54.00
N TYR J 194 50.12 -38.16 54.14
CA TYR J 194 50.52 -36.94 53.48
C TYR J 194 51.76 -36.34 54.13
N GLY J 195 52.86 -36.34 53.40
CA GLY J 195 54.14 -35.87 53.92
C GLY J 195 54.96 -37.00 54.54
N LEU J 196 54.50 -38.23 54.37
CA LEU J 196 55.28 -39.40 54.75
C LEU J 196 55.92 -39.87 53.44
N VAL J 197 57.25 -39.81 53.37
CA VAL J 197 57.90 -40.27 52.15
C VAL J 197 57.48 -41.72 51.95
N ALA J 198 56.85 -41.98 50.83
CA ALA J 198 56.31 -43.31 50.50
C ALA J 198 57.38 -44.33 50.23
N PHE J 199 57.22 -45.47 50.91
CA PHE J 199 57.92 -46.72 50.61
C PHE J 199 56.90 -47.65 49.91
N ALA J 200 55.96 -48.23 50.66
CA ALA J 200 54.89 -49.03 50.09
C ALA J 200 53.56 -48.44 50.51
N SER J 201 52.92 -47.75 49.56
CA SER J 201 51.78 -46.92 49.90
C SER J 201 50.59 -47.73 50.48
N SER J 202 50.44 -49.00 50.08
CA SER J 202 49.34 -49.80 50.57
C SER J 202 49.64 -50.45 51.94
N LEU J 203 50.82 -50.19 52.48
CA LEU J 203 51.27 -50.81 53.72
C LEU J 203 51.80 -49.81 54.76
N ASP J 204 52.38 -48.69 54.31
CA ASP J 204 52.91 -47.60 55.16
C ASP J 204 51.83 -47.09 56.17
N GLN J 205 52.25 -46.84 57.42
CA GLN J 205 51.46 -46.08 58.37
C GLN J 205 52.34 -45.42 59.44
N ILE J 206 52.14 -44.12 59.64
CA ILE J 206 52.78 -43.44 60.77
C ILE J 206 52.20 -44.03 62.04
N GLY J 207 53.06 -44.10 63.06
CA GLY J 207 52.67 -44.55 64.38
C GLY J 207 53.47 -43.85 65.47
N VAL J 208 53.34 -44.36 66.69
CA VAL J 208 53.87 -43.67 67.87
C VAL J 208 54.69 -44.59 68.77
N PHE J 209 55.77 -44.03 69.30
CA PHE J 209 56.52 -44.67 70.38
C PHE J 209 56.32 -43.85 71.66
N GLY J 210 56.29 -44.55 72.79
CA GLY J 210 56.23 -43.93 74.12
C GLY J 210 56.56 -44.95 75.19
N ARG J 211 56.62 -44.51 76.45
CA ARG J 211 56.93 -45.42 77.56
C ARG J 211 55.71 -45.70 78.45
N ARG J 212 54.72 -44.83 78.38
CA ARG J 212 53.47 -45.05 79.09
C ARG J 212 52.31 -45.03 78.10
N THR J 213 51.35 -45.92 78.30
CA THR J 213 50.26 -46.10 77.34
C THR J 213 49.47 -44.82 77.13
N GLU J 214 49.34 -44.00 78.16
CA GLU J 214 48.62 -42.74 78.03
C GLU J 214 49.33 -41.75 77.13
N ASP J 215 50.67 -41.77 77.16
CA ASP J 215 51.45 -40.89 76.29
C ASP J 215 51.22 -41.28 74.83
N VAL J 216 51.29 -42.58 74.56
CA VAL J 216 51.07 -43.13 73.24
C VAL J 216 49.62 -42.87 72.75
N ALA J 217 48.65 -43.08 73.62
CA ALA J 217 47.24 -42.89 73.28
C ALA J 217 46.92 -41.45 72.92
N LEU J 218 47.57 -40.51 73.59
CA LEU J 218 47.33 -39.09 73.36
C LEU J 218 47.95 -38.62 72.04
N VAL J 219 49.20 -38.98 71.79
CA VAL J 219 49.88 -38.55 70.56
C VAL J 219 49.13 -39.11 69.35
N LEU J 220 48.71 -40.37 69.45
CA LEU J 220 47.92 -41.03 68.42
C LEU J 220 46.61 -40.32 68.16
N GLU J 221 45.88 -39.98 69.22
CA GLU J 221 44.63 -39.24 69.10
C GLU J 221 44.83 -37.94 68.32
N VAL J 222 45.90 -37.24 68.65
CA VAL J 222 46.17 -35.95 68.04
C VAL J 222 46.48 -36.04 66.54
N ILE J 223 47.30 -37.00 66.14
CA ILE J 223 47.71 -37.13 64.74
C ILE J 223 46.70 -37.89 63.85
N SER J 224 45.78 -38.64 64.46
CA SER J 224 44.86 -39.46 63.70
C SER J 224 43.72 -38.66 63.12
N GLY J 225 42.97 -39.30 62.21
CA GLY J 225 41.76 -38.74 61.63
C GLY J 225 41.86 -38.36 60.17
N TRP J 226 40.69 -38.16 59.57
CA TRP J 226 40.57 -37.86 58.14
C TRP J 226 41.44 -36.71 57.68
N ASP J 227 42.09 -36.92 56.55
CA ASP J 227 42.85 -35.89 55.87
C ASP J 227 42.37 -35.81 54.42
N GLU J 228 41.99 -34.62 53.98
CA GLU J 228 41.55 -34.39 52.60
C GLU J 228 42.69 -34.54 51.59
N LYS J 229 43.91 -34.40 52.08
CA LYS J 229 45.11 -34.49 51.28
C LYS J 229 45.54 -35.94 51.06
N ASP J 230 44.79 -36.89 51.63
CA ASP J 230 45.12 -38.32 51.56
C ASP J 230 43.91 -39.14 51.15
N SER J 231 43.91 -39.70 49.94
CA SER J 231 42.78 -40.50 49.44
C SER J 231 42.50 -41.77 50.24
N THR J 232 43.50 -42.23 50.96
CA THR J 232 43.44 -43.52 51.60
C THR J 232 43.11 -43.38 53.08
N SER J 233 43.15 -42.14 53.59
CA SER J 233 42.74 -41.89 54.99
C SER J 233 41.23 -42.01 55.15
N ALA J 234 40.81 -42.70 56.19
CA ALA J 234 39.43 -43.06 56.37
C ALA J 234 38.63 -41.94 57.02
N LYS J 235 37.37 -41.79 56.60
CA LYS J 235 36.45 -40.83 57.18
C LYS J 235 35.75 -41.50 58.35
N VAL J 236 36.53 -41.79 59.39
CA VAL J 236 36.09 -42.47 60.60
C VAL J 236 36.47 -41.56 61.76
N PRO J 237 35.53 -41.28 62.68
CA PRO J 237 35.84 -40.45 63.85
C PRO J 237 36.93 -41.05 64.72
N VAL J 238 37.78 -40.20 65.28
CA VAL J 238 38.87 -40.64 66.15
C VAL J 238 38.33 -40.84 67.57
N PRO J 239 38.44 -42.05 68.10
CA PRO J 239 38.04 -42.32 69.48
C PRO J 239 38.81 -41.47 70.49
N GLU J 240 38.15 -41.13 71.60
CA GLU J 240 38.78 -40.36 72.68
C GLU J 240 39.73 -41.26 73.45
N TRP J 241 40.84 -41.64 72.83
CA TRP J 241 41.73 -42.67 73.39
C TRP J 241 42.31 -42.36 74.74
N SER J 242 42.58 -41.08 75.02
CA SER J 242 43.12 -40.66 76.31
C SER J 242 42.16 -40.92 77.48
N GLU J 243 40.86 -40.86 77.19
CA GLU J 243 39.83 -41.20 78.15
C GLU J 243 39.44 -42.67 78.14
N GLU J 244 39.98 -43.42 77.20
CA GLU J 244 39.52 -44.77 76.97
C GLU J 244 40.50 -45.85 77.45
N VAL J 245 41.80 -45.51 77.48
CA VAL J 245 42.85 -46.45 77.88
C VAL J 245 42.68 -46.98 79.28
N LYS J 246 42.27 -46.09 80.18
CA LYS J 246 42.17 -46.40 81.60
C LYS J 246 40.99 -47.31 81.94
N LYS J 247 39.99 -47.38 81.05
CA LYS J 247 38.83 -48.26 81.22
C LYS J 247 39.21 -49.74 81.09
N GLU J 248 38.33 -50.62 81.55
CA GLU J 248 38.59 -52.06 81.57
C GLU J 248 37.37 -52.80 81.04
N VAL J 249 37.55 -53.55 79.97
CA VAL J 249 36.45 -54.33 79.36
C VAL J 249 36.56 -55.78 79.82
N LYS J 250 35.44 -56.31 80.30
CA LYS J 250 35.45 -57.65 80.87
C LYS J 250 35.32 -58.77 79.85
N GLY J 251 35.98 -59.88 80.15
CA GLY J 251 35.87 -61.11 79.36
C GLY J 251 36.42 -61.02 77.94
N LEU J 252 37.55 -60.33 77.79
CA LEU J 252 38.24 -60.26 76.51
C LEU J 252 38.95 -61.59 76.21
N LYS J 253 39.23 -61.81 74.92
CA LYS J 253 39.77 -63.07 74.43
C LYS J 253 41.07 -62.92 73.60
N ILE J 254 42.03 -63.81 73.82
CA ILE J 254 43.32 -63.72 73.15
C ILE J 254 43.59 -65.00 72.35
N GLY J 255 43.94 -64.80 71.08
CA GLY J 255 44.19 -65.88 70.17
C GLY J 255 45.67 -66.13 70.01
N LEU J 256 46.05 -67.39 70.12
CA LEU J 256 47.40 -67.79 69.88
C LEU J 256 47.39 -68.60 68.60
N PRO J 257 47.91 -68.04 67.50
CA PRO J 257 47.91 -68.75 66.22
C PRO J 257 48.76 -70.02 66.26
N LYS J 258 48.12 -71.15 65.95
CA LYS J 258 48.76 -72.47 65.94
C LYS J 258 49.93 -72.54 64.97
N GLU J 259 49.83 -71.77 63.89
CA GLU J 259 50.80 -71.72 62.86
C GLU J 259 52.09 -71.07 63.35
N PHE J 260 51.97 -70.27 64.39
CA PHE J 260 53.12 -69.58 65.00
C PHE J 260 53.99 -70.50 65.89
N PHE J 261 53.46 -71.66 66.28
CA PHE J 261 54.24 -72.61 67.07
C PHE J 261 55.36 -73.18 66.24
N GLU J 262 55.17 -73.21 64.93
CA GLU J 262 56.15 -73.75 63.99
C GLU J 262 57.30 -72.80 63.75
N TYR J 263 57.20 -71.57 64.27
CA TYR J 263 58.20 -70.52 64.02
C TYR J 263 59.38 -70.69 64.98
N GLU J 264 60.60 -70.69 64.45
CA GLU J 264 61.81 -70.71 65.28
C GLU J 264 61.86 -69.47 66.21
N LEU J 265 61.70 -69.69 67.51
CA LEU J 265 61.89 -68.66 68.53
C LEU J 265 63.13 -68.93 69.36
N GLN J 266 63.84 -67.87 69.73
CA GLN J 266 64.83 -67.98 70.80
C GLN J 266 64.14 -68.33 72.11
N PRO J 267 64.75 -69.24 72.90
CA PRO J 267 64.21 -69.76 74.16
C PRO J 267 63.86 -68.65 75.15
N GLN J 268 64.70 -67.63 75.21
CA GLN J 268 64.45 -66.46 76.05
C GLN J 268 63.15 -65.73 75.67
N VAL J 269 62.91 -65.59 74.36
CA VAL J 269 61.69 -64.96 73.86
C VAL J 269 60.48 -65.82 74.20
N LYS J 270 60.59 -67.11 73.93
CA LYS J 270 59.51 -68.05 74.16
C LYS J 270 59.07 -68.01 75.62
N GLU J 271 60.05 -68.13 76.52
CA GLU J 271 59.87 -68.02 77.97
C GLU J 271 59.15 -66.73 78.42
N ALA J 272 59.68 -65.57 77.96
CA ALA J 272 59.08 -64.27 78.21
C ALA J 272 57.62 -64.18 77.75
N PHE J 273 57.34 -64.68 76.55
CA PHE J 273 56.00 -64.65 75.99
C PHE J 273 55.02 -65.52 76.76
N GLU J 274 55.47 -66.73 77.10
CA GLU J 274 54.63 -67.68 77.86
C GLU J 274 54.18 -67.09 79.21
N ASN J 275 55.11 -66.39 79.85
CA ASN J 275 54.89 -65.68 81.11
C ASN J 275 53.88 -64.54 80.99
N PHE J 276 54.05 -63.72 79.94
CA PHE J 276 53.13 -62.63 79.57
C PHE J 276 51.71 -63.15 79.46
N ILE J 277 51.56 -64.26 78.77
CA ILE J 277 50.25 -64.91 78.58
C ILE J 277 49.68 -65.55 79.86
N LYS J 278 50.51 -66.27 80.62
CA LYS J 278 50.05 -66.81 81.91
C LYS J 278 49.59 -65.67 82.83
N GLU J 279 50.34 -64.57 82.85
CA GLU J 279 50.01 -63.43 83.69
C GLU J 279 48.69 -62.76 83.28
N LEU J 280 48.46 -62.68 81.97
CA LEU J 280 47.20 -62.20 81.42
C LEU J 280 46.05 -63.15 81.73
N GLU J 281 46.29 -64.45 81.62
CA GLU J 281 45.30 -65.43 82.02
C GLU J 281 44.85 -65.20 83.47
N LYS J 282 45.80 -65.00 84.39
CA LYS J 282 45.49 -64.75 85.79
C LYS J 282 44.57 -63.53 86.01
N GLU J 283 44.75 -62.50 85.19
CA GLU J 283 43.93 -61.29 85.25
C GLU J 283 42.56 -61.48 84.62
N GLY J 284 42.30 -62.66 84.05
CA GLY J 284 40.95 -62.99 83.59
C GLY J 284 40.71 -63.02 82.08
N PHE J 285 41.79 -62.94 81.31
CA PHE J 285 41.71 -63.06 79.87
C PHE J 285 41.52 -64.52 79.53
N GLU J 286 40.55 -64.81 78.66
CA GLU J 286 40.43 -66.15 78.13
C GLU J 286 41.45 -66.34 77.00
N ILE J 287 42.26 -67.40 77.10
CA ILE J 287 43.29 -67.69 76.08
C ILE J 287 42.86 -68.86 75.20
N LYS J 288 42.84 -68.64 73.89
CA LYS J 288 42.42 -69.66 72.91
C LYS J 288 43.40 -69.80 71.76
N GLU J 289 43.59 -71.03 71.28
CA GLU J 289 44.34 -71.29 70.06
C GLU J 289 43.50 -70.89 68.87
N VAL J 290 44.07 -70.15 67.92
CA VAL J 290 43.39 -69.87 66.66
C VAL J 290 44.20 -70.42 65.47
N SER J 291 43.54 -70.50 64.30
CA SER J 291 44.22 -70.83 63.05
C SER J 291 44.32 -69.61 62.16
N LEU J 292 45.47 -69.50 61.51
CA LEU J 292 45.68 -68.57 60.43
C LEU J 292 46.42 -69.37 59.36
N PRO J 293 45.66 -70.20 58.60
CA PRO J 293 46.30 -71.17 57.71
C PRO J 293 47.27 -70.60 56.67
N HIS J 294 47.15 -69.31 56.38
CA HIS J 294 47.97 -68.65 55.37
C HIS J 294 49.10 -67.79 55.90
N VAL J 295 49.16 -67.52 57.21
CA VAL J 295 50.18 -66.57 57.69
C VAL J 295 51.59 -66.87 57.28
N LYS J 296 51.97 -68.14 57.24
CA LYS J 296 53.36 -68.46 56.90
C LYS J 296 53.76 -67.85 55.56
N TYR J 297 52.78 -67.53 54.74
CA TYR J 297 53.03 -66.93 53.43
C TYR J 297 53.21 -65.41 53.47
N SER J 298 53.06 -64.81 54.65
CA SER J 298 53.17 -63.36 54.81
C SER J 298 54.50 -62.75 54.37
N ILE J 299 55.59 -63.41 54.71
CA ILE J 299 56.93 -62.93 54.35
C ILE J 299 57.16 -62.86 52.84
N PRO J 300 56.94 -63.97 52.09
CA PRO J 300 57.15 -63.90 50.63
C PRO J 300 56.19 -62.93 49.96
N THR J 301 54.98 -62.84 50.49
CA THR J 301 53.99 -61.94 49.97
C THR J 301 54.49 -60.51 50.12
N TYR J 302 55.05 -60.22 51.28
CA TYR J 302 55.41 -58.83 51.66
C TYR J 302 56.66 -58.43 50.89
N TYR J 303 57.51 -59.40 50.65
CA TYR J 303 58.73 -59.10 49.92
C TYR J 303 58.57 -59.19 48.41
N ILE J 304 57.32 -59.23 47.98
CA ILE J 304 56.94 -58.94 46.61
C ILE J 304 56.17 -57.62 46.56
N ILE J 305 55.14 -57.48 47.40
CA ILE J 305 54.36 -56.24 47.43
C ILE J 305 55.20 -55.01 47.76
N ALA J 306 55.93 -55.03 48.87
CA ALA J 306 56.73 -53.85 49.30
C ALA J 306 57.78 -53.38 48.29
N PRO J 307 58.72 -54.27 47.90
CA PRO J 307 59.67 -53.93 46.81
C PRO J 307 59.00 -53.39 45.53
N SER J 308 57.86 -53.95 45.12
CA SER J 308 57.17 -53.45 43.93
C SER J 308 56.75 -52.01 44.07
N GLU J 309 55.97 -51.74 45.11
CA GLU J 309 55.50 -50.40 45.36
C GLU J 309 56.71 -49.48 45.57
N ALA J 310 57.76 -50.00 46.20
CA ALA J 310 58.96 -49.21 46.42
C ALA J 310 59.58 -48.76 45.12
N SER J 311 59.58 -49.63 44.12
CA SER J 311 60.28 -49.31 42.88
C SER J 311 59.51 -48.19 42.19
N SER J 312 58.20 -48.20 42.37
CA SER J 312 57.37 -47.21 41.72
C SER J 312 57.47 -45.91 42.47
N ASN J 313 57.38 -45.96 43.81
CA ASN J 313 57.48 -44.74 44.63
C ASN J 313 58.81 -44.08 44.61
N LEU J 314 59.85 -44.83 44.28
CA LEU J 314 61.19 -44.27 44.28
C LEU J 314 61.64 -43.80 42.88
N ALA J 315 60.74 -43.88 41.91
CA ALA J 315 60.99 -43.47 40.53
C ALA J 315 61.24 -41.98 40.41
N ARG J 316 60.72 -41.23 41.40
CA ARG J 316 60.75 -39.79 41.41
C ARG J 316 62.10 -39.17 41.79
N TYR J 317 63.00 -39.95 42.39
CA TYR J 317 64.33 -39.48 42.80
C TYR J 317 65.27 -39.63 41.62
N ASP J 318 65.54 -38.50 40.96
CA ASP J 318 66.02 -38.50 39.58
C ASP J 318 66.90 -37.32 39.18
N GLY J 319 67.23 -36.45 40.15
CA GLY J 319 68.15 -35.35 39.92
C GLY J 319 67.53 -34.20 39.16
N VAL J 320 66.22 -34.24 38.94
CA VAL J 320 65.57 -33.18 38.19
C VAL J 320 65.03 -32.06 39.06
N ARG J 321 64.09 -32.37 39.96
CA ARG J 321 63.40 -31.31 40.68
C ARG J 321 63.96 -30.96 42.08
N TYR J 322 64.69 -31.89 42.67
CA TYR J 322 65.21 -31.75 44.02
C TYR J 322 66.30 -32.79 44.27
N GLY J 323 67.00 -32.67 45.42
CA GLY J 323 67.94 -33.66 45.90
C GLY J 323 69.25 -33.79 45.14
N TYR J 324 69.88 -34.96 45.30
CA TYR J 324 71.17 -35.27 44.72
C TYR J 324 71.17 -35.34 43.20
N ARG J 325 72.23 -34.83 42.61
CA ARG J 325 72.49 -35.05 41.20
C ARG J 325 73.97 -35.39 41.00
N ALA J 326 74.23 -36.50 40.33
CA ALA J 326 75.59 -36.90 39.97
C ALA J 326 76.36 -35.75 39.30
N LYS J 327 77.68 -35.68 39.54
CA LYS J 327 78.53 -34.63 38.97
C LYS J 327 78.89 -34.81 37.50
N GLU J 328 79.15 -36.05 37.06
CA GLU J 328 79.52 -36.31 35.66
C GLU J 328 78.50 -37.13 34.90
N TYR J 329 78.10 -36.62 33.75
CA TYR J 329 77.18 -37.32 32.87
C TYR J 329 77.23 -36.74 31.43
N LYS J 330 77.11 -37.61 30.43
CA LYS J 330 77.16 -37.19 29.03
C LYS J 330 75.77 -36.91 28.42
N ASP J 331 74.73 -37.49 29.01
CA ASP J 331 73.34 -37.20 28.62
C ASP J 331 72.34 -37.38 29.77
N ILE J 332 71.06 -37.20 29.49
CA ILE J 332 70.04 -37.34 30.52
C ILE J 332 69.98 -38.76 31.08
N PHE J 333 70.22 -39.76 30.23
CA PHE J 333 70.18 -41.15 30.68
C PHE J 333 71.26 -41.38 31.74
N GLU J 334 72.49 -40.99 31.44
CA GLU J 334 73.57 -41.11 32.39
C GLU J 334 73.25 -40.28 33.63
N MET J 335 72.69 -39.09 33.44
CA MET J 335 72.35 -38.27 34.59
C MET J 335 71.44 -39.03 35.51
N TYR J 336 70.39 -39.59 34.94
CA TYR J 336 69.41 -40.36 35.68
C TYR J 336 70.08 -41.53 36.39
N ALA J 337 70.76 -42.38 35.63
CA ALA J 337 71.25 -43.66 36.11
C ALA J 337 72.44 -43.58 37.04
N ARG J 338 73.21 -42.49 36.94
CA ARG J 338 74.33 -42.23 37.85
C ARG J 338 73.86 -41.57 39.15
N THR J 339 72.95 -40.59 39.03
CA THR J 339 72.35 -39.96 40.20
C THR J 339 71.81 -41.03 41.14
N ARG J 340 71.10 -42.00 40.57
CA ARG J 340 70.43 -43.01 41.35
C ARG J 340 71.37 -44.09 41.88
N ASP J 341 72.28 -44.59 41.04
CA ASP J 341 73.24 -45.56 41.56
C ASP J 341 74.09 -44.98 42.68
N GLU J 342 74.45 -43.71 42.54
CA GLU J 342 75.23 -43.03 43.58
C GLU J 342 74.42 -42.56 44.79
N GLY J 343 73.16 -42.21 44.58
CA GLY J 343 72.30 -41.65 45.63
C GLY J 343 71.60 -42.67 46.50
N PHE J 344 71.25 -43.82 45.92
CA PHE J 344 70.61 -44.92 46.67
C PHE J 344 71.62 -45.89 47.27
N GLY J 345 71.32 -46.30 48.50
CA GLY J 345 72.04 -47.39 49.17
C GLY J 345 71.72 -48.78 48.64
N PRO J 346 72.49 -49.79 49.10
CA PRO J 346 72.39 -51.17 48.63
C PRO J 346 71.03 -51.84 48.80
N GLU J 347 70.44 -51.79 49.99
CA GLU J 347 69.13 -52.41 50.22
C GLU J 347 68.09 -51.77 49.34
N VAL J 348 68.11 -50.44 49.26
CA VAL J 348 67.19 -49.70 48.41
C VAL J 348 67.35 -50.14 46.95
N LYS J 349 68.60 -50.17 46.45
CA LYS J 349 68.86 -50.62 45.07
C LYS J 349 68.33 -52.02 44.80
N ARG J 350 68.46 -52.91 45.78
CA ARG J 350 67.97 -54.31 45.69
C ARG J 350 66.45 -54.41 45.57
N ARG J 351 65.73 -53.56 46.29
CA ARG J 351 64.26 -53.56 46.28
C ARG J 351 63.73 -52.89 45.04
N ILE J 352 64.46 -51.88 44.56
CA ILE J 352 64.13 -51.29 43.27
C ILE J 352 64.26 -52.33 42.14
N MET J 353 65.37 -53.08 42.11
CA MET J 353 65.59 -54.12 41.06
C MET J 353 64.50 -55.18 41.11
N LEU J 354 64.33 -55.76 42.29
CA LEU J 354 63.25 -56.70 42.56
C LEU J 354 61.87 -56.20 42.15
N GLY J 355 61.57 -54.95 42.49
CA GLY J 355 60.27 -54.37 42.23
C GLY J 355 59.98 -54.26 40.74
N THR J 356 60.94 -53.72 40.00
CA THR J 356 60.75 -53.48 38.56
C THR J 356 60.66 -54.78 37.78
N PHE J 357 61.17 -55.86 38.38
CA PHE J 357 60.90 -57.20 37.89
C PHE J 357 59.47 -57.62 38.20
N ALA J 358 59.11 -57.60 39.48
CA ALA J 358 57.76 -58.01 39.92
C ALA J 358 56.61 -57.34 39.17
N LEU J 359 56.83 -56.12 38.68
CA LEU J 359 55.85 -55.37 37.90
C LEU J 359 56.00 -55.54 36.40
N SER J 360 57.15 -56.07 35.96
CA SER J 360 57.38 -56.30 34.54
C SER J 360 56.30 -57.22 33.96
N ALA J 361 55.84 -56.89 32.73
CA ALA J 361 54.83 -57.68 32.05
C ALA J 361 55.44 -59.05 31.80
N GLY J 362 54.65 -60.09 31.93
CA GLY J 362 55.23 -61.41 31.81
C GLY J 362 55.51 -61.99 33.19
N TYR J 363 55.69 -61.11 34.18
CA TYR J 363 55.92 -61.56 35.55
C TYR J 363 54.97 -60.98 36.57
N TYR J 364 54.25 -59.94 36.16
CA TYR J 364 53.30 -59.25 37.03
C TYR J 364 52.24 -60.18 37.63
N ASP J 365 51.66 -61.05 36.79
CA ASP J 365 50.60 -61.98 37.19
C ASP J 365 51.04 -62.93 38.27
N ALA J 366 52.26 -63.47 38.11
CA ALA J 366 52.80 -64.47 39.03
C ALA J 366 53.44 -63.85 40.27
N TYR J 367 53.78 -62.57 40.18
CA TYR J 367 54.41 -61.87 41.29
C TYR J 367 53.46 -60.94 42.01
N TYR J 368 53.39 -59.67 41.59
CA TYR J 368 52.61 -58.67 42.33
C TYR J 368 51.10 -58.99 42.39
N LEU J 369 50.52 -59.35 41.25
CA LEU J 369 49.11 -59.69 41.25
C LEU J 369 48.82 -60.88 42.18
N LYS J 370 49.59 -61.95 42.02
CA LYS J 370 49.45 -63.11 42.86
C LYS J 370 49.53 -62.74 44.33
N ALA J 371 50.54 -61.91 44.66
CA ALA J 371 50.82 -61.52 46.04
C ALA J 371 49.65 -60.76 46.66
N GLN J 372 48.97 -59.96 45.85
CA GLN J 372 47.89 -59.15 46.32
C GLN J 372 46.67 -60.04 46.56
N LYS J 373 46.63 -61.19 45.88
CA LYS J 373 45.56 -62.16 46.14
C LYS J 373 45.81 -62.99 47.41
N VAL J 374 47.02 -63.51 47.52
CA VAL J 374 47.49 -64.21 48.70
C VAL J 374 47.37 -63.31 49.93
N ARG J 375 47.45 -62.00 49.70
CA ARG J 375 47.28 -60.99 50.75
C ARG J 375 45.82 -60.92 51.24
N ARG J 376 44.85 -61.15 50.35
CA ARG J 376 43.44 -61.23 50.76
C ARG J 376 43.10 -62.51 51.52
N LEU J 377 43.72 -63.62 51.12
CA LEU J 377 43.63 -64.85 51.87
C LEU J 377 44.10 -64.64 53.31
N ILE J 378 45.27 -64.03 53.46
CA ILE J 378 45.86 -63.75 54.76
C ILE J 378 44.93 -62.83 55.59
N THR J 379 44.37 -61.83 54.95
CA THR J 379 43.50 -60.87 55.65
C THR J 379 42.32 -61.62 56.15
N ASN J 380 41.74 -62.46 55.29
CA ASN J 380 40.59 -63.26 55.62
C ASN J 380 40.81 -64.24 56.78
N ASP J 381 41.99 -64.88 56.84
CA ASP J 381 42.38 -65.68 58.03
C ASP J 381 42.09 -64.85 59.29
N PHE J 382 42.57 -63.61 59.32
CA PHE J 382 42.37 -62.74 60.47
C PHE J 382 40.92 -62.43 60.77
N LEU J 383 40.18 -61.98 59.78
CA LEU J 383 38.78 -61.64 60.01
C LEU J 383 37.99 -62.81 60.60
N LYS J 384 38.31 -64.02 60.17
CA LYS J 384 37.62 -65.20 60.67
C LYS J 384 38.06 -65.53 62.10
N ALA J 385 39.36 -65.49 62.36
CA ALA J 385 39.90 -65.68 63.69
C ALA J 385 39.37 -64.62 64.65
N PHE J 386 39.09 -63.42 64.15
CA PHE J 386 38.54 -62.35 64.99
C PHE J 386 37.07 -62.54 65.34
N GLU J 387 36.44 -63.55 64.73
CA GLU J 387 35.08 -63.94 65.05
C GLU J 387 35.02 -64.64 66.42
N GLU J 388 36.12 -65.31 66.76
CA GLU J 388 36.28 -66.12 67.98
C GLU J 388 36.99 -65.36 69.10
N VAL J 389 37.93 -64.49 68.75
CA VAL J 389 38.78 -63.80 69.74
C VAL J 389 38.83 -62.29 69.51
N ASP J 390 39.43 -61.55 70.43
CA ASP J 390 39.44 -60.10 70.36
C ASP J 390 40.78 -59.52 69.89
N VAL J 391 41.85 -60.15 70.32
CA VAL J 391 43.18 -59.74 69.89
C VAL J 391 43.96 -61.01 69.62
N ILE J 392 45.00 -60.89 68.81
CA ILE J 392 45.90 -62.00 68.51
C ILE J 392 47.29 -61.65 69.08
N ALA J 393 47.86 -62.57 69.86
CA ALA J 393 49.12 -62.28 70.52
C ALA J 393 50.25 -63.18 70.03
N SER J 394 51.45 -62.62 69.98
CA SER J 394 52.65 -63.37 69.69
C SER J 394 53.83 -62.55 70.22
N PRO J 395 55.05 -63.14 70.26
CA PRO J 395 56.21 -62.28 70.37
C PRO J 395 56.22 -61.27 69.21
N THR J 396 56.79 -60.10 69.44
CA THR J 396 56.97 -59.13 68.36
C THR J 396 58.02 -59.63 67.37
N THR J 397 58.99 -60.34 67.92
CA THR J 397 60.25 -60.67 67.28
C THR J 397 60.64 -62.09 67.70
N PRO J 398 61.18 -62.91 66.77
CA PRO J 398 61.65 -64.26 67.13
C PRO J 398 62.88 -64.30 68.01
N THR J 399 63.66 -63.21 68.05
CA THR J 399 64.91 -63.17 68.78
C THR J 399 65.03 -61.93 69.65
N LEU J 400 66.01 -61.97 70.55
CA LEU J 400 66.52 -60.79 71.25
C LEU J 400 67.26 -59.89 70.24
N PRO J 401 67.42 -58.58 70.56
CA PRO J 401 68.22 -57.66 69.75
C PRO J 401 69.54 -58.29 69.31
N PHE J 402 69.80 -58.32 68.01
CA PHE J 402 71.00 -58.94 67.45
C PHE J 402 72.17 -57.96 67.32
N LYS J 403 73.34 -58.49 66.96
CA LYS J 403 74.54 -57.66 66.86
C LYS J 403 74.70 -57.04 65.50
N PHE J 404 75.39 -55.91 65.47
CA PHE J 404 75.76 -55.24 64.22
C PHE J 404 76.51 -56.21 63.32
N GLY J 405 76.30 -56.10 62.01
CA GLY J 405 76.95 -56.98 61.03
C GLY J 405 76.40 -58.39 60.97
N GLU J 406 75.51 -58.75 61.91
CA GLU J 406 74.98 -60.12 61.98
C GLU J 406 74.05 -60.49 60.82
N ARG J 407 73.36 -59.51 60.27
CA ARG J 407 72.36 -59.75 59.23
C ARG J 407 72.64 -58.92 57.97
N LEU J 408 73.90 -58.56 57.78
CA LEU J 408 74.30 -57.80 56.62
C LEU J 408 74.91 -58.71 55.56
N GLU J 409 75.33 -59.89 55.98
CA GLU J 409 75.94 -60.88 55.08
C GLU J 409 74.98 -61.27 53.92
N ASN J 410 73.94 -62.02 54.26
CA ASN J 410 72.86 -62.33 53.33
C ASN J 410 71.66 -61.42 53.63
N PRO J 411 71.25 -60.59 52.64
CA PRO J 411 70.10 -59.70 52.79
C PRO J 411 68.89 -60.41 53.40
N ILE J 412 68.68 -61.65 53.00
CA ILE J 412 67.54 -62.47 53.45
C ILE J 412 67.47 -62.61 54.97
N GLU J 413 68.63 -62.68 55.62
CA GLU J 413 68.69 -62.81 57.07
C GLU J 413 68.08 -61.60 57.76
N MET J 414 68.19 -60.44 57.13
CA MET J 414 67.54 -59.24 57.63
C MET J 414 66.00 -59.35 57.51
N TYR J 415 65.55 -59.87 56.38
CA TYR J 415 64.13 -60.03 56.10
C TYR J 415 63.42 -60.87 57.15
N LEU J 416 64.10 -61.92 57.60
CA LEU J 416 63.54 -62.87 58.57
C LEU J 416 63.29 -62.26 59.97
N SER J 417 63.72 -61.02 60.16
CA SER J 417 63.47 -60.25 61.35
C SER J 417 61.98 -59.93 61.47
N ASP J 418 61.31 -59.91 60.32
CA ASP J 418 59.96 -59.38 60.17
C ASP J 418 58.84 -60.43 60.20
N ILE J 419 59.22 -61.70 60.34
CA ILE J 419 58.28 -62.82 60.22
C ILE J 419 57.00 -62.70 61.09
N LEU J 420 57.09 -62.00 62.22
CA LEU J 420 55.94 -61.88 63.12
C LEU J 420 55.23 -60.56 63.02
N THR J 421 55.84 -59.63 62.26
CA THR J 421 55.36 -58.23 62.14
C THR J 421 54.58 -57.92 60.87
N VAL J 422 55.04 -58.49 59.74
CA VAL J 422 54.45 -58.20 58.42
C VAL J 422 52.95 -58.56 58.30
N PRO J 423 52.49 -59.65 58.99
CA PRO J 423 51.07 -60.04 58.83
C PRO J 423 50.08 -58.91 59.09
N ALA J 424 50.36 -58.09 60.09
CA ALA J 424 49.47 -56.99 60.46
C ALA J 424 49.42 -55.88 59.38
N ASN J 425 50.53 -55.64 58.68
CA ASN J 425 50.50 -54.62 57.61
C ASN J 425 49.74 -55.13 56.40
N LEU J 426 49.96 -56.41 56.07
CA LEU J 426 49.23 -57.07 55.00
C LEU J 426 47.74 -56.96 55.21
N ALA J 427 47.27 -57.27 56.40
CA ALA J 427 45.83 -57.25 56.67
C ALA J 427 45.27 -55.85 56.97
N GLY J 428 46.16 -54.86 56.98
CA GLY J 428 45.78 -53.47 57.29
C GLY J 428 45.39 -53.24 58.73
N LEU J 429 45.82 -54.14 59.60
CA LEU J 429 45.38 -54.23 60.97
C LEU J 429 46.20 -53.33 61.91
N PRO J 430 45.61 -52.80 63.00
CA PRO J 430 46.44 -52.18 64.04
C PRO J 430 47.24 -53.23 64.78
N ALA J 431 48.43 -52.88 65.25
CA ALA J 431 49.23 -53.77 66.08
C ALA J 431 50.18 -53.00 66.99
N ILE J 432 50.32 -53.51 68.22
CA ILE J 432 51.15 -52.84 69.21
C ILE J 432 52.24 -53.78 69.68
N SER J 433 53.39 -53.22 70.00
CA SER J 433 54.42 -53.96 70.70
C SER J 433 54.64 -53.29 72.04
N ILE J 434 54.57 -54.12 73.08
CA ILE J 434 54.61 -53.69 74.48
C ILE J 434 55.71 -54.52 75.11
N PRO J 435 56.51 -53.91 76.01
CA PRO J 435 57.62 -54.62 76.62
C PRO J 435 57.13 -55.55 77.72
N ILE J 436 57.56 -56.80 77.66
CA ILE J 436 57.00 -57.88 78.47
C ILE J 436 57.98 -58.51 79.46
N ALA J 437 59.28 -58.35 79.20
CA ALA J 437 60.33 -58.85 80.07
C ALA J 437 61.69 -58.29 79.62
N TRP J 438 62.70 -58.55 80.45
CA TRP J 438 64.11 -58.28 80.10
C TRP J 438 64.86 -59.56 80.31
N LYS J 439 65.56 -60.01 79.26
CA LYS J 439 66.17 -61.33 79.25
C LYS J 439 67.60 -61.14 78.85
N ASP J 440 68.52 -61.58 79.73
CA ASP J 440 69.97 -61.43 79.52
C ASP J 440 70.32 -59.96 79.24
N GLY J 441 69.59 -59.07 79.90
CA GLY J 441 69.82 -57.62 79.80
C GLY J 441 69.11 -56.87 78.69
N LEU J 442 68.35 -57.59 77.87
CA LEU J 442 67.76 -57.04 76.67
C LEU J 442 66.24 -57.08 76.70
N PRO J 443 65.58 -56.02 76.22
CA PRO J 443 64.13 -56.00 76.13
C PRO J 443 63.53 -57.10 75.26
N VAL J 444 62.30 -57.50 75.62
CA VAL J 444 61.51 -58.41 74.79
C VAL J 444 60.13 -57.77 74.65
N GLY J 445 59.63 -57.75 73.42
CA GLY J 445 58.33 -57.21 73.10
C GLY J 445 57.27 -58.27 72.90
N GLY J 446 56.09 -58.01 73.46
CA GLY J 446 54.92 -58.82 73.19
C GLY J 446 54.02 -58.04 72.25
N GLN J 447 53.45 -58.74 71.29
CA GLN J 447 52.64 -58.08 70.27
C GLN J 447 51.19 -58.47 70.38
N LEU J 448 50.32 -57.47 70.26
CA LEU J 448 48.91 -57.72 70.12
C LEU J 448 48.40 -57.09 68.83
N ILE J 449 47.72 -57.90 68.04
CA ILE J 449 47.11 -57.47 66.80
C ILE J 449 45.62 -57.35 67.06
N GLY J 450 45.06 -56.19 66.72
CA GLY J 450 43.64 -55.92 66.92
C GLY J 450 42.82 -55.91 65.63
N LYS J 451 41.50 -55.79 65.78
CA LYS J 451 40.60 -55.67 64.65
C LYS J 451 40.78 -54.30 64.05
N HIS J 452 40.37 -54.16 62.80
CA HIS J 452 40.30 -52.85 62.17
C HIS J 452 39.59 -51.88 63.10
N TRP J 453 40.26 -50.76 63.37
CA TRP J 453 39.69 -49.62 64.10
C TRP J 453 39.68 -49.83 65.60
N ASP J 454 40.19 -50.96 66.06
CA ASP J 454 40.19 -51.26 67.50
C ASP J 454 41.51 -51.01 68.20
N GLU J 455 42.05 -49.82 68.02
CA GLU J 455 43.27 -49.42 68.71
C GLU J 455 43.00 -49.31 70.20
N THR J 456 41.75 -48.98 70.55
CA THR J 456 41.37 -48.83 71.94
C THR J 456 41.74 -50.07 72.75
N THR J 457 41.31 -51.23 72.28
CA THR J 457 41.55 -52.48 73.01
C THR J 457 43.04 -52.71 73.20
N LEU J 458 43.79 -52.63 72.11
CA LEU J 458 45.24 -52.76 72.14
C LEU J 458 45.80 -51.83 73.17
N LEU J 459 45.27 -50.62 73.24
CA LEU J 459 45.80 -49.63 74.18
C LEU J 459 45.41 -49.97 75.62
N GLN J 460 44.17 -50.40 75.81
CA GLN J 460 43.69 -50.80 77.12
C GLN J 460 44.53 -51.93 77.69
N ILE J 461 44.73 -53.01 76.94
CA ILE J 461 45.56 -54.12 77.41
C ILE J 461 47.00 -53.65 77.68
N SER J 462 47.46 -52.69 76.90
CA SER J 462 48.79 -52.14 77.16
C SER J 462 48.82 -51.40 78.51
N TYR J 463 47.77 -50.64 78.79
CA TYR J 463 47.62 -49.96 80.06
C TYR J 463 47.58 -50.91 81.26
N LEU J 464 46.85 -52.00 81.11
CA LEU J 464 46.76 -53.01 82.15
C LEU J 464 48.12 -53.67 82.37
N TRP J 465 48.82 -54.00 81.29
CA TRP J 465 50.10 -54.68 81.43
C TRP J 465 51.15 -53.85 82.14
N GLU J 466 51.15 -52.54 81.93
CA GLU J 466 52.19 -51.71 82.50
C GLU J 466 52.01 -51.53 84.01
N GLN J 467 50.76 -51.63 84.45
CA GLN J 467 50.39 -51.66 85.88
C GLN J 467 51.02 -52.86 86.56
N LYS J 468 50.97 -54.02 85.90
CA LYS J 468 51.60 -55.24 86.41
C LYS J 468 53.11 -55.18 86.25
N PHE J 469 53.57 -54.75 85.08
CA PHE J 469 54.99 -54.71 84.76
C PHE J 469 55.38 -53.32 84.33
N LYS J 470 56.00 -52.58 85.25
CA LYS J 470 56.29 -51.16 85.07
C LYS J 470 57.59 -50.94 84.30
N HIS J 471 57.55 -51.21 82.99
CA HIS J 471 58.72 -51.17 82.11
C HIS J 471 59.23 -49.76 81.92
N TYR J 472 58.39 -48.77 82.23
CA TYR J 472 58.71 -47.36 82.04
C TYR J 472 59.76 -46.87 83.01
N GLU J 473 60.04 -47.69 84.03
CA GLU J 473 61.01 -47.39 85.09
C GLU J 473 62.40 -47.88 84.72
N LYS J 474 62.45 -48.84 83.79
CA LYS J 474 63.71 -49.36 83.26
C LYS J 474 64.36 -48.35 82.32
N ILE J 475 65.33 -47.59 82.83
CA ILE J 475 65.98 -46.51 82.07
C ILE J 475 67.45 -46.82 81.78
N PRO J 476 67.82 -46.94 80.49
CA PRO J 476 69.20 -47.31 80.18
C PRO J 476 70.13 -46.12 80.24
N LEU J 477 71.43 -46.37 80.20
CA LEU J 477 72.44 -45.33 80.27
C LEU J 477 72.23 -44.40 81.47
N THR J 478 72.01 -45.01 82.64
CA THR J 478 71.84 -44.37 83.96
C THR J 478 70.84 -43.21 83.99
N GLU K 3 41.99 -48.13 -7.44
CA GLU K 3 43.18 -48.50 -6.63
C GLU K 3 43.08 -49.92 -6.05
N LYS K 4 44.23 -50.62 -6.05
CA LYS K 4 44.36 -51.98 -5.53
C LYS K 4 44.24 -52.04 -4.02
N TYR K 5 44.69 -50.98 -3.33
CA TYR K 5 44.84 -50.99 -1.87
C TYR K 5 43.75 -50.27 -1.08
N GLU K 6 43.90 -50.34 0.23
CA GLU K 6 42.94 -49.81 1.19
C GLU K 6 43.74 -49.29 2.37
N ALA K 7 43.45 -48.07 2.81
CA ALA K 7 44.07 -47.53 4.02
C ALA K 7 43.27 -47.92 5.27
N VAL K 8 43.99 -48.35 6.31
CA VAL K 8 43.39 -48.63 7.61
C VAL K 8 44.00 -47.65 8.62
N ILE K 9 43.15 -46.78 9.17
CA ILE K 9 43.61 -45.70 10.05
C ILE K 9 42.92 -45.70 11.41
N GLY K 10 43.73 -45.62 12.45
CA GLY K 10 43.25 -45.49 13.83
C GLY K 10 43.90 -44.30 14.51
N LEU K 11 43.17 -43.65 15.39
CA LEU K 11 43.68 -42.45 16.07
C LEU K 11 43.67 -42.60 17.59
N GLU K 12 44.66 -41.98 18.24
CA GLU K 12 44.74 -41.90 19.69
C GLU K 12 44.73 -40.42 20.07
N ILE K 13 43.63 -39.99 20.65
CA ILE K 13 43.44 -38.56 20.93
C ILE K 13 43.48 -38.27 22.44
N HIS K 14 44.26 -37.26 22.80
CA HIS K 14 44.26 -36.80 24.19
C HIS K 14 43.53 -35.46 24.23
N VAL K 15 42.47 -35.42 25.02
CA VAL K 15 41.60 -34.24 25.09
C VAL K 15 41.70 -33.60 26.47
N GLN K 16 42.08 -32.33 26.50
CA GLN K 16 42.22 -31.59 27.73
C GLN K 16 40.85 -31.17 28.25
N MET K 17 40.56 -31.51 29.51
CA MET K 17 39.28 -31.17 30.10
C MET K 17 39.28 -29.74 30.64
N ASP K 18 38.20 -29.04 30.32
CA ASP K 18 37.99 -27.66 30.75
C ASP K 18 37.60 -27.54 32.22
N THR K 19 38.44 -28.07 33.09
CA THR K 19 38.25 -27.95 34.53
C THR K 19 39.03 -26.72 35.01
N LYS K 20 38.71 -26.23 36.21
CA LYS K 20 39.41 -25.09 36.82
C LYS K 20 40.76 -25.56 37.38
N THR K 21 40.76 -26.81 37.79
CA THR K 21 41.77 -27.37 38.67
C THR K 21 42.38 -28.63 38.05
N LYS K 22 43.59 -28.99 38.48
CA LYS K 22 44.25 -30.18 37.92
C LYS K 22 43.55 -31.51 38.30
N MET K 23 44.03 -32.62 37.75
CA MET K 23 43.35 -33.90 37.99
C MET K 23 43.47 -34.46 39.42
N PHE K 24 44.64 -34.22 40.03
CA PHE K 24 45.01 -34.87 41.28
C PHE K 24 45.48 -33.89 42.34
N CYS K 25 45.34 -32.59 42.07
CA CYS K 25 45.61 -31.52 43.03
C CYS K 25 44.76 -30.27 42.70
N GLY K 26 44.80 -29.27 43.57
CA GLY K 26 43.95 -28.09 43.41
C GLY K 26 44.58 -26.93 42.68
N CYS K 27 45.72 -27.16 42.01
CA CYS K 27 46.36 -26.10 41.23
C CYS K 27 45.48 -25.76 40.02
N LYS K 28 45.58 -24.51 39.58
CA LYS K 28 44.81 -24.02 38.47
C LYS K 28 45.29 -24.61 37.16
N VAL K 29 44.31 -24.92 36.31
CA VAL K 29 44.56 -25.20 34.90
C VAL K 29 44.35 -23.87 34.18
N GLU K 30 45.40 -23.29 33.63
CA GLU K 30 45.29 -22.10 32.77
C GLU K 30 46.40 -22.01 31.74
N PHE K 31 46.10 -21.41 30.59
CA PHE K 31 47.04 -21.27 29.49
C PHE K 31 47.93 -20.03 29.65
N GLY K 32 49.23 -20.21 29.36
CA GLY K 32 50.20 -19.10 29.33
C GLY K 32 50.59 -18.45 30.64
N ALA K 33 50.55 -19.18 31.75
CA ALA K 33 51.02 -18.68 33.04
C ALA K 33 52.56 -18.64 33.05
N GLU K 34 53.13 -17.92 34.03
CA GLU K 34 54.58 -17.92 34.26
C GLU K 34 55.06 -19.30 34.72
N PRO K 35 56.21 -19.75 34.16
CA PRO K 35 56.66 -21.13 34.36
C PRO K 35 56.64 -21.53 35.83
N ASN K 36 56.16 -22.74 36.10
CA ASN K 36 56.16 -23.31 37.44
C ASN K 36 55.51 -22.41 38.50
N THR K 37 54.36 -21.81 38.18
CA THR K 37 53.63 -21.08 39.24
C THR K 37 52.33 -21.76 39.68
N ASN K 38 51.70 -22.48 38.76
CA ASN K 38 50.54 -23.30 39.09
C ASN K 38 50.91 -24.73 39.52
N VAL K 39 51.63 -24.79 40.63
CA VAL K 39 52.44 -25.92 40.94
C VAL K 39 52.41 -26.19 42.46
N CYS K 40 52.55 -27.45 42.87
CA CYS K 40 52.41 -27.83 44.29
C CYS K 40 53.12 -29.14 44.50
N PRO K 41 53.22 -29.60 45.76
CA PRO K 41 53.92 -30.85 46.09
C PRO K 41 53.40 -32.05 45.31
N VAL K 42 52.10 -32.05 45.06
CA VAL K 42 51.44 -33.19 44.43
C VAL K 42 51.86 -33.24 42.98
N CYS K 43 51.45 -32.21 42.24
CA CYS K 43 51.75 -32.14 40.83
C CYS K 43 53.23 -31.98 40.52
N LEU K 44 54.06 -31.63 41.51
CA LEU K 44 55.52 -31.56 41.29
C LEU K 44 56.30 -32.84 41.55
N GLY K 45 55.58 -33.89 41.95
CA GLY K 45 56.16 -35.19 42.25
C GLY K 45 57.12 -35.09 43.41
N MET K 46 56.73 -34.35 44.43
CA MET K 46 57.56 -34.20 45.60
C MET K 46 57.42 -35.38 46.52
N PRO K 47 58.46 -35.64 47.34
CA PRO K 47 58.35 -36.80 48.22
C PRO K 47 57.25 -36.56 49.27
N GLY K 48 56.39 -37.57 49.49
CA GLY K 48 55.35 -37.51 50.51
C GLY K 48 54.02 -37.01 50.02
N ALA K 49 53.96 -36.56 48.77
CA ALA K 49 52.78 -35.89 48.25
C ALA K 49 51.79 -36.86 47.57
N LEU K 50 50.49 -36.72 47.85
CA LEU K 50 49.48 -37.71 47.42
C LEU K 50 48.38 -37.14 46.49
N PRO K 51 47.85 -37.97 45.56
CA PRO K 51 46.83 -37.52 44.59
C PRO K 51 45.41 -37.58 45.16
N ILE K 52 44.62 -36.58 44.81
CA ILE K 52 43.20 -36.54 45.13
C ILE K 52 42.42 -36.25 43.86
N VAL K 53 41.56 -37.19 43.50
CA VAL K 53 40.74 -37.13 42.30
C VAL K 53 39.80 -35.93 42.22
N ASN K 54 39.85 -35.24 41.09
CA ASN K 54 38.94 -34.15 40.73
C ASN K 54 37.55 -34.67 40.31
N LYS K 55 36.52 -34.30 41.08
CA LYS K 55 35.15 -34.73 40.84
C LYS K 55 34.58 -34.26 39.49
N ARG K 56 34.83 -33.00 39.13
CA ARG K 56 34.40 -32.46 37.84
C ARG K 56 35.09 -33.16 36.66
N ALA K 57 36.38 -33.44 36.81
CA ALA K 57 37.12 -34.22 35.82
C ALA K 57 36.42 -35.56 35.59
N VAL K 58 36.02 -36.24 36.67
CA VAL K 58 35.25 -37.48 36.52
C VAL K 58 33.87 -37.24 35.87
N GLU K 59 33.16 -36.20 36.31
CA GLU K 59 31.85 -35.88 35.75
C GLU K 59 31.96 -35.62 34.23
N TYR K 60 32.97 -34.83 33.84
CA TYR K 60 33.18 -34.49 32.43
C TYR K 60 33.50 -35.71 31.59
N ALA K 61 34.34 -36.60 32.10
CA ALA K 61 34.74 -37.76 31.32
C ALA K 61 33.60 -38.76 31.17
N ILE K 62 32.69 -38.81 32.15
CA ILE K 62 31.46 -39.62 32.03
C ILE K 62 30.60 -39.00 30.92
N ARG K 63 30.40 -37.69 30.99
CA ARG K 63 29.58 -36.98 30.03
C ARG K 63 30.13 -37.21 28.61
N ALA K 64 31.44 -37.08 28.42
CA ALA K 64 32.06 -37.30 27.13
C ALA K 64 31.87 -38.74 26.67
N SER K 65 32.01 -39.69 27.58
CA SER K 65 31.86 -41.12 27.25
C SER K 65 30.49 -41.43 26.68
N LEU K 66 29.48 -40.84 27.32
CA LEU K 66 28.10 -40.99 26.93
C LEU K 66 27.81 -40.30 25.61
N ALA K 67 28.36 -39.10 25.39
CA ALA K 67 28.21 -38.42 24.09
C ALA K 67 28.94 -39.19 22.98
N LEU K 68 29.93 -39.98 23.32
CA LEU K 68 30.53 -40.86 22.33
C LEU K 68 29.89 -42.24 22.34
N ASN K 69 28.75 -42.35 23.02
CA ASN K 69 27.95 -43.58 22.98
C ASN K 69 28.63 -44.80 23.58
N CYS K 70 29.50 -44.57 24.56
CA CYS K 70 30.23 -45.67 25.18
C CYS K 70 29.43 -46.26 26.33
N GLU K 71 29.76 -47.50 26.67
CA GLU K 71 29.36 -48.11 27.91
C GLU K 71 30.27 -47.55 29.02
N VAL K 72 29.67 -46.88 30.01
CA VAL K 72 30.42 -46.37 31.17
C VAL K 72 30.47 -47.47 32.23
N HIS K 73 31.68 -47.80 32.69
CA HIS K 73 31.87 -48.86 33.67
C HIS K 73 31.84 -48.33 35.10
N GLU K 74 30.99 -48.97 35.91
CA GLU K 74 30.66 -48.51 37.25
C GLU K 74 31.94 -48.53 38.09
N GLU K 75 32.87 -49.41 37.70
CA GLU K 75 34.13 -49.50 38.39
C GLU K 75 35.30 -49.43 37.40
N SER K 76 36.22 -48.50 37.65
CA SER K 76 37.43 -48.33 36.88
C SER K 76 38.60 -48.03 37.83
N VAL K 77 39.82 -48.27 37.36
CA VAL K 77 40.98 -48.21 38.26
C VAL K 77 42.10 -47.35 37.67
N PHE K 78 42.62 -46.43 38.48
CA PHE K 78 43.81 -45.67 38.09
C PHE K 78 45.08 -46.52 38.20
N ALA K 79 45.86 -46.54 37.13
CA ALA K 79 47.06 -47.38 37.08
C ALA K 79 48.30 -46.52 36.90
N ARG K 80 49.43 -46.94 37.44
CA ARG K 80 50.68 -46.21 37.25
C ARG K 80 51.39 -46.62 35.94
N LYS K 81 51.67 -45.64 35.09
CA LYS K 81 52.37 -45.85 33.82
C LYS K 81 53.79 -45.30 33.97
N HIS K 82 54.76 -46.19 34.10
CA HIS K 82 56.12 -45.77 34.39
C HIS K 82 56.94 -45.45 33.18
N TYR K 83 57.62 -44.30 33.21
CA TYR K 83 58.75 -43.98 32.31
C TYR K 83 59.55 -42.81 32.84
N PHE K 84 60.81 -42.72 32.43
CA PHE K 84 61.66 -41.62 32.87
C PHE K 84 61.75 -40.57 31.79
N TYR K 85 61.28 -39.36 32.13
CA TYR K 85 61.34 -38.22 31.25
C TYR K 85 61.18 -36.92 32.04
N PRO K 86 62.05 -35.91 31.76
CA PRO K 86 62.09 -34.67 32.53
C PRO K 86 60.78 -33.93 32.73
N ASP K 87 59.83 -34.04 31.80
CA ASP K 87 58.53 -33.41 32.00
C ASP K 87 57.50 -34.28 32.78
N LEU K 88 57.95 -35.42 33.30
CA LEU K 88 57.10 -36.35 34.04
C LEU K 88 57.63 -36.57 35.45
N PRO K 89 57.11 -35.76 36.39
CA PRO K 89 57.70 -35.56 37.71
C PRO K 89 57.80 -36.77 38.63
N LYS K 90 56.93 -37.76 38.49
CA LYS K 90 56.92 -38.86 39.46
C LYS K 90 57.59 -40.11 38.94
N GLY K 91 57.93 -40.11 37.66
CA GLY K 91 58.51 -41.28 37.04
C GLY K 91 57.40 -42.21 36.66
N TYR K 92 56.16 -41.75 36.86
CA TYR K 92 55.00 -42.43 36.28
C TYR K 92 53.89 -41.45 35.91
N GLN K 93 53.02 -41.89 35.01
CA GLN K 93 51.80 -41.18 34.73
C GLN K 93 50.63 -41.97 35.33
N ILE K 94 49.73 -41.28 36.01
CA ILE K 94 48.52 -41.91 36.51
C ILE K 94 47.50 -41.87 35.38
N SER K 95 47.11 -43.04 34.88
CA SER K 95 46.03 -43.12 33.93
C SER K 95 45.20 -44.35 34.24
N GLN K 96 44.60 -44.96 33.23
CA GLN K 96 43.90 -46.21 33.42
C GLN K 96 44.39 -47.18 32.35
N TYR K 97 44.23 -48.47 32.60
CA TYR K 97 44.83 -49.50 31.79
C TYR K 97 43.81 -50.59 31.46
N GLU K 98 43.92 -51.79 32.04
CA GLU K 98 42.77 -52.68 32.07
C GLU K 98 41.81 -51.93 32.98
N LYS K 99 40.51 -52.09 32.84
CA LYS K 99 39.57 -51.28 33.68
C LYS K 99 39.57 -49.74 33.40
N PRO K 100 39.33 -49.34 32.13
CA PRO K 100 39.15 -47.93 31.84
C PRO K 100 37.70 -47.49 32.10
N LEU K 101 37.47 -46.20 32.10
CA LEU K 101 36.15 -45.65 32.40
C LEU K 101 35.05 -46.10 31.42
N ALA K 102 35.33 -46.02 30.12
CA ALA K 102 34.34 -46.26 29.09
C ALA K 102 34.92 -47.03 27.90
N THR K 103 34.04 -47.70 27.16
CA THR K 103 34.42 -48.71 26.20
C THR K 103 33.26 -48.85 25.20
N ASN K 104 33.55 -49.41 24.02
CA ASN K 104 32.51 -49.71 23.02
C ASN K 104 31.58 -48.53 22.70
N GLY K 105 32.14 -47.44 22.20
CA GLY K 105 31.33 -46.33 21.70
C GLY K 105 31.50 -46.14 20.20
N TRP K 106 30.95 -45.04 19.70
CA TRP K 106 31.01 -44.76 18.28
C TRP K 106 30.76 -43.32 17.96
N VAL K 107 31.33 -42.87 16.85
CA VAL K 107 31.04 -41.55 16.30
C VAL K 107 30.54 -41.68 14.87
N GLU K 108 29.53 -40.90 14.51
CA GLU K 108 28.98 -40.92 13.16
C GLU K 108 29.57 -39.78 12.33
N LEU K 109 30.16 -40.15 11.20
CA LEU K 109 30.70 -39.21 10.24
C LEU K 109 29.72 -38.98 9.08
N ASN K 110 29.50 -37.72 8.71
CA ASN K 110 28.76 -37.41 7.51
C ASN K 110 29.75 -37.09 6.40
N LEU K 111 29.67 -37.90 5.35
CA LEU K 111 30.62 -37.85 4.24
C LEU K 111 30.13 -36.89 3.15
N PRO K 112 31.06 -36.33 2.34
CA PRO K 112 30.68 -35.38 1.29
C PRO K 112 29.66 -35.98 0.33
N ASN K 113 29.93 -37.19 -0.14
CA ASN K 113 28.98 -37.96 -0.96
C ASN K 113 27.56 -38.10 -0.44
N GLY K 114 27.36 -37.69 0.81
CA GLY K 114 26.05 -37.74 1.46
C GLY K 114 25.86 -38.96 2.35
N GLU K 115 26.80 -39.91 2.30
CA GLU K 115 26.71 -41.12 3.13
C GLU K 115 27.24 -40.93 4.55
N LYS K 116 26.68 -41.73 5.46
CA LYS K 116 27.01 -41.68 6.87
C LYS K 116 27.78 -42.95 7.22
N LYS K 117 28.87 -42.78 7.98
CA LYS K 117 29.76 -43.87 8.34
C LYS K 117 30.02 -43.82 9.85
N LYS K 118 30.31 -44.98 10.44
CA LYS K 118 30.69 -45.02 11.84
C LYS K 118 32.15 -45.35 12.10
N VAL K 119 32.70 -44.62 13.06
CA VAL K 119 34.02 -44.88 13.63
C VAL K 119 33.84 -45.26 15.11
N ARG K 120 34.30 -46.45 15.48
CA ARG K 120 34.15 -46.94 16.85
C ARG K 120 35.18 -46.32 17.80
N ILE K 121 34.73 -46.07 19.01
CA ILE K 121 35.58 -45.67 20.11
C ILE K 121 35.94 -46.95 20.88
N ARG K 122 37.23 -47.30 20.87
CA ARG K 122 37.72 -48.48 21.57
C ARG K 122 37.63 -48.25 23.06
N ARG K 123 38.07 -47.07 23.50
CA ARG K 123 38.12 -46.72 24.92
C ARG K 123 38.13 -45.20 25.17
N LEU K 124 37.71 -44.82 26.36
CA LEU K 124 37.99 -43.50 26.87
C LEU K 124 38.42 -43.72 28.32
N HIS K 125 39.62 -43.25 28.65
CA HIS K 125 40.02 -43.27 30.01
C HIS K 125 40.54 -41.94 30.49
N ILE K 126 40.55 -41.80 31.82
CA ILE K 126 41.00 -40.60 32.50
C ILE K 126 42.49 -40.70 32.83
N GLU K 127 43.20 -39.60 32.64
CA GLU K 127 44.61 -39.54 32.98
C GLU K 127 45.11 -38.10 33.10
N GLU K 128 46.26 -37.93 33.72
CA GLU K 128 46.85 -36.63 33.92
C GLU K 128 47.91 -36.35 32.86
N ASP K 129 48.13 -35.06 32.58
CA ASP K 129 49.08 -34.61 31.60
C ASP K 129 50.46 -34.54 32.22
N ALA K 130 51.49 -34.55 31.36
CA ALA K 130 52.85 -34.24 31.74
C ALA K 130 53.10 -32.73 31.62
N GLY K 131 54.29 -32.29 32.00
CA GLY K 131 54.68 -30.89 31.78
C GLY K 131 55.18 -30.62 30.36
N LYS K 132 55.82 -29.48 30.17
CA LYS K 132 56.34 -29.10 28.87
C LYS K 132 57.81 -28.70 28.91
N ASN K 133 58.57 -29.21 27.96
CA ASN K 133 59.97 -28.87 27.78
C ASN K 133 60.20 -27.80 26.72
N ILE K 134 61.11 -26.88 27.02
CA ILE K 134 61.70 -25.93 26.06
C ILE K 134 63.22 -26.23 25.94
N HIS K 135 63.73 -26.27 24.72
CA HIS K 135 65.17 -26.49 24.52
C HIS K 135 65.88 -25.19 24.21
N GLU K 136 67.00 -25.00 24.89
CA GLU K 136 67.75 -23.75 24.85
C GLU K 136 69.22 -24.11 24.95
N GLY K 137 69.92 -24.10 23.83
CA GLY K 137 71.34 -24.48 23.81
C GLY K 137 71.52 -25.95 24.10
N ASP K 138 72.40 -26.27 25.03
CA ASP K 138 72.66 -27.67 25.42
C ASP K 138 71.85 -28.12 26.63
N LYS K 139 70.80 -27.36 26.95
CA LYS K 139 69.94 -27.64 28.09
C LYS K 139 68.47 -27.72 27.68
N THR K 140 67.68 -28.45 28.49
CA THR K 140 66.22 -28.46 28.37
C THR K 140 65.63 -27.75 29.58
N LEU K 141 64.68 -26.86 29.35
CA LEU K 141 64.03 -26.11 30.42
C LEU K 141 62.63 -26.66 30.64
N VAL K 142 62.34 -27.03 31.88
CA VAL K 142 61.12 -27.76 32.24
C VAL K 142 60.09 -26.89 32.96
N ASP K 143 58.91 -26.72 32.37
CA ASP K 143 57.81 -26.02 33.03
C ASP K 143 56.79 -27.08 33.40
N LEU K 144 56.55 -27.24 34.70
CA LEU K 144 55.58 -28.22 35.19
C LEU K 144 54.18 -27.69 35.44
N ASN K 145 53.85 -26.49 34.93
CA ASN K 145 52.47 -25.95 35.03
C ASN K 145 51.38 -26.93 34.54
N ARG K 146 51.72 -27.72 33.53
CA ARG K 146 50.73 -28.54 32.84
C ARG K 146 50.69 -29.96 33.40
N ALA K 147 51.71 -30.33 34.14
CA ALA K 147 51.76 -31.65 34.78
C ALA K 147 50.53 -31.82 35.66
N GLY K 148 49.79 -32.89 35.42
CA GLY K 148 48.61 -33.21 36.21
C GLY K 148 47.31 -32.68 35.65
N THR K 149 47.37 -31.95 34.55
CA THR K 149 46.16 -31.44 33.90
C THR K 149 45.39 -32.67 33.45
N PRO K 150 44.04 -32.67 33.63
CA PRO K 150 43.25 -33.85 33.28
C PRO K 150 43.12 -34.04 31.78
N LEU K 151 43.22 -35.29 31.36
CA LEU K 151 43.03 -35.63 29.96
C LEU K 151 42.10 -36.80 29.83
N MET K 152 41.33 -36.79 28.74
CA MET K 152 40.63 -37.98 28.29
C MET K 152 41.51 -38.58 27.21
N GLU K 153 41.97 -39.81 27.38
CA GLU K 153 42.57 -40.46 26.25
C GLU K 153 41.51 -41.21 25.51
N ILE K 154 41.32 -40.87 24.23
CA ILE K 154 40.30 -41.49 23.37
C ILE K 154 41.00 -42.32 22.29
N VAL K 155 40.70 -43.61 22.21
CA VAL K 155 41.33 -44.46 21.22
C VAL K 155 40.26 -45.01 20.28
N THR K 156 40.47 -44.83 18.98
CA THR K 156 39.57 -45.27 17.95
C THR K 156 39.89 -46.71 17.56
N GLU K 157 38.92 -47.45 17.03
CA GLU K 157 39.23 -48.68 16.28
C GLU K 157 39.80 -48.32 14.90
N PRO K 158 40.50 -49.24 14.22
CA PRO K 158 41.08 -48.84 12.91
C PRO K 158 40.05 -48.79 11.78
N ASP K 159 39.04 -47.94 11.96
CA ASP K 159 37.82 -47.91 11.14
C ASP K 159 37.85 -46.84 10.08
N ILE K 160 38.78 -45.91 10.22
CA ILE K 160 38.94 -44.81 9.30
C ILE K 160 39.71 -45.29 8.05
N ARG K 161 39.28 -44.80 6.88
CA ARG K 161 39.72 -45.34 5.61
C ARG K 161 40.39 -44.32 4.70
N THR K 162 40.33 -43.05 5.07
CA THR K 162 40.64 -41.93 4.19
C THR K 162 41.23 -40.76 4.99
N PRO K 163 42.26 -40.07 4.44
CA PRO K 163 42.76 -38.85 5.10
C PRO K 163 41.64 -37.85 5.42
N GLU K 164 40.69 -37.69 4.50
CA GLU K 164 39.56 -36.78 4.68
C GLU K 164 38.70 -37.23 5.87
N GLU K 165 38.38 -38.51 5.91
CA GLU K 165 37.65 -39.12 7.03
C GLU K 165 38.34 -38.92 8.35
N ALA K 166 39.67 -38.98 8.37
CA ALA K 166 40.42 -38.76 9.60
C ALA K 166 40.21 -37.34 10.12
N ARG K 167 40.27 -36.36 9.21
CA ARG K 167 39.99 -34.97 9.54
C ARG K 167 38.53 -34.78 9.99
N LEU K 168 37.60 -35.31 9.20
CA LEU K 168 36.18 -35.23 9.51
C LEU K 168 35.87 -35.84 10.88
N PHE K 169 36.51 -36.96 11.21
CA PHE K 169 36.39 -37.55 12.55
C PHE K 169 36.83 -36.56 13.60
N LEU K 170 38.04 -36.04 13.42
CA LEU K 170 38.61 -35.07 14.33
C LEU K 170 37.71 -33.87 14.55
N GLU K 171 37.12 -33.36 13.49
CA GLU K 171 36.25 -32.20 13.57
C GLU K 171 34.97 -32.50 14.35
N LYS K 172 34.39 -33.67 14.11
CA LYS K 172 33.17 -34.09 14.81
C LYS K 172 33.47 -34.38 16.28
N LEU K 173 34.59 -35.06 16.55
CA LEU K 173 35.03 -35.25 17.93
C LEU K 173 35.15 -33.91 18.65
N ARG K 174 35.79 -32.92 18.01
CA ARG K 174 35.93 -31.59 18.54
C ARG K 174 34.58 -30.95 18.87
N ASN K 175 33.63 -31.04 17.95
CA ASN K 175 32.35 -30.44 18.07
C ASN K 175 31.49 -31.09 19.16
N ILE K 176 31.51 -32.42 19.23
CA ILE K 176 30.88 -33.15 20.32
C ILE K 176 31.40 -32.70 21.70
N MET K 177 32.72 -32.67 21.84
CA MET K 177 33.37 -32.16 23.05
C MET K 177 32.91 -30.73 23.41
N ARG K 178 32.86 -29.86 22.41
CA ARG K 178 32.45 -28.48 22.63
C ARG K 178 30.98 -28.35 23.02
N TYR K 179 30.10 -29.05 22.29
CA TYR K 179 28.67 -29.10 22.62
C TYR K 179 28.40 -29.67 24.01
N ALA K 180 29.04 -30.79 24.33
CA ALA K 180 28.94 -31.40 25.67
C ALA K 180 29.50 -30.49 26.75
N GLY K 181 30.37 -29.55 26.36
CA GLY K 181 30.93 -28.55 27.28
C GLY K 181 32.07 -29.10 28.13
N VAL K 182 32.68 -30.18 27.67
CA VAL K 182 33.75 -30.83 28.45
C VAL K 182 35.17 -30.32 28.19
N SER K 183 35.39 -29.76 27.00
CA SER K 183 36.71 -29.31 26.53
C SER K 183 36.56 -28.28 25.42
N LYS K 184 37.47 -27.32 25.35
CA LYS K 184 37.50 -26.37 24.23
C LYS K 184 38.05 -27.03 22.97
N ALA K 185 38.90 -28.04 23.18
CA ALA K 185 39.38 -29.00 22.16
C ALA K 185 39.98 -28.41 20.89
N ASP K 186 40.66 -27.28 21.04
CA ASP K 186 41.37 -26.67 19.92
C ASP K 186 42.83 -27.11 19.95
N MET K 187 43.28 -27.71 18.85
CA MET K 187 44.68 -28.15 18.72
C MET K 187 45.69 -27.02 18.91
N GLU K 188 45.35 -25.82 18.41
CA GLU K 188 46.23 -24.64 18.52
C GLU K 188 46.72 -24.36 19.96
N LYS K 189 45.89 -24.62 20.97
CA LYS K 189 46.27 -24.33 22.35
C LYS K 189 46.65 -25.59 23.14
N GLY K 190 46.95 -26.67 22.40
CA GLY K 190 47.33 -27.96 23.00
C GLY K 190 46.23 -28.73 23.71
N GLN K 191 44.99 -28.35 23.46
CA GLN K 191 43.83 -28.91 24.14
C GLN K 191 43.37 -30.22 23.55
N LEU K 192 43.87 -30.49 22.35
CA LEU K 192 43.58 -31.74 21.69
C LEU K 192 44.86 -32.14 20.99
N ARG K 193 45.31 -33.36 21.28
CA ARG K 193 46.46 -33.96 20.61
C ARG K 193 46.03 -35.21 19.84
N CYS K 194 46.73 -35.50 18.76
CA CYS K 194 46.40 -36.66 17.95
C CYS K 194 47.60 -37.42 17.45
N ASP K 195 47.63 -38.72 17.73
CA ASP K 195 48.64 -39.59 17.16
C ASP K 195 47.95 -40.50 16.16
N ILE K 196 48.58 -40.62 14.99
CA ILE K 196 48.00 -41.32 13.85
C ILE K 196 48.65 -42.69 13.73
N ASN K 197 47.82 -43.70 13.45
CA ASN K 197 48.29 -45.06 13.17
C ASN K 197 47.69 -45.47 11.85
N VAL K 198 48.55 -46.00 10.97
CA VAL K 198 48.13 -46.30 9.59
C VAL K 198 48.84 -47.50 8.96
N SER K 199 48.05 -48.37 8.35
CA SER K 199 48.57 -49.47 7.56
C SER K 199 47.81 -49.59 6.24
N ILE K 200 48.37 -50.32 5.28
CA ILE K 200 47.70 -50.57 4.01
C ILE K 200 47.40 -52.04 3.81
N ARG K 201 46.59 -52.35 2.81
CA ARG K 201 45.88 -53.59 2.76
C ARG K 201 45.30 -53.77 1.36
N PRO K 202 45.58 -54.92 0.69
CA PRO K 202 44.91 -55.15 -0.59
C PRO K 202 43.40 -55.03 -0.41
N LYS K 203 42.74 -54.34 -1.34
CA LYS K 203 41.31 -54.04 -1.23
C LYS K 203 40.49 -55.27 -0.90
N GLY K 204 39.54 -55.09 0.03
CA GLY K 204 38.66 -56.17 0.44
C GLY K 204 39.30 -57.28 1.25
N SER K 205 40.58 -57.13 1.61
CA SER K 205 41.19 -58.12 2.50
C SER K 205 40.78 -57.85 3.95
N LYS K 206 40.86 -58.88 4.78
CA LYS K 206 40.44 -58.78 6.18
C LYS K 206 41.66 -58.82 7.11
N GLU K 207 42.81 -59.16 6.54
CA GLU K 207 44.09 -59.17 7.24
C GLU K 207 44.54 -57.75 7.54
N PHE K 208 45.39 -57.56 8.55
CA PHE K 208 45.91 -56.23 8.86
C PHE K 208 47.35 -56.05 8.41
N GLY K 209 47.62 -54.96 7.68
CA GLY K 209 48.99 -54.64 7.24
C GLY K 209 49.82 -54.07 8.37
N THR K 210 51.12 -53.97 8.14
CA THR K 210 52.08 -53.46 9.12
C THR K 210 51.79 -52.00 9.46
N ARG K 211 51.87 -51.66 10.75
CA ARG K 211 51.39 -50.39 11.26
C ARG K 211 52.50 -49.35 11.46
N VAL K 212 52.28 -48.15 10.90
CA VAL K 212 53.15 -46.99 11.14
C VAL K 212 52.42 -45.95 12.00
N GLU K 213 53.15 -45.36 12.95
CA GLU K 213 52.62 -44.37 13.85
C GLU K 213 53.23 -43.03 13.52
N ILE K 214 52.41 -42.01 13.28
CA ILE K 214 52.93 -40.66 13.04
C ILE K 214 52.55 -39.77 14.21
N LYS K 215 53.56 -39.25 14.92
CA LYS K 215 53.30 -38.44 16.11
C LYS K 215 53.51 -36.94 15.91
N ASN K 216 52.94 -36.14 16.81
CA ASN K 216 53.07 -34.68 16.79
C ASN K 216 52.62 -34.03 15.48
N VAL K 217 51.41 -34.37 15.05
CA VAL K 217 50.79 -33.65 13.94
C VAL K 217 49.85 -32.66 14.60
N ASN K 218 50.01 -31.38 14.29
CA ASN K 218 49.50 -30.29 15.13
C ASN K 218 48.24 -29.53 14.68
N SER K 219 47.61 -29.99 13.62
CA SER K 219 46.36 -29.38 13.14
C SER K 219 45.55 -30.44 12.42
N PHE K 220 44.25 -30.22 12.29
CA PHE K 220 43.40 -31.17 11.57
C PHE K 220 43.81 -31.30 10.12
N ARG K 221 44.21 -30.19 9.50
CA ARG K 221 44.66 -30.21 8.10
C ARG K 221 45.97 -30.97 7.94
N PHE K 222 46.85 -30.86 8.93
CA PHE K 222 48.11 -31.56 8.90
C PHE K 222 47.98 -33.07 9.07
N VAL K 223 46.95 -33.53 9.79
CA VAL K 223 46.68 -34.97 9.88
C VAL K 223 46.23 -35.49 8.52
N GLN K 224 45.47 -34.70 7.78
CA GLN K 224 45.09 -35.08 6.43
C GLN K 224 46.33 -35.16 5.53
N LYS K 225 47.20 -34.15 5.58
CA LYS K 225 48.37 -34.11 4.72
C LYS K 225 49.38 -35.21 5.06
N ALA K 226 49.64 -35.40 6.35
CA ALA K 226 50.51 -36.48 6.83
C ALA K 226 50.00 -37.80 6.29
N LEU K 227 48.70 -38.04 6.42
CA LEU K 227 48.08 -39.27 5.96
C LEU K 227 48.10 -39.42 4.45
N GLU K 228 47.78 -38.34 3.73
CA GLU K 228 47.83 -38.34 2.26
C GLU K 228 49.18 -38.84 1.76
N TYR K 229 50.26 -38.31 2.33
CA TYR K 229 51.59 -38.68 1.92
C TYR K 229 51.97 -40.12 2.32
N GLU K 230 51.71 -40.45 3.59
CA GLU K 230 52.05 -41.75 4.18
C GLU K 230 51.41 -42.93 3.45
N ILE K 231 50.15 -42.76 3.05
CA ILE K 231 49.47 -43.79 2.27
C ILE K 231 50.17 -43.97 0.92
N GLU K 232 50.51 -42.87 0.25
CA GLU K 232 51.27 -42.93 -0.99
C GLU K 232 52.59 -43.62 -0.73
N ARG K 233 53.32 -43.20 0.31
CA ARG K 233 54.63 -43.77 0.65
C ARG K 233 54.60 -45.29 0.81
N GLN K 234 53.60 -45.79 1.52
CA GLN K 234 53.46 -47.21 1.81
C GLN K 234 53.10 -48.00 0.57
N ILE K 235 52.24 -47.42 -0.28
CA ILE K 235 51.85 -48.07 -1.53
C ILE K 235 53.05 -48.22 -2.48
N ASN K 236 53.84 -47.16 -2.61
CA ASN K 236 55.11 -47.22 -3.34
C ASN K 236 55.95 -48.40 -2.85
N VAL K 237 56.33 -48.38 -1.57
CA VAL K 237 57.16 -49.42 -0.95
C VAL K 237 56.70 -50.83 -1.33
N VAL K 238 55.40 -51.09 -1.13
CA VAL K 238 54.80 -52.42 -1.34
C VAL K 238 54.79 -52.89 -2.80
N GLU K 239 54.47 -51.97 -3.71
CA GLU K 239 54.41 -52.22 -5.15
C GLU K 239 55.80 -52.32 -5.80
N GLU K 240 56.80 -51.74 -5.14
CA GLU K 240 58.18 -51.85 -5.58
C GLU K 240 58.82 -53.15 -5.07
N GLY K 241 58.00 -54.00 -4.47
CA GLY K 241 58.41 -55.32 -4.00
C GLY K 241 58.96 -55.34 -2.59
N GLY K 242 58.95 -54.18 -1.93
CA GLY K 242 59.47 -54.06 -0.57
C GLY K 242 58.44 -54.30 0.52
N GLU K 243 58.93 -54.53 1.73
CA GLU K 243 58.03 -54.64 2.88
C GLU K 243 58.07 -53.37 3.71
N VAL K 244 56.88 -52.92 4.12
CA VAL K 244 56.75 -51.74 4.97
C VAL K 244 57.12 -52.08 6.41
N VAL K 245 57.97 -51.23 6.99
CA VAL K 245 58.59 -51.45 8.28
C VAL K 245 57.83 -50.75 9.40
N GLN K 246 57.63 -51.46 10.51
CA GLN K 246 56.90 -50.93 11.66
C GLN K 246 57.72 -49.94 12.47
N GLU K 247 57.30 -48.68 12.47
CA GLU K 247 58.03 -47.61 13.15
C GLU K 247 57.15 -46.42 13.51
N THR K 248 57.72 -45.49 14.27
CA THR K 248 57.13 -44.18 14.49
C THR K 248 57.80 -43.20 13.53
N ARG K 249 57.03 -42.27 12.99
CA ARG K 249 57.54 -41.24 12.08
C ARG K 249 57.08 -39.86 12.52
N THR K 250 57.70 -38.84 11.93
CA THR K 250 57.33 -37.44 12.19
C THR K 250 56.86 -36.80 10.91
N PHE K 251 56.16 -35.69 11.03
CA PHE K 251 55.65 -34.97 9.86
C PHE K 251 56.11 -33.53 9.89
N ASP K 252 56.72 -33.10 8.78
CA ASP K 252 57.21 -31.75 8.59
C ASP K 252 56.15 -30.95 7.83
N PRO K 253 55.46 -30.00 8.51
CA PRO K 253 54.42 -29.24 7.83
C PRO K 253 54.96 -28.50 6.61
N GLN K 254 56.19 -27.97 6.72
CA GLN K 254 56.81 -27.21 5.62
C GLN K 254 57.06 -28.04 4.36
N THR K 255 57.44 -29.30 4.50
CA THR K 255 57.67 -30.15 3.32
C THR K 255 56.51 -31.09 2.94
N GLY K 256 55.59 -31.31 3.87
CA GLY K 256 54.45 -32.19 3.64
C GLY K 256 54.80 -33.66 3.55
N LYS K 257 55.89 -34.05 4.23
CA LYS K 257 56.41 -35.41 4.15
C LYS K 257 56.63 -36.00 5.53
N THR K 258 56.62 -37.33 5.59
CA THR K 258 56.84 -38.07 6.82
C THR K 258 58.23 -38.68 6.82
N TYR K 259 58.88 -38.66 7.99
CA TYR K 259 60.27 -39.08 8.09
C TYR K 259 60.50 -40.09 9.21
N PRO K 260 61.29 -41.14 8.93
CA PRO K 260 61.70 -42.07 9.97
C PRO K 260 62.57 -41.35 10.98
N MET K 261 62.86 -42.00 12.10
CA MET K 261 63.61 -41.37 13.17
C MET K 261 65.04 -41.89 13.25
N ARG K 262 65.97 -40.97 13.53
CA ARG K 262 67.38 -41.30 13.59
C ARG K 262 67.74 -42.25 14.74
N THR K 263 66.94 -42.20 15.80
CA THR K 263 67.11 -43.05 16.98
C THR K 263 66.30 -44.34 16.90
N LYS K 264 67.00 -45.47 16.98
CA LYS K 264 66.38 -46.80 17.03
C LYS K 264 65.96 -47.16 18.47
N GLU K 265 65.37 -46.18 19.16
CA GLU K 265 64.98 -46.32 20.58
C GLU K 265 63.63 -47.04 20.74
N GLU K 266 63.69 -48.32 21.11
CA GLU K 266 62.51 -49.13 21.41
C GLU K 266 61.82 -48.71 22.72
N ALA K 267 60.49 -48.90 22.77
CA ALA K 267 59.70 -48.61 23.97
C ALA K 267 60.05 -49.56 25.11
N GLU K 268 59.87 -49.08 26.34
CA GLU K 268 60.14 -49.88 27.53
C GLU K 268 58.84 -50.21 28.26
N ASP K 269 58.81 -51.41 28.84
CA ASP K 269 57.68 -51.90 29.63
C ASP K 269 57.19 -50.83 30.60
N TYR K 270 55.90 -50.59 30.64
CA TYR K 270 55.37 -49.52 31.48
C TYR K 270 55.13 -49.94 32.93
N ARG K 271 55.29 -51.23 33.22
CA ARG K 271 55.16 -51.75 34.57
C ARG K 271 53.85 -51.27 35.21
N TYR K 272 52.75 -51.38 34.48
CA TYR K 272 51.41 -51.02 34.99
C TYR K 272 50.96 -51.75 36.21
N PHE K 273 50.32 -51.02 37.14
CA PHE K 273 49.63 -51.61 38.25
C PHE K 273 48.75 -50.55 38.94
N PRO K 274 47.72 -50.99 39.68
CA PRO K 274 46.80 -49.99 40.25
C PRO K 274 47.57 -49.05 41.20
N ASP K 275 47.42 -47.75 41.03
CA ASP K 275 48.05 -46.79 41.93
C ASP K 275 47.56 -47.15 43.31
N PRO K 276 48.49 -47.44 44.24
CA PRO K 276 48.07 -47.80 45.59
C PRO K 276 47.77 -46.58 46.47
N ASP K 277 47.99 -45.37 45.96
CA ASP K 277 47.53 -44.14 46.62
C ASP K 277 46.06 -43.85 46.39
N LEU K 278 45.40 -44.61 45.52
CA LEU K 278 44.02 -44.36 45.13
C LEU K 278 43.19 -45.65 45.14
N VAL K 279 41.95 -45.54 45.64
CA VAL K 279 40.97 -46.61 45.56
C VAL K 279 40.30 -46.57 44.20
N PRO K 280 39.71 -47.70 43.76
CA PRO K 280 38.96 -47.73 42.51
C PRO K 280 37.91 -46.65 42.37
N LEU K 281 37.80 -46.14 41.14
CA LEU K 281 36.80 -45.16 40.78
C LEU K 281 35.45 -45.87 40.66
N LYS K 282 34.58 -45.64 41.64
CA LYS K 282 33.25 -46.22 41.67
C LYS K 282 32.22 -45.19 41.25
N VAL K 283 31.54 -45.47 40.14
CA VAL K 283 30.61 -44.54 39.54
C VAL K 283 29.21 -45.10 39.64
N LYS K 284 28.42 -44.54 40.55
CA LYS K 284 27.02 -44.94 40.76
C LYS K 284 26.20 -44.85 39.50
N LYS K 285 25.35 -45.84 39.29
CA LYS K 285 24.38 -45.84 38.20
C LYS K 285 23.53 -44.56 38.21
N GLU K 286 23.12 -44.17 39.40
CA GLU K 286 22.30 -42.98 39.60
C GLU K 286 22.96 -41.70 39.08
N TRP K 287 24.28 -41.63 39.10
CA TRP K 287 25.03 -40.47 38.62
C TRP K 287 25.13 -40.44 37.09
N ILE K 288 25.35 -41.62 36.50
CA ILE K 288 25.31 -41.81 35.06
C ILE K 288 23.94 -41.35 34.54
N GLU K 289 22.86 -41.88 35.13
CA GLU K 289 21.47 -41.48 34.86
C GLU K 289 21.27 -39.96 34.91
N GLU K 290 21.81 -39.32 35.93
CA GLU K 290 21.67 -37.89 36.11
C GLU K 290 22.38 -37.08 35.03
N ILE K 291 23.53 -37.58 34.60
CA ILE K 291 24.34 -36.91 33.60
C ILE K 291 23.71 -37.11 32.21
N LYS K 292 23.22 -38.33 31.98
CA LYS K 292 22.46 -38.70 30.79
C LYS K 292 21.21 -37.80 30.61
N LYS K 293 20.47 -37.61 31.70
CA LYS K 293 19.25 -36.79 31.76
C LYS K 293 19.48 -35.30 31.49
N ASN K 294 20.56 -34.73 32.05
CA ASN K 294 20.93 -33.28 31.93
C ASN K 294 22.00 -32.97 30.88
N MET K 295 22.20 -33.92 29.96
CA MET K 295 23.12 -33.79 28.86
C MET K 295 22.79 -32.57 28.01
N PRO K 296 23.81 -31.69 27.74
CA PRO K 296 23.61 -30.59 26.78
C PRO K 296 23.20 -31.14 25.43
N GLU K 297 22.62 -30.33 24.57
CA GLU K 297 22.26 -30.78 23.24
C GLU K 297 23.52 -31.01 22.39
N LEU K 298 23.50 -32.09 21.61
CA LEU K 298 24.64 -32.49 20.82
C LEU K 298 24.41 -32.17 19.34
N PRO K 299 25.48 -32.17 18.52
CA PRO K 299 25.39 -31.64 17.15
C PRO K 299 24.33 -32.31 16.24
N ASP K 300 24.25 -33.64 16.23
CA ASP K 300 23.29 -34.34 15.36
C ASP K 300 21.85 -34.10 15.77
N GLN K 301 21.61 -33.96 17.07
CA GLN K 301 20.32 -33.58 17.60
C GLN K 301 19.97 -32.16 17.14
N ARG K 302 20.83 -31.19 17.40
CA ARG K 302 20.55 -29.80 17.04
C ARG K 302 20.23 -29.66 15.56
N PHE K 303 20.99 -30.39 14.73
CA PHE K 303 20.82 -30.42 13.28
C PHE K 303 19.39 -30.73 12.87
N GLU K 304 18.80 -31.79 13.42
CA GLU K 304 17.44 -32.15 13.05
C GLU K 304 16.41 -31.18 13.65
N ARG K 305 16.73 -30.63 14.82
CA ARG K 305 15.84 -29.70 15.49
C ARG K 305 15.70 -28.37 14.73
N LEU K 306 16.81 -27.84 14.20
CA LEU K 306 16.78 -26.60 13.41
C LEU K 306 16.02 -26.77 12.11
N ILE K 307 16.30 -27.86 11.39
CA ILE K 307 15.55 -28.23 10.18
C ILE K 307 14.03 -28.26 10.45
N LYS K 308 13.64 -28.74 11.63
CA LYS K 308 12.23 -28.75 12.05
C LYS K 308 11.79 -27.39 12.58
N GLU K 309 12.27 -27.03 13.77
CA GLU K 309 11.88 -25.81 14.46
C GLU K 309 11.91 -24.54 13.60
N TYR K 310 12.72 -24.54 12.54
CA TYR K 310 12.96 -23.32 11.78
C TYR K 310 12.87 -23.54 10.26
N GLY K 311 12.72 -24.79 9.86
CA GLY K 311 12.59 -25.14 8.44
C GLY K 311 13.81 -24.83 7.58
N LEU K 312 14.99 -24.75 8.19
CA LEU K 312 16.23 -24.56 7.45
C LEU K 312 16.55 -25.75 6.55
N SER K 313 17.31 -25.50 5.49
CA SER K 313 17.81 -26.59 4.64
C SER K 313 18.96 -27.29 5.33
N GLU K 314 19.33 -28.47 4.83
CA GLU K 314 20.47 -29.22 5.38
C GLU K 314 21.80 -28.48 5.20
N TYR K 315 21.85 -27.59 4.20
CA TYR K 315 23.04 -26.77 3.97
C TYR K 315 23.15 -25.68 5.02
N GLU K 316 22.00 -25.08 5.36
CA GLU K 316 21.92 -24.00 6.34
C GLU K 316 22.17 -24.50 7.77
N ALA K 317 21.41 -25.51 8.17
CA ALA K 317 21.54 -26.10 9.50
C ALA K 317 22.97 -26.61 9.74
N GLY K 318 23.55 -27.26 8.74
CA GLY K 318 24.94 -27.74 8.79
C GLY K 318 25.95 -26.67 9.16
N ILE K 319 25.87 -25.52 8.51
CA ILE K 319 26.70 -24.35 8.82
C ILE K 319 26.51 -23.90 10.28
N LEU K 320 25.27 -23.85 10.73
CA LEU K 320 24.97 -23.35 12.07
C LEU K 320 25.36 -24.31 13.16
N VAL K 321 25.40 -25.60 12.82
CA VAL K 321 25.73 -26.66 13.78
C VAL K 321 27.24 -26.95 13.81
N ASN K 322 27.89 -26.96 12.64
CA ASN K 322 29.36 -27.13 12.53
C ASN K 322 30.17 -26.06 13.25
N HIS K 323 29.65 -24.84 13.27
CA HIS K 323 30.19 -23.79 14.11
C HIS K 323 29.09 -23.38 15.09
N LYS K 324 29.18 -23.92 16.32
CA LYS K 324 28.11 -23.80 17.32
C LYS K 324 27.67 -22.38 17.60
N GLU K 325 28.62 -21.47 17.72
CA GLU K 325 28.38 -20.08 18.09
C GLU K 325 27.60 -19.31 17.03
N VAL K 326 27.62 -19.81 15.80
CA VAL K 326 26.82 -19.26 14.69
C VAL K 326 25.33 -19.62 14.91
N GLY K 327 25.06 -20.89 15.19
CA GLY K 327 23.72 -21.35 15.55
C GLY K 327 23.16 -20.67 16.80
N ASP K 328 24.02 -20.46 17.80
CA ASP K 328 23.64 -19.72 19.02
C ASP K 328 23.23 -18.28 18.71
N PHE K 329 23.99 -17.63 17.83
CA PHE K 329 23.70 -16.27 17.37
C PHE K 329 22.36 -16.27 16.65
N PHE K 330 22.21 -17.15 15.67
CA PHE K 330 20.97 -17.27 14.93
C PHE K 330 19.77 -17.37 15.88
N GLU K 331 19.84 -18.31 16.81
CA GLU K 331 18.70 -18.61 17.68
C GLU K 331 18.32 -17.43 18.58
N GLU K 332 19.31 -16.67 19.04
CA GLU K 332 19.04 -15.49 19.86
C GLU K 332 18.52 -14.32 19.01
N ALA K 333 18.79 -14.37 17.71
CA ALA K 333 18.25 -13.37 16.79
C ALA K 333 16.81 -13.69 16.43
N VAL K 334 16.55 -14.94 16.05
CA VAL K 334 15.21 -15.37 15.65
C VAL K 334 14.24 -15.26 16.82
N ARG K 335 14.79 -14.98 18.01
CA ARG K 335 13.99 -14.79 19.22
C ARG K 335 13.42 -13.37 19.23
N HIS K 336 14.26 -12.40 18.86
CA HIS K 336 13.87 -10.99 18.80
C HIS K 336 12.91 -10.68 17.65
N PHE K 337 12.98 -11.45 16.57
CA PHE K 337 12.10 -11.27 15.42
C PHE K 337 11.89 -12.61 14.71
N LYS K 338 10.68 -13.13 14.80
CA LYS K 338 10.38 -14.51 14.41
C LYS K 338 10.31 -14.74 12.88
N GLU K 339 11.32 -14.26 12.17
CA GLU K 339 11.50 -14.55 10.73
C GLU K 339 12.81 -15.34 10.48
N PRO K 340 12.71 -16.69 10.59
CA PRO K 340 13.89 -17.55 10.49
C PRO K 340 14.54 -17.52 9.11
N LYS K 341 13.75 -17.69 8.05
CA LYS K 341 14.31 -17.74 6.70
C LYS K 341 15.04 -16.45 6.33
N GLY K 342 14.48 -15.31 6.72
CA GLY K 342 15.11 -14.05 6.45
C GLY K 342 16.40 -13.89 7.23
N ILE K 343 16.40 -14.35 8.47
CA ILE K 343 17.59 -14.19 9.31
C ILE K 343 18.77 -15.09 8.90
N VAL K 344 18.52 -16.36 8.56
CA VAL K 344 19.63 -17.21 8.04
C VAL K 344 20.28 -16.64 6.79
N ASN K 345 19.46 -16.12 5.89
CA ASN K 345 19.96 -15.55 4.65
C ASN K 345 20.93 -14.41 4.92
N TRP K 346 20.51 -13.45 5.75
CA TRP K 346 21.34 -12.29 6.07
C TRP K 346 22.53 -12.61 6.96
N LEU K 347 22.40 -13.67 7.76
CA LEU K 347 23.51 -14.19 8.57
C LEU K 347 24.59 -14.88 7.71
N ILE K 348 24.16 -15.82 6.88
CA ILE K 348 25.06 -16.61 6.04
C ILE K 348 25.63 -15.81 4.87
N ASN K 349 24.75 -15.14 4.13
CA ASN K 349 25.17 -14.47 2.90
C ASN K 349 25.77 -13.09 3.10
N ASP K 350 25.56 -12.49 4.27
CA ASP K 350 26.04 -11.13 4.51
C ASP K 350 27.01 -11.01 5.70
N LEU K 351 26.51 -11.26 6.90
CA LEU K 351 27.24 -10.98 8.14
C LEU K 351 28.51 -11.80 8.32
N LEU K 352 28.38 -13.12 8.15
CA LEU K 352 29.50 -14.05 8.25
C LEU K 352 30.71 -13.66 7.39
N GLY K 353 30.46 -13.29 6.14
CA GLY K 353 31.54 -12.90 5.25
C GLY K 353 32.18 -11.57 5.62
N LEU K 354 31.37 -10.67 6.14
CA LEU K 354 31.87 -9.36 6.55
C LEU K 354 32.75 -9.45 7.80
N LEU K 355 32.36 -10.33 8.71
CA LEU K 355 33.16 -10.61 9.91
C LEU K 355 34.46 -11.34 9.58
N ARG K 356 34.41 -12.28 8.65
CA ARG K 356 35.59 -13.00 8.23
C ARG K 356 36.66 -12.05 7.70
N ASP K 357 36.23 -11.10 6.87
CA ASP K 357 37.13 -10.13 6.24
C ASP K 357 37.83 -9.24 7.27
N LYS K 358 37.07 -8.79 8.26
CA LYS K 358 37.62 -8.01 9.38
C LYS K 358 38.38 -8.89 10.38
N GLY K 359 38.30 -10.20 10.19
CA GLY K 359 39.04 -11.16 11.03
C GLY K 359 38.49 -11.28 12.43
N ILE K 360 37.18 -11.12 12.56
CA ILE K 360 36.51 -11.16 13.87
C ILE K 360 35.53 -12.34 14.02
N SER K 361 35.61 -13.00 15.18
CA SER K 361 34.75 -14.14 15.50
C SER K 361 33.33 -13.70 15.79
N ILE K 362 32.38 -14.62 15.56
CA ILE K 362 30.95 -14.35 15.76
C ILE K 362 30.58 -14.05 17.22
N GLU K 363 31.36 -14.56 18.17
CA GLU K 363 31.12 -14.25 19.59
C GLU K 363 31.36 -12.78 19.85
N GLU K 364 32.27 -12.20 19.08
CA GLU K 364 32.77 -10.83 19.30
C GLU K 364 32.28 -9.79 18.29
N SER K 365 31.26 -10.13 17.50
CA SER K 365 30.80 -9.24 16.43
C SER K 365 30.04 -8.02 16.96
N PRO K 366 30.26 -6.84 16.33
CA PRO K 366 29.56 -5.62 16.72
C PRO K 366 28.06 -5.73 16.46
N VAL K 367 27.70 -6.48 15.43
CA VAL K 367 26.30 -6.79 15.13
C VAL K 367 25.85 -7.87 16.09
N LYS K 368 25.02 -7.49 17.06
CA LYS K 368 24.47 -8.44 18.02
C LYS K 368 23.18 -9.04 17.44
N PRO K 369 22.74 -10.20 17.95
CA PRO K 369 21.54 -10.83 17.40
C PRO K 369 20.33 -9.90 17.34
N GLU K 370 20.28 -8.93 18.26
CA GLU K 370 19.23 -7.91 18.29
C GLU K 370 19.26 -7.07 17.00
N HIS K 371 20.47 -6.65 16.64
CA HIS K 371 20.71 -5.78 15.50
C HIS K 371 20.36 -6.45 14.18
N LEU K 372 20.67 -7.74 14.06
CA LEU K 372 20.35 -8.46 12.83
C LEU K 372 18.84 -8.67 12.73
N ALA K 373 18.23 -9.09 13.84
CA ALA K 373 16.78 -9.26 13.90
C ALA K 373 16.05 -7.94 13.59
N GLU K 374 16.60 -6.84 14.07
CA GLU K 374 16.10 -5.49 13.79
C GLU K 374 16.27 -5.12 12.31
N LEU K 375 17.46 -5.32 11.76
CA LEU K 375 17.71 -5.05 10.35
C LEU K 375 16.78 -5.86 9.45
N VAL K 376 16.66 -7.16 9.72
CA VAL K 376 15.80 -8.03 8.89
C VAL K 376 14.33 -7.64 9.02
N LYS K 377 14.00 -6.97 10.12
CA LYS K 377 12.67 -6.40 10.37
C LYS K 377 12.35 -5.30 9.33
N LEU K 378 13.27 -4.34 9.22
CA LEU K 378 13.14 -3.23 8.29
C LEU K 378 13.07 -3.66 6.81
N ILE K 379 13.77 -4.73 6.47
CA ILE K 379 13.70 -5.32 5.11
C ILE K 379 12.36 -6.00 4.84
N LYS K 380 11.85 -6.72 5.84
CA LYS K 380 10.58 -7.44 5.71
C LYS K 380 9.40 -6.45 5.65
N GLU K 381 9.41 -5.47 6.57
CA GLU K 381 8.36 -4.45 6.67
C GLU K 381 8.43 -3.40 5.55
N LYS K 382 9.39 -3.56 4.66
CA LYS K 382 9.59 -2.66 3.51
C LYS K 382 9.99 -1.24 3.92
N VAL K 383 10.52 -1.09 5.13
CA VAL K 383 11.00 0.22 5.61
C VAL K 383 12.23 0.67 4.81
N ILE K 384 13.11 -0.28 4.48
CA ILE K 384 14.22 -0.03 3.54
C ILE K 384 14.33 -1.17 2.54
N SER K 385 15.11 -0.96 1.48
CA SER K 385 15.31 -1.95 0.43
C SER K 385 16.56 -2.78 0.70
N THR K 386 16.62 -3.96 0.08
CA THR K 386 17.80 -4.83 0.10
C THR K 386 19.06 -4.04 -0.23
N LYS K 387 19.00 -3.24 -1.29
CA LYS K 387 20.08 -2.36 -1.72
C LYS K 387 20.61 -1.53 -0.56
N ILE K 388 19.69 -0.91 0.17
CA ILE K 388 20.00 -0.08 1.33
C ILE K 388 20.44 -0.95 2.50
N GLY K 389 19.76 -2.09 2.66
CA GLY K 389 20.07 -3.07 3.71
C GLY K 389 21.49 -3.57 3.68
N LYS K 390 22.04 -3.73 2.48
CA LYS K 390 23.41 -4.18 2.30
C LYS K 390 24.42 -3.09 2.62
N GLU K 391 24.01 -1.83 2.44
CA GLU K 391 24.83 -0.66 2.76
C GLU K 391 24.94 -0.45 4.28
N VAL K 392 23.83 -0.66 4.98
CA VAL K 392 23.79 -0.44 6.43
C VAL K 392 24.43 -1.57 7.25
N ILE K 393 24.28 -2.82 6.79
CA ILE K 393 24.97 -3.96 7.43
C ILE K 393 26.50 -3.81 7.40
N LYS K 394 27.01 -3.30 6.28
CA LYS K 394 28.44 -2.99 6.13
C LYS K 394 28.92 -2.01 7.18
N GLU K 395 28.10 -0.99 7.44
CA GLU K 395 28.46 0.07 8.37
C GLU K 395 28.18 -0.37 9.81
N MET K 396 27.16 -1.21 9.99
CA MET K 396 26.88 -1.86 11.27
C MET K 396 28.12 -2.58 11.77
N VAL K 397 28.74 -3.38 10.90
CA VAL K 397 29.99 -4.08 11.21
C VAL K 397 31.12 -3.09 11.44
N GLU K 398 31.14 -2.03 10.64
CA GLU K 398 32.16 -0.99 10.72
C GLU K 398 32.12 -0.15 12.00
N THR K 399 30.90 0.10 12.49
CA THR K 399 30.71 0.99 13.63
C THR K 399 30.29 0.21 14.88
N GLY K 400 29.11 -0.41 14.81
CA GLY K 400 28.52 -1.09 15.96
C GLY K 400 27.16 -0.50 16.29
N LYS K 401 26.72 0.42 15.45
CA LYS K 401 25.46 1.14 15.67
C LYS K 401 24.29 0.28 15.23
N THR K 402 23.14 0.47 15.87
CA THR K 402 21.92 -0.26 15.51
C THR K 402 21.52 0.05 14.07
N PRO K 403 20.78 -0.87 13.41
CA PRO K 403 20.24 -0.55 12.06
C PRO K 403 19.39 0.72 12.03
N SER K 404 18.48 0.86 12.98
CA SER K 404 17.61 2.05 13.09
C SER K 404 18.40 3.33 13.34
N GLN K 405 19.46 3.23 14.14
CA GLN K 405 20.38 4.35 14.37
C GLN K 405 20.92 4.94 13.07
N ILE K 406 21.51 4.10 12.23
CA ILE K 406 22.13 4.58 10.99
C ILE K 406 21.12 4.86 9.86
N VAL K 407 19.91 4.30 9.97
CA VAL K 407 18.80 4.66 9.07
C VAL K 407 18.41 6.14 9.27
N GLU K 408 18.25 6.54 10.53
CA GLU K 408 17.93 7.92 10.88
C GLU K 408 19.08 8.84 10.54
N GLU K 409 20.28 8.49 11.01
CA GLU K 409 21.49 9.29 10.77
C GLU K 409 21.81 9.56 9.28
N LYS K 410 21.17 8.82 8.37
CA LYS K 410 21.43 8.93 6.93
C LYS K 410 20.17 9.12 6.08
N GLY K 411 19.01 9.18 6.73
CA GLY K 411 17.74 9.32 6.02
C GLY K 411 17.15 7.99 5.59
N LEU K 412 15.84 7.82 5.83
CA LEU K 412 15.12 6.59 5.50
C LEU K 412 15.17 6.24 4.02
N VAL L 2 70.60 -66.19 38.02
CA VAL L 2 70.02 -65.31 36.97
C VAL L 2 71.12 -64.47 36.29
N ASP L 3 70.98 -64.27 34.98
CA ASP L 3 72.02 -63.70 34.11
C ASP L 3 72.63 -62.37 34.53
N ARG L 4 73.81 -62.10 33.99
CA ARG L 4 74.37 -60.74 33.96
C ARG L 4 73.48 -59.89 33.06
N GLU L 5 73.10 -60.46 31.93
CA GLU L 5 72.17 -59.90 30.96
C GLU L 5 70.90 -59.39 31.64
N TRP L 6 70.36 -60.23 32.53
CA TRP L 6 69.13 -59.93 33.28
C TRP L 6 69.31 -58.69 34.16
N VAL L 7 70.34 -58.74 34.99
CA VAL L 7 70.69 -57.68 35.92
C VAL L 7 70.82 -56.33 35.22
N LEU L 8 71.51 -56.34 34.08
CA LEU L 8 71.72 -55.14 33.27
C LEU L 8 70.43 -54.61 32.66
N LYS L 9 69.55 -55.52 32.25
CA LYS L 9 68.28 -55.18 31.63
C LYS L 9 67.34 -54.53 32.66
N ILE L 10 67.26 -55.13 33.84
CA ILE L 10 66.40 -54.63 34.92
C ILE L 10 66.92 -53.26 35.40
N ALA L 11 68.23 -53.15 35.54
CA ALA L 11 68.83 -51.90 36.02
C ALA L 11 68.60 -50.77 35.03
N LYS L 12 68.58 -51.10 33.75
CA LYS L 12 68.35 -50.11 32.71
C LYS L 12 66.94 -49.54 32.87
N LEU L 13 65.97 -50.43 33.03
CA LEU L 13 64.57 -50.05 33.21
C LEU L 13 64.37 -49.13 34.43
N ALA L 14 65.15 -49.40 35.45
CA ALA L 14 65.13 -48.71 36.71
C ALA L 14 66.05 -47.51 36.74
N ARG L 15 66.80 -47.30 35.66
CA ARG L 15 67.79 -46.21 35.59
C ARG L 15 68.78 -46.28 36.75
N LEU L 16 69.38 -47.45 36.91
CA LEU L 16 70.54 -47.59 37.77
C LEU L 16 71.74 -47.96 36.88
N GLU L 17 72.76 -47.12 36.91
CA GLU L 17 74.01 -47.45 36.24
C GLU L 17 74.87 -48.18 37.25
N LEU L 18 74.75 -49.50 37.27
CA LEU L 18 75.44 -50.31 38.25
C LEU L 18 76.94 -50.33 37.99
N LYS L 19 77.71 -50.24 39.07
CA LYS L 19 79.15 -50.42 39.02
C LYS L 19 79.41 -51.91 38.97
N GLU L 20 80.54 -52.28 38.37
CA GLU L 20 80.87 -53.67 38.08
C GLU L 20 80.83 -54.58 39.32
N GLU L 21 81.22 -54.04 40.46
CA GLU L 21 81.12 -54.73 41.76
C GLU L 21 79.67 -55.13 42.10
N GLU L 22 78.73 -54.21 41.84
CA GLU L 22 77.29 -54.40 42.15
C GLU L 22 76.65 -55.43 41.25
N ILE L 23 76.93 -55.37 39.95
CA ILE L 23 76.44 -56.37 38.99
C ILE L 23 76.66 -57.80 39.49
N GLU L 24 77.84 -58.08 40.02
CA GLU L 24 78.15 -59.43 40.46
C GLU L 24 77.43 -59.79 41.75
N VAL L 25 77.43 -58.86 42.69
CA VAL L 25 76.80 -59.05 43.97
C VAL L 25 75.29 -59.20 43.81
N PHE L 26 74.68 -58.33 43.01
CA PHE L 26 73.24 -58.36 42.82
C PHE L 26 72.79 -59.58 42.01
N GLN L 27 73.72 -60.23 41.31
CA GLN L 27 73.41 -61.50 40.62
C GLN L 27 73.10 -62.60 41.61
N LYS L 28 73.97 -62.76 42.62
CA LYS L 28 73.77 -63.78 43.63
C LYS L 28 72.61 -63.41 44.57
N GLN L 29 72.62 -62.17 45.09
CA GLN L 29 71.62 -61.72 46.07
C GLN L 29 70.21 -61.78 45.52
N LEU L 30 70.00 -61.29 44.31
CA LEU L 30 68.67 -61.31 43.71
C LEU L 30 68.18 -62.70 43.32
N SER L 31 69.11 -63.57 42.89
CA SER L 31 68.82 -64.98 42.67
C SER L 31 68.32 -65.62 43.95
N ASP L 32 69.05 -65.38 45.03
CA ASP L 32 68.70 -65.90 46.34
C ASP L 32 67.32 -65.44 46.76
N ILE L 33 67.10 -64.12 46.67
CA ILE L 33 65.82 -63.51 47.03
C ILE L 33 64.68 -64.06 46.19
N LEU L 34 64.92 -64.21 44.89
CA LEU L 34 63.92 -64.78 44.00
C LEU L 34 63.58 -66.23 44.36
N ASP L 35 64.55 -66.99 44.85
CA ASP L 35 64.33 -68.33 45.36
C ASP L 35 63.58 -68.25 46.69
N PHE L 36 63.96 -67.25 47.50
CA PHE L 36 63.39 -67.05 48.80
C PHE L 36 61.88 -66.78 48.80
N ILE L 37 61.43 -65.91 47.90
CA ILE L 37 60.04 -65.45 47.89
C ILE L 37 59.15 -66.34 47.02
N ASP L 38 59.73 -67.35 46.40
CA ASP L 38 58.99 -68.21 45.51
C ASP L 38 58.26 -69.33 46.27
N GLN L 39 57.27 -68.97 47.08
CA GLN L 39 56.47 -69.94 47.82
C GLN L 39 55.00 -69.92 47.42
N LEU L 40 54.61 -68.93 46.61
CA LEU L 40 53.21 -68.62 46.45
C LEU L 40 52.44 -69.49 45.44
N LYS L 41 53.15 -70.12 44.50
CA LYS L 41 52.54 -70.99 43.48
C LYS L 41 51.66 -72.07 44.11
N GLU L 42 52.08 -72.55 45.28
CA GLU L 42 51.37 -73.62 46.02
C GLU L 42 49.91 -73.27 46.30
N LEU L 43 49.62 -71.98 46.41
CA LEU L 43 48.28 -71.53 46.78
C LEU L 43 47.40 -71.27 45.59
N ASP L 44 46.12 -71.60 45.75
CA ASP L 44 45.11 -71.37 44.74
C ASP L 44 44.50 -69.97 44.88
N THR L 45 44.63 -69.17 43.82
CA THR L 45 44.13 -67.80 43.84
C THR L 45 43.22 -67.48 42.66
N GLU L 46 42.87 -68.48 41.86
CA GLU L 46 41.73 -68.37 40.94
C GLU L 46 40.61 -68.10 41.90
N ASN L 47 39.70 -67.22 41.60
CA ASN L 47 38.63 -67.04 42.60
C ASN L 47 39.00 -66.33 43.90
N VAL L 48 40.15 -65.69 43.95
CA VAL L 48 40.45 -64.77 45.05
C VAL L 48 40.61 -63.37 44.45
N GLU L 49 39.89 -62.40 45.00
CA GLU L 49 40.05 -61.02 44.55
C GLU L 49 41.30 -60.38 45.17
N PRO L 50 42.13 -59.71 44.35
CA PRO L 50 43.26 -58.96 44.87
C PRO L 50 42.84 -58.00 45.98
N TYR L 51 43.68 -57.85 46.99
CA TYR L 51 43.42 -57.00 48.14
C TYR L 51 43.17 -55.52 47.82
N ILE L 52 42.02 -54.99 48.21
CA ILE L 52 41.82 -53.54 48.29
C ILE L 52 41.36 -53.20 49.68
N GLN L 53 41.70 -52.02 50.19
CA GLN L 53 41.13 -51.56 51.44
C GLN L 53 39.64 -51.31 51.20
N GLU L 54 38.83 -51.53 52.22
CA GLU L 54 37.39 -51.24 52.12
C GLU L 54 37.09 -49.72 52.10
N PHE L 55 36.11 -49.35 51.29
CA PHE L 55 35.68 -47.95 51.17
C PHE L 55 34.25 -47.96 50.65
N GLU L 56 33.45 -46.99 51.06
CA GLU L 56 32.07 -46.96 50.60
C GLU L 56 31.96 -46.25 49.26
N GLU L 57 32.51 -45.04 49.19
CA GLU L 57 32.51 -44.26 47.96
C GLU L 57 33.92 -43.80 47.62
N THR L 58 34.19 -43.65 46.33
CA THR L 58 35.45 -43.07 45.91
C THR L 58 35.55 -41.62 46.41
N PRO L 59 36.63 -41.31 47.14
CA PRO L 59 37.02 -39.96 47.59
C PRO L 59 37.35 -39.04 46.43
N MET L 60 36.56 -37.97 46.31
CA MET L 60 36.75 -37.02 45.25
C MET L 60 36.77 -35.67 45.89
N ARG L 61 37.20 -34.69 45.11
CA ARG L 61 37.45 -33.35 45.61
C ARG L 61 36.71 -32.43 44.66
N GLU L 62 36.11 -31.36 45.19
CA GLU L 62 35.48 -30.35 44.32
C GLU L 62 36.52 -29.65 43.43
N ASP L 63 36.08 -29.19 42.26
CA ASP L 63 36.94 -28.48 41.32
C ASP L 63 37.12 -26.99 41.71
N GLU L 64 37.79 -26.77 42.85
CA GLU L 64 38.04 -25.43 43.41
C GLU L 64 39.53 -25.26 43.58
N PRO L 65 40.09 -24.16 43.05
CA PRO L 65 41.51 -23.84 43.20
C PRO L 65 41.99 -23.76 44.66
N HIS L 66 43.15 -24.36 44.94
CA HIS L 66 43.85 -24.18 46.20
C HIS L 66 45.12 -23.41 45.90
N PRO L 67 45.58 -22.57 46.86
CA PRO L 67 46.82 -21.80 46.70
C PRO L 67 47.99 -22.71 46.36
N SER L 68 48.64 -22.43 45.23
CA SER L 68 49.82 -23.16 44.81
C SER L 68 50.99 -22.87 45.72
N LEU L 69 52.03 -23.69 45.57
CA LEU L 69 53.28 -23.52 46.28
C LEU L 69 54.01 -22.30 45.72
N ASP L 70 54.66 -21.54 46.59
CA ASP L 70 55.43 -20.37 46.21
C ASP L 70 56.55 -20.86 45.31
N ARG L 71 56.72 -20.26 44.13
CA ARG L 71 57.68 -20.76 43.14
C ARG L 71 59.14 -20.87 43.64
N GLU L 72 59.53 -19.95 44.51
CA GLU L 72 60.83 -19.99 45.18
C GLU L 72 61.01 -21.27 45.96
N LYS L 73 59.97 -21.67 46.69
CA LYS L 73 59.97 -22.91 47.46
C LYS L 73 59.83 -24.16 46.61
N ALA L 74 59.21 -24.00 45.43
CA ALA L 74 59.06 -25.08 44.47
C ALA L 74 60.40 -25.35 43.79
N LEU L 75 61.24 -24.32 43.67
CA LEU L 75 62.50 -24.45 42.94
C LEU L 75 63.72 -24.52 43.84
N MET L 76 63.58 -24.07 45.10
CA MET L 76 64.76 -24.00 45.99
C MET L 76 65.67 -25.21 46.04
N ASN L 77 65.10 -26.40 45.88
CA ASN L 77 65.84 -27.64 46.01
C ASN L 77 66.45 -28.10 44.69
N ALA L 78 66.08 -27.44 43.59
CA ALA L 78 66.53 -27.85 42.25
C ALA L 78 68.05 -27.84 42.06
N PRO L 79 68.63 -28.95 41.57
CA PRO L 79 70.07 -28.95 41.20
C PRO L 79 70.51 -27.78 40.28
N GLU L 80 69.68 -27.40 39.31
CA GLU L 80 69.94 -26.26 38.42
C GLU L 80 68.61 -25.65 38.02
N ARG L 81 68.47 -24.33 38.21
CA ARG L 81 67.27 -23.61 37.79
C ARG L 81 67.59 -22.39 36.92
N LYS L 82 66.69 -22.02 36.00
CA LYS L 82 66.87 -20.82 35.17
C LYS L 82 65.55 -20.18 34.76
N ASP L 83 65.39 -18.89 35.05
CA ASP L 83 64.22 -18.08 34.68
C ASP L 83 62.84 -18.70 35.03
N GLY L 84 62.77 -19.41 36.14
CA GLY L 84 61.52 -20.05 36.57
C GLY L 84 61.40 -21.51 36.14
N PHE L 85 62.45 -22.03 35.49
CA PHE L 85 62.43 -23.38 34.93
C PHE L 85 63.38 -24.31 35.67
N PHE L 86 63.04 -25.59 35.74
CA PHE L 86 63.97 -26.62 36.14
C PHE L 86 64.91 -26.85 34.96
N VAL L 87 66.20 -27.01 35.24
CA VAL L 87 67.19 -27.19 34.15
C VAL L 87 67.81 -28.57 34.20
N VAL L 88 67.86 -29.23 33.04
CA VAL L 88 68.47 -30.54 32.87
C VAL L 88 69.26 -30.54 31.57
N PRO L 89 70.19 -31.50 31.39
CA PRO L 89 70.83 -31.57 30.08
C PRO L 89 69.80 -31.81 28.99
N ARG L 90 70.00 -31.18 27.83
CA ARG L 90 69.04 -31.25 26.74
C ARG L 90 68.45 -32.64 26.61
N VAL L 91 67.15 -32.70 26.35
CA VAL L 91 66.54 -33.90 25.78
C VAL L 91 66.11 -33.66 24.33
N VAL L 92 66.12 -34.72 23.53
CA VAL L 92 65.27 -34.78 22.34
C VAL L 92 65.29 -36.18 21.73
N MET M 1 -62.25 -58.23 -13.31
CA MET M 1 -62.76 -56.89 -13.74
C MET M 1 -61.81 -55.76 -13.33
N LEU M 2 -60.61 -56.13 -12.88
CA LEU M 2 -59.47 -55.23 -12.54
C LEU M 2 -59.46 -54.70 -11.11
N TRP M 3 -60.51 -53.98 -10.71
CA TRP M 3 -60.68 -53.65 -9.30
C TRP M 3 -60.95 -54.91 -8.48
N LYS M 4 -61.36 -55.96 -9.19
CA LYS M 4 -61.61 -57.27 -8.61
C LYS M 4 -60.32 -58.07 -8.46
N LYS M 5 -59.21 -57.51 -8.94
CA LYS M 5 -57.92 -58.21 -8.93
C LYS M 5 -57.04 -57.84 -7.74
N SER M 6 -56.22 -58.80 -7.30
CA SER M 6 -55.29 -58.61 -6.19
C SER M 6 -54.07 -57.83 -6.64
N LEU M 7 -53.25 -57.40 -5.69
CA LEU M 7 -52.01 -56.69 -5.98
C LEU M 7 -51.00 -57.55 -6.73
N SER M 8 -51.08 -58.87 -6.56
CA SER M 8 -50.22 -59.82 -7.26
C SER M 8 -50.62 -59.87 -8.72
N GLU M 9 -51.92 -60.00 -8.96
CA GLU M 9 -52.48 -59.98 -10.30
C GLU M 9 -52.23 -58.65 -10.97
N LEU M 10 -52.42 -57.57 -10.21
CA LEU M 10 -52.18 -56.22 -10.70
C LEU M 10 -50.71 -55.95 -11.04
N ARG M 11 -49.82 -56.39 -10.17
CA ARG M 11 -48.38 -56.18 -10.34
C ARG M 11 -47.87 -56.81 -11.64
N GLU M 12 -48.16 -58.10 -11.83
CA GLU M 12 -47.73 -58.80 -13.04
C GLU M 12 -48.23 -58.11 -14.31
N LEU M 13 -49.47 -57.66 -14.30
CA LEU M 13 -50.05 -56.90 -15.41
C LEU M 13 -49.39 -55.53 -15.64
N LEU M 14 -48.93 -54.89 -14.57
CA LEU M 14 -48.31 -53.58 -14.66
C LEU M 14 -46.85 -53.69 -15.10
N LYS M 15 -46.16 -54.70 -14.59
CA LYS M 15 -44.75 -54.93 -14.90
C LYS M 15 -44.52 -55.25 -16.39
N ARG M 16 -45.49 -55.94 -16.99
CA ARG M 16 -45.43 -56.31 -18.40
C ARG M 16 -46.28 -55.40 -19.28
N GLY M 17 -46.62 -54.22 -18.77
CA GLY M 17 -47.29 -53.18 -19.56
C GLY M 17 -48.68 -53.50 -20.07
N GLU M 18 -49.16 -54.70 -19.76
CA GLU M 18 -50.51 -55.15 -20.15
C GLU M 18 -51.57 -54.15 -19.66
N VAL M 19 -51.23 -53.47 -18.57
CA VAL M 19 -52.05 -52.40 -18.01
C VAL M 19 -51.19 -51.21 -17.55
N SER M 20 -51.80 -50.03 -17.49
CA SER M 20 -51.15 -48.81 -17.01
C SER M 20 -51.69 -48.40 -15.64
N PRO M 21 -50.87 -47.69 -14.83
CA PRO M 21 -51.32 -47.19 -13.54
C PRO M 21 -52.62 -46.39 -13.62
N LYS M 22 -52.80 -45.61 -14.68
CA LYS M 22 -54.00 -44.82 -14.91
C LYS M 22 -55.26 -45.69 -15.02
N GLU M 23 -55.12 -46.84 -15.69
CA GLU M 23 -56.24 -47.75 -15.87
C GLU M 23 -56.69 -48.37 -14.56
N VAL M 24 -55.70 -48.79 -13.75
CA VAL M 24 -55.93 -49.34 -12.41
C VAL M 24 -56.73 -48.34 -11.57
N VAL M 25 -56.28 -47.10 -11.54
CA VAL M 25 -56.97 -46.04 -10.82
C VAL M 25 -58.38 -45.81 -11.37
N GLU M 26 -58.52 -45.80 -12.70
CA GLU M 26 -59.83 -45.66 -13.33
C GLU M 26 -60.78 -46.78 -12.93
N SER M 27 -60.27 -48.01 -12.89
CA SER M 27 -61.05 -49.17 -12.46
C SER M 27 -61.67 -48.99 -11.06
N PHE M 28 -60.82 -48.68 -10.07
CA PHE M 28 -61.25 -48.47 -8.70
C PHE M 28 -62.14 -47.25 -8.57
N TYR M 29 -61.87 -46.24 -9.39
CA TYR M 29 -62.68 -45.02 -9.45
C TYR M 29 -64.12 -45.33 -9.87
N ASP M 30 -64.28 -46.20 -10.85
CA ASP M 30 -65.62 -46.66 -11.27
C ASP M 30 -66.33 -47.35 -10.11
N ARG M 31 -65.65 -48.34 -9.52
CA ARG M 31 -66.15 -49.08 -8.36
C ARG M 31 -66.54 -48.13 -7.22
N TYR M 32 -65.74 -47.07 -7.03
CA TYR M 32 -66.06 -46.00 -6.10
C TYR M 32 -67.37 -45.33 -6.47
N ASN M 33 -67.51 -44.97 -7.75
CA ASN M 33 -68.74 -44.34 -8.26
C ASN M 33 -69.96 -45.24 -8.11
N GLN M 34 -69.76 -46.54 -8.27
CA GLN M 34 -70.81 -47.54 -8.00
C GLN M 34 -71.28 -47.52 -6.54
N THR M 35 -70.32 -47.44 -5.61
CA THR M 35 -70.59 -47.76 -4.21
C THR M 35 -70.75 -46.57 -3.26
N GLU M 36 -70.06 -45.46 -3.55
CA GLU M 36 -69.87 -44.43 -2.54
C GLU M 36 -71.15 -43.85 -1.97
N GLU M 37 -72.18 -43.68 -2.80
CA GLU M 37 -73.47 -43.12 -2.38
C GLU M 37 -74.08 -43.92 -1.25
N LYS M 38 -73.87 -45.23 -1.31
CA LYS M 38 -74.36 -46.18 -0.33
C LYS M 38 -73.43 -46.23 0.90
N VAL M 39 -72.14 -46.48 0.64
CA VAL M 39 -71.13 -46.70 1.69
C VAL M 39 -70.64 -45.43 2.41
N LYS M 40 -70.26 -44.40 1.64
CA LYS M 40 -69.67 -43.17 2.16
C LYS M 40 -68.34 -43.42 2.93
N ALA M 41 -67.39 -44.03 2.25
CA ALA M 41 -66.11 -44.34 2.86
C ALA M 41 -65.22 -43.10 3.00
N TYR M 42 -65.35 -42.15 2.08
CA TYR M 42 -64.41 -41.03 1.97
C TYR M 42 -64.88 -39.68 2.50
N ILE M 43 -63.94 -38.94 3.07
CA ILE M 43 -64.14 -37.51 3.30
C ILE M 43 -63.65 -36.77 2.06
N THR M 44 -62.45 -37.11 1.59
CA THR M 44 -61.87 -36.43 0.46
C THR M 44 -61.42 -37.47 -0.53
N PRO M 45 -62.23 -37.68 -1.59
CA PRO M 45 -61.81 -38.59 -2.67
C PRO M 45 -60.72 -37.90 -3.46
N LEU M 46 -59.67 -38.64 -3.81
CA LEU M 46 -58.54 -38.06 -4.53
C LEU M 46 -58.23 -38.80 -5.81
N TYR M 47 -59.21 -39.54 -6.35
CA TYR M 47 -59.06 -40.34 -7.57
C TYR M 47 -58.69 -39.47 -8.76
N GLY M 48 -59.32 -38.29 -8.84
CA GLY M 48 -58.99 -37.28 -9.83
C GLY M 48 -57.50 -36.93 -9.83
N LYS M 49 -56.97 -36.65 -8.64
CA LYS M 49 -55.57 -36.30 -8.52
C LYS M 49 -54.66 -37.50 -8.78
N ALA M 50 -55.08 -38.68 -8.34
CA ALA M 50 -54.28 -39.87 -8.53
C ALA M 50 -54.17 -40.22 -10.02
N LEU M 51 -55.25 -39.99 -10.75
CA LEU M 51 -55.27 -40.12 -12.21
C LEU M 51 -54.15 -39.33 -12.89
N LYS M 52 -53.98 -38.08 -12.45
CA LYS M 52 -52.94 -37.23 -12.98
C LYS M 52 -51.54 -37.66 -12.53
N GLN M 53 -51.40 -38.07 -11.28
CA GLN M 53 -50.11 -38.53 -10.74
C GLN M 53 -49.66 -39.83 -11.43
N ALA M 54 -50.64 -40.59 -11.90
CA ALA M 54 -50.42 -41.86 -12.56
C ALA M 54 -49.72 -41.70 -13.90
N GLU M 55 -50.04 -40.62 -14.62
CA GLU M 55 -49.45 -40.37 -15.93
C GLU M 55 -47.92 -40.29 -15.87
N SER M 56 -47.39 -39.72 -14.79
CA SER M 56 -45.95 -39.50 -14.63
C SER M 56 -45.24 -40.68 -13.96
N LEU M 57 -46.02 -41.67 -13.54
CA LEU M 57 -45.50 -42.85 -12.87
C LEU M 57 -44.94 -43.83 -13.91
N LYS M 58 -43.65 -44.09 -13.88
CA LYS M 58 -43.01 -44.87 -14.96
C LYS M 58 -42.19 -46.09 -14.53
N GLU M 59 -41.40 -45.93 -13.48
CA GLU M 59 -40.56 -47.00 -12.96
C GLU M 59 -41.37 -48.18 -12.46
N ARG M 60 -41.41 -49.28 -13.22
CA ARG M 60 -42.32 -50.40 -12.92
C ARG M 60 -41.85 -51.30 -11.78
N GLU M 61 -40.55 -51.29 -11.52
CA GLU M 61 -39.97 -52.20 -10.54
C GLU M 61 -40.20 -51.77 -9.07
N LEU M 62 -40.79 -50.60 -8.90
CA LEU M 62 -41.19 -50.08 -7.59
C LEU M 62 -42.19 -51.02 -6.91
N PRO M 63 -41.99 -51.32 -5.62
CA PRO M 63 -42.72 -52.40 -4.94
C PRO M 63 -44.25 -52.24 -4.96
N LEU M 64 -44.73 -51.00 -4.95
CA LEU M 64 -46.16 -50.75 -5.03
C LEU M 64 -46.55 -49.95 -6.29
N PHE M 65 -45.77 -50.16 -7.35
CA PHE M 65 -45.86 -49.39 -8.59
C PHE M 65 -47.22 -48.73 -8.89
N GLY M 66 -48.23 -49.50 -9.26
CA GLY M 66 -49.43 -48.82 -9.72
C GLY M 66 -50.59 -48.81 -8.75
N ILE M 67 -50.30 -49.12 -7.50
CA ILE M 67 -51.32 -49.52 -6.55
C ILE M 67 -52.04 -48.33 -5.89
N PRO M 68 -53.37 -48.23 -6.06
CA PRO M 68 -54.17 -47.27 -5.29
C PRO M 68 -54.22 -47.68 -3.82
N ILE M 69 -54.23 -46.69 -2.94
CA ILE M 69 -54.33 -46.91 -1.51
C ILE M 69 -55.13 -45.78 -0.83
N ALA M 70 -56.16 -46.18 -0.08
CA ALA M 70 -56.94 -45.24 0.71
C ALA M 70 -56.17 -44.99 1.99
N VAL M 71 -56.40 -43.83 2.59
CA VAL M 71 -55.65 -43.37 3.77
C VAL M 71 -56.64 -42.72 4.75
N LYS M 72 -56.56 -43.13 6.01
CA LYS M 72 -57.40 -42.56 7.05
C LYS M 72 -57.16 -41.05 7.18
N ASP M 73 -58.21 -40.27 7.40
CA ASP M 73 -58.06 -38.81 7.48
C ASP M 73 -57.53 -38.25 8.82
N ASN M 74 -56.82 -39.08 9.58
CA ASN M 74 -55.94 -38.58 10.63
C ASN M 74 -54.45 -38.79 10.27
N ILE M 75 -54.20 -39.22 9.04
CA ILE M 75 -52.83 -39.35 8.54
C ILE M 75 -52.59 -38.25 7.51
N LEU M 76 -51.66 -37.34 7.78
CA LEU M 76 -51.40 -36.19 6.88
C LEU M 76 -50.89 -36.55 5.50
N VAL M 77 -51.59 -36.03 4.51
CA VAL M 77 -51.18 -36.11 3.12
C VAL M 77 -51.04 -34.65 2.66
N GLU M 78 -49.82 -34.29 2.30
CA GLU M 78 -49.48 -32.90 2.02
C GLU M 78 -50.23 -32.28 0.86
N GLY M 79 -50.76 -31.09 1.10
CA GLY M 79 -51.44 -30.34 0.09
C GLY M 79 -52.92 -30.63 0.06
N GLU M 80 -53.36 -31.69 0.74
CA GLU M 80 -54.78 -32.02 0.86
C GLU M 80 -55.24 -31.88 2.29
N LYS M 81 -56.55 -31.68 2.47
CA LYS M 81 -57.16 -31.54 3.79
C LYS M 81 -56.99 -32.78 4.66
N THR M 82 -56.58 -32.56 5.91
CA THR M 82 -56.61 -33.58 6.94
C THR M 82 -57.55 -33.07 8.03
N THR M 83 -58.75 -33.66 8.09
CA THR M 83 -59.82 -33.15 8.96
C THR M 83 -59.96 -33.88 10.30
N CYS M 84 -59.41 -35.11 10.37
CA CYS M 84 -59.69 -36.05 11.47
C CYS M 84 -61.17 -36.15 11.74
N ALA M 85 -61.96 -35.90 10.70
CA ALA M 85 -63.40 -35.96 10.76
C ALA M 85 -63.95 -35.01 11.81
N SER M 86 -63.30 -33.86 11.94
CA SER M 86 -63.64 -32.85 12.94
C SER M 86 -63.94 -31.49 12.29
N LYS M 87 -64.92 -30.77 12.85
CA LYS M 87 -65.17 -29.36 12.55
C LYS M 87 -63.95 -28.48 12.85
N ILE M 88 -63.16 -28.81 13.88
CA ILE M 88 -62.02 -27.94 14.22
C ILE M 88 -60.88 -28.05 13.21
N LEU M 89 -60.92 -29.07 12.34
CA LEU M 89 -59.89 -29.27 11.33
C LEU M 89 -60.40 -29.40 9.89
N GLU M 90 -61.68 -29.10 9.64
CA GLU M 90 -62.11 -29.03 8.25
C GLU M 90 -61.45 -27.80 7.68
N ASN M 91 -60.95 -27.89 6.47
CA ASN M 91 -60.21 -26.75 5.91
C ASN M 91 -58.76 -26.66 6.34
N PHE M 92 -58.34 -27.51 7.26
CA PHE M 92 -56.91 -27.66 7.52
C PHE M 92 -56.22 -28.39 6.35
N VAL M 93 -55.38 -27.67 5.63
CA VAL M 93 -54.53 -28.26 4.60
C VAL M 93 -53.20 -28.71 5.19
N ALA M 94 -52.90 -29.98 5.03
CA ALA M 94 -51.68 -30.57 5.56
C ALA M 94 -50.46 -29.95 4.92
N PRO M 95 -49.56 -29.37 5.73
CA PRO M 95 -48.30 -28.76 5.28
C PRO M 95 -47.14 -29.74 5.07
N TYR M 96 -47.33 -31.02 5.42
CA TYR M 96 -46.29 -32.04 5.25
C TYR M 96 -46.93 -33.40 5.13
N ASP M 97 -46.14 -34.35 4.65
CA ASP M 97 -46.52 -35.76 4.55
C ASP M 97 -46.12 -36.53 5.80
N ALA M 98 -47.07 -37.30 6.34
CA ALA M 98 -46.75 -38.30 7.34
C ALA M 98 -45.67 -39.21 6.77
N THR M 99 -44.81 -39.77 7.62
CA THR M 99 -43.68 -40.58 7.17
C THR M 99 -44.13 -41.78 6.34
N VAL M 100 -45.23 -42.43 6.73
CA VAL M 100 -45.79 -43.55 5.97
C VAL M 100 -46.22 -43.16 4.56
N ILE M 101 -46.80 -41.98 4.42
CA ILE M 101 -47.25 -41.46 3.13
C ILE M 101 -46.04 -41.18 2.22
N GLU M 102 -44.97 -40.65 2.82
CA GLU M 102 -43.72 -40.45 2.11
C GLU M 102 -43.15 -41.78 1.62
N ARG M 103 -43.24 -42.82 2.44
CA ARG M 103 -42.75 -44.16 2.10
C ARG M 103 -43.59 -44.89 1.04
N LEU M 104 -44.91 -44.71 1.09
CA LEU M 104 -45.76 -45.26 0.05
C LEU M 104 -45.54 -44.56 -1.29
N LYS M 105 -45.45 -43.24 -1.26
CA LYS M 105 -45.23 -42.45 -2.47
C LYS M 105 -43.94 -42.90 -3.12
N LYS M 106 -42.91 -43.08 -2.31
CA LYS M 106 -41.61 -43.49 -2.79
C LYS M 106 -41.67 -44.90 -3.39
N ALA M 107 -42.64 -45.69 -2.96
CA ALA M 107 -42.79 -47.07 -3.41
C ALA M 107 -43.71 -47.18 -4.63
N GLY M 108 -44.14 -46.04 -5.15
CA GLY M 108 -45.01 -46.00 -6.31
C GLY M 108 -46.50 -46.03 -6.05
N ALA M 109 -46.93 -46.12 -4.80
CA ALA M 109 -48.37 -46.17 -4.52
C ALA M 109 -49.09 -44.86 -4.90
N LEU M 110 -50.40 -44.95 -5.11
CA LEU M 110 -51.18 -43.78 -5.47
C LEU M 110 -52.28 -43.51 -4.46
N ILE M 111 -52.12 -42.45 -3.68
CA ILE M 111 -53.12 -42.06 -2.67
C ILE M 111 -54.44 -41.68 -3.35
N VAL M 112 -55.48 -42.46 -3.06
CA VAL M 112 -56.72 -42.37 -3.78
C VAL M 112 -57.84 -41.64 -3.00
N GLY M 113 -57.59 -41.36 -1.72
CA GLY M 113 -58.53 -40.57 -0.94
C GLY M 113 -58.36 -40.61 0.56
N LYS M 114 -59.03 -39.68 1.21
CA LYS M 114 -58.97 -39.60 2.65
C LYS M 114 -60.27 -40.09 3.22
N THR M 115 -60.13 -41.03 4.13
CA THR M 115 -61.20 -41.92 4.46
C THR M 115 -61.89 -41.52 5.78
N ASN M 116 -63.19 -41.80 5.91
CA ASN M 116 -64.00 -41.31 7.06
C ASN M 116 -63.58 -42.04 8.34
N LEU M 117 -63.82 -41.39 9.49
CA LEU M 117 -63.47 -41.90 10.81
C LEU M 117 -64.35 -41.28 11.90
N ASP M 118 -64.38 -41.89 13.08
CA ASP M 118 -64.93 -41.17 14.23
C ASP M 118 -64.00 -39.99 14.45
N GLU M 119 -64.57 -38.89 14.93
CA GLU M 119 -63.80 -37.68 15.07
C GLU M 119 -62.63 -37.88 16.02
N PHE M 120 -61.46 -37.55 15.52
CA PHE M 120 -60.18 -37.69 16.19
C PHE M 120 -59.94 -39.11 16.59
N ALA M 121 -60.59 -40.03 15.88
CA ALA M 121 -60.33 -41.47 16.04
C ALA M 121 -60.87 -42.07 17.35
N MET M 122 -61.86 -41.37 17.92
CA MET M 122 -62.43 -41.78 19.18
C MET M 122 -63.83 -42.33 18.97
N GLY M 123 -63.93 -43.64 19.00
CA GLY M 123 -65.21 -44.32 18.86
C GLY M 123 -65.07 -45.68 18.21
N SER M 124 -66.17 -46.43 18.15
CA SER M 124 -66.09 -47.79 17.66
C SER M 124 -67.04 -48.12 16.48
N SER M 125 -67.52 -47.08 15.80
CA SER M 125 -68.56 -47.28 14.78
C SER M 125 -68.53 -46.29 13.61
N THR M 126 -67.73 -45.22 13.74
CA THR M 126 -67.66 -44.11 12.76
C THR M 126 -68.84 -43.13 12.82
N GLU M 127 -69.85 -43.44 13.61
CA GLU M 127 -70.96 -42.54 13.82
C GLU M 127 -70.51 -41.18 14.31
N TYR M 128 -69.38 -41.12 15.02
CA TYR M 128 -68.87 -39.87 15.57
C TYR M 128 -68.11 -38.98 14.61
N SER M 129 -68.01 -39.41 13.34
CA SER M 129 -67.58 -38.52 12.29
C SER M 129 -68.42 -37.27 12.37
N ALA M 130 -67.76 -36.12 12.39
CA ALA M 130 -68.48 -34.83 12.45
C ALA M 130 -69.23 -34.51 11.15
N PHE M 131 -69.02 -35.31 10.13
CA PHE M 131 -69.54 -35.02 8.80
C PHE M 131 -70.72 -35.90 8.39
N PHE M 132 -70.52 -37.21 8.51
CA PHE M 132 -71.50 -38.21 8.09
C PHE M 132 -71.06 -39.62 8.53
N PRO M 133 -72.03 -40.54 8.74
CA PRO M 133 -71.70 -41.93 9.04
C PRO M 133 -71.26 -42.68 7.78
N THR M 134 -70.25 -43.54 7.92
CA THR M 134 -69.94 -44.57 6.94
C THR M 134 -70.80 -45.78 7.27
N LYS M 135 -71.26 -46.48 6.24
CA LYS M 135 -72.16 -47.61 6.38
C LYS M 135 -71.48 -48.94 6.00
N ASN M 136 -71.82 -50.01 6.71
CA ASN M 136 -71.34 -51.36 6.45
C ASN M 136 -71.87 -51.88 5.11
N PRO M 137 -70.95 -52.13 4.13
CA PRO M 137 -71.31 -52.65 2.80
C PRO M 137 -71.98 -54.04 2.81
N TRP M 138 -71.98 -54.74 3.93
CA TRP M 138 -72.69 -56.01 4.03
C TRP M 138 -74.11 -55.81 4.52
N ASP M 139 -74.39 -54.65 5.10
CA ASP M 139 -75.75 -54.31 5.57
C ASP M 139 -75.75 -52.83 5.90
N LEU M 140 -76.28 -52.02 5.00
CA LEU M 140 -76.23 -50.56 5.18
C LEU M 140 -77.03 -50.06 6.39
N GLU M 141 -77.76 -50.95 7.05
CA GLU M 141 -78.40 -50.63 8.32
C GLU M 141 -77.39 -50.74 9.48
N ARG M 142 -76.20 -51.25 9.17
CA ARG M 142 -75.21 -51.55 10.19
C ARG M 142 -73.93 -50.74 10.07
N VAL M 143 -73.22 -50.63 11.18
CA VAL M 143 -72.00 -49.83 11.27
C VAL M 143 -70.81 -50.62 10.73
N PRO M 144 -69.80 -49.93 10.17
CA PRO M 144 -68.65 -50.63 9.64
C PRO M 144 -67.58 -50.79 10.70
N GLY M 145 -67.88 -50.30 11.90
CA GLY M 145 -66.89 -50.26 12.98
C GLY M 145 -66.20 -48.91 13.08
N GLY M 146 -65.28 -48.80 14.03
CA GLY M 146 -64.52 -47.59 14.19
C GLY M 146 -63.26 -47.77 15.03
N SER M 147 -62.36 -46.80 14.95
CA SER M 147 -62.63 -45.57 14.22
C SER M 147 -62.26 -45.59 12.74
N SER M 148 -61.43 -46.53 12.28
CA SER M 148 -61.11 -46.63 10.83
C SER M 148 -62.27 -47.20 9.96
N GLY M 149 -63.49 -46.69 10.16
CA GLY M 149 -64.65 -47.17 9.40
C GLY M 149 -64.57 -47.13 7.87
N GLY M 150 -64.14 -45.98 7.34
CA GLY M 150 -64.04 -45.79 5.90
C GLY M 150 -62.90 -46.57 5.26
N SER M 151 -61.83 -46.78 6.00
CA SER M 151 -60.68 -47.51 5.48
C SER M 151 -60.99 -48.99 5.35
N ALA M 152 -61.77 -49.51 6.30
CA ALA M 152 -62.22 -50.88 6.26
C ALA M 152 -63.25 -51.06 5.13
N ALA M 153 -64.25 -50.19 5.12
CA ALA M 153 -65.36 -50.25 4.15
C ALA M 153 -64.93 -50.17 2.70
N SER M 154 -64.05 -49.24 2.37
CA SER M 154 -63.60 -49.10 1.01
C SER M 154 -62.79 -50.32 0.54
N VAL M 155 -62.04 -50.95 1.46
CA VAL M 155 -61.34 -52.20 1.14
C VAL M 155 -62.33 -53.36 0.97
N ALA M 156 -63.44 -53.29 1.72
CA ALA M 156 -64.48 -54.30 1.64
C ALA M 156 -65.23 -54.28 0.29
N VAL M 157 -65.64 -53.10 -0.16
CA VAL M 157 -66.30 -52.96 -1.47
C VAL M 157 -65.30 -52.94 -2.61
N LEU M 158 -64.03 -52.85 -2.27
CA LEU M 158 -62.94 -52.80 -3.25
C LEU M 158 -62.96 -51.53 -4.10
N SER M 159 -63.42 -50.43 -3.51
CA SER M 159 -63.18 -49.12 -4.09
C SER M 159 -61.70 -48.70 -3.87
N ALA M 160 -60.99 -49.49 -3.08
CA ALA M 160 -59.53 -49.48 -3.00
C ALA M 160 -59.12 -50.87 -2.56
N PRO M 161 -57.99 -51.40 -3.07
CA PRO M 161 -57.59 -52.78 -2.75
C PRO M 161 -56.99 -52.87 -1.37
N VAL M 162 -56.34 -51.81 -0.94
CA VAL M 162 -55.54 -51.84 0.26
C VAL M 162 -55.69 -50.47 0.91
N SER M 163 -55.41 -50.36 2.21
CA SER M 163 -55.83 -49.21 2.99
C SER M 163 -54.94 -49.02 4.21
N LEU M 164 -54.76 -47.77 4.61
CA LEU M 164 -54.09 -47.45 5.88
C LEU M 164 -55.16 -47.00 6.89
N GLY M 165 -55.08 -47.48 8.11
CA GLY M 165 -55.89 -46.95 9.22
C GLY M 165 -54.96 -46.70 10.41
N SER M 166 -55.52 -46.39 11.57
CA SER M 166 -54.75 -46.43 12.83
C SER M 166 -55.49 -47.20 13.92
N ASP M 167 -54.80 -47.67 14.94
CA ASP M 167 -55.40 -48.51 15.98
C ASP M 167 -54.89 -48.06 17.35
N THR M 168 -55.77 -47.43 18.13
CA THR M 168 -55.41 -47.01 19.49
C THR M 168 -55.91 -48.03 20.52
N GLY M 169 -57.05 -48.62 20.21
CA GLY M 169 -57.63 -49.60 21.12
C GLY M 169 -58.46 -50.59 20.37
N GLY M 170 -58.12 -50.82 19.10
CA GLY M 170 -58.85 -51.74 18.24
C GLY M 170 -59.35 -51.12 16.97
N SER M 171 -58.89 -49.91 16.65
CA SER M 171 -59.44 -49.13 15.50
C SER M 171 -59.12 -49.63 14.08
N ILE M 172 -58.28 -50.63 13.97
CA ILE M 172 -58.13 -51.33 12.71
C ILE M 172 -58.84 -52.67 12.79
N ARG M 173 -58.55 -53.43 13.82
CA ARG M 173 -59.04 -54.76 13.91
C ARG M 173 -60.55 -54.86 13.97
N GLN M 174 -61.22 -54.05 14.80
CA GLN M 174 -62.66 -54.25 14.84
C GLN M 174 -63.39 -53.81 13.58
N PRO M 175 -62.98 -52.68 12.93
CA PRO M 175 -63.52 -52.47 11.57
C PRO M 175 -63.17 -53.57 10.57
N ALA M 176 -61.96 -54.17 10.67
CA ALA M 176 -61.64 -55.31 9.80
C ALA M 176 -62.63 -56.43 10.08
N SER M 177 -62.95 -56.68 11.36
CA SER M 177 -63.89 -57.73 11.72
C SER M 177 -65.26 -57.51 11.08
N PHE M 178 -65.84 -56.34 11.39
CA PHE M 178 -67.16 -55.90 10.91
C PHE M 178 -67.33 -55.83 9.39
N CYS M 179 -66.25 -55.49 8.68
CA CYS M 179 -66.35 -55.34 7.24
C CYS M 179 -65.84 -56.55 6.50
N GLY M 180 -65.38 -57.55 7.24
CA GLY M 180 -64.98 -58.82 6.66
C GLY M 180 -63.73 -58.71 5.82
N VAL M 181 -62.75 -57.97 6.32
CA VAL M 181 -61.44 -57.90 5.69
C VAL M 181 -60.32 -58.17 6.70
N ILE M 182 -59.11 -58.34 6.21
CA ILE M 182 -57.93 -58.43 7.06
C ILE M 182 -57.47 -57.04 7.50
N GLY M 183 -57.15 -56.91 8.79
CA GLY M 183 -56.59 -55.68 9.32
C GLY M 183 -55.57 -55.96 10.39
N ILE M 184 -54.40 -55.33 10.27
CA ILE M 184 -53.34 -55.56 11.25
C ILE M 184 -52.95 -54.27 11.92
N LYS M 185 -52.74 -54.32 13.24
CA LYS M 185 -51.97 -53.31 13.94
C LYS M 185 -50.66 -53.98 14.37
N PRO M 186 -49.53 -53.48 13.88
CA PRO M 186 -48.21 -54.03 14.19
C PRO M 186 -47.74 -53.67 15.61
N THR M 187 -46.57 -54.19 15.98
CA THR M 187 -45.96 -53.90 17.27
C THR M 187 -45.88 -52.39 17.48
N TYR M 188 -46.12 -51.93 18.70
CA TYR M 188 -45.96 -50.51 18.98
C TYR M 188 -44.51 -50.16 18.77
N GLY M 189 -44.26 -49.23 17.87
CA GLY M 189 -42.90 -48.84 17.51
C GLY M 189 -42.50 -49.29 16.12
N ARG M 190 -43.26 -50.20 15.52
CA ARG M 190 -42.90 -50.66 14.19
C ARG M 190 -43.13 -49.67 13.05
N VAL M 191 -44.14 -48.81 13.23
CA VAL M 191 -44.49 -47.84 12.20
C VAL M 191 -44.48 -46.45 12.82
N SER M 192 -43.91 -45.49 12.09
CA SER M 192 -43.78 -44.13 12.59
C SER M 192 -45.12 -43.49 12.87
N ARG M 193 -45.17 -42.67 13.91
CA ARG M 193 -46.36 -41.91 14.23
C ARG M 193 -46.18 -40.46 13.83
N TYR M 194 -45.16 -40.17 13.04
CA TYR M 194 -44.93 -38.83 12.49
C TYR M 194 -45.94 -38.55 11.38
N GLY M 195 -46.80 -37.57 11.62
CA GLY M 195 -47.84 -37.21 10.67
C GLY M 195 -49.13 -37.96 10.95
N LEU M 196 -49.16 -38.71 12.05
CA LEU M 196 -50.40 -39.35 12.49
C LEU M 196 -50.95 -38.43 13.57
N VAL M 197 -52.13 -37.88 13.34
CA VAL M 197 -52.71 -36.99 14.36
C VAL M 197 -52.89 -37.79 15.65
N ALA M 198 -52.19 -37.36 16.69
CA ALA M 198 -52.11 -38.12 17.95
C ALA M 198 -53.40 -38.05 18.73
N PHE M 199 -53.86 -39.23 19.11
CA PHE M 199 -54.97 -39.49 20.05
C PHE M 199 -54.29 -39.84 21.40
N ALA M 200 -53.85 -41.10 21.52
CA ALA M 200 -53.06 -41.56 22.67
C ALA M 200 -51.69 -42.00 22.18
N SER M 201 -50.69 -41.16 22.43
CA SER M 201 -49.34 -41.40 21.88
C SER M 201 -48.76 -42.74 22.30
N SER M 202 -49.11 -43.21 23.50
CA SER M 202 -48.52 -44.43 24.04
C SER M 202 -49.21 -45.69 23.53
N LEU M 203 -50.31 -45.48 22.79
CA LEU M 203 -51.16 -46.57 22.27
C LEU M 203 -51.36 -46.57 20.73
N ASP M 204 -51.27 -45.41 20.08
CA ASP M 204 -51.49 -45.23 18.64
C ASP M 204 -50.52 -46.11 17.79
N GLN M 205 -51.04 -46.74 16.74
CA GLN M 205 -50.20 -47.29 15.65
C GLN M 205 -50.94 -47.26 14.31
N ILE M 206 -50.25 -46.76 13.28
CA ILE M 206 -50.74 -46.95 11.92
C ILE M 206 -50.71 -48.45 11.62
N GLY M 207 -51.70 -48.90 10.85
CA GLY M 207 -51.79 -50.28 10.41
C GLY M 207 -52.41 -50.42 9.03
N VAL M 208 -52.61 -51.65 8.57
CA VAL M 208 -53.06 -51.90 7.19
C VAL M 208 -54.32 -52.75 7.12
N PHE M 209 -55.18 -52.39 6.17
CA PHE M 209 -56.29 -53.25 5.74
C PHE M 209 -56.00 -53.80 4.35
N GLY M 210 -56.41 -55.04 4.12
CA GLY M 210 -56.41 -55.67 2.80
C GLY M 210 -57.33 -56.88 2.78
N ARG M 211 -57.40 -57.56 1.63
CA ARG M 211 -58.24 -58.77 1.48
C ARG M 211 -57.40 -60.03 1.36
N ARG M 212 -56.15 -59.87 0.95
CA ARG M 212 -55.26 -60.99 0.91
C ARG M 212 -54.02 -60.69 1.74
N THR M 213 -53.53 -61.71 2.43
CA THR M 213 -52.49 -61.53 3.41
C THR M 213 -51.21 -60.97 2.78
N GLU M 214 -50.98 -61.28 1.52
CA GLU M 214 -49.80 -60.78 0.79
C GLU M 214 -49.90 -59.27 0.56
N ASP M 215 -51.10 -58.80 0.23
CA ASP M 215 -51.39 -57.38 0.11
C ASP M 215 -51.00 -56.65 1.39
N VAL M 216 -51.50 -57.16 2.52
CA VAL M 216 -51.29 -56.58 3.83
C VAL M 216 -49.82 -56.64 4.23
N ALA M 217 -49.16 -57.77 3.99
CA ALA M 217 -47.76 -57.95 4.35
C ALA M 217 -46.84 -57.00 3.59
N LEU M 218 -47.18 -56.71 2.35
CA LEU M 218 -46.35 -55.84 1.52
C LEU M 218 -46.50 -54.38 1.92
N VAL M 219 -47.74 -53.92 2.09
CA VAL M 219 -47.97 -52.51 2.48
C VAL M 219 -47.31 -52.23 3.85
N LEU M 220 -47.42 -53.20 4.75
CA LEU M 220 -46.80 -53.10 6.05
C LEU M 220 -45.28 -53.02 5.98
N GLU M 221 -44.67 -53.90 5.20
CA GLU M 221 -43.23 -53.88 4.99
C GLU M 221 -42.75 -52.50 4.48
N VAL M 222 -43.49 -51.94 3.51
CA VAL M 222 -43.15 -50.65 2.94
C VAL M 222 -43.17 -49.51 3.96
N ILE M 223 -44.23 -49.42 4.78
CA ILE M 223 -44.41 -48.30 5.71
C ILE M 223 -43.66 -48.45 7.03
N SER M 224 -43.22 -49.67 7.34
CA SER M 224 -42.59 -49.95 8.62
C SER M 224 -41.15 -49.51 8.67
N GLY M 225 -40.57 -49.51 9.87
CA GLY M 225 -39.16 -49.21 10.05
C GLY M 225 -38.88 -47.91 10.74
N TRP M 226 -37.66 -47.83 11.29
CA TRP M 226 -37.15 -46.68 12.02
C TRP M 226 -37.38 -45.35 11.30
N ASP M 227 -37.87 -44.38 12.07
CA ASP M 227 -38.00 -43.00 11.60
C ASP M 227 -37.33 -42.09 12.61
N GLU M 228 -36.43 -41.23 12.12
CA GLU M 228 -35.68 -40.28 12.96
C GLU M 228 -36.58 -39.17 13.48
N LYS M 229 -37.73 -38.99 12.83
CA LYS M 229 -38.70 -37.98 13.21
C LYS M 229 -39.65 -38.46 14.32
N ASP M 230 -39.46 -39.71 14.77
CA ASP M 230 -40.30 -40.33 15.81
C ASP M 230 -39.46 -41.02 16.88
N SER M 231 -39.45 -40.46 18.09
CA SER M 231 -38.62 -40.97 19.19
C SER M 231 -39.03 -42.34 19.68
N THR M 232 -40.24 -42.75 19.34
CA THR M 232 -40.77 -43.99 19.89
C THR M 232 -40.68 -45.11 18.85
N SER M 233 -40.33 -44.76 17.61
CA SER M 233 -40.13 -45.76 16.55
C SER M 233 -38.85 -46.54 16.82
N ALA M 234 -38.94 -47.87 16.71
CA ALA M 234 -37.84 -48.76 17.10
C ALA M 234 -36.78 -48.88 16.02
N LYS M 235 -35.53 -48.98 16.45
CA LYS M 235 -34.41 -49.21 15.54
C LYS M 235 -34.26 -50.72 15.38
N VAL M 236 -35.24 -51.34 14.73
CA VAL M 236 -35.27 -52.79 14.51
C VAL M 236 -35.48 -52.96 13.01
N PRO M 237 -34.71 -53.86 12.37
CA PRO M 237 -34.88 -54.08 10.93
C PRO M 237 -36.26 -54.65 10.59
N VAL M 238 -36.78 -54.25 9.44
CA VAL M 238 -38.11 -54.71 9.02
C VAL M 238 -37.94 -56.06 8.32
N PRO M 239 -38.62 -57.11 8.81
CA PRO M 239 -38.60 -58.43 8.17
C PRO M 239 -39.13 -58.38 6.74
N GLU M 240 -38.59 -59.26 5.88
CA GLU M 240 -39.04 -59.36 4.50
C GLU M 240 -40.38 -60.08 4.47
N TRP M 241 -41.43 -59.42 4.93
CA TRP M 241 -42.72 -60.07 5.16
C TRP M 241 -43.37 -60.65 3.92
N SER M 242 -43.14 -60.03 2.77
CA SER M 242 -43.68 -60.50 1.49
C SER M 242 -43.15 -61.88 1.11
N GLU M 243 -41.90 -62.14 1.48
CA GLU M 243 -41.27 -63.45 1.27
C GLU M 243 -41.48 -64.39 2.45
N GLU M 244 -42.10 -63.90 3.52
CA GLU M 244 -42.20 -64.69 4.75
C GLU M 244 -43.59 -65.27 5.00
N VAL M 245 -44.63 -64.60 4.52
CA VAL M 245 -46.03 -65.02 4.75
C VAL M 245 -46.31 -66.40 4.21
N LYS M 246 -45.73 -66.71 3.06
CA LYS M 246 -46.02 -67.95 2.36
C LYS M 246 -45.37 -69.19 3.01
N LYS M 247 -44.34 -68.96 3.83
CA LYS M 247 -43.67 -70.05 4.54
C LYS M 247 -44.56 -70.65 5.63
N GLU M 248 -44.19 -71.84 6.11
CA GLU M 248 -44.98 -72.54 7.12
C GLU M 248 -44.07 -73.04 8.25
N VAL M 249 -44.37 -72.61 9.48
CA VAL M 249 -43.61 -72.99 10.65
C VAL M 249 -44.35 -74.11 11.37
N LYS M 250 -43.65 -75.20 11.65
CA LYS M 250 -44.28 -76.35 12.26
C LYS M 250 -44.40 -76.32 13.77
N GLY M 251 -45.49 -76.91 14.25
CA GLY M 251 -45.75 -77.07 15.67
C GLY M 251 -45.96 -75.78 16.43
N LEU M 252 -46.69 -74.86 15.82
CA LEU M 252 -47.06 -73.61 16.49
C LEU M 252 -48.14 -73.87 17.53
N LYS M 253 -48.28 -72.95 18.48
CA LYS M 253 -49.20 -73.11 19.61
C LYS M 253 -50.13 -71.90 19.81
N ILE M 254 -51.39 -72.18 20.15
CA ILE M 254 -52.39 -71.14 20.27
C ILE M 254 -52.99 -71.16 21.68
N GLY M 255 -53.01 -69.99 22.30
CA GLY M 255 -53.51 -69.84 23.66
C GLY M 255 -54.91 -69.31 23.66
N LEU M 256 -55.77 -69.94 24.44
CA LEU M 256 -57.12 -69.45 24.63
C LEU M 256 -57.27 -68.97 26.05
N PRO M 257 -57.27 -67.66 26.25
CA PRO M 257 -57.32 -67.15 27.64
C PRO M 257 -58.60 -67.54 28.38
N LYS M 258 -58.42 -68.22 29.53
CA LYS M 258 -59.52 -68.68 30.40
C LYS M 258 -60.42 -67.55 30.86
N GLU M 259 -59.85 -66.36 31.03
CA GLU M 259 -60.59 -65.21 31.49
C GLU M 259 -61.55 -64.73 30.41
N PHE M 260 -61.28 -65.09 29.16
CA PHE M 260 -62.17 -64.68 28.06
C PHE M 260 -63.47 -65.48 28.00
N PHE M 261 -63.51 -66.66 28.64
CA PHE M 261 -64.71 -67.47 28.65
C PHE M 261 -65.81 -66.80 29.44
N GLU M 262 -65.42 -65.93 30.38
CA GLU M 262 -66.36 -65.16 31.17
C GLU M 262 -66.97 -63.95 30.44
N TYR M 263 -66.51 -63.69 29.22
CA TYR M 263 -66.97 -62.53 28.45
C TYR M 263 -68.24 -62.90 27.69
N GLU M 264 -69.26 -62.05 27.81
CA GLU M 264 -70.49 -62.23 27.05
C GLU M 264 -70.23 -62.14 25.54
N LEU M 265 -70.39 -63.26 24.85
CA LEU M 265 -70.31 -63.32 23.39
C LEU M 265 -71.67 -63.62 22.79
N GLN M 266 -71.97 -63.02 21.63
CA GLN M 266 -73.09 -63.48 20.82
C GLN M 266 -72.82 -64.91 20.35
N PRO M 267 -73.85 -65.79 20.42
CA PRO M 267 -73.73 -67.20 20.06
C PRO M 267 -73.20 -67.45 18.65
N GLN M 268 -73.57 -66.61 17.68
CA GLN M 268 -73.02 -66.65 16.32
C GLN M 268 -71.51 -66.45 16.31
N VAL M 269 -71.03 -65.49 17.11
CA VAL M 269 -69.60 -65.25 17.22
C VAL M 269 -68.91 -66.44 17.87
N LYS M 270 -69.45 -66.90 19.00
CA LYS M 270 -68.84 -68.04 19.70
C LYS M 270 -68.72 -69.24 18.76
N GLU M 271 -69.82 -69.55 18.06
CA GLU M 271 -69.91 -70.65 17.07
C GLU M 271 -68.83 -70.52 15.98
N ALA M 272 -68.74 -69.34 15.38
CA ALA M 272 -67.73 -69.03 14.36
C ALA M 272 -66.30 -69.19 14.87
N PHE M 273 -66.05 -68.73 16.11
CA PHE M 273 -64.71 -68.82 16.69
C PHE M 273 -64.32 -70.25 17.01
N GLU M 274 -65.25 -71.02 17.57
CA GLU M 274 -64.96 -72.43 17.88
C GLU M 274 -64.61 -73.23 16.65
N ASN M 275 -65.28 -72.92 15.53
CA ASN M 275 -64.99 -73.57 14.25
C ASN M 275 -63.62 -73.21 13.70
N PHE M 276 -63.26 -71.93 13.78
CA PHE M 276 -61.94 -71.42 13.38
C PHE M 276 -60.85 -72.19 14.11
N ILE M 277 -61.03 -72.38 15.41
CA ILE M 277 -60.08 -73.09 16.26
C ILE M 277 -60.03 -74.59 15.97
N LYS M 278 -61.19 -75.24 15.80
CA LYS M 278 -61.20 -76.65 15.44
C LYS M 278 -60.49 -76.87 14.11
N GLU M 279 -60.71 -75.96 13.16
CA GLU M 279 -60.14 -76.06 11.83
C GLU M 279 -58.62 -75.89 11.84
N LEU M 280 -58.15 -74.99 12.70
CA LEU M 280 -56.71 -74.80 12.95
C LEU M 280 -56.13 -76.00 13.66
N GLU M 281 -56.84 -76.53 14.66
CA GLU M 281 -56.44 -77.76 15.30
C GLU M 281 -56.18 -78.88 14.26
N LYS M 282 -57.11 -79.08 13.31
CA LYS M 282 -56.95 -80.09 12.26
C LYS M 282 -55.70 -79.91 11.43
N GLU M 283 -55.31 -78.65 11.17
CA GLU M 283 -54.11 -78.33 10.40
C GLU M 283 -52.82 -78.54 11.20
N GLY M 284 -52.94 -78.88 12.49
CA GLY M 284 -51.79 -79.25 13.29
C GLY M 284 -51.32 -78.26 14.33
N PHE M 285 -52.11 -77.22 14.58
CA PHE M 285 -51.83 -76.30 15.65
C PHE M 285 -52.19 -76.96 16.96
N GLU M 286 -51.30 -76.85 17.95
CA GLU M 286 -51.65 -77.26 19.31
C GLU M 286 -52.44 -76.15 20.01
N ILE M 287 -53.58 -76.51 20.59
CA ILE M 287 -54.47 -75.54 21.23
C ILE M 287 -54.41 -75.72 22.75
N LYS M 288 -54.09 -74.63 23.47
CA LYS M 288 -53.92 -74.65 24.93
C LYS M 288 -54.65 -73.51 25.58
N GLU M 289 -55.23 -73.76 26.77
CA GLU M 289 -55.77 -72.68 27.59
C GLU M 289 -54.62 -71.96 28.27
N VAL M 290 -54.68 -70.64 28.26
CA VAL M 290 -53.75 -69.81 29.01
C VAL M 290 -54.48 -68.98 30.06
N SER M 291 -53.71 -68.43 31.01
CA SER M 291 -54.23 -67.45 31.98
C SER M 291 -53.69 -66.05 31.69
N LEU M 292 -54.57 -65.07 31.81
CA LEU M 292 -54.17 -63.68 31.82
C LEU M 292 -54.97 -63.04 32.95
N PRO M 293 -54.50 -63.20 34.20
CA PRO M 293 -55.36 -62.89 35.34
C PRO M 293 -55.80 -61.44 35.44
N HIS M 294 -55.16 -60.55 34.70
CA HIS M 294 -55.49 -59.11 34.76
C HIS M 294 -56.27 -58.57 33.57
N VAL M 295 -56.43 -59.36 32.49
CA VAL M 295 -57.02 -58.80 31.27
C VAL M 295 -58.36 -58.15 31.44
N LYS M 296 -59.16 -58.66 32.38
CA LYS M 296 -60.50 -58.08 32.55
C LYS M 296 -60.41 -56.62 32.94
N TYR M 297 -59.24 -56.22 33.44
CA TYR M 297 -58.98 -54.84 33.84
C TYR M 297 -58.58 -53.93 32.67
N SER M 298 -58.43 -54.52 31.47
CA SER M 298 -58.02 -53.80 30.25
C SER M 298 -58.86 -52.59 29.87
N ILE M 299 -60.19 -52.72 29.98
CA ILE M 299 -61.12 -51.64 29.58
C ILE M 299 -61.03 -50.42 30.48
N PRO M 300 -61.17 -50.59 31.79
CA PRO M 300 -61.06 -49.49 32.74
C PRO M 300 -59.66 -48.86 32.73
N THR M 301 -58.64 -49.70 32.56
CA THR M 301 -57.29 -49.22 32.31
C THR M 301 -57.24 -48.32 31.07
N TYR M 302 -57.83 -48.80 29.98
CA TYR M 302 -57.73 -48.13 28.68
C TYR M 302 -58.48 -46.81 28.69
N TYR M 303 -59.62 -46.79 29.36
CA TYR M 303 -60.47 -45.61 29.39
C TYR M 303 -60.10 -44.62 30.49
N ILE M 304 -58.92 -44.83 31.06
CA ILE M 304 -58.24 -43.78 31.84
C ILE M 304 -57.01 -43.30 31.03
N ILE M 305 -56.18 -44.23 30.55
CA ILE M 305 -54.98 -43.84 29.79
C ILE M 305 -55.29 -43.07 28.50
N ALA M 306 -56.12 -43.64 27.64
CA ALA M 306 -56.52 -42.99 26.38
C ALA M 306 -57.11 -41.58 26.53
N PRO M 307 -58.22 -41.42 27.28
CA PRO M 307 -58.72 -40.06 27.57
C PRO M 307 -57.66 -39.06 28.10
N SER M 308 -56.76 -39.51 28.97
CA SER M 308 -55.76 -38.62 29.55
C SER M 308 -54.83 -38.08 28.49
N GLU M 309 -54.18 -39.00 27.76
CA GLU M 309 -53.26 -38.59 26.71
C GLU M 309 -54.01 -37.77 25.69
N ALA M 310 -55.25 -38.15 25.41
CA ALA M 310 -56.07 -37.42 24.45
C ALA M 310 -56.31 -35.97 24.88
N SER M 311 -56.49 -35.73 26.16
CA SER M 311 -56.82 -34.38 26.59
C SER M 311 -55.57 -33.54 26.44
N SER M 312 -54.42 -34.21 26.58
CA SER M 312 -53.14 -33.52 26.43
C SER M 312 -52.86 -33.25 24.98
N ASN M 313 -53.00 -34.28 24.14
CA ASN M 313 -52.70 -34.13 22.72
C ASN M 313 -53.69 -33.26 21.97
N LEU M 314 -54.87 -33.05 22.52
CA LEU M 314 -55.84 -32.19 21.85
C LEU M 314 -55.79 -30.74 22.34
N ALA M 315 -54.85 -30.42 23.21
CA ALA M 315 -54.77 -29.07 23.80
C ALA M 315 -54.33 -28.03 22.76
N ARG M 316 -53.77 -28.52 21.64
CA ARG M 316 -53.21 -27.67 20.61
C ARG M 316 -54.25 -27.10 19.64
N TYR M 317 -55.46 -27.64 19.66
CA TYR M 317 -56.54 -27.21 18.76
C TYR M 317 -57.24 -26.07 19.47
N ASP M 318 -56.90 -24.84 19.05
CA ASP M 318 -57.15 -23.65 19.87
C ASP M 318 -57.42 -22.34 19.12
N GLY M 319 -57.53 -22.41 17.80
CA GLY M 319 -57.85 -21.25 16.96
C GLY M 319 -56.70 -20.27 16.74
N VAL M 320 -55.51 -20.62 17.21
CA VAL M 320 -54.39 -19.71 17.08
C VAL M 320 -53.63 -19.93 15.78
N ARG M 321 -53.14 -21.13 15.53
CA ARG M 321 -52.16 -21.35 14.44
C ARG M 321 -52.76 -21.95 13.17
N TYR M 322 -53.90 -22.64 13.30
CA TYR M 322 -54.52 -23.34 12.20
C TYR M 322 -55.93 -23.71 12.58
N GLY M 323 -56.71 -24.17 11.60
CA GLY M 323 -58.02 -24.74 11.83
C GLY M 323 -59.13 -23.77 12.19
N TYR M 324 -60.18 -24.31 12.79
CA TYR M 324 -61.38 -23.55 13.15
C TYR M 324 -61.16 -22.51 14.23
N ARG M 325 -61.83 -21.38 14.06
CA ARG M 325 -61.92 -20.38 15.11
C ARG M 325 -63.33 -19.85 15.20
N ALA M 326 -63.91 -19.87 16.40
CA ALA M 326 -65.21 -19.27 16.68
C ALA M 326 -65.32 -17.85 16.10
N LYS M 327 -66.52 -17.47 15.68
CA LYS M 327 -66.77 -16.16 15.11
C LYS M 327 -66.91 -15.06 16.16
N GLU M 328 -67.59 -15.35 17.27
CA GLU M 328 -67.86 -14.34 18.32
C GLU M 328 -67.12 -14.60 19.63
N TYR M 329 -66.35 -13.61 20.09
CA TYR M 329 -65.61 -13.73 21.35
C TYR M 329 -65.14 -12.37 21.88
N LYS M 330 -65.15 -12.22 23.20
CA LYS M 330 -64.81 -10.95 23.87
C LYS M 330 -63.36 -10.87 24.31
N ASP M 331 -62.77 -12.03 24.62
CA ASP M 331 -61.36 -12.14 25.02
C ASP M 331 -60.77 -13.49 24.65
N ILE M 332 -59.45 -13.59 24.67
CA ILE M 332 -58.73 -14.81 24.26
C ILE M 332 -59.31 -16.06 24.94
N PHE M 333 -59.75 -15.93 26.18
CA PHE M 333 -60.36 -17.06 26.90
C PHE M 333 -61.61 -17.53 26.18
N GLU M 334 -62.50 -16.61 25.84
CA GLU M 334 -63.71 -16.96 25.11
C GLU M 334 -63.34 -17.51 23.73
N MET M 335 -62.34 -16.92 23.09
CA MET M 335 -61.89 -17.44 21.82
C MET M 335 -61.53 -18.89 21.96
N TYR M 336 -60.68 -19.19 22.96
CA TYR M 336 -60.22 -20.57 23.15
C TYR M 336 -61.42 -21.48 23.42
N ALA M 337 -62.20 -21.14 24.46
CA ALA M 337 -63.28 -21.98 24.97
C ALA M 337 -64.46 -22.19 24.02
N ARG M 338 -64.69 -21.22 23.15
CA ARG M 338 -65.76 -21.31 22.17
C ARG M 338 -65.33 -22.05 20.94
N THR M 339 -64.10 -21.81 20.50
CA THR M 339 -63.54 -22.50 19.35
C THR M 339 -63.64 -23.99 19.60
N ARG M 340 -63.26 -24.40 20.80
CA ARG M 340 -63.19 -25.80 21.16
C ARG M 340 -64.57 -26.41 21.44
N ASP M 341 -65.44 -25.71 22.16
CA ASP M 341 -66.77 -26.28 22.35
C ASP M 341 -67.50 -26.46 21.02
N GLU M 342 -67.29 -25.52 20.10
CA GLU M 342 -67.93 -25.56 18.77
C GLU M 342 -67.23 -26.50 17.79
N GLY M 343 -65.90 -26.63 17.92
CA GLY M 343 -65.11 -27.40 16.96
C GLY M 343 -65.00 -28.88 17.28
N PHE M 344 -65.08 -29.21 18.57
CA PHE M 344 -65.02 -30.61 19.04
C PHE M 344 -66.40 -31.26 19.11
N GLY M 345 -66.47 -32.52 18.69
CA GLY M 345 -67.67 -33.34 18.85
C GLY M 345 -67.86 -33.87 20.27
N PRO M 346 -69.00 -34.54 20.53
CA PRO M 346 -69.40 -34.92 21.87
C PRO M 346 -68.49 -35.96 22.54
N GLU M 347 -68.15 -37.04 21.82
CA GLU M 347 -67.26 -38.05 22.37
C GLU M 347 -65.89 -37.45 22.68
N VAL M 348 -65.41 -36.62 21.77
CA VAL M 348 -64.14 -35.92 21.97
C VAL M 348 -64.23 -35.05 23.22
N LYS M 349 -65.30 -34.25 23.35
CA LYS M 349 -65.41 -33.40 24.55
C LYS M 349 -65.48 -34.20 25.84
N ARG M 350 -66.15 -35.35 25.81
CA ARG M 350 -66.19 -36.28 26.95
C ARG M 350 -64.81 -36.80 27.40
N ARG M 351 -63.94 -37.11 26.45
CA ARG M 351 -62.63 -37.68 26.77
C ARG M 351 -61.68 -36.60 27.20
N ILE M 352 -61.85 -35.40 26.64
CA ILE M 352 -61.11 -34.26 27.12
C ILE M 352 -61.43 -33.99 28.57
N MET M 353 -62.72 -33.94 28.93
CA MET M 353 -63.14 -33.69 30.32
C MET M 353 -62.55 -34.75 31.25
N LEU M 354 -62.85 -36.02 30.94
CA LEU M 354 -62.30 -37.15 31.67
C LEU M 354 -60.77 -37.11 31.82
N GLY M 355 -60.09 -36.78 30.72
CA GLY M 355 -58.64 -36.75 30.70
C GLY M 355 -58.08 -35.71 31.64
N THR M 356 -58.62 -34.50 31.58
CA THR M 356 -58.11 -33.39 32.39
C THR M 356 -58.41 -33.60 33.87
N PHE M 357 -59.40 -34.45 34.16
CA PHE M 357 -59.63 -34.92 35.52
C PHE M 357 -58.57 -35.93 35.94
N ALA M 358 -58.41 -36.98 35.13
CA ALA M 358 -57.45 -38.05 35.44
C ALA M 358 -56.01 -37.57 35.64
N LEU M 359 -55.65 -36.43 35.04
CA LEU M 359 -54.32 -35.87 35.18
C LEU M 359 -54.22 -34.80 36.26
N SER M 360 -55.38 -34.36 36.75
CA SER M 360 -55.42 -33.34 37.78
C SER M 360 -54.74 -33.86 39.04
N ALA M 361 -53.96 -32.99 39.67
CA ALA M 361 -53.26 -33.32 40.88
C ALA M 361 -54.31 -33.60 41.97
N GLY M 362 -54.04 -34.59 42.79
CA GLY M 362 -55.06 -35.06 43.71
C GLY M 362 -55.77 -36.28 43.16
N TYR M 363 -55.80 -36.44 41.83
CA TYR M 363 -56.41 -37.60 41.20
C TYR M 363 -55.48 -38.40 40.28
N TYR M 364 -54.35 -37.79 39.90
CA TYR M 364 -53.34 -38.38 39.02
C TYR M 364 -52.88 -39.75 39.49
N ASP M 365 -52.55 -39.85 40.79
CA ASP M 365 -52.03 -41.07 41.42
C ASP M 365 -53.03 -42.23 41.36
N ALA M 366 -54.31 -41.94 41.59
CA ALA M 366 -55.32 -42.97 41.59
C ALA M 366 -55.93 -43.26 40.18
N TYR M 367 -55.72 -42.34 39.24
CA TYR M 367 -56.19 -42.57 37.90
C TYR M 367 -55.05 -42.90 36.92
N TYR M 368 -54.45 -41.90 36.27
CA TYR M 368 -53.41 -42.18 35.24
C TYR M 368 -52.24 -43.02 35.75
N LEU M 369 -51.64 -42.61 36.86
CA LEU M 369 -50.49 -43.33 37.37
C LEU M 369 -50.86 -44.79 37.66
N LYS M 370 -51.94 -44.98 38.41
CA LYS M 370 -52.41 -46.33 38.70
C LYS M 370 -52.63 -47.16 37.44
N ALA M 371 -53.27 -46.56 36.45
CA ALA M 371 -53.62 -47.23 35.22
C ALA M 371 -52.37 -47.69 34.47
N GLN M 372 -51.31 -46.89 34.53
CA GLN M 372 -50.07 -47.18 33.87
C GLN M 372 -49.37 -48.32 34.58
N LYS M 373 -49.68 -48.49 35.89
CA LYS M 373 -49.20 -49.66 36.63
C LYS M 373 -49.93 -50.94 36.30
N VAL M 374 -51.26 -50.88 36.36
CA VAL M 374 -52.09 -52.01 36.01
C VAL M 374 -51.81 -52.43 34.57
N ARG M 375 -51.37 -51.47 33.76
CA ARG M 375 -51.01 -51.69 32.37
C ARG M 375 -49.77 -52.58 32.26
N ARG M 376 -48.80 -52.44 33.19
CA ARG M 376 -47.64 -53.34 33.23
C ARG M 376 -47.98 -54.74 33.74
N LEU M 377 -48.93 -54.83 34.68
CA LEU M 377 -49.47 -56.10 35.13
C LEU M 377 -50.05 -56.84 33.95
N ILE M 378 -50.86 -56.15 33.14
CA ILE M 378 -51.50 -56.72 31.95
C ILE M 378 -50.44 -57.17 30.93
N THR M 379 -49.45 -56.33 30.71
CA THR M 379 -48.39 -56.64 29.76
C THR M 379 -47.71 -57.91 30.19
N ASN M 380 -47.43 -58.00 31.50
CA ASN M 380 -46.73 -59.13 32.09
C ASN M 380 -47.51 -60.45 31.97
N ASP M 381 -48.84 -60.41 32.15
CA ASP M 381 -49.68 -61.56 31.83
C ASP M 381 -49.30 -62.13 30.46
N PHE M 382 -49.23 -61.26 29.47
CA PHE M 382 -48.97 -61.68 28.10
C PHE M 382 -47.59 -62.31 27.95
N LEU M 383 -46.57 -61.66 28.47
CA LEU M 383 -45.20 -62.15 28.34
C LEU M 383 -45.02 -63.53 28.92
N LYS M 384 -45.73 -63.76 30.01
CA LYS M 384 -45.73 -65.02 30.74
C LYS M 384 -46.48 -66.10 29.95
N ALA M 385 -47.69 -65.78 29.49
CA ALA M 385 -48.46 -66.68 28.60
C ALA M 385 -47.69 -66.98 27.31
N PHE M 386 -46.89 -66.04 26.85
CA PHE M 386 -46.11 -66.23 25.62
C PHE M 386 -44.92 -67.15 25.79
N GLU M 387 -44.66 -67.55 27.04
CA GLU M 387 -43.62 -68.54 27.35
C GLU M 387 -44.09 -69.96 26.99
N GLU M 388 -45.41 -70.17 27.04
CA GLU M 388 -46.02 -71.47 26.75
C GLU M 388 -46.63 -71.56 25.33
N VAL M 389 -47.08 -70.45 24.77
CA VAL M 389 -47.77 -70.44 23.47
C VAL M 389 -47.18 -69.40 22.52
N ASP M 390 -47.58 -69.42 21.26
CA ASP M 390 -47.00 -68.51 20.25
C ASP M 390 -47.90 -67.34 19.88
N VAL M 391 -49.20 -67.58 19.82
CA VAL M 391 -50.16 -66.52 19.56
C VAL M 391 -51.32 -66.75 20.51
N ILE M 392 -52.07 -65.69 20.79
CA ILE M 392 -53.25 -65.81 21.62
C ILE M 392 -54.46 -65.47 20.75
N ALA M 393 -55.48 -66.33 20.77
CA ALA M 393 -56.58 -66.13 19.87
C ALA M 393 -57.87 -65.86 20.64
N SER M 394 -58.75 -65.07 20.02
CA SER M 394 -60.08 -64.80 20.54
C SER M 394 -60.92 -64.25 19.39
N PRO M 395 -62.25 -64.17 19.56
CA PRO M 395 -63.02 -63.31 18.65
C PRO M 395 -62.44 -61.89 18.68
N THR M 396 -62.57 -61.15 17.59
CA THR M 396 -62.06 -59.78 17.60
C THR M 396 -63.05 -58.91 18.36
N THR M 397 -64.32 -59.30 18.27
CA THR M 397 -65.46 -58.55 18.75
C THR M 397 -66.50 -59.49 19.38
N PRO M 398 -67.09 -59.09 20.50
CA PRO M 398 -68.13 -59.88 21.20
C PRO M 398 -69.46 -60.07 20.46
N THR M 399 -69.76 -59.18 19.50
CA THR M 399 -70.97 -59.24 18.69
C THR M 399 -70.71 -59.18 17.19
N LEU M 400 -71.76 -59.48 16.43
CA LEU M 400 -71.85 -59.11 15.01
C LEU M 400 -72.00 -57.59 14.91
N PRO M 401 -71.65 -56.99 13.74
CA PRO M 401 -71.90 -55.59 13.44
C PRO M 401 -73.27 -55.13 13.94
N PHE M 402 -73.28 -54.10 14.78
CA PHE M 402 -74.51 -53.56 15.36
C PHE M 402 -75.16 -52.45 14.53
N LYS M 403 -76.37 -52.03 14.93
CA LYS M 403 -77.10 -51.05 14.14
C LYS M 403 -76.76 -49.64 14.56
N PHE M 404 -76.94 -48.69 13.63
CA PHE M 404 -76.77 -47.28 13.93
C PHE M 404 -77.69 -46.88 15.09
N GLY M 405 -77.24 -45.94 15.91
CA GLY M 405 -77.99 -45.45 17.06
C GLY M 405 -78.04 -46.40 18.23
N GLU M 406 -77.55 -47.63 18.05
CA GLU M 406 -77.66 -48.66 19.10
C GLU M 406 -76.78 -48.38 20.31
N ARG M 407 -75.62 -47.75 20.08
CA ARG M 407 -74.65 -47.51 21.14
C ARG M 407 -74.31 -46.03 21.30
N LEU M 408 -75.27 -45.18 20.94
CA LEU M 408 -75.15 -43.73 21.10
C LEU M 408 -75.87 -43.24 22.32
N GLU M 409 -76.79 -44.07 22.84
CA GLU M 409 -77.58 -43.68 24.02
C GLU M 409 -76.66 -43.46 25.24
N ASN M 410 -76.10 -44.55 25.77
CA ASN M 410 -75.08 -44.47 26.79
C ASN M 410 -73.69 -44.61 26.13
N PRO M 411 -72.84 -43.58 26.27
CA PRO M 411 -71.46 -43.63 25.77
C PRO M 411 -70.73 -44.95 26.11
N ILE M 412 -70.98 -45.44 27.32
CA ILE M 412 -70.38 -46.67 27.83
C ILE M 412 -70.64 -47.89 26.93
N GLU M 413 -71.83 -47.94 26.33
CA GLU M 413 -72.19 -49.04 25.45
C GLU M 413 -71.26 -49.12 24.24
N MET M 414 -70.78 -47.97 23.75
CA MET M 414 -69.79 -47.93 22.68
C MET M 414 -68.44 -48.49 23.15
N TYR M 415 -68.01 -48.10 24.35
CA TYR M 415 -66.75 -48.58 24.92
C TYR M 415 -66.64 -50.11 24.98
N LEU M 416 -67.75 -50.75 25.34
CA LEU M 416 -67.82 -52.21 25.46
C LEU M 416 -67.55 -52.97 24.15
N SER M 417 -67.54 -52.26 23.02
CA SER M 417 -67.19 -52.82 21.73
C SER M 417 -65.73 -53.29 21.71
N ASP M 418 -64.93 -52.66 22.57
CA ASP M 418 -63.47 -52.76 22.60
C ASP M 418 -62.86 -53.81 23.53
N ILE M 419 -63.71 -54.51 24.29
CA ILE M 419 -63.26 -55.43 25.34
C ILE M 419 -62.23 -56.46 24.92
N LEU M 420 -62.24 -56.87 23.66
CA LEU M 420 -61.32 -57.91 23.20
C LEU M 420 -60.14 -57.34 22.46
N THR M 421 -60.22 -56.03 22.15
CA THR M 421 -59.20 -55.39 21.31
C THR M 421 -58.13 -54.59 22.04
N VAL M 422 -58.53 -53.94 23.14
CA VAL M 422 -57.64 -53.01 23.86
C VAL M 422 -56.47 -53.68 24.55
N PRO M 423 -56.62 -54.97 24.96
CA PRO M 423 -55.49 -55.54 25.66
C PRO M 423 -54.20 -55.54 24.78
N ALA M 424 -54.31 -55.69 23.47
CA ALA M 424 -53.09 -55.66 22.62
C ALA M 424 -52.41 -54.28 22.57
N ASN M 425 -53.20 -53.20 22.62
CA ASN M 425 -52.58 -51.88 22.62
C ASN M 425 -51.87 -51.57 23.93
N LEU M 426 -52.54 -51.94 25.03
CA LEU M 426 -51.99 -51.86 26.37
C LEU M 426 -50.63 -52.52 26.44
N ALA M 427 -50.54 -53.74 25.93
CA ALA M 427 -49.28 -54.47 26.01
C ALA M 427 -48.28 -54.12 24.90
N GLY M 428 -48.67 -53.22 23.99
CA GLY M 428 -47.84 -52.82 22.88
C GLY M 428 -47.59 -53.92 21.84
N LEU M 429 -48.45 -54.95 21.82
CA LEU M 429 -48.28 -56.14 21.01
C LEU M 429 -48.94 -55.97 19.65
N PRO M 430 -48.43 -56.71 18.63
CA PRO M 430 -49.10 -56.75 17.35
C PRO M 430 -50.36 -57.61 17.44
N ALA M 431 -51.36 -57.30 16.62
CA ALA M 431 -52.59 -58.09 16.61
C ALA M 431 -53.30 -57.94 15.27
N ILE M 432 -53.85 -59.05 14.80
CA ILE M 432 -54.53 -59.08 13.51
C ILE M 432 -55.98 -59.53 13.68
N SER M 433 -56.85 -58.97 12.86
CA SER M 433 -58.19 -59.50 12.73
C SER M 433 -58.40 -60.01 11.31
N ILE M 434 -58.84 -61.27 11.27
CA ILE M 434 -58.90 -62.14 10.12
C ILE M 434 -60.37 -62.58 10.00
N PRO M 435 -60.96 -62.54 8.78
CA PRO M 435 -62.35 -62.98 8.67
C PRO M 435 -62.48 -64.49 8.73
N ILE M 436 -63.34 -64.98 9.61
CA ILE M 436 -63.40 -66.41 9.93
C ILE M 436 -64.70 -67.11 9.54
N ALA M 437 -65.76 -66.30 9.37
CA ALA M 437 -67.06 -66.79 9.00
C ALA M 437 -68.01 -65.65 8.64
N TRP M 438 -69.14 -66.03 8.06
CA TRP M 438 -70.23 -65.10 7.78
C TRP M 438 -71.47 -65.69 8.43
N LYS M 439 -72.09 -64.90 9.29
CA LYS M 439 -73.13 -65.40 10.15
C LYS M 439 -74.28 -64.43 10.05
N ASP M 440 -75.43 -64.94 9.59
CA ASP M 440 -76.63 -64.10 9.42
C ASP M 440 -76.37 -62.95 8.45
N GLY M 441 -75.47 -63.20 7.49
CA GLY M 441 -75.12 -62.26 6.43
C GLY M 441 -73.97 -61.31 6.76
N LEU M 442 -73.46 -61.39 7.98
CA LEU M 442 -72.47 -60.45 8.50
C LEU M 442 -71.12 -61.09 8.79
N PRO M 443 -70.02 -60.38 8.48
CA PRO M 443 -68.67 -60.86 8.78
C PRO M 443 -68.39 -61.07 10.26
N VAL M 444 -67.55 -62.05 10.57
CA VAL M 444 -67.06 -62.28 11.93
C VAL M 444 -65.53 -62.38 11.80
N GLY M 445 -64.84 -61.67 12.68
CA GLY M 445 -63.38 -61.67 12.74
C GLY M 445 -62.82 -62.53 13.85
N GLY M 446 -61.75 -63.26 13.52
CA GLY M 446 -60.91 -63.96 14.49
C GLY M 446 -59.65 -63.15 14.70
N GLN M 447 -59.22 -63.06 15.96
CA GLN M 447 -58.07 -62.24 16.32
C GLN M 447 -56.94 -63.08 16.80
N LEU M 448 -55.76 -62.75 16.34
CA LEU M 448 -54.55 -63.35 16.88
C LEU M 448 -53.67 -62.24 17.38
N ILE M 449 -53.24 -62.37 18.64
CA ILE M 449 -52.27 -61.48 19.23
C ILE M 449 -50.93 -62.20 19.23
N GLY M 450 -49.90 -61.53 18.71
CA GLY M 450 -48.53 -62.09 18.67
C GLY M 450 -47.58 -61.43 19.66
N LYS M 451 -46.38 -61.98 19.74
CA LYS M 451 -45.32 -61.46 20.59
C LYS M 451 -44.81 -60.18 19.96
N HIS M 452 -44.20 -59.33 20.76
CA HIS M 452 -43.51 -58.15 20.26
C HIS M 452 -42.62 -58.53 19.07
N TRP M 453 -42.81 -57.83 17.96
CA TRP M 453 -41.99 -57.97 16.73
C TRP M 453 -42.33 -59.18 15.88
N ASP M 454 -43.33 -59.95 16.31
CA ASP M 454 -43.70 -61.17 15.59
C ASP M 454 -44.94 -61.03 14.71
N GLU M 455 -44.96 -60.00 13.89
CA GLU M 455 -45.98 -59.84 12.87
C GLU M 455 -45.94 -61.01 11.88
N THR M 456 -44.74 -61.53 11.62
CA THR M 456 -44.56 -62.63 10.67
C THR M 456 -45.53 -63.74 10.95
N THR M 457 -45.53 -64.22 12.18
CA THR M 457 -46.36 -65.35 12.55
C THR M 457 -47.83 -65.07 12.31
N LEU M 458 -48.29 -63.91 12.80
CA LEU M 458 -49.65 -63.45 12.61
C LEU M 458 -49.97 -63.46 11.14
N LEU M 459 -49.02 -63.03 10.33
CA LEU M 459 -49.25 -62.97 8.89
C LEU M 459 -49.32 -64.38 8.28
N GLN M 460 -48.42 -65.25 8.73
CA GLN M 460 -48.37 -66.58 8.21
C GLN M 460 -49.68 -67.32 8.48
N ILE M 461 -50.12 -67.30 9.73
CA ILE M 461 -51.41 -67.94 10.08
C ILE M 461 -52.56 -67.33 9.28
N SER M 462 -52.45 -66.05 8.98
CA SER M 462 -53.47 -65.39 8.19
C SER M 462 -53.45 -65.96 6.77
N TYR M 463 -52.25 -66.13 6.20
CA TYR M 463 -52.07 -66.71 4.88
C TYR M 463 -52.61 -68.14 4.80
N LEU M 464 -52.40 -68.92 5.86
CA LEU M 464 -52.88 -70.28 5.90
C LEU M 464 -54.39 -70.31 5.97
N TRP M 465 -54.95 -69.42 6.78
CA TRP M 465 -56.39 -69.43 6.98
C TRP M 465 -57.11 -69.08 5.69
N GLU M 466 -56.56 -68.18 4.88
CA GLU M 466 -57.27 -67.71 3.67
C GLU M 466 -57.33 -68.77 2.59
N GLN M 467 -56.34 -69.67 2.58
CA GLN M 467 -56.30 -70.85 1.72
C GLN M 467 -57.45 -71.78 2.05
N LYS M 468 -57.71 -71.98 3.34
CA LYS M 468 -58.83 -72.78 3.80
C LYS M 468 -60.15 -72.08 3.56
N PHE M 469 -60.18 -70.79 3.89
CA PHE M 469 -61.41 -70.01 3.83
C PHE M 469 -61.15 -68.74 3.04
N LYS M 470 -61.55 -68.77 1.78
CA LYS M 470 -61.25 -67.70 0.82
C LYS M 470 -62.21 -66.51 0.94
N HIS M 471 -62.02 -65.74 2.00
CA HIS M 471 -62.92 -64.63 2.34
C HIS M 471 -62.79 -63.48 1.35
N TYR M 472 -61.71 -63.49 0.57
CA TYR M 472 -61.43 -62.43 -0.39
C TYR M 472 -62.35 -62.47 -1.60
N GLU M 473 -63.07 -63.59 -1.74
CA GLU M 473 -64.02 -63.79 -2.83
C GLU M 473 -65.39 -63.25 -2.47
N LYS M 474 -65.65 -63.06 -1.18
CA LYS M 474 -66.92 -62.51 -0.72
C LYS M 474 -66.94 -60.99 -0.95
N ILE M 475 -67.59 -60.55 -2.04
CA ILE M 475 -67.64 -59.13 -2.40
C ILE M 475 -69.05 -58.56 -2.23
N PRO M 476 -69.20 -57.54 -1.36
CA PRO M 476 -70.53 -56.98 -1.13
C PRO M 476 -70.91 -56.01 -2.25
N LEU M 477 -72.17 -55.61 -2.27
CA LEU M 477 -72.71 -54.69 -3.29
C LEU M 477 -72.36 -55.10 -4.73
N THR M 478 -72.52 -56.40 -5.00
CA THR M 478 -72.38 -57.04 -6.34
C THR M 478 -71.01 -56.85 -6.98
N GLU N 3 -31.52 -3.75 62.43
CA GLU N 3 -32.89 -4.10 61.96
C GLU N 3 -33.46 -5.40 62.58
N LYS N 4 -34.77 -5.36 62.87
CA LYS N 4 -35.52 -6.46 63.48
C LYS N 4 -35.69 -7.66 62.55
N TYR N 5 -35.80 -7.39 61.25
CA TYR N 5 -36.19 -8.40 60.26
C TYR N 5 -35.04 -8.99 59.44
N GLU N 6 -35.41 -9.94 58.58
CA GLU N 6 -34.49 -10.70 57.75
C GLU N 6 -35.20 -10.97 56.44
N ALA N 7 -34.53 -10.74 55.32
CA ALA N 7 -35.14 -11.10 54.04
C ALA N 7 -34.74 -12.52 53.64
N VAL N 8 -35.72 -13.26 53.15
CA VAL N 8 -35.49 -14.60 52.61
C VAL N 8 -35.81 -14.55 51.10
N ILE N 9 -34.81 -14.85 50.28
CA ILE N 9 -34.93 -14.71 48.82
C ILE N 9 -34.53 -15.99 48.09
N GLY N 10 -35.41 -16.41 47.19
CA GLY N 10 -35.15 -17.51 46.28
C GLY N 10 -35.38 -17.07 44.85
N LEU N 11 -34.60 -17.63 43.92
CA LEU N 11 -34.72 -17.27 42.50
C LEU N 11 -34.99 -18.46 41.59
N GLU N 12 -35.71 -18.18 40.50
CA GLU N 12 -35.99 -19.15 39.47
C GLU N 12 -35.44 -18.62 38.16
N ILE N 13 -34.34 -19.22 37.70
CA ILE N 13 -33.60 -18.72 36.54
C ILE N 13 -33.83 -19.61 35.32
N HIS N 14 -34.18 -19.01 34.19
CA HIS N 14 -34.23 -19.76 32.96
C HIS N 14 -33.04 -19.36 32.08
N VAL N 15 -32.21 -20.34 31.74
CA VAL N 15 -30.96 -20.07 30.99
C VAL N 15 -31.05 -20.69 29.60
N GLN N 16 -30.94 -19.84 28.58
CA GLN N 16 -30.98 -20.29 27.21
C GLN N 16 -29.66 -20.97 26.83
N MET N 17 -29.72 -22.17 26.27
CA MET N 17 -28.51 -22.88 25.90
C MET N 17 -28.00 -22.46 24.54
N ASP N 18 -26.69 -22.25 24.46
CA ASP N 18 -26.04 -21.88 23.20
C ASP N 18 -25.90 -23.06 22.26
N THR N 19 -27.02 -23.67 21.90
CA THR N 19 -27.02 -24.70 20.87
C THR N 19 -27.29 -24.06 19.50
N LYS N 20 -26.97 -24.79 18.43
CA LYS N 20 -27.30 -24.34 17.07
C LYS N 20 -28.80 -24.51 16.79
N THR N 21 -29.36 -25.54 17.40
CA THR N 21 -30.64 -26.12 17.02
C THR N 21 -31.59 -26.11 18.23
N LYS N 22 -32.89 -26.17 18.01
CA LYS N 22 -33.85 -26.17 19.13
C LYS N 22 -33.81 -27.47 19.93
N MET N 23 -34.60 -27.52 21.01
CA MET N 23 -34.58 -28.65 21.91
C MET N 23 -35.19 -29.96 21.35
N PHE N 24 -36.20 -29.81 20.50
CA PHE N 24 -36.99 -30.96 20.07
C PHE N 24 -37.18 -31.04 18.55
N CYS N 25 -36.54 -30.11 17.85
CA CYS N 25 -36.47 -30.12 16.39
C CYS N 25 -35.17 -29.50 15.90
N GLY N 26 -34.95 -29.57 14.60
CA GLY N 26 -33.68 -29.12 14.01
C GLY N 26 -33.68 -27.68 13.53
N CYS N 27 -34.68 -26.89 13.92
CA CYS N 27 -34.73 -25.48 13.55
C CYS N 27 -33.61 -24.73 14.27
N LYS N 28 -33.12 -23.68 13.61
CA LYS N 28 -32.05 -22.87 14.14
C LYS N 28 -32.49 -22.05 15.34
N VAL N 29 -31.61 -21.99 16.34
CA VAL N 29 -31.71 -21.02 17.41
C VAL N 29 -30.88 -19.82 16.96
N GLU N 30 -31.51 -18.68 16.77
CA GLU N 30 -30.80 -17.44 16.44
C GLU N 30 -31.60 -16.20 16.78
N PHE N 31 -30.88 -15.14 17.15
CA PHE N 31 -31.52 -13.90 17.61
C PHE N 31 -31.85 -12.97 16.45
N GLY N 32 -33.02 -12.33 16.53
CA GLY N 32 -33.49 -11.36 15.54
C GLY N 32 -33.72 -11.84 14.10
N ALA N 33 -34.18 -13.07 13.91
CA ALA N 33 -34.61 -13.49 12.57
C ALA N 33 -35.99 -12.90 12.23
N GLU N 34 -36.40 -13.03 10.97
CA GLU N 34 -37.76 -12.65 10.56
C GLU N 34 -38.82 -13.56 11.21
N PRO N 35 -39.92 -12.96 11.69
CA PRO N 35 -40.92 -13.70 12.45
C PRO N 35 -41.37 -14.99 11.76
N ASN N 36 -41.43 -16.07 12.55
CA ASN N 36 -41.88 -17.37 12.08
C ASN N 36 -41.10 -17.89 10.85
N THR N 37 -39.78 -17.74 10.85
CA THR N 37 -38.98 -18.38 9.79
C THR N 37 -38.19 -19.61 10.23
N ASN N 38 -37.71 -19.60 11.48
CA ASN N 38 -37.03 -20.76 12.08
C ASN N 38 -38.01 -21.71 12.76
N VAL N 39 -38.84 -22.34 11.94
CA VAL N 39 -40.10 -22.88 12.38
C VAL N 39 -40.39 -24.15 11.58
N CYS N 40 -41.16 -25.09 12.16
CA CYS N 40 -41.44 -26.39 11.54
C CYS N 40 -42.64 -27.03 12.24
N PRO N 41 -43.16 -28.15 11.68
CA PRO N 41 -44.34 -28.75 12.31
C PRO N 41 -44.17 -29.13 13.79
N VAL N 42 -42.95 -29.49 14.18
CA VAL N 42 -42.70 -29.87 15.58
C VAL N 42 -42.84 -28.62 16.46
N CYS N 43 -41.94 -27.66 16.24
CA CYS N 43 -41.93 -26.49 17.09
C CYS N 43 -43.18 -25.62 16.93
N LEU N 44 -44.00 -25.86 15.91
CA LEU N 44 -45.23 -25.08 15.69
C LEU N 44 -46.48 -25.73 16.29
N GLY N 45 -46.29 -26.89 16.91
CA GLY N 45 -47.37 -27.61 17.53
C GLY N 45 -48.38 -28.02 16.48
N MET N 46 -47.88 -28.50 15.35
CA MET N 46 -48.76 -28.96 14.32
C MET N 46 -49.24 -30.37 14.60
N PRO N 47 -50.41 -30.74 14.03
CA PRO N 47 -50.94 -32.07 14.33
C PRO N 47 -50.00 -33.10 13.70
N GLY N 48 -49.71 -34.18 14.43
CA GLY N 48 -48.90 -35.28 13.90
C GLY N 48 -47.41 -35.17 14.13
N ALA N 49 -46.96 -34.01 14.60
CA ALA N 49 -45.57 -33.68 14.74
C ALA N 49 -44.95 -34.12 16.08
N LEU N 50 -43.75 -34.73 16.05
CA LEU N 50 -43.18 -35.37 17.24
C LEU N 50 -41.82 -34.78 17.65
N PRO N 51 -41.55 -34.68 18.98
CA PRO N 51 -40.28 -34.18 19.52
C PRO N 51 -39.12 -35.16 19.47
N ILE N 52 -37.94 -34.65 19.13
CA ILE N 52 -36.71 -35.42 19.15
C ILE N 52 -35.65 -34.64 19.94
N VAL N 53 -35.19 -35.26 21.03
CA VAL N 53 -34.25 -34.66 21.95
C VAL N 53 -32.92 -34.28 21.31
N ASN N 54 -32.51 -33.04 21.58
CA ASN N 54 -31.23 -32.47 21.18
C ASN N 54 -30.06 -32.97 22.07
N LYS N 55 -29.12 -33.71 21.49
CA LYS N 55 -28.01 -34.31 22.25
C LYS N 55 -27.11 -33.27 22.93
N ARG N 56 -26.77 -32.22 22.19
CA ARG N 56 -25.89 -31.17 22.74
C ARG N 56 -26.61 -30.38 23.85
N ALA N 57 -27.92 -30.17 23.71
CA ALA N 57 -28.70 -29.60 24.81
C ALA N 57 -28.57 -30.47 26.06
N VAL N 58 -28.68 -31.78 25.90
CA VAL N 58 -28.43 -32.69 27.04
C VAL N 58 -27.00 -32.56 27.60
N GLU N 59 -26.01 -32.54 26.69
CA GLU N 59 -24.63 -32.46 27.09
C GLU N 59 -24.38 -31.20 27.89
N TYR N 60 -24.86 -30.09 27.36
CA TYR N 60 -24.68 -28.78 27.99
C TYR N 60 -25.31 -28.68 29.38
N ALA N 61 -26.50 -29.25 29.53
CA ALA N 61 -27.23 -29.21 30.81
C ALA N 61 -26.55 -30.09 31.86
N ILE N 62 -25.90 -31.16 31.42
CA ILE N 62 -25.12 -32.00 32.34
C ILE N 62 -23.92 -31.19 32.80
N ARG N 63 -23.22 -30.59 31.85
CA ARG N 63 -22.04 -29.78 32.11
C ARG N 63 -22.40 -28.68 33.11
N ALA N 64 -23.49 -27.97 32.86
CA ALA N 64 -23.90 -26.89 33.73
C ALA N 64 -24.25 -27.41 35.14
N SER N 65 -24.89 -28.59 35.20
CA SER N 65 -25.28 -29.20 36.47
C SER N 65 -24.09 -29.49 37.36
N LEU N 66 -23.03 -30.00 36.72
CA LEU N 66 -21.79 -30.35 37.39
C LEU N 66 -21.03 -29.10 37.81
N ALA N 67 -21.01 -28.08 36.94
CA ALA N 67 -20.40 -26.82 37.27
C ALA N 67 -21.14 -26.17 38.45
N LEU N 68 -22.42 -26.49 38.62
CA LEU N 68 -23.17 -25.98 39.79
C LEU N 68 -23.16 -27.00 40.95
N ASN N 69 -22.30 -28.01 40.83
CA ASN N 69 -22.01 -28.95 41.89
C ASN N 69 -23.21 -29.85 42.25
N CYS N 70 -24.06 -30.09 41.26
CA CYS N 70 -25.26 -30.91 41.44
C CYS N 70 -24.96 -32.40 41.30
N GLU N 71 -25.84 -33.20 41.91
CA GLU N 71 -25.93 -34.60 41.57
C GLU N 71 -26.72 -34.74 40.27
N VAL N 72 -26.06 -35.28 39.25
CA VAL N 72 -26.69 -35.58 37.98
C VAL N 72 -27.38 -36.93 38.08
N HIS N 73 -28.67 -36.98 37.78
CA HIS N 73 -29.42 -38.23 37.87
C HIS N 73 -29.41 -39.02 36.58
N GLU N 74 -29.02 -40.28 36.68
CA GLU N 74 -28.79 -41.13 35.51
C GLU N 74 -30.08 -41.27 34.72
N GLU N 75 -31.21 -41.17 35.41
CA GLU N 75 -32.45 -41.22 34.71
C GLU N 75 -33.34 -40.06 35.12
N SER N 76 -33.89 -39.35 34.12
CA SER N 76 -34.84 -38.25 34.33
C SER N 76 -35.88 -38.30 33.21
N VAL N 77 -36.99 -37.61 33.43
CA VAL N 77 -38.15 -37.80 32.57
C VAL N 77 -38.70 -36.47 32.11
N PHE N 78 -38.93 -36.34 30.80
CA PHE N 78 -39.63 -35.17 30.28
C PHE N 78 -41.13 -35.27 30.58
N ALA N 79 -41.68 -34.20 31.12
CA ALA N 79 -43.11 -34.17 31.54
C ALA N 79 -43.83 -33.07 30.79
N ARG N 80 -45.11 -33.23 30.55
CA ARG N 80 -45.86 -32.17 29.90
C ARG N 80 -46.48 -31.23 30.92
N LYS N 81 -46.25 -29.94 30.73
CA LYS N 81 -46.78 -28.90 31.60
C LYS N 81 -47.83 -28.11 30.83
N HIS N 82 -49.09 -28.30 31.21
CA HIS N 82 -50.20 -27.80 30.41
C HIS N 82 -50.63 -26.42 30.80
N TYR N 83 -50.82 -25.55 29.80
CA TYR N 83 -51.59 -24.30 29.95
C TYR N 83 -51.87 -23.68 28.58
N PHE N 84 -52.91 -22.86 28.52
CA PHE N 84 -53.30 -22.23 27.27
C PHE N 84 -52.77 -20.81 27.22
N TYR N 85 -51.92 -20.52 26.23
CA TYR N 85 -51.40 -19.20 25.98
C TYR N 85 -50.86 -19.12 24.54
N PRO N 86 -51.18 -18.01 23.82
CA PRO N 86 -50.87 -17.85 22.39
C PRO N 86 -49.42 -18.10 21.97
N ASP N 87 -48.47 -17.86 22.87
CA ASP N 87 -47.05 -18.17 22.60
C ASP N 87 -46.63 -19.62 22.90
N LEU N 88 -47.58 -20.49 23.25
CA LEU N 88 -47.31 -21.87 23.62
C LEU N 88 -48.11 -22.79 22.71
N PRO N 89 -47.48 -23.18 21.57
CA PRO N 89 -48.16 -23.86 20.47
C PRO N 89 -48.90 -25.17 20.81
N LYS N 90 -48.46 -25.93 21.80
CA LYS N 90 -49.00 -27.30 21.94
C LYS N 90 -50.06 -27.39 23.01
N GLY N 91 -50.19 -26.31 23.78
CA GLY N 91 -51.04 -26.30 24.95
C GLY N 91 -50.32 -26.96 26.09
N TYR N 92 -49.03 -27.27 25.87
CA TYR N 92 -48.15 -27.70 26.96
C TYR N 92 -46.71 -27.34 26.68
N GLN N 93 -45.93 -27.25 27.75
CA GLN N 93 -44.51 -27.10 27.68
C GLN N 93 -43.89 -28.42 28.08
N ILE N 94 -42.92 -28.89 27.31
CA ILE N 94 -42.16 -30.06 27.70
C ILE N 94 -41.02 -29.60 28.60
N SER N 95 -41.06 -30.04 29.86
CA SER N 95 -39.99 -29.82 30.82
C SER N 95 -39.74 -31.09 31.61
N GLN N 96 -39.26 -30.92 32.83
CA GLN N 96 -39.17 -32.01 33.78
C GLN N 96 -39.86 -31.58 35.08
N TYR N 97 -40.30 -32.56 35.85
CA TYR N 97 -41.10 -32.31 37.06
C TYR N 97 -40.53 -33.05 38.27
N GLU N 98 -41.21 -34.10 38.75
CA GLU N 98 -40.50 -35.06 39.59
C GLU N 98 -39.52 -35.70 38.60
N LYS N 99 -38.39 -36.22 39.03
CA LYS N 99 -37.36 -36.71 38.07
C LYS N 99 -36.70 -35.63 37.18
N PRO N 100 -36.11 -34.56 37.79
CA PRO N 100 -35.34 -33.60 37.01
C PRO N 100 -33.91 -34.10 36.80
N LEU N 101 -33.19 -33.48 35.87
CA LEU N 101 -31.82 -33.88 35.55
C LEU N 101 -30.83 -33.84 36.74
N ALA N 102 -30.82 -32.75 37.47
CA ALA N 102 -29.87 -32.54 38.53
C ALA N 102 -30.48 -31.85 39.75
N THR N 103 -29.84 -32.03 40.89
CA THR N 103 -30.42 -31.74 42.18
C THR N 103 -29.26 -31.51 43.20
N ASN N 104 -29.55 -30.84 44.31
CA ASN N 104 -28.58 -30.67 45.40
C ASN N 104 -27.21 -30.16 44.95
N GLY N 105 -27.19 -28.96 44.39
CA GLY N 105 -25.96 -28.27 44.05
C GLY N 105 -25.81 -26.99 44.86
N TRP N 106 -24.78 -26.21 44.54
CA TRP N 106 -24.49 -24.99 45.25
C TRP N 106 -23.64 -24.02 44.44
N VAL N 107 -23.82 -22.74 44.73
CA VAL N 107 -22.94 -21.70 44.18
C VAL N 107 -22.32 -20.93 45.34
N GLU N 108 -21.02 -20.62 45.21
CA GLU N 108 -20.31 -19.82 46.21
C GLU N 108 -20.24 -18.36 45.80
N LEU N 109 -20.78 -17.51 46.67
CA LEU N 109 -20.71 -16.06 46.53
C LEU N 109 -19.54 -15.45 47.34
N ASN N 110 -18.77 -14.57 46.70
CA ASN N 110 -17.76 -13.78 47.44
C ASN N 110 -18.38 -12.43 47.75
N LEU N 111 -18.47 -12.13 49.05
CA LEU N 111 -19.10 -10.91 49.51
C LEU N 111 -18.08 -9.78 49.62
N PRO N 112 -18.56 -8.52 49.56
CA PRO N 112 -17.68 -7.34 49.66
C PRO N 112 -16.84 -7.38 50.94
N ASN N 113 -17.49 -7.61 52.09
CA ASN N 113 -16.81 -7.75 53.39
C ASN N 113 -15.66 -8.77 53.42
N GLY N 114 -15.55 -9.56 52.35
CA GLY N 114 -14.50 -10.58 52.21
C GLY N 114 -14.94 -12.00 52.52
N GLU N 115 -16.15 -12.14 53.04
CA GLU N 115 -16.68 -13.46 53.41
C GLU N 115 -17.31 -14.19 52.24
N LYS N 116 -17.28 -15.50 52.33
CA LYS N 116 -17.79 -16.38 51.30
C LYS N 116 -19.05 -17.08 51.83
N LYS N 117 -20.09 -17.09 50.99
CA LYS N 117 -21.41 -17.64 51.36
C LYS N 117 -21.88 -18.63 50.31
N LYS N 118 -22.69 -19.59 50.71
CA LYS N 118 -23.27 -20.54 49.75
C LYS N 118 -24.75 -20.37 49.51
N VAL N 119 -25.12 -20.46 48.24
CA VAL N 119 -26.51 -20.50 47.80
C VAL N 119 -26.74 -21.86 47.13
N ARG N 120 -27.70 -22.60 47.66
CA ARG N 120 -27.96 -23.94 47.15
C ARG N 120 -28.76 -23.91 45.86
N ILE N 121 -28.45 -24.84 44.96
CA ILE N 121 -29.31 -25.09 43.83
C ILE N 121 -30.24 -26.28 44.17
N ARG N 122 -31.53 -25.99 44.17
CA ARG N 122 -32.56 -26.99 44.46
C ARG N 122 -32.63 -27.96 43.29
N ARG N 123 -32.65 -27.41 42.06
CA ARG N 123 -32.75 -28.24 40.88
C ARG N 123 -32.26 -27.59 39.60
N LEU N 124 -31.90 -28.41 38.64
CA LEU N 124 -31.68 -27.98 37.28
C LEU N 124 -32.42 -28.96 36.41
N HIS N 125 -33.34 -28.47 35.61
CA HIS N 125 -34.00 -29.31 34.63
C HIS N 125 -33.98 -28.73 33.22
N ILE N 126 -34.12 -29.62 32.24
CA ILE N 126 -34.21 -29.25 30.83
C ILE N 126 -35.65 -29.00 30.41
N GLU N 127 -35.83 -28.01 29.56
CA GLU N 127 -37.15 -27.67 29.05
C GLU N 127 -37.03 -26.74 27.85
N GLU N 128 -38.12 -26.59 27.13
CA GLU N 128 -38.14 -25.84 25.91
C GLU N 128 -38.82 -24.51 26.18
N ASP N 129 -38.46 -23.50 25.42
CA ASP N 129 -39.03 -22.17 25.57
C ASP N 129 -40.33 -22.05 24.80
N ALA N 130 -41.13 -21.06 25.19
CA ALA N 130 -42.29 -20.60 24.43
C ALA N 130 -41.88 -19.57 23.36
N GLY N 131 -42.79 -19.19 22.49
CA GLY N 131 -42.55 -18.09 21.55
C GLY N 131 -42.68 -16.71 22.22
N LYS N 132 -42.74 -15.66 21.39
CA LYS N 132 -42.88 -14.27 21.88
C LYS N 132 -44.06 -13.54 21.27
N ASN N 133 -44.76 -12.81 22.12
CA ASN N 133 -45.89 -11.99 21.74
C ASN N 133 -45.50 -10.52 21.59
N ILE N 134 -46.03 -9.88 20.55
CA ILE N 134 -46.03 -8.42 20.41
C ILE N 134 -47.48 -7.92 20.40
N HIS N 135 -47.75 -6.87 21.16
CA HIS N 135 -49.09 -6.27 21.17
C HIS N 135 -49.16 -5.05 20.24
N GLU N 136 -50.21 -5.01 19.44
CA GLU N 136 -50.39 -3.98 18.44
C GLU N 136 -51.87 -3.72 18.32
N GLY N 137 -52.33 -2.62 18.90
CA GLY N 137 -53.75 -2.28 18.86
C GLY N 137 -54.54 -3.25 19.73
N ASP N 138 -55.65 -3.76 19.21
CA ASP N 138 -56.47 -4.73 19.94
C ASP N 138 -56.11 -6.19 19.61
N LYS N 139 -54.93 -6.38 19.04
CA LYS N 139 -54.46 -7.69 18.65
C LYS N 139 -53.09 -8.04 19.27
N THR N 140 -52.81 -9.34 19.46
CA THR N 140 -51.46 -9.82 19.81
C THR N 140 -50.86 -10.54 18.59
N LEU N 141 -49.61 -10.22 18.30
CA LEU N 141 -48.89 -10.81 17.18
C LEU N 141 -47.88 -11.82 17.71
N VAL N 142 -48.00 -13.06 17.26
CA VAL N 142 -47.20 -14.18 17.81
C VAL N 142 -46.09 -14.62 16.84
N ASP N 143 -44.85 -14.51 17.30
CA ASP N 143 -43.69 -15.07 16.59
C ASP N 143 -43.23 -16.30 17.36
N LEU N 144 -43.27 -17.46 16.70
CA LEU N 144 -42.86 -18.70 17.35
C LEU N 144 -41.45 -19.14 16.98
N ASN N 145 -40.60 -18.21 16.57
CA ASN N 145 -39.17 -18.55 16.31
C ASN N 145 -38.46 -19.10 17.53
N ARG N 146 -38.88 -18.65 18.71
CA ARG N 146 -38.21 -19.02 19.95
C ARG N 146 -38.85 -20.25 20.64
N ALA N 147 -40.10 -20.57 20.27
CA ALA N 147 -40.76 -21.79 20.73
C ALA N 147 -39.85 -22.98 20.50
N GLY N 148 -39.59 -23.73 21.58
CA GLY N 148 -38.76 -24.93 21.54
C GLY N 148 -37.28 -24.73 21.75
N THR N 149 -36.85 -23.48 21.93
CA THR N 149 -35.44 -23.22 22.24
C THR N 149 -35.16 -23.85 23.62
N PRO N 150 -33.99 -24.49 23.78
CA PRO N 150 -33.68 -25.23 24.99
C PRO N 150 -33.34 -24.31 26.16
N LEU N 151 -33.84 -24.68 27.32
CA LEU N 151 -33.66 -23.88 28.51
C LEU N 151 -33.25 -24.76 29.63
N MET N 152 -32.38 -24.24 30.48
CA MET N 152 -32.10 -24.84 31.78
C MET N 152 -32.95 -24.07 32.77
N GLU N 153 -33.88 -24.71 33.45
CA GLU N 153 -34.52 -23.99 34.52
C GLU N 153 -33.74 -24.28 35.79
N ILE N 154 -33.21 -23.24 36.43
CA ILE N 154 -32.41 -23.37 37.66
C ILE N 154 -33.17 -22.75 38.85
N VAL N 155 -33.44 -23.55 39.87
CA VAL N 155 -34.18 -23.07 41.04
C VAL N 155 -33.25 -23.08 42.23
N THR N 156 -33.19 -21.95 42.94
CA THR N 156 -32.37 -21.81 44.13
C THR N 156 -33.18 -22.19 45.37
N GLU N 157 -32.51 -22.59 46.46
CA GLU N 157 -33.16 -22.59 47.78
C GLU N 157 -33.26 -21.14 48.33
N PRO N 158 -34.21 -20.87 49.25
CA PRO N 158 -34.33 -19.49 49.73
C PRO N 158 -33.17 -19.09 50.66
N ASP N 159 -31.97 -19.14 50.09
CA ASP N 159 -30.72 -19.00 50.84
C ASP N 159 -30.19 -17.56 50.79
N ILE N 160 -30.71 -16.78 49.86
CA ILE N 160 -30.24 -15.42 49.63
C ILE N 160 -30.90 -14.50 50.66
N ARG N 161 -30.12 -13.54 51.16
CA ARG N 161 -30.52 -12.69 52.29
C ARG N 161 -30.60 -11.19 51.98
N THR N 162 -30.07 -10.79 50.83
CA THR N 162 -29.80 -9.39 50.54
C THR N 162 -29.98 -9.11 49.04
N PRO N 163 -30.53 -7.93 48.70
CA PRO N 163 -30.58 -7.52 47.29
C PRO N 163 -29.23 -7.65 46.60
N GLU N 164 -28.16 -7.23 47.26
CA GLU N 164 -26.84 -7.28 46.66
C GLU N 164 -26.43 -8.74 46.41
N GLU N 165 -26.70 -9.60 47.40
CA GLU N 165 -26.46 -11.04 47.29
C GLU N 165 -27.18 -11.64 46.10
N ALA N 166 -28.41 -11.20 45.87
CA ALA N 166 -29.19 -11.68 44.73
C ALA N 166 -28.52 -11.34 43.40
N ARG N 167 -28.02 -10.11 43.25
CA ARG N 167 -27.30 -9.69 42.05
C ARG N 167 -25.98 -10.44 41.94
N LEU N 168 -25.22 -10.49 43.02
CA LEU N 168 -23.97 -11.24 43.04
C LEU N 168 -24.17 -12.71 42.65
N PHE N 169 -25.24 -13.31 43.15
CA PHE N 169 -25.61 -14.66 42.73
C PHE N 169 -25.79 -14.73 41.22
N LEU N 170 -26.65 -13.85 40.72
CA LEU N 170 -26.90 -13.77 39.29
C LEU N 170 -25.64 -13.57 38.44
N GLU N 171 -24.73 -12.73 38.91
CA GLU N 171 -23.48 -12.47 38.20
C GLU N 171 -22.55 -13.68 38.17
N LYS N 172 -22.49 -14.40 39.28
CA LYS N 172 -21.67 -15.61 39.38
C LYS N 172 -22.27 -16.74 38.55
N LEU N 173 -23.59 -16.92 38.64
CA LEU N 173 -24.27 -17.89 37.75
C LEU N 173 -23.97 -17.59 36.29
N ARG N 174 -24.08 -16.32 35.91
CA ARG N 174 -23.76 -15.91 34.53
C ARG N 174 -22.34 -16.29 34.11
N ASN N 175 -21.38 -15.99 34.98
CA ASN N 175 -19.99 -16.24 34.73
C ASN N 175 -19.65 -17.72 34.65
N ILE N 176 -20.20 -18.52 35.57
CA ILE N 176 -20.09 -19.98 35.49
C ILE N 176 -20.61 -20.57 34.14
N MET N 177 -21.81 -20.17 33.74
CA MET N 177 -22.37 -20.56 32.42
C MET N 177 -21.45 -20.18 31.28
N ARG N 178 -20.96 -18.94 31.31
CA ARG N 178 -20.04 -18.46 30.28
C ARG N 178 -18.71 -19.23 30.21
N TYR N 179 -18.09 -19.47 31.37
CA TYR N 179 -16.88 -20.26 31.47
C TYR N 179 -17.09 -21.71 31.01
N ALA N 180 -18.18 -22.32 31.47
CA ALA N 180 -18.53 -23.70 31.06
C ALA N 180 -18.82 -23.78 29.60
N GLY N 181 -19.17 -22.65 28.99
CA GLY N 181 -19.44 -22.56 27.54
C GLY N 181 -20.82 -23.05 27.15
N VAL N 182 -21.77 -23.06 28.08
CA VAL N 182 -23.08 -23.61 27.80
C VAL N 182 -24.08 -22.57 27.34
N SER N 183 -23.88 -21.30 27.73
CA SER N 183 -24.80 -20.22 27.44
C SER N 183 -24.07 -18.88 27.45
N LYS N 184 -24.51 -17.92 26.63
CA LYS N 184 -23.98 -16.56 26.71
C LYS N 184 -24.61 -15.78 27.90
N ALA N 185 -25.82 -16.16 28.29
CA ALA N 185 -26.44 -15.78 29.58
C ALA N 185 -26.50 -14.29 29.86
N ASP N 186 -26.74 -13.50 28.82
CA ASP N 186 -26.93 -12.07 28.96
C ASP N 186 -28.44 -11.80 28.98
N MET N 187 -28.91 -11.17 30.06
CA MET N 187 -30.32 -10.78 30.18
C MET N 187 -30.81 -9.88 29.02
N GLU N 188 -29.93 -8.99 28.55
CA GLU N 188 -30.20 -8.10 27.41
C GLU N 188 -30.80 -8.79 26.18
N LYS N 189 -30.30 -9.98 25.88
CA LYS N 189 -30.76 -10.74 24.69
C LYS N 189 -31.78 -11.84 25.03
N GLY N 190 -32.34 -11.80 26.24
CA GLY N 190 -33.30 -12.79 26.69
C GLY N 190 -32.74 -14.17 26.99
N GLN N 191 -31.42 -14.26 27.10
CA GLN N 191 -30.71 -15.52 27.31
C GLN N 191 -30.76 -15.97 28.77
N LEU N 192 -31.15 -15.07 29.66
CA LEU N 192 -31.25 -15.39 31.06
C LEU N 192 -32.42 -14.60 31.58
N ARG N 193 -33.37 -15.33 32.17
CA ARG N 193 -34.55 -14.75 32.79
C ARG N 193 -34.52 -15.05 34.28
N CYS N 194 -35.14 -14.18 35.07
CA CYS N 194 -35.12 -14.37 36.50
C CYS N 194 -36.41 -13.94 37.18
N ASP N 195 -37.00 -14.86 37.93
CA ASP N 195 -38.19 -14.54 38.71
C ASP N 195 -37.78 -14.56 40.15
N ILE N 196 -38.22 -13.56 40.89
CA ILE N 196 -37.77 -13.36 42.26
C ILE N 196 -38.86 -13.77 43.21
N ASN N 197 -38.49 -14.47 44.27
CA ASN N 197 -39.40 -14.84 45.35
C ASN N 197 -38.83 -14.31 46.65
N VAL N 198 -39.65 -13.63 47.45
CA VAL N 198 -39.16 -12.93 48.65
C VAL N 198 -40.18 -12.87 49.80
N SER N 199 -39.69 -13.22 50.99
CA SER N 199 -40.48 -13.12 52.22
C SER N 199 -39.62 -12.46 53.30
N ILE N 200 -40.28 -11.95 54.35
CA ILE N 200 -39.54 -11.41 55.50
C ILE N 200 -39.83 -12.21 56.77
N ARG N 201 -39.03 -11.97 57.81
CA ARG N 201 -38.88 -12.91 58.90
C ARG N 201 -38.23 -12.16 60.07
N PRO N 202 -38.84 -12.15 61.26
CA PRO N 202 -38.09 -11.66 62.44
C PRO N 202 -36.71 -12.30 62.52
N LYS N 203 -35.67 -11.50 62.78
CA LYS N 203 -34.29 -11.98 62.75
C LYS N 203 -34.06 -13.22 63.62
N GLY N 204 -33.29 -14.15 63.09
CA GLY N 204 -33.01 -15.41 63.79
C GLY N 204 -34.17 -16.38 63.89
N SER N 205 -35.31 -16.04 63.28
CA SER N 205 -36.44 -16.96 63.18
C SER N 205 -36.14 -18.08 62.18
N LYS N 206 -36.74 -19.25 62.40
CA LYS N 206 -36.57 -20.41 61.51
C LYS N 206 -37.83 -20.64 60.67
N GLU N 207 -38.92 -19.96 61.06
CA GLU N 207 -40.19 -20.00 60.36
C GLU N 207 -40.09 -19.23 59.06
N PHE N 208 -40.92 -19.56 58.06
CA PHE N 208 -40.91 -18.84 56.79
C PHE N 208 -42.10 -17.89 56.64
N GLY N 209 -41.81 -16.62 56.30
CA GLY N 209 -42.84 -15.61 56.10
C GLY N 209 -43.55 -15.80 54.78
N THR N 210 -44.66 -15.11 54.58
CA THR N 210 -45.44 -15.29 53.35
C THR N 210 -44.71 -14.70 52.12
N ARG N 211 -44.82 -15.41 51.01
CA ARG N 211 -43.95 -15.17 49.87
C ARG N 211 -44.60 -14.38 48.76
N VAL N 212 -43.87 -13.37 48.28
CA VAL N 212 -44.27 -12.60 47.10
C VAL N 212 -43.31 -12.90 45.96
N GLU N 213 -43.87 -13.04 44.76
CA GLU N 213 -43.08 -13.27 43.56
C GLU N 213 -43.08 -12.05 42.68
N ILE N 214 -41.91 -11.59 42.28
CA ILE N 214 -41.78 -10.48 41.34
C ILE N 214 -41.32 -11.01 40.00
N LYS N 215 -42.13 -10.82 38.97
CA LYS N 215 -41.78 -11.35 37.64
C LYS N 215 -41.32 -10.28 36.64
N ASN N 216 -40.62 -10.72 35.59
CA ASN N 216 -40.13 -9.85 34.51
C ASN N 216 -39.28 -8.67 34.98
N VAL N 217 -38.25 -9.01 35.75
CA VAL N 217 -37.22 -8.07 36.11
C VAL N 217 -36.07 -8.33 35.12
N ASN N 218 -35.70 -7.31 34.35
CA ASN N 218 -34.95 -7.52 33.10
C ASN N 218 -33.44 -7.28 33.11
N SER N 219 -32.86 -6.99 34.27
CA SER N 219 -31.41 -6.77 34.39
C SER N 219 -30.97 -7.13 35.80
N PHE N 220 -29.68 -7.43 35.96
CA PHE N 220 -29.12 -7.73 37.27
C PHE N 220 -29.34 -6.57 38.25
N ARG N 221 -29.19 -5.34 37.77
CA ARG N 221 -29.38 -4.15 38.60
C ARG N 221 -30.84 -3.98 39.01
N PHE N 222 -31.75 -4.28 38.10
CA PHE N 222 -33.18 -4.19 38.39
C PHE N 222 -33.66 -5.20 39.43
N VAL N 223 -33.04 -6.39 39.47
CA VAL N 223 -33.36 -7.36 40.54
C VAL N 223 -32.97 -6.82 41.90
N GLN N 224 -31.84 -6.11 41.97
CA GLN N 224 -31.45 -5.47 43.21
C GLN N 224 -32.44 -4.38 43.62
N LYS N 225 -32.80 -3.52 42.66
CA LYS N 225 -33.73 -2.42 42.92
C LYS N 225 -35.11 -2.93 43.33
N ALA N 226 -35.64 -3.88 42.56
CA ALA N 226 -36.94 -4.49 42.88
C ALA N 226 -36.93 -5.03 44.30
N LEU N 227 -35.88 -5.78 44.62
CA LEU N 227 -35.72 -6.36 45.94
C LEU N 227 -35.54 -5.33 47.04
N GLU N 228 -34.72 -4.32 46.78
CA GLU N 228 -34.51 -3.22 47.74
C GLU N 228 -35.85 -2.64 48.19
N TYR N 229 -36.71 -2.34 47.20
CA TYR N 229 -38.01 -1.76 47.46
C TYR N 229 -38.95 -2.71 48.17
N GLU N 230 -39.07 -3.93 47.64
CA GLU N 230 -40.03 -4.92 48.13
C GLU N 230 -39.80 -5.31 49.59
N ILE N 231 -38.52 -5.40 49.99
CA ILE N 231 -38.17 -5.66 51.38
C ILE N 231 -38.67 -4.50 52.27
N GLU N 232 -38.42 -3.26 51.83
CA GLU N 232 -38.93 -2.08 52.52
C GLU N 232 -40.45 -2.16 52.62
N ARG N 233 -41.09 -2.43 51.49
CA ARG N 233 -42.55 -2.48 51.39
C ARG N 233 -43.16 -3.46 52.39
N GLN N 234 -42.57 -4.65 52.47
CA GLN N 234 -43.08 -5.70 53.35
C GLN N 234 -42.83 -5.40 54.81
N ILE N 235 -41.68 -4.80 55.11
CA ILE N 235 -41.35 -4.37 56.48
C ILE N 235 -42.37 -3.32 56.98
N ASN N 236 -42.63 -2.31 56.15
CA ASN N 236 -43.68 -1.32 56.41
C ASN N 236 -44.98 -2.00 56.81
N VAL N 237 -45.56 -2.77 55.88
CA VAL N 237 -46.83 -3.46 56.09
C VAL N 237 -46.91 -4.21 57.44
N VAL N 238 -45.88 -4.98 57.76
CA VAL N 238 -45.85 -5.81 58.97
C VAL N 238 -45.77 -4.99 60.27
N GLU N 239 -44.96 -3.94 60.27
CA GLU N 239 -44.78 -3.06 61.45
C GLU N 239 -45.93 -2.08 61.62
N GLU N 240 -46.70 -1.88 60.55
CA GLU N 240 -47.93 -1.10 60.61
C GLU N 240 -49.10 -1.94 61.14
N GLY N 241 -48.81 -3.18 61.56
CA GLY N 241 -49.81 -4.09 62.11
C GLY N 241 -50.54 -4.93 61.07
N GLY N 242 -50.16 -4.78 59.80
CA GLY N 242 -50.79 -5.51 58.71
C GLY N 242 -50.14 -6.85 58.36
N GLU N 243 -50.89 -7.68 57.63
CA GLU N 243 -50.40 -8.96 57.13
C GLU N 243 -49.99 -8.81 55.68
N VAL N 244 -48.81 -9.33 55.34
CA VAL N 244 -48.34 -9.36 53.96
C VAL N 244 -49.06 -10.46 53.19
N VAL N 245 -49.60 -10.08 52.03
CA VAL N 245 -50.44 -10.96 51.21
C VAL N 245 -49.64 -11.63 50.10
N GLN N 246 -49.91 -12.92 49.89
CA GLN N 246 -49.20 -13.73 48.91
C GLN N 246 -49.73 -13.47 47.50
N GLU N 247 -48.86 -12.93 46.66
CA GLU N 247 -49.20 -12.54 45.29
C GLU N 247 -47.99 -12.49 44.34
N THR N 248 -48.26 -12.31 43.05
CA THR N 248 -47.23 -11.95 42.10
C THR N 248 -47.30 -10.44 41.89
N ARG N 249 -46.14 -9.81 41.73
CA ARG N 249 -46.08 -8.37 41.45
C ARG N 249 -45.17 -8.09 40.27
N THR N 250 -45.20 -6.85 39.79
CA THR N 250 -44.30 -6.45 38.71
C THR N 250 -43.48 -5.27 39.16
N PHE N 251 -42.42 -4.98 38.41
CA PHE N 251 -41.49 -3.92 38.76
C PHE N 251 -41.35 -2.93 37.59
N ASP N 252 -41.56 -1.65 37.90
CA ASP N 252 -41.39 -0.57 36.93
C ASP N 252 -39.98 0.01 37.08
N PRO N 253 -39.11 -0.19 36.07
CA PRO N 253 -37.75 0.33 36.14
C PRO N 253 -37.76 1.85 36.36
N GLN N 254 -38.66 2.54 35.65
CA GLN N 254 -38.81 4.00 35.69
C GLN N 254 -39.11 4.57 37.09
N THR N 255 -39.98 3.88 37.83
CA THR N 255 -40.39 4.32 39.19
C THR N 255 -39.59 3.68 40.34
N GLY N 256 -38.98 2.52 40.07
CA GLY N 256 -38.25 1.75 41.08
C GLY N 256 -39.16 1.12 42.13
N LYS N 257 -40.41 0.86 41.76
CA LYS N 257 -41.42 0.32 42.69
C LYS N 257 -42.07 -0.96 42.16
N THR N 258 -42.59 -1.77 43.09
CA THR N 258 -43.30 -2.99 42.73
C THR N 258 -44.80 -2.81 42.92
N TYR N 259 -45.57 -3.39 42.00
CA TYR N 259 -47.01 -3.17 41.96
C TYR N 259 -47.79 -4.48 41.94
N PRO N 260 -48.91 -4.54 42.69
CA PRO N 260 -49.77 -5.71 42.63
C PRO N 260 -50.43 -5.71 41.26
N MET N 261 -51.11 -6.80 40.93
CA MET N 261 -51.74 -6.93 39.61
C MET N 261 -53.26 -6.72 39.68
N ARG N 262 -53.77 -6.04 38.66
CA ARG N 262 -55.20 -5.73 38.52
C ARG N 262 -56.08 -6.98 38.42
N THR N 263 -55.52 -8.04 37.85
CA THR N 263 -56.22 -9.30 37.65
C THR N 263 -55.97 -10.31 38.79
N LYS N 264 -57.06 -10.72 39.42
CA LYS N 264 -57.05 -11.74 40.48
C LYS N 264 -57.04 -13.16 39.89
N GLU N 265 -56.25 -13.35 38.83
CA GLU N 265 -56.16 -14.62 38.10
C GLU N 265 -55.25 -15.64 38.78
N GLU N 266 -55.88 -16.62 39.44
CA GLU N 266 -55.15 -17.72 40.08
C GLU N 266 -54.59 -18.72 39.06
N ALA N 267 -53.49 -19.37 39.43
CA ALA N 267 -52.85 -20.40 38.59
C ALA N 267 -53.75 -21.65 38.46
N GLU N 268 -53.59 -22.34 37.34
CA GLU N 268 -54.33 -23.57 37.09
C GLU N 268 -53.39 -24.76 37.11
N ASP N 269 -53.93 -25.88 37.61
CA ASP N 269 -53.23 -27.18 37.65
C ASP N 269 -52.56 -27.48 36.33
N TYR N 270 -51.29 -27.86 36.37
CA TYR N 270 -50.52 -28.07 35.16
C TYR N 270 -50.70 -29.46 34.56
N ARG N 271 -51.43 -30.31 35.27
CA ARG N 271 -51.74 -31.66 34.81
C ARG N 271 -50.51 -32.39 34.27
N TYR N 272 -49.42 -32.33 35.04
CA TYR N 272 -48.15 -32.99 34.73
C TYR N 272 -48.23 -34.50 34.54
N PHE N 273 -47.54 -35.00 33.52
CA PHE N 273 -47.31 -36.44 33.38
C PHE N 273 -46.25 -36.67 32.34
N PRO N 274 -45.55 -37.82 32.38
CA PRO N 274 -44.45 -38.04 31.44
C PRO N 274 -44.96 -37.87 30.01
N ASP N 275 -44.27 -37.08 29.19
CA ASP N 275 -44.62 -36.99 27.78
C ASP N 275 -44.53 -38.40 27.24
N PRO N 276 -45.61 -38.89 26.63
CA PRO N 276 -45.56 -40.23 26.07
C PRO N 276 -44.97 -40.28 24.66
N ASP N 277 -44.55 -39.14 24.08
CA ASP N 277 -43.79 -39.14 22.81
C ASP N 277 -42.31 -39.37 23.04
N LEU N 278 -41.88 -39.41 24.30
CA LEU N 278 -40.47 -39.47 24.66
C LEU N 278 -40.24 -40.53 25.75
N VAL N 279 -39.18 -41.32 25.57
CA VAL N 279 -38.71 -42.25 26.62
C VAL N 279 -37.89 -41.47 27.64
N PRO N 280 -37.75 -42.01 28.88
CA PRO N 280 -36.86 -41.41 29.87
C PRO N 280 -35.46 -41.09 29.37
N LEU N 281 -34.94 -39.96 29.85
CA LEU N 281 -33.61 -39.52 29.54
C LEU N 281 -32.65 -40.35 30.37
N LYS N 282 -31.92 -41.24 29.72
CA LYS N 282 -31.01 -42.09 30.42
C LYS N 282 -29.57 -41.64 30.15
N VAL N 283 -28.88 -41.26 31.22
CA VAL N 283 -27.57 -40.63 31.15
C VAL N 283 -26.53 -41.57 31.75
N LYS N 284 -25.73 -42.17 30.89
CA LYS N 284 -24.66 -43.09 31.29
C LYS N 284 -23.69 -42.42 32.26
N LYS N 285 -23.29 -43.16 33.28
CA LYS N 285 -22.24 -42.76 34.20
C LYS N 285 -20.97 -42.36 33.44
N GLU N 286 -20.63 -43.17 32.43
CA GLU N 286 -19.45 -42.94 31.61
C GLU N 286 -19.44 -41.60 30.88
N TRP N 287 -20.62 -41.06 30.57
CA TRP N 287 -20.75 -39.77 29.88
C TRP N 287 -20.58 -38.61 30.86
N ILE N 288 -21.15 -38.77 32.05
CA ILE N 288 -20.94 -37.84 33.15
C ILE N 288 -19.45 -37.70 33.47
N GLU N 289 -18.76 -38.84 33.64
CA GLU N 289 -17.30 -38.88 33.85
C GLU N 289 -16.55 -38.16 32.76
N GLU N 290 -16.95 -38.37 31.50
CA GLU N 290 -16.26 -37.78 30.36
C GLU N 290 -16.43 -36.26 30.32
N ILE N 291 -17.60 -35.78 30.74
CA ILE N 291 -17.90 -34.35 30.78
C ILE N 291 -17.15 -33.71 31.95
N LYS N 292 -17.15 -34.43 33.07
CA LYS N 292 -16.40 -34.07 34.29
C LYS N 292 -14.89 -33.91 34.00
N LYS N 293 -14.32 -34.90 33.34
CA LYS N 293 -12.89 -34.97 32.99
C LYS N 293 -12.45 -33.84 32.07
N ASN N 294 -13.27 -33.56 31.09
CA ASN N 294 -12.94 -32.56 30.11
C ASN N 294 -13.57 -31.20 30.40
N MET N 295 -14.02 -31.00 31.65
CA MET N 295 -14.65 -29.75 32.03
C MET N 295 -13.69 -28.59 31.84
N PRO N 296 -14.14 -27.52 31.13
CA PRO N 296 -13.38 -26.27 31.05
C PRO N 296 -13.09 -25.71 32.44
N GLU N 297 -12.08 -24.85 32.56
CA GLU N 297 -11.77 -24.25 33.85
C GLU N 297 -12.87 -23.27 34.24
N LEU N 298 -13.22 -23.32 35.52
CA LEU N 298 -14.31 -22.53 36.08
C LEU N 298 -13.76 -21.34 36.88
N PRO N 299 -14.60 -20.31 37.15
CA PRO N 299 -14.08 -19.05 37.71
C PRO N 299 -13.29 -19.17 39.01
N ASP N 300 -13.82 -19.91 39.99
CA ASP N 300 -13.17 -20.04 41.31
C ASP N 300 -11.82 -20.73 41.22
N GLN N 301 -11.70 -21.72 40.31
CA GLN N 301 -10.45 -22.38 40.00
C GLN N 301 -9.46 -21.39 39.42
N ARG N 302 -9.86 -20.70 38.35
CA ARG N 302 -8.98 -19.77 37.65
C ARG N 302 -8.44 -18.71 38.62
N PHE N 303 -9.32 -18.19 39.47
CA PHE N 303 -8.97 -17.21 40.47
C PHE N 303 -7.78 -17.63 41.34
N GLU N 304 -7.79 -18.85 41.87
CA GLU N 304 -6.67 -19.32 42.68
C GLU N 304 -5.44 -19.59 41.83
N ARG N 305 -5.64 -20.05 40.60
CA ARG N 305 -4.54 -20.36 39.70
C ARG N 305 -3.73 -19.11 39.34
N LEU N 306 -4.41 -18.02 39.01
CA LEU N 306 -3.73 -16.77 38.64
C LEU N 306 -2.95 -16.16 39.82
N ILE N 307 -3.58 -16.13 41.00
CA ILE N 307 -2.90 -15.75 42.24
C ILE N 307 -1.60 -16.54 42.45
N LYS N 308 -1.64 -17.83 42.14
CA LYS N 308 -0.43 -18.67 42.20
C LYS N 308 0.47 -18.47 40.98
N GLU N 309 0.03 -18.96 39.83
CA GLU N 309 0.81 -18.94 38.59
C GLU N 309 1.48 -17.60 38.27
N TYR N 310 0.89 -16.50 38.74
CA TYR N 310 1.32 -15.17 38.32
C TYR N 310 1.51 -14.20 39.48
N GLY N 311 1.18 -14.65 40.68
CA GLY N 311 1.34 -13.83 41.89
C GLY N 311 0.51 -12.57 41.94
N LEU N 312 -0.61 -12.55 41.22
CA LEU N 312 -1.54 -11.42 41.23
C LEU N 312 -2.21 -11.27 42.60
N SER N 313 -2.64 -10.06 42.93
CA SER N 313 -3.45 -9.83 44.14
C SER N 313 -4.88 -10.31 43.91
N GLU N 314 -5.64 -10.46 44.99
CA GLU N 314 -7.05 -10.85 44.86
C GLU N 314 -7.89 -9.80 44.13
N TYR N 315 -7.43 -8.55 44.16
CA TYR N 315 -8.06 -7.44 43.45
C TYR N 315 -7.85 -7.61 41.94
N GLU N 316 -6.64 -7.97 41.56
CA GLU N 316 -6.25 -8.11 40.17
C GLU N 316 -6.89 -9.35 39.52
N ALA N 317 -6.66 -10.50 40.15
CA ALA N 317 -7.25 -11.76 39.71
C ALA N 317 -8.78 -11.68 39.58
N GLY N 318 -9.45 -11.07 40.55
CA GLY N 318 -10.90 -10.84 40.50
C GLY N 318 -11.38 -10.15 39.24
N ILE N 319 -10.72 -9.06 38.87
CA ILE N 319 -11.00 -8.33 37.64
C ILE N 319 -10.84 -9.23 36.43
N LEU N 320 -9.79 -10.03 36.43
CA LEU N 320 -9.43 -10.84 35.25
C LEU N 320 -10.35 -12.05 35.09
N VAL N 321 -10.90 -12.52 36.21
CA VAL N 321 -11.77 -13.68 36.22
C VAL N 321 -13.27 -13.29 36.08
N ASN N 322 -13.68 -12.18 36.69
CA ASN N 322 -15.04 -11.65 36.53
C ASN N 322 -15.43 -11.25 35.12
N HIS N 323 -14.45 -10.80 34.35
CA HIS N 323 -14.61 -10.60 32.93
C HIS N 323 -13.59 -11.53 32.24
N LYS N 324 -14.07 -12.70 31.79
CA LYS N 324 -13.20 -13.80 31.31
C LYS N 324 -12.23 -13.38 30.22
N GLU N 325 -12.71 -12.59 29.27
CA GLU N 325 -11.95 -12.18 28.09
C GLU N 325 -10.77 -11.26 28.41
N VAL N 326 -10.83 -10.61 29.59
CA VAL N 326 -9.72 -9.82 30.12
C VAL N 326 -8.58 -10.74 30.63
N GLY N 327 -8.94 -11.74 31.43
CA GLY N 327 -8.01 -12.78 31.82
C GLY N 327 -7.38 -13.51 30.65
N ASP N 328 -8.18 -13.81 29.62
CA ASP N 328 -7.70 -14.48 28.40
C ASP N 328 -6.64 -13.62 27.68
N PHE N 329 -6.92 -12.32 27.61
CA PHE N 329 -6.03 -11.35 27.01
C PHE N 329 -4.73 -11.34 27.80
N PHE N 330 -4.84 -11.16 29.11
CA PHE N 330 -3.68 -11.15 29.97
C PHE N 330 -2.78 -12.35 29.75
N GLU N 331 -3.36 -13.55 29.77
CA GLU N 331 -2.55 -14.76 29.69
C GLU N 331 -1.86 -14.93 28.34
N GLU N 332 -2.49 -14.45 27.27
CA GLU N 332 -1.92 -14.46 25.93
C GLU N 332 -0.79 -13.43 25.80
N ALA N 333 -0.88 -12.37 26.61
CA ALA N 333 0.17 -11.36 26.64
C ALA N 333 1.36 -11.85 27.44
N VAL N 334 1.11 -12.36 28.66
CA VAL N 334 2.17 -12.84 29.54
C VAL N 334 2.94 -14.00 28.90
N ARG N 335 2.40 -14.51 27.81
CA ARG N 335 3.04 -15.61 27.08
C ARG N 335 4.15 -15.06 26.19
N HIS N 336 3.88 -13.90 25.59
CA HIS N 336 4.82 -13.20 24.72
C HIS N 336 5.99 -12.55 25.47
N PHE N 337 5.74 -12.11 26.69
CA PHE N 337 6.76 -11.52 27.55
C PHE N 337 6.45 -11.84 29.00
N LYS N 338 7.29 -12.69 29.59
CA LYS N 338 7.02 -13.26 30.91
C LYS N 338 7.20 -12.25 32.09
N GLU N 339 6.55 -11.10 31.98
CA GLU N 339 6.50 -10.09 33.05
C GLU N 339 5.03 -9.86 33.50
N PRO N 340 4.52 -10.75 34.38
CA PRO N 340 3.13 -10.69 34.81
C PRO N 340 2.75 -9.39 35.52
N LYS N 341 3.54 -8.99 36.51
CA LYS N 341 3.26 -7.81 37.33
C LYS N 341 3.16 -6.55 36.48
N GLY N 342 4.08 -6.40 35.55
CA GLY N 342 4.09 -5.27 34.66
C GLY N 342 2.90 -5.27 33.73
N ILE N 343 2.55 -6.44 33.22
CA ILE N 343 1.42 -6.58 32.28
C ILE N 343 0.05 -6.28 32.90
N VAL N 344 -0.24 -6.79 34.10
CA VAL N 344 -1.53 -6.46 34.75
C VAL N 344 -1.68 -4.99 35.03
N ASN N 345 -0.61 -4.36 35.49
CA ASN N 345 -0.57 -2.92 35.75
C ASN N 345 -1.05 -2.12 34.52
N TRP N 346 -0.37 -2.32 33.40
CA TRP N 346 -0.70 -1.61 32.16
C TRP N 346 -2.04 -2.00 31.53
N LEU N 347 -2.47 -3.24 31.77
CA LEU N 347 -3.77 -3.71 31.31
C LEU N 347 -4.90 -3.05 32.10
N ILE N 348 -4.85 -3.15 33.43
CA ILE N 348 -5.89 -2.60 34.31
C ILE N 348 -5.85 -1.07 34.38
N ASN N 349 -4.68 -0.51 34.58
CA ASN N 349 -4.57 0.91 34.87
C ASN N 349 -4.59 1.78 33.61
N ASP N 350 -4.34 1.15 32.46
CA ASP N 350 -4.19 1.88 31.21
C ASP N 350 -5.16 1.46 30.10
N LEU N 351 -4.96 0.27 29.57
CA LEU N 351 -5.68 -0.20 28.37
C LEU N 351 -7.18 -0.31 28.56
N LEU N 352 -7.59 -0.96 29.65
CA LEU N 352 -9.00 -1.15 30.00
C LEU N 352 -9.80 0.14 30.00
N GLY N 353 -9.28 1.18 30.63
CA GLY N 353 -9.94 2.48 30.64
C GLY N 353 -10.00 3.17 29.29
N LEU N 354 -8.96 2.99 28.49
CA LEU N 354 -8.90 3.60 27.17
C LEU N 354 -9.90 2.97 26.23
N LEU N 355 -10.06 1.66 26.36
CA LEU N 355 -11.04 0.91 25.58
C LEU N 355 -12.47 1.25 25.97
N ARG N 356 -12.71 1.36 27.28
CA ARG N 356 -14.02 1.74 27.79
C ARG N 356 -14.48 3.05 27.19
N ASP N 357 -13.57 4.02 27.17
CA ASP N 357 -13.85 5.37 26.66
C ASP N 357 -14.23 5.38 25.17
N LYS N 358 -13.48 4.60 24.38
CA LYS N 358 -13.77 4.40 22.96
C LYS N 358 -15.00 3.49 22.76
N GLY N 359 -15.48 2.89 23.85
CA GLY N 359 -16.65 2.01 23.79
C GLY N 359 -16.42 0.69 23.10
N ILE N 360 -15.18 0.18 23.18
CA ILE N 360 -14.81 -1.07 22.53
C ILE N 360 -14.42 -2.21 23.49
N SER N 361 -14.93 -3.40 23.19
CA SER N 361 -14.72 -4.58 24.01
C SER N 361 -13.29 -5.11 23.87
N ILE N 362 -12.79 -5.78 24.90
CA ILE N 362 -11.43 -6.33 24.89
C ILE N 362 -11.19 -7.41 23.83
N GLU N 363 -12.25 -8.09 23.39
CA GLU N 363 -12.14 -9.06 22.30
C GLU N 363 -11.72 -8.36 21.03
N GLU N 364 -12.18 -7.12 20.87
CA GLU N 364 -12.01 -6.38 19.61
C GLU N 364 -11.01 -5.21 19.64
N SER N 365 -10.14 -5.20 20.67
CA SER N 365 -9.21 -4.09 20.86
C SER N 365 -8.09 -4.09 19.83
N PRO N 366 -7.72 -2.89 19.32
CA PRO N 366 -6.61 -2.72 18.39
C PRO N 366 -5.28 -3.17 19.00
N VAL N 367 -5.12 -2.97 20.31
CA VAL N 367 -3.97 -3.45 21.04
C VAL N 367 -4.17 -4.95 21.27
N LYS N 368 -3.38 -5.76 20.58
CA LYS N 368 -3.38 -7.21 20.73
C LYS N 368 -2.48 -7.58 21.91
N PRO N 369 -2.67 -8.76 22.52
CA PRO N 369 -1.77 -9.18 23.60
C PRO N 369 -0.27 -9.10 23.26
N GLU N 370 0.07 -9.27 21.98
CA GLU N 370 1.45 -9.10 21.49
C GLU N 370 1.94 -7.69 21.75
N HIS N 371 1.08 -6.73 21.44
CA HIS N 371 1.41 -5.32 21.48
C HIS N 371 1.59 -4.80 22.90
N LEU N 372 0.76 -5.29 23.82
CA LEU N 372 0.95 -4.94 25.22
C LEU N 372 2.22 -5.56 25.79
N ALA N 373 2.44 -6.84 25.52
CA ALA N 373 3.66 -7.53 25.95
C ALA N 373 4.89 -6.82 25.41
N GLU N 374 4.81 -6.36 24.16
CA GLU N 374 5.87 -5.60 23.50
C GLU N 374 6.08 -4.23 24.17
N LEU N 375 5.00 -3.50 24.40
CA LEU N 375 5.06 -2.22 25.08
C LEU N 375 5.69 -2.33 26.46
N VAL N 376 5.20 -3.28 27.26
CA VAL N 376 5.71 -3.50 28.61
C VAL N 376 7.18 -3.94 28.58
N LYS N 377 7.62 -4.51 27.46
CA LYS N 377 9.02 -4.87 27.24
C LYS N 377 9.92 -3.63 27.18
N LEU N 378 9.51 -2.66 26.36
CA LEU N 378 10.22 -1.38 26.21
C LEU N 378 10.33 -0.58 27.51
N ILE N 379 9.28 -0.63 28.34
CA ILE N 379 9.24 0.00 29.67
C ILE N 379 10.22 -0.68 30.65
N LYS N 380 10.22 -2.01 30.64
CA LYS N 380 11.07 -2.80 31.54
C LYS N 380 12.56 -2.66 31.18
N GLU N 381 12.87 -2.78 29.89
CA GLU N 381 14.24 -2.70 29.37
C GLU N 381 14.77 -1.26 29.31
N LYS N 382 13.94 -0.32 29.75
CA LYS N 382 14.28 1.11 29.82
C LYS N 382 14.50 1.75 28.44
N VAL N 383 13.92 1.15 27.41
CA VAL N 383 14.00 1.68 26.05
C VAL N 383 13.20 2.99 25.94
N ILE N 384 12.04 3.04 26.60
CA ILE N 384 11.28 4.28 26.79
C ILE N 384 10.85 4.44 28.24
N SER N 385 10.40 5.64 28.57
CA SER N 385 9.94 5.98 29.91
C SER N 385 8.43 5.77 30.04
N THR N 386 7.96 5.61 31.28
CA THR N 386 6.53 5.56 31.61
C THR N 386 5.77 6.71 30.96
N LYS N 387 6.33 7.92 31.09
CA LYS N 387 5.76 9.12 30.49
C LYS N 387 5.49 8.94 28.99
N ILE N 388 6.48 8.39 28.29
CA ILE N 388 6.41 8.12 26.86
C ILE N 388 5.50 6.93 26.60
N GLY N 389 5.61 5.91 27.45
CA GLY N 389 4.76 4.72 27.40
C GLY N 389 3.27 5.01 27.46
N LYS N 390 2.90 6.03 28.23
CA LYS N 390 1.49 6.43 28.35
C LYS N 390 1.01 7.17 27.11
N GLU N 391 1.95 7.85 26.43
CA GLU N 391 1.68 8.54 25.16
C GLU N 391 1.47 7.56 24.00
N VAL N 392 2.28 6.51 23.95
CA VAL N 392 2.21 5.54 22.87
C VAL N 392 1.02 4.57 22.97
N ILE N 393 0.68 4.15 24.19
CA ILE N 393 -0.50 3.29 24.41
C ILE N 393 -1.79 4.00 23.96
N LYS N 394 -1.87 5.30 24.20
CA LYS N 394 -3.02 6.12 23.77
C LYS N 394 -3.17 6.07 22.25
N GLU N 395 -2.04 6.16 21.55
CA GLU N 395 -2.06 6.16 20.09
C GLU N 395 -2.15 4.74 19.52
N MET N 396 -1.63 3.76 20.27
CA MET N 396 -1.84 2.35 19.95
C MET N 396 -3.33 2.05 19.85
N VAL N 397 -4.09 2.52 20.84
CA VAL N 397 -5.55 2.38 20.84
C VAL N 397 -6.16 3.16 19.69
N GLU N 398 -5.61 4.34 19.42
CA GLU N 398 -6.12 5.24 18.37
C GLU N 398 -5.88 4.74 16.96
N THR N 399 -4.75 4.06 16.74
CA THR N 399 -4.36 3.61 15.40
C THR N 399 -4.50 2.11 15.26
N GLY N 400 -3.69 1.37 16.02
CA GLY N 400 -3.61 -0.08 15.88
C GLY N 400 -2.18 -0.52 15.57
N LYS N 401 -1.27 0.45 15.57
CA LYS N 401 0.13 0.19 15.24
C LYS N 401 0.86 -0.41 16.43
N THR N 402 1.91 -1.19 16.16
CA THR N 402 2.75 -1.79 17.18
C THR N 402 3.39 -0.69 18.03
N PRO N 403 3.73 -0.99 19.30
CA PRO N 403 4.53 -0.04 20.09
C PRO N 403 5.85 0.37 19.41
N SER N 404 6.61 -0.61 18.93
CA SER N 404 7.89 -0.35 18.24
C SER N 404 7.70 0.46 16.95
N GLN N 405 6.59 0.23 16.25
CA GLN N 405 6.25 0.97 15.06
C GLN N 405 6.17 2.48 15.34
N ILE N 406 5.39 2.88 16.35
CA ILE N 406 5.22 4.31 16.65
C ILE N 406 6.38 4.92 17.44
N VAL N 407 7.21 4.07 18.05
CA VAL N 407 8.45 4.51 18.68
C VAL N 407 9.43 5.01 17.61
N GLU N 408 9.60 4.25 16.54
CA GLU N 408 10.43 4.68 15.40
C GLU N 408 9.81 5.88 14.70
N GLU N 409 8.52 5.78 14.36
CA GLU N 409 7.80 6.83 13.65
C GLU N 409 7.85 8.21 14.33
N LYS N 410 8.20 8.24 15.62
CA LYS N 410 8.26 9.51 16.36
C LYS N 410 9.56 9.73 17.15
N GLY N 411 10.55 8.84 16.96
CA GLY N 411 11.85 8.96 17.62
C GLY N 411 11.85 8.33 19.01
N LEU N 412 12.89 7.55 19.30
CA LEU N 412 12.97 6.82 20.57
C LEU N 412 13.16 7.75 21.76
N VAL O 2 -71.89 -36.44 40.06
CA VAL O 2 -70.87 -35.37 40.28
C VAL O 2 -71.42 -33.97 39.92
N ASP O 3 -70.99 -32.96 40.68
CA ASP O 3 -71.55 -31.60 40.65
C ASP O 3 -71.66 -30.94 39.28
N ARG O 4 -72.52 -29.93 39.20
CA ARG O 4 -72.48 -28.93 38.15
C ARG O 4 -71.17 -28.16 38.30
N GLU O 5 -70.85 -27.78 39.55
CA GLU O 5 -69.62 -27.08 39.87
C GLU O 5 -68.41 -27.81 39.29
N TRP O 6 -68.38 -29.13 39.42
CA TRP O 6 -67.25 -29.95 38.98
C TRP O 6 -67.12 -29.87 37.47
N VAL O 7 -68.23 -30.10 36.77
CA VAL O 7 -68.28 -30.05 35.33
C VAL O 7 -67.75 -28.72 34.80
N LEU O 8 -68.18 -27.62 35.42
CA LEU O 8 -67.77 -26.27 35.03
C LEU O 8 -66.28 -26.03 35.29
N LYS O 9 -65.79 -26.58 36.39
CA LYS O 9 -64.40 -26.44 36.81
C LYS O 9 -63.48 -27.17 35.84
N ILE O 10 -63.85 -28.41 35.50
CA ILE O 10 -63.07 -29.23 34.59
C ILE O 10 -63.09 -28.61 33.19
N ALA O 11 -64.25 -28.13 32.77
CA ALA O 11 -64.39 -27.53 31.44
C ALA O 11 -63.52 -26.30 31.29
N LYS O 12 -63.41 -25.53 32.39
CA LYS O 12 -62.60 -24.33 32.42
C LYS O 12 -61.15 -24.68 32.17
N LEU O 13 -60.65 -25.67 32.90
CA LEU O 13 -59.26 -26.13 32.75
C LEU O 13 -58.95 -26.53 31.32
N ALA O 14 -59.93 -27.15 30.67
CA ALA O 14 -59.80 -27.68 29.32
C ALA O 14 -60.19 -26.67 28.24
N ARG O 15 -60.58 -25.47 28.66
CA ARG O 15 -61.12 -24.43 27.76
C ARG O 15 -62.23 -24.93 26.87
N LEU O 16 -63.28 -25.44 27.50
CA LEU O 16 -64.53 -25.73 26.83
C LEU O 16 -65.59 -24.84 27.43
N GLU O 17 -66.19 -23.99 26.61
CA GLU O 17 -67.32 -23.22 27.06
C GLU O 17 -68.56 -24.05 26.77
N LEU O 18 -68.94 -24.87 27.72
CA LEU O 18 -70.08 -25.75 27.55
C LEU O 18 -71.38 -24.98 27.44
N LYS O 19 -72.22 -25.38 26.48
CA LYS O 19 -73.59 -24.92 26.37
C LYS O 19 -74.41 -25.61 27.46
N GLU O 20 -75.47 -24.93 27.90
CA GLU O 20 -76.29 -25.37 29.03
C GLU O 20 -76.81 -26.82 28.89
N GLU O 21 -77.13 -27.21 27.66
CA GLU O 21 -77.54 -28.59 27.34
C GLU O 21 -76.45 -29.63 27.64
N GLU O 22 -75.19 -29.29 27.34
CA GLU O 22 -74.04 -30.17 27.55
C GLU O 22 -73.71 -30.36 29.02
N ILE O 23 -73.75 -29.27 29.78
CA ILE O 23 -73.49 -29.33 31.22
C ILE O 23 -74.35 -30.40 31.89
N GLU O 24 -75.63 -30.48 31.53
CA GLU O 24 -76.54 -31.43 32.15
C GLU O 24 -76.27 -32.88 31.71
N VAL O 25 -76.05 -33.06 30.41
CA VAL O 25 -75.76 -34.35 29.85
C VAL O 25 -74.40 -34.87 30.33
N PHE O 26 -73.39 -34.01 30.34
CA PHE O 26 -72.05 -34.42 30.76
C PHE O 26 -71.98 -34.70 32.26
N GLN O 27 -72.94 -34.21 33.02
CA GLN O 27 -73.05 -34.59 34.44
C GLN O 27 -73.35 -36.07 34.61
N LYS O 28 -74.38 -36.54 33.88
CA LYS O 28 -74.80 -37.92 33.95
C LYS O 28 -73.78 -38.85 33.33
N GLN O 29 -73.36 -38.52 32.11
CA GLN O 29 -72.44 -39.35 31.33
C GLN O 29 -71.11 -39.55 32.03
N LEU O 30 -70.51 -38.46 32.50
CA LEU O 30 -69.23 -38.53 33.18
C LEU O 30 -69.27 -39.23 34.53
N SER O 31 -70.37 -39.04 35.27
CA SER O 31 -70.60 -39.82 36.50
C SER O 31 -70.63 -41.29 36.19
N ASP O 32 -71.38 -41.64 35.15
CA ASP O 32 -71.54 -43.01 34.71
C ASP O 32 -70.20 -43.61 34.35
N ILE O 33 -69.43 -42.90 33.55
CA ILE O 33 -68.11 -43.33 33.10
C ILE O 33 -67.14 -43.48 34.26
N LEU O 34 -67.21 -42.54 35.21
CA LEU O 34 -66.39 -42.57 36.42
C LEU O 34 -66.67 -43.78 37.28
N ASP O 35 -67.93 -44.19 37.35
CA ASP O 35 -68.31 -45.44 38.01
C ASP O 35 -67.84 -46.62 37.18
N PHE O 36 -67.96 -46.49 35.86
CA PHE O 36 -67.61 -47.56 34.94
C PHE O 36 -66.14 -47.97 35.04
N ILE O 37 -65.24 -46.99 35.12
CA ILE O 37 -63.80 -47.27 35.02
C ILE O 37 -63.16 -47.48 36.39
N ASP O 38 -63.96 -47.36 37.44
CA ASP O 38 -63.45 -47.55 38.79
C ASP O 38 -63.43 -48.99 39.24
N GLN O 39 -62.51 -49.74 38.64
CA GLN O 39 -62.28 -51.15 38.96
C GLN O 39 -60.89 -51.40 39.53
N LEU O 40 -60.03 -50.39 39.47
CA LEU O 40 -58.61 -50.66 39.61
C LEU O 40 -58.08 -50.68 41.05
N LYS O 41 -58.83 -50.09 41.98
CA LYS O 41 -58.45 -50.10 43.41
C LYS O 41 -58.18 -51.51 43.94
N GLU O 42 -58.96 -52.46 43.44
CA GLU O 42 -58.88 -53.87 43.77
C GLU O 42 -57.47 -54.43 43.64
N LEU O 43 -56.69 -53.88 42.72
CA LEU O 43 -55.37 -54.41 42.42
C LEU O 43 -54.28 -53.74 43.21
N ASP O 44 -53.28 -54.53 43.56
CA ASP O 44 -52.10 -54.08 44.25
C ASP O 44 -51.04 -53.62 43.28
N THR O 45 -50.69 -52.34 43.35
CA THR O 45 -49.75 -51.75 42.41
C THR O 45 -48.65 -50.98 43.14
N GLU O 46 -48.58 -51.17 44.45
CA GLU O 46 -47.32 -51.07 45.18
C GLU O 46 -46.32 -52.10 44.66
N ASN O 47 -45.13 -51.64 44.29
CA ASN O 47 -44.09 -52.52 43.75
C ASN O 47 -44.38 -52.92 42.31
N VAL O 48 -45.23 -52.14 41.64
CA VAL O 48 -45.41 -52.27 40.19
C VAL O 48 -44.84 -51.00 39.52
N GLU O 49 -43.90 -51.16 38.60
CA GLU O 49 -43.39 -50.02 37.84
C GLU O 49 -44.39 -49.66 36.75
N PRO O 50 -44.70 -48.34 36.62
CA PRO O 50 -45.56 -47.86 35.54
C PRO O 50 -44.98 -48.30 34.18
N TYR O 51 -45.87 -48.60 33.24
CA TYR O 51 -45.49 -49.09 31.93
C TYR O 51 -44.63 -48.10 31.10
N ILE O 52 -43.46 -48.53 30.65
CA ILE O 52 -42.73 -47.82 29.59
C ILE O 52 -42.41 -48.81 28.51
N GLN O 53 -42.32 -48.35 27.26
CA GLN O 53 -41.83 -49.22 26.20
C GLN O 53 -40.34 -49.48 26.45
N GLU O 54 -39.88 -50.66 26.06
CA GLU O 54 -38.47 -50.97 26.24
C GLU O 54 -37.59 -50.26 25.23
N PHE O 55 -36.41 -49.84 25.68
CA PHE O 55 -35.42 -49.15 24.86
C PHE O 55 -34.05 -49.33 25.48
N GLU O 56 -33.01 -49.43 24.63
CA GLU O 56 -31.64 -49.57 25.11
C GLU O 56 -31.11 -48.21 25.57
N GLU O 57 -31.08 -47.26 24.63
CA GLU O 57 -30.59 -45.93 24.91
C GLU O 57 -31.63 -44.88 24.52
N THR O 58 -31.59 -43.73 25.19
CA THR O 58 -32.45 -42.61 24.81
C THR O 58 -32.05 -42.12 23.41
N PRO O 59 -33.03 -42.07 22.48
CA PRO O 59 -32.96 -41.47 21.16
C PRO O 59 -32.66 -39.98 21.20
N MET O 60 -31.50 -39.62 20.66
CA MET O 60 -31.11 -38.24 20.61
C MET O 60 -30.69 -37.92 19.21
N ARG O 61 -30.51 -36.64 18.95
CA ARG O 61 -30.34 -36.13 17.63
C ARG O 61 -29.15 -35.17 17.72
N GLU O 62 -28.29 -35.17 16.71
CA GLU O 62 -27.16 -34.22 16.67
C GLU O 62 -27.66 -32.79 16.56
N ASP O 63 -26.86 -31.86 17.08
CA ASP O 63 -27.17 -30.44 17.00
C ASP O 63 -26.84 -29.85 15.62
N GLU O 64 -27.60 -30.25 14.61
CA GLU O 64 -27.39 -29.80 13.23
C GLU O 64 -28.70 -29.27 12.66
N PRO O 65 -28.69 -28.04 12.12
CA PRO O 65 -29.88 -27.43 11.53
C PRO O 65 -30.51 -28.25 10.39
N HIS O 66 -31.83 -28.36 10.43
CA HIS O 66 -32.62 -28.92 9.35
C HIS O 66 -33.38 -27.76 8.74
N PRO O 67 -33.61 -27.80 7.40
CA PRO O 67 -34.41 -26.79 6.72
C PRO O 67 -35.76 -26.59 7.39
N SER O 68 -36.07 -25.37 7.79
CA SER O 68 -37.37 -25.03 8.36
C SER O 68 -38.48 -25.08 7.33
N LEU O 69 -39.71 -25.07 7.81
CA LEU O 69 -40.89 -25.00 6.97
C LEU O 69 -40.98 -23.60 6.35
N ASP O 70 -41.38 -23.55 5.07
CA ASP O 70 -41.57 -22.27 4.39
C ASP O 70 -42.64 -21.48 5.14
N ARG O 71 -42.36 -20.21 5.45
CA ARG O 71 -43.26 -19.41 6.28
C ARG O 71 -44.67 -19.26 5.75
N GLU O 72 -44.82 -19.27 4.43
CA GLU O 72 -46.14 -19.24 3.79
C GLU O 72 -46.95 -20.48 4.13
N LYS O 73 -46.28 -21.64 4.10
CA LYS O 73 -46.88 -22.91 4.52
C LYS O 73 -47.12 -23.00 6.03
N ALA O 74 -46.28 -22.32 6.80
CA ALA O 74 -46.40 -22.29 8.26
C ALA O 74 -47.59 -21.43 8.68
N LEU O 75 -47.92 -20.45 7.85
CA LEU O 75 -48.96 -19.47 8.12
C LEU O 75 -50.28 -19.72 7.38
N MET O 76 -50.22 -20.39 6.23
CA MET O 76 -51.40 -20.61 5.36
C MET O 76 -52.70 -20.98 6.07
N ASN O 77 -52.61 -21.79 7.12
CA ASN O 77 -53.80 -22.26 7.82
C ASN O 77 -54.32 -21.30 8.89
N ALA O 78 -53.54 -20.27 9.21
CA ALA O 78 -53.86 -19.38 10.33
C ALA O 78 -55.18 -18.64 10.13
N PRO O 79 -56.09 -18.70 11.12
CA PRO O 79 -57.30 -17.86 11.09
C PRO O 79 -57.08 -16.37 10.76
N GLU O 80 -56.02 -15.77 11.32
CA GLU O 80 -55.66 -14.39 11.07
C GLU O 80 -54.14 -14.23 11.12
N ARG O 81 -53.55 -13.69 10.07
CA ARG O 81 -52.10 -13.43 10.07
C ARG O 81 -51.76 -11.97 9.70
N LYS O 82 -50.63 -11.46 10.20
CA LYS O 82 -50.18 -10.10 9.86
C LYS O 82 -48.64 -9.97 9.90
N ASP O 83 -48.07 -9.52 8.80
CA ASP O 83 -46.63 -9.21 8.73
C ASP O 83 -45.69 -10.33 9.20
N GLY O 84 -46.12 -11.58 9.00
CA GLY O 84 -45.31 -12.74 9.38
C GLY O 84 -45.68 -13.32 10.75
N PHE O 85 -46.68 -12.73 11.41
CA PHE O 85 -47.11 -13.09 12.75
C PHE O 85 -48.46 -13.78 12.73
N PHE O 86 -48.69 -14.68 13.68
CA PHE O 86 -50.04 -15.17 13.96
C PHE O 86 -50.76 -14.07 14.74
N VAL O 87 -52.04 -13.88 14.45
CA VAL O 87 -52.81 -12.82 15.12
C VAL O 87 -53.94 -13.40 15.98
N VAL O 88 -53.98 -12.97 17.23
CA VAL O 88 -55.08 -13.33 18.15
C VAL O 88 -55.53 -12.06 18.83
N PRO O 89 -56.73 -12.08 19.45
CA PRO O 89 -57.12 -10.90 20.24
C PRO O 89 -56.12 -10.67 21.35
N ARG O 90 -55.85 -9.39 21.60
CA ARG O 90 -54.85 -8.96 22.57
C ARG O 90 -54.93 -9.69 23.91
N VAL O 91 -53.76 -9.98 24.48
CA VAL O 91 -53.64 -10.55 25.84
C VAL O 91 -53.07 -9.52 26.84
N VAL O 92 -53.50 -9.62 28.11
CA VAL O 92 -53.08 -8.63 29.12
C VAL O 92 -51.70 -8.97 29.73
N MET P 1 -29.08 16.31 44.36
CA MET P 1 -29.10 14.83 44.21
C MET P 1 -28.53 14.11 45.44
N LEU P 2 -28.39 14.85 46.55
CA LEU P 2 -28.01 14.33 47.88
C LEU P 2 -26.50 14.25 48.15
N TRP P 3 -25.80 13.46 47.35
CA TRP P 3 -24.34 13.49 47.40
C TRP P 3 -23.82 14.82 46.88
N LYS P 4 -24.70 15.53 46.17
CA LYS P 4 -24.42 16.85 45.63
C LYS P 4 -24.64 17.93 46.67
N LYS P 5 -25.14 17.55 47.84
CA LYS P 5 -25.48 18.50 48.91
C LYS P 5 -24.37 18.66 49.96
N SER P 6 -24.29 19.85 50.54
CA SER P 6 -23.31 20.15 51.58
C SER P 6 -23.74 19.58 52.91
N LEU P 7 -22.84 19.64 53.89
CA LEU P 7 -23.14 19.15 55.23
C LEU P 7 -24.19 19.97 55.95
N SER P 8 -24.36 21.23 55.54
CA SER P 8 -25.39 22.11 56.11
C SER P 8 -26.75 21.69 55.57
N GLU P 9 -26.81 21.49 54.25
CA GLU P 9 -28.01 20.97 53.59
C GLU P 9 -28.36 19.59 54.13
N LEU P 10 -27.35 18.75 54.30
CA LEU P 10 -27.54 17.40 54.82
C LEU P 10 -28.00 17.39 56.29
N ARG P 11 -27.39 18.24 57.11
CA ARG P 11 -27.70 18.32 58.52
C ARG P 11 -29.17 18.66 58.75
N GLU P 12 -29.63 19.74 58.11
CA GLU P 12 -31.01 20.20 58.21
C GLU P 12 -31.99 19.08 57.86
N LEU P 13 -31.69 18.37 56.77
CA LEU P 13 -32.50 17.23 56.34
C LEU P 13 -32.49 16.03 57.30
N LEU P 14 -31.37 15.83 57.98
CA LEU P 14 -31.21 14.72 58.91
C LEU P 14 -31.86 15.02 60.25
N LYS P 15 -31.74 16.27 60.69
CA LYS P 15 -32.28 16.70 61.97
C LYS P 15 -33.81 16.66 61.98
N ARG P 16 -34.41 16.92 60.82
CA ARG P 16 -35.86 16.93 60.65
C ARG P 16 -36.38 15.64 60.01
N GLY P 17 -35.57 14.59 60.04
CA GLY P 17 -35.98 13.25 59.59
C GLY P 17 -36.35 13.11 58.12
N GLU P 18 -36.29 14.21 57.38
CA GLU P 18 -36.57 14.22 55.93
C GLU P 18 -35.72 13.17 55.22
N VAL P 19 -34.56 12.87 55.80
CA VAL P 19 -33.65 11.86 55.31
C VAL P 19 -33.04 11.07 56.48
N SER P 20 -32.60 9.84 56.20
CA SER P 20 -31.93 9.00 57.20
C SER P 20 -30.43 8.87 56.88
N PRO P 21 -29.60 8.61 57.92
CA PRO P 21 -28.18 8.37 57.72
C PRO P 21 -27.87 7.32 56.65
N LYS P 22 -28.69 6.28 56.58
CA LYS P 22 -28.50 5.21 55.62
C LYS P 22 -28.65 5.69 54.18
N GLU P 23 -29.60 6.58 53.95
CA GLU P 23 -29.83 7.15 52.61
C GLU P 23 -28.65 7.98 52.14
N VAL P 24 -28.15 8.83 53.05
CA VAL P 24 -26.96 9.66 52.80
C VAL P 24 -25.79 8.76 52.35
N VAL P 25 -25.50 7.72 53.13
CA VAL P 25 -24.47 6.74 52.79
C VAL P 25 -24.73 6.10 51.42
N GLU P 26 -25.98 5.67 51.19
CA GLU P 26 -26.40 5.10 49.90
C GLU P 26 -26.12 6.04 48.73
N SER P 27 -26.41 7.32 48.92
CA SER P 27 -26.19 8.34 47.89
C SER P 27 -24.72 8.41 47.47
N PHE P 28 -23.83 8.58 48.46
CA PHE P 28 -22.40 8.67 48.22
C PHE P 28 -21.84 7.36 47.67
N TYR P 29 -22.44 6.25 48.12
CA TYR P 29 -22.09 4.91 47.66
C TYR P 29 -22.34 4.76 46.16
N ASP P 30 -23.48 5.28 45.71
CA ASP P 30 -23.77 5.36 44.28
C ASP P 30 -22.62 6.02 43.52
N ARG P 31 -22.36 7.27 43.82
CA ARG P 31 -21.42 8.08 43.05
C ARG P 31 -19.99 7.59 43.23
N TYR P 32 -19.74 6.89 44.32
CA TYR P 32 -18.62 5.97 44.41
C TYR P 32 -18.64 4.96 43.27
N ASN P 33 -19.76 4.23 43.15
CA ASN P 33 -19.92 3.25 42.07
C ASN P 33 -19.82 3.85 40.69
N GLN P 34 -20.32 5.08 40.53
CA GLN P 34 -20.15 5.84 39.28
C GLN P 34 -18.68 6.11 38.95
N THR P 35 -17.90 6.51 39.96
CA THR P 35 -16.58 7.13 39.74
C THR P 35 -15.35 6.26 39.97
N GLU P 36 -15.45 5.34 40.93
CA GLU P 36 -14.27 4.65 41.43
C GLU P 36 -13.39 3.95 40.40
N GLU P 37 -14.01 3.34 39.38
CA GLU P 37 -13.26 2.62 38.35
C GLU P 37 -12.32 3.55 37.59
N LYS P 38 -12.74 4.80 37.41
CA LYS P 38 -11.92 5.83 36.78
C LYS P 38 -10.90 6.44 37.76
N VAL P 39 -11.38 6.87 38.94
CA VAL P 39 -10.58 7.59 39.91
C VAL P 39 -9.68 6.73 40.81
N LYS P 40 -10.20 5.65 41.38
CA LYS P 40 -9.47 4.78 42.32
C LYS P 40 -9.00 5.51 43.61
N ALA P 41 -9.95 6.13 44.31
CA ALA P 41 -9.63 6.85 45.51
C ALA P 41 -9.28 5.92 46.67
N TYR P 42 -9.91 4.75 46.69
CA TYR P 42 -9.91 3.90 47.89
C TYR P 42 -9.06 2.66 47.81
N ILE P 43 -8.50 2.31 48.95
CA ILE P 43 -7.87 1.02 49.12
C ILE P 43 -8.93 0.08 49.69
N THR P 44 -9.63 0.53 50.73
CA THR P 44 -10.65 -0.28 51.37
C THR P 44 -11.91 0.53 51.45
N PRO P 45 -12.87 0.24 50.57
CA PRO P 45 -14.18 0.89 50.64
C PRO P 45 -14.92 0.31 51.83
N LEU P 46 -15.58 1.15 52.62
CA LEU P 46 -16.27 0.69 53.81
C LEU P 46 -17.73 1.10 53.82
N TYR P 47 -18.27 1.45 52.65
CA TYR P 47 -19.65 1.87 52.48
C TYR P 47 -20.63 0.81 52.95
N GLY P 48 -20.33 -0.45 52.65
CA GLY P 48 -21.11 -1.58 53.12
C GLY P 48 -21.23 -1.59 54.63
N LYS P 49 -20.11 -1.40 55.31
CA LYS P 49 -20.08 -1.43 56.77
C LYS P 49 -20.74 -0.19 57.34
N ALA P 50 -20.58 0.94 56.66
CA ALA P 50 -21.16 2.21 57.10
C ALA P 50 -22.69 2.16 57.02
N LEU P 51 -23.21 1.51 55.97
CA LEU P 51 -24.64 1.24 55.83
C LEU P 51 -25.22 0.55 57.06
N LYS P 52 -24.54 -0.47 57.56
CA LYS P 52 -24.96 -1.16 58.76
C LYS P 52 -24.85 -0.33 60.03
N GLN P 53 -23.76 0.42 60.16
CA GLN P 53 -23.56 1.30 61.32
C GLN P 53 -24.60 2.43 61.36
N ALA P 54 -25.08 2.79 60.18
CA ALA P 54 -26.06 3.86 60.01
C ALA P 54 -27.42 3.50 60.64
N GLU P 55 -27.79 2.23 60.53
CA GLU P 55 -29.03 1.70 61.08
C GLU P 55 -29.21 2.02 62.57
N SER P 56 -28.12 1.91 63.34
CA SER P 56 -28.17 2.12 64.79
C SER P 56 -27.84 3.54 65.21
N LEU P 57 -27.63 4.42 64.24
CA LEU P 57 -27.31 5.81 64.51
C LEU P 57 -28.63 6.57 64.71
N LYS P 58 -28.82 7.14 65.89
CA LYS P 58 -30.15 7.69 66.26
C LYS P 58 -30.16 9.15 66.72
N GLU P 59 -29.21 9.48 67.60
CA GLU P 59 -29.15 10.79 68.22
C GLU P 59 -28.80 11.86 67.19
N ARG P 60 -29.80 12.62 66.76
CA ARG P 60 -29.64 13.55 65.63
C ARG P 60 -28.83 14.80 65.93
N GLU P 61 -28.77 15.20 67.19
CA GLU P 61 -28.12 16.46 67.54
C GLU P 61 -26.59 16.38 67.63
N LEU P 62 -26.06 15.17 67.43
CA LEU P 62 -24.62 14.96 67.28
C LEU P 62 -24.07 15.77 66.10
N PRO P 63 -22.96 16.49 66.34
CA PRO P 63 -22.41 17.49 65.41
C PRO P 63 -22.17 16.98 63.99
N LEU P 64 -21.82 15.71 63.83
CA LEU P 64 -21.62 15.16 62.49
C LEU P 64 -22.58 14.00 62.18
N PHE P 65 -23.77 14.08 62.78
CA PHE P 65 -24.74 12.99 62.81
C PHE P 65 -24.70 12.00 61.63
N GLY P 66 -25.07 12.39 60.44
CA GLY P 66 -25.18 11.34 59.44
C GLY P 66 -24.08 11.37 58.40
N ILE P 67 -23.00 12.06 58.70
CA ILE P 67 -22.03 12.43 57.68
C ILE P 67 -21.01 11.34 57.37
N PRO P 68 -20.96 10.90 56.09
CA PRO P 68 -19.88 10.05 55.60
C PRO P 68 -18.55 10.81 55.60
N ILE P 69 -17.47 10.11 55.94
CA ILE P 69 -16.11 10.66 55.86
C ILE P 69 -15.10 9.60 55.41
N ALA P 70 -14.32 9.94 54.37
CA ALA P 70 -13.20 9.11 53.94
C ALA P 70 -12.01 9.43 54.84
N VAL P 71 -11.14 8.45 55.02
CA VAL P 71 -9.98 8.56 55.88
C VAL P 71 -8.76 7.99 55.16
N LYS P 72 -7.65 8.69 55.25
CA LYS P 72 -6.40 8.27 54.64
C LYS P 72 -5.96 6.96 55.27
N ASP P 73 -5.39 6.05 54.47
CA ASP P 73 -4.99 4.74 55.00
C ASP P 73 -3.68 4.67 55.80
N ASN P 74 -3.23 5.80 56.31
CA ASN P 74 -2.26 5.82 57.41
C ASN P 74 -2.91 6.24 58.75
N ILE P 75 -4.22 6.36 58.78
CA ILE P 75 -4.87 6.65 60.04
C ILE P 75 -5.58 5.38 60.44
N LEU P 76 -5.29 4.86 61.63
CA LEU P 76 -5.86 3.56 62.06
C LEU P 76 -7.36 3.66 62.41
N VAL P 77 -8.11 2.78 61.76
CA VAL P 77 -9.51 2.57 62.04
C VAL P 77 -9.67 1.11 62.49
N GLU P 78 -10.07 0.93 63.72
CA GLU P 78 -10.05 -0.37 64.35
C GLU P 78 -10.89 -1.44 63.66
N GLY P 79 -10.29 -2.63 63.53
CA GLY P 79 -10.98 -3.75 62.97
C GLY P 79 -10.86 -3.81 61.47
N GLU P 80 -10.36 -2.74 60.85
CA GLU P 80 -10.16 -2.72 59.40
C GLU P 80 -8.70 -2.59 59.09
N LYS P 81 -8.32 -3.00 57.88
CA LYS P 81 -6.94 -2.89 57.41
C LYS P 81 -6.41 -1.45 57.35
N THR P 82 -5.22 -1.23 57.89
CA THR P 82 -4.49 0.02 57.73
C THR P 82 -3.18 -0.34 57.04
N THR P 83 -3.09 -0.06 55.73
CA THR P 83 -1.99 -0.56 54.89
C THR P 83 -0.83 0.42 54.67
N CYS P 84 -1.10 1.71 54.90
CA CYS P 84 -0.24 2.82 54.49
C CYS P 84 0.18 2.68 53.05
N ALA P 85 -0.67 2.00 52.29
CA ALA P 85 -0.43 1.68 50.90
C ALA P 85 0.92 0.99 50.71
N SER P 86 1.28 0.13 51.67
CA SER P 86 2.52 -0.68 51.61
C SER P 86 2.24 -2.17 51.57
N LYS P 87 3.12 -2.91 50.87
CA LYS P 87 3.18 -4.39 50.96
C LYS P 87 3.49 -4.86 52.36
N ILE P 88 4.25 -4.06 53.10
CA ILE P 88 4.71 -4.43 54.44
C ILE P 88 3.55 -4.43 55.46
N LEU P 89 2.46 -3.72 55.12
CA LEU P 89 1.27 -3.61 55.99
C LEU P 89 -0.08 -3.98 55.33
N GLU P 90 -0.06 -4.61 54.15
CA GLU P 90 -1.32 -5.14 53.67
C GLU P 90 -1.65 -6.31 54.56
N ASN P 91 -2.90 -6.46 54.92
CA ASN P 91 -3.28 -7.50 55.89
C ASN P 91 -3.07 -7.11 57.34
N PHE P 92 -2.49 -5.94 57.59
CA PHE P 92 -2.45 -5.43 58.95
C PHE P 92 -3.83 -4.90 59.37
N VAL P 93 -4.45 -5.57 60.32
CA VAL P 93 -5.72 -5.12 60.89
C VAL P 93 -5.45 -4.25 62.08
N ALA P 94 -5.89 -3.00 61.99
CA ALA P 94 -5.74 -2.05 63.08
C ALA P 94 -6.38 -2.60 64.34
N PRO P 95 -5.62 -2.72 65.45
CA PRO P 95 -6.11 -3.13 66.77
C PRO P 95 -6.69 -2.01 67.64
N TYR P 96 -6.64 -0.77 67.17
CA TYR P 96 -7.15 0.38 67.91
C TYR P 96 -7.53 1.50 66.96
N ASP P 97 -8.29 2.48 67.43
CA ASP P 97 -8.67 3.61 66.61
C ASP P 97 -7.71 4.71 66.91
N ALA P 98 -7.33 5.47 65.88
CA ALA P 98 -6.66 6.74 66.05
C ALA P 98 -7.59 7.69 66.82
N THR P 99 -7.02 8.59 67.60
CA THR P 99 -7.79 9.53 68.42
C THR P 99 -8.82 10.33 67.60
N VAL P 100 -8.44 10.78 66.41
CA VAL P 100 -9.37 11.48 65.52
C VAL P 100 -10.56 10.62 65.10
N ILE P 101 -10.34 9.33 64.88
CA ILE P 101 -11.41 8.44 64.45
C ILE P 101 -12.36 8.21 65.61
N GLU P 102 -11.80 8.10 66.80
CA GLU P 102 -12.53 8.00 68.04
C GLU P 102 -13.48 9.21 68.18
N ARG P 103 -12.94 10.41 67.91
CA ARG P 103 -13.67 11.68 68.00
C ARG P 103 -14.72 11.91 66.91
N LEU P 104 -14.44 11.46 65.70
CA LEU P 104 -15.43 11.50 64.64
C LEU P 104 -16.58 10.53 64.91
N LYS P 105 -16.26 9.32 65.36
CA LYS P 105 -17.26 8.32 65.67
C LYS P 105 -18.16 8.80 66.77
N LYS P 106 -17.58 9.42 67.79
CA LYS P 106 -18.37 9.96 68.88
C LYS P 106 -19.26 11.12 68.42
N ALA P 107 -18.89 11.75 67.30
CA ALA P 107 -19.60 12.91 66.75
C ALA P 107 -20.67 12.50 65.73
N GLY P 108 -20.82 11.19 65.55
CA GLY P 108 -21.83 10.65 64.67
C GLY P 108 -21.37 10.38 63.27
N ALA P 109 -20.15 10.74 62.90
CA ALA P 109 -19.70 10.53 61.53
C ALA P 109 -19.68 9.05 61.16
N LEU P 110 -19.74 8.76 59.86
CA LEU P 110 -19.62 7.39 59.38
C LEU P 110 -18.43 7.18 58.44
N ILE P 111 -17.42 6.46 58.92
CA ILE P 111 -16.22 6.16 58.10
C ILE P 111 -16.57 5.31 56.87
N VAL P 112 -16.43 5.88 55.68
CA VAL P 112 -16.87 5.18 54.48
C VAL P 112 -15.74 4.52 53.69
N GLY P 113 -14.50 4.73 54.09
CA GLY P 113 -13.42 4.01 53.46
C GLY P 113 -12.02 4.47 53.76
N LYS P 114 -11.07 3.63 53.35
CA LYS P 114 -9.67 3.90 53.56
C LYS P 114 -9.13 4.27 52.22
N THR P 115 -8.52 5.44 52.18
CA THR P 115 -8.19 6.13 50.97
C THR P 115 -6.73 5.90 50.49
N ASN P 116 -6.52 5.92 49.18
CA ASN P 116 -5.20 5.62 48.59
C ASN P 116 -4.19 6.73 48.93
N LEU P 117 -2.90 6.38 48.93
CA LEU P 117 -1.81 7.30 49.25
C LEU P 117 -0.47 6.80 48.68
N ASP P 118 0.52 7.68 48.63
CA ASP P 118 1.89 7.25 48.36
C ASP P 118 2.26 6.37 49.55
N GLU P 119 3.05 5.33 49.30
CA GLU P 119 3.45 4.41 50.36
C GLU P 119 4.10 5.14 51.54
N PHE P 120 3.52 4.92 52.71
CA PHE P 120 3.95 5.53 53.97
C PHE P 120 3.94 7.05 53.90
N ALA P 121 3.08 7.58 53.04
CA ALA P 121 2.87 9.05 52.85
C ALA P 121 4.08 9.81 52.30
N MET P 122 4.93 9.10 51.58
CA MET P 122 6.14 9.68 51.02
C MET P 122 6.01 9.83 49.52
N GLY P 123 5.81 11.07 49.07
CA GLY P 123 5.61 11.37 47.65
C GLY P 123 4.61 12.48 47.40
N SER P 124 4.55 12.97 46.17
CA SER P 124 3.66 14.09 45.87
C SER P 124 2.67 13.84 44.73
N SER P 125 2.30 12.59 44.50
CA SER P 125 1.46 12.24 43.34
C SER P 125 0.58 11.00 43.52
N THR P 126 0.79 10.26 44.61
CA THR P 126 0.12 8.96 44.86
C THR P 126 0.60 7.79 43.95
N GLU P 127 1.46 8.09 42.99
CA GLU P 127 2.04 7.05 42.16
C GLU P 127 2.81 6.00 42.96
N TYR P 128 3.30 6.37 44.16
CA TYR P 128 4.07 5.45 45.00
C TYR P 128 3.24 4.54 45.88
N SER P 129 1.93 4.61 45.74
CA SER P 129 1.04 3.62 46.33
C SER P 129 1.53 2.26 45.83
N ALA P 130 1.78 1.34 46.77
CA ALA P 130 2.21 -0.03 46.44
C ALA P 130 1.18 -0.83 45.64
N PHE P 131 -0.03 -0.29 45.55
CA PHE P 131 -1.16 -1.04 45.02
C PHE P 131 -1.60 -0.58 43.63
N PHE P 132 -1.84 0.72 43.49
CA PHE P 132 -2.30 1.32 42.23
C PHE P 132 -2.34 2.85 42.36
N PRO P 133 -2.17 3.56 41.23
CA PRO P 133 -2.28 5.01 41.25
C PRO P 133 -3.75 5.47 41.36
N THR P 134 -3.98 6.53 42.13
CA THR P 134 -5.23 7.28 42.09
C THR P 134 -5.09 8.34 40.99
N LYS P 135 -6.18 8.60 40.26
CA LYS P 135 -6.17 9.51 39.12
C LYS P 135 -6.95 10.80 39.40
N ASN P 136 -6.49 11.93 38.83
CA ASN P 136 -7.17 13.22 38.94
C ASN P 136 -8.51 13.21 38.22
N PRO P 137 -9.62 13.45 38.95
CA PRO P 137 -10.95 13.39 38.33
C PRO P 137 -11.20 14.53 37.32
N TRP P 138 -10.31 15.51 37.26
CA TRP P 138 -10.42 16.57 36.25
C TRP P 138 -9.66 16.24 34.96
N ASP P 139 -8.82 15.22 35.02
CA ASP P 139 -8.08 14.73 33.85
C ASP P 139 -7.38 13.44 34.30
N LEU P 140 -7.96 12.31 33.94
CA LEU P 140 -7.44 11.05 34.42
C LEU P 140 -6.05 10.70 33.83
N GLU P 141 -5.55 11.52 32.91
CA GLU P 141 -4.14 11.38 32.50
C GLU P 141 -3.21 12.08 33.51
N ARG P 142 -3.83 12.72 34.52
CA ARG P 142 -3.07 13.49 35.49
C ARG P 142 -3.18 13.02 36.92
N VAL P 143 -2.17 13.39 37.68
CA VAL P 143 -1.96 13.01 39.05
C VAL P 143 -2.90 13.82 39.98
N PRO P 144 -3.43 13.21 41.06
CA PRO P 144 -4.29 14.00 41.99
C PRO P 144 -3.46 14.68 43.07
N GLY P 145 -2.14 14.48 43.02
CA GLY P 145 -1.23 14.97 44.07
C GLY P 145 -0.92 13.89 45.07
N GLY P 146 -0.07 14.22 46.03
CA GLY P 146 0.23 13.28 47.10
C GLY P 146 0.85 13.96 48.30
N SER P 147 0.86 13.27 49.44
CA SER P 147 0.47 11.85 49.50
C SER P 147 -1.01 11.53 49.68
N SER P 148 -1.79 12.48 50.22
CA SER P 148 -3.24 12.26 50.40
C SER P 148 -4.08 12.27 49.08
N GLY P 149 -3.61 11.58 48.04
CA GLY P 149 -4.28 11.61 46.72
C GLY P 149 -5.75 11.18 46.68
N GLY P 150 -6.02 10.02 47.29
CA GLY P 150 -7.36 9.47 47.34
C GLY P 150 -8.33 10.27 48.18
N SER P 151 -7.83 10.93 49.23
CA SER P 151 -8.68 11.75 50.11
C SER P 151 -9.13 13.02 49.43
N ALA P 152 -8.23 13.59 48.63
CA ALA P 152 -8.54 14.77 47.85
C ALA P 152 -9.48 14.39 46.71
N ALA P 153 -9.12 13.35 45.95
CA ALA P 153 -9.92 12.90 44.81
C ALA P 153 -11.37 12.53 45.15
N SER P 154 -11.58 11.76 46.21
CA SER P 154 -12.94 11.37 46.60
C SER P 154 -13.78 12.57 47.00
N VAL P 155 -13.18 13.57 47.63
CA VAL P 155 -13.88 14.80 47.98
C VAL P 155 -14.20 15.61 46.70
N ALA P 156 -13.29 15.51 45.72
CA ALA P 156 -13.44 16.21 44.46
C ALA P 156 -14.60 15.65 43.62
N VAL P 157 -14.69 14.32 43.46
CA VAL P 157 -15.85 13.72 42.77
C VAL P 157 -17.05 13.61 43.67
N LEU P 158 -16.87 13.91 44.95
CA LEU P 158 -17.95 13.83 45.93
C LEU P 158 -18.45 12.40 46.14
N SER P 159 -17.54 11.42 45.96
CA SER P 159 -17.80 10.09 46.52
C SER P 159 -17.71 10.08 48.07
N ALA P 160 -17.24 11.20 48.65
CA ALA P 160 -17.43 11.54 50.05
C ALA P 160 -17.41 13.05 50.11
N PRO P 161 -18.18 13.65 51.03
CA PRO P 161 -18.27 15.10 51.12
C PRO P 161 -17.03 15.73 51.75
N VAL P 162 -16.44 15.02 52.70
CA VAL P 162 -15.42 15.57 53.55
C VAL P 162 -14.44 14.42 53.80
N SER P 163 -13.20 14.73 54.15
CA SER P 163 -12.14 13.73 54.15
C SER P 163 -11.02 14.10 55.12
N LEU P 164 -10.39 13.07 55.68
CA LEU P 164 -9.22 13.24 56.52
C LEU P 164 -7.97 12.87 55.71
N GLY P 165 -6.94 13.69 55.77
CA GLY P 165 -5.63 13.32 55.23
C GLY P 165 -4.57 13.62 56.28
N SER P 166 -3.30 13.63 55.87
CA SER P 166 -2.21 14.06 56.72
C SER P 166 -1.19 14.88 55.90
N ASP P 167 -0.43 15.75 56.54
CA ASP P 167 0.41 16.68 55.81
C ASP P 167 1.75 16.78 56.53
N THR P 168 2.79 16.18 55.94
CA THR P 168 4.15 16.24 56.50
C THR P 168 4.97 17.36 55.81
N GLY P 169 4.69 17.62 54.56
CA GLY P 169 5.39 18.66 53.82
C GLY P 169 4.54 19.18 52.70
N GLY P 170 3.23 19.11 52.89
CA GLY P 170 2.32 19.57 51.87
C GLY P 170 1.35 18.52 51.40
N SER P 171 1.19 17.45 52.18
CA SER P 171 0.40 16.28 51.76
C SER P 171 -1.14 16.40 51.84
N ILE P 172 -1.66 17.46 52.44
CA ILE P 172 -3.08 17.82 52.26
C ILE P 172 -3.21 18.94 51.21
N ARG P 173 -2.44 19.99 51.38
CA ARG P 173 -2.59 21.17 50.55
C ARG P 173 -2.35 20.94 49.05
N GLN P 174 -1.29 20.22 48.70
CA GLN P 174 -0.97 20.06 47.28
C GLN P 174 -1.99 19.17 46.55
N PRO P 175 -2.46 18.08 47.19
CA PRO P 175 -3.64 17.40 46.61
C PRO P 175 -4.94 18.23 46.62
N ALA P 176 -5.16 19.07 47.64
CA ALA P 176 -6.28 20.02 47.59
C ALA P 176 -6.15 20.91 46.36
N SER P 177 -4.93 21.38 46.10
CA SER P 177 -4.72 22.25 44.96
C SER P 177 -5.01 21.52 43.63
N PHE P 178 -4.34 20.39 43.41
CA PHE P 178 -4.51 19.58 42.20
C PHE P 178 -5.94 19.12 41.92
N CYS P 179 -6.70 18.80 42.98
CA CYS P 179 -8.06 18.26 42.80
C CYS P 179 -9.13 19.33 42.95
N GLY P 180 -8.74 20.56 43.22
CA GLY P 180 -9.70 21.68 43.21
C GLY P 180 -10.67 21.63 44.36
N VAL P 181 -10.11 21.51 45.56
CA VAL P 181 -10.82 21.23 46.76
C VAL P 181 -10.12 22.05 47.83
N ILE P 182 -10.81 22.35 48.94
CA ILE P 182 -10.18 22.99 50.09
C ILE P 182 -9.51 21.93 50.98
N GLY P 183 -8.29 22.20 51.39
CA GLY P 183 -7.60 21.34 52.35
C GLY P 183 -6.76 22.11 53.33
N ILE P 184 -6.84 21.73 54.60
CA ILE P 184 -6.13 22.47 55.65
C ILE P 184 -5.21 21.53 56.42
N LYS P 185 -3.98 21.99 56.68
CA LYS P 185 -3.16 21.43 57.73
C LYS P 185 -3.15 22.45 58.88
N PRO P 186 -3.71 22.08 60.05
CA PRO P 186 -3.72 22.93 61.23
C PRO P 186 -2.32 23.11 61.86
N THR P 187 -2.24 23.94 62.91
CA THR P 187 -1.02 24.18 63.66
C THR P 187 -0.48 22.86 64.16
N TYR P 188 0.83 22.70 64.10
CA TYR P 188 1.38 21.47 64.63
C TYR P 188 1.11 21.43 66.11
N GLY P 189 0.38 20.41 66.54
CA GLY P 189 0.00 20.24 67.92
C GLY P 189 -1.50 20.32 68.05
N ARG P 190 -2.18 20.86 67.05
CA ARG P 190 -3.62 20.99 67.16
C ARG P 190 -4.43 19.70 67.10
N VAL P 191 -3.94 18.73 66.34
CA VAL P 191 -4.65 17.47 66.16
C VAL P 191 -3.71 16.33 66.58
N SER P 192 -4.26 15.37 67.30
CA SER P 192 -3.48 14.27 67.87
C SER P 192 -2.86 13.44 66.77
N ARG P 193 -1.65 12.94 67.00
CA ARG P 193 -1.01 12.08 66.03
C ARG P 193 -1.04 10.65 66.54
N TYR P 194 -1.87 10.41 67.55
CA TYR P 194 -2.12 9.07 68.06
C TYR P 194 -2.97 8.24 67.11
N GLY P 195 -2.34 7.21 66.56
CA GLY P 195 -2.96 6.38 65.55
C GLY P 195 -2.69 6.88 64.15
N LEU P 196 -1.88 7.92 64.02
CA LEU P 196 -1.39 8.33 62.71
C LEU P 196 -0.04 7.60 62.50
N VAL P 197 0.00 6.70 61.53
CA VAL P 197 1.28 6.01 61.25
C VAL P 197 2.31 7.09 60.97
N ALA P 198 3.32 7.16 61.83
CA ALA P 198 4.30 8.26 61.79
C ALA P 198 5.29 8.09 60.63
N PHE P 199 5.46 9.21 59.92
CA PHE P 199 6.48 9.42 58.88
C PHE P 199 7.58 10.30 59.50
N ALA P 200 7.31 11.59 59.67
CA ALA P 200 8.22 12.47 60.39
C ALA P 200 7.43 13.13 61.53
N SER P 201 7.70 12.65 62.74
CA SER P 201 6.91 13.01 63.90
C SER P 201 6.89 14.50 64.19
N SER P 202 8.01 15.17 63.88
CA SER P 202 8.16 16.57 64.18
C SER P 202 7.46 17.47 63.12
N LEU P 203 6.94 16.85 62.05
CA LEU P 203 6.29 17.55 60.94
C LEU P 203 4.90 17.06 60.54
N ASP P 204 4.60 15.76 60.75
CA ASP P 204 3.25 15.19 60.53
C ASP P 204 2.12 16.02 61.19
N GLN P 205 1.00 16.17 60.47
CA GLN P 205 -0.26 16.59 61.10
C GLN P 205 -1.47 16.13 60.30
N ILE P 206 -2.43 15.51 60.97
CA ILE P 206 -3.71 15.22 60.33
C ILE P 206 -4.39 16.54 59.97
N GLY P 207 -5.10 16.54 58.84
CA GLY P 207 -5.87 17.68 58.39
C GLY P 207 -7.13 17.25 57.65
N VAL P 208 -7.83 18.22 57.07
CA VAL P 208 -9.15 18.00 56.49
C VAL P 208 -9.28 18.52 55.06
N PHE P 209 -9.99 17.74 54.25
CA PHE P 209 -10.40 18.14 52.92
C PHE P 209 -11.91 18.34 52.89
N GLY P 210 -12.37 19.37 52.18
CA GLY P 210 -13.80 19.58 51.95
C GLY P 210 -13.99 20.55 50.79
N ARG P 211 -15.24 20.84 50.46
CA ARG P 211 -15.56 21.72 49.33
C ARG P 211 -16.14 23.06 49.79
N ARG P 212 -16.67 23.08 51.00
CA ARG P 212 -17.13 24.32 51.60
C ARG P 212 -16.41 24.55 52.91
N THR P 213 -16.03 25.80 53.15
CA THR P 213 -15.23 26.17 54.32
C THR P 213 -15.91 25.75 55.63
N GLU P 214 -17.24 25.76 55.68
CA GLU P 214 -17.94 25.33 56.90
C GLU P 214 -17.79 23.85 57.19
N ASP P 215 -17.80 23.05 56.12
CA ASP P 215 -17.59 21.62 56.24
C ASP P 215 -16.21 21.36 56.86
N VAL P 216 -15.20 22.04 56.31
CA VAL P 216 -13.82 21.88 56.75
C VAL P 216 -13.65 22.38 58.20
N ALA P 217 -14.25 23.52 58.52
CA ALA P 217 -14.16 24.09 59.86
C ALA P 217 -14.76 23.18 60.92
N LEU P 218 -15.86 22.52 60.58
CA LEU P 218 -16.57 21.65 61.49
C LEU P 218 -15.80 20.37 61.78
N VAL P 219 -15.29 19.71 60.73
CA VAL P 219 -14.57 18.44 60.89
C VAL P 219 -13.28 18.68 61.67
N LEU P 220 -12.62 19.80 61.41
CA LEU P 220 -11.43 20.23 62.15
C LEU P 220 -11.74 20.44 63.62
N GLU P 221 -12.80 21.18 63.90
CA GLU P 221 -13.25 21.43 65.28
C GLU P 221 -13.42 20.11 66.04
N VAL P 222 -14.05 19.17 65.38
CA VAL P 222 -14.36 17.90 66.01
C VAL P 222 -13.09 17.09 66.36
N ILE P 223 -12.16 17.00 65.44
CA ILE P 223 -10.96 16.17 65.61
C ILE P 223 -9.82 16.84 66.41
N SER P 224 -9.90 18.17 66.56
CA SER P 224 -8.82 18.93 67.19
C SER P 224 -8.90 18.84 68.70
N GLY P 225 -7.83 19.29 69.36
CA GLY P 225 -7.80 19.40 70.82
C GLY P 225 -6.87 18.42 71.49
N TRP P 226 -6.52 18.73 72.74
CA TRP P 226 -5.57 17.96 73.54
C TRP P 226 -5.89 16.48 73.60
N ASP P 227 -4.85 15.67 73.47
CA ASP P 227 -4.93 14.24 73.63
C ASP P 227 -3.85 13.81 74.61
N GLU P 228 -4.27 13.09 75.66
CA GLU P 228 -3.35 12.57 76.67
C GLU P 228 -2.43 11.47 76.10
N LYS P 229 -2.86 10.85 75.01
CA LYS P 229 -2.09 9.81 74.36
C LYS P 229 -1.01 10.35 73.42
N ASP P 230 -0.92 11.68 73.32
CA ASP P 230 0.06 12.35 72.44
C ASP P 230 0.80 13.47 73.18
N SER P 231 2.10 13.29 73.39
CA SER P 231 2.92 14.25 74.15
C SER P 231 3.08 15.59 73.46
N THR P 232 2.84 15.61 72.16
CA THR P 232 3.16 16.76 71.36
C THR P 232 1.91 17.56 71.05
N SER P 233 0.73 16.99 71.41
CA SER P 233 -0.55 17.70 71.26
C SER P 233 -0.70 18.76 72.33
N ALA P 234 -1.13 19.95 71.90
CA ALA P 234 -1.09 21.12 72.75
C ALA P 234 -2.31 21.22 73.65
N LYS P 235 -2.11 21.71 74.86
CA LYS P 235 -3.18 21.94 75.82
C LYS P 235 -3.74 23.33 75.58
N VAL P 236 -4.35 23.51 74.42
CA VAL P 236 -4.91 24.79 73.97
C VAL P 236 -6.37 24.51 73.62
N PRO P 237 -7.30 25.35 74.11
CA PRO P 237 -8.72 25.15 73.78
C PRO P 237 -8.99 25.27 72.29
N VAL P 238 -9.93 24.47 71.79
CA VAL P 238 -10.28 24.49 70.37
C VAL P 238 -11.29 25.61 70.13
N PRO P 239 -10.96 26.57 69.26
CA PRO P 239 -11.90 27.63 68.88
C PRO P 239 -13.19 27.08 68.27
N GLU P 240 -14.29 27.79 68.47
CA GLU P 240 -15.58 27.39 67.90
C GLU P 240 -15.61 27.76 66.43
N TRP P 241 -14.86 27.01 65.62
CA TRP P 241 -14.59 27.38 64.23
C TRP P 241 -15.83 27.45 63.36
N SER P 242 -16.83 26.62 63.65
CA SER P 242 -18.09 26.62 62.88
C SER P 242 -18.88 27.93 63.04
N GLU P 243 -18.75 28.55 64.21
CA GLU P 243 -19.33 29.85 64.52
C GLU P 243 -18.44 31.01 64.12
N GLU P 244 -17.21 30.70 63.72
CA GLU P 244 -16.20 31.74 63.55
C GLU P 244 -15.88 32.05 62.08
N VAL P 245 -16.06 31.05 61.21
CA VAL P 245 -15.77 31.17 59.77
C VAL P 245 -16.53 32.28 59.09
N LYS P 246 -17.80 32.41 59.47
CA LYS P 246 -18.72 33.32 58.79
C LYS P 246 -18.50 34.78 59.18
N LYS P 247 -17.81 35.02 60.30
CA LYS P 247 -17.45 36.36 60.75
C LYS P 247 -16.42 37.01 59.81
N GLU P 248 -16.29 38.34 59.90
CA GLU P 248 -15.36 39.08 59.04
C GLU P 248 -14.57 40.07 59.88
N VAL P 249 -13.24 39.95 59.81
CA VAL P 249 -12.35 40.83 60.55
C VAL P 249 -11.82 41.90 59.62
N LYS P 250 -11.90 43.15 60.05
CA LYS P 250 -11.55 44.25 59.18
C LYS P 250 -10.07 44.59 59.20
N GLY P 251 -9.58 45.03 58.03
CA GLY P 251 -8.21 45.51 57.89
C GLY P 251 -7.13 44.44 58.07
N LEU P 252 -7.38 43.24 57.56
CA LEU P 252 -6.37 42.19 57.57
C LEU P 252 -5.30 42.46 56.51
N LYS P 253 -4.14 41.83 56.69
CA LYS P 253 -2.96 42.07 55.86
C LYS P 253 -2.35 40.79 55.28
N ILE P 254 -1.94 40.84 54.03
CA ILE P 254 -1.40 39.67 53.34
C ILE P 254 0.02 39.96 52.87
N GLY P 255 0.93 39.03 53.18
CA GLY P 255 2.33 39.16 52.84
C GLY P 255 2.66 38.34 51.62
N LEU P 256 3.37 38.97 50.68
CA LEU P 256 3.86 38.28 49.52
C LEU P 256 5.36 38.18 49.66
N PRO P 257 5.90 37.00 49.99
CA PRO P 257 7.34 36.88 50.17
C PRO P 257 8.13 37.17 48.90
N LYS P 258 9.05 38.12 49.00
CA LYS P 258 9.90 38.55 47.88
C LYS P 258 10.77 37.43 47.32
N GLU P 259 11.15 36.50 48.19
CA GLU P 259 11.98 35.37 47.82
C GLU P 259 11.20 34.41 46.93
N PHE P 260 9.87 34.48 47.01
CA PHE P 260 9.02 33.61 46.18
C PHE P 260 8.94 34.06 44.70
N PHE P 261 9.34 35.30 44.42
CA PHE P 261 9.31 35.78 43.04
C PHE P 261 10.40 35.10 42.22
N GLU P 262 11.43 34.64 42.90
CA GLU P 262 12.54 33.92 42.30
C GLU P 262 12.20 32.48 41.90
N TYR P 263 11.01 32.01 42.32
CA TYR P 263 10.61 30.62 42.12
C TYR P 263 10.00 30.45 40.74
N GLU P 264 10.45 29.44 40.01
CA GLU P 264 9.88 29.12 38.70
C GLU P 264 8.42 28.72 38.85
N LEU P 265 7.50 29.57 38.36
CA LEU P 265 6.08 29.23 38.26
C LEU P 265 5.65 29.05 36.81
N GLN P 266 4.75 28.09 36.57
CA GLN P 266 4.01 28.05 35.32
C GLN P 266 3.16 29.32 35.18
N PRO P 267 3.12 29.90 33.96
CA PRO P 267 2.43 31.16 33.66
C PRO P 267 0.96 31.12 34.06
N GLN P 268 0.29 30.00 33.82
CA GLN P 268 -1.08 29.80 34.23
C GLN P 268 -1.29 29.95 35.74
N VAL P 269 -0.36 29.41 36.52
CA VAL P 269 -0.41 29.51 37.98
C VAL P 269 -0.18 30.96 38.40
N LYS P 270 0.84 31.58 37.82
CA LYS P 270 1.17 32.97 38.17
C LYS P 270 -0.02 33.88 37.94
N GLU P 271 -0.63 33.76 36.77
CA GLU P 271 -1.82 34.50 36.34
C GLU P 271 -3.01 34.32 37.31
N ALA P 272 -3.36 33.06 37.59
CA ALA P 272 -4.38 32.70 38.58
C ALA P 272 -4.12 33.33 39.96
N PHE P 273 -2.87 33.28 40.40
CA PHE P 273 -2.50 33.83 41.71
C PHE P 273 -2.64 35.33 41.77
N GLU P 274 -2.13 36.01 40.74
CA GLU P 274 -2.21 37.49 40.68
C GLU P 274 -3.65 37.99 40.73
N ASN P 275 -4.55 37.25 40.08
CA ASN P 275 -5.96 37.55 40.08
C ASN P 275 -6.60 37.35 41.44
N PHE P 276 -6.24 36.26 42.12
CA PHE P 276 -6.69 35.96 43.49
C PHE P 276 -6.34 37.10 44.42
N ILE P 277 -5.12 37.59 44.30
CA ILE P 277 -4.62 38.71 45.10
C ILE P 277 -5.28 40.07 44.73
N LYS P 278 -5.44 40.35 43.43
CA LYS P 278 -6.11 41.57 43.02
C LYS P 278 -7.55 41.58 43.54
N GLU P 279 -8.20 40.42 43.48
CA GLU P 279 -9.57 40.28 43.88
C GLU P 279 -9.73 40.44 45.40
N LEU P 280 -8.74 39.97 46.17
CA LEU P 280 -8.69 40.19 47.61
C LEU P 280 -8.39 41.64 47.96
N GLU P 281 -7.48 42.26 47.22
CA GLU P 281 -7.22 43.69 47.36
C GLU P 281 -8.53 44.48 47.23
N LYS P 282 -9.33 44.19 46.20
CA LYS P 282 -10.61 44.87 45.99
C LYS P 282 -11.57 44.77 47.19
N GLU P 283 -11.56 43.62 47.85
CA GLU P 283 -12.39 43.39 49.03
C GLU P 283 -11.83 44.06 50.30
N GLY P 284 -10.67 44.71 50.19
CA GLY P 284 -10.17 45.53 51.29
C GLY P 284 -8.97 45.01 52.07
N PHE P 285 -8.38 43.92 51.60
CA PHE P 285 -7.16 43.39 52.17
C PHE P 285 -6.02 44.29 51.78
N GLU P 286 -5.19 44.65 52.75
CA GLU P 286 -3.93 45.33 52.43
C GLU P 286 -2.87 44.31 52.01
N ILE P 287 -2.25 44.54 50.85
CA ILE P 287 -1.25 43.60 50.30
C ILE P 287 0.17 44.21 50.43
N LYS P 288 1.06 43.45 51.08
CA LYS P 288 2.43 43.90 51.36
C LYS P 288 3.45 42.86 50.98
N GLU P 289 4.60 43.30 50.47
CA GLU P 289 5.72 42.41 50.25
C GLU P 289 6.40 42.16 51.59
N VAL P 290 6.69 40.90 51.89
CA VAL P 290 7.49 40.58 53.07
C VAL P 290 8.79 39.86 52.64
N SER P 291 9.75 39.78 53.58
CA SER P 291 10.95 38.97 53.40
C SER P 291 10.93 37.71 54.26
N LEU P 292 11.44 36.64 53.67
CA LEU P 292 11.74 35.39 54.37
C LEU P 292 13.11 34.97 53.85
N PRO P 293 14.18 35.58 54.39
CA PRO P 293 15.49 35.42 53.78
C PRO P 293 15.97 33.97 53.69
N HIS P 294 15.40 33.10 54.51
CA HIS P 294 15.84 31.69 54.57
C HIS P 294 14.92 30.68 53.88
N VAL P 295 13.72 31.07 53.46
CA VAL P 295 12.80 30.06 52.89
C VAL P 295 13.38 29.20 51.77
N LYS P 296 14.20 29.79 50.90
CA LYS P 296 14.76 29.01 49.79
C LYS P 296 15.44 27.74 50.29
N TYR P 297 15.89 27.75 51.53
CA TYR P 297 16.54 26.58 52.16
C TYR P 297 15.57 25.54 52.73
N SER P 298 14.25 25.79 52.65
CA SER P 298 13.24 24.86 53.14
C SER P 298 13.31 23.44 52.55
N ILE P 299 13.48 23.35 51.24
CA ILE P 299 13.52 22.04 50.56
C ILE P 299 14.67 21.14 51.05
N PRO P 300 15.91 21.65 51.02
CA PRO P 300 17.02 20.81 51.50
C PRO P 300 16.87 20.48 52.98
N THR P 301 16.41 21.44 53.75
CA THR P 301 16.18 21.25 55.18
C THR P 301 15.17 20.11 55.41
N TYR P 302 14.11 20.13 54.62
CA TYR P 302 13.03 19.17 54.76
C TYR P 302 13.47 17.79 54.29
N TYR P 303 14.25 17.75 53.23
CA TYR P 303 14.70 16.47 52.71
C TYR P 303 15.91 15.93 53.43
N ILE P 304 16.21 16.53 54.59
CA ILE P 304 17.11 15.93 55.56
C ILE P 304 16.35 15.53 56.79
N ILE P 305 15.54 16.44 57.34
CA ILE P 305 14.73 16.11 58.51
C ILE P 305 13.75 14.96 58.27
N ALA P 306 12.94 15.06 57.22
CA ALA P 306 11.89 14.05 56.92
C ALA P 306 12.46 12.65 56.76
N PRO P 307 13.37 12.42 55.77
CA PRO P 307 14.06 11.13 55.64
C PRO P 307 14.73 10.61 56.93
N SER P 308 15.31 11.48 57.77
CA SER P 308 15.92 11.01 59.02
C SER P 308 14.88 10.44 59.97
N GLU P 309 13.87 11.24 60.28
CA GLU P 309 12.79 10.82 61.17
C GLU P 309 12.10 9.59 60.59
N ALA P 310 11.95 9.56 59.26
CA ALA P 310 11.37 8.41 58.58
C ALA P 310 12.14 7.13 58.81
N SER P 311 13.46 7.21 58.78
CA SER P 311 14.25 6.00 58.94
C SER P 311 14.03 5.46 60.36
N SER P 312 13.86 6.38 61.30
CA SER P 312 13.71 5.97 62.69
C SER P 312 12.34 5.41 62.93
N ASN P 313 11.34 6.09 62.38
CA ASN P 313 9.95 5.68 62.56
C ASN P 313 9.61 4.41 61.81
N LEU P 314 10.39 4.10 60.78
CA LEU P 314 10.11 2.89 59.99
C LEU P 314 10.91 1.67 60.44
N ALA P 315 11.65 1.82 61.54
CA ALA P 315 12.51 0.76 62.06
C ALA P 315 11.71 -0.41 62.60
N ARG P 316 10.45 -0.13 62.91
CA ARG P 316 9.59 -1.07 63.58
C ARG P 316 8.96 -2.10 62.64
N TYR P 317 9.03 -1.85 61.33
CA TYR P 317 8.46 -2.76 60.34
C TYR P 317 9.50 -3.80 60.01
N ASP P 318 9.36 -4.96 60.64
CA ASP P 318 10.45 -5.94 60.72
C ASP P 318 10.05 -7.42 60.76
N GLY P 319 8.79 -7.73 60.50
CA GLY P 319 8.33 -9.12 60.44
C GLY P 319 8.21 -9.80 61.78
N VAL P 320 8.40 -9.07 62.87
CA VAL P 320 8.29 -9.69 64.18
C VAL P 320 6.89 -9.68 64.76
N ARG P 321 6.30 -8.51 64.96
CA ARG P 321 5.05 -8.41 65.71
C ARG P 321 3.76 -8.30 64.88
N TYR P 322 3.87 -7.85 63.63
CA TYR P 322 2.74 -7.65 62.73
C TYR P 322 3.25 -7.55 61.30
N GLY P 323 2.28 -7.53 60.36
CA GLY P 323 2.56 -7.26 58.95
C GLY P 323 3.33 -8.31 58.17
N TYR P 324 3.91 -7.88 57.06
CA TYR P 324 4.62 -8.74 56.12
C TYR P 324 5.87 -9.40 56.70
N ARG P 325 6.08 -10.65 56.34
CA ARG P 325 7.31 -11.35 56.61
C ARG P 325 7.76 -12.14 55.38
N ALA P 326 8.99 -11.90 54.92
CA ALA P 326 9.57 -12.67 53.81
C ALA P 326 9.42 -14.18 54.02
N LYS P 327 9.24 -14.91 52.93
CA LYS P 327 9.07 -16.36 52.97
C LYS P 327 10.35 -17.16 53.19
N GLU P 328 11.46 -16.71 52.62
CA GLU P 328 12.74 -17.44 52.77
C GLU P 328 13.84 -16.67 53.46
N TYR P 329 14.39 -17.28 54.49
CA TYR P 329 15.49 -16.69 55.23
C TYR P 329 16.24 -17.73 56.07
N LYS P 330 17.55 -17.56 56.20
CA LYS P 330 18.41 -18.52 56.91
C LYS P 330 18.66 -18.15 58.37
N ASP P 331 18.57 -16.86 58.68
CA ASP P 331 18.61 -16.39 60.08
C ASP P 331 17.77 -15.13 60.26
N ILE P 332 17.81 -14.57 61.47
CA ILE P 332 17.04 -13.37 61.81
C ILE P 332 17.47 -12.15 60.98
N PHE P 333 18.77 -12.05 60.70
CA PHE P 333 19.27 -10.95 59.87
C PHE P 333 18.61 -10.97 58.49
N GLU P 334 18.65 -12.13 57.83
CA GLU P 334 18.01 -12.26 56.54
C GLU P 334 16.53 -12.01 56.66
N MET P 335 15.91 -12.50 57.73
CA MET P 335 14.49 -12.28 57.92
C MET P 335 14.20 -10.80 57.90
N TYR P 336 14.94 -10.06 58.71
CA TYR P 336 14.81 -8.63 58.78
C TYR P 336 15.01 -7.99 57.43
N ALA P 337 16.17 -8.25 56.82
CA ALA P 337 16.59 -7.46 55.66
C ALA P 337 15.85 -7.82 54.39
N ARG P 338 15.32 -9.04 54.35
CA ARG P 338 14.48 -9.49 53.23
C ARG P 338 13.04 -9.01 53.35
N THR P 339 12.48 -9.12 54.55
CA THR P 339 11.14 -8.61 54.85
C THR P 339 11.04 -7.18 54.38
N ARG P 340 12.06 -6.39 54.71
CA ARG P 340 12.06 -4.96 54.46
C ARG P 340 12.35 -4.59 53.01
N ASP P 341 13.32 -5.23 52.38
CA ASP P 341 13.58 -4.96 50.97
C ASP P 341 12.35 -5.33 50.14
N GLU P 342 11.67 -6.40 50.53
CA GLU P 342 10.48 -6.85 49.82
C GLU P 342 9.20 -6.09 50.16
N GLY P 343 9.10 -5.64 51.42
CA GLY P 343 7.88 -4.99 51.91
C GLY P 343 7.81 -3.51 51.63
N PHE P 344 8.98 -2.84 51.59
CA PHE P 344 9.06 -1.40 51.32
C PHE P 344 9.20 -1.10 49.82
N GLY P 345 8.48 -0.06 49.38
CA GLY P 345 8.61 0.51 48.04
C GLY P 345 9.89 1.32 47.83
N PRO P 346 10.20 1.67 46.56
CA PRO P 346 11.41 2.40 46.21
C PRO P 346 11.62 3.76 46.89
N GLU P 347 10.64 4.65 46.86
CA GLU P 347 10.81 5.96 47.52
C GLU P 347 11.04 5.80 49.02
N VAL P 348 10.28 4.90 49.64
CA VAL P 348 10.44 4.59 51.06
C VAL P 348 11.86 4.10 51.32
N LYS P 349 12.31 3.13 50.54
CA LYS P 349 13.70 2.63 50.68
C LYS P 349 14.74 3.73 50.53
N ARG P 350 14.52 4.65 49.61
CA ARG P 350 15.41 5.81 49.39
C ARG P 350 15.52 6.73 50.61
N ARG P 351 14.40 6.95 51.29
CA ARG P 351 14.37 7.85 52.43
C ARG P 351 14.94 7.17 53.65
N ILE P 352 14.72 5.86 53.74
CA ILE P 352 15.36 5.06 54.78
C ILE P 352 16.88 5.13 54.69
N MET P 353 17.43 4.92 53.49
CA MET P 353 18.92 4.97 53.27
C MET P 353 19.48 6.35 53.60
N LEU P 354 18.87 7.38 53.04
CA LEU P 354 19.22 8.75 53.30
C LEU P 354 19.14 9.09 54.80
N GLY P 355 18.08 8.61 55.45
CA GLY P 355 17.86 8.90 56.85
C GLY P 355 18.94 8.32 57.75
N THR P 356 19.28 7.06 57.52
CA THR P 356 20.24 6.35 58.37
C THR P 356 21.65 6.91 58.17
N PHE P 357 21.87 7.53 57.02
CA PHE P 357 23.08 8.32 56.79
C PHE P 357 23.05 9.62 57.59
N ALA P 358 22.01 10.41 57.37
CA ALA P 358 21.87 11.71 58.06
C ALA P 358 21.96 11.64 59.59
N LEU P 359 21.64 10.49 60.17
CA LEU P 359 21.73 10.27 61.62
C LEU P 359 23.03 9.59 62.04
N SER P 360 23.74 9.02 61.07
CA SER P 360 25.00 8.35 61.38
C SER P 360 25.99 9.34 62.02
N ALA P 361 26.70 8.88 63.05
CA ALA P 361 27.70 9.68 63.73
C ALA P 361 28.77 10.03 62.71
N GLY P 362 29.26 11.25 62.79
CA GLY P 362 30.21 11.67 61.77
C GLY P 362 29.51 12.50 60.73
N TYR P 363 28.21 12.26 60.54
CA TYR P 363 27.42 13.07 59.63
C TYR P 363 26.21 13.76 60.24
N TYR P 364 25.87 13.35 61.46
CA TYR P 364 24.70 13.90 62.15
C TYR P 364 24.76 15.41 62.33
N ASP P 365 25.93 15.92 62.72
CA ASP P 365 26.15 17.35 62.97
C ASP P 365 25.91 18.19 61.72
N ALA P 366 26.40 17.72 60.60
CA ALA P 366 26.32 18.46 59.34
C ALA P 366 24.97 18.26 58.63
N TYR P 367 24.28 17.18 58.96
CA TYR P 367 23.01 16.88 58.34
C TYR P 367 21.81 17.21 59.26
N TYR P 368 21.36 16.25 60.05
CA TYR P 368 20.13 16.43 60.88
C TYR P 368 20.22 17.61 61.87
N LEU P 369 21.29 17.66 62.66
CA LEU P 369 21.43 18.75 63.59
C LEU P 369 21.46 20.11 62.87
N LYS P 370 22.28 20.22 61.82
CA LYS P 370 22.33 21.45 61.02
C LYS P 370 20.95 21.85 60.55
N ALA P 371 20.22 20.86 60.01
CA ALA P 371 18.90 21.06 59.42
C ALA P 371 17.90 21.58 60.45
N GLN P 372 18.01 21.09 61.68
CA GLN P 372 17.10 21.51 62.74
C GLN P 372 17.40 22.92 63.17
N LYS P 373 18.64 23.36 62.96
CA LYS P 373 18.97 24.76 63.24
C LYS P 373 18.50 25.72 62.13
N VAL P 374 18.80 25.36 60.88
CA VAL P 374 18.28 26.11 59.74
C VAL P 374 16.76 26.19 59.80
N ARG P 375 16.16 25.16 60.37
CA ARG P 375 14.72 25.08 60.55
C ARG P 375 14.25 26.19 61.51
N ARG P 376 15.03 26.50 62.55
CA ARG P 376 14.68 27.63 63.44
C ARG P 376 14.87 29.00 62.80
N LEU P 377 15.91 29.13 61.96
CA LEU P 377 16.08 30.34 61.17
C LEU P 377 14.83 30.60 60.31
N ILE P 378 14.35 29.55 59.63
CA ILE P 378 13.19 29.63 58.75
C ILE P 378 11.94 29.99 59.56
N THR P 379 11.81 29.41 60.73
CA THR P 379 10.67 29.63 61.59
C THR P 379 10.66 31.07 62.00
N ASN P 380 11.84 31.57 62.38
CA ASN P 380 12.03 32.93 62.80
C ASN P 380 11.73 33.97 61.69
N ASP P 381 12.09 33.68 60.45
CA ASP P 381 11.66 34.47 59.28
C ASP P 381 10.15 34.72 59.37
N PHE P 382 9.40 33.65 59.57
CA PHE P 382 7.95 33.72 59.63
C PHE P 382 7.45 34.56 60.80
N LEU P 383 7.94 34.30 62.00
CA LEU P 383 7.49 35.07 63.18
C LEU P 383 7.68 36.57 63.05
N LYS P 384 8.79 36.95 62.40
CA LYS P 384 9.11 38.35 62.17
C LYS P 384 8.18 38.95 61.10
N ALA P 385 8.05 38.24 59.96
CA ALA P 385 7.11 38.63 58.91
C ALA P 385 5.68 38.76 59.46
N PHE P 386 5.34 37.95 60.46
CA PHE P 386 3.99 37.98 61.02
C PHE P 386 3.78 39.15 61.96
N GLU P 387 4.85 39.90 62.20
CA GLU P 387 4.78 41.13 62.98
C GLU P 387 4.12 42.25 62.15
N GLU P 388 4.30 42.18 60.83
CA GLU P 388 3.80 43.17 59.88
C GLU P 388 2.51 42.75 59.17
N VAL P 389 2.32 41.45 58.95
CA VAL P 389 1.17 40.92 58.19
C VAL P 389 0.43 39.83 58.97
N ASP P 390 -0.74 39.42 58.46
CA ASP P 390 -1.57 38.46 59.18
C ASP P 390 -1.52 37.05 58.57
N VAL P 391 -1.42 37.00 57.25
CA VAL P 391 -1.26 35.73 56.58
C VAL P 391 -0.24 35.94 55.51
N ILE P 392 0.36 34.85 55.05
CA ILE P 392 1.29 34.88 53.95
C ILE P 392 0.70 34.06 52.81
N ALA P 393 0.63 34.66 51.62
CA ALA P 393 0.03 33.97 50.47
C ALA P 393 1.03 33.62 49.37
N SER P 394 0.76 32.50 48.71
CA SER P 394 1.50 32.09 47.53
C SER P 394 0.63 31.10 46.77
N PRO P 395 1.01 30.77 45.53
CA PRO P 395 0.46 29.56 44.96
C PRO P 395 0.77 28.36 45.85
N THR P 396 -0.07 27.33 45.82
CA THR P 396 0.18 26.15 46.63
C THR P 396 1.28 25.32 45.96
N THR P 397 1.29 25.40 44.63
CA THR P 397 2.08 24.58 43.75
C THR P 397 2.63 25.46 42.65
N PRO P 398 3.88 25.23 42.21
CA PRO P 398 4.43 25.99 41.09
C PRO P 398 3.85 25.64 39.72
N THR P 399 3.17 24.49 39.62
CA THR P 399 2.62 24.02 38.36
C THR P 399 1.16 23.62 38.48
N LEU P 400 0.53 23.44 37.31
CA LEU P 400 -0.71 22.68 37.16
C LEU P 400 -0.42 21.20 37.41
N PRO P 401 -1.46 20.39 37.77
CA PRO P 401 -1.38 18.92 37.89
C PRO P 401 -0.59 18.31 36.74
N PHE P 402 0.45 17.54 37.06
CA PHE P 402 1.32 16.95 36.05
C PHE P 402 0.88 15.55 35.63
N LYS P 403 1.55 15.00 34.62
CA LYS P 403 1.16 13.71 34.09
C LYS P 403 1.86 12.56 34.80
N PHE P 404 1.23 11.39 34.75
CA PHE P 404 1.80 10.18 35.29
C PHE P 404 3.14 9.91 34.63
N GLY P 405 4.08 9.37 35.41
CA GLY P 405 5.42 9.05 34.90
C GLY P 405 6.33 10.24 34.71
N GLU P 406 5.79 11.44 34.89
CA GLU P 406 6.52 12.66 34.57
C GLU P 406 7.63 12.97 35.59
N ARG P 407 7.41 12.54 36.84
CA ARG P 407 8.33 12.83 37.94
C ARG P 407 8.82 11.57 38.63
N LEU P 408 8.82 10.47 37.88
CA LEU P 408 9.30 9.20 38.39
C LEU P 408 10.71 8.88 37.91
N GLU P 409 11.14 9.59 36.86
CA GLU P 409 12.46 9.40 36.27
C GLU P 409 13.58 9.72 37.30
N ASN P 410 13.73 10.99 37.64
CA ASN P 410 14.60 11.42 38.74
C ASN P 410 13.75 11.70 40.00
N PRO P 411 14.00 10.96 41.10
CA PRO P 411 13.28 11.18 42.36
C PRO P 411 13.20 12.65 42.76
N ILE P 412 14.27 13.40 42.47
CA ILE P 412 14.37 14.82 42.79
C ILE P 412 13.25 15.65 42.16
N GLU P 413 12.81 15.29 40.96
CA GLU P 413 11.75 16.02 40.27
C GLU P 413 10.45 15.96 41.06
N MET P 414 10.23 14.85 41.75
CA MET P 414 9.09 14.72 42.65
C MET P 414 9.20 15.68 43.84
N TYR P 415 10.39 15.76 44.42
CA TYR P 415 10.64 16.62 45.56
C TYR P 415 10.30 18.09 45.28
N LEU P 416 10.60 18.54 44.08
CA LEU P 416 10.40 19.94 43.67
C LEU P 416 8.92 20.35 43.60
N SER P 417 8.03 19.37 43.74
CA SER P 417 6.61 19.62 43.83
C SER P 417 6.26 20.37 45.11
N ASP P 418 7.13 20.22 46.12
CA ASP P 418 6.87 20.62 47.48
C ASP P 418 7.43 21.99 47.88
N ILE P 419 8.05 22.70 46.93
CA ILE P 419 8.81 23.92 47.21
C ILE P 419 7.99 25.02 47.91
N LEU P 420 6.69 25.06 47.69
CA LEU P 420 5.85 26.11 48.32
C LEU P 420 5.12 25.63 49.53
N THR P 421 5.16 24.31 49.77
CA THR P 421 4.38 23.70 50.84
C THR P 421 5.18 23.38 52.09
N VAL P 422 6.44 22.97 51.93
CA VAL P 422 7.26 22.51 53.05
C VAL P 422 7.55 23.60 54.08
N PRO P 423 7.58 24.91 53.67
CA PRO P 423 8.00 25.85 54.70
C PRO P 423 7.01 25.90 55.88
N ALA P 424 5.72 25.68 55.65
CA ALA P 424 4.76 25.71 56.75
C ALA P 424 4.92 24.51 57.72
N ASN P 425 5.31 23.34 57.23
CA ASN P 425 5.57 22.23 58.17
C ASN P 425 6.79 22.48 59.05
N LEU P 426 7.84 23.02 58.42
CA LEU P 426 9.05 23.41 59.11
C LEU P 426 8.76 24.34 60.25
N ALA P 427 8.01 25.39 59.98
CA ALA P 427 7.71 26.37 61.02
C ALA P 427 6.58 25.94 61.97
N GLY P 428 6.01 24.77 61.73
CA GLY P 428 4.90 24.24 62.49
C GLY P 428 3.61 25.04 62.38
N LEU P 429 3.45 25.80 61.29
CA LEU P 429 2.35 26.74 61.10
C LEU P 429 1.13 26.10 60.46
N PRO P 430 -0.08 26.65 60.71
CA PRO P 430 -1.21 26.19 59.92
C PRO P 430 -1.15 26.73 58.49
N ALA P 431 -1.68 25.98 57.54
CA ALA P 431 -1.72 26.44 56.17
C ALA P 431 -2.86 25.78 55.40
N ILE P 432 -3.52 26.58 54.56
CA ILE P 432 -4.65 26.11 53.78
C ILE P 432 -4.38 26.25 52.30
N SER P 433 -4.88 25.30 51.52
CA SER P 433 -4.99 25.48 50.09
C SER P 433 -6.45 25.59 49.69
N ILE P 434 -6.77 26.68 49.00
CA ILE P 434 -8.13 26.91 48.48
C ILE P 434 -8.06 27.10 46.99
N PRO P 435 -9.11 26.64 46.27
CA PRO P 435 -9.11 26.72 44.82
C PRO P 435 -9.42 28.13 44.35
N ILE P 436 -8.58 28.62 43.45
CA ILE P 436 -8.56 30.03 43.07
C ILE P 436 -8.93 30.30 41.60
N ALA P 437 -8.78 29.27 40.77
CA ALA P 437 -9.03 29.35 39.35
C ALA P 437 -9.01 27.96 38.75
N TRP P 438 -9.45 27.87 37.49
CA TRP P 438 -9.33 26.68 36.67
C TRP P 438 -8.68 27.13 35.39
N LYS P 439 -7.56 26.51 35.05
CA LYS P 439 -6.73 26.96 33.96
C LYS P 439 -6.43 25.77 33.08
N ASP P 440 -6.81 25.87 31.81
CA ASP P 440 -6.66 24.77 30.84
C ASP P 440 -7.37 23.51 31.34
N GLY P 441 -8.47 23.70 32.05
CA GLY P 441 -9.27 22.59 32.57
C GLY P 441 -8.84 22.01 33.91
N LEU P 442 -7.81 22.57 34.51
CA LEU P 442 -7.22 22.01 35.72
C LEU P 442 -7.30 23.00 36.87
N PRO P 443 -7.60 22.53 38.09
CA PRO P 443 -7.62 23.39 39.29
C PRO P 443 -6.27 24.02 39.61
N VAL P 444 -6.33 25.21 40.21
CA VAL P 444 -5.15 25.88 40.76
C VAL P 444 -5.49 26.26 42.21
N GLY P 445 -4.57 25.96 43.11
CA GLY P 445 -4.74 26.31 44.52
C GLY P 445 -3.98 27.54 44.97
N GLY P 446 -4.63 28.34 45.80
CA GLY P 446 -3.96 29.45 46.45
C GLY P 446 -3.73 29.06 47.89
N GLN P 447 -2.57 29.45 48.41
CA GLN P 447 -2.22 29.03 49.76
C GLN P 447 -2.11 30.21 50.69
N LEU P 448 -2.66 30.03 51.89
CA LEU P 448 -2.47 31.01 52.93
C LEU P 448 -1.84 30.33 54.12
N ILE P 449 -0.76 30.93 54.61
CA ILE P 449 -0.09 30.44 55.79
C ILE P 449 -0.42 31.38 56.93
N GLY P 450 -0.87 30.81 58.04
CA GLY P 450 -1.29 31.60 59.22
C GLY P 450 -0.32 31.52 60.39
N LYS P 451 -0.55 32.36 61.40
CA LYS P 451 0.21 32.32 62.64
C LYS P 451 -0.18 31.07 63.42
N HIS P 452 0.70 30.65 64.33
CA HIS P 452 0.40 29.54 65.21
C HIS P 452 -0.95 29.78 65.84
N TRP P 453 -1.80 28.78 65.71
CA TRP P 453 -3.09 28.70 66.38
C TRP P 453 -4.14 29.55 65.70
N ASP P 454 -3.77 30.16 64.55
CA ASP P 454 -4.69 31.04 63.85
C ASP P 454 -5.36 30.40 62.63
N GLU P 455 -5.92 29.21 62.83
CA GLU P 455 -6.67 28.55 61.77
C GLU P 455 -7.94 29.35 61.45
N THR P 456 -8.47 30.05 62.45
CA THR P 456 -9.68 30.86 62.27
C THR P 456 -9.55 31.78 61.07
N THR P 457 -8.50 32.58 61.05
CA THR P 457 -8.28 33.56 59.99
C THR P 457 -8.22 32.89 58.62
N LEU P 458 -7.38 31.87 58.51
CA LEU P 458 -7.25 31.06 57.30
C LEU P 458 -8.61 30.58 56.86
N LEU P 459 -9.44 30.19 57.82
CA LEU P 459 -10.77 29.70 57.50
C LEU P 459 -11.71 30.81 57.05
N GLN P 460 -11.65 31.95 57.74
CA GLN P 460 -12.46 33.10 57.41
C GLN P 460 -12.17 33.56 55.99
N ILE P 461 -10.90 33.79 55.64
CA ILE P 461 -10.54 34.19 54.28
C ILE P 461 -11.00 33.14 53.26
N SER P 462 -10.99 31.88 53.68
CA SER P 462 -11.43 30.83 52.78
C SER P 462 -12.93 30.96 52.53
N TYR P 463 -13.68 31.27 53.58
CA TYR P 463 -15.11 31.48 53.49
C TYR P 463 -15.47 32.69 52.60
N LEU P 464 -14.73 33.78 52.75
CA LEU P 464 -14.93 34.94 51.92
C LEU P 464 -14.63 34.63 50.46
N TRP P 465 -13.55 33.92 50.19
CA TRP P 465 -13.18 33.63 48.81
C TRP P 465 -14.21 32.78 48.08
N GLU P 466 -14.85 31.85 48.77
CA GLU P 466 -15.78 30.93 48.10
C GLU P 466 -17.07 31.62 47.72
N GLN P 467 -17.40 32.68 48.47
CA GLN P 467 -18.52 33.58 48.18
C GLN P 467 -18.30 34.28 46.83
N LYS P 468 -17.07 34.76 46.61
CA LYS P 468 -16.69 35.38 45.34
C LYS P 468 -16.54 34.34 44.25
N PHE P 469 -15.87 33.24 44.58
CA PHE P 469 -15.58 32.21 43.61
C PHE P 469 -16.08 30.85 44.12
N LYS P 470 -17.24 30.45 43.61
CA LYS P 470 -17.96 29.27 44.10
C LYS P 470 -17.42 27.97 43.47
N HIS P 471 -16.24 27.56 43.94
CA HIS P 471 -15.52 26.40 43.40
C HIS P 471 -16.22 25.09 43.72
N TYR P 472 -17.09 25.10 44.72
CA TYR P 472 -17.80 23.91 45.17
C TYR P 472 -18.85 23.43 44.18
N GLU P 473 -19.13 24.25 43.18
CA GLU P 473 -20.10 23.95 42.12
C GLU P 473 -19.42 23.25 40.94
N LYS P 474 -18.10 23.39 40.85
CA LYS P 474 -17.32 22.70 39.82
C LYS P 474 -17.17 21.21 40.17
N ILE P 475 -17.99 20.37 39.54
CA ILE P 475 -18.04 18.94 39.86
C ILE P 475 -17.57 18.11 38.66
N PRO P 476 -16.48 17.33 38.84
CA PRO P 476 -15.93 16.59 37.70
C PRO P 476 -16.68 15.29 37.49
N LEU P 477 -16.41 14.63 36.37
CA LEU P 477 -17.08 13.39 36.00
C LEU P 477 -18.60 13.47 36.14
N THR P 478 -19.15 14.57 35.61
CA THR P 478 -20.59 14.84 35.46
C THR P 478 -21.40 14.75 36.76
N GLU Q 3 52.46 -6.98 94.20
CA GLU Q 3 52.04 -7.08 92.77
C GLU Q 3 52.47 -5.84 91.96
N LYS Q 4 52.93 -6.09 90.73
CA LYS Q 4 53.37 -5.04 89.82
C LYS Q 4 52.21 -4.24 89.25
N TYR Q 5 51.04 -4.88 89.12
CA TYR Q 5 49.91 -4.31 88.40
C TYR Q 5 48.79 -3.71 89.26
N GLU Q 6 47.81 -3.13 88.57
CA GLU Q 6 46.69 -2.44 89.18
C GLU Q 6 45.47 -2.71 88.31
N ALA Q 7 44.36 -3.08 88.95
CA ALA Q 7 43.10 -3.25 88.22
C ALA Q 7 42.33 -1.93 88.17
N VAL Q 8 41.79 -1.63 87.00
CA VAL Q 8 40.93 -0.47 86.77
C VAL Q 8 39.57 -1.01 86.35
N ILE Q 9 38.55 -0.76 87.17
CA ILE Q 9 37.22 -1.34 86.98
C ILE Q 9 36.13 -0.27 86.98
N GLY Q 10 35.26 -0.35 85.97
CA GLY Q 10 34.08 0.50 85.88
C GLY Q 10 32.85 -0.34 85.65
N LEU Q 11 31.72 0.11 86.16
CA LEU Q 11 30.46 -0.62 86.03
C LEU Q 11 29.35 0.18 85.35
N GLU Q 12 28.49 -0.53 84.62
CA GLU Q 12 27.33 0.01 83.97
C GLU Q 12 26.14 -0.73 84.53
N ILE Q 13 25.34 -0.05 85.34
CA ILE Q 13 24.26 -0.68 86.08
C ILE Q 13 22.88 -0.21 85.61
N HIS Q 14 22.00 -1.15 85.33
CA HIS Q 14 20.64 -0.80 84.95
C HIS Q 14 19.75 -1.18 86.11
N VAL Q 15 19.03 -0.19 86.64
CA VAL Q 15 18.22 -0.38 87.83
C VAL Q 15 16.74 -0.19 87.48
N GLN Q 16 15.95 -1.21 87.76
CA GLN Q 16 14.53 -1.20 87.50
C GLN Q 16 13.80 -0.37 88.57
N MET Q 17 13.02 0.59 88.12
CA MET Q 17 12.29 1.44 89.04
C MET Q 17 11.00 0.78 89.52
N ASP Q 18 10.77 0.86 90.83
CA ASP Q 18 9.58 0.28 91.45
C ASP Q 18 8.34 1.16 91.22
N THR Q 19 8.02 1.39 89.95
CA THR Q 19 6.79 2.09 89.59
C THR Q 19 5.67 1.05 89.35
N LYS Q 20 4.42 1.50 89.35
CA LYS Q 20 3.27 0.63 89.07
C LYS Q 20 3.18 0.37 87.59
N THR Q 21 3.67 1.33 86.82
CA THR Q 21 3.34 1.50 85.43
C THR Q 21 4.62 1.64 84.58
N LYS Q 22 4.55 1.31 83.29
CA LYS Q 22 5.77 1.39 82.47
C LYS Q 22 6.26 2.83 82.27
N MET Q 23 7.38 2.99 81.58
CA MET Q 23 7.96 4.32 81.39
C MET Q 23 7.16 5.26 80.47
N PHE Q 24 6.59 4.67 79.40
CA PHE Q 24 6.01 5.48 78.32
C PHE Q 24 4.59 5.05 77.97
N CYS Q 25 4.03 4.15 78.77
CA CYS Q 25 2.61 3.74 78.68
C CYS Q 25 2.08 3.33 80.06
N GLY Q 26 0.78 3.09 80.14
CA GLY Q 26 0.13 2.82 81.42
C GLY Q 26 0.01 1.36 81.79
N CYS Q 27 0.71 0.48 81.07
CA CYS Q 27 0.69 -0.94 81.40
C CYS Q 27 1.42 -1.20 82.73
N LYS Q 28 1.01 -2.26 83.39
CA LYS Q 28 1.55 -2.62 84.68
C LYS Q 28 2.95 -3.17 84.56
N VAL Q 29 3.77 -2.77 85.53
CA VAL Q 29 5.06 -3.41 85.73
C VAL Q 29 4.83 -4.44 86.82
N GLU Q 30 4.98 -5.73 86.46
CA GLU Q 30 4.89 -6.80 87.45
C GLU Q 30 5.68 -8.04 87.05
N PHE Q 31 6.18 -8.76 88.05
CA PHE Q 31 7.01 -9.94 87.81
C PHE Q 31 6.15 -11.20 87.60
N GLY Q 32 6.54 -12.02 86.63
CA GLY Q 32 5.92 -13.33 86.40
C GLY Q 32 4.49 -13.37 85.87
N ALA Q 33 4.08 -12.36 85.11
CA ALA Q 33 2.77 -12.38 84.46
C ALA Q 33 2.79 -13.34 83.27
N GLU Q 34 1.60 -13.68 82.75
CA GLU Q 34 1.47 -14.46 81.52
C GLU Q 34 2.03 -13.67 80.32
N PRO Q 35 2.77 -14.34 79.43
CA PRO Q 35 3.49 -13.65 78.34
C PRO Q 35 2.59 -12.71 77.57
N ASN Q 36 3.09 -11.53 77.25
CA ASN Q 36 2.38 -10.54 76.47
C ASN Q 36 0.96 -10.21 77.00
N THR Q 37 0.80 -10.08 78.31
CA THR Q 37 -0.50 -9.60 78.82
C THR Q 37 -0.49 -8.15 79.30
N ASN Q 38 0.66 -7.70 79.81
CA ASN Q 38 0.83 -6.32 80.22
C ASN Q 38 1.39 -5.43 79.13
N VAL Q 39 0.58 -5.27 78.09
CA VAL Q 39 1.05 -4.92 76.79
C VAL Q 39 0.02 -4.02 76.08
N CYS Q 40 0.49 -3.14 75.19
CA CYS Q 40 -0.39 -2.14 74.58
C CYS Q 40 0.28 -1.66 73.31
N PRO Q 41 -0.41 -0.86 72.49
CA PRO Q 41 0.17 -0.40 71.23
C PRO Q 41 1.47 0.38 71.40
N VAL Q 42 1.61 1.09 72.53
CA VAL Q 42 2.79 1.92 72.76
C VAL Q 42 3.94 1.00 73.00
N CYS Q 43 3.85 0.26 74.10
CA CYS Q 43 4.95 -0.61 74.48
C CYS Q 43 5.18 -1.75 73.51
N LEU Q 44 4.22 -2.04 72.63
CA LEU Q 44 4.41 -3.09 71.62
C LEU Q 44 5.00 -2.63 70.30
N GLY Q 45 5.31 -1.33 70.21
CA GLY Q 45 5.90 -0.74 69.02
C GLY Q 45 4.97 -0.85 67.83
N MET Q 46 3.70 -0.58 68.08
CA MET Q 46 2.72 -0.66 67.03
C MET Q 46 2.70 0.62 66.21
N PRO Q 47 2.23 0.55 64.95
CA PRO Q 47 2.23 1.74 64.10
C PRO Q 47 1.25 2.76 64.67
N GLY Q 48 1.67 4.02 64.77
CA GLY Q 48 0.81 5.10 65.21
C GLY Q 48 0.82 5.37 66.69
N ALA Q 49 1.52 4.52 67.46
CA ALA Q 49 1.46 4.59 68.91
C ALA Q 49 2.52 5.54 69.52
N LEU Q 50 2.15 6.36 70.52
CA LEU Q 50 3.06 7.40 71.02
C LEU Q 50 3.44 7.27 72.50
N PRO Q 51 4.71 7.65 72.87
CA PRO Q 51 5.14 7.56 74.28
C PRO Q 51 4.66 8.72 75.13
N ILE Q 52 4.28 8.42 76.37
CA ILE Q 52 3.92 9.44 77.39
C ILE Q 52 4.72 9.17 78.66
N VAL Q 53 5.56 10.13 79.03
CA VAL Q 53 6.45 10.05 80.19
C VAL Q 53 5.75 9.79 81.52
N ASN Q 54 6.22 8.78 82.26
CA ASN Q 54 5.75 8.50 83.63
C ASN Q 54 6.34 9.48 84.68
N LYS Q 55 5.49 10.25 85.33
CA LYS Q 55 5.91 11.24 86.32
C LYS Q 55 6.64 10.65 87.52
N ARG Q 56 6.15 9.52 88.05
CA ARG Q 56 6.81 8.86 89.17
C ARG Q 56 8.16 8.33 88.80
N ALA Q 57 8.29 7.78 87.59
CA ALA Q 57 9.57 7.36 87.04
C ALA Q 57 10.57 8.54 87.07
N VAL Q 58 10.12 9.70 86.63
CA VAL Q 58 10.95 10.90 86.72
C VAL Q 58 11.27 11.29 88.17
N GLU Q 59 10.25 11.28 89.05
CA GLU Q 59 10.44 11.61 90.47
C GLU Q 59 11.48 10.69 91.10
N TYR Q 60 11.41 9.40 90.79
CA TYR Q 60 12.28 8.41 91.39
C TYR Q 60 13.69 8.56 90.93
N ALA Q 61 13.89 8.83 89.64
CA ALA Q 61 15.23 8.99 89.08
C ALA Q 61 15.92 10.24 89.59
N ILE Q 62 15.15 11.29 89.86
CA ILE Q 62 15.67 12.50 90.53
C ILE Q 62 16.13 12.13 91.94
N ARG Q 63 15.25 11.46 92.68
CA ARG Q 63 15.55 11.03 94.05
C ARG Q 63 16.82 10.20 94.09
N ALA Q 64 16.92 9.22 93.19
CA ALA Q 64 18.10 8.38 93.11
C ALA Q 64 19.35 9.18 92.76
N SER Q 65 19.23 10.13 91.84
CA SER Q 65 20.33 10.99 91.46
C SER Q 65 20.92 11.76 92.62
N LEU Q 66 20.02 12.30 93.44
CA LEU Q 66 20.36 13.08 94.63
C LEU Q 66 20.98 12.20 95.71
N ALA Q 67 20.41 11.01 95.90
CA ALA Q 67 20.98 10.05 96.82
C ALA Q 67 22.37 9.59 96.38
N LEU Q 68 22.66 9.64 95.09
CA LEU Q 68 24.02 9.38 94.59
C LEU Q 68 24.84 10.64 94.47
N ASN Q 69 24.35 11.75 95.03
CA ASN Q 69 25.13 12.99 95.10
C ASN Q 69 25.44 13.61 93.75
N CYS Q 70 24.58 13.35 92.77
CA CYS Q 70 24.71 13.89 91.43
C CYS Q 70 24.15 15.30 91.35
N GLU Q 71 24.67 16.03 90.36
CA GLU Q 71 24.06 17.24 89.86
C GLU Q 71 22.86 16.86 88.99
N VAL Q 72 21.64 17.26 89.39
CA VAL Q 72 20.45 17.05 88.56
C VAL Q 72 20.31 18.20 87.57
N HIS Q 73 20.20 17.89 86.28
CA HIS Q 73 20.10 18.91 85.24
C HIS Q 73 18.66 19.23 84.91
N GLU Q 74 18.37 20.52 84.99
CA GLU Q 74 17.03 21.07 84.90
C GLU Q 74 16.42 20.68 83.54
N GLU Q 75 17.28 20.55 82.54
CA GLU Q 75 16.83 20.14 81.23
C GLU Q 75 17.61 18.93 80.74
N SER Q 76 16.88 17.88 80.35
CA SER Q 76 17.46 16.66 79.78
C SER Q 76 16.56 16.17 78.64
N VAL Q 77 17.10 15.35 77.77
CA VAL Q 77 16.44 15.02 76.50
C VAL Q 77 16.44 13.52 76.28
N PHE Q 78 15.26 12.97 76.01
CA PHE Q 78 15.09 11.59 75.58
C PHE Q 78 15.58 11.41 74.14
N ALA Q 79 16.47 10.45 73.95
CA ALA Q 79 17.08 10.21 72.63
C ALA Q 79 16.71 8.82 72.12
N ARG Q 80 16.66 8.64 70.82
CA ARG Q 80 16.41 7.32 70.25
C ARG Q 80 17.70 6.54 69.99
N LYS Q 81 17.80 5.36 70.57
CA LYS Q 81 18.94 4.48 70.37
C LYS Q 81 18.54 3.30 69.49
N HIS Q 82 19.02 3.33 68.26
CA HIS Q 82 18.61 2.36 67.26
C HIS Q 82 19.42 1.08 67.26
N TYR Q 83 18.70 -0.03 67.21
CA TYR Q 83 19.25 -1.36 66.89
C TYR Q 83 18.13 -2.37 66.61
N PHE Q 84 18.45 -3.40 65.84
CA PHE Q 84 17.45 -4.40 65.48
C PHE Q 84 17.67 -5.64 66.31
N TYR Q 85 16.66 -5.98 67.11
CA TYR Q 85 16.67 -7.18 67.92
C TYR Q 85 15.23 -7.50 68.34
N PRO Q 86 14.86 -8.81 68.25
CA PRO Q 86 13.52 -9.30 68.50
C PRO Q 86 12.83 -8.85 69.79
N ASP Q 87 13.59 -8.61 70.86
CA ASP Q 87 13.00 -8.10 72.10
C ASP Q 87 12.90 -6.58 72.20
N LEU Q 88 13.18 -5.89 71.08
CA LEU Q 88 13.14 -4.44 71.01
C LEU Q 88 12.16 -3.97 69.93
N PRO Q 89 10.90 -3.71 70.36
CA PRO Q 89 9.75 -3.54 69.46
C PRO Q 89 9.78 -2.39 68.47
N LYS Q 90 10.46 -1.29 68.77
CA LYS Q 90 10.40 -0.13 67.88
C LYS Q 90 11.58 -0.03 66.93
N GLY Q 91 12.62 -0.82 67.19
CA GLY Q 91 13.85 -0.72 66.41
C GLY Q 91 14.70 0.38 67.00
N TYR Q 92 14.25 0.90 68.15
CA TYR Q 92 15.06 1.79 68.96
C TYR Q 92 14.64 1.70 70.44
N GLN Q 93 15.55 2.11 71.31
CA GLN Q 93 15.30 2.24 72.72
C GLN Q 93 15.29 3.74 73.01
N ILE Q 94 14.30 4.20 73.76
CA ILE Q 94 14.29 5.57 74.20
C ILE Q 94 15.11 5.65 75.48
N SER Q 95 16.21 6.38 75.44
CA SER Q 95 16.92 6.71 76.64
C SER Q 95 17.41 8.14 76.59
N GLN Q 96 18.54 8.43 77.20
CA GLN Q 96 19.15 9.73 77.09
C GLN Q 96 20.59 9.52 76.68
N TYR Q 97 21.19 10.56 76.08
CA TYR Q 97 22.51 10.44 75.47
C TYR Q 97 23.38 11.62 75.92
N GLU Q 98 23.66 12.58 75.03
CA GLU Q 98 24.14 13.89 75.47
C GLU Q 98 22.91 14.43 76.24
N LYS Q 99 23.09 15.28 77.24
CA LYS Q 99 21.90 15.72 78.04
C LYS Q 99 21.16 14.61 78.86
N PRO Q 100 21.90 13.83 79.69
CA PRO Q 100 21.23 12.95 80.65
C PRO Q 100 20.73 13.73 81.87
N LEU Q 101 19.88 13.08 82.65
CA LEU Q 101 19.30 13.65 83.85
C LEU Q 101 20.31 14.16 84.88
N ALA Q 102 21.26 13.32 85.25
CA ALA Q 102 22.17 13.61 86.34
C ALA Q 102 23.61 13.20 86.01
N THR Q 103 24.56 13.84 86.68
CA THR Q 103 25.97 13.76 86.30
C THR Q 103 26.81 14.11 87.55
N ASN Q 104 28.08 13.73 87.54
CA ASN Q 104 29.02 14.08 88.61
C ASN Q 104 28.54 13.78 90.03
N GLY Q 105 28.27 12.50 90.31
CA GLY Q 105 27.92 12.06 91.66
C GLY Q 105 28.99 11.15 92.22
N TRP Q 106 28.67 10.53 93.35
CA TRP Q 106 29.65 9.71 94.05
C TRP Q 106 28.99 8.77 95.06
N VAL Q 107 29.60 7.61 95.25
CA VAL Q 107 29.22 6.66 96.29
C VAL Q 107 30.41 6.41 97.22
N GLU Q 108 30.17 6.39 98.53
CA GLU Q 108 31.23 6.07 99.49
C GLU Q 108 31.20 4.61 99.90
N LEU Q 109 32.31 3.92 99.68
CA LEU Q 109 32.50 2.55 100.12
C LEU Q 109 33.28 2.47 101.45
N ASN Q 110 32.80 1.60 102.33
CA ASN Q 110 33.52 1.32 103.55
C ASN Q 110 34.24 0.01 103.37
N LEU Q 111 35.56 0.06 103.51
CA LEU Q 111 36.43 -1.07 103.21
C LEU Q 111 36.67 -1.87 104.49
N PRO Q 112 37.00 -3.18 104.36
CA PRO Q 112 37.19 -4.04 105.53
C PRO Q 112 38.29 -3.48 106.46
N ASN Q 113 39.43 -3.08 105.90
CA ASN Q 113 40.51 -2.52 106.70
C ASN Q 113 40.17 -1.20 107.40
N GLY Q 114 38.92 -0.76 107.26
CA GLY Q 114 38.38 0.38 107.99
C GLY Q 114 38.40 1.70 107.23
N GLU Q 115 39.06 1.72 106.09
CA GLU Q 115 39.11 2.97 105.31
C GLU Q 115 37.94 3.15 104.33
N LYS Q 116 37.70 4.42 104.02
CA LYS Q 116 36.57 4.83 103.22
C LYS Q 116 37.10 5.32 101.89
N LYS Q 117 36.46 4.90 100.81
CA LYS Q 117 36.88 5.19 99.46
C LYS Q 117 35.68 5.71 98.65
N LYS Q 118 35.93 6.54 97.65
CA LYS Q 118 34.86 7.02 96.77
C LYS Q 118 34.90 6.46 95.36
N VAL Q 119 33.73 6.08 94.87
CA VAL Q 119 33.51 5.72 93.46
C VAL Q 119 32.57 6.76 92.85
N ARG Q 120 33.03 7.41 91.80
CA ARG Q 120 32.27 8.44 91.13
C ARG Q 120 31.17 7.86 90.27
N ILE Q 121 30.05 8.56 90.22
CA ILE Q 121 29.01 8.29 89.27
C ILE Q 121 29.18 9.25 88.09
N ARG Q 122 29.43 8.69 86.92
CA ARG Q 122 29.60 9.46 85.70
C ARG Q 122 28.25 10.06 85.29
N ARG Q 123 27.21 9.23 85.30
CA ARG Q 123 25.89 9.64 84.85
C ARG Q 123 24.76 8.77 85.44
N LEU Q 124 23.58 9.35 85.47
CA LEU Q 124 22.39 8.59 85.68
C LEU Q 124 21.40 9.14 84.67
N HIS Q 125 20.87 8.25 83.83
CA HIS Q 125 19.85 8.66 82.92
C HIS Q 125 18.69 7.71 82.93
N ILE Q 126 17.58 8.18 82.37
CA ILE Q 126 16.31 7.46 82.33
C ILE Q 126 16.16 6.78 81.00
N GLU Q 127 15.72 5.53 81.02
CA GLU Q 127 15.47 4.78 79.80
C GLU Q 127 14.46 3.64 80.04
N GLU Q 128 13.91 3.10 78.96
CA GLU Q 128 12.94 2.02 79.02
C GLU Q 128 13.66 0.70 78.76
N ASP Q 129 13.13 -0.38 79.32
CA ASP Q 129 13.68 -1.71 79.13
C ASP Q 129 13.18 -2.32 77.84
N ALA Q 130 13.90 -3.33 77.35
CA ALA Q 130 13.45 -4.19 76.27
C ALA Q 130 12.65 -5.35 76.85
N GLY Q 131 12.09 -6.20 75.98
CA GLY Q 131 11.41 -7.42 76.42
C GLY Q 131 12.38 -8.55 76.73
N LYS Q 132 11.85 -9.77 76.81
CA LYS Q 132 12.67 -10.96 77.09
C LYS Q 132 12.49 -12.09 76.09
N ASN Q 133 13.61 -12.69 75.69
CA ASN Q 133 13.63 -13.83 74.78
C ASN Q 133 13.76 -15.14 75.54
N ILE Q 134 13.00 -16.15 75.08
CA ILE Q 134 13.17 -17.56 75.46
C ILE Q 134 13.55 -18.36 74.19
N HIS Q 135 14.56 -19.21 74.27
CA HIS Q 135 14.90 -20.06 73.12
C HIS Q 135 14.31 -21.45 73.31
N GLU Q 136 13.74 -21.97 72.23
CA GLU Q 136 13.05 -23.25 72.25
C GLU Q 136 13.24 -23.87 70.87
N GLY Q 137 14.16 -24.82 70.78
CA GLY Q 137 14.43 -25.46 69.50
C GLY Q 137 15.14 -24.53 68.53
N ASP Q 138 14.65 -24.46 67.30
CA ASP Q 138 15.21 -23.55 66.31
C ASP Q 138 14.48 -22.17 66.25
N LYS Q 139 13.73 -21.87 67.30
CA LYS Q 139 12.99 -20.62 67.37
C LYS Q 139 13.26 -19.84 68.68
N THR Q 140 13.09 -18.51 68.62
CA THR Q 140 13.11 -17.66 69.82
C THR Q 140 11.67 -17.19 70.13
N LEU Q 141 11.27 -17.28 71.38
CA LEU Q 141 9.93 -16.84 71.79
C LEU Q 141 10.05 -15.54 72.56
N VAL Q 142 9.34 -14.53 72.08
CA VAL Q 142 9.45 -13.17 72.60
C VAL Q 142 8.29 -12.76 73.51
N ASP Q 143 8.58 -12.41 74.74
CA ASP Q 143 7.59 -11.86 75.64
C ASP Q 143 7.92 -10.40 75.81
N LEU Q 144 6.98 -9.53 75.45
CA LEU Q 144 7.17 -8.09 75.57
C LEU Q 144 6.56 -7.47 76.82
N ASN Q 145 6.24 -8.27 77.84
CA ASN Q 145 5.76 -7.72 79.13
C ASN Q 145 6.71 -6.67 79.76
N ARG Q 146 8.01 -6.85 79.50
CA ARG Q 146 9.02 -6.05 80.19
C ARG Q 146 9.45 -4.84 79.33
N ALA Q 147 9.16 -4.89 78.04
CA ALA Q 147 9.44 -3.78 77.14
C ALA Q 147 8.77 -2.49 77.66
N GLY Q 148 9.58 -1.46 77.86
CA GLY Q 148 9.10 -0.18 78.30
C GLY Q 148 9.16 0.05 79.80
N THR Q 149 9.56 -0.96 80.56
CA THR Q 149 9.76 -0.83 82.00
C THR Q 149 10.86 0.19 82.23
N PRO Q 150 10.66 1.09 83.21
CA PRO Q 150 11.61 2.18 83.41
C PRO Q 150 12.91 1.71 84.07
N LEU Q 151 14.03 2.23 83.55
CA LEU Q 151 15.33 1.89 84.10
C LEU Q 151 16.14 3.13 84.32
N MET Q 152 16.95 3.11 85.37
CA MET Q 152 17.97 4.11 85.58
C MET Q 152 19.23 3.46 85.08
N GLU Q 153 19.89 4.05 84.10
CA GLU Q 153 21.18 3.51 83.73
C GLU Q 153 22.20 4.28 84.48
N ILE Q 154 22.97 3.61 85.33
CA ILE Q 154 24.01 4.25 86.15
C ILE Q 154 25.41 3.84 85.67
N VAL Q 155 26.22 4.82 85.33
CA VAL Q 155 27.58 4.52 84.87
C VAL Q 155 28.60 5.09 85.84
N THR Q 156 29.51 4.23 86.26
CA THR Q 156 30.57 4.54 87.19
C THR Q 156 31.77 5.07 86.42
N GLU Q 157 32.61 5.89 87.06
CA GLU Q 157 33.95 6.16 86.52
C GLU Q 157 34.86 4.94 86.84
N PRO Q 158 35.98 4.76 86.10
CA PRO Q 158 36.78 3.54 86.38
C PRO Q 158 37.61 3.63 87.67
N ASP Q 159 36.90 3.81 88.80
CA ASP Q 159 37.50 4.14 90.10
C ASP Q 159 37.68 2.94 91.00
N ILE Q 160 36.99 1.86 90.66
CA ILE Q 160 37.07 0.63 91.43
C ILE Q 160 38.38 -0.11 91.09
N ARG Q 161 38.99 -0.69 92.12
CA ARG Q 161 40.33 -1.23 92.03
C ARG Q 161 40.45 -2.73 92.32
N THR Q 162 39.37 -3.32 92.82
CA THR Q 162 39.39 -4.63 93.47
C THR Q 162 38.07 -5.36 93.23
N PRO Q 163 38.11 -6.69 92.96
CA PRO Q 163 36.87 -7.47 92.86
C PRO Q 163 35.96 -7.28 94.08
N GLU Q 164 36.54 -7.22 95.26
CA GLU Q 164 35.79 -7.02 96.50
C GLU Q 164 35.09 -5.66 96.50
N GLU Q 165 35.85 -4.62 96.13
CA GLU Q 165 35.33 -3.26 95.97
C GLU Q 165 34.18 -3.18 94.99
N ALA Q 166 34.26 -3.95 93.90
CA ALA Q 166 33.19 -4.02 92.91
C ALA Q 166 31.90 -4.52 93.55
N ARG Q 167 32.00 -5.61 94.33
CA ARG Q 167 30.85 -6.17 95.05
C ARG Q 167 30.34 -5.19 96.11
N LEU Q 168 31.26 -4.63 96.91
CA LEU Q 168 30.88 -3.67 97.94
C LEU Q 168 30.18 -2.44 97.35
N PHE Q 169 30.64 -1.98 96.19
CA PHE Q 169 29.94 -0.90 95.49
C PHE Q 169 28.53 -1.33 95.14
N LEU Q 170 28.41 -2.47 94.50
CA LEU Q 170 27.11 -3.01 94.12
C LEU Q 170 26.16 -3.12 95.30
N GLU Q 171 26.67 -3.60 96.44
CA GLU Q 171 25.89 -3.76 97.64
C GLU Q 171 25.37 -2.42 98.19
N LYS Q 172 26.24 -1.41 98.21
CA LYS Q 172 25.90 -0.08 98.68
C LYS Q 172 24.92 0.60 97.73
N LEU Q 173 25.16 0.49 96.44
CA LEU Q 173 24.20 0.99 95.45
C LEU Q 173 22.81 0.38 95.71
N ARG Q 174 22.78 -0.93 95.89
CA ARG Q 174 21.54 -1.63 96.19
C ARG Q 174 20.84 -1.06 97.40
N ASN Q 175 21.58 -0.88 98.48
CA ASN Q 175 21.07 -0.38 99.75
C ASN Q 175 20.58 1.06 99.68
N ILE Q 176 21.32 1.93 99.01
CA ILE Q 176 20.87 3.30 98.73
C ILE Q 176 19.53 3.34 97.97
N MET Q 177 19.44 2.57 96.88
CA MET Q 177 18.21 2.40 96.12
C MET Q 177 17.05 1.96 97.00
N ARG Q 178 17.29 0.97 97.85
CA ARG Q 178 16.27 0.44 98.73
C ARG Q 178 15.81 1.45 99.81
N TYR Q 179 16.78 2.09 100.47
CA TYR Q 179 16.50 3.17 101.41
C TYR Q 179 15.74 4.33 100.79
N ALA Q 180 16.20 4.79 99.63
CA ALA Q 180 15.49 5.87 98.91
C ALA Q 180 14.11 5.45 98.47
N GLY Q 181 13.87 4.15 98.40
CA GLY Q 181 12.56 3.60 98.02
C GLY Q 181 12.31 3.62 96.53
N VAL Q 182 13.36 3.70 95.71
CA VAL Q 182 13.19 3.84 94.27
C VAL Q 182 13.11 2.52 93.50
N SER Q 183 13.72 1.48 94.07
CA SER Q 183 13.85 0.18 93.42
C SER Q 183 14.07 -0.90 94.47
N LYS Q 184 13.58 -2.11 94.21
CA LYS Q 184 13.88 -3.29 95.04
C LYS Q 184 15.33 -3.79 94.81
N ALA Q 185 15.83 -3.56 93.59
CA ALA Q 185 17.25 -3.72 93.20
C ALA Q 185 17.89 -5.05 93.51
N ASP Q 186 17.11 -6.13 93.45
CA ASP Q 186 17.66 -7.47 93.64
C ASP Q 186 17.95 -8.06 92.27
N MET Q 187 19.21 -8.44 92.05
CA MET Q 187 19.63 -9.09 90.80
C MET Q 187 18.83 -10.36 90.46
N GLU Q 188 18.49 -11.14 91.48
CA GLU Q 188 17.67 -12.36 91.36
C GLU Q 188 16.40 -12.19 90.51
N LYS Q 189 15.75 -11.03 90.61
CA LYS Q 189 14.50 -10.81 89.89
C LYS Q 189 14.66 -9.89 88.69
N GLY Q 190 15.90 -9.69 88.26
CA GLY Q 190 16.24 -8.86 87.11
C GLY Q 190 16.10 -7.36 87.32
N GLN Q 191 15.98 -6.95 88.59
CA GLN Q 191 15.78 -5.57 88.98
C GLN Q 191 17.06 -4.75 88.98
N LEU Q 192 18.18 -5.44 88.91
CA LEU Q 192 19.48 -4.79 88.82
C LEU Q 192 20.34 -5.63 87.90
N ARG Q 193 20.86 -4.99 86.86
CA ARG Q 193 21.79 -5.62 85.93
C ARG Q 193 23.15 -4.93 86.03
N CYS Q 194 24.21 -5.67 85.76
CA CYS Q 194 25.53 -5.09 85.85
C CYS Q 194 26.46 -5.58 84.75
N ASP Q 195 27.03 -4.64 83.99
CA ASP Q 195 28.06 -5.00 83.04
C ASP Q 195 29.39 -4.46 83.55
N ILE Q 196 30.40 -5.30 83.46
CA ILE Q 196 31.70 -5.03 84.04
C ILE Q 196 32.67 -4.63 82.95
N ASN Q 197 33.47 -3.60 83.23
CA ASN Q 197 34.54 -3.16 82.35
C ASN Q 197 35.83 -3.15 83.16
N VAL Q 198 36.87 -3.77 82.62
CA VAL Q 198 38.11 -3.95 83.36
C VAL Q 198 39.38 -3.93 82.49
N SER Q 199 40.36 -3.18 82.97
CA SER Q 199 41.68 -3.15 82.35
C SER Q 199 42.75 -3.24 83.44
N ILE Q 200 43.99 -3.55 83.04
CA ILE Q 200 45.11 -3.55 83.99
C ILE Q 200 46.17 -2.53 83.60
N ARG Q 201 47.10 -2.28 84.51
CA ARG Q 201 47.91 -1.09 84.46
C ARG Q 201 49.08 -1.27 85.42
N PRO Q 202 50.34 -1.08 84.94
CA PRO Q 202 51.46 -1.08 85.89
C PRO Q 202 51.17 -0.15 87.06
N LYS Q 203 51.46 -0.61 88.27
CA LYS Q 203 51.14 0.12 89.50
C LYS Q 203 51.59 1.58 89.44
N GLY Q 204 50.71 2.48 89.87
CA GLY Q 204 51.02 3.90 89.90
C GLY Q 204 51.08 4.60 88.56
N SER Q 205 50.77 3.87 87.48
CA SER Q 205 50.70 4.53 86.16
C SER Q 205 49.38 5.30 86.03
N LYS Q 206 49.37 6.30 85.16
CA LYS Q 206 48.18 7.14 84.97
C LYS Q 206 47.52 6.86 83.63
N GLU Q 207 48.22 6.09 82.80
CA GLU Q 207 47.74 5.61 81.52
C GLU Q 207 46.63 4.59 81.71
N PHE Q 208 45.75 4.42 80.72
CA PHE Q 208 44.71 3.39 80.81
C PHE Q 208 45.01 2.18 79.92
N GLY Q 209 44.94 0.99 80.49
CA GLY Q 209 45.14 -0.27 79.76
C GLY Q 209 43.93 -0.61 78.91
N THR Q 210 44.10 -1.57 78.01
CA THR Q 210 43.01 -1.93 77.09
C THR Q 210 41.87 -2.61 77.84
N ARG Q 211 40.65 -2.29 77.43
CA ARG Q 211 39.45 -2.58 78.20
C ARG Q 211 38.71 -3.82 77.73
N VAL Q 212 38.39 -4.70 78.69
CA VAL Q 212 37.53 -5.86 78.44
C VAL Q 212 36.19 -5.68 79.17
N GLU Q 213 35.12 -6.07 78.49
CA GLU Q 213 33.75 -5.93 78.98
C GLU Q 213 33.21 -7.32 79.27
N ILE Q 214 32.75 -7.57 80.49
CA ILE Q 214 32.12 -8.87 80.80
C ILE Q 214 30.64 -8.65 81.03
N LYS Q 215 29.80 -9.28 80.21
CA LYS Q 215 28.35 -9.08 80.33
C LYS Q 215 27.60 -10.27 80.91
N ASN Q 216 26.38 -10.01 81.38
CA ASN Q 216 25.50 -11.04 81.95
C ASN Q 216 26.10 -11.76 83.17
N VAL Q 217 26.59 -10.99 84.13
CA VAL Q 217 27.02 -11.57 85.39
C VAL Q 217 25.84 -11.33 86.34
N ASN Q 218 25.33 -12.41 86.95
CA ASN Q 218 23.97 -12.44 87.48
C ASN Q 218 23.79 -12.30 89.00
N SER Q 219 24.88 -12.10 89.72
CA SER Q 219 24.85 -11.95 91.18
C SER Q 219 26.02 -11.11 91.63
N PHE Q 220 25.93 -10.53 92.82
CA PHE Q 220 27.02 -9.73 93.32
C PHE Q 220 28.27 -10.57 93.52
N ARG Q 221 28.10 -11.82 93.99
CA ARG Q 221 29.25 -12.72 94.17
C ARG Q 221 29.90 -13.12 92.85
N PHE Q 222 29.09 -13.29 91.82
CA PHE Q 222 29.61 -13.63 90.50
C PHE Q 222 30.39 -12.50 89.86
N VAL Q 223 30.04 -11.24 90.14
CA VAL Q 223 30.85 -10.14 89.64
C VAL Q 223 32.23 -10.15 90.30
N GLN Q 224 32.30 -10.53 91.58
CA GLN Q 224 33.57 -10.69 92.26
C GLN Q 224 34.39 -11.82 91.61
N LYS Q 225 33.76 -12.98 91.38
CA LYS Q 225 34.48 -14.13 90.81
C LYS Q 225 34.91 -13.88 89.37
N ALA Q 226 34.02 -13.33 88.54
CA ALA Q 226 34.36 -12.95 87.17
C ALA Q 226 35.58 -12.04 87.17
N LEU Q 227 35.55 -11.04 88.04
CA LEU Q 227 36.65 -10.09 88.14
C LEU Q 227 37.93 -10.69 88.68
N GLU Q 228 37.82 -11.53 89.70
CA GLU Q 228 38.99 -12.21 90.25
C GLU Q 228 39.74 -12.97 89.15
N TYR Q 229 39.01 -13.70 88.32
CA TYR Q 229 39.60 -14.47 87.27
C TYR Q 229 40.17 -13.60 86.15
N GLU Q 230 39.37 -12.65 85.68
CA GLU Q 230 39.73 -11.78 84.56
C GLU Q 230 41.02 -10.97 84.81
N ILE Q 231 41.18 -10.49 86.04
CA ILE Q 231 42.39 -9.79 86.45
C ILE Q 231 43.59 -10.73 86.35
N GLU Q 232 43.44 -11.94 86.87
CA GLU Q 232 44.46 -12.97 86.73
C GLU Q 232 44.76 -13.20 85.25
N ARG Q 233 43.72 -13.43 84.45
CA ARG Q 233 43.88 -13.74 83.03
C ARG Q 233 44.68 -12.67 82.28
N GLN Q 234 44.38 -11.41 82.56
CA GLN Q 234 45.02 -10.28 81.88
C GLN Q 234 46.46 -10.11 82.30
N ILE Q 235 46.74 -10.36 83.59
CA ILE Q 235 48.10 -10.29 84.11
C ILE Q 235 48.99 -11.36 83.47
N ASN Q 236 48.48 -12.59 83.38
CA ASN Q 236 49.17 -13.65 82.67
C ASN Q 236 49.53 -13.23 81.24
N VAL Q 237 48.52 -12.87 80.44
CA VAL Q 237 48.71 -12.42 79.05
C VAL Q 237 49.85 -11.41 78.91
N VAL Q 238 49.80 -10.36 79.73
CA VAL Q 238 50.74 -9.25 79.69
C VAL Q 238 52.19 -9.62 80.05
N GLU Q 239 52.33 -10.44 81.10
CA GLU Q 239 53.62 -10.91 81.60
C GLU Q 239 54.24 -12.01 80.75
N GLU Q 240 53.40 -12.69 79.96
CA GLU Q 240 53.90 -13.68 79.00
C GLU Q 240 54.32 -13.01 77.68
N GLY Q 241 54.33 -11.67 77.68
CA GLY Q 241 54.78 -10.88 76.53
C GLY Q 241 53.71 -10.53 75.54
N GLY Q 242 52.48 -10.95 75.82
CA GLY Q 242 51.35 -10.72 74.91
C GLY Q 242 50.59 -9.43 75.17
N GLU Q 243 49.80 -9.01 74.20
CA GLU Q 243 48.94 -7.86 74.38
C GLU Q 243 47.50 -8.31 74.61
N VAL Q 244 46.86 -7.68 75.59
CA VAL Q 244 45.47 -7.96 75.90
C VAL Q 244 44.54 -7.28 74.87
N VAL Q 245 43.61 -8.08 74.36
CA VAL Q 245 42.74 -7.71 73.25
C VAL Q 245 41.40 -7.16 73.74
N GLN Q 246 40.94 -6.08 73.12
CA GLN Q 246 39.70 -5.44 73.48
C GLN Q 246 38.48 -6.18 72.93
N GLU Q 247 37.68 -6.71 73.85
CA GLU Q 247 36.51 -7.55 73.50
C GLU Q 247 35.46 -7.59 74.61
N THR Q 248 34.31 -8.16 74.29
CA THR Q 248 33.34 -8.54 75.29
C THR Q 248 33.50 -10.03 75.59
N ARG Q 249 33.32 -10.39 76.86
CA ARG Q 249 33.42 -11.77 77.29
C ARG Q 249 32.21 -12.18 78.12
N THR Q 250 32.08 -13.48 78.36
CA THR Q 250 31.00 -14.03 79.17
C THR Q 250 31.59 -14.72 80.38
N PHE Q 251 30.77 -14.96 81.40
CA PHE Q 251 31.22 -15.64 82.61
C PHE Q 251 30.34 -16.84 82.88
N ASP Q 252 30.98 -18.00 83.06
CA ASP Q 252 30.29 -19.24 83.41
C ASP Q 252 30.36 -19.43 84.92
N PRO Q 253 29.22 -19.33 85.62
CA PRO Q 253 29.24 -19.50 87.07
C PRO Q 253 29.77 -20.86 87.48
N GLN Q 254 29.42 -21.89 86.71
CA GLN Q 254 29.84 -23.26 87.01
C GLN Q 254 31.36 -23.50 86.94
N THR Q 255 32.04 -22.87 85.99
CA THR Q 255 33.51 -23.02 85.90
C THR Q 255 34.33 -21.88 86.51
N GLY Q 256 33.70 -20.74 86.78
CA GLY Q 256 34.37 -19.58 87.36
C GLY Q 256 35.36 -18.90 86.42
N LYS Q 257 35.12 -19.01 85.11
CA LYS Q 257 36.04 -18.49 84.10
C LYS Q 257 35.32 -17.60 83.10
N THR Q 258 36.09 -16.73 82.45
CA THR Q 258 35.58 -15.83 81.43
C THR Q 258 36.01 -16.31 80.05
N TYR Q 259 35.10 -16.18 79.09
CA TYR Q 259 35.35 -16.71 77.75
C TYR Q 259 35.10 -15.68 76.65
N PRO Q 260 36.00 -15.63 75.66
CA PRO Q 260 35.78 -14.83 74.46
C PRO Q 260 34.56 -15.33 73.72
N MET Q 261 34.08 -14.55 72.75
CA MET Q 261 32.88 -14.93 72.01
C MET Q 261 33.21 -15.46 70.61
N ARG Q 262 32.47 -16.49 70.20
CA ARG Q 262 32.66 -17.12 68.89
C ARG Q 262 32.36 -16.17 67.72
N THR Q 263 31.46 -15.22 67.95
CA THR Q 263 31.06 -14.25 66.93
C THR Q 263 31.89 -12.95 67.00
N LYS Q 264 32.55 -12.64 65.88
CA LYS Q 264 33.30 -11.38 65.72
C LYS Q 264 32.38 -10.23 65.31
N GLU Q 265 31.21 -10.17 65.95
CA GLU Q 265 30.16 -9.16 65.62
C GLU Q 265 30.41 -7.81 66.29
N GLU Q 266 30.91 -6.87 65.50
CA GLU Q 266 31.13 -5.48 65.92
C GLU Q 266 29.82 -4.72 66.16
N ALA Q 267 29.86 -3.75 67.08
CA ALA Q 267 28.70 -2.88 67.36
C ALA Q 267 28.40 -1.95 66.18
N GLU Q 268 27.13 -1.56 66.07
CA GLU Q 268 26.70 -0.69 64.99
C GLU Q 268 26.25 0.66 65.56
N ASP Q 269 26.52 1.72 64.79
CA ASP Q 269 26.17 3.09 65.14
C ASP Q 269 24.74 3.15 65.62
N TYR Q 270 24.51 3.82 66.74
CA TYR Q 270 23.18 3.86 67.32
C TYR Q 270 22.26 4.94 66.74
N ARG Q 271 22.82 5.80 65.87
CA ARG Q 271 22.06 6.86 65.20
C ARG Q 271 21.22 7.66 66.18
N TYR Q 272 21.83 8.04 67.29
CA TYR Q 272 21.21 8.86 68.32
C TYR Q 272 20.66 10.20 67.84
N PHE Q 273 19.45 10.57 68.29
CA PHE Q 273 18.86 11.86 68.06
C PHE Q 273 17.64 12.08 68.98
N PRO Q 274 17.30 13.33 69.31
CA PRO Q 274 16.20 13.51 70.28
C PRO Q 274 14.93 12.88 69.73
N ASP Q 275 14.26 12.07 70.53
CA ASP Q 275 13.01 11.49 70.10
C ASP Q 275 12.11 12.66 69.77
N PRO Q 276 11.59 12.71 68.53
CA PRO Q 276 10.69 13.79 68.15
C PRO Q 276 9.25 13.61 68.63
N ASP Q 277 8.94 12.48 69.25
CA ASP Q 277 7.64 12.28 69.87
C ASP Q 277 7.56 12.90 71.27
N LEU Q 278 8.68 13.42 71.77
CA LEU Q 278 8.79 13.89 73.15
C LEU Q 278 9.50 15.24 73.20
N VAL Q 279 8.97 16.14 74.03
CA VAL Q 279 9.67 17.38 74.34
C VAL Q 279 10.74 17.15 75.42
N PRO Q 280 11.77 18.02 75.49
CA PRO Q 280 12.74 17.94 76.58
C PRO Q 280 12.11 17.81 77.97
N LEU Q 281 12.77 17.00 78.80
CA LEU Q 281 12.40 16.84 80.20
C LEU Q 281 12.87 18.06 80.97
N LYS Q 282 11.92 18.91 81.37
CA LYS Q 282 12.23 20.10 82.14
C LYS Q 282 11.87 19.87 83.60
N VAL Q 283 12.90 19.96 84.44
CA VAL Q 283 12.78 19.63 85.86
C VAL Q 283 13.01 20.89 86.66
N LYS Q 284 11.92 21.44 87.18
CA LYS Q 284 11.95 22.65 87.98
C LYS Q 284 12.83 22.51 89.20
N LYS Q 285 13.57 23.57 89.48
CA LYS Q 285 14.38 23.72 90.70
C LYS Q 285 13.56 23.43 91.95
N GLU Q 286 12.35 23.97 91.99
CA GLU Q 286 11.44 23.80 93.11
C GLU Q 286 11.06 22.34 93.41
N TRP Q 287 11.09 21.50 92.37
CA TRP Q 287 10.77 20.08 92.51
C TRP Q 287 11.97 19.29 93.04
N ILE Q 288 13.16 19.65 92.58
CA ILE Q 288 14.42 19.11 93.11
C ILE Q 288 14.50 19.40 94.60
N GLU Q 289 14.29 20.68 94.98
CA GLU Q 289 14.21 21.15 96.38
C GLU Q 289 13.23 20.34 97.21
N GLU Q 290 12.06 20.07 96.66
CA GLU Q 290 11.00 19.34 97.36
C GLU Q 290 11.37 17.88 97.63
N ILE Q 291 12.10 17.27 96.68
CA ILE Q 291 12.49 15.88 96.76
C ILE Q 291 13.68 15.75 97.70
N LYS Q 292 14.57 16.74 97.62
CA LYS Q 292 15.72 16.90 98.53
C LYS Q 292 15.25 17.01 100.02
N LYS Q 293 14.26 17.85 100.26
CA LYS Q 293 13.66 18.10 101.58
C LYS Q 293 12.97 16.86 102.17
N ASN Q 294 12.21 16.11 101.35
CA ASN Q 294 11.43 14.93 101.79
C ASN Q 294 12.10 13.57 101.49
N MET Q 295 13.41 13.63 101.26
CA MET Q 295 14.22 12.45 101.04
C MET Q 295 14.12 11.49 102.22
N PRO Q 296 13.84 10.19 101.95
CA PRO Q 296 13.92 9.17 103.00
C PRO Q 296 15.32 9.13 103.58
N GLU Q 297 15.47 8.56 104.77
CA GLU Q 297 16.79 8.45 105.37
C GLU Q 297 17.64 7.42 104.63
N LEU Q 298 18.91 7.76 104.45
CA LEU Q 298 19.84 6.97 103.68
C LEU Q 298 20.78 6.21 104.63
N PRO Q 299 21.51 5.19 104.13
CA PRO Q 299 22.22 4.28 105.02
C PRO Q 299 23.31 4.90 105.89
N ASP Q 300 24.15 5.75 105.31
CA ASP Q 300 25.21 6.44 106.07
C ASP Q 300 24.67 7.34 107.18
N GLN Q 301 23.56 8.03 106.91
CA GLN Q 301 22.85 8.81 107.91
C GLN Q 301 22.36 7.91 109.02
N ARG Q 302 21.60 6.87 108.67
CA ARG Q 302 21.03 5.97 109.69
C ARG Q 302 22.11 5.43 110.59
N PHE Q 303 23.22 5.02 110.00
CA PHE Q 303 24.37 4.48 110.70
C PHE Q 303 24.85 5.38 111.84
N GLU Q 304 25.04 6.66 111.58
CA GLU Q 304 25.48 7.57 112.63
C GLU Q 304 24.36 7.85 113.64
N ARG Q 305 23.11 7.85 113.18
CA ARG Q 305 21.98 8.12 114.05
C ARG Q 305 21.75 7.03 115.10
N LEU Q 306 21.89 5.76 114.70
CA LEU Q 306 21.73 4.64 115.63
C LEU Q 306 22.85 4.60 116.66
N ILE Q 307 24.11 4.76 116.22
CA ILE Q 307 25.25 4.90 117.13
C ILE Q 307 25.02 5.99 118.18
N LYS Q 308 24.38 7.09 117.79
CA LYS Q 308 23.98 8.15 118.73
C LYS Q 308 22.71 7.79 119.49
N GLU Q 309 21.57 7.82 118.80
CA GLU Q 309 20.25 7.60 119.42
C GLU Q 309 20.17 6.40 120.36
N TYR Q 310 21.02 5.39 120.14
CA TYR Q 310 20.88 4.13 120.85
C TYR Q 310 22.21 3.62 121.41
N GLY Q 311 23.30 4.32 121.10
CA GLY Q 311 24.62 3.95 121.61
C GLY Q 311 25.14 2.60 121.15
N LEU Q 312 24.69 2.12 119.99
CA LEU Q 312 25.17 0.87 119.41
C LEU Q 312 26.62 1.01 118.96
N SER Q 313 27.33 -0.12 118.92
CA SER Q 313 28.68 -0.16 118.35
C SER Q 313 28.63 -0.09 116.82
N GLU Q 314 29.77 0.19 116.20
CA GLU Q 314 29.86 0.23 114.73
C GLU Q 314 29.60 -1.15 114.09
N TYR Q 315 29.82 -2.21 114.87
CA TYR Q 315 29.52 -3.56 114.41
C TYR Q 315 28.01 -3.81 114.43
N GLU Q 316 27.36 -3.32 115.47
CA GLU Q 316 25.91 -3.48 115.64
C GLU Q 316 25.09 -2.67 114.64
N ALA Q 317 25.36 -1.38 114.60
CA ALA Q 317 24.69 -0.48 113.68
C ALA Q 317 24.86 -0.93 112.24
N GLY Q 318 26.09 -1.34 111.88
CA GLY Q 318 26.40 -1.86 110.54
C GLY Q 318 25.48 -2.99 110.09
N ILE Q 319 25.31 -4.00 110.95
CA ILE Q 319 24.37 -5.09 110.71
C ILE Q 319 22.95 -4.57 110.49
N LEU Q 320 22.53 -3.63 111.33
CA LEU Q 320 21.15 -3.11 111.29
C LEU Q 320 20.88 -2.25 110.07
N VAL Q 321 21.92 -1.62 109.56
CA VAL Q 321 21.83 -0.70 108.43
C VAL Q 321 22.01 -1.43 107.10
N ASN Q 322 22.93 -2.39 107.05
CA ASN Q 322 23.20 -3.19 105.84
C ASN Q 322 22.03 -4.07 105.41
N HIS Q 323 21.22 -4.48 106.37
CA HIS Q 323 19.95 -5.15 106.08
C HIS Q 323 18.91 -4.28 106.75
N LYS Q 324 18.29 -3.38 105.97
CA LYS Q 324 17.40 -2.33 106.48
C LYS Q 324 16.27 -2.82 107.36
N GLU Q 325 15.65 -3.94 106.98
CA GLU Q 325 14.50 -4.52 107.66
C GLU Q 325 14.83 -5.01 109.08
N VAL Q 326 16.12 -5.27 109.33
CA VAL Q 326 16.60 -5.63 110.66
C VAL Q 326 16.62 -4.39 111.58
N GLY Q 327 17.17 -3.29 111.08
CA GLY Q 327 17.12 -2.01 111.78
C GLY Q 327 15.70 -1.53 112.03
N ASP Q 328 14.80 -1.72 111.07
CA ASP Q 328 13.39 -1.35 111.20
C ASP Q 328 12.72 -2.17 112.31
N PHE Q 329 13.03 -3.46 112.36
CA PHE Q 329 12.55 -4.37 113.40
C PHE Q 329 13.06 -3.88 114.75
N PHE Q 330 14.36 -3.69 114.87
CA PHE Q 330 14.94 -3.20 116.09
C PHE Q 330 14.25 -1.95 116.60
N GLU Q 331 14.11 -0.94 115.74
CA GLU Q 331 13.56 0.34 116.17
C GLU Q 331 12.11 0.25 116.63
N GLU Q 332 11.32 -0.63 116.02
CA GLU Q 332 9.94 -0.85 116.44
C GLU Q 332 9.87 -1.64 117.75
N ALA Q 333 10.91 -2.39 118.05
CA ALA Q 333 11.00 -3.12 119.31
C ALA Q 333 11.43 -2.17 120.43
N VAL Q 334 12.49 -1.39 120.20
CA VAL Q 334 13.03 -0.48 121.18
C VAL Q 334 11.98 0.58 121.56
N ARG Q 335 10.91 0.63 120.80
CA ARG Q 335 9.83 1.58 121.05
C ARG Q 335 8.91 1.03 122.13
N HIS Q 336 8.63 -0.27 122.06
CA HIS Q 336 7.81 -0.97 123.05
C HIS Q 336 8.49 -1.12 124.43
N PHE Q 337 9.82 -1.16 124.44
CA PHE Q 337 10.57 -1.26 125.69
C PHE Q 337 11.95 -0.62 125.50
N LYS Q 338 12.16 0.51 126.16
CA LYS Q 338 13.31 1.38 125.92
C LYS Q 338 14.64 0.85 126.48
N GLU Q 339 14.95 -0.41 126.18
CA GLU Q 339 16.25 -1.04 126.52
C GLU Q 339 16.99 -1.44 125.21
N PRO Q 340 17.73 -0.49 124.61
CA PRO Q 340 18.38 -0.71 123.32
C PRO Q 340 19.48 -1.78 123.37
N LYS Q 341 20.39 -1.67 124.33
CA LYS Q 341 21.51 -2.61 124.44
C LYS Q 341 21.03 -4.05 124.62
N GLY Q 342 20.00 -4.24 125.42
CA GLY Q 342 19.44 -5.56 125.63
C GLY Q 342 18.80 -6.10 124.38
N ILE Q 343 18.10 -5.24 123.66
CA ILE Q 343 17.38 -5.68 122.46
C ILE Q 343 18.30 -6.05 121.27
N VAL Q 344 19.34 -5.26 121.02
CA VAL Q 344 20.32 -5.59 119.97
C VAL Q 344 20.95 -6.94 120.21
N ASN Q 345 21.34 -7.18 121.46
CA ASN Q 345 21.98 -8.43 121.84
C ASN Q 345 21.10 -9.63 121.49
N TRP Q 346 19.86 -9.61 121.94
CA TRP Q 346 18.94 -10.73 121.70
C TRP Q 346 18.47 -10.84 120.24
N LEU Q 347 18.46 -9.71 119.53
CA LEU Q 347 18.18 -9.71 118.09
C LEU Q 347 19.33 -10.31 117.28
N ILE Q 348 20.54 -9.82 117.49
CA ILE Q 348 21.71 -10.27 116.74
C ILE Q 348 22.17 -11.68 117.14
N ASN Q 349 22.30 -11.90 118.45
CA ASN Q 349 22.88 -13.14 118.94
C ASN Q 349 21.91 -14.31 119.02
N ASP Q 350 20.62 -14.03 118.95
CA ASP Q 350 19.61 -15.07 119.15
C ASP Q 350 18.62 -15.19 117.98
N LEU Q 351 17.78 -14.16 117.80
CA LEU Q 351 16.69 -14.21 116.83
C LEU Q 351 17.12 -14.41 115.38
N LEU Q 352 18.06 -13.58 114.92
CA LEU Q 352 18.57 -13.61 113.55
C LEU Q 352 19.05 -15.01 113.13
N GLY Q 353 19.83 -15.65 114.00
CA GLY Q 353 20.34 -17.00 113.73
C GLY Q 353 19.24 -18.04 113.68
N LEU Q 354 18.23 -17.88 114.53
CA LEU Q 354 17.13 -18.83 114.58
C LEU Q 354 16.24 -18.74 113.35
N LEU Q 355 16.04 -17.52 112.87
CA LEU Q 355 15.29 -17.28 111.62
C LEU Q 355 16.05 -17.76 110.40
N ARG Q 356 17.36 -17.55 110.38
CA ARG Q 356 18.18 -18.02 109.29
C ARG Q 356 18.04 -19.53 109.11
N ASP Q 357 18.08 -20.26 110.23
CA ASP Q 357 18.00 -21.72 110.24
C ASP Q 357 16.68 -22.24 109.68
N LYS Q 358 15.58 -21.61 110.11
CA LYS Q 358 14.26 -21.90 109.59
C LYS Q 358 14.04 -21.36 108.17
N GLY Q 359 15.00 -20.55 107.68
CA GLY Q 359 14.96 -20.03 106.32
C GLY Q 359 13.92 -18.95 106.12
N ILE Q 360 13.68 -18.17 107.17
CA ILE Q 360 12.64 -17.13 107.16
C ILE Q 360 13.19 -15.71 107.33
N SER Q 361 12.70 -14.80 106.49
CA SER Q 361 13.13 -13.40 106.49
C SER Q 361 12.57 -12.67 107.70
N ILE Q 362 13.27 -11.61 108.12
CA ILE Q 362 12.89 -10.82 109.29
C ILE Q 362 11.55 -10.08 109.13
N GLU Q 363 11.14 -9.81 107.89
CA GLU Q 363 9.84 -9.19 107.62
C GLU Q 363 8.75 -10.14 108.03
N GLU Q 364 9.02 -11.44 107.92
CA GLU Q 364 8.00 -12.48 108.10
C GLU Q 364 8.14 -13.32 109.37
N SER Q 365 8.94 -12.85 110.33
CA SER Q 365 9.22 -13.62 111.53
C SER Q 365 8.03 -13.69 112.47
N PRO Q 366 7.79 -14.85 113.09
CA PRO Q 366 6.71 -15.02 114.06
C PRO Q 366 6.94 -14.16 115.30
N VAL Q 367 8.20 -13.95 115.66
CA VAL Q 367 8.57 -13.03 116.73
C VAL Q 367 8.46 -11.61 116.19
N LYS Q 368 7.44 -10.89 116.64
CA LYS Q 368 7.25 -9.50 116.25
C LYS Q 368 8.02 -8.61 117.20
N PRO Q 369 8.34 -7.37 116.78
CA PRO Q 369 9.10 -6.47 117.66
C PRO Q 369 8.52 -6.35 119.08
N GLU Q 370 7.20 -6.49 119.20
CA GLU Q 370 6.52 -6.48 120.51
C GLU Q 370 7.01 -7.63 121.38
N HIS Q 371 7.07 -8.82 120.77
CA HIS Q 371 7.45 -10.04 121.47
C HIS Q 371 8.88 -10.00 121.96
N LEU Q 372 9.78 -9.44 121.16
CA LEU Q 372 11.17 -9.38 121.57
C LEU Q 372 11.35 -8.35 122.69
N ALA Q 373 10.71 -7.19 122.54
CA ALA Q 373 10.70 -6.15 123.57
C ALA Q 373 10.14 -6.69 124.88
N GLU Q 374 9.10 -7.51 124.77
CA GLU Q 374 8.48 -8.18 125.91
C GLU Q 374 9.41 -9.20 126.55
N LEU Q 375 9.99 -10.08 125.73
CA LEU Q 375 10.95 -11.07 126.23
C LEU Q 375 12.11 -10.39 126.95
N VAL Q 376 12.70 -9.36 126.33
CA VAL Q 376 13.85 -8.66 126.91
C VAL Q 376 13.47 -7.94 128.20
N LYS Q 377 12.18 -7.64 128.35
CA LYS Q 377 11.61 -7.07 129.57
C LYS Q 377 11.73 -8.06 130.74
N LEU Q 378 11.24 -9.27 130.52
CA LEU Q 378 11.29 -10.36 131.50
C LEU Q 378 12.72 -10.71 131.94
N ILE Q 379 13.69 -10.63 131.02
CA ILE Q 379 15.11 -10.86 131.35
C ILE Q 379 15.68 -9.72 132.20
N LYS Q 380 15.32 -8.49 131.86
CA LYS Q 380 15.82 -7.31 132.58
C LYS Q 380 15.22 -7.22 133.99
N GLU Q 381 13.90 -7.43 134.08
CA GLU Q 381 13.15 -7.37 135.35
C GLU Q 381 13.40 -8.59 136.25
N LYS Q 382 14.23 -9.52 135.76
CA LYS Q 382 14.59 -10.75 136.47
C LYS Q 382 13.40 -11.71 136.67
N VAL Q 383 12.37 -11.57 135.84
CA VAL Q 383 11.22 -12.48 135.90
C VAL Q 383 11.61 -13.89 135.46
N ILE Q 384 12.49 -13.98 134.46
CA ILE Q 384 13.12 -15.24 134.05
C ILE Q 384 14.61 -15.06 133.86
N SER Q 385 15.34 -16.17 133.78
CA SER Q 385 16.79 -16.14 133.57
C SER Q 385 17.13 -16.28 132.09
N THR Q 386 18.35 -15.86 131.74
CA THR Q 386 18.91 -16.02 130.40
C THR Q 386 18.71 -17.45 129.91
N LYS Q 387 19.04 -18.42 130.77
CA LYS Q 387 18.91 -19.82 130.41
C LYS Q 387 17.50 -20.16 129.97
N ILE Q 388 16.52 -19.63 130.70
CA ILE Q 388 15.10 -19.81 130.41
C ILE Q 388 14.71 -19.00 129.18
N GLY Q 389 15.25 -17.78 129.11
CA GLY Q 389 15.03 -16.86 128.00
C GLY Q 389 15.43 -17.42 126.64
N LYS Q 390 16.50 -18.23 126.63
CA LYS Q 390 16.96 -18.86 125.40
C LYS Q 390 16.09 -20.04 124.99
N GLU Q 391 15.44 -20.66 125.98
CA GLU Q 391 14.50 -21.75 125.74
C GLU Q 391 13.16 -21.25 125.16
N VAL Q 392 12.71 -20.10 125.65
CA VAL Q 392 11.43 -19.53 125.21
C VAL Q 392 11.52 -18.85 123.83
N ILE Q 393 12.63 -18.18 123.54
CA ILE Q 393 12.85 -17.58 122.21
C ILE Q 393 12.84 -18.63 121.09
N LYS Q 394 13.43 -19.80 121.37
CA LYS Q 394 13.41 -20.95 120.47
C LYS Q 394 12.00 -21.36 120.13
N GLU Q 395 11.14 -21.40 121.14
CA GLU Q 395 9.76 -21.84 120.97
C GLU Q 395 8.88 -20.73 120.42
N MET Q 396 9.23 -19.48 120.74
CA MET Q 396 8.61 -18.31 120.13
C MET Q 396 8.70 -18.38 118.62
N VAL Q 397 9.91 -18.66 118.12
CA VAL Q 397 10.15 -18.85 116.69
C VAL Q 397 9.38 -20.06 116.17
N GLU Q 398 9.34 -21.12 116.99
CA GLU Q 398 8.69 -22.37 116.63
C GLU Q 398 7.17 -22.27 116.53
N THR Q 399 6.57 -21.48 117.41
CA THR Q 399 5.12 -21.36 117.51
C THR Q 399 4.62 -20.03 116.96
N GLY Q 400 4.99 -18.94 117.63
CA GLY Q 400 4.49 -17.61 117.33
C GLY Q 400 3.82 -16.99 118.54
N LYS Q 401 3.89 -17.71 119.67
CA LYS Q 401 3.26 -17.29 120.91
C LYS Q 401 4.08 -16.21 121.59
N THR Q 402 3.41 -15.33 122.33
CA THR Q 402 4.05 -14.29 123.13
C THR Q 402 5.03 -14.93 124.12
N PRO Q 403 6.08 -14.19 124.54
CA PRO Q 403 6.92 -14.69 125.64
C PRO Q 403 6.14 -14.97 126.92
N SER Q 404 5.28 -14.04 127.33
CA SER Q 404 4.42 -14.20 128.53
C SER Q 404 3.47 -15.40 128.41
N GLN Q 405 2.93 -15.60 127.21
CA GLN Q 405 2.10 -16.78 126.91
C GLN Q 405 2.78 -18.10 127.29
N ILE Q 406 3.99 -18.33 126.78
CA ILE Q 406 4.70 -19.59 127.01
C ILE Q 406 5.37 -19.68 128.39
N VAL Q 407 5.57 -18.53 129.04
CA VAL Q 407 6.04 -18.49 130.42
C VAL Q 407 4.97 -19.09 131.35
N GLU Q 408 3.72 -18.65 131.16
CA GLU Q 408 2.57 -19.16 131.91
C GLU Q 408 2.32 -20.63 131.58
N GLU Q 409 2.19 -20.93 130.30
CA GLU Q 409 1.95 -22.29 129.81
C GLU Q 409 2.96 -23.35 130.29
N LYS Q 410 4.12 -22.90 130.79
CA LYS Q 410 5.19 -23.81 131.22
C LYS Q 410 5.70 -23.54 132.65
N GLY Q 411 5.12 -22.57 133.34
CA GLY Q 411 5.53 -22.20 134.69
C GLY Q 411 6.67 -21.20 134.70
N LEU Q 412 6.54 -20.17 135.55
CA LEU Q 412 7.53 -19.09 135.66
C LEU Q 412 8.91 -19.59 136.09
N VAL R 2 28.91 8.14 44.90
CA VAL R 2 29.16 7.46 46.19
C VAL R 2 29.23 5.93 46.01
N ASP R 3 30.11 5.28 46.77
CA ASP R 3 30.50 3.89 46.56
C ASP R 3 29.38 2.85 46.52
N ARG R 4 29.69 1.70 45.94
CA ARG R 4 28.92 0.48 46.15
C ARG R 4 29.07 0.08 47.61
N GLU R 5 30.31 0.14 48.10
CA GLU R 5 30.69 -0.08 49.49
C GLU R 5 29.76 0.68 50.44
N TRP R 6 29.54 1.96 50.11
CA TRP R 6 28.73 2.87 50.92
C TRP R 6 27.28 2.40 50.99
N VAL R 7 26.72 2.17 49.81
CA VAL R 7 25.35 1.70 49.66
C VAL R 7 25.10 0.45 50.48
N LEU R 8 26.01 -0.51 50.38
CA LEU R 8 25.91 -1.77 51.11
C LEU R 8 26.02 -1.61 52.63
N LYS R 9 26.88 -0.70 53.05
CA LYS R 9 27.10 -0.41 54.46
C LYS R 9 25.86 0.22 55.07
N ILE R 10 25.27 1.20 54.38
CA ILE R 10 24.09 1.91 54.84
C ILE R 10 22.89 0.96 54.88
N ALA R 11 22.73 0.14 53.84
CA ALA R 11 21.64 -0.79 53.74
C ALA R 11 21.68 -1.81 54.87
N LYS R 12 22.90 -2.17 55.26
CA LYS R 12 23.11 -3.15 56.32
C LYS R 12 22.60 -2.58 57.62
N LEU R 13 22.98 -1.35 57.92
CA LEU R 13 22.51 -0.64 59.11
C LEU R 13 20.99 -0.56 59.21
N ALA R 14 20.37 -0.36 58.05
CA ALA R 14 18.94 -0.20 57.91
C ALA R 14 18.22 -1.52 57.72
N ARG R 15 18.96 -2.62 57.68
CA ARG R 15 18.41 -3.95 57.41
C ARG R 15 17.58 -3.98 56.12
N LEU R 16 18.20 -3.53 55.04
CA LEU R 16 17.65 -3.75 53.71
C LEU R 16 18.63 -4.66 52.96
N GLU R 17 18.13 -5.81 52.52
CA GLU R 17 18.91 -6.67 51.68
C GLU R 17 18.60 -6.28 50.26
N LEU R 18 19.41 -5.37 49.73
CA LEU R 18 19.18 -4.83 48.40
C LEU R 18 19.45 -5.85 47.31
N LYS R 19 18.56 -5.86 46.32
CA LYS R 19 18.76 -6.65 45.13
C LYS R 19 19.74 -5.90 44.25
N GLU R 20 20.49 -6.65 43.43
CA GLU R 20 21.58 -6.13 42.62
C GLU R 20 21.18 -4.93 41.76
N GLU R 21 19.96 -4.96 41.23
CA GLU R 21 19.37 -3.87 40.45
C GLU R 21 19.26 -2.58 41.27
N GLU R 22 18.88 -2.71 42.55
CA GLU R 22 18.70 -1.59 43.47
C GLU R 22 20.01 -0.93 43.87
N ILE R 23 21.02 -1.74 44.17
CA ILE R 23 22.37 -1.22 44.47
C ILE R 23 22.84 -0.21 43.43
N GLU R 24 22.66 -0.53 42.15
CA GLU R 24 23.12 0.32 41.06
C GLU R 24 22.33 1.61 41.00
N VAL R 25 21.01 1.47 41.07
CA VAL R 25 20.10 2.59 40.95
C VAL R 25 20.26 3.52 42.16
N PHE R 26 20.32 2.96 43.35
CA PHE R 26 20.44 3.79 44.55
C PHE R 26 21.80 4.46 44.66
N GLN R 27 22.80 3.97 43.91
CA GLN R 27 24.10 4.66 43.85
C GLN R 27 23.98 6.01 43.16
N LYS R 28 23.33 6.03 42.00
CA LYS R 28 23.13 7.26 41.26
C LYS R 28 22.12 8.18 41.97
N GLN R 29 20.95 7.64 42.33
CA GLN R 29 19.87 8.42 42.93
C GLN R 29 20.28 9.08 44.24
N LEU R 30 20.93 8.33 45.12
CA LEU R 30 21.37 8.86 46.41
C LEU R 30 22.52 9.89 46.30
N SER R 31 23.43 9.65 45.36
CA SER R 31 24.46 10.63 44.99
C SER R 31 23.84 11.94 44.56
N ASP R 32 22.85 11.84 43.69
CA ASP R 32 22.13 13.00 43.17
C ASP R 32 21.44 13.75 44.30
N ILE R 33 20.70 13.02 45.13
CA ILE R 33 19.97 13.60 46.28
C ILE R 33 20.92 14.26 47.26
N LEU R 34 22.06 13.61 47.53
CA LEU R 34 23.07 14.18 48.39
C LEU R 34 23.67 15.48 47.85
N ASP R 35 23.83 15.57 46.53
CA ASP R 35 24.21 16.81 45.86
C ASP R 35 23.06 17.82 45.97
N PHE R 36 21.84 17.33 45.80
CA PHE R 36 20.63 18.14 45.83
C PHE R 36 20.44 18.89 47.14
N ILE R 37 20.59 18.21 48.26
CA ILE R 37 20.25 18.77 49.58
C ILE R 37 21.44 19.47 50.24
N ASP R 38 22.58 19.48 49.56
CA ASP R 38 23.78 20.09 50.09
C ASP R 38 23.85 21.59 49.84
N GLN R 39 22.97 22.33 50.49
CA GLN R 39 22.86 23.78 50.36
C GLN R 39 23.15 24.49 51.68
N LEU R 40 23.17 23.75 52.77
CA LEU R 40 23.06 24.35 54.09
C LEU R 40 24.36 24.89 54.69
N LYS R 41 25.51 24.38 54.23
CA LYS R 41 26.83 24.85 54.71
C LYS R 41 26.98 26.37 54.62
N GLU R 42 26.37 26.98 53.60
CA GLU R 42 26.39 28.45 53.38
C GLU R 42 25.87 29.26 54.57
N LEU R 43 24.98 28.68 55.36
CA LEU R 43 24.37 29.38 56.50
C LEU R 43 25.12 29.20 57.79
N ASP R 44 25.18 30.29 58.55
CA ASP R 44 25.77 30.31 59.87
C ASP R 44 24.79 29.84 60.91
N THR R 45 25.18 28.84 61.67
CA THR R 45 24.30 28.17 62.56
C THR R 45 24.91 27.98 63.96
N GLU R 46 26.16 28.43 64.11
CA GLU R 46 26.76 28.64 65.43
C GLU R 46 25.79 29.63 66.07
N ASN R 47 25.44 29.48 67.32
CA ASN R 47 24.51 30.50 67.87
C ASN R 47 23.06 30.42 67.39
N VAL R 48 22.69 29.33 66.75
CA VAL R 48 21.29 29.02 66.48
C VAL R 48 20.90 27.76 67.25
N GLU R 49 19.82 27.87 68.01
CA GLU R 49 19.30 26.69 68.73
C GLU R 49 18.49 25.80 67.78
N PRO R 50 18.73 24.47 67.79
CA PRO R 50 17.90 23.54 67.05
C PRO R 50 16.41 23.73 67.38
N TYR R 51 15.57 23.59 66.37
CA TYR R 51 14.15 23.77 66.50
C TYR R 51 13.47 22.80 67.51
N ILE R 52 12.80 23.35 68.52
CA ILE R 52 11.82 22.55 69.27
C ILE R 52 10.51 23.29 69.29
N GLN R 53 9.41 22.55 69.36
CA GLN R 53 8.11 23.17 69.51
C GLN R 53 8.09 23.83 70.89
N GLU R 54 7.40 24.96 70.99
CA GLU R 54 7.22 25.64 72.27
C GLU R 54 6.33 24.83 73.24
N PHE R 55 6.70 24.82 74.52
CA PHE R 55 5.91 24.17 75.57
C PHE R 55 6.29 24.80 76.92
N GLU R 56 5.32 24.87 77.84
CA GLU R 56 5.58 25.47 79.14
C GLU R 56 6.22 24.45 80.07
N GLU R 57 5.55 23.32 80.23
CA GLU R 57 6.03 22.25 81.09
C GLU R 57 6.06 20.94 80.34
N THR R 58 7.00 20.07 80.71
CA THR R 58 7.03 18.72 80.17
C THR R 58 5.72 17.97 80.54
N PRO R 59 5.01 17.45 79.52
CA PRO R 59 3.85 16.57 79.66
C PRO R 59 4.20 15.24 80.32
N MET R 60 3.62 15.01 81.49
CA MET R 60 3.84 13.78 82.19
C MET R 60 2.52 13.19 82.53
N ARG R 61 2.56 11.96 83.00
CA ARG R 61 1.38 11.16 83.20
C ARG R 61 1.51 10.58 84.60
N GLU R 62 0.43 10.53 85.35
CA GLU R 62 0.42 9.87 86.66
C GLU R 62 0.73 8.38 86.57
N ASP R 63 1.32 7.83 87.62
CA ASP R 63 1.68 6.42 87.66
C ASP R 63 0.49 5.52 88.03
N GLU R 64 -0.52 5.49 87.16
CA GLU R 64 -1.75 4.70 87.37
C GLU R 64 -1.97 3.78 86.19
N PRO R 65 -2.18 2.48 86.45
CA PRO R 65 -2.41 1.50 85.39
C PRO R 65 -3.60 1.83 84.48
N HIS R 66 -3.43 1.60 83.18
CA HIS R 66 -4.50 1.66 82.21
C HIS R 66 -4.68 0.27 81.67
N PRO R 67 -5.92 -0.11 81.31
CA PRO R 67 -6.21 -1.44 80.77
C PRO R 67 -5.35 -1.75 79.57
N SER R 68 -4.61 -2.85 79.63
CA SER R 68 -3.78 -3.28 78.52
C SER R 68 -4.62 -3.78 77.35
N LEU R 69 -3.96 -3.96 76.22
CA LEU R 69 -4.57 -4.51 75.02
C LEU R 69 -4.82 -6.01 75.22
N ASP R 70 -5.95 -6.49 74.73
CA ASP R 70 -6.32 -7.89 74.86
C ASP R 70 -5.28 -8.69 74.11
N ARG R 71 -4.70 -9.71 74.74
CA ARG R 71 -3.58 -10.43 74.13
C ARG R 71 -3.87 -11.03 72.74
N GLU R 72 -5.13 -11.41 72.50
CA GLU R 72 -5.57 -11.90 71.20
C GLU R 72 -5.38 -10.82 70.14
N LYS R 73 -5.77 -9.60 70.49
CA LYS R 73 -5.60 -8.43 69.61
C LYS R 73 -4.15 -7.99 69.46
N ALA R 74 -3.35 -8.26 70.49
CA ALA R 74 -1.93 -7.94 70.50
C ALA R 74 -1.14 -8.90 69.62
N LEU R 75 -1.65 -10.13 69.48
CA LEU R 75 -0.97 -11.15 68.71
C LEU R 75 -1.60 -11.40 67.34
N MET R 76 -2.85 -11.02 67.16
CA MET R 76 -3.59 -11.37 65.92
C MET R 76 -2.82 -11.15 64.61
N ASN R 77 -1.97 -10.14 64.57
CA ASN R 77 -1.29 -9.75 63.34
C ASN R 77 0.06 -10.44 63.17
N ALA R 78 0.49 -11.17 64.21
CA ALA R 78 1.82 -11.79 64.24
C ALA R 78 2.03 -12.84 63.14
N PRO R 79 3.08 -12.67 62.32
CA PRO R 79 3.47 -13.73 61.37
C PRO R 79 3.48 -15.17 61.94
N GLU R 80 3.98 -15.34 63.17
CA GLU R 80 3.93 -16.62 63.88
C GLU R 80 3.81 -16.38 65.37
N ARG R 81 2.87 -17.08 66.00
CA ARG R 81 2.73 -17.00 67.46
C ARG R 81 2.70 -18.38 68.12
N LYS R 82 3.14 -18.48 69.37
CA LYS R 82 3.10 -19.74 70.11
C LYS R 82 2.98 -19.53 71.62
N ASP R 83 1.95 -20.12 72.21
CA ASP R 83 1.72 -20.11 73.67
C ASP R 83 1.73 -18.69 74.34
N GLY R 84 1.29 -17.67 73.60
CA GLY R 84 1.27 -16.30 74.11
C GLY R 84 2.49 -15.49 73.71
N PHE R 85 3.39 -16.10 72.93
CA PHE R 85 4.67 -15.51 72.51
C PHE R 85 4.71 -15.16 71.01
N PHE R 86 5.44 -14.11 70.66
CA PHE R 86 5.80 -13.87 69.27
C PHE R 86 6.91 -14.84 68.91
N VAL R 87 6.82 -15.41 67.72
CA VAL R 87 7.84 -16.39 67.31
C VAL R 87 8.68 -15.88 66.15
N VAL R 88 9.99 -15.99 66.29
CA VAL R 88 10.96 -15.60 65.27
C VAL R 88 12.02 -16.71 65.17
N PRO R 89 12.75 -16.78 64.05
CA PRO R 89 13.88 -17.72 64.02
C PRO R 89 14.85 -17.45 65.17
N ARG R 90 15.36 -18.52 65.75
CA ARG R 90 16.27 -18.48 66.90
C ARG R 90 17.37 -17.43 66.77
N VAL R 91 17.68 -16.74 67.87
CA VAL R 91 18.83 -15.84 67.95
C VAL R 91 19.97 -16.38 68.86
N VAL R 92 21.20 -15.99 68.53
CA VAL R 92 22.41 -16.46 69.22
C VAL R 92 22.60 -15.76 70.57
N MET S 1 41.45 63.29 27.08
CA MET S 1 40.93 62.56 28.28
C MET S 1 39.94 61.45 27.91
N LEU S 2 39.87 61.13 26.61
CA LEU S 2 39.07 60.01 26.06
C LEU S 2 37.62 60.38 25.70
N TRP S 3 36.82 60.76 26.70
CA TRP S 3 35.50 61.31 26.41
C TRP S 3 35.63 62.67 25.73
N LYS S 4 36.84 63.24 25.84
CA LYS S 4 37.19 64.50 25.21
C LYS S 4 37.60 64.29 23.75
N LYS S 5 37.63 63.03 23.31
CA LYS S 5 38.10 62.69 21.96
C LYS S 5 36.96 62.47 20.96
N SER S 6 37.22 62.78 19.70
CA SER S 6 36.25 62.62 18.63
C SER S 6 36.16 61.17 18.19
N LEU S 7 35.17 60.86 17.36
CA LEU S 7 34.98 59.51 16.84
C LEU S 7 36.10 59.07 15.91
N SER S 8 36.80 60.04 15.30
CA SER S 8 37.96 59.76 14.45
C SER S 8 39.12 59.32 15.32
N GLU S 9 39.34 60.10 16.38
CA GLU S 9 40.39 59.81 17.34
C GLU S 9 40.09 58.49 18.07
N LEU S 10 38.83 58.28 18.42
CA LEU S 10 38.39 57.04 19.07
C LEU S 10 38.55 55.82 18.18
N ARG S 11 38.16 55.95 16.92
CA ARG S 11 38.22 54.87 15.94
C ARG S 11 39.64 54.34 15.74
N GLU S 12 40.55 55.25 15.42
CA GLU S 12 41.97 54.95 15.27
C GLU S 12 42.49 54.14 16.47
N LEU S 13 42.18 54.64 17.68
CA LEU S 13 42.57 53.98 18.93
C LEU S 13 41.94 52.59 19.14
N LEU S 14 40.72 52.40 18.65
CA LEU S 14 40.01 51.14 18.84
C LEU S 14 40.44 50.11 17.80
N LYS S 15 40.71 50.58 16.59
CA LYS S 15 41.10 49.73 15.47
C LYS S 15 42.47 49.08 15.71
N ARG S 16 43.35 49.82 16.38
CA ARG S 16 44.71 49.39 16.74
C ARG S 16 44.81 48.91 18.19
N GLY S 17 43.67 48.58 18.79
CA GLY S 17 43.63 47.96 20.12
C GLY S 17 44.20 48.77 21.27
N GLU S 18 44.71 49.96 20.97
CA GLU S 18 45.25 50.87 21.98
C GLU S 18 44.22 51.11 23.09
N VAL S 19 42.95 51.00 22.72
CA VAL S 19 41.82 51.13 23.65
C VAL S 19 40.73 50.07 23.34
N SER S 20 39.93 49.76 24.35
CA SER S 20 38.85 48.79 24.23
C SER S 20 37.49 49.51 24.31
N PRO S 21 36.43 48.90 23.72
CA PRO S 21 35.11 49.50 23.77
C PRO S 21 34.66 49.76 25.21
N LYS S 22 35.03 48.88 26.12
CA LYS S 22 34.65 49.01 27.52
C LYS S 22 35.25 50.27 28.16
N GLU S 23 36.50 50.59 27.80
CA GLU S 23 37.18 51.77 28.34
C GLU S 23 36.46 53.04 27.87
N VAL S 24 36.17 53.10 26.57
CA VAL S 24 35.42 54.20 25.96
C VAL S 24 34.12 54.46 26.75
N VAL S 25 33.33 53.41 26.94
CA VAL S 25 32.09 53.50 27.72
C VAL S 25 32.36 54.01 29.14
N GLU S 26 33.40 53.45 29.77
CA GLU S 26 33.81 53.87 31.13
C GLU S 26 34.11 55.37 31.18
N SER S 27 34.85 55.84 30.18
CA SER S 27 35.21 57.25 30.05
C SER S 27 33.99 58.16 30.09
N PHE S 28 33.03 57.92 29.19
CA PHE S 28 31.81 58.73 29.11
C PHE S 28 30.92 58.54 30.34
N TYR S 29 30.96 57.33 30.92
CA TYR S 29 30.24 57.01 32.15
C TYR S 29 30.72 57.92 33.29
N ASP S 30 32.05 58.08 33.38
CA ASP S 30 32.69 59.03 34.32
C ASP S 30 32.09 60.41 34.16
N ARG S 31 32.23 60.90 32.92
CA ARG S 31 31.79 62.25 32.56
C ARG S 31 30.30 62.42 32.86
N TYR S 32 29.55 61.33 32.66
CA TYR S 32 28.13 61.27 33.00
C TYR S 32 27.98 61.50 34.50
N ASN S 33 28.74 60.75 35.28
CA ASN S 33 28.72 60.91 36.75
C ASN S 33 29.16 62.29 37.26
N GLN S 34 30.10 62.90 36.55
CA GLN S 34 30.49 64.30 36.75
C GLN S 34 29.29 65.25 36.57
N THR S 35 28.54 65.07 35.50
CA THR S 35 27.62 66.09 34.98
C THR S 35 26.15 65.90 35.31
N GLU S 36 25.71 64.64 35.38
CA GLU S 36 24.29 64.33 35.35
C GLU S 36 23.44 65.01 36.42
N GLU S 37 23.97 65.15 37.63
CA GLU S 37 23.18 65.77 38.71
C GLU S 37 22.84 67.23 38.41
N LYS S 38 23.71 67.89 37.65
CA LYS S 38 23.46 69.27 37.23
C LYS S 38 22.55 69.30 35.97
N VAL S 39 22.97 68.54 34.95
CA VAL S 39 22.35 68.50 33.61
C VAL S 39 21.00 67.77 33.53
N LYS S 40 20.98 66.52 33.99
CA LYS S 40 19.79 65.65 33.91
C LYS S 40 19.37 65.35 32.46
N ALA S 41 20.33 64.87 31.66
CA ALA S 41 20.07 64.52 30.27
C ALA S 41 19.21 63.25 30.13
N TYR S 42 19.37 62.31 31.05
CA TYR S 42 18.80 60.98 30.87
C TYR S 42 17.55 60.65 31.68
N ILE S 43 16.69 59.85 31.07
CA ILE S 43 15.59 59.24 31.79
C ILE S 43 16.11 57.89 32.28
N THR S 44 16.75 57.14 31.38
CA THR S 44 17.18 55.80 31.68
C THR S 44 18.61 55.71 31.20
N PRO S 45 19.58 55.83 32.14
CA PRO S 45 21.00 55.62 31.80
C PRO S 45 21.22 54.14 31.56
N LEU S 46 21.98 53.78 30.53
CA LEU S 46 22.21 52.38 30.22
C LEU S 46 23.70 52.06 30.13
N TYR S 47 24.52 52.91 30.74
CA TYR S 47 25.98 52.77 30.74
C TYR S 47 26.41 51.43 31.33
N GLY S 48 25.71 51.03 32.39
CA GLY S 48 25.89 49.71 33.01
C GLY S 48 25.69 48.57 32.03
N LYS S 49 24.61 48.64 31.27
CA LYS S 49 24.32 47.59 30.29
C LYS S 49 25.27 47.67 29.09
N ALA S 50 25.65 48.88 28.72
CA ALA S 50 26.56 49.09 27.59
C ALA S 50 27.94 48.51 27.92
N LEU S 51 28.34 48.67 29.19
CA LEU S 51 29.57 48.07 29.72
C LEU S 51 29.65 46.58 29.42
N LYS S 52 28.57 45.87 29.74
CA LYS S 52 28.50 44.42 29.50
C LYS S 52 28.46 44.06 28.02
N GLN S 53 27.72 44.83 27.22
CA GLN S 53 27.62 44.58 25.77
C GLN S 53 28.97 44.81 25.09
N ALA S 54 29.77 45.68 25.70
CA ALA S 54 31.08 46.05 25.18
C ALA S 54 32.06 44.87 25.21
N GLU S 55 31.92 44.05 26.27
CA GLU S 55 32.75 42.84 26.47
C GLU S 55 32.75 41.93 25.24
N SER S 56 31.57 41.74 24.66
CA SER S 56 31.42 40.79 23.54
C SER S 56 31.58 41.44 22.17
N LEU S 57 31.85 42.75 22.17
CA LEU S 57 32.06 43.49 20.93
C LEU S 57 33.50 43.28 20.45
N LYS S 58 33.67 42.67 19.28
CA LYS S 58 35.02 42.32 18.87
C LYS S 58 35.44 42.76 17.48
N GLU S 59 34.52 42.69 16.52
CA GLU S 59 34.84 43.04 15.13
C GLU S 59 35.11 44.55 15.00
N ARG S 60 36.38 44.92 14.87
CA ARG S 60 36.81 46.33 14.92
C ARG S 60 36.46 47.13 13.66
N GLU S 61 36.34 46.44 12.53
CA GLU S 61 36.10 47.07 11.22
C GLU S 61 34.69 47.68 11.07
N LEU S 62 33.81 47.37 12.03
CA LEU S 62 32.46 47.91 12.05
C LEU S 62 32.50 49.44 12.12
N PRO S 63 31.70 50.11 11.26
CA PRO S 63 31.73 51.56 11.10
C PRO S 63 31.63 52.37 12.40
N LEU S 64 30.86 51.89 13.38
CA LEU S 64 30.73 52.59 14.66
C LEU S 64 31.23 51.73 15.83
N PHE S 65 32.24 50.92 15.55
CA PHE S 65 32.70 49.88 16.47
C PHE S 65 32.50 50.18 17.96
N GLY S 66 33.25 51.10 18.54
CA GLY S 66 33.18 51.21 19.99
C GLY S 66 32.36 52.36 20.52
N ILE S 67 31.60 52.99 19.63
CA ILE S 67 31.04 54.30 19.91
C ILE S 67 29.77 54.27 20.78
N PRO S 68 29.81 54.95 21.95
CA PRO S 68 28.59 55.18 22.72
C PRO S 68 27.67 56.16 21.99
N ILE S 69 26.37 55.95 22.11
CA ILE S 69 25.38 56.86 21.52
C ILE S 69 24.16 56.97 22.42
N ALA S 70 23.76 58.20 22.75
CA ALA S 70 22.54 58.41 23.50
C ALA S 70 21.39 58.42 22.50
N VAL S 71 20.20 58.08 22.98
CA VAL S 71 19.03 57.96 22.12
C VAL S 71 17.83 58.62 22.84
N LYS S 72 17.06 59.41 22.09
CA LYS S 72 15.89 60.08 22.63
C LYS S 72 14.85 59.03 23.07
N ASP S 73 14.15 59.29 24.16
CA ASP S 73 13.25 58.28 24.71
C ASP S 73 11.85 58.23 24.05
N ASN S 74 11.77 58.63 22.78
CA ASN S 74 10.64 58.22 21.94
C ASN S 74 11.13 57.36 20.75
N ILE S 75 12.36 56.90 20.84
CA ILE S 75 12.85 55.91 19.91
C ILE S 75 12.98 54.60 20.67
N LEU S 76 12.31 53.54 20.18
CA LEU S 76 12.21 52.29 20.92
C LEU S 76 13.51 51.52 20.91
N VAL S 77 13.95 51.18 22.12
CA VAL S 77 15.11 50.31 22.33
C VAL S 77 14.60 49.07 23.05
N GLU S 78 14.72 47.93 22.36
CA GLU S 78 14.18 46.65 22.77
C GLU S 78 14.62 46.23 24.18
N GLY S 79 13.66 45.88 25.03
CA GLY S 79 13.97 45.38 26.36
C GLY S 79 14.19 46.45 27.39
N GLU S 80 14.28 47.71 26.95
CA GLU S 80 14.32 48.84 27.91
C GLU S 80 13.09 49.75 27.82
N LYS S 81 12.83 50.49 28.89
CA LYS S 81 11.70 51.41 28.95
C LYS S 81 11.77 52.46 27.85
N THR S 82 10.64 52.65 27.15
CA THR S 82 10.45 53.81 26.29
C THR S 82 9.27 54.63 26.85
N THR S 83 9.57 55.77 27.48
CA THR S 83 8.55 56.51 28.21
C THR S 83 7.92 57.68 27.45
N CYS S 84 8.61 58.15 26.40
CA CYS S 84 8.33 59.43 25.73
C CYS S 84 8.15 60.52 26.75
N ALA S 85 8.80 60.36 27.89
CA ALA S 85 8.74 61.32 28.97
C ALA S 85 7.31 61.51 29.43
N SER S 86 6.51 60.43 29.40
CA SER S 86 5.10 60.45 29.77
C SER S 86 4.77 59.50 30.92
N LYS S 87 3.87 59.92 31.82
CA LYS S 87 3.29 59.03 32.83
C LYS S 87 2.54 57.88 32.16
N ILE S 88 1.95 58.14 30.99
CA ILE S 88 1.12 57.14 30.32
C ILE S 88 2.01 56.00 29.77
N LEU S 89 3.31 56.23 29.69
CA LEU S 89 4.23 55.23 29.15
C LEU S 89 5.42 54.92 30.06
N GLU S 90 5.39 55.38 31.31
CA GLU S 90 6.46 54.94 32.20
C GLU S 90 6.17 53.48 32.51
N ASN S 91 7.20 52.67 32.56
CA ASN S 91 7.00 51.23 32.73
C ASN S 91 6.61 50.49 31.44
N PHE S 92 6.51 51.21 30.32
CA PHE S 92 6.38 50.55 29.03
C PHE S 92 7.75 50.04 28.61
N VAL S 93 7.89 48.73 28.55
CA VAL S 93 9.12 48.07 28.05
C VAL S 93 8.99 47.83 26.56
N ALA S 94 9.91 48.40 25.79
CA ALA S 94 9.83 48.28 24.34
C ALA S 94 9.96 46.83 23.92
N PRO S 95 8.98 46.30 23.15
CA PRO S 95 8.98 44.93 22.60
C PRO S 95 9.76 44.75 21.30
N TYR S 96 10.28 45.84 20.75
CA TYR S 96 11.04 45.77 19.49
C TYR S 96 12.02 46.93 19.39
N ASP S 97 12.94 46.81 18.42
CA ASP S 97 13.91 47.87 18.11
C ASP S 97 13.39 48.75 17.00
N ALA S 98 13.48 50.07 17.19
CA ALA S 98 13.29 51.00 16.11
C ALA S 98 14.33 50.67 15.07
N THR S 99 14.03 50.88 13.79
CA THR S 99 14.94 50.46 12.71
C THR S 99 16.32 51.10 12.84
N VAL S 100 16.38 52.35 13.28
CA VAL S 100 17.64 53.04 13.44
C VAL S 100 18.50 52.38 14.52
N ILE S 101 17.86 51.88 15.57
CA ILE S 101 18.56 51.24 16.68
C ILE S 101 19.13 49.91 16.21
N GLU S 102 18.35 49.20 15.39
CA GLU S 102 18.79 47.99 14.72
C GLU S 102 20.06 48.25 13.90
N ARG S 103 20.05 49.35 13.15
CA ARG S 103 21.16 49.70 12.26
C ARG S 103 22.41 50.20 12.98
N LEU S 104 22.21 50.92 14.08
CA LEU S 104 23.31 51.32 14.93
C LEU S 104 23.98 50.13 15.62
N LYS S 105 23.15 49.23 16.14
CA LYS S 105 23.60 48.02 16.83
C LYS S 105 24.40 47.17 15.87
N LYS S 106 23.91 47.06 14.64
CA LYS S 106 24.58 46.31 13.61
C LYS S 106 25.93 46.93 13.26
N ALA S 107 26.06 48.24 13.52
CA ALA S 107 27.24 49.01 13.13
C ALA S 107 28.27 49.06 14.26
N GLY S 108 27.98 48.35 15.33
CA GLY S 108 28.84 48.31 16.51
C GLY S 108 28.58 49.36 17.59
N ALA S 109 27.67 50.28 17.36
CA ALA S 109 27.43 51.33 18.34
C ALA S 109 26.93 50.75 19.67
N LEU S 110 27.08 51.51 20.74
CA LEU S 110 26.62 51.06 22.03
C LEU S 110 25.65 52.05 22.68
N ILE S 111 24.39 51.66 22.76
CA ILE S 111 23.36 52.57 23.27
C ILE S 111 23.59 52.81 24.75
N VAL S 112 23.93 54.05 25.12
CA VAL S 112 24.28 54.30 26.52
C VAL S 112 23.20 54.95 27.37
N GLY S 113 22.05 55.26 26.78
CA GLY S 113 20.96 55.77 27.59
C GLY S 113 19.77 56.36 26.85
N LYS S 114 18.67 56.52 27.57
CA LYS S 114 17.47 57.09 26.97
C LYS S 114 17.36 58.47 27.53
N THR S 115 17.30 59.43 26.62
CA THR S 115 17.46 60.81 27.00
C THR S 115 16.11 61.55 27.19
N ASN S 116 16.14 62.61 27.99
CA ASN S 116 14.93 63.32 28.41
C ASN S 116 14.37 64.12 27.23
N LEU S 117 13.06 64.40 27.29
CA LEU S 117 12.34 65.12 26.25
C LEU S 117 11.09 65.79 26.80
N ASP S 118 10.53 66.75 26.05
CA ASP S 118 9.18 67.21 26.25
C ASP S 118 8.28 65.99 26.06
N GLU S 119 7.21 65.91 26.87
CA GLU S 119 6.35 64.75 26.83
C GLU S 119 5.79 64.59 25.43
N PHE S 120 6.05 63.42 24.87
CA PHE S 120 5.61 63.01 23.54
C PHE S 120 6.12 63.96 22.52
N ALA S 121 7.28 64.58 22.82
CA ALA S 121 8.05 65.36 21.85
C ALA S 121 7.38 66.70 21.50
N MET S 122 6.46 67.14 22.36
CA MET S 122 5.72 68.35 22.14
C MET S 122 6.15 69.48 23.09
N GLY S 123 6.96 70.39 22.55
CA GLY S 123 7.46 71.55 23.29
C GLY S 123 8.82 72.00 22.78
N SER S 124 9.31 73.13 23.31
CA SER S 124 10.58 73.66 22.81
C SER S 124 11.69 73.88 23.86
N SER S 125 11.64 73.14 24.96
CA SER S 125 12.45 73.49 26.14
C SER S 125 12.75 72.31 27.04
N THR S 126 12.01 71.23 26.86
CA THR S 126 12.08 70.05 27.72
C THR S 126 11.37 70.19 29.11
N GLU S 127 10.93 71.40 29.44
CA GLU S 127 10.18 71.59 30.67
C GLU S 127 8.96 70.70 30.76
N TYR S 128 8.41 70.25 29.63
CA TYR S 128 7.20 69.42 29.60
C TYR S 128 7.43 67.92 29.77
N SER S 129 8.69 67.54 30.03
CA SER S 129 9.00 66.20 30.50
C SER S 129 8.14 65.97 31.72
N ALA S 130 7.41 64.85 31.74
CA ALA S 130 6.55 64.53 32.89
C ALA S 130 7.36 64.16 34.15
N PHE S 131 8.67 64.04 33.98
CA PHE S 131 9.54 63.56 35.04
C PHE S 131 10.38 64.65 35.71
N PHE S 132 11.11 65.41 34.90
CA PHE S 132 11.99 66.47 35.37
C PHE S 132 12.55 67.25 34.20
N PRO S 133 12.89 68.53 34.42
CA PRO S 133 13.52 69.36 33.39
C PRO S 133 14.99 69.01 33.19
N THR S 134 15.45 68.95 31.94
CA THR S 134 16.88 68.94 31.61
C THR S 134 17.35 70.39 31.64
N LYS S 135 18.58 70.63 32.08
CA LYS S 135 19.12 72.01 32.18
C LYS S 135 20.26 72.27 31.19
N ASN S 136 20.35 73.52 30.70
CA ASN S 136 21.42 73.93 29.75
C ASN S 136 22.79 73.92 30.45
N PRO S 137 23.71 73.05 29.99
CA PRO S 137 25.07 72.98 30.56
C PRO S 137 25.90 74.25 30.44
N TRP S 138 25.46 75.23 29.66
CA TRP S 138 26.15 76.50 29.60
C TRP S 138 25.61 77.51 30.60
N ASP S 139 24.41 77.23 31.13
CA ASP S 139 23.84 78.03 32.22
C ASP S 139 22.61 77.28 32.77
N LEU S 140 22.79 76.63 33.90
CA LEU S 140 21.75 75.74 34.41
C LEU S 140 20.47 76.50 34.87
N GLU S 141 20.49 77.84 34.82
CA GLU S 141 19.24 78.62 34.94
C GLU S 141 18.49 78.65 33.62
N ARG S 142 19.11 78.10 32.57
CA ARG S 142 18.54 78.14 31.23
C ARG S 142 18.15 76.78 30.63
N VAL S 143 17.22 76.84 29.68
CA VAL S 143 16.61 75.72 29.00
C VAL S 143 17.60 75.17 27.94
N PRO S 144 17.67 73.83 27.75
CA PRO S 144 18.52 73.30 26.67
C PRO S 144 17.81 73.29 25.32
N GLY S 145 16.55 73.70 25.30
CA GLY S 145 15.71 73.60 24.11
C GLY S 145 14.87 72.34 24.14
N GLY S 146 14.04 72.18 23.12
CA GLY S 146 13.26 70.97 23.00
C GLY S 146 12.69 70.75 21.63
N SER S 147 12.16 69.54 21.39
CA SER S 147 11.94 68.53 22.44
C SER S 147 13.15 67.65 22.80
N SER S 148 14.11 67.49 21.89
CA SER S 148 15.30 66.66 22.18
C SER S 148 16.30 67.32 23.14
N GLY S 149 15.82 67.84 24.28
CA GLY S 149 16.68 68.53 25.24
C GLY S 149 17.86 67.69 25.74
N GLY S 150 17.57 66.49 26.24
CA GLY S 150 18.61 65.63 26.83
C GLY S 150 19.62 65.12 25.81
N SER S 151 19.19 64.96 24.55
CA SER S 151 20.09 64.43 23.52
C SER S 151 21.11 65.48 23.11
N ALA S 152 20.68 66.75 23.16
CA ALA S 152 21.53 67.87 22.84
C ALA S 152 22.51 68.07 23.98
N ALA S 153 21.95 68.22 25.18
CA ALA S 153 22.70 68.42 26.44
C ALA S 153 23.82 67.40 26.66
N SER S 154 23.53 66.11 26.54
CA SER S 154 24.55 65.10 26.78
C SER S 154 25.65 65.17 25.75
N VAL S 155 25.33 65.53 24.53
CA VAL S 155 26.40 65.75 23.55
C VAL S 155 27.18 67.01 23.86
N ALA S 156 26.51 68.00 24.46
CA ALA S 156 27.16 69.25 24.82
C ALA S 156 28.21 69.06 25.93
N VAL S 157 27.83 68.35 27.00
CA VAL S 157 28.77 68.04 28.09
C VAL S 157 29.67 66.86 27.75
N LEU S 158 29.37 66.18 26.65
CA LEU S 158 30.15 65.02 26.20
C LEU S 158 30.03 63.83 27.16
N SER S 159 28.89 63.74 27.85
CA SER S 159 28.51 62.47 28.46
C SER S 159 28.16 61.42 27.39
N ALA S 160 28.00 61.87 26.15
CA ALA S 160 28.02 60.99 25.00
C ALA S 160 28.54 61.83 23.84
N PRO S 161 29.26 61.21 22.90
CA PRO S 161 29.88 62.01 21.83
C PRO S 161 28.87 62.35 20.75
N VAL S 162 27.87 61.49 20.59
CA VAL S 162 26.98 61.58 19.45
C VAL S 162 25.61 61.12 19.95
N SER S 163 24.55 61.51 19.26
CA SER S 163 23.24 61.39 19.86
C SER S 163 22.18 61.29 18.78
N LEU S 164 21.08 60.59 19.06
CA LEU S 164 19.90 60.57 18.19
C LEU S 164 18.79 61.40 18.84
N GLY S 165 18.14 62.26 18.07
CA GLY S 165 16.93 62.96 18.48
C GLY S 165 15.86 62.77 17.41
N SER S 166 14.77 63.53 17.53
CA SER S 166 13.78 63.57 16.45
C SER S 166 13.42 65.05 16.22
N ASP S 167 12.88 65.38 15.05
CA ASP S 167 12.59 66.76 14.67
C ASP S 167 11.22 66.83 13.98
N THR S 168 10.20 67.37 14.66
CA THR S 168 8.87 67.52 14.06
C THR S 168 8.67 68.96 13.55
N GLY S 169 9.19 69.92 14.31
CA GLY S 169 9.10 71.33 13.96
C GLY S 169 10.29 72.09 14.45
N GLY S 170 11.44 71.41 14.48
CA GLY S 170 12.68 72.02 14.99
C GLY S 170 13.36 71.30 16.13
N SER S 171 12.86 70.10 16.48
CA SER S 171 13.24 69.45 17.75
C SER S 171 14.65 68.88 17.89
N ILE S 172 15.40 68.93 16.79
CA ILE S 172 16.83 68.70 16.84
C ILE S 172 17.53 70.05 16.77
N ARG S 173 17.24 70.82 15.73
CA ARG S 173 17.98 72.05 15.48
C ARG S 173 17.94 73.05 16.63
N GLN S 174 16.78 73.29 17.21
CA GLN S 174 16.67 74.33 18.24
C GLN S 174 17.46 73.95 19.50
N PRO S 175 17.35 72.68 19.96
CA PRO S 175 18.29 72.13 20.94
C PRO S 175 19.79 72.21 20.57
N ALA S 176 20.12 71.93 19.30
CA ALA S 176 21.51 72.04 18.85
C ALA S 176 21.94 73.48 19.04
N SER S 177 21.05 74.41 18.70
CA SER S 177 21.38 75.82 18.76
C SER S 177 21.66 76.23 20.21
N PHE S 178 20.68 75.95 21.09
CA PHE S 178 20.77 76.28 22.53
C PHE S 178 21.95 75.61 23.26
N CYS S 179 22.29 74.37 22.88
CA CYS S 179 23.37 73.68 23.60
C CYS S 179 24.70 73.84 22.95
N GLY S 180 24.76 74.52 21.81
CA GLY S 180 26.04 74.81 21.15
C GLY S 180 26.65 73.58 20.53
N VAL S 181 25.85 72.88 19.75
CA VAL S 181 26.29 71.61 19.17
C VAL S 181 25.66 71.52 17.78
N ILE S 182 26.13 70.59 16.97
CA ILE S 182 25.59 70.39 15.62
C ILE S 182 24.40 69.43 15.64
N GLY S 183 23.33 69.83 14.98
CA GLY S 183 22.14 69.00 14.89
C GLY S 183 21.50 69.04 13.52
N ILE S 184 21.34 67.88 12.91
CA ILE S 184 20.70 67.78 11.59
C ILE S 184 19.41 66.98 11.66
N LYS S 185 18.36 67.52 11.07
CA LYS S 185 17.25 66.70 10.58
C LYS S 185 17.29 66.57 9.06
N PRO S 186 17.39 65.33 8.59
CA PRO S 186 17.54 65.07 7.15
C PRO S 186 16.25 65.24 6.38
N THR S 187 16.30 64.98 5.07
CA THR S 187 15.09 65.06 4.26
C THR S 187 14.02 64.15 4.82
N TYR S 188 12.78 64.62 4.80
CA TYR S 188 11.70 63.73 5.16
C TYR S 188 11.68 62.49 4.24
N GLY S 189 11.89 61.31 4.83
CA GLY S 189 11.92 60.06 4.11
C GLY S 189 13.32 59.45 4.09
N ARG S 190 14.33 60.20 4.49
CA ARG S 190 15.67 59.66 4.52
C ARG S 190 15.94 58.67 5.67
N VAL S 191 15.25 58.86 6.79
CA VAL S 191 15.44 57.98 7.92
C VAL S 191 14.10 57.37 8.33
N SER S 192 14.08 56.08 8.62
CA SER S 192 12.84 55.40 8.90
C SER S 192 12.15 55.90 10.19
N ARG S 193 10.83 55.86 10.20
CA ARG S 193 10.11 56.28 11.39
C ARG S 193 9.55 55.09 12.10
N TYR S 194 10.06 53.92 11.72
CA TYR S 194 9.67 52.67 12.36
C TYR S 194 10.30 52.56 13.72
N GLY S 195 9.47 52.57 14.76
CA GLY S 195 9.96 52.55 16.12
C GLY S 195 10.20 53.95 16.66
N LEU S 196 9.80 54.96 15.90
CA LEU S 196 9.77 56.32 16.44
C LEU S 196 8.33 56.53 16.91
N VAL S 197 8.15 56.80 18.19
CA VAL S 197 6.78 57.07 18.64
C VAL S 197 6.32 58.28 17.85
N ALA S 198 5.28 58.08 17.03
CA ALA S 198 4.70 59.13 16.15
C ALA S 198 4.02 60.27 16.92
N PHE S 199 4.40 61.49 16.56
CA PHE S 199 3.76 62.74 17.01
C PHE S 199 2.99 63.29 15.79
N ALA S 200 3.71 63.78 14.77
CA ALA S 200 3.12 64.16 13.46
C ALA S 200 3.80 63.38 12.38
N SER S 201 3.10 62.34 11.92
CA SER S 201 3.64 61.42 10.93
C SER S 201 4.20 62.11 9.69
N SER S 202 3.49 63.16 9.25
CA SER S 202 3.86 63.85 8.03
C SER S 202 5.04 64.86 8.21
N LEU S 203 5.49 65.02 9.46
CA LEU S 203 6.51 65.99 9.82
C LEU S 203 7.73 65.43 10.57
N ASP S 204 7.55 64.34 11.30
CA ASP S 204 8.59 63.71 12.13
C ASP S 204 9.79 63.20 11.32
N GLN S 205 10.99 63.42 11.82
CA GLN S 205 12.17 62.69 11.32
C GLN S 205 13.22 62.53 12.42
N ILE S 206 13.74 61.32 12.55
CA ILE S 206 14.91 61.12 13.38
C ILE S 206 16.06 61.90 12.77
N GLY S 207 16.94 62.38 13.65
CA GLY S 207 18.13 63.12 13.24
C GLY S 207 19.26 62.93 14.23
N VAL S 208 20.38 63.60 13.99
CA VAL S 208 21.60 63.36 14.75
C VAL S 208 22.23 64.60 15.35
N PHE S 209 22.74 64.47 16.57
CA PHE S 209 23.53 65.52 17.21
C PHE S 209 24.96 65.04 17.31
N GLY S 210 25.90 65.95 17.08
CA GLY S 210 27.32 65.74 17.34
C GLY S 210 28.05 67.06 17.49
N ARG S 211 29.37 66.99 17.65
CA ARG S 211 30.21 68.19 17.82
C ARG S 211 31.15 68.41 16.65
N ARG S 212 31.42 67.36 15.90
CA ARG S 212 32.17 67.49 14.66
C ARG S 212 31.34 66.97 13.50
N THR S 213 31.43 67.64 12.37
CA THR S 213 30.57 67.33 11.24
C THR S 213 30.74 65.90 10.74
N GLU S 214 31.93 65.34 10.94
CA GLU S 214 32.20 63.96 10.53
C GLU S 214 31.46 62.96 11.39
N ASP S 215 31.40 63.24 12.69
CA ASP S 215 30.65 62.42 13.64
C ASP S 215 29.19 62.33 13.18
N VAL S 216 28.59 63.50 12.95
CA VAL S 216 27.20 63.61 12.49
C VAL S 216 26.97 62.97 11.12
N ALA S 217 27.87 63.19 10.16
CA ALA S 217 27.73 62.59 8.81
C ALA S 217 27.82 61.05 8.79
N LEU S 218 28.62 60.48 9.69
CA LEU S 218 28.73 59.05 9.84
C LEU S 218 27.50 58.41 10.48
N VAL S 219 27.04 58.96 11.61
CA VAL S 219 25.89 58.39 12.30
C VAL S 219 24.67 58.45 11.38
N LEU S 220 24.51 59.57 10.67
CA LEU S 220 23.43 59.73 9.67
C LEU S 220 23.51 58.69 8.55
N GLU S 221 24.68 58.52 7.95
CA GLU S 221 24.83 57.51 6.91
C GLU S 221 24.39 56.13 7.42
N VAL S 222 24.77 55.80 8.65
CA VAL S 222 24.47 54.48 9.19
C VAL S 222 22.95 54.25 9.36
N ILE S 223 22.26 55.25 9.91
CA ILE S 223 20.83 55.10 10.20
C ILE S 223 19.88 55.37 9.01
N SER S 224 20.41 55.99 7.96
CA SER S 224 19.56 56.36 6.82
C SER S 224 19.33 55.22 5.85
N GLY S 225 18.42 55.47 4.89
CA GLY S 225 18.11 54.52 3.85
C GLY S 225 16.77 53.82 4.00
N TRP S 226 16.31 53.27 2.90
CA TRP S 226 15.00 52.65 2.79
C TRP S 226 14.76 51.57 3.84
N ASP S 227 13.52 51.56 4.32
CA ASP S 227 13.08 50.60 5.31
C ASP S 227 11.75 50.09 4.79
N GLU S 228 11.65 48.76 4.63
CA GLU S 228 10.41 48.11 4.19
C GLU S 228 9.28 48.23 5.24
N LYS S 229 9.65 48.45 6.50
CA LYS S 229 8.70 48.58 7.58
C LYS S 229 8.09 49.98 7.64
N ASP S 230 8.49 50.85 6.70
CA ASP S 230 8.04 52.24 6.67
C ASP S 230 7.62 52.70 5.28
N SER S 231 6.33 52.99 5.09
CA SER S 231 5.79 53.32 3.77
C SER S 231 6.28 54.64 3.22
N THR S 232 6.76 55.49 4.12
CA THR S 232 7.08 56.85 3.77
C THR S 232 8.58 57.01 3.56
N SER S 233 9.34 55.97 3.94
CA SER S 233 10.81 55.97 3.74
C SER S 233 11.11 55.84 2.26
N ALA S 234 12.01 56.69 1.77
CA ALA S 234 12.31 56.79 0.35
C ALA S 234 13.24 55.70 -0.15
N LYS S 235 12.97 55.18 -1.34
CA LYS S 235 13.87 54.23 -2.01
C LYS S 235 14.94 55.01 -2.77
N VAL S 236 15.82 55.67 -2.03
CA VAL S 236 16.86 56.52 -2.57
C VAL S 236 18.14 56.03 -1.91
N PRO S 237 19.21 55.83 -2.70
CA PRO S 237 20.49 55.38 -2.11
C PRO S 237 21.10 56.43 -1.18
N VAL S 238 21.72 55.96 -0.09
CA VAL S 238 22.33 56.85 0.88
C VAL S 238 23.72 57.26 0.39
N PRO S 239 23.95 58.57 0.20
CA PRO S 239 25.27 59.07 -0.18
C PRO S 239 26.34 58.72 0.86
N GLU S 240 27.57 58.52 0.40
CA GLU S 240 28.68 58.19 1.30
C GLU S 240 29.14 59.45 1.99
N TRP S 241 28.33 59.91 2.93
CA TRP S 241 28.53 61.21 3.54
C TRP S 241 29.85 61.41 4.25
N SER S 242 30.38 60.34 4.85
CA SER S 242 31.66 60.45 5.56
C SER S 242 32.84 60.72 4.60
N GLU S 243 32.71 60.29 3.35
CA GLU S 243 33.70 60.63 2.33
C GLU S 243 33.37 61.92 1.59
N GLU S 244 32.21 62.51 1.88
CA GLU S 244 31.74 63.63 1.09
C GLU S 244 31.82 64.98 1.81
N VAL S 245 31.77 64.96 3.14
CA VAL S 245 31.84 66.19 3.96
C VAL S 245 33.11 67.00 3.76
N LYS S 246 34.23 66.28 3.62
CA LYS S 246 35.55 66.89 3.52
C LYS S 246 35.78 67.58 2.19
N LYS S 247 35.03 67.20 1.15
CA LYS S 247 35.12 67.82 -0.17
C LYS S 247 34.61 69.27 -0.17
N GLU S 248 34.98 70.02 -1.20
CA GLU S 248 34.59 71.42 -1.29
C GLU S 248 34.06 71.73 -2.69
N VAL S 249 32.81 72.21 -2.77
CA VAL S 249 32.19 72.54 -4.04
C VAL S 249 32.26 74.06 -4.26
N LYS S 250 32.74 74.44 -5.43
CA LYS S 250 32.98 75.85 -5.73
C LYS S 250 31.73 76.60 -6.18
N GLY S 251 31.69 77.87 -5.80
CA GLY S 251 30.65 78.80 -6.26
C GLY S 251 29.26 78.49 -5.77
N LEU S 252 29.13 78.04 -4.52
CA LEU S 252 27.82 77.81 -3.92
C LEU S 252 27.13 79.14 -3.59
N LYS S 253 25.82 79.09 -3.37
CA LYS S 253 25.01 80.29 -3.18
C LYS S 253 24.12 80.17 -1.94
N ILE S 254 23.97 81.27 -1.20
CA ILE S 254 23.19 81.30 0.04
C ILE S 254 22.10 82.35 -0.07
N GLY S 255 20.87 81.91 0.19
CA GLY S 255 19.70 82.78 0.14
C GLY S 255 19.33 83.28 1.52
N LEU S 256 19.11 84.59 1.63
CA LEU S 256 18.61 85.19 2.86
C LEU S 256 17.20 85.65 2.59
N PRO S 257 16.20 84.94 3.14
CA PRO S 257 14.81 85.32 2.85
C PRO S 257 14.47 86.70 3.37
N LYS S 258 13.93 87.53 2.47
CA LYS S 258 13.54 88.91 2.79
C LYS S 258 12.47 88.97 3.87
N GLU S 259 11.62 87.94 3.91
CA GLU S 259 10.51 87.91 4.82
C GLU S 259 11.01 87.67 6.24
N PHE S 260 12.23 87.13 6.36
CA PHE S 260 12.84 86.88 7.67
C PHE S 260 13.41 88.15 8.32
N PHE S 261 13.57 89.22 7.53
CA PHE S 261 14.00 90.50 8.11
C PHE S 261 12.94 91.10 9.00
N GLU S 262 11.68 90.77 8.74
CA GLU S 262 10.60 91.29 9.57
C GLU S 262 10.42 90.54 10.89
N TYR S 263 11.22 89.49 11.11
CA TYR S 263 11.08 88.67 12.32
C TYR S 263 11.86 89.32 13.47
N GLU S 264 11.20 89.45 14.62
CA GLU S 264 11.86 89.95 15.84
C GLU S 264 13.05 89.04 16.23
N LEU S 265 14.27 89.56 16.09
CA LEU S 265 15.48 88.86 16.54
C LEU S 265 16.10 89.58 17.72
N GLN S 266 16.61 88.83 18.70
CA GLN S 266 17.50 89.39 19.72
C GLN S 266 18.75 89.94 19.04
N PRO S 267 19.19 91.17 19.43
CA PRO S 267 20.36 91.83 18.85
C PRO S 267 21.61 90.97 18.82
N GLN S 268 21.88 90.21 19.89
CA GLN S 268 22.99 89.26 19.92
C GLN S 268 22.91 88.21 18.82
N VAL S 269 21.70 87.71 18.58
CA VAL S 269 21.48 86.69 17.57
C VAL S 269 21.72 87.31 16.20
N LYS S 270 21.15 88.49 15.99
CA LYS S 270 21.29 89.21 14.72
C LYS S 270 22.76 89.43 14.37
N GLU S 271 23.51 89.95 15.36
CA GLU S 271 24.95 90.20 15.28
C GLU S 271 25.75 88.94 14.93
N ALA S 272 25.50 87.86 15.68
CA ALA S 272 26.15 86.58 15.44
C ALA S 272 25.90 86.05 14.03
N PHE S 273 24.64 86.19 13.58
CA PHE S 273 24.25 85.73 12.25
C PHE S 273 24.90 86.53 11.12
N GLU S 274 24.90 87.85 11.26
CA GLU S 274 25.55 88.74 10.30
C GLU S 274 27.04 88.41 10.11
N ASN S 275 27.75 88.13 11.21
CA ASN S 275 29.14 87.74 11.13
C ASN S 275 29.36 86.41 10.45
N PHE S 276 28.50 85.45 10.77
CA PHE S 276 28.50 84.12 10.17
C PHE S 276 28.45 84.24 8.66
N ILE S 277 27.55 85.10 8.19
CA ILE S 277 27.35 85.34 6.76
C ILE S 277 28.51 86.13 6.12
N LYS S 278 29.03 87.14 6.81
CA LYS S 278 30.18 87.91 6.32
C LYS S 278 31.39 86.99 6.17
N GLU S 279 31.61 86.12 7.14
CA GLU S 279 32.73 85.21 7.10
C GLU S 279 32.60 84.17 6.00
N LEU S 280 31.37 83.75 5.70
CA LEU S 280 31.12 82.84 4.59
C LEU S 280 31.31 83.56 3.26
N GLU S 281 30.86 84.80 3.20
CA GLU S 281 31.11 85.66 2.03
C GLU S 281 32.61 85.70 1.72
N LYS S 282 33.45 85.95 2.74
CA LYS S 282 34.90 85.98 2.59
C LYS S 282 35.48 84.70 1.99
N GLU S 283 34.89 83.57 2.35
CA GLU S 283 35.31 82.25 1.90
C GLU S 283 34.87 81.93 0.46
N GLY S 284 34.06 82.82 -0.11
CA GLY S 284 33.70 82.73 -1.52
C GLY S 284 32.28 82.34 -1.84
N PHE S 285 31.43 82.31 -0.81
CA PHE S 285 30.01 82.06 -1.01
C PHE S 285 29.36 83.30 -1.58
N GLU S 286 28.53 83.12 -2.59
CA GLU S 286 27.73 84.23 -3.10
C GLU S 286 26.47 84.37 -2.23
N ILE S 287 26.21 85.58 -1.76
CA ILE S 287 25.11 85.82 -0.82
C ILE S 287 24.02 86.61 -1.53
N LYS S 288 22.79 86.06 -1.53
CA LYS S 288 21.64 86.63 -2.26
C LYS S 288 20.37 86.70 -1.44
N GLU S 289 19.62 87.79 -1.59
CA GLU S 289 18.33 87.88 -0.94
C GLU S 289 17.34 87.05 -1.74
N VAL S 290 16.54 86.22 -1.07
CA VAL S 290 15.46 85.52 -1.77
C VAL S 290 14.10 85.87 -1.17
N SER S 291 13.03 85.50 -1.87
CA SER S 291 11.67 85.66 -1.38
C SER S 291 11.06 84.31 -1.04
N LEU S 292 10.32 84.29 0.06
CA LEU S 292 9.46 83.17 0.46
C LEU S 292 8.16 83.81 0.90
N PRO S 293 7.31 84.21 -0.07
CA PRO S 293 6.18 85.06 0.27
C PRO S 293 5.21 84.48 1.31
N HIS S 294 5.25 83.16 1.52
CA HIS S 294 4.31 82.50 2.43
C HIS S 294 4.89 82.07 3.78
N VAL S 295 6.22 82.08 3.93
CA VAL S 295 6.80 81.53 5.17
C VAL S 295 6.19 82.04 6.44
N LYS S 296 5.78 83.31 6.45
CA LYS S 296 5.23 83.85 7.70
C LYS S 296 4.04 83.02 8.17
N TYR S 297 3.42 82.28 7.25
CA TYR S 297 2.28 81.44 7.60
C TYR S 297 2.69 80.08 8.14
N SER S 298 3.98 79.79 8.21
CA SER S 298 4.47 78.50 8.67
C SER S 298 3.99 78.09 10.05
N ILE S 299 4.01 79.04 11.01
CA ILE S 299 3.62 78.78 12.42
C ILE S 299 2.16 78.38 12.56
N PRO S 300 1.23 79.17 11.98
CA PRO S 300 -0.17 78.80 12.12
C PRO S 300 -0.47 77.52 11.37
N THR S 301 0.19 77.33 10.22
CA THR S 301 0.09 76.08 9.47
C THR S 301 0.50 74.86 10.32
N TYR S 302 1.62 74.99 11.03
CA TYR S 302 2.22 73.88 11.77
C TYR S 302 1.36 73.61 12.98
N TYR S 303 0.82 74.66 13.56
CA TYR S 303 0.05 74.48 14.78
C TYR S 303 -1.40 74.13 14.54
N ILE S 304 -1.69 73.77 13.29
CA ILE S 304 -2.93 73.08 12.90
C ILE S 304 -2.57 71.65 12.50
N ILE S 305 -1.61 71.48 11.60
CA ILE S 305 -1.20 70.14 11.18
C ILE S 305 -0.70 69.25 12.31
N ALA S 306 0.35 69.68 13.00
CA ALA S 306 0.98 68.89 14.06
C ALA S 306 -0.03 68.42 15.12
N PRO S 307 -0.75 69.37 15.80
CA PRO S 307 -1.81 68.93 16.74
C PRO S 307 -2.84 67.96 16.14
N SER S 308 -3.24 68.15 14.87
CA SER S 308 -4.21 67.23 14.31
C SER S 308 -3.66 65.83 14.25
N GLU S 309 -2.51 65.65 13.60
CA GLU S 309 -1.90 64.33 13.46
C GLU S 309 -1.60 63.78 14.84
N ALA S 310 -1.22 64.67 15.76
CA ALA S 310 -0.96 64.31 17.16
C ALA S 310 -2.17 63.67 17.82
N SER S 311 -3.34 64.26 17.60
CA SER S 311 -4.52 63.77 18.31
C SER S 311 -4.88 62.41 17.75
N SER S 312 -4.55 62.20 16.48
CA SER S 312 -4.81 60.90 15.87
C SER S 312 -3.82 59.87 16.34
N ASN S 313 -2.56 60.26 16.36
CA ASN S 313 -1.46 59.37 16.72
C ASN S 313 -1.45 58.97 18.19
N LEU S 314 -2.10 59.77 19.04
CA LEU S 314 -2.12 59.50 20.48
C LEU S 314 -3.41 58.82 20.91
N ALA S 315 -4.24 58.47 19.94
CA ALA S 315 -5.52 57.81 20.15
C ALA S 315 -5.34 56.43 20.78
N ARG S 316 -4.15 55.88 20.61
CA ARG S 316 -3.86 54.49 20.99
C ARG S 316 -3.45 54.30 22.44
N TYR S 317 -3.22 55.41 23.13
CA TYR S 317 -2.83 55.39 24.54
C TYR S 317 -4.10 55.43 25.35
N ASP S 318 -4.52 54.24 25.80
CA ASP S 318 -5.89 54.03 26.29
C ASP S 318 -6.06 52.98 27.39
N GLY S 319 -4.98 52.50 27.98
CA GLY S 319 -5.04 51.56 29.10
C GLY S 319 -5.45 50.14 28.75
N VAL S 320 -5.55 49.84 27.47
CA VAL S 320 -6.01 48.52 27.06
C VAL S 320 -4.86 47.53 26.80
N ARG S 321 -3.90 47.86 25.94
CA ARG S 321 -2.87 46.89 25.58
C ARG S 321 -1.49 47.06 26.26
N TYR S 322 -1.23 48.23 26.83
CA TYR S 322 0.09 48.56 27.41
C TYR S 322 -0.01 49.86 28.20
N GLY S 323 1.04 50.17 28.96
CA GLY S 323 1.15 51.45 29.64
C GLY S 323 0.18 51.71 30.79
N TYR S 324 0.05 52.97 31.15
CA TYR S 324 -0.75 53.41 32.29
C TYR S 324 -2.25 53.12 32.18
N ARG S 325 -2.83 52.70 33.30
CA ARG S 325 -4.27 52.63 33.43
C ARG S 325 -4.69 53.19 34.77
N ALA S 326 -5.65 54.11 34.75
CA ALA S 326 -6.23 54.68 35.95
C ALA S 326 -6.66 53.58 36.93
N LYS S 327 -6.58 53.87 38.22
CA LYS S 327 -6.97 52.88 39.21
C LYS S 327 -8.48 52.81 39.49
N GLU S 328 -9.18 53.94 39.40
CA GLU S 328 -10.63 54.03 39.70
C GLU S 328 -11.50 54.30 38.48
N TYR S 329 -12.45 53.42 38.18
CA TYR S 329 -13.35 53.62 37.04
C TYR S 329 -14.60 52.75 37.10
N LYS S 330 -15.74 53.27 36.68
CA LYS S 330 -17.00 52.50 36.76
C LYS S 330 -17.40 51.79 35.47
N ASP S 331 -17.00 52.34 34.32
CA ASP S 331 -17.25 51.75 33.00
C ASP S 331 -16.13 52.13 32.07
N ILE S 332 -15.92 51.33 31.01
CA ILE S 332 -14.83 51.49 30.02
C ILE S 332 -14.59 52.95 29.61
N PHE S 333 -15.67 53.72 29.50
CA PHE S 333 -15.56 55.14 29.15
C PHE S 333 -14.72 55.85 30.18
N GLU S 334 -15.05 55.67 31.47
CA GLU S 334 -14.25 56.27 32.54
C GLU S 334 -12.83 55.75 32.52
N MET S 335 -12.66 54.46 32.27
CA MET S 335 -11.31 53.93 32.20
C MET S 335 -10.50 54.68 31.16
N TYR S 336 -11.07 54.82 29.96
CA TYR S 336 -10.42 55.53 28.88
C TYR S 336 -10.11 56.96 29.27
N ALA S 337 -11.15 57.71 29.64
CA ALA S 337 -11.07 59.15 29.86
C ALA S 337 -10.25 59.53 31.09
N ARG S 338 -10.12 58.62 32.05
CA ARG S 338 -9.34 58.87 33.27
C ARG S 338 -7.89 58.50 33.08
N THR S 339 -7.68 57.35 32.44
CA THR S 339 -6.32 56.93 32.09
C THR S 339 -5.61 58.06 31.36
N ARG S 340 -6.31 58.68 30.41
CA ARG S 340 -5.73 59.67 29.52
C ARG S 340 -5.59 61.04 30.18
N ASP S 341 -6.60 61.48 30.91
CA ASP S 341 -6.47 62.73 31.67
C ASP S 341 -5.33 62.67 32.66
N GLU S 342 -5.14 61.51 33.28
CA GLU S 342 -4.10 61.31 34.29
C GLU S 342 -2.72 61.01 33.69
N GLY S 343 -2.69 60.36 32.53
CA GLY S 343 -1.44 59.91 31.92
C GLY S 343 -0.77 60.94 31.03
N PHE S 344 -1.58 61.82 30.42
CA PHE S 344 -1.10 62.87 29.54
C PHE S 344 -0.81 64.16 30.30
N GLY S 345 0.30 64.80 29.94
CA GLY S 345 0.65 66.13 30.45
C GLY S 345 -0.13 67.24 29.79
N PRO S 346 0.08 68.50 30.22
CA PRO S 346 -0.82 69.56 29.80
C PRO S 346 -0.64 69.96 28.34
N GLU S 347 0.60 70.13 27.90
CA GLU S 347 0.84 70.47 26.49
C GLU S 347 0.23 69.41 25.57
N VAL S 348 0.44 68.16 25.93
CA VAL S 348 -0.14 67.05 25.18
C VAL S 348 -1.67 67.16 25.16
N LYS S 349 -2.29 67.34 26.33
CA LYS S 349 -3.75 67.46 26.36
C LYS S 349 -4.24 68.61 25.50
N ARG S 350 -3.48 69.70 25.47
CA ARG S 350 -3.85 70.88 24.68
C ARG S 350 -3.89 70.56 23.19
N ARG S 351 -2.91 69.81 22.72
CA ARG S 351 -2.79 69.55 21.32
C ARG S 351 -3.79 68.49 20.91
N ILE S 352 -4.05 67.55 21.79
CA ILE S 352 -5.10 66.58 21.55
C ILE S 352 -6.46 67.28 21.37
N MET S 353 -6.80 68.21 22.26
CA MET S 353 -8.06 68.95 22.15
C MET S 353 -8.11 69.72 20.82
N LEU S 354 -7.08 70.53 20.58
CA LEU S 354 -7.00 71.31 19.34
C LEU S 354 -7.09 70.42 18.09
N GLY S 355 -6.41 69.28 18.14
CA GLY S 355 -6.39 68.36 17.03
C GLY S 355 -7.74 67.75 16.77
N THR S 356 -8.42 67.29 17.82
CA THR S 356 -9.75 66.70 17.57
C THR S 356 -10.75 67.72 17.05
N PHE S 357 -10.54 69.00 17.37
CA PHE S 357 -11.29 70.11 16.77
C PHE S 357 -10.95 70.27 15.28
N ALA S 358 -9.67 70.48 14.98
CA ALA S 358 -9.16 70.64 13.60
C ALA S 358 -9.62 69.57 12.59
N LEU S 359 -9.88 68.36 13.08
CA LEU S 359 -10.32 67.25 12.25
C LEU S 359 -11.83 67.06 12.27
N SER S 360 -12.51 67.72 13.20
CA SER S 360 -13.96 67.59 13.31
C SER S 360 -14.63 68.07 12.03
N ALA S 361 -15.65 67.33 11.59
CA ALA S 361 -16.41 67.68 10.40
C ALA S 361 -17.03 69.03 10.66
N GLY S 362 -17.07 69.87 9.65
CA GLY S 362 -17.53 71.23 9.89
C GLY S 362 -16.36 72.17 10.07
N TYR S 363 -15.22 71.65 10.53
CA TYR S 363 -14.03 72.49 10.71
C TYR S 363 -12.79 71.98 9.98
N TYR S 364 -12.85 70.74 9.52
CA TYR S 364 -11.78 70.10 8.81
C TYR S 364 -11.28 70.92 7.60
N ASP S 365 -12.23 71.41 6.82
CA ASP S 365 -12.00 72.16 5.59
C ASP S 365 -11.26 73.45 5.82
N ALA S 366 -11.66 74.18 6.85
CA ALA S 366 -11.01 75.45 7.16
C ALA S 366 -9.74 75.30 8.03
N TYR S 367 -9.56 74.13 8.62
CA TYR S 367 -8.42 73.90 9.47
C TYR S 367 -7.36 72.99 8.84
N TYR S 368 -7.44 71.68 9.06
CA TYR S 368 -6.42 70.75 8.58
C TYR S 368 -6.27 70.78 7.05
N LEU S 369 -7.39 70.71 6.33
CA LEU S 369 -7.35 70.71 4.86
C LEU S 369 -6.68 71.99 4.35
N LYS S 370 -7.19 73.13 4.82
CA LYS S 370 -6.63 74.40 4.43
C LYS S 370 -5.13 74.44 4.71
N ALA S 371 -4.74 73.98 5.90
CA ALA S 371 -3.33 74.06 6.32
C ALA S 371 -2.42 73.21 5.43
N GLN S 372 -2.94 72.09 4.93
CA GLN S 372 -2.17 71.20 4.06
C GLN S 372 -2.01 71.82 2.68
N LYS S 373 -2.94 72.72 2.35
CA LYS S 373 -2.85 73.50 1.13
C LYS S 373 -1.82 74.62 1.25
N VAL S 374 -1.98 75.44 2.28
CA VAL S 374 -0.99 76.48 2.57
C VAL S 374 0.42 75.87 2.68
N ARG S 375 0.49 74.63 3.15
CA ARG S 375 1.76 73.94 3.28
C ARG S 375 2.41 73.66 1.93
N ARG S 376 1.62 73.42 0.89
CA ARG S 376 2.14 73.30 -0.50
C ARG S 376 2.59 74.65 -1.05
N LEU S 377 1.85 75.71 -0.74
CA LEU S 377 2.29 77.05 -1.08
C LEU S 377 3.69 77.30 -0.52
N ILE S 378 3.86 77.02 0.79
CA ILE S 378 5.13 77.23 1.50
C ILE S 378 6.24 76.39 0.86
N THR S 379 5.95 75.12 0.58
CA THR S 379 6.91 74.22 -0.06
C THR S 379 7.36 74.82 -1.37
N ASN S 380 6.40 75.31 -2.16
CA ASN S 380 6.65 75.87 -3.47
C ASN S 380 7.52 77.13 -3.46
N ASP S 381 7.35 77.98 -2.44
CA ASP S 381 8.27 79.11 -2.22
C ASP S 381 9.68 78.57 -2.22
N PHE S 382 9.90 77.51 -1.46
CA PHE S 382 11.25 76.98 -1.32
C PHE S 382 11.80 76.45 -2.63
N LEU S 383 11.00 75.65 -3.34
CA LEU S 383 11.45 75.04 -4.59
C LEU S 383 11.87 76.10 -5.62
N LYS S 384 11.14 77.22 -5.61
CA LYS S 384 11.38 78.35 -6.49
C LYS S 384 12.64 79.12 -6.08
N ALA S 385 12.76 79.45 -4.79
CA ALA S 385 13.99 80.04 -4.28
C ALA S 385 15.22 79.14 -4.52
N PHE S 386 15.00 77.83 -4.53
CA PHE S 386 16.12 76.92 -4.71
C PHE S 386 16.59 76.85 -6.18
N GLU S 387 15.86 77.52 -7.06
CA GLU S 387 16.25 77.66 -8.46
C GLU S 387 17.40 78.66 -8.60
N GLU S 388 17.42 79.64 -7.69
CA GLU S 388 18.43 80.74 -7.67
C GLU S 388 19.62 80.46 -6.75
N VAL S 389 19.37 79.67 -5.71
CA VAL S 389 20.28 79.57 -4.57
C VAL S 389 20.44 78.11 -4.14
N ASP S 390 21.44 77.80 -3.32
CA ASP S 390 21.68 76.39 -2.99
C ASP S 390 21.29 75.99 -1.58
N VAL S 391 21.44 76.92 -0.65
CA VAL S 391 20.97 76.71 0.69
C VAL S 391 20.33 78.01 1.10
N ILE S 392 19.47 77.94 2.11
CA ILE S 392 18.79 79.09 2.67
C ILE S 392 19.27 79.23 4.11
N ALA S 393 19.74 80.41 4.49
CA ALA S 393 20.33 80.55 5.82
C ALA S 393 19.55 81.51 6.70
N SER S 394 19.53 81.24 7.99
CA SER S 394 18.94 82.16 8.96
C SER S 394 19.48 81.78 10.30
N PRO S 395 19.22 82.60 11.35
CA PRO S 395 19.43 82.08 12.69
C PRO S 395 18.49 80.89 12.91
N THR S 396 18.88 79.98 13.81
CA THR S 396 18.06 78.81 14.07
C THR S 396 16.92 79.20 14.99
N THR S 397 17.21 80.19 15.83
CA THR S 397 16.34 80.68 16.89
C THR S 397 16.37 82.20 16.92
N PRO S 398 15.22 82.84 17.20
CA PRO S 398 15.20 84.29 17.32
C PRO S 398 15.88 84.84 18.58
N THR S 399 16.08 84.00 19.58
CA THR S 399 16.70 84.44 20.83
C THR S 399 17.81 83.51 21.30
N LEU S 400 18.56 83.99 22.28
CA LEU S 400 19.43 83.18 23.12
C LEU S 400 18.58 82.24 24.00
N PRO S 401 19.17 81.14 24.50
CA PRO S 401 18.50 80.23 25.43
C PRO S 401 17.80 80.99 26.51
N PHE S 402 16.52 80.72 26.72
CA PHE S 402 15.72 81.47 27.68
C PHE S 402 15.64 80.76 29.04
N LYS S 403 15.06 81.41 30.03
CA LYS S 403 15.06 80.82 31.37
C LYS S 403 13.84 79.92 31.61
N PHE S 404 13.99 78.99 32.57
CA PHE S 404 12.88 78.16 33.01
C PHE S 404 11.73 79.03 33.47
N GLY S 405 10.51 78.54 33.26
CA GLY S 405 9.28 79.26 33.62
C GLY S 405 8.92 80.42 32.72
N GLU S 406 9.84 80.81 31.83
CA GLU S 406 9.65 82.00 31.00
C GLU S 406 8.54 81.89 29.97
N ARG S 407 8.31 80.68 29.48
CA ARG S 407 7.38 80.43 28.39
C ARG S 407 6.34 79.37 28.75
N LEU S 408 6.09 79.23 30.04
CA LEU S 408 5.07 78.31 30.53
C LEU S 408 3.78 79.05 30.86
N GLU S 409 3.90 80.36 31.03
CA GLU S 409 2.78 81.26 31.28
C GLU S 409 1.66 81.09 30.22
N ASN S 410 1.92 81.65 29.03
CA ASN S 410 1.08 81.45 27.85
C ASN S 410 1.71 80.37 26.99
N PRO S 411 0.97 79.28 26.70
CA PRO S 411 1.45 78.21 25.84
C PRO S 411 2.00 78.76 24.54
N ILE S 412 1.36 79.80 24.02
CA ILE S 412 1.72 80.44 22.76
C ILE S 412 3.16 80.95 22.73
N GLU S 413 3.62 81.47 23.86
CA GLU S 413 5.00 81.98 23.98
C GLU S 413 6.03 80.88 23.70
N MET S 414 5.68 79.64 24.03
CA MET S 414 6.52 78.49 23.72
C MET S 414 6.54 78.21 22.20
N TYR S 415 5.39 78.29 21.55
CA TYR S 415 5.31 78.01 20.12
C TYR S 415 6.18 78.95 19.28
N LEU S 416 6.26 80.20 19.71
CA LEU S 416 7.02 81.24 19.05
C LEU S 416 8.53 81.00 19.02
N SER S 417 9.00 80.00 19.77
CA SER S 417 10.38 79.51 19.73
C SER S 417 10.71 78.88 18.38
N ASP S 418 9.68 78.40 17.69
CA ASP S 418 9.85 77.56 16.50
C ASP S 418 9.75 78.30 15.15
N ILE S 419 9.60 79.62 15.19
CA ILE S 419 9.31 80.43 14.00
C ILE S 419 10.32 80.27 12.85
N LEU S 420 11.55 79.92 13.17
CA LEU S 420 12.55 79.81 12.14
C LEU S 420 12.84 78.38 11.78
N THR S 421 12.24 77.44 12.52
CA THR S 421 12.51 76.00 12.39
C THR S 421 11.40 75.22 11.68
N VAL S 422 10.13 75.58 11.93
CA VAL S 422 8.99 74.83 11.36
C VAL S 422 8.93 74.85 9.81
N PRO S 423 9.40 75.94 9.15
CA PRO S 423 9.25 75.93 7.69
C PRO S 423 9.95 74.73 7.00
N ALA S 424 11.07 74.24 7.55
CA ALA S 424 11.79 73.10 6.95
C ALA S 424 11.04 71.78 7.07
N ASN S 425 10.25 71.60 8.14
CA ASN S 425 9.49 70.36 8.29
C ASN S 425 8.28 70.34 7.37
N LEU S 426 7.63 71.51 7.28
CA LEU S 426 6.53 71.73 6.36
C LEU S 426 6.89 71.37 4.94
N ALA S 427 8.04 71.83 4.48
CA ALA S 427 8.48 71.59 3.12
C ALA S 427 9.16 70.22 2.95
N GLY S 428 9.33 69.49 4.05
CA GLY S 428 9.97 68.19 4.06
C GLY S 428 11.48 68.24 3.75
N LEU S 429 12.10 69.41 3.95
CA LEU S 429 13.51 69.70 3.60
C LEU S 429 14.50 69.29 4.69
N PRO S 430 15.75 68.97 4.29
CA PRO S 430 16.75 68.83 5.33
C PRO S 430 17.16 70.18 5.89
N ALA S 431 17.65 70.20 7.13
CA ALA S 431 18.07 71.45 7.73
C ALA S 431 19.02 71.16 8.88
N ILE S 432 20.07 71.95 8.96
CA ILE S 432 21.11 71.77 9.95
C ILE S 432 21.18 72.99 10.85
N SER S 433 21.40 72.78 12.14
CA SER S 433 21.82 73.89 12.99
C SER S 433 23.26 73.72 13.45
N ILE S 434 24.06 74.74 13.20
CA ILE S 434 25.49 74.76 13.48
C ILE S 434 25.79 75.89 14.47
N PRO S 435 26.72 75.67 15.42
CA PRO S 435 27.11 76.74 16.33
C PRO S 435 27.97 77.81 15.65
N ILE S 436 27.54 79.07 15.75
CA ILE S 436 28.17 80.17 14.99
C ILE S 436 28.83 81.25 15.87
N ALA S 437 28.50 81.24 17.16
CA ALA S 437 29.03 82.20 18.10
C ALA S 437 28.58 81.86 19.51
N TRP S 438 29.22 82.54 20.47
CA TRP S 438 28.88 82.50 21.87
C TRP S 438 28.67 83.94 22.31
N LYS S 439 27.46 84.23 22.80
CA LYS S 439 27.05 85.60 23.07
C LYS S 439 26.56 85.64 24.50
N ASP S 440 27.20 86.47 25.32
CA ASP S 440 26.87 86.61 26.74
C ASP S 440 26.88 85.25 27.43
N GLY S 441 27.83 84.41 26.99
CA GLY S 441 28.07 83.10 27.56
C GLY S 441 27.24 81.96 27.00
N LEU S 442 26.38 82.28 26.03
CA LEU S 442 25.41 81.32 25.50
C LEU S 442 25.60 81.04 24.02
N PRO S 443 25.46 79.76 23.60
CA PRO S 443 25.50 79.37 22.19
C PRO S 443 24.45 80.06 21.32
N VAL S 444 24.84 80.30 20.07
CA VAL S 444 23.93 80.75 19.02
C VAL S 444 24.12 79.84 17.81
N GLY S 445 23.00 79.35 17.28
CA GLY S 445 23.01 78.49 16.12
C GLY S 445 22.70 79.21 14.83
N GLY S 446 23.42 78.83 13.77
CA GLY S 446 23.11 79.25 12.41
C GLY S 446 22.45 78.08 11.73
N GLN S 447 21.47 78.36 10.87
CA GLN S 447 20.72 77.30 10.25
C GLN S 447 20.89 77.35 8.75
N LEU S 448 21.06 76.18 8.16
CA LEU S 448 21.06 76.09 6.72
C LEU S 448 20.02 75.08 6.29
N ILE S 449 19.18 75.50 5.35
CA ILE S 449 18.13 74.64 4.84
C ILE S 449 18.55 74.26 3.43
N GLY S 450 18.57 72.96 3.15
CA GLY S 450 18.99 72.47 1.85
C GLY S 450 17.83 71.96 1.03
N LYS S 451 18.12 71.61 -0.21
CA LYS S 451 17.15 71.00 -1.12
C LYS S 451 16.91 69.58 -0.70
N HIS S 452 15.78 69.03 -1.12
CA HIS S 452 15.47 67.64 -0.85
C HIS S 452 16.66 66.78 -1.26
N TRP S 453 17.10 65.95 -0.33
CA TRP S 453 18.15 64.95 -0.58
C TRP S 453 19.57 65.51 -0.55
N ASP S 454 19.68 66.82 -0.35
CA ASP S 454 20.98 67.49 -0.32
C ASP S 454 21.54 67.72 1.07
N GLU S 455 21.56 66.67 1.89
CA GLU S 455 22.23 66.73 3.17
C GLU S 455 23.75 66.92 3.02
N THR S 456 24.29 66.40 1.92
CA THR S 456 25.71 66.55 1.59
C THR S 456 26.19 67.99 1.74
N THR S 457 25.55 68.88 1.01
CA THR S 457 25.89 70.30 1.00
C THR S 457 25.81 70.93 2.38
N LEU S 458 24.67 70.79 3.05
CA LEU S 458 24.51 71.17 4.45
C LEU S 458 25.68 70.69 5.28
N LEU S 459 26.13 69.47 5.01
CA LEU S 459 27.20 68.87 5.81
C LEU S 459 28.56 69.48 5.46
N GLN S 460 28.77 69.68 4.17
CA GLN S 460 30.02 70.24 3.72
C GLN S 460 30.21 71.62 4.33
N ILE S 461 29.24 72.51 4.14
CA ILE S 461 29.29 73.86 4.73
C ILE S 461 29.55 73.77 6.24
N SER S 462 28.98 72.76 6.88
CA SER S 462 29.18 72.60 8.32
C SER S 462 30.63 72.26 8.61
N TYR S 463 31.20 71.39 7.79
CA TYR S 463 32.62 71.04 7.90
C TYR S 463 33.56 72.24 7.68
N LEU S 464 33.24 73.06 6.69
CA LEU S 464 34.00 74.27 6.44
C LEU S 464 33.89 75.25 7.61
N TRP S 465 32.69 75.43 8.13
CA TRP S 465 32.51 76.40 9.22
C TRP S 465 33.26 76.01 10.49
N GLU S 466 33.34 74.73 10.80
CA GLU S 466 34.03 74.30 12.03
C GLU S 466 35.55 74.51 11.98
N GLN S 467 36.10 74.46 10.76
CA GLN S 467 37.51 74.78 10.48
C GLN S 467 37.82 76.21 10.86
N LYS S 468 36.91 77.11 10.50
CA LYS S 468 37.04 78.54 10.82
C LYS S 468 36.77 78.75 12.30
N PHE S 469 35.69 78.13 12.79
CA PHE S 469 35.21 78.34 14.14
C PHE S 469 35.06 77.00 14.83
N LYS S 470 36.08 76.65 15.62
CA LYS S 470 36.19 75.35 16.26
C LYS S 470 35.33 75.26 17.54
N HIS S 471 34.01 75.17 17.35
CA HIS S 471 33.05 75.14 18.46
C HIS S 471 33.14 73.86 19.28
N TYR S 472 33.75 72.83 18.71
CA TYR S 472 33.85 71.53 19.37
C TYR S 472 34.81 71.57 20.55
N GLU S 473 35.59 72.64 20.65
CA GLU S 473 36.56 72.81 21.74
C GLU S 473 35.92 73.49 22.94
N LYS S 474 34.79 74.14 22.72
CA LYS S 474 34.07 74.79 23.81
C LYS S 474 33.28 73.77 24.64
N ILE S 475 33.84 73.39 25.78
CA ILE S 475 33.26 72.34 26.62
C ILE S 475 32.74 72.90 27.95
N PRO S 476 31.44 72.71 28.22
CA PRO S 476 30.84 73.28 29.42
C PRO S 476 31.15 72.41 30.62
N LEU S 477 30.86 72.94 31.81
CA LEU S 477 31.09 72.22 33.06
C LEU S 477 32.50 71.58 33.14
N THR S 478 33.49 72.40 32.77
CA THR S 478 34.92 72.12 32.89
C THR S 478 35.36 70.80 32.23
N GLU T 3 -51.15 46.04 -1.16
CA GLU T 3 -50.56 46.86 -0.06
C GLU T 3 -50.29 48.33 -0.48
N LYS T 4 -50.55 49.24 0.46
CA LYS T 4 -50.37 50.69 0.25
C LYS T 4 -48.90 51.11 0.21
N TYR T 5 -48.05 50.40 0.95
CA TYR T 5 -46.65 50.81 1.16
C TYR T 5 -45.61 50.09 0.30
N GLU T 6 -44.36 50.47 0.51
CA GLU T 6 -43.23 50.00 -0.27
C GLU T 6 -42.03 49.99 0.68
N ALA T 7 -41.28 48.90 0.69
CA ALA T 7 -40.08 48.85 1.50
C ALA T 7 -38.88 49.33 0.69
N VAL T 8 -38.06 50.18 1.31
CA VAL T 8 -36.80 50.60 0.70
C VAL T 8 -35.64 50.08 1.56
N ILE T 9 -34.78 49.25 0.96
CA ILE T 9 -33.75 48.54 1.71
C ILE T 9 -32.38 48.74 1.08
N GLY T 10 -31.41 49.13 1.92
CA GLY T 10 -30.02 49.23 1.53
C GLY T 10 -29.17 48.40 2.48
N LEU T 11 -28.05 47.86 1.98
CA LEU T 11 -27.19 47.01 2.77
C LEU T 11 -25.75 47.49 2.81
N GLU T 12 -25.08 47.28 3.94
CA GLU T 12 -23.64 47.55 4.08
C GLU T 12 -22.91 46.26 4.44
N ILE T 13 -22.15 45.76 3.50
CA ILE T 13 -21.57 44.44 3.66
C ILE T 13 -20.06 44.56 3.84
N HIS T 14 -19.53 43.86 4.83
CA HIS T 14 -18.10 43.79 5.01
C HIS T 14 -17.63 42.39 4.59
N VAL T 15 -16.74 42.31 3.61
CA VAL T 15 -16.31 41.03 3.05
C VAL T 15 -14.82 40.80 3.36
N GLN T 16 -14.53 39.69 4.03
CA GLN T 16 -13.18 39.37 4.42
C GLN T 16 -12.45 38.76 3.24
N MET T 17 -11.28 39.31 2.97
CA MET T 17 -10.50 38.88 1.82
C MET T 17 -9.67 37.67 2.13
N ASP T 18 -9.72 36.70 1.24
CA ASP T 18 -8.98 35.45 1.40
C ASP T 18 -7.47 35.60 1.10
N THR T 19 -6.81 36.52 1.81
CA THR T 19 -5.36 36.67 1.71
C THR T 19 -4.65 35.82 2.79
N LYS T 20 -3.35 35.58 2.62
CA LYS T 20 -2.57 34.83 3.62
C LYS T 20 -2.31 35.72 4.81
N THR T 21 -2.18 37.01 4.53
CA THR T 21 -1.56 37.99 5.42
C THR T 21 -2.55 39.15 5.71
N LYS T 22 -2.34 39.86 6.81
CA LYS T 22 -3.21 41.00 7.16
C LYS T 22 -3.07 42.17 6.19
N MET T 23 -3.90 43.19 6.36
CA MET T 23 -3.89 44.30 5.42
C MET T 23 -2.67 45.21 5.49
N PHE T 24 -2.17 45.42 6.70
CA PHE T 24 -1.12 46.43 6.93
C PHE T 24 0.05 45.87 7.69
N CYS T 25 0.09 44.55 7.89
CA CYS T 25 1.30 43.83 8.35
C CYS T 25 1.32 42.39 7.83
N GLY T 26 2.38 41.66 8.15
CA GLY T 26 2.57 40.32 7.61
C GLY T 26 2.13 39.18 8.50
N CYS T 27 1.28 39.48 9.49
CA CYS T 27 0.70 38.45 10.32
C CYS T 27 -0.31 37.64 9.53
N LYS T 28 -0.43 36.37 9.88
CA LYS T 28 -1.33 35.47 9.18
C LYS T 28 -2.79 35.80 9.46
N VAL T 29 -3.60 35.68 8.41
CA VAL T 29 -5.04 35.63 8.53
C VAL T 29 -5.40 34.14 8.61
N GLU T 30 -5.98 33.72 9.73
CA GLU T 30 -6.46 32.33 9.90
C GLU T 30 -7.52 32.23 10.98
N PHE T 31 -8.45 31.29 10.80
CA PHE T 31 -9.60 31.14 11.70
C PHE T 31 -9.25 30.18 12.85
N GLY T 32 -9.72 30.55 14.06
CA GLY T 32 -9.57 29.73 15.25
C GLY T 32 -8.18 29.50 15.83
N ALA T 33 -7.24 30.44 15.64
CA ALA T 33 -5.94 30.32 16.32
C ALA T 33 -6.07 30.67 17.82
N GLU T 34 -5.02 30.36 18.59
CA GLU T 34 -4.88 30.80 20.00
C GLU T 34 -4.87 32.30 20.12
N PRO T 35 -5.60 32.84 21.09
CA PRO T 35 -5.82 34.27 21.26
C PRO T 35 -4.52 35.05 21.21
N ASN T 36 -4.50 36.15 20.46
CA ASN T 36 -3.32 37.02 20.33
C ASN T 36 -2.02 36.25 20.00
N THR T 37 -2.07 35.33 19.04
CA THR T 37 -0.83 34.75 18.47
C THR T 37 -0.41 35.27 17.09
N ASN T 38 -1.38 35.56 16.21
CA ASN T 38 -1.05 36.19 14.91
C ASN T 38 -1.07 37.71 15.01
N VAL T 39 -0.06 38.23 15.69
CA VAL T 39 -0.15 39.53 16.26
C VAL T 39 1.27 40.13 16.22
N CYS T 40 1.35 41.46 16.12
CA CYS T 40 2.65 42.16 15.97
C CYS T 40 2.47 43.63 16.35
N PRO T 41 3.58 44.41 16.40
CA PRO T 41 3.52 45.83 16.75
C PRO T 41 2.56 46.62 15.90
N VAL T 42 2.52 46.30 14.61
CA VAL T 42 1.67 47.03 13.68
C VAL T 42 0.20 46.79 14.02
N CYS T 43 -0.24 45.54 13.90
CA CYS T 43 -1.65 45.24 14.11
C CYS T 43 -2.08 45.35 15.58
N LEU T 44 -1.12 45.47 16.49
CA LEU T 44 -1.44 45.63 17.91
C LEU T 44 -1.58 47.09 18.36
N GLY T 45 -1.37 48.01 17.41
CA GLY T 45 -1.45 49.44 17.69
C GLY T 45 -0.39 49.84 18.70
N MET T 46 0.82 49.36 18.49
CA MET T 46 1.86 49.68 19.44
C MET T 46 2.56 50.96 19.04
N PRO T 47 3.11 51.68 20.03
CA PRO T 47 3.76 52.95 19.70
C PRO T 47 4.92 52.71 18.71
N GLY T 48 4.99 53.53 17.67
CA GLY T 48 6.10 53.47 16.73
C GLY T 48 5.88 52.62 15.51
N ALA T 49 4.83 51.82 15.53
CA ALA T 49 4.54 50.82 14.52
C ALA T 49 3.80 51.38 13.29
N LEU T 50 4.20 50.99 12.08
CA LEU T 50 3.71 51.63 10.87
C LEU T 50 3.03 50.65 9.91
N PRO T 51 1.99 51.10 9.18
CA PRO T 51 1.22 50.19 8.29
C PRO T 51 1.88 50.07 6.91
N ILE T 52 1.88 48.85 6.34
CA ILE T 52 2.34 48.60 4.96
C ILE T 52 1.28 47.84 4.16
N VAL T 53 0.78 48.46 3.09
CA VAL T 53 -0.29 47.88 2.27
C VAL T 53 0.06 46.52 1.66
N ASN T 54 -0.87 45.60 1.84
CA ASN T 54 -0.88 44.29 1.22
C ASN T 54 -1.26 44.35 -0.28
N LYS T 55 -0.32 43.97 -1.15
CA LYS T 55 -0.54 44.00 -2.60
C LYS T 55 -1.71 43.12 -3.04
N ARG T 56 -1.78 41.89 -2.50
CA ARG T 56 -2.83 40.95 -2.88
C ARG T 56 -4.21 41.45 -2.45
N ALA T 57 -4.27 42.03 -1.25
CA ALA T 57 -5.49 42.68 -0.80
C ALA T 57 -5.96 43.72 -1.84
N VAL T 58 -5.02 44.51 -2.36
CA VAL T 58 -5.34 45.50 -3.38
C VAL T 58 -5.78 44.84 -4.68
N GLU T 59 -5.05 43.80 -5.11
CA GLU T 59 -5.40 43.03 -6.29
C GLU T 59 -6.85 42.48 -6.18
N TYR T 60 -7.15 41.81 -5.06
CA TYR T 60 -8.47 41.21 -4.86
C TYR T 60 -9.60 42.23 -4.84
N ALA T 61 -9.36 43.39 -4.24
CA ALA T 61 -10.41 44.42 -4.13
C ALA T 61 -10.72 45.05 -5.49
N ILE T 62 -9.68 45.16 -6.32
CA ILE T 62 -9.89 45.57 -7.71
C ILE T 62 -10.72 44.54 -8.48
N ARG T 63 -10.32 43.27 -8.39
CA ARG T 63 -11.04 42.16 -9.00
C ARG T 63 -12.49 42.17 -8.57
N ALA T 64 -12.74 42.22 -7.26
CA ALA T 64 -14.12 42.30 -6.76
C ALA T 64 -14.88 43.49 -7.34
N SER T 65 -14.22 44.64 -7.41
CA SER T 65 -14.87 45.86 -7.88
C SER T 65 -15.35 45.74 -9.32
N LEU T 66 -14.50 45.10 -10.15
CA LEU T 66 -14.81 44.85 -11.56
C LEU T 66 -15.88 43.79 -11.69
N ALA T 67 -15.78 42.73 -10.89
CA ALA T 67 -16.84 41.73 -10.86
C ALA T 67 -18.17 42.34 -10.48
N LEU T 68 -18.15 43.43 -9.69
CA LEU T 68 -19.42 44.13 -9.35
C LEU T 68 -19.71 45.30 -10.28
N ASN T 69 -18.99 45.33 -11.40
CA ASN T 69 -19.21 46.30 -12.47
C ASN T 69 -18.98 47.75 -12.09
N CYS T 70 -18.06 47.95 -11.15
CA CYS T 70 -17.73 49.28 -10.66
C CYS T 70 -16.70 49.96 -11.50
N GLU T 71 -16.70 51.29 -11.42
CA GLU T 71 -15.59 52.09 -11.92
C GLU T 71 -14.48 52.04 -10.88
N VAL T 72 -13.33 51.50 -11.24
CA VAL T 72 -12.18 51.51 -10.34
C VAL T 72 -11.41 52.82 -10.54
N HIS T 73 -11.15 53.53 -9.43
CA HIS T 73 -10.46 54.82 -9.48
C HIS T 73 -8.98 54.66 -9.32
N GLU T 74 -8.26 55.20 -10.30
CA GLU T 74 -6.83 54.99 -10.39
C GLU T 74 -6.13 55.54 -9.14
N GLU T 75 -6.74 56.52 -8.48
CA GLU T 75 -6.22 57.03 -7.23
C GLU T 75 -7.29 57.00 -6.13
N SER T 76 -6.93 56.42 -4.98
CA SER T 76 -7.78 56.42 -3.80
C SER T 76 -6.90 56.58 -2.58
N VAL T 77 -7.53 56.95 -1.47
CA VAL T 77 -6.80 57.36 -0.28
C VAL T 77 -7.27 56.62 0.95
N PHE T 78 -6.34 56.06 1.69
CA PHE T 78 -6.65 55.49 3.00
C PHE T 78 -6.83 56.61 4.00
N ALA T 79 -7.97 56.60 4.70
CA ALA T 79 -8.32 57.63 5.71
C ALA T 79 -8.38 57.00 7.11
N ARG T 80 -8.19 57.79 8.14
CA ARG T 80 -8.31 57.29 9.49
C ARG T 80 -9.69 57.53 10.02
N LYS T 81 -10.33 56.49 10.52
CA LYS T 81 -11.68 56.58 11.06
C LYS T 81 -11.55 56.37 12.56
N HIS T 82 -11.75 57.44 13.33
CA HIS T 82 -11.46 57.43 14.78
C HIS T 82 -12.65 57.02 15.63
N TYR T 83 -12.42 56.09 16.56
CA TYR T 83 -13.36 55.77 17.65
C TYR T 83 -12.67 54.95 18.73
N PHE T 84 -13.15 55.06 19.97
CA PHE T 84 -12.54 54.33 21.09
C PHE T 84 -13.37 53.11 21.39
N TYR T 85 -12.74 51.94 21.28
CA TYR T 85 -13.34 50.64 21.59
C TYR T 85 -12.24 49.59 21.76
N PRO T 86 -12.37 48.73 22.80
CA PRO T 86 -11.36 47.76 23.19
C PRO T 86 -10.87 46.85 22.08
N ASP T 87 -11.70 46.55 21.08
CA ASP T 87 -11.26 45.73 19.93
C ASP T 87 -10.58 46.53 18.81
N LEU T 88 -10.33 47.83 19.04
CA LEU T 88 -9.70 48.70 18.02
C LEU T 88 -8.43 49.34 18.54
N PRO T 89 -7.30 48.67 18.28
CA PRO T 89 -6.00 48.96 18.90
C PRO T 89 -5.41 50.38 18.71
N LYS T 90 -5.71 51.06 17.62
CA LYS T 90 -5.07 52.34 17.40
C LYS T 90 -5.93 53.52 17.81
N GLY T 91 -7.19 53.28 18.07
CA GLY T 91 -8.13 54.38 18.35
C GLY T 91 -8.65 54.91 17.02
N TYR T 92 -8.25 54.24 15.94
CA TYR T 92 -8.82 54.49 14.64
C TYR T 92 -8.78 53.26 13.73
N GLN T 93 -9.71 53.21 12.77
CA GLN T 93 -9.72 52.22 11.71
C GLN T 93 -9.16 52.87 10.44
N ILE T 94 -8.23 52.18 9.79
CA ILE T 94 -7.81 52.62 8.46
C ILE T 94 -8.75 52.06 7.40
N SER T 95 -9.44 52.95 6.69
CA SER T 95 -10.33 52.59 5.60
C SER T 95 -10.20 53.63 4.50
N GLN T 96 -11.26 53.80 3.73
CA GLN T 96 -11.35 54.87 2.77
C GLN T 96 -12.64 55.65 3.00
N TYR T 97 -12.65 56.90 2.55
CA TYR T 97 -13.75 57.81 2.84
C TYR T 97 -14.22 58.54 1.58
N GLU T 98 -13.95 59.84 1.43
CA GLU T 98 -14.02 60.42 0.10
C GLU T 98 -12.84 59.71 -0.62
N LYS T 99 -12.85 59.60 -1.94
CA LYS T 99 -11.79 58.82 -2.62
C LYS T 99 -11.71 57.30 -2.23
N PRO T 100 -12.82 56.55 -2.43
CA PRO T 100 -12.83 55.09 -2.28
C PRO T 100 -12.28 54.44 -3.55
N LEU T 101 -11.96 53.16 -3.47
CA LEU T 101 -11.37 52.44 -4.61
C LEU T 101 -12.33 52.36 -5.80
N ALA T 102 -13.59 52.04 -5.56
CA ALA T 102 -14.52 51.77 -6.65
C ALA T 102 -15.90 52.31 -6.34
N THR T 103 -16.68 52.58 -7.39
CA THR T 103 -17.91 53.34 -7.27
C THR T 103 -18.79 52.98 -8.49
N ASN T 104 -20.10 53.28 -8.40
CA ASN T 104 -21.08 53.11 -9.48
C ASN T 104 -21.08 51.73 -10.14
N GLY T 105 -21.31 50.69 -9.35
CA GLY T 105 -21.45 49.33 -9.87
C GLY T 105 -22.87 48.79 -9.74
N TRP T 106 -23.02 47.50 -10.04
CA TRP T 106 -24.33 46.89 -9.96
C TRP T 106 -24.27 45.39 -9.89
N VAL T 107 -25.28 44.83 -9.24
CA VAL T 107 -25.50 43.38 -9.22
C VAL T 107 -26.85 43.07 -9.86
N GLU T 108 -26.92 42.01 -10.65
CA GLU T 108 -28.19 41.57 -11.18
C GLU T 108 -28.80 40.40 -10.40
N LEU T 109 -30.04 40.60 -9.98
CA LEU T 109 -30.82 39.60 -9.26
C LEU T 109 -31.82 38.89 -10.19
N ASN T 110 -31.82 37.56 -10.14
CA ASN T 110 -32.81 36.78 -10.84
C ASN T 110 -33.91 36.41 -9.87
N LEU T 111 -35.10 36.91 -10.14
CA LEU T 111 -36.25 36.75 -9.25
C LEU T 111 -37.03 35.48 -9.57
N PRO T 112 -37.79 34.96 -8.57
CA PRO T 112 -38.52 33.70 -8.77
C PRO T 112 -39.52 33.79 -9.92
N ASN T 113 -40.31 34.87 -9.98
CA ASN T 113 -41.23 35.10 -11.11
C ASN T 113 -40.57 35.16 -12.49
N GLY T 114 -39.23 35.07 -12.52
CA GLY T 114 -38.47 34.98 -13.77
C GLY T 114 -37.87 36.29 -14.24
N GLU T 115 -38.22 37.38 -13.56
CA GLU T 115 -37.74 38.72 -13.90
C GLU T 115 -36.36 39.02 -13.29
N LYS T 116 -35.60 39.86 -13.98
CA LYS T 116 -34.26 40.24 -13.55
C LYS T 116 -34.26 41.70 -13.11
N LYS T 117 -33.62 41.96 -11.98
CA LYS T 117 -33.63 43.28 -11.33
C LYS T 117 -32.20 43.67 -11.01
N LYS T 118 -31.93 44.97 -10.96
CA LYS T 118 -30.61 45.46 -10.60
C LYS T 118 -30.57 46.18 -9.27
N VAL T 119 -29.53 45.86 -8.50
CA VAL T 119 -29.21 46.59 -7.27
C VAL T 119 -27.84 47.22 -7.47
N ARG T 120 -27.77 48.52 -7.22
CA ARG T 120 -26.52 49.25 -7.45
C ARG T 120 -25.55 49.09 -6.31
N ILE T 121 -24.28 49.02 -6.63
CA ILE T 121 -23.23 49.22 -5.65
C ILE T 121 -22.83 50.68 -5.64
N ARG T 122 -23.01 51.32 -4.48
CA ARG T 122 -22.65 52.73 -4.28
C ARG T 122 -21.13 52.86 -4.19
N ARG T 123 -20.47 51.90 -3.55
CA ARG T 123 -19.04 51.99 -3.29
C ARG T 123 -18.47 50.63 -2.88
N LEU T 124 -17.20 50.45 -3.18
CA LEU T 124 -16.42 49.41 -2.55
C LEU T 124 -15.12 50.07 -2.11
N HIS T 125 -14.81 50.00 -0.83
CA HIS T 125 -13.49 50.42 -0.39
C HIS T 125 -12.79 49.36 0.45
N ILE T 126 -11.47 49.55 0.56
CA ILE T 126 -10.59 48.72 1.35
C ILE T 126 -10.46 49.25 2.77
N GLU T 127 -10.41 48.31 3.71
CA GLU T 127 -10.17 48.68 5.08
C GLU T 127 -9.84 47.45 5.91
N GLU T 128 -9.30 47.68 7.09
CA GLU T 128 -8.88 46.61 7.95
C GLU T 128 -9.97 46.33 9.01
N ASP T 129 -9.99 45.09 9.49
CA ASP T 129 -10.91 44.64 10.52
C ASP T 129 -10.43 45.07 11.91
N ALA T 130 -11.36 45.10 12.86
CA ALA T 130 -11.03 45.22 14.28
C ALA T 130 -10.85 43.80 14.88
N GLY T 131 -10.45 43.70 16.14
CA GLY T 131 -10.37 42.39 16.81
C GLY T 131 -11.73 41.90 17.31
N LYS T 132 -11.72 40.90 18.20
CA LYS T 132 -12.96 40.38 18.79
C LYS T 132 -12.97 40.31 20.31
N ASN T 133 -14.10 40.73 20.88
CA ASN T 133 -14.36 40.70 22.31
C ASN T 133 -15.13 39.46 22.75
N ILE T 134 -14.72 38.90 23.89
CA ILE T 134 -15.44 37.85 24.59
C ILE T 134 -15.78 38.41 25.98
N HIS T 135 -17.04 38.26 26.40
CA HIS T 135 -17.48 38.76 27.70
C HIS T 135 -17.52 37.62 28.70
N GLU T 136 -16.95 37.87 29.88
CA GLU T 136 -16.80 36.85 30.92
C GLU T 136 -16.90 37.51 32.28
N GLY T 137 -18.05 37.39 32.92
CA GLY T 137 -18.28 38.05 34.21
C GLY T 137 -18.37 39.55 34.02
N ASP T 138 -17.63 40.30 34.85
CA ASP T 138 -17.62 41.77 34.78
C ASP T 138 -16.47 42.32 33.94
N LYS T 139 -15.84 41.43 33.17
CA LYS T 139 -14.73 41.76 32.27
C LYS T 139 -15.00 41.44 30.79
N THR T 140 -14.30 42.16 29.89
CA THR T 140 -14.27 41.80 28.46
C THR T 140 -12.86 41.30 28.12
N LEU T 141 -12.80 40.18 27.41
CA LEU T 141 -11.53 39.58 26.97
C LEU T 141 -11.30 39.87 25.51
N VAL T 142 -10.18 40.52 25.20
CA VAL T 142 -9.92 40.98 23.83
C VAL T 142 -8.87 40.15 23.10
N ASP T 143 -9.25 39.57 21.97
CA ASP T 143 -8.29 38.87 21.09
C ASP T 143 -8.11 39.71 19.85
N LEU T 144 -6.88 40.14 19.61
CA LEU T 144 -6.63 41.00 18.46
C LEU T 144 -6.04 40.22 17.28
N ASN T 145 -6.27 38.91 17.20
CA ASN T 145 -5.87 38.13 16.02
C ASN T 145 -6.49 38.66 14.72
N ARG T 146 -7.70 39.20 14.83
CA ARG T 146 -8.45 39.61 13.65
C ARG T 146 -8.22 41.07 13.28
N ALA T 147 -7.71 41.86 14.23
CA ALA T 147 -7.38 43.26 14.00
C ALA T 147 -6.42 43.34 12.79
N GLY T 148 -6.82 44.11 11.79
CA GLY T 148 -6.01 44.35 10.60
C GLY T 148 -6.26 43.40 9.45
N THR T 149 -7.17 42.46 9.61
CA THR T 149 -7.57 41.56 8.53
C THR T 149 -8.27 42.41 7.47
N PRO T 150 -7.95 42.19 6.18
CA PRO T 150 -8.46 43.02 5.10
C PRO T 150 -9.95 42.82 4.81
N LEU T 151 -10.67 43.93 4.66
CA LEU T 151 -12.10 43.88 4.38
C LEU T 151 -12.43 44.74 3.19
N MET T 152 -13.37 44.26 2.37
CA MET T 152 -13.95 45.14 1.39
C MET T 152 -15.26 45.65 2.05
N GLU T 153 -15.43 46.96 2.25
CA GLU T 153 -16.73 47.43 2.67
C GLU T 153 -17.52 47.71 1.42
N ILE T 154 -18.69 47.07 1.28
CA ILE T 154 -19.56 47.17 0.09
C ILE T 154 -20.91 47.80 0.46
N VAL T 155 -21.22 48.94 -0.16
CA VAL T 155 -22.43 49.67 0.21
C VAL T 155 -23.37 49.67 -0.99
N THR T 156 -24.62 49.31 -0.75
CA THR T 156 -25.65 49.17 -1.75
C THR T 156 -26.39 50.50 -1.84
N GLU T 157 -26.95 50.84 -2.99
CA GLU T 157 -27.97 51.88 -3.02
C GLU T 157 -29.29 51.34 -2.42
N PRO T 158 -30.23 52.22 -2.01
CA PRO T 158 -31.47 51.66 -1.42
C PRO T 158 -32.42 51.09 -2.49
N ASP T 159 -31.93 50.10 -3.26
CA ASP T 159 -32.64 49.61 -4.43
C ASP T 159 -33.44 48.34 -4.17
N ILE T 160 -33.17 47.71 -3.03
CA ILE T 160 -33.82 46.46 -2.67
C ILE T 160 -35.21 46.77 -2.12
N ARG T 161 -36.18 45.92 -2.47
CA ARG T 161 -37.59 46.19 -2.22
C ARG T 161 -38.29 45.15 -1.34
N THR T 162 -37.64 44.02 -1.10
CA THR T 162 -38.28 42.85 -0.52
C THR T 162 -37.30 42.08 0.35
N PRO T 163 -37.78 41.48 1.47
CA PRO T 163 -36.92 40.59 2.28
C PRO T 163 -36.23 39.51 1.45
N GLU T 164 -36.96 38.95 0.49
CA GLU T 164 -36.43 37.88 -0.35
C GLU T 164 -35.31 38.41 -1.24
N GLU T 165 -35.56 39.59 -1.81
CA GLU T 165 -34.57 40.28 -2.64
C GLU T 165 -33.29 40.54 -1.88
N ALA T 166 -33.43 40.92 -0.61
CA ALA T 166 -32.26 41.15 0.24
C ALA T 166 -31.42 39.88 0.38
N ARG T 167 -32.06 38.74 0.64
CA ARG T 167 -31.37 37.46 0.73
C ARG T 167 -30.76 37.07 -0.62
N LEU T 168 -31.58 37.16 -1.67
CA LEU T 168 -31.11 36.86 -3.01
C LEU T 168 -29.89 37.72 -3.41
N PHE T 169 -29.91 39.00 -3.06
CA PHE T 169 -28.74 39.87 -3.21
C PHE T 169 -27.52 39.31 -2.51
N LEU T 170 -27.68 39.03 -1.22
CA LEU T 170 -26.60 38.49 -0.42
C LEU T 170 -26.04 37.20 -1.00
N GLU T 171 -26.92 36.35 -1.52
CA GLU T 171 -26.54 35.07 -2.10
C GLU T 171 -25.67 35.24 -3.35
N LYS T 172 -26.10 36.17 -4.22
CA LYS T 172 -25.40 36.47 -5.47
C LYS T 172 -24.08 37.17 -5.18
N LEU T 173 -24.10 38.14 -4.26
CA LEU T 173 -22.82 38.74 -3.79
C LEU T 173 -21.84 37.67 -3.35
N ARG T 174 -22.32 36.76 -2.51
CA ARG T 174 -21.48 35.66 -2.02
C ARG T 174 -20.90 34.85 -3.18
N ASN T 175 -21.74 34.54 -4.16
CA ASN T 175 -21.35 33.66 -5.26
C ASN T 175 -20.38 34.33 -6.21
N ILE T 176 -20.59 35.62 -6.47
CA ILE T 176 -19.62 36.41 -7.24
C ILE T 176 -18.24 36.45 -6.55
N MET T 177 -18.21 36.77 -5.24
CA MET T 177 -16.96 36.75 -4.48
C MET T 177 -16.27 35.40 -4.58
N ARG T 178 -17.04 34.31 -4.45
CA ARG T 178 -16.47 32.97 -4.47
C ARG T 178 -15.91 32.62 -5.86
N TYR T 179 -16.69 32.91 -6.90
CA TYR T 179 -16.27 32.74 -8.29
C TYR T 179 -15.02 33.54 -8.66
N ALA T 180 -15.02 34.82 -8.30
CA ALA T 180 -13.84 35.68 -8.46
C ALA T 180 -12.62 35.19 -7.69
N GLY T 181 -12.87 34.43 -6.63
CA GLY T 181 -11.82 33.83 -5.82
C GLY T 181 -11.23 34.80 -4.81
N VAL T 182 -12.03 35.80 -4.42
CA VAL T 182 -11.49 36.85 -3.55
C VAL T 182 -11.76 36.62 -2.09
N SER T 183 -12.85 35.92 -1.78
CA SER T 183 -13.24 35.64 -0.41
C SER T 183 -14.07 34.36 -0.37
N LYS T 184 -14.03 33.65 0.76
CA LYS T 184 -14.91 32.47 0.96
C LYS T 184 -16.33 32.90 1.33
N ALA T 185 -16.45 34.08 1.93
CA ALA T 185 -17.72 34.83 2.04
C ALA T 185 -18.85 34.11 2.74
N ASP T 186 -18.51 33.24 3.68
CA ASP T 186 -19.51 32.52 4.46
C ASP T 186 -19.75 33.29 5.77
N MET T 187 -20.99 33.69 6.01
CA MET T 187 -21.36 34.37 7.26
C MET T 187 -20.97 33.57 8.51
N GLU T 188 -21.18 32.25 8.45
CA GLU T 188 -20.82 31.31 9.53
C GLU T 188 -19.46 31.58 10.19
N LYS T 189 -18.44 31.85 9.38
CA LYS T 189 -17.08 32.03 9.88
C LYS T 189 -16.70 33.51 9.97
N GLY T 190 -17.70 34.39 9.96
CA GLY T 190 -17.50 35.85 10.05
C GLY T 190 -16.85 36.51 8.83
N GLN T 191 -16.84 35.79 7.69
CA GLN T 191 -16.22 36.25 6.46
C GLN T 191 -17.11 37.23 5.69
N LEU T 192 -18.37 37.31 6.10
CA LEU T 192 -19.31 38.25 5.52
C LEU T 192 -20.19 38.77 6.62
N ARG T 193 -20.20 40.08 6.77
CA ARG T 193 -21.09 40.74 7.71
C ARG T 193 -22.08 41.57 6.94
N CYS T 194 -23.25 41.81 7.52
CA CYS T 194 -24.24 42.61 6.85
C CYS T 194 -25.08 43.44 7.81
N ASP T 195 -25.08 44.75 7.56
CA ASP T 195 -25.91 45.67 8.34
C ASP T 195 -27.04 46.10 7.41
N ILE T 196 -28.25 46.11 7.95
CA ILE T 196 -29.45 46.33 7.16
C ILE T 196 -29.97 47.73 7.44
N ASN T 197 -30.38 48.43 6.39
CA ASN T 197 -31.03 49.74 6.51
C ASN T 197 -32.36 49.69 5.81
N VAL T 198 -33.41 50.16 6.48
CA VAL T 198 -34.78 49.98 5.96
C VAL T 198 -35.75 51.10 6.33
N SER T 199 -36.48 51.55 5.32
CA SER T 199 -37.52 52.56 5.48
C SER T 199 -38.76 52.12 4.70
N ILE T 200 -39.91 52.71 5.05
CA ILE T 200 -41.15 52.48 4.28
C ILE T 200 -41.64 53.76 3.59
N ARG T 201 -42.55 53.59 2.65
CA ARG T 201 -42.88 54.66 1.72
C ARG T 201 -44.23 54.34 1.07
N PRO T 202 -45.16 55.31 1.03
CA PRO T 202 -46.39 55.07 0.25
C PRO T 202 -46.05 54.66 -1.18
N LYS T 203 -46.71 53.62 -1.68
CA LYS T 203 -46.43 53.06 -3.01
C LYS T 203 -46.29 54.13 -4.08
N GLY T 204 -45.27 53.99 -4.93
CA GLY T 204 -45.04 54.93 -6.03
C GLY T 204 -44.54 56.31 -5.63
N SER T 205 -44.32 56.53 -4.33
CA SER T 205 -43.71 57.78 -3.85
C SER T 205 -42.21 57.80 -4.21
N LYS T 206 -41.65 59.01 -4.35
CA LYS T 206 -40.23 59.16 -4.67
C LYS T 206 -39.44 59.71 -3.48
N GLU T 207 -40.19 60.16 -2.47
CA GLU T 207 -39.63 60.63 -1.21
C GLU T 207 -39.07 59.44 -0.41
N PHE T 208 -38.15 59.69 0.51
CA PHE T 208 -37.61 58.60 1.34
C PHE T 208 -38.11 58.67 2.77
N GLY T 209 -38.61 57.53 3.27
CA GLY T 209 -39.09 57.41 4.65
C GLY T 209 -37.94 57.34 5.62
N THR T 210 -38.23 57.51 6.91
CA THR T 210 -37.17 57.54 7.92
C THR T 210 -36.57 56.16 8.10
N ARG T 211 -35.26 56.14 8.31
CA ARG T 211 -34.42 54.93 8.19
C ARG T 211 -34.09 54.27 9.53
N VAL T 212 -34.33 52.96 9.60
CA VAL T 212 -33.90 52.16 10.75
C VAL T 212 -32.77 51.22 10.29
N GLU T 213 -31.75 51.11 11.13
CA GLU T 213 -30.66 50.17 10.86
C GLU T 213 -30.74 48.99 11.81
N ILE T 214 -30.68 47.78 11.26
CA ILE T 214 -30.60 46.58 12.09
C ILE T 214 -29.21 45.96 11.98
N LYS T 215 -28.52 45.84 13.11
CA LYS T 215 -27.16 45.35 13.12
C LYS T 215 -27.02 43.89 13.63
N ASN T 216 -25.90 43.26 13.27
CA ASN T 216 -25.57 41.89 13.71
C ASN T 216 -26.65 40.85 13.43
N VAL T 217 -27.05 40.78 12.17
CA VAL T 217 -27.90 39.70 11.71
C VAL T 217 -26.93 38.72 11.02
N ASN T 218 -26.98 37.47 11.45
CA ASN T 218 -25.85 36.53 11.30
C ASN T 218 -25.95 35.47 10.23
N SER T 219 -27.04 35.47 9.46
CA SER T 219 -27.24 34.50 8.37
C SER T 219 -28.10 35.14 7.31
N PHE T 220 -28.04 34.61 6.09
CA PHE T 220 -28.85 35.15 5.01
C PHE T 220 -30.33 34.99 5.34
N ARG T 221 -30.69 33.89 5.98
CA ARG T 221 -32.08 33.63 6.36
C ARG T 221 -32.55 34.60 7.42
N PHE T 222 -31.67 34.90 8.36
CA PHE T 222 -31.97 35.87 9.42
C PHE T 222 -32.20 37.31 8.90
N VAL T 223 -31.48 37.70 7.83
CA VAL T 223 -31.73 39.03 7.26
C VAL T 223 -33.13 39.10 6.63
N GLN T 224 -33.57 38.00 6.01
CA GLN T 224 -34.93 37.89 5.52
C GLN T 224 -35.95 38.03 6.67
N LYS T 225 -35.75 37.28 7.76
CA LYS T 225 -36.68 37.29 8.88
C LYS T 225 -36.71 38.66 9.58
N ALA T 226 -35.53 39.20 9.89
CA ALA T 226 -35.41 40.55 10.47
C ALA T 226 -36.18 41.54 9.63
N LEU T 227 -35.95 41.50 8.32
CA LEU T 227 -36.63 42.39 7.38
C LEU T 227 -38.13 42.17 7.32
N GLU T 228 -38.55 40.92 7.25
CA GLU T 228 -39.99 40.59 7.23
C GLU T 228 -40.72 41.23 8.39
N TYR T 229 -40.15 41.09 9.59
CA TYR T 229 -40.75 41.65 10.78
C TYR T 229 -40.72 43.17 10.78
N GLU T 230 -39.56 43.75 10.52
CA GLU T 230 -39.35 45.20 10.61
C GLU T 230 -40.25 45.99 9.66
N ILE T 231 -40.46 45.46 8.46
CA ILE T 231 -41.41 46.05 7.52
C ILE T 231 -42.83 46.05 8.13
N GLU T 232 -43.24 44.90 8.67
CA GLU T 232 -44.51 44.78 9.39
C GLU T 232 -44.57 45.83 10.50
N ARG T 233 -43.53 45.87 11.34
CA ARG T 233 -43.48 46.77 12.48
C ARG T 233 -43.68 48.24 12.07
N GLN T 234 -42.98 48.65 11.01
CA GLN T 234 -43.03 50.04 10.54
C GLN T 234 -44.38 50.39 9.95
N ILE T 235 -45.00 49.45 9.22
CA ILE T 235 -46.32 49.71 8.64
C ILE T 235 -47.38 49.86 9.75
N ASN T 236 -47.33 49.00 10.77
CA ASN T 236 -48.14 49.14 11.98
C ASN T 236 -48.07 50.56 12.50
N VAL T 237 -46.87 50.96 12.95
CA VAL T 237 -46.63 52.28 13.53
C VAL T 237 -47.26 53.41 12.71
N VAL T 238 -46.99 53.41 11.40
CA VAL T 238 -47.43 54.48 10.49
C VAL T 238 -48.96 54.53 10.32
N GLU T 239 -49.60 53.38 10.17
CA GLU T 239 -51.05 53.36 9.98
C GLU T 239 -51.85 53.49 11.29
N GLU T 240 -51.15 53.31 12.42
CA GLU T 240 -51.72 53.62 13.74
C GLU T 240 -51.64 55.11 14.05
N GLY T 241 -51.18 55.89 13.06
CA GLY T 241 -51.07 57.35 13.17
C GLY T 241 -49.77 57.84 13.79
N GLY T 242 -48.85 56.91 14.07
CA GLY T 242 -47.54 57.23 14.67
C GLY T 242 -46.43 57.51 13.65
N GLU T 243 -45.37 58.14 14.14
CA GLU T 243 -44.18 58.41 13.34
C GLU T 243 -43.11 57.36 13.65
N VAL T 244 -42.51 56.80 12.60
CA VAL T 244 -41.40 55.85 12.74
C VAL T 244 -40.12 56.62 13.12
N VAL T 245 -39.45 56.16 14.18
CA VAL T 245 -38.28 56.86 14.74
C VAL T 245 -36.97 56.27 14.23
N GLN T 246 -36.03 57.14 13.91
CA GLN T 246 -34.74 56.74 13.39
C GLN T 246 -33.80 56.22 14.49
N GLU T 247 -33.43 54.95 14.38
CA GLU T 247 -32.65 54.25 15.40
C GLU T 247 -31.88 53.07 14.81
N THR T 248 -30.97 52.52 15.61
CA THR T 248 -30.42 51.20 15.35
C THR T 248 -31.19 50.18 16.20
N ARG T 249 -31.42 49.00 15.64
CA ARG T 249 -32.11 47.91 16.34
C ARG T 249 -31.32 46.60 16.25
N THR T 250 -31.70 45.63 17.07
CA THR T 250 -31.11 44.30 17.05
C THR T 250 -32.16 43.28 16.69
N PHE T 251 -31.71 42.10 16.30
CA PHE T 251 -32.60 41.02 15.92
C PHE T 251 -32.30 39.76 16.74
N ASP T 252 -33.33 39.24 17.43
CA ASP T 252 -33.19 37.97 18.13
C ASP T 252 -33.68 36.82 17.25
N PRO T 253 -32.74 35.93 16.86
CA PRO T 253 -33.07 34.75 16.05
C PRO T 253 -34.18 33.93 16.68
N GLN T 254 -34.08 33.71 17.99
CA GLN T 254 -35.04 32.90 18.77
C GLN T 254 -36.50 33.40 18.70
N THR T 255 -36.68 34.73 18.76
CA THR T 255 -38.02 35.32 18.76
C THR T 255 -38.50 35.82 17.39
N GLY T 256 -37.55 36.02 16.47
CA GLY T 256 -37.86 36.55 15.14
C GLY T 256 -38.30 38.01 15.13
N LYS T 257 -37.84 38.78 16.13
CA LYS T 257 -38.30 40.16 16.32
C LYS T 257 -37.13 41.11 16.45
N THR T 258 -37.37 42.38 16.11
CA THR T 258 -36.35 43.43 16.23
C THR T 258 -36.65 44.32 17.43
N TYR T 259 -35.61 44.71 18.16
CA TYR T 259 -35.76 45.49 19.39
C TYR T 259 -34.93 46.76 19.39
N PRO T 260 -35.51 47.87 19.87
CA PRO T 260 -34.75 49.09 20.10
C PRO T 260 -33.70 48.83 21.15
N MET T 261 -32.79 49.78 21.32
CA MET T 261 -31.70 49.60 22.29
C MET T 261 -31.91 50.44 23.53
N ARG T 262 -31.52 49.87 24.67
CA ARG T 262 -31.67 50.51 25.97
C ARG T 262 -30.79 51.77 26.14
N THR T 263 -29.68 51.80 25.42
CA THR T 263 -28.77 52.95 25.46
C THR T 263 -29.03 53.96 24.32
N LYS T 264 -29.31 55.19 24.73
CA LYS T 264 -29.51 56.33 23.80
C LYS T 264 -28.16 56.94 23.38
N GLU T 265 -27.21 56.06 23.06
CA GLU T 265 -25.84 56.43 22.69
C GLU T 265 -25.70 56.84 21.22
N GLU T 266 -25.61 58.15 21.01
CA GLU T 266 -25.41 58.76 19.68
C GLU T 266 -24.00 58.49 19.15
N ALA T 267 -23.87 58.41 17.83
CA ALA T 267 -22.56 58.25 17.19
C ALA T 267 -21.71 59.53 17.32
N GLU T 268 -20.40 59.34 17.25
CA GLU T 268 -19.46 60.45 17.40
C GLU T 268 -18.72 60.65 16.10
N ASP T 269 -18.44 61.92 15.81
CA ASP T 269 -17.63 62.37 14.68
C ASP T 269 -16.41 61.46 14.47
N TYR T 270 -16.24 60.94 13.27
CA TYR T 270 -15.12 60.05 12.99
C TYR T 270 -13.78 60.75 12.75
N ARG T 271 -13.81 62.07 12.56
CA ARG T 271 -12.63 62.90 12.40
C ARG T 271 -11.73 62.31 11.32
N TYR T 272 -12.34 61.95 10.19
CA TYR T 272 -11.67 61.45 9.00
C TYR T 272 -10.60 62.35 8.43
N PHE T 273 -9.47 61.74 8.01
CA PHE T 273 -8.40 62.44 7.32
C PHE T 273 -7.40 61.46 6.73
N PRO T 274 -6.72 61.84 5.63
CA PRO T 274 -5.84 60.83 5.00
C PRO T 274 -4.82 60.34 6.00
N ASP T 275 -4.66 59.05 6.17
CA ASP T 275 -3.63 58.56 7.06
C ASP T 275 -2.32 59.10 6.58
N PRO T 276 -1.56 59.76 7.46
CA PRO T 276 -0.29 60.31 7.00
C PRO T 276 0.84 59.30 7.05
N ASP T 277 0.58 58.06 7.51
CA ASP T 277 1.63 57.02 7.39
C ASP T 277 1.63 56.36 6.02
N LEU T 278 0.71 56.75 5.13
CA LEU T 278 0.48 56.09 3.86
C LEU T 278 0.26 57.12 2.75
N VAL T 279 0.92 56.87 1.62
CA VAL T 279 0.66 57.63 0.39
C VAL T 279 -0.62 57.12 -0.29
N PRO T 280 -1.24 57.96 -1.15
CA PRO T 280 -2.40 57.51 -1.92
C PRO T 280 -2.14 56.22 -2.68
N LEU T 281 -3.20 55.41 -2.74
CA LEU T 281 -3.20 54.19 -3.49
C LEU T 281 -3.35 54.54 -4.97
N LYS T 282 -2.25 54.37 -5.72
CA LYS T 282 -2.27 54.65 -7.13
C LYS T 282 -2.31 53.34 -7.92
N VAL T 283 -3.39 53.16 -8.66
CA VAL T 283 -3.65 51.93 -9.38
C VAL T 283 -3.53 52.15 -10.89
N LYS T 284 -2.45 51.64 -11.47
CA LYS T 284 -2.18 51.78 -12.90
C LYS T 284 -3.32 51.20 -13.75
N LYS T 285 -3.68 51.92 -14.82
CA LYS T 285 -4.66 51.42 -15.80
C LYS T 285 -4.24 50.05 -16.34
N GLU T 286 -2.95 49.87 -16.56
CA GLU T 286 -2.37 48.64 -17.05
C GLU T 286 -2.70 47.44 -16.17
N TRP T 287 -2.79 47.68 -14.86
CA TRP T 287 -3.05 46.63 -13.87
C TRP T 287 -4.53 46.23 -13.85
N ILE T 288 -5.39 47.23 -13.95
CA ILE T 288 -6.82 47.05 -14.11
C ILE T 288 -7.11 46.20 -15.35
N GLU T 289 -6.56 46.61 -16.50
CA GLU T 289 -6.59 45.83 -17.77
C GLU T 289 -6.16 44.39 -17.57
N GLU T 290 -5.08 44.16 -16.82
CA GLU T 290 -4.55 42.83 -16.62
C GLU T 290 -5.45 41.95 -15.76
N ILE T 291 -6.11 42.55 -14.78
CA ILE T 291 -7.05 41.84 -13.90
C ILE T 291 -8.34 41.56 -14.65
N LYS T 292 -8.77 42.54 -15.43
CA LYS T 292 -9.93 42.45 -16.33
C LYS T 292 -9.79 41.25 -17.31
N LYS T 293 -8.65 41.21 -18.00
CA LYS T 293 -8.30 40.18 -18.99
C LYS T 293 -8.24 38.78 -18.39
N ASN T 294 -7.68 38.68 -17.17
CA ASN T 294 -7.49 37.40 -16.49
C ASN T 294 -8.57 37.07 -15.47
N MET T 295 -9.67 37.79 -15.55
CA MET T 295 -10.81 37.57 -14.65
C MET T 295 -11.28 36.13 -14.73
N PRO T 296 -11.39 35.42 -13.57
CA PRO T 296 -12.08 34.13 -13.53
C PRO T 296 -13.50 34.24 -14.05
N GLU T 297 -14.10 33.12 -14.45
CA GLU T 297 -15.48 33.15 -14.93
C GLU T 297 -16.48 33.43 -13.78
N LEU T 298 -17.48 34.22 -14.09
CA LEU T 298 -18.45 34.70 -13.12
C LEU T 298 -19.77 33.96 -13.30
N PRO T 299 -20.62 33.93 -12.25
CA PRO T 299 -21.84 33.12 -12.28
C PRO T 299 -22.74 33.32 -13.51
N ASP T 300 -23.05 34.57 -13.87
CA ASP T 300 -23.98 34.84 -14.99
C ASP T 300 -23.41 34.39 -16.33
N GLN T 301 -22.08 34.52 -16.50
CA GLN T 301 -21.38 33.98 -17.67
C GLN T 301 -21.48 32.46 -17.72
N ARG T 302 -21.08 31.79 -16.64
CA ARG T 302 -21.09 30.33 -16.61
C ARG T 302 -22.48 29.81 -16.92
N PHE T 303 -23.50 30.42 -16.32
CA PHE T 303 -24.90 30.09 -16.57
C PHE T 303 -25.28 29.97 -18.04
N GLU T 304 -24.95 30.99 -18.82
CA GLU T 304 -25.23 30.96 -20.26
C GLU T 304 -24.34 29.94 -21.01
N ARG T 305 -23.10 29.78 -20.55
CA ARG T 305 -22.16 28.85 -21.21
C ARG T 305 -22.57 27.38 -21.06
N LEU T 306 -23.05 27.00 -19.88
CA LEU T 306 -23.50 25.63 -19.63
C LEU T 306 -24.74 25.30 -20.46
N ILE T 307 -25.73 26.20 -20.44
CA ILE T 307 -26.91 26.14 -21.31
C ILE T 307 -26.55 25.88 -22.77
N LYS T 308 -25.49 26.55 -23.26
CA LYS T 308 -25.03 26.32 -24.61
C LYS T 308 -24.12 25.10 -24.71
N GLU T 309 -22.93 25.18 -24.11
CA GLU T 309 -21.94 24.11 -24.22
C GLU T 309 -22.46 22.68 -23.93
N TYR T 310 -23.54 22.57 -23.16
CA TYR T 310 -24.02 21.27 -22.68
C TYR T 310 -25.51 21.07 -22.86
N GLY T 311 -26.20 22.14 -23.31
CA GLY T 311 -27.64 22.08 -23.56
C GLY T 311 -28.50 21.85 -22.33
N LEU T 312 -28.00 22.20 -21.15
CA LEU T 312 -28.76 22.08 -19.90
C LEU T 312 -29.94 23.04 -19.86
N SER T 313 -30.97 22.70 -19.10
CA SER T 313 -32.09 23.60 -18.89
C SER T 313 -31.68 24.69 -17.91
N GLU T 314 -32.48 25.76 -17.82
CA GLU T 314 -32.21 26.86 -16.88
C GLU T 314 -32.34 26.42 -15.41
N TYR T 315 -33.09 25.35 -15.19
CA TYR T 315 -33.22 24.77 -13.86
C TYR T 315 -31.95 24.00 -13.48
N GLU T 316 -31.39 23.28 -14.45
CA GLU T 316 -30.19 22.50 -14.23
C GLU T 316 -28.95 23.37 -14.04
N ALA T 317 -28.70 24.23 -15.02
CA ALA T 317 -27.59 25.16 -14.99
C ALA T 317 -27.60 26.03 -13.72
N GLY T 318 -28.79 26.50 -13.31
CA GLY T 318 -28.96 27.27 -12.08
C GLY T 318 -28.46 26.57 -10.85
N ILE T 319 -28.84 25.30 -10.69
CA ILE T 319 -28.31 24.46 -9.62
C ILE T 319 -26.78 24.38 -9.63
N LEU T 320 -26.21 24.16 -10.83
CA LEU T 320 -24.76 23.94 -11.00
C LEU T 320 -23.96 25.21 -10.77
N VAL T 321 -24.58 26.35 -11.04
CA VAL T 321 -23.92 27.66 -10.95
C VAL T 321 -24.10 28.28 -9.55
N ASN T 322 -25.29 28.10 -8.96
CA ASN T 322 -25.54 28.57 -7.59
C ASN T 322 -24.68 27.91 -6.50
N HIS T 323 -24.27 26.67 -6.76
CA HIS T 323 -23.32 25.96 -5.92
C HIS T 323 -22.15 25.60 -6.85
N LYS T 324 -21.12 26.44 -6.84
CA LYS T 324 -20.04 26.34 -7.85
C LYS T 324 -19.40 24.97 -7.95
N GLU T 325 -19.17 24.34 -6.79
CA GLU T 325 -18.45 23.07 -6.71
C GLU T 325 -19.23 21.89 -7.30
N VAL T 326 -20.53 22.09 -7.49
CA VAL T 326 -21.41 21.13 -8.16
C VAL T 326 -21.16 21.21 -9.67
N GLY T 327 -21.16 22.43 -10.20
CA GLY T 327 -20.81 22.64 -11.60
C GLY T 327 -19.40 22.20 -11.96
N ASP T 328 -18.45 22.40 -11.04
CA ASP T 328 -17.04 21.99 -11.26
C ASP T 328 -16.97 20.46 -11.34
N PHE T 329 -17.74 19.79 -10.47
CA PHE T 329 -17.83 18.34 -10.44
C PHE T 329 -18.42 17.85 -11.77
N PHE T 330 -19.58 18.41 -12.14
CA PHE T 330 -20.21 18.09 -13.40
C PHE T 330 -19.23 18.17 -14.58
N GLU T 331 -18.52 19.29 -14.71
CA GLU T 331 -17.66 19.51 -15.85
C GLU T 331 -16.47 18.56 -15.91
N GLU T 332 -15.97 18.14 -14.74
CA GLU T 332 -14.88 17.20 -14.69
C GLU T 332 -15.38 15.79 -14.99
N ALA T 333 -16.67 15.56 -14.76
CA ALA T 333 -17.27 14.28 -15.10
C ALA T 333 -17.57 14.19 -16.60
N VAL T 334 -18.22 15.22 -17.14
CA VAL T 334 -18.55 15.27 -18.56
C VAL T 334 -17.30 15.20 -19.43
N ARG T 335 -16.14 15.39 -18.81
CA ARG T 335 -14.86 15.34 -19.51
C ARG T 335 -14.47 13.88 -19.74
N HIS T 336 -14.67 13.05 -18.73
CA HIS T 336 -14.37 11.61 -18.80
C HIS T 336 -15.34 10.81 -19.67
N PHE T 337 -16.58 11.27 -19.81
CA PHE T 337 -17.57 10.64 -20.67
C PHE T 337 -18.54 11.69 -21.20
N LYS T 338 -18.48 11.98 -22.50
CA LYS T 338 -19.18 13.12 -23.09
C LYS T 338 -20.70 12.92 -23.27
N GLU T 339 -21.36 12.52 -22.18
CA GLU T 339 -22.83 12.41 -22.12
C GLU T 339 -23.34 13.40 -21.05
N PRO T 340 -23.57 14.66 -21.46
CA PRO T 340 -23.95 15.71 -20.51
C PRO T 340 -25.32 15.48 -19.89
N LYS T 341 -26.31 15.17 -20.74
CA LYS T 341 -27.70 15.03 -20.29
C LYS T 341 -27.86 13.87 -19.30
N GLY T 342 -27.16 12.77 -19.56
CA GLY T 342 -27.16 11.63 -18.64
C GLY T 342 -26.51 12.00 -17.32
N ILE T 343 -25.40 12.71 -17.37
CA ILE T 343 -24.65 13.02 -16.15
C ILE T 343 -25.36 14.00 -15.21
N VAL T 344 -25.96 15.07 -15.74
CA VAL T 344 -26.75 15.99 -14.90
C VAL T 344 -27.89 15.29 -14.18
N ASN T 345 -28.59 14.44 -14.92
CA ASN T 345 -29.64 13.62 -14.37
C ASN T 345 -29.18 12.87 -13.11
N TRP T 346 -28.15 12.03 -13.26
CA TRP T 346 -27.62 11.21 -12.16
C TRP T 346 -26.96 12.01 -11.05
N LEU T 347 -26.41 13.17 -11.40
CA LEU T 347 -25.85 14.11 -10.42
C LEU T 347 -26.92 14.77 -9.56
N ILE T 348 -27.90 15.41 -10.21
CA ILE T 348 -28.97 16.11 -9.52
C ILE T 348 -29.94 15.16 -8.81
N ASN T 349 -30.40 14.15 -9.53
CA ASN T 349 -31.49 13.30 -9.03
C ASN T 349 -31.05 12.20 -8.08
N ASP T 350 -29.76 11.89 -8.11
CA ASP T 350 -29.26 10.78 -7.31
C ASP T 350 -28.16 11.16 -6.33
N LEU T 351 -27.01 11.55 -6.87
CA LEU T 351 -25.81 11.79 -6.08
C LEU T 351 -25.98 12.87 -5.01
N LEU T 352 -26.43 14.04 -5.44
CA LEU T 352 -26.64 15.19 -4.55
C LEU T 352 -27.45 14.82 -3.31
N GLY T 353 -28.57 14.12 -3.51
CA GLY T 353 -29.46 13.76 -2.40
C GLY T 353 -28.85 12.73 -1.46
N LEU T 354 -28.03 11.86 -2.02
CA LEU T 354 -27.35 10.83 -1.23
C LEU T 354 -26.29 11.44 -0.34
N LEU T 355 -25.56 12.40 -0.90
CA LEU T 355 -24.53 13.15 -0.16
C LEU T 355 -25.14 14.02 0.94
N ARG T 356 -26.24 14.69 0.63
CA ARG T 356 -26.97 15.50 1.61
C ARG T 356 -27.30 14.69 2.84
N ASP T 357 -27.84 13.49 2.62
CA ASP T 357 -28.29 12.58 3.68
C ASP T 357 -27.14 12.15 4.61
N LYS T 358 -26.01 11.81 3.99
CA LYS T 358 -24.78 11.48 4.72
C LYS T 358 -24.10 12.73 5.32
N GLY T 359 -24.57 13.91 4.94
CA GLY T 359 -24.07 15.18 5.47
C GLY T 359 -22.70 15.55 4.93
N ILE T 360 -22.44 15.15 3.68
CA ILE T 360 -21.12 15.31 3.07
C ILE T 360 -21.14 16.26 1.86
N SER T 361 -20.21 17.21 1.83
CA SER T 361 -20.12 18.17 0.75
C SER T 361 -19.58 17.53 -0.53
N ILE T 362 -19.94 18.12 -1.67
CA ILE T 362 -19.56 17.63 -3.00
C ILE T 362 -18.04 17.62 -3.24
N GLU T 363 -17.32 18.52 -2.57
CA GLU T 363 -15.85 18.58 -2.61
C GLU T 363 -15.28 17.26 -2.11
N GLU T 364 -15.96 16.71 -1.09
CA GLU T 364 -15.45 15.60 -0.29
C GLU T 364 -16.12 14.24 -0.59
N SER T 365 -16.89 14.15 -1.66
CA SER T 365 -17.67 12.93 -1.97
C SER T 365 -16.81 11.74 -2.42
N PRO T 366 -17.13 10.52 -1.93
CA PRO T 366 -16.42 9.31 -2.35
C PRO T 366 -16.58 9.04 -3.83
N VAL T 367 -17.74 9.40 -4.38
CA VAL T 367 -17.94 9.33 -5.83
C VAL T 367 -17.24 10.50 -6.48
N LYS T 368 -16.16 10.21 -7.18
CA LYS T 368 -15.42 11.23 -7.90
C LYS T 368 -16.01 11.38 -9.30
N PRO T 369 -15.81 12.54 -9.95
CA PRO T 369 -16.30 12.74 -11.32
C PRO T 369 -16.04 11.58 -12.28
N GLU T 370 -14.93 10.87 -12.10
CA GLU T 370 -14.60 9.68 -12.90
C GLU T 370 -15.64 8.58 -12.70
N HIS T 371 -16.00 8.36 -11.44
CA HIS T 371 -16.93 7.31 -11.04
C HIS T 371 -18.33 7.53 -11.58
N LEU T 372 -18.78 8.77 -11.57
CA LEU T 372 -20.11 9.09 -12.07
C LEU T 372 -20.13 8.96 -13.59
N ALA T 373 -19.10 9.50 -14.25
CA ALA T 373 -18.95 9.36 -15.70
C ALA T 373 -18.90 7.89 -16.11
N GLU T 374 -18.21 7.08 -15.29
CA GLU T 374 -18.13 5.64 -15.48
C GLU T 374 -19.48 4.94 -15.29
N LEU T 375 -20.17 5.24 -14.18
CA LEU T 375 -21.49 4.68 -13.92
C LEU T 375 -22.47 5.02 -15.04
N VAL T 376 -22.51 6.30 -15.43
CA VAL T 376 -23.41 6.75 -16.50
C VAL T 376 -23.06 6.10 -17.85
N LYS T 377 -21.81 5.66 -18.00
CA LYS T 377 -21.38 4.92 -19.19
C LYS T 377 -22.05 3.54 -19.26
N LEU T 378 -22.01 2.80 -18.14
CA LEU T 378 -22.66 1.50 -17.99
C LEU T 378 -24.17 1.52 -18.25
N ILE T 379 -24.84 2.59 -17.82
CA ILE T 379 -26.27 2.80 -18.05
C ILE T 379 -26.58 3.08 -19.53
N LYS T 380 -25.75 3.91 -20.15
CA LYS T 380 -25.94 4.28 -21.56
C LYS T 380 -25.66 3.09 -22.48
N GLU T 381 -24.55 2.38 -22.23
CA GLU T 381 -24.13 1.24 -23.05
C GLU T 381 -24.95 -0.02 -22.77
N LYS T 382 -25.93 0.10 -21.86
CA LYS T 382 -26.85 -0.97 -21.49
C LYS T 382 -26.15 -2.15 -20.79
N VAL T 383 -25.01 -1.87 -20.17
CA VAL T 383 -24.26 -2.88 -19.42
C VAL T 383 -25.02 -3.26 -18.13
N ILE T 384 -25.63 -2.26 -17.51
CA ILE T 384 -26.56 -2.44 -16.39
C ILE T 384 -27.82 -1.61 -16.58
N SER T 385 -28.84 -1.92 -15.79
CA SER T 385 -30.13 -1.25 -15.83
C SER T 385 -30.16 -0.12 -14.81
N THR T 386 -31.05 0.84 -15.05
CA THR T 386 -31.33 1.93 -14.11
C THR T 386 -31.58 1.37 -12.72
N LYS T 387 -32.42 0.33 -12.63
CA LYS T 387 -32.72 -0.34 -11.37
C LYS T 387 -31.44 -0.74 -10.62
N ILE T 388 -30.50 -1.32 -11.35
CA ILE T 388 -29.22 -1.77 -10.80
C ILE T 388 -28.32 -0.55 -10.56
N GLY T 389 -28.35 0.39 -11.50
CA GLY T 389 -27.62 1.65 -11.38
C GLY T 389 -27.91 2.40 -10.10
N LYS T 390 -29.16 2.37 -9.66
CA LYS T 390 -29.55 3.07 -8.42
C LYS T 390 -29.06 2.35 -7.18
N GLU T 391 -28.90 1.02 -7.30
CA GLU T 391 -28.38 0.18 -6.23
C GLU T 391 -26.86 0.37 -6.04
N VAL T 392 -26.14 0.51 -7.16
CA VAL T 392 -24.68 0.65 -7.12
C VAL T 392 -24.22 2.06 -6.70
N ILE T 393 -24.94 3.10 -7.13
CA ILE T 393 -24.62 4.47 -6.72
C ILE T 393 -24.77 4.64 -5.21
N LYS T 394 -25.77 3.98 -4.62
CA LYS T 394 -25.99 3.97 -3.17
C LYS T 394 -24.78 3.41 -2.44
N GLU T 395 -24.22 2.34 -2.98
CA GLU T 395 -23.08 1.69 -2.35
C GLU T 395 -21.76 2.36 -2.72
N MET T 396 -21.73 2.99 -3.90
CA MET T 396 -20.61 3.86 -4.28
C MET T 396 -20.38 4.92 -3.22
N VAL T 397 -21.48 5.58 -2.84
CA VAL T 397 -21.47 6.57 -1.75
C VAL T 397 -21.10 5.93 -0.41
N GLU T 398 -21.62 4.72 -0.17
CA GLU T 398 -21.39 3.99 1.07
C GLU T 398 -19.95 3.52 1.25
N THR T 399 -19.31 3.13 0.15
CA THR T 399 -17.94 2.58 0.19
C THR T 399 -16.91 3.55 -0.36
N GLY T 400 -17.01 3.85 -1.65
CA GLY T 400 -16.02 4.64 -2.36
C GLY T 400 -15.43 3.86 -3.52
N LYS T 401 -15.98 2.67 -3.76
CA LYS T 401 -15.51 1.79 -4.83
C LYS T 401 -16.05 2.25 -6.18
N THR T 402 -15.29 1.98 -7.24
CA THR T 402 -15.69 2.32 -8.62
C THR T 402 -16.99 1.59 -8.97
N PRO T 403 -17.78 2.14 -9.92
CA PRO T 403 -18.95 1.42 -10.42
C PRO T 403 -18.60 0.02 -10.93
N SER T 404 -17.58 -0.07 -11.78
CA SER T 404 -17.14 -1.36 -12.35
C SER T 404 -16.65 -2.34 -11.27
N GLN T 405 -16.00 -1.80 -10.24
CA GLN T 405 -15.59 -2.59 -9.08
C GLN T 405 -16.76 -3.37 -8.46
N ILE T 406 -17.83 -2.66 -8.10
CA ILE T 406 -19.00 -3.29 -7.45
C ILE T 406 -19.89 -4.10 -8.40
N VAL T 407 -19.82 -3.80 -9.69
CA VAL T 407 -20.50 -4.58 -10.72
C VAL T 407 -19.92 -6.01 -10.77
N GLU T 408 -18.59 -6.11 -10.81
CA GLU T 408 -17.88 -7.39 -10.76
C GLU T 408 -18.13 -8.11 -9.43
N GLU T 409 -17.86 -7.40 -8.33
CA GLU T 409 -18.00 -7.94 -6.98
C GLU T 409 -19.39 -8.52 -6.67
N LYS T 410 -20.40 -8.16 -7.46
CA LYS T 410 -21.77 -8.65 -7.22
C LYS T 410 -22.46 -9.28 -8.45
N GLY T 411 -21.72 -9.41 -9.55
CA GLY T 411 -22.25 -9.98 -10.79
C GLY T 411 -22.93 -8.95 -11.68
N LEU T 412 -22.62 -8.98 -12.97
CA LEU T 412 -23.17 -8.00 -13.93
C LEU T 412 -24.69 -8.12 -14.11
N VAL U 2 -14.29 80.72 24.05
CA VAL U 2 -15.03 79.48 23.65
C VAL U 2 -15.63 78.77 24.88
N ASP U 3 -16.85 78.24 24.72
CA ASP U 3 -17.68 77.72 25.83
C ASP U 3 -17.04 76.69 26.74
N ARG U 4 -17.61 76.54 27.93
CA ARG U 4 -17.37 75.38 28.78
C ARG U 4 -17.93 74.16 28.06
N GLU U 5 -19.14 74.32 27.53
CA GLU U 5 -19.83 73.31 26.74
C GLU U 5 -18.92 72.74 25.64
N TRP U 6 -18.21 73.64 24.94
CA TRP U 6 -17.31 73.28 23.86
C TRP U 6 -16.17 72.40 24.36
N VAL U 7 -15.47 72.89 25.40
CA VAL U 7 -14.36 72.17 26.02
C VAL U 7 -14.77 70.75 26.44
N LEU U 8 -15.93 70.63 27.08
CA LEU U 8 -16.46 69.33 27.52
C LEU U 8 -16.78 68.39 26.35
N LYS U 9 -17.30 68.97 25.26
CA LYS U 9 -17.67 68.21 24.07
C LYS U 9 -16.43 67.65 23.39
N ILE U 10 -15.42 68.49 23.22
CA ILE U 10 -14.16 68.12 22.58
C ILE U 10 -13.44 67.09 23.43
N ALA U 11 -13.42 67.32 24.74
CA ALA U 11 -12.78 66.39 25.69
C ALA U 11 -13.41 65.00 25.65
N LYS U 12 -14.73 64.96 25.43
CA LYS U 12 -15.45 63.68 25.39
C LYS U 12 -15.02 62.91 24.18
N LEU U 13 -15.00 63.60 23.05
CA LEU U 13 -14.56 63.00 21.78
C LEU U 13 -13.18 62.38 21.89
N ALA U 14 -12.32 63.06 22.65
CA ALA U 14 -10.93 62.67 22.80
C ALA U 14 -10.70 61.75 24.02
N ARG U 15 -11.76 61.51 24.78
CA ARG U 15 -11.68 60.64 25.97
C ARG U 15 -10.70 61.22 26.98
N LEU U 16 -10.91 62.49 27.32
CA LEU U 16 -10.23 63.15 28.42
C LEU U 16 -11.27 63.50 29.45
N GLU U 17 -11.17 62.93 30.65
CA GLU U 17 -12.04 63.37 31.75
C GLU U 17 -11.35 64.50 32.47
N LEU U 18 -11.64 65.71 32.03
CA LEU U 18 -10.96 66.87 32.55
C LEU U 18 -11.35 67.13 33.99
N LYS U 19 -10.34 67.48 34.79
CA LYS U 19 -10.55 67.96 36.14
C LYS U 19 -11.01 69.41 36.07
N GLU U 20 -11.79 69.84 37.05
CA GLU U 20 -12.44 71.16 37.01
C GLU U 20 -11.45 72.33 36.81
N GLU U 21 -10.24 72.17 37.33
CA GLU U 21 -9.13 73.13 37.14
C GLU U 21 -8.75 73.30 35.67
N GLU U 22 -8.71 72.17 34.96
CA GLU U 22 -8.30 72.08 33.57
C GLU U 22 -9.33 72.71 32.64
N ILE U 23 -10.60 72.38 32.88
CA ILE U 23 -11.70 72.96 32.11
C ILE U 23 -11.63 74.51 32.01
N GLU U 24 -11.27 75.16 33.11
CA GLU U 24 -11.19 76.61 33.12
C GLU U 24 -9.97 77.14 32.42
N VAL U 25 -8.83 76.50 32.68
CA VAL U 25 -7.57 76.86 32.05
C VAL U 25 -7.61 76.61 30.52
N PHE U 26 -8.11 75.45 30.11
CA PHE U 26 -8.15 75.11 28.69
C PHE U 26 -9.15 75.94 27.93
N GLN U 27 -10.10 76.56 28.63
CA GLN U 27 -10.98 77.55 28.02
C GLN U 27 -10.22 78.76 27.50
N LYS U 28 -9.40 79.38 28.35
CA LYS U 28 -8.67 80.56 27.93
C LYS U 28 -7.55 80.20 26.96
N GLN U 29 -6.79 79.17 27.31
CA GLN U 29 -5.64 78.73 26.51
C GLN U 29 -6.03 78.36 25.08
N LEU U 30 -7.09 77.58 24.94
CA LEU U 30 -7.53 77.14 23.62
C LEU U 30 -8.11 78.27 22.78
N SER U 31 -8.88 79.14 23.42
CA SER U 31 -9.36 80.36 22.78
C SER U 31 -8.21 81.19 22.25
N ASP U 32 -7.18 81.37 23.08
CA ASP U 32 -5.97 82.12 22.68
C ASP U 32 -5.33 81.47 21.47
N ILE U 33 -5.12 80.16 21.54
CA ILE U 33 -4.47 79.44 20.46
C ILE U 33 -5.29 79.47 19.18
N LEU U 34 -6.61 79.34 19.31
CA LEU U 34 -7.51 79.44 18.17
C LEU U 34 -7.47 80.82 17.48
N ASP U 35 -7.26 81.87 18.27
CA ASP U 35 -7.09 83.20 17.70
C ASP U 35 -5.67 83.31 17.13
N PHE U 36 -4.74 82.64 17.80
CA PHE U 36 -3.34 82.66 17.39
C PHE U 36 -3.16 82.08 15.99
N ILE U 37 -3.78 80.95 15.71
CA ILE U 37 -3.50 80.18 14.50
C ILE U 37 -4.43 80.59 13.36
N ASP U 38 -5.35 81.50 13.65
CA ASP U 38 -6.33 81.95 12.66
C ASP U 38 -5.78 83.03 11.73
N GLN U 39 -4.77 82.69 10.93
CA GLN U 39 -4.22 83.63 9.95
C GLN U 39 -4.43 83.16 8.50
N LEU U 40 -4.91 81.95 8.30
CA LEU U 40 -4.85 81.33 6.98
C LEU U 40 -5.96 81.76 6.00
N LYS U 41 -7.08 82.27 6.51
CA LYS U 41 -8.21 82.69 5.66
C LYS U 41 -7.76 83.67 4.58
N GLU U 42 -6.78 84.49 4.90
CA GLU U 42 -6.27 85.51 3.99
C GLU U 42 -5.77 84.93 2.68
N LEU U 43 -5.31 83.67 2.71
CA LEU U 43 -4.72 83.05 1.54
C LEU U 43 -5.74 82.35 0.70
N ASP U 44 -5.54 82.43 -0.62
CA ASP U 44 -6.38 81.74 -1.58
C ASP U 44 -5.83 80.34 -1.85
N THR U 45 -6.66 79.34 -1.61
CA THR U 45 -6.20 77.95 -1.69
C THR U 45 -7.23 77.08 -2.42
N GLU U 46 -8.26 77.72 -2.95
CA GLU U 46 -8.86 77.29 -4.21
C GLU U 46 -7.80 77.15 -5.30
N ASN U 47 -7.68 75.94 -5.86
CA ASN U 47 -6.71 75.67 -6.91
C ASN U 47 -5.32 75.41 -6.35
N VAL U 48 -5.26 75.08 -5.07
CA VAL U 48 -4.01 74.54 -4.47
C VAL U 48 -4.26 73.09 -4.04
N GLU U 49 -3.39 72.17 -4.45
CA GLU U 49 -3.56 70.79 -3.99
C GLU U 49 -2.92 70.63 -2.62
N PRO U 50 -3.63 69.94 -1.69
CA PRO U 50 -3.08 69.64 -0.38
C PRO U 50 -1.76 68.92 -0.52
N TYR U 51 -0.83 69.21 0.39
CA TYR U 51 0.54 68.68 0.37
C TYR U 51 0.60 67.15 0.48
N ILE U 52 1.27 66.50 -0.46
CA ILE U 52 1.64 65.11 -0.24
C ILE U 52 3.11 65.00 -0.59
N GLN U 53 3.82 64.07 0.05
CA GLN U 53 5.20 63.80 -0.33
C GLN U 53 5.23 63.17 -1.73
N GLU U 54 6.28 63.47 -2.50
CA GLU U 54 6.43 62.90 -3.85
C GLU U 54 6.74 61.40 -3.79
N PHE U 55 6.16 60.64 -4.73
CA PHE U 55 6.40 59.20 -4.81
C PHE U 55 6.04 58.74 -6.22
N GLU U 56 6.77 57.76 -6.75
CA GLU U 56 6.45 57.29 -8.10
C GLU U 56 5.32 56.27 -8.08
N GLU U 57 5.49 55.22 -7.30
CA GLU U 57 4.47 54.19 -7.16
C GLU U 57 4.10 54.03 -5.70
N THR U 58 2.88 53.60 -5.44
CA THR U 58 2.46 53.21 -4.09
C THR U 58 3.29 52.00 -3.63
N PRO U 59 4.00 52.14 -2.48
CA PRO U 59 4.66 51.05 -1.77
C PRO U 59 3.71 49.95 -1.27
N MET U 60 3.91 48.76 -1.81
CA MET U 60 3.12 47.64 -1.45
C MET U 60 4.04 46.53 -1.07
N ARG U 61 3.47 45.50 -0.46
CA ARG U 61 4.23 44.45 0.12
C ARG U 61 3.59 43.14 -0.36
N GLU U 62 4.42 42.14 -0.63
CA GLU U 62 3.94 40.83 -1.09
C GLU U 62 3.13 40.13 0.00
N ASP U 63 2.17 39.29 -0.40
CA ASP U 63 1.34 38.57 0.57
C ASP U 63 2.04 37.33 1.11
N GLU U 64 3.11 37.55 1.86
CA GLU U 64 3.89 36.48 2.49
C GLU U 64 3.96 36.71 3.99
N PRO U 65 3.56 35.71 4.79
CA PRO U 65 3.67 35.78 6.26
C PRO U 65 5.07 36.14 6.82
N HIS U 66 5.07 37.04 7.81
CA HIS U 66 6.27 37.37 8.58
C HIS U 66 6.02 36.79 9.96
N PRO U 67 7.10 36.33 10.64
CA PRO U 67 6.98 35.84 12.01
C PRO U 67 6.32 36.88 12.92
N SER U 68 5.22 36.48 13.55
CA SER U 68 4.53 37.31 14.52
C SER U 68 5.37 37.53 15.76
N LEU U 69 4.90 38.46 16.57
CA LEU U 69 5.51 38.76 17.86
C LEU U 69 5.17 37.61 18.82
N ASP U 70 6.12 37.23 19.67
CA ASP U 70 5.90 36.25 20.72
C ASP U 70 4.77 36.76 21.62
N ARG U 71 3.76 35.93 21.87
CA ARG U 71 2.59 36.34 22.64
C ARG U 71 2.92 36.89 24.03
N GLU U 72 3.98 36.37 24.63
CA GLU U 72 4.43 36.82 25.94
C GLU U 72 4.90 38.27 25.86
N LYS U 73 5.65 38.60 24.81
CA LYS U 73 6.08 39.98 24.53
C LYS U 73 4.94 40.90 24.12
N ALA U 74 3.93 40.32 23.47
CA ALA U 74 2.74 41.05 23.03
C ALA U 74 1.84 41.42 24.21
N LEU U 75 1.92 40.63 25.27
CA LEU U 75 1.07 40.81 26.44
C LEU U 75 1.79 41.41 27.66
N MET U 76 3.10 41.25 27.74
CA MET U 76 3.86 41.72 28.90
C MET U 76 3.51 43.10 29.46
N ASN U 77 3.17 44.04 28.59
CA ASN U 77 2.93 45.41 29.04
C ASN U 77 1.47 45.63 29.47
N ALA U 78 0.63 44.61 29.27
CA ALA U 78 -0.82 44.74 29.48
C ALA U 78 -1.18 44.98 30.95
N PRO U 79 -1.94 46.06 31.23
CA PRO U 79 -2.47 46.27 32.59
C PRO U 79 -3.09 45.02 33.23
N GLU U 80 -3.87 44.26 32.46
CA GLU U 80 -4.52 43.02 32.94
C GLU U 80 -4.61 42.03 31.80
N ARG U 81 -4.16 40.80 32.01
CA ARG U 81 -4.27 39.77 30.98
C ARG U 81 -4.86 38.48 31.54
N LYS U 82 -5.50 37.68 30.67
CA LYS U 82 -6.11 36.40 31.10
C LYS U 82 -6.21 35.40 29.97
N ASP U 83 -5.63 34.23 30.16
CA ASP U 83 -5.71 33.13 29.19
C ASP U 83 -5.30 33.49 27.76
N GLY U 84 -4.39 34.45 27.59
CA GLY U 84 -3.95 34.89 26.25
C GLY U 84 -4.69 36.13 25.73
N PHE U 85 -5.61 36.65 26.53
CA PHE U 85 -6.48 37.79 26.21
C PHE U 85 -6.05 39.07 26.95
N PHE U 86 -6.29 40.23 26.33
CA PHE U 86 -6.23 41.50 27.02
C PHE U 86 -7.52 41.63 27.82
N VAL U 87 -7.42 42.14 29.03
CA VAL U 87 -8.62 42.24 29.86
C VAL U 87 -8.98 43.69 30.16
N VAL U 88 -10.24 44.01 29.97
CA VAL U 88 -10.76 45.34 30.23
C VAL U 88 -12.09 45.18 30.95
N PRO U 89 -12.60 46.25 31.59
CA PRO U 89 -13.94 46.11 32.15
C PRO U 89 -14.93 45.82 31.04
N ARG U 90 -15.92 44.99 31.35
CA ARG U 90 -16.91 44.54 30.36
C ARG U 90 -17.53 45.70 29.59
N VAL U 91 -17.79 45.46 28.30
CA VAL U 91 -18.54 46.42 27.47
C VAL U 91 -19.93 45.88 27.06
N VAL U 92 -20.87 46.79 26.84
CA VAL U 92 -22.25 46.41 26.59
C VAL U 92 -22.51 46.08 25.10
N MET V 1 -50.50 23.52 13.73
CA MET V 1 -49.42 24.33 13.10
C MET V 1 -49.89 25.01 11.80
N LEU V 2 -51.21 24.95 11.56
CA LEU V 2 -51.91 25.66 10.46
C LEU V 2 -51.97 24.89 9.13
N TRP V 3 -50.80 24.61 8.54
CA TRP V 3 -50.76 23.72 7.38
C TRP V 3 -51.13 22.30 7.81
N LYS V 4 -51.08 22.07 9.12
CA LYS V 4 -51.43 20.80 9.73
C LYS V 4 -52.93 20.71 9.95
N LYS V 5 -53.64 21.80 9.67
CA LYS V 5 -55.09 21.87 9.91
C LYS V 5 -55.96 21.56 8.70
N SER V 6 -57.14 21.00 8.93
CA SER V 6 -58.05 20.63 7.85
C SER V 6 -58.81 21.85 7.39
N LEU V 7 -59.56 21.72 6.29
CA LEU V 7 -60.35 22.83 5.72
C LEU V 7 -61.48 23.28 6.64
N SER V 8 -61.93 22.37 7.50
CA SER V 8 -62.99 22.67 8.47
C SER V 8 -62.40 23.55 9.56
N GLU V 9 -61.22 23.15 10.04
CA GLU V 9 -60.49 23.88 11.05
C GLU V 9 -60.09 25.25 10.49
N LEU V 10 -59.65 25.27 9.23
CA LEU V 10 -59.24 26.51 8.56
C LEU V 10 -60.40 27.44 8.29
N ARG V 11 -61.53 26.90 7.85
CA ARG V 11 -62.71 27.69 7.55
C ARG V 11 -63.22 28.45 8.78
N GLU V 12 -63.41 27.75 9.90
CA GLU V 12 -63.86 28.37 11.16
C GLU V 12 -62.94 29.53 11.57
N LEU V 13 -61.64 29.30 11.49
CA LEU V 13 -60.63 30.32 11.76
C LEU V 13 -60.66 31.52 10.80
N LEU V 14 -61.02 31.28 9.54
CA LEU V 14 -61.03 32.33 8.53
C LEU V 14 -62.32 33.15 8.60
N LYS V 15 -63.41 32.47 8.90
CA LYS V 15 -64.75 33.06 8.97
C LYS V 15 -64.84 34.05 10.14
N ARG V 16 -64.12 33.74 11.22
CA ARG V 16 -64.10 34.56 12.44
C ARG V 16 -62.84 35.41 12.54
N GLY V 17 -62.16 35.61 11.40
CA GLY V 17 -61.01 36.52 11.31
C GLY V 17 -59.78 36.17 12.14
N GLU V 18 -59.88 35.10 12.92
CA GLU V 18 -58.76 34.64 13.74
C GLU V 18 -57.49 34.45 12.88
N VAL V 19 -57.72 34.18 11.60
CA VAL V 19 -56.63 34.06 10.62
C VAL V 19 -57.05 34.70 9.29
N SER V 20 -56.06 35.09 8.50
CA SER V 20 -56.29 35.67 7.18
C SER V 20 -55.82 34.71 6.07
N PRO V 21 -56.39 34.85 4.85
CA PRO V 21 -55.99 34.03 3.71
C PRO V 21 -54.47 34.04 3.48
N LYS V 22 -53.85 35.20 3.68
CA LYS V 22 -52.42 35.35 3.45
C LYS V 22 -51.60 34.47 4.39
N GLU V 23 -52.06 34.37 5.64
CA GLU V 23 -51.39 33.55 6.66
C GLU V 23 -51.42 32.07 6.28
N VAL V 24 -52.62 31.62 5.87
CA VAL V 24 -52.83 30.24 5.40
C VAL V 24 -51.83 29.92 4.30
N VAL V 25 -51.81 30.75 3.26
CA VAL V 25 -50.87 30.57 2.15
C VAL V 25 -49.43 30.52 2.62
N GLU V 26 -49.08 31.45 3.53
CA GLU V 26 -47.73 31.51 4.12
C GLU V 26 -47.38 30.21 4.84
N SER V 27 -48.33 29.66 5.57
CA SER V 27 -48.14 28.42 6.30
C SER V 27 -47.73 27.28 5.35
N PHE V 28 -48.55 27.06 4.31
CA PHE V 28 -48.28 25.99 3.35
C PHE V 28 -47.04 26.27 2.53
N TYR V 29 -46.76 27.55 2.28
CA TYR V 29 -45.54 27.98 1.60
C TYR V 29 -44.30 27.55 2.37
N ASP V 30 -44.33 27.72 3.69
CA ASP V 30 -43.22 27.27 4.52
C ASP V 30 -43.04 25.75 4.43
N ARG V 31 -44.14 25.03 4.63
CA ARG V 31 -44.16 23.57 4.50
C ARG V 31 -43.64 23.12 3.12
N TYR V 32 -43.99 23.90 2.10
CA TYR V 32 -43.47 23.73 0.75
C TYR V 32 -41.94 23.83 0.78
N ASN V 33 -41.44 24.91 1.39
CA ASN V 33 -40.00 25.16 1.49
C ASN V 33 -39.25 24.11 2.29
N GLN V 34 -39.94 23.58 3.30
CA GLN V 34 -39.47 22.42 4.07
C GLN V 34 -39.24 21.18 3.18
N THR V 35 -40.21 20.91 2.31
CA THR V 35 -40.36 19.61 1.66
C THR V 35 -39.86 19.53 0.22
N GLU V 36 -40.04 20.62 -0.53
CA GLU V 36 -39.95 20.54 -1.99
C GLU V 36 -38.66 20.00 -2.57
N GLU V 37 -37.53 20.31 -1.94
CA GLU V 37 -36.23 19.84 -2.42
C GLU V 37 -36.14 18.30 -2.42
N LYS V 38 -36.84 17.67 -1.47
CA LYS V 38 -36.88 16.22 -1.41
C LYS V 38 -37.97 15.67 -2.34
N VAL V 39 -39.17 16.21 -2.22
CA VAL V 39 -40.38 15.72 -2.92
C VAL V 39 -40.45 16.09 -4.41
N LYS V 40 -40.34 17.39 -4.72
CA LYS V 40 -40.44 17.91 -6.08
C LYS V 40 -41.84 17.72 -6.67
N ALA V 41 -42.85 18.17 -5.94
CA ALA V 41 -44.23 18.10 -6.39
C ALA V 41 -44.56 19.04 -7.55
N TYR V 42 -43.98 20.23 -7.55
CA TYR V 42 -44.39 21.27 -8.50
C TYR V 42 -43.49 21.49 -9.71
N ILE V 43 -44.15 21.92 -10.78
CA ILE V 43 -43.45 22.40 -11.95
C ILE V 43 -43.33 23.91 -11.77
N THR V 44 -44.46 24.55 -11.46
CA THR V 44 -44.49 25.97 -11.31
C THR V 44 -45.17 26.28 -10.01
N PRO V 45 -44.39 26.67 -8.98
CA PRO V 45 -44.96 27.05 -7.69
C PRO V 45 -45.56 28.44 -7.83
N LEU V 46 -46.73 28.67 -7.28
CA LEU V 46 -47.37 29.96 -7.46
C LEU V 46 -47.74 30.56 -6.11
N TYR V 47 -47.06 30.11 -5.05
CA TYR V 47 -47.32 30.62 -3.70
C TYR V 47 -47.11 32.12 -3.61
N GLY V 48 -46.08 32.60 -4.31
CA GLY V 48 -45.81 34.05 -4.41
C GLY V 48 -47.01 34.81 -4.96
N LYS V 49 -47.57 34.30 -6.05
CA LYS V 49 -48.70 34.95 -6.69
C LYS V 49 -49.98 34.83 -5.85
N ALA V 50 -50.13 33.69 -5.18
CA ALA V 50 -51.30 33.43 -4.35
C ALA V 50 -51.30 34.35 -3.13
N LEU V 51 -50.10 34.60 -2.60
CA LEU V 51 -49.87 35.59 -1.53
C LEU V 51 -50.48 36.94 -1.85
N LYS V 52 -50.20 37.44 -3.06
CA LYS V 52 -50.76 38.71 -3.53
C LYS V 52 -52.28 38.66 -3.78
N GLN V 53 -52.78 37.55 -4.36
CA GLN V 53 -54.22 37.34 -4.60
C GLN V 53 -55.00 37.31 -3.29
N ALA V 54 -54.33 36.83 -2.25
CA ALA V 54 -54.93 36.69 -0.94
C ALA V 54 -55.29 38.03 -0.30
N GLU V 55 -54.46 39.05 -0.57
CA GLU V 55 -54.66 40.39 0.01
C GLU V 55 -56.03 40.95 -0.37
N SER V 56 -56.47 40.71 -1.60
CA SER V 56 -57.73 41.27 -2.09
C SER V 56 -58.93 40.34 -1.85
N LEU V 57 -58.66 39.18 -1.27
CA LEU V 57 -59.69 38.19 -0.95
C LEU V 57 -60.40 38.61 0.33
N LYS V 58 -61.69 38.92 0.25
CA LYS V 58 -62.37 39.45 1.45
C LYS V 58 -63.69 38.80 1.84
N GLU V 59 -64.55 38.44 0.89
CA GLU V 59 -65.83 37.83 1.27
C GLU V 59 -65.64 36.42 1.86
N ARG V 60 -65.86 36.34 3.16
CA ARG V 60 -65.53 35.14 3.95
C ARG V 60 -66.49 33.97 3.74
N GLU V 61 -67.74 34.27 3.36
CA GLU V 61 -68.76 33.23 3.22
C GLU V 61 -68.60 32.35 1.95
N LEU V 62 -67.63 32.68 1.11
CA LEU V 62 -67.29 31.87 -0.06
C LEU V 62 -66.86 30.47 0.37
N PRO V 63 -67.44 29.43 -0.27
CA PRO V 63 -67.26 28.03 0.12
C PRO V 63 -65.80 27.58 0.33
N LEU V 64 -64.87 28.10 -0.47
CA LEU V 64 -63.46 27.75 -0.31
C LEU V 64 -62.61 28.97 0.04
N PHE V 65 -63.23 29.92 0.75
CA PHE V 65 -62.63 31.25 0.99
C PHE V 65 -61.10 31.31 0.97
N GLY V 66 -60.42 30.74 1.96
CA GLY V 66 -58.98 31.00 2.04
C GLY V 66 -58.11 29.84 1.62
N ILE V 67 -58.71 28.85 0.98
CA ILE V 67 -58.07 27.56 0.78
C ILE V 67 -57.05 27.52 -0.37
N PRO V 68 -55.80 27.17 -0.06
CA PRO V 68 -54.81 26.89 -1.11
C PRO V 68 -55.16 25.58 -1.78
N ILE V 69 -54.86 25.48 -3.06
CA ILE V 69 -55.15 24.26 -3.83
C ILE V 69 -54.11 24.10 -4.95
N ALA V 70 -53.43 22.95 -4.97
CA ALA V 70 -52.51 22.63 -6.07
C ALA V 70 -53.32 22.09 -7.24
N VAL V 71 -52.80 22.26 -8.44
CA VAL V 71 -53.49 21.88 -9.65
C VAL V 71 -52.48 21.19 -10.59
N LYS V 72 -52.92 20.07 -11.16
CA LYS V 72 -52.10 19.31 -12.10
C LYS V 72 -51.78 20.16 -13.34
N ASP V 73 -50.56 20.04 -13.87
CA ASP V 73 -50.18 20.92 -14.96
C ASP V 73 -50.58 20.46 -16.37
N ASN V 74 -51.67 19.71 -16.44
CA ASN V 74 -52.41 19.60 -17.67
C ASN V 74 -53.82 20.26 -17.55
N ILE V 75 -54.04 21.01 -16.47
CA ILE V 75 -55.26 21.79 -16.32
C ILE V 75 -54.84 23.25 -16.48
N LEU V 76 -55.49 23.96 -17.40
CA LEU V 76 -55.10 25.33 -17.74
C LEU V 76 -55.42 26.33 -16.67
N VAL V 77 -54.37 27.07 -16.26
CA VAL V 77 -54.51 28.24 -15.39
C VAL V 77 -54.07 29.46 -16.18
N GLU V 78 -54.99 30.39 -16.38
CA GLU V 78 -54.72 31.52 -17.25
C GLU V 78 -53.56 32.41 -16.81
N GLY V 79 -52.67 32.68 -17.76
CA GLY V 79 -51.58 33.61 -17.51
C GLY V 79 -50.35 32.91 -16.98
N GLU V 80 -50.48 31.63 -16.62
CA GLU V 80 -49.32 30.85 -16.17
C GLU V 80 -49.08 29.69 -17.10
N LYS V 81 -47.85 29.20 -17.12
CA LYS V 81 -47.47 28.07 -17.98
C LYS V 81 -48.29 26.82 -17.70
N THR V 82 -48.79 26.20 -18.76
CA THR V 82 -49.29 24.83 -18.72
C THR V 82 -48.39 23.96 -19.61
N THR V 83 -47.58 23.14 -18.95
CA THR V 83 -46.52 22.39 -19.60
C THR V 83 -46.91 20.97 -20.00
N CYS V 84 -47.91 20.41 -19.30
CA CYS V 84 -48.23 18.99 -19.36
C CYS V 84 -46.96 18.18 -19.19
N ALA V 85 -45.97 18.77 -18.52
CA ALA V 85 -44.67 18.17 -18.25
C ALA V 85 -43.99 17.74 -19.54
N SER V 86 -44.15 18.54 -20.58
CA SER V 86 -43.62 18.27 -21.88
C SER V 86 -42.72 19.39 -22.37
N LYS V 87 -41.64 19.01 -23.07
CA LYS V 87 -40.80 19.98 -23.80
C LYS V 87 -41.65 20.72 -24.82
N ILE V 88 -42.61 20.04 -25.43
CA ILE V 88 -43.34 20.65 -26.52
C ILE V 88 -44.30 21.74 -26.02
N LEU V 89 -44.53 21.79 -24.71
CA LEU V 89 -45.36 22.83 -24.11
C LEU V 89 -44.71 23.62 -22.97
N GLU V 90 -43.39 23.50 -22.78
CA GLU V 90 -42.75 24.41 -21.83
C GLU V 90 -42.77 25.77 -22.48
N ASN V 91 -43.07 26.79 -21.70
CA ASN V 91 -43.21 28.16 -22.22
C ASN V 91 -44.57 28.43 -22.89
N PHE V 92 -45.44 27.43 -22.93
CA PHE V 92 -46.80 27.71 -23.29
C PHE V 92 -47.53 28.37 -22.12
N VAL V 93 -47.92 29.62 -22.32
CA VAL V 93 -48.71 30.38 -21.35
C VAL V 93 -50.19 30.20 -21.65
N ALA V 94 -50.93 29.65 -20.71
CA ALA V 94 -52.36 29.40 -20.87
C ALA V 94 -53.12 30.69 -21.12
N PRO V 95 -53.87 30.76 -22.24
CA PRO V 95 -54.66 31.93 -22.64
C PRO V 95 -56.08 31.95 -22.04
N TYR V 96 -56.44 30.93 -21.28
CA TYR V 96 -57.76 30.84 -20.67
C TYR V 96 -57.70 29.89 -19.48
N ASP V 97 -58.74 29.94 -18.65
CA ASP V 97 -58.89 29.09 -17.48
C ASP V 97 -59.74 27.90 -17.84
N ALA V 98 -59.27 26.72 -17.44
CA ALA V 98 -60.10 25.53 -17.42
C ALA V 98 -61.35 25.84 -16.59
N THR V 99 -62.48 25.25 -16.94
CA THR V 99 -63.75 25.55 -16.25
C THR V 99 -63.67 25.32 -14.74
N VAL V 100 -62.99 24.24 -14.33
CA VAL V 100 -62.80 23.95 -12.91
C VAL V 100 -62.02 25.04 -12.17
N ILE V 101 -61.02 25.63 -12.81
CA ILE V 101 -60.22 26.68 -12.20
C ILE V 101 -61.04 27.95 -12.05
N GLU V 102 -61.90 28.21 -13.04
CA GLU V 102 -62.87 29.30 -12.98
C GLU V 102 -63.79 29.13 -11.78
N ARG V 103 -64.25 27.90 -11.57
CA ARG V 103 -65.18 27.57 -10.49
C ARG V 103 -64.53 27.61 -9.10
N LEU V 104 -63.27 27.17 -9.00
CA LEU V 104 -62.55 27.27 -7.74
C LEU V 104 -62.23 28.74 -7.41
N LYS V 105 -61.76 29.49 -8.42
CA LYS V 105 -61.49 30.91 -8.24
C LYS V 105 -62.73 31.64 -7.74
N LYS V 106 -63.88 31.34 -8.33
CA LYS V 106 -65.13 31.96 -7.93
C LYS V 106 -65.50 31.58 -6.51
N ALA V 107 -64.98 30.45 -6.04
CA ALA V 107 -65.33 29.91 -4.72
C ALA V 107 -64.35 30.38 -3.65
N GLY V 108 -63.41 31.23 -4.05
CA GLY V 108 -62.44 31.80 -3.14
C GLY V 108 -61.14 31.03 -3.02
N ALA V 109 -61.02 29.89 -3.67
CA ALA V 109 -59.79 29.11 -3.56
C ALA V 109 -58.56 29.86 -4.08
N LEU V 110 -57.38 29.45 -3.65
CA LEU V 110 -56.18 30.11 -4.10
C LEU V 110 -55.23 29.11 -4.76
N ILE V 111 -55.08 29.20 -6.06
CA ILE V 111 -54.21 28.26 -6.77
C ILE V 111 -52.76 28.50 -6.38
N VAL V 112 -52.15 27.53 -5.70
CA VAL V 112 -50.77 27.76 -5.23
C VAL V 112 -49.67 27.08 -6.04
N GLY V 113 -50.03 26.38 -7.11
CA GLY V 113 -49.00 25.83 -7.98
C GLY V 113 -49.38 24.80 -9.03
N LYS V 114 -48.47 24.58 -9.97
CA LYS V 114 -48.72 23.62 -11.05
C LYS V 114 -47.86 22.44 -10.81
N THR V 115 -48.54 21.32 -10.72
CA THR V 115 -48.07 20.09 -10.14
C THR V 115 -47.38 19.16 -11.19
N ASN V 116 -46.34 18.42 -10.80
CA ASN V 116 -45.60 17.58 -11.79
C ASN V 116 -46.47 16.35 -12.19
N LEU V 117 -46.16 15.77 -13.36
CA LEU V 117 -46.93 14.67 -13.95
C LEU V 117 -46.09 13.89 -14.95
N ASP V 118 -46.54 12.68 -15.29
CA ASP V 118 -45.98 12.02 -16.46
C ASP V 118 -46.35 12.88 -17.68
N GLU V 119 -45.45 12.93 -18.67
CA GLU V 119 -45.64 13.82 -19.80
C GLU V 119 -46.95 13.49 -20.49
N PHE V 120 -47.82 14.52 -20.55
CA PHE V 120 -49.17 14.46 -21.16
C PHE V 120 -50.02 13.42 -20.46
N ALA V 121 -49.66 13.11 -19.23
CA ALA V 121 -50.52 12.31 -18.33
C ALA V 121 -50.52 10.82 -18.67
N MET V 122 -49.44 10.41 -19.34
CA MET V 122 -49.26 9.04 -19.76
C MET V 122 -48.12 8.38 -18.96
N GLY V 123 -48.53 7.54 -18.01
CA GLY V 123 -47.61 6.78 -17.17
C GLY V 123 -48.20 6.54 -15.79
N SER V 124 -47.52 5.69 -15.01
CA SER V 124 -48.04 5.35 -13.68
C SER V 124 -47.11 5.71 -12.49
N SER V 125 -46.21 6.67 -12.66
CA SER V 125 -45.10 6.82 -11.70
C SER V 125 -44.54 8.25 -11.65
N THR V 126 -44.82 9.04 -12.67
CA THR V 126 -44.30 10.42 -12.80
C THR V 126 -42.85 10.49 -13.34
N GLU V 127 -42.18 9.34 -13.45
CA GLU V 127 -40.85 9.27 -14.06
C GLU V 127 -40.81 9.86 -15.45
N TYR V 128 -41.94 9.84 -16.17
CA TYR V 128 -41.98 10.33 -17.56
C TYR V 128 -42.27 11.84 -17.67
N SER V 129 -42.29 12.54 -16.55
CA SER V 129 -42.17 13.98 -16.58
C SER V 129 -40.92 14.30 -17.39
N ALA V 130 -41.05 15.20 -18.36
CA ALA V 130 -39.91 15.61 -19.21
C ALA V 130 -38.89 16.44 -18.44
N PHE V 131 -39.24 16.83 -17.22
CA PHE V 131 -38.43 17.74 -16.44
C PHE V 131 -37.66 17.11 -15.27
N PHE V 132 -38.36 16.31 -14.45
CA PHE V 132 -37.80 15.71 -13.25
C PHE V 132 -38.82 14.79 -12.62
N PRO V 133 -38.36 13.70 -11.97
CA PRO V 133 -39.25 12.85 -11.19
C PRO V 133 -39.71 13.49 -9.88
N THR V 134 -40.99 13.29 -9.54
CA THR V 134 -41.49 13.59 -8.20
C THR V 134 -41.23 12.33 -7.40
N LYS V 135 -40.95 12.48 -6.10
CA LYS V 135 -40.57 11.35 -5.24
C LYS V 135 -41.59 11.14 -4.11
N ASN V 136 -41.78 9.87 -3.73
CA ASN V 136 -42.74 9.49 -2.67
C ASN V 136 -42.25 9.98 -1.31
N PRO V 137 -43.01 10.90 -0.68
CA PRO V 137 -42.69 11.43 0.65
C PRO V 137 -42.64 10.39 1.79
N TRP V 138 -43.06 9.16 1.54
CA TRP V 138 -42.95 8.14 2.57
C TRP V 138 -41.68 7.30 2.35
N ASP V 139 -41.09 7.39 1.17
CA ASP V 139 -39.76 6.78 0.90
C ASP V 139 -39.28 7.37 -0.42
N LEU V 140 -38.35 8.30 -0.34
CA LEU V 140 -37.87 9.02 -1.52
C LEU V 140 -37.08 8.14 -2.52
N GLU V 141 -36.89 6.87 -2.19
CA GLU V 141 -36.39 5.88 -3.15
C GLU V 141 -37.55 5.35 -3.98
N ARG V 142 -38.76 5.75 -3.61
CA ARG V 142 -39.98 5.21 -4.22
C ARG V 142 -40.83 6.25 -5.00
N VAL V 143 -41.58 5.71 -5.96
CA VAL V 143 -42.41 6.44 -6.89
C VAL V 143 -43.70 6.91 -6.19
N PRO V 144 -44.20 8.12 -6.53
CA PRO V 144 -45.45 8.60 -5.90
C PRO V 144 -46.68 8.08 -6.65
N GLY V 145 -46.43 7.40 -7.77
CA GLY V 145 -47.48 6.98 -8.68
C GLY V 145 -47.60 7.96 -9.83
N GLY V 146 -48.58 7.69 -10.69
CA GLY V 146 -48.85 8.59 -11.81
C GLY V 146 -50.16 8.32 -12.52
N SER V 147 -50.62 9.28 -13.34
CA SER V 147 -49.80 10.44 -13.71
C SER V 147 -49.82 11.62 -12.76
N SER V 148 -50.87 11.77 -11.94
CA SER V 148 -50.93 12.88 -10.96
C SER V 148 -49.92 12.75 -9.79
N GLY V 149 -48.66 12.45 -10.07
CA GLY V 149 -47.67 12.25 -9.00
C GLY V 149 -47.54 13.41 -8.00
N GLY V 150 -47.36 14.62 -8.54
CA GLY V 150 -47.11 15.80 -7.73
C GLY V 150 -48.33 16.26 -6.97
N SER V 151 -49.51 16.01 -7.50
CA SER V 151 -50.75 16.44 -6.88
C SER V 151 -51.03 15.61 -5.65
N ALA V 152 -50.64 14.32 -5.74
CA ALA V 152 -50.82 13.39 -4.65
C ALA V 152 -49.78 13.70 -3.59
N ALA V 153 -48.51 13.77 -4.01
CA ALA V 153 -47.38 14.06 -3.13
C ALA V 153 -47.59 15.29 -2.27
N SER V 154 -48.00 16.39 -2.89
CA SER V 154 -48.06 17.66 -2.20
C SER V 154 -49.17 17.63 -1.18
N VAL V 155 -50.27 16.92 -1.47
CA VAL V 155 -51.30 16.72 -0.48
C VAL V 155 -50.81 15.82 0.66
N ALA V 156 -49.91 14.88 0.34
CA ALA V 156 -49.40 13.96 1.33
C ALA V 156 -48.49 14.68 2.35
N VAL V 157 -47.55 15.48 1.86
CA VAL V 157 -46.68 16.27 2.74
C VAL V 157 -47.41 17.49 3.32
N LEU V 158 -48.59 17.78 2.80
CA LEU V 158 -49.38 18.92 3.20
C LEU V 158 -48.74 20.26 2.83
N SER V 159 -47.95 20.25 1.75
CA SER V 159 -47.59 21.51 1.10
C SER V 159 -48.80 22.15 0.40
N ALA V 160 -49.90 21.40 0.27
CA ALA V 160 -51.25 21.96 0.02
C ALA V 160 -52.22 20.98 0.62
N PRO V 161 -53.36 21.46 1.13
CA PRO V 161 -54.29 20.54 1.82
C PRO V 161 -55.11 19.70 0.84
N VAL V 162 -55.41 20.28 -0.30
CA VAL V 162 -56.27 19.62 -1.27
C VAL V 162 -55.68 19.88 -2.65
N SER V 163 -56.12 19.12 -3.65
CA SER V 163 -55.42 19.11 -4.92
C SER V 163 -56.36 18.63 -6.02
N LEU V 164 -56.12 19.12 -7.24
CA LEU V 164 -56.79 18.63 -8.43
C LEU V 164 -55.79 17.75 -9.24
N GLY V 165 -56.27 16.62 -9.74
CA GLY V 165 -55.53 15.79 -10.68
C GLY V 165 -56.49 15.44 -11.83
N SER V 166 -56.06 14.53 -12.71
CA SER V 166 -56.96 13.91 -13.67
C SER V 166 -56.77 12.40 -13.67
N ASP V 167 -57.77 11.66 -14.15
CA ASP V 167 -57.76 10.19 -14.09
C ASP V 167 -58.23 9.63 -15.45
N THR V 168 -57.31 9.11 -16.27
CA THR V 168 -57.69 8.48 -17.54
C THR V 168 -57.83 6.96 -17.35
N GLY V 169 -56.97 6.38 -16.54
CA GLY V 169 -56.96 4.95 -16.32
C GLY V 169 -56.41 4.64 -14.96
N GLY V 170 -56.61 5.57 -14.03
CA GLY V 170 -56.15 5.39 -12.66
C GLY V 170 -55.28 6.50 -12.16
N SER V 171 -55.24 7.63 -12.84
CA SER V 171 -54.23 8.66 -12.58
C SER V 171 -54.45 9.53 -11.34
N ILE V 172 -55.59 9.39 -10.69
CA ILE V 172 -55.78 9.98 -9.35
C ILE V 172 -55.65 8.88 -8.32
N ARG V 173 -56.38 7.80 -8.53
CA ARG V 173 -56.47 6.72 -7.57
C ARG V 173 -55.14 6.07 -7.23
N GLN V 174 -54.33 5.71 -8.22
CA GLN V 174 -53.10 4.99 -7.89
C GLN V 174 -52.15 5.91 -7.13
N PRO V 175 -52.04 7.21 -7.54
CA PRO V 175 -51.22 8.14 -6.79
C PRO V 175 -51.73 8.33 -5.35
N ALA V 176 -53.07 8.36 -5.20
CA ALA V 176 -53.68 8.42 -3.88
C ALA V 176 -53.23 7.23 -3.08
N SER V 177 -53.22 6.05 -3.71
CA SER V 177 -52.89 4.82 -3.01
C SER V 177 -51.44 4.89 -2.50
N PHE V 178 -50.50 5.10 -3.44
CA PHE V 178 -49.06 5.20 -3.15
C PHE V 178 -48.67 6.32 -2.16
N CYS V 179 -49.37 7.44 -2.20
CA CYS V 179 -48.99 8.55 -1.30
C CYS V 179 -49.83 8.58 -0.01
N GLY V 180 -50.69 7.59 0.18
CA GLY V 180 -51.44 7.49 1.43
C GLY V 180 -52.41 8.64 1.65
N VAL V 181 -53.20 8.93 0.61
CA VAL V 181 -54.12 10.07 0.60
C VAL V 181 -55.42 9.62 -0.06
N ILE V 182 -56.49 10.40 0.13
CA ILE V 182 -57.79 10.14 -0.53
C ILE V 182 -57.78 10.75 -1.93
N GLY V 183 -58.18 9.99 -2.95
CA GLY V 183 -58.35 10.54 -4.28
C GLY V 183 -59.52 9.94 -5.00
N ILE V 184 -60.29 10.79 -5.67
CA ILE V 184 -61.53 10.33 -6.28
C ILE V 184 -61.52 10.77 -7.74
N LYS V 185 -62.03 9.90 -8.60
CA LYS V 185 -62.35 10.25 -9.96
C LYS V 185 -63.84 10.05 -10.04
N PRO V 186 -64.60 11.14 -10.23
CA PRO V 186 -66.05 11.11 -10.34
C PRO V 186 -66.55 10.40 -11.61
N THR V 187 -67.87 10.30 -11.73
CA THR V 187 -68.50 9.71 -12.91
C THR V 187 -68.07 10.47 -14.12
N TYR V 188 -67.86 9.73 -15.21
CA TYR V 188 -67.52 10.40 -16.46
C TYR V 188 -68.65 11.33 -16.87
N GLY V 189 -68.34 12.61 -17.01
CA GLY V 189 -69.35 13.60 -17.31
C GLY V 189 -69.65 14.51 -16.12
N ARG V 190 -69.23 14.14 -14.92
CA ARG V 190 -69.58 14.99 -13.76
C ARG V 190 -68.74 16.28 -13.64
N VAL V 191 -67.50 16.25 -14.15
CA VAL V 191 -66.70 17.46 -14.15
C VAL V 191 -66.24 17.76 -15.59
N SER V 192 -66.29 19.02 -15.96
CA SER V 192 -65.98 19.47 -17.31
C SER V 192 -64.55 19.16 -17.68
N ARG V 193 -64.32 18.89 -18.96
CA ARG V 193 -62.97 18.62 -19.45
C ARG V 193 -62.53 19.81 -20.26
N TYR V 194 -63.26 20.92 -20.11
CA TYR V 194 -62.89 22.18 -20.76
C TYR V 194 -61.68 22.80 -20.07
N GLY V 195 -60.55 22.81 -20.77
CA GLY V 195 -59.33 23.32 -20.22
C GLY V 195 -58.47 22.21 -19.64
N LEU V 196 -58.89 20.98 -19.83
CA LEU V 196 -58.07 19.85 -19.43
C LEU V 196 -57.39 19.38 -20.71
N VAL V 197 -56.07 19.36 -20.71
CA VAL V 197 -55.37 18.96 -21.93
C VAL V 197 -55.72 17.51 -22.14
N ALA V 198 -56.43 17.27 -23.25
CA ALA V 198 -57.00 15.96 -23.54
C ALA V 198 -55.93 14.92 -23.88
N PHE V 199 -56.04 13.78 -23.20
CA PHE V 199 -55.26 12.58 -23.47
C PHE V 199 -56.22 11.59 -24.21
N ALA V 200 -57.14 10.97 -23.46
CA ALA V 200 -58.19 10.14 -24.04
C ALA V 200 -59.52 10.74 -23.65
N SER V 201 -60.15 11.44 -24.59
CA SER V 201 -61.36 12.21 -24.35
C SER V 201 -62.49 11.37 -23.75
N SER V 202 -62.56 10.11 -24.19
CA SER V 202 -63.68 9.25 -23.75
C SER V 202 -63.47 8.66 -22.34
N LEU V 203 -62.28 8.91 -21.76
CA LEU V 203 -61.90 8.30 -20.50
C LEU V 203 -61.51 9.35 -19.48
N ASP V 204 -61.10 10.53 -19.96
CA ASP V 204 -60.51 11.54 -19.11
C ASP V 204 -61.52 12.06 -18.08
N GLN V 205 -61.03 12.36 -16.88
CA GLN V 205 -61.79 13.16 -15.93
C GLN V 205 -60.87 13.84 -14.92
N ILE V 206 -61.15 15.10 -14.62
CA ILE V 206 -60.60 15.75 -13.42
C ILE V 206 -61.22 15.10 -12.18
N GLY V 207 -60.40 15.06 -11.13
CA GLY V 207 -60.83 14.60 -9.80
C GLY V 207 -60.04 15.30 -8.70
N VAL V 208 -60.19 14.80 -7.48
CA VAL V 208 -59.67 15.50 -6.31
C VAL V 208 -58.85 14.62 -5.38
N PHE V 209 -57.76 15.20 -4.84
CA PHE V 209 -57.01 14.59 -3.76
C PHE V 209 -57.25 15.40 -2.48
N GLY V 210 -57.37 14.70 -1.34
CA GLY V 210 -57.38 15.30 -0.01
C GLY V 210 -57.06 14.26 1.07
N ARG V 211 -57.02 14.70 2.34
CA ARG V 211 -56.73 13.78 3.45
C ARG V 211 -57.96 13.51 4.32
N ARG V 212 -58.96 14.38 4.21
CA ARG V 212 -60.21 14.20 4.91
C ARG V 212 -61.35 14.16 3.90
N THR V 213 -62.29 13.25 4.10
CA THR V 213 -63.34 13.01 3.12
C THR V 213 -64.19 14.25 2.87
N GLU V 214 -64.29 15.10 3.88
CA GLU V 214 -65.05 16.35 3.74
C GLU V 214 -64.34 17.34 2.83
N ASP V 215 -63.01 17.39 2.93
CA ASP V 215 -62.20 18.25 2.08
C ASP V 215 -62.48 17.88 0.62
N VAL V 216 -62.37 16.58 0.33
CA VAL V 216 -62.55 16.02 -1.00
C VAL V 216 -63.97 16.22 -1.49
N ALA V 217 -64.95 16.00 -0.62
CA ALA V 217 -66.36 16.17 -0.99
C ALA V 217 -66.72 17.61 -1.36
N LEU V 218 -66.07 18.57 -0.71
CA LEU V 218 -66.35 19.98 -0.96
C LEU V 218 -65.70 20.45 -2.25
N VAL V 219 -64.43 20.12 -2.45
CA VAL V 219 -63.71 20.55 -3.67
C VAL V 219 -64.42 19.98 -4.90
N LEU V 220 -64.85 18.73 -4.78
CA LEU V 220 -65.59 18.04 -5.84
C LEU V 220 -66.92 18.72 -6.15
N GLU V 221 -67.67 19.08 -5.11
CA GLU V 221 -68.95 19.76 -5.29
C GLU V 221 -68.77 21.08 -6.03
N VAL V 222 -67.71 21.78 -5.68
CA VAL V 222 -67.44 23.08 -6.27
C VAL V 222 -67.15 23.01 -7.77
N ILE V 223 -66.30 22.07 -8.17
CA ILE V 223 -65.87 21.93 -9.57
C ILE V 223 -66.84 21.17 -10.47
N SER V 224 -67.76 20.41 -9.87
CA SER V 224 -68.66 19.55 -10.65
C SER V 224 -69.82 20.31 -11.26
N GLY V 225 -70.58 19.65 -12.12
CA GLY V 225 -71.75 20.26 -12.74
C GLY V 225 -71.60 20.63 -14.20
N TRP V 226 -72.74 20.80 -14.85
CA TRP V 226 -72.81 21.03 -16.28
C TRP V 226 -71.99 22.23 -16.74
N ASP V 227 -71.31 22.05 -17.87
CA ASP V 227 -70.57 23.12 -18.53
C ASP V 227 -71.01 23.14 -19.98
N GLU V 228 -71.42 24.31 -20.44
CA GLU V 228 -71.88 24.51 -21.82
C GLU V 228 -70.71 24.43 -22.81
N LYS V 229 -69.50 24.62 -22.29
CA LYS V 229 -68.27 24.55 -23.09
C LYS V 229 -67.81 23.10 -23.31
N ASP V 230 -68.53 22.13 -22.71
CA ASP V 230 -68.19 20.71 -22.81
C ASP V 230 -69.39 19.85 -23.19
N SER V 231 -69.36 19.27 -24.39
CA SER V 231 -70.50 18.51 -24.92
C SER V 231 -70.74 17.20 -24.16
N THR V 232 -69.74 16.74 -23.43
CA THR V 232 -69.86 15.45 -22.78
C THR V 232 -70.18 15.60 -21.29
N SER V 233 -70.17 16.84 -20.79
CA SER V 233 -70.53 17.09 -19.40
C SER V 233 -72.04 16.91 -19.25
N ALA V 234 -72.45 16.19 -18.21
CA ALA V 234 -73.86 15.84 -18.02
C ALA V 234 -74.68 16.96 -17.46
N LYS V 235 -75.93 17.06 -17.91
CA LYS V 235 -76.91 18.00 -17.35
C LYS V 235 -77.61 17.32 -16.16
N VAL V 236 -76.84 17.10 -15.11
CA VAL V 236 -77.29 16.39 -13.90
C VAL V 236 -76.94 17.31 -12.74
N PRO V 237 -77.91 17.57 -11.83
CA PRO V 237 -77.62 18.44 -10.67
C PRO V 237 -76.56 17.84 -9.77
N VAL V 238 -75.70 18.69 -9.21
CA VAL V 238 -74.65 18.24 -8.29
C VAL V 238 -75.24 18.05 -6.90
N PRO V 239 -75.16 16.83 -6.34
CA PRO V 239 -75.56 16.59 -4.96
C PRO V 239 -74.79 17.44 -3.95
N GLU V 240 -75.45 17.76 -2.84
CA GLU V 240 -74.83 18.58 -1.80
C GLU V 240 -73.92 17.67 -0.98
N TRP V 241 -72.78 17.31 -1.57
CA TRP V 241 -71.90 16.27 -1.00
C TRP V 241 -71.33 16.61 0.38
N SER V 242 -71.12 17.88 0.64
CA SER V 242 -70.59 18.34 1.93
C SER V 242 -71.56 18.02 3.07
N GLU V 243 -72.86 18.10 2.77
CA GLU V 243 -73.89 17.75 3.73
C GLU V 243 -74.26 16.27 3.70
N GLU V 244 -73.69 15.52 2.77
CA GLU V 244 -74.12 14.15 2.55
C GLU V 244 -73.15 13.08 3.05
N VAL V 245 -71.86 13.42 3.07
CA VAL V 245 -70.79 12.50 3.50
C VAL V 245 -70.98 11.99 4.91
N LYS V 246 -71.44 12.87 5.79
CA LYS V 246 -71.56 12.60 7.22
C LYS V 246 -72.72 11.67 7.56
N LYS V 247 -73.70 11.58 6.66
CA LYS V 247 -74.82 10.66 6.78
C LYS V 247 -74.41 9.18 6.68
N GLU V 248 -75.30 8.30 7.13
CA GLU V 248 -75.03 6.88 7.17
C GLU V 248 -76.20 6.11 6.60
N VAL V 249 -75.96 5.35 5.53
CA VAL V 249 -77.02 4.56 4.91
C VAL V 249 -76.91 3.11 5.37
N LYS V 250 -78.03 2.56 5.84
CA LYS V 250 -78.03 1.23 6.40
C LYS V 250 -78.11 0.11 5.35
N GLY V 251 -77.45 -1.00 5.68
CA GLY V 251 -77.54 -2.23 4.90
C GLY V 251 -76.97 -2.11 3.50
N LEU V 252 -75.85 -1.41 3.37
CA LEU V 252 -75.14 -1.34 2.09
C LEU V 252 -74.41 -2.66 1.80
N LYS V 253 -74.09 -2.89 0.53
CA LYS V 253 -73.49 -4.16 0.10
C LYS V 253 -72.18 -3.95 -0.72
N ILE V 254 -71.21 -4.83 -0.54
CA ILE V 254 -69.92 -4.70 -1.18
C ILE V 254 -69.59 -5.96 -1.96
N GLY V 255 -69.25 -5.76 -3.23
CA GLY V 255 -68.96 -6.84 -4.15
C GLY V 255 -67.47 -7.06 -4.27
N LEU V 256 -67.08 -8.31 -4.16
CA LEU V 256 -65.70 -8.70 -4.37
C LEU V 256 -65.66 -9.50 -5.64
N PRO V 257 -65.14 -8.92 -6.72
CA PRO V 257 -65.13 -9.65 -8.00
C PRO V 257 -64.28 -10.92 -7.97
N LYS V 258 -64.89 -12.05 -8.31
CA LYS V 258 -64.22 -13.38 -8.34
C LYS V 258 -63.01 -13.40 -9.25
N GLU V 259 -63.08 -12.61 -10.31
CA GLU V 259 -62.08 -12.62 -11.34
C GLU V 259 -60.84 -11.91 -10.81
N PHE V 260 -61.00 -11.11 -9.75
CA PHE V 260 -59.85 -10.42 -9.14
C PHE V 260 -58.99 -11.33 -8.24
N PHE V 261 -59.53 -12.48 -7.84
CA PHE V 261 -58.78 -13.47 -7.07
C PHE V 261 -57.60 -13.99 -7.88
N GLU V 262 -57.75 -14.04 -9.20
CA GLU V 262 -56.69 -14.58 -10.03
C GLU V 262 -55.60 -13.55 -10.36
N TYR V 263 -55.75 -12.34 -9.84
CA TYR V 263 -54.79 -11.26 -10.05
C TYR V 263 -53.62 -11.41 -9.08
N GLU V 264 -52.38 -11.39 -9.58
CA GLU V 264 -51.22 -11.44 -8.68
C GLU V 264 -51.16 -10.17 -7.79
N LEU V 265 -51.34 -10.38 -6.49
CA LEU V 265 -51.22 -9.31 -5.47
C LEU V 265 -50.00 -9.55 -4.60
N GLN V 266 -49.32 -8.48 -4.20
CA GLN V 266 -48.34 -8.59 -3.12
C GLN V 266 -49.03 -8.95 -1.83
N PRO V 267 -48.45 -9.92 -1.08
CA PRO V 267 -49.01 -10.39 0.18
C PRO V 267 -49.39 -9.29 1.16
N GLN V 268 -48.56 -8.24 1.22
CA GLN V 268 -48.83 -7.09 2.06
C GLN V 268 -50.15 -6.38 1.67
N VAL V 269 -50.37 -6.25 0.36
CA VAL V 269 -51.58 -5.62 -0.16
C VAL V 269 -52.78 -6.51 0.16
N LYS V 270 -52.61 -7.82 -0.08
CA LYS V 270 -53.65 -8.83 0.14
C LYS V 270 -54.14 -8.73 1.59
N GLU V 271 -53.18 -8.83 2.51
CA GLU V 271 -53.40 -8.72 3.96
C GLU V 271 -54.12 -7.44 4.37
N ALA V 272 -53.65 -6.31 3.84
CA ALA V 272 -54.25 -4.99 4.14
C ALA V 272 -55.69 -4.90 3.65
N PHE V 273 -55.95 -5.46 2.48
CA PHE V 273 -57.27 -5.45 1.87
C PHE V 273 -58.27 -6.34 2.62
N GLU V 274 -57.84 -7.55 2.97
CA GLU V 274 -58.68 -8.49 3.75
C GLU V 274 -59.12 -7.88 5.09
N ASN V 275 -58.22 -7.15 5.72
CA ASN V 275 -58.49 -6.49 6.99
C ASN V 275 -59.47 -5.32 6.83
N PHE V 276 -59.31 -4.55 5.75
CA PHE V 276 -60.24 -3.47 5.40
C PHE V 276 -61.66 -4.02 5.29
N ILE V 277 -61.78 -5.13 4.58
CA ILE V 277 -63.06 -5.81 4.37
C ILE V 277 -63.67 -6.43 5.64
N LYS V 278 -62.83 -7.07 6.45
CA LYS V 278 -63.29 -7.64 7.72
C LYS V 278 -63.83 -6.55 8.61
N GLU V 279 -63.11 -5.45 8.64
CA GLU V 279 -63.42 -4.35 9.53
C GLU V 279 -64.72 -3.65 9.05
N LEU V 280 -64.95 -3.64 7.74
CA LEU V 280 -66.21 -3.13 7.18
C LEU V 280 -67.34 -4.10 7.45
N GLU V 281 -67.07 -5.39 7.33
CA GLU V 281 -68.03 -6.41 7.73
C GLU V 281 -68.52 -6.17 9.18
N LYS V 282 -67.59 -5.96 10.11
CA LYS V 282 -67.95 -5.67 11.51
C LYS V 282 -68.90 -4.49 11.68
N GLU V 283 -68.73 -3.45 10.86
CA GLU V 283 -69.58 -2.25 10.92
C GLU V 283 -70.94 -2.46 10.27
N GLY V 284 -71.16 -3.63 9.68
CA GLY V 284 -72.48 -4.01 9.21
C GLY V 284 -72.70 -4.04 7.70
N PHE V 285 -71.61 -3.94 6.95
CA PHE V 285 -71.67 -4.07 5.51
C PHE V 285 -71.85 -5.53 5.17
N GLU V 286 -72.77 -5.84 4.26
CA GLU V 286 -72.85 -7.19 3.73
C GLU V 286 -71.82 -7.36 2.61
N ILE V 287 -71.03 -8.44 2.69
CA ILE V 287 -69.92 -8.71 1.77
C ILE V 287 -70.28 -9.88 0.85
N LYS V 288 -70.30 -9.64 -0.47
CA LYS V 288 -70.71 -10.64 -1.46
C LYS V 288 -69.70 -10.78 -2.59
N GLU V 289 -69.52 -12.01 -3.08
CA GLU V 289 -68.71 -12.22 -4.27
C GLU V 289 -69.56 -11.85 -5.47
N VAL V 290 -69.00 -11.09 -6.39
CA VAL V 290 -69.68 -10.85 -7.67
C VAL V 290 -68.83 -11.36 -8.85
N SER V 291 -69.45 -11.46 -10.03
CA SER V 291 -68.75 -11.83 -11.26
C SER V 291 -68.67 -10.61 -12.17
N LEU V 292 -67.51 -10.44 -12.79
CA LEU V 292 -67.32 -9.52 -13.88
C LEU V 292 -66.51 -10.32 -14.93
N PRO V 293 -67.20 -11.17 -15.72
CA PRO V 293 -66.55 -12.14 -16.63
C PRO V 293 -65.55 -11.54 -17.62
N HIS V 294 -65.69 -10.25 -17.93
CA HIS V 294 -64.85 -9.58 -18.93
C HIS V 294 -63.73 -8.70 -18.35
N VAL V 295 -63.77 -8.38 -17.06
CA VAL V 295 -62.77 -7.45 -16.53
C VAL V 295 -61.33 -7.73 -16.89
N LYS V 296 -60.94 -8.99 -16.97
CA LYS V 296 -59.52 -9.28 -17.25
C LYS V 296 -59.09 -8.66 -18.57
N TYR V 297 -60.05 -8.39 -19.44
CA TYR V 297 -59.77 -7.77 -20.71
C TYR V 297 -59.61 -6.25 -20.65
N SER V 298 -59.78 -5.66 -19.47
CA SER V 298 -59.72 -4.19 -19.29
C SER V 298 -58.43 -3.55 -19.76
N ILE V 299 -57.31 -4.18 -19.41
CA ILE V 299 -55.97 -3.69 -19.78
C ILE V 299 -55.74 -3.63 -21.30
N PRO V 300 -55.90 -4.77 -22.02
CA PRO V 300 -55.70 -4.71 -23.47
C PRO V 300 -56.65 -3.75 -24.15
N THR V 301 -57.88 -3.68 -23.64
CA THR V 301 -58.87 -2.79 -24.15
C THR V 301 -58.41 -1.33 -24.00
N TYR V 302 -57.89 -1.03 -22.82
CA TYR V 302 -57.54 0.34 -22.45
C TYR V 302 -56.30 0.75 -23.25
N TYR V 303 -55.42 -0.20 -23.48
CA TYR V 303 -54.19 0.10 -24.17
C TYR V 303 -54.31 0.01 -25.66
N ILE V 304 -55.57 -0.03 -26.10
CA ILE V 304 -55.95 0.24 -27.50
C ILE V 304 -56.69 1.57 -27.57
N ILE V 305 -57.75 1.70 -26.77
CA ILE V 305 -58.54 2.94 -26.72
C ILE V 305 -57.70 4.18 -26.41
N ALA V 306 -56.99 4.18 -25.28
CA ALA V 306 -56.20 5.35 -24.83
C ALA V 306 -55.13 5.83 -25.84
N PRO V 307 -54.15 4.96 -26.21
CA PRO V 307 -53.23 5.35 -27.29
C PRO V 307 -53.88 5.83 -28.58
N SER V 308 -55.01 5.25 -29.00
CA SER V 308 -55.65 5.74 -30.22
C SER V 308 -56.13 7.18 -30.07
N GLU V 309 -56.95 7.43 -29.06
CA GLU V 309 -57.47 8.77 -28.81
C GLU V 309 -56.32 9.73 -28.58
N ALA V 310 -55.27 9.24 -27.93
CA ALA V 310 -54.11 10.09 -27.66
C ALA V 310 -53.38 10.48 -28.94
N SER V 311 -53.32 9.59 -29.93
CA SER V 311 -52.65 9.93 -31.17
C SER V 311 -53.45 11.04 -31.87
N SER V 312 -54.77 10.99 -31.71
CA SER V 312 -55.64 11.97 -32.34
C SER V 312 -55.52 13.30 -31.64
N ASN V 313 -55.60 13.25 -30.31
CA ASN V 313 -55.58 14.47 -29.50
C ASN V 313 -54.26 15.21 -29.44
N LEU V 314 -53.19 14.54 -29.82
CA LEU V 314 -51.88 15.13 -29.75
C LEU V 314 -51.41 15.52 -31.15
N ALA V 315 -52.32 15.42 -32.12
CA ALA V 315 -52.02 15.81 -33.51
C ALA V 315 -51.80 17.31 -33.64
N ARG V 316 -52.26 18.06 -32.63
CA ARG V 316 -52.32 19.50 -32.66
C ARG V 316 -51.03 20.18 -32.23
N TYR V 317 -50.11 19.43 -31.64
CA TYR V 317 -48.83 19.93 -31.19
C TYR V 317 -47.85 19.76 -32.36
N ASP V 318 -47.56 20.88 -33.03
CA ASP V 318 -47.12 20.87 -34.43
C ASP V 318 -46.19 22.04 -34.76
N GLY V 319 -45.97 22.92 -33.79
CA GLY V 319 -45.07 24.07 -33.97
C GLY V 319 -45.62 25.23 -34.78
N VAL V 320 -46.92 25.16 -35.09
CA VAL V 320 -47.56 26.21 -35.85
C VAL V 320 -48.17 27.31 -34.98
N ARG V 321 -49.07 26.98 -34.06
CA ARG V 321 -49.82 28.04 -33.33
C ARG V 321 -49.30 28.39 -31.94
N TYR V 322 -48.56 27.47 -31.33
CA TYR V 322 -48.09 27.63 -29.96
C TYR V 322 -46.96 26.62 -29.68
N GLY V 323 -46.31 26.75 -28.52
CA GLY V 323 -45.35 25.75 -28.05
C GLY V 323 -44.04 25.62 -28.81
N TYR V 324 -43.41 24.47 -28.64
CA TYR V 324 -42.08 24.23 -29.15
C TYR V 324 -42.04 24.09 -30.66
N ARG V 325 -40.99 24.62 -31.25
CA ARG V 325 -40.69 24.38 -32.64
C ARG V 325 -39.21 24.11 -32.81
N ALA V 326 -38.88 23.02 -33.51
CA ALA V 326 -37.50 22.66 -33.80
C ALA V 326 -36.75 23.82 -34.47
N LYS V 327 -35.45 23.87 -34.25
CA LYS V 327 -34.63 24.94 -34.79
C LYS V 327 -34.24 24.75 -36.25
N GLU V 328 -33.93 23.53 -36.65
CA GLU V 328 -33.46 23.23 -38.03
C GLU V 328 -34.48 22.44 -38.82
N TYR V 329 -34.85 22.95 -39.99
CA TYR V 329 -35.77 22.25 -40.89
C TYR V 329 -35.75 22.81 -42.32
N LYS V 330 -35.86 21.92 -43.32
CA LYS V 330 -35.79 22.33 -44.73
C LYS V 330 -37.16 22.66 -45.34
N ASP V 331 -38.21 22.05 -44.81
CA ASP V 331 -39.58 22.34 -45.24
C ASP V 331 -40.58 22.10 -44.11
N ILE V 332 -41.86 22.22 -44.42
CA ILE V 332 -42.92 22.07 -43.40
C ILE V 332 -42.97 20.66 -42.82
N PHE V 333 -42.70 19.66 -43.65
CA PHE V 333 -42.71 18.28 -43.19
C PHE V 333 -41.65 18.09 -42.12
N GLU V 334 -40.43 18.53 -42.39
CA GLU V 334 -39.35 18.43 -41.42
C GLU V 334 -39.68 19.24 -40.19
N MET V 335 -40.25 20.42 -40.38
CA MET V 335 -40.59 21.23 -39.22
C MET V 335 -41.51 20.44 -38.33
N TYR V 336 -42.53 19.83 -38.94
CA TYR V 336 -43.53 19.06 -38.23
C TYR V 336 -42.86 17.91 -37.51
N ALA V 337 -42.19 17.04 -38.28
CA ALA V 337 -41.67 15.77 -37.80
C ALA V 337 -40.52 15.90 -36.81
N ARG V 338 -39.81 17.02 -36.86
CA ARG V 338 -38.69 17.28 -35.95
C ARG V 338 -39.18 17.93 -34.67
N THR V 339 -40.08 18.90 -34.81
CA THR V 339 -40.69 19.50 -33.65
C THR V 339 -41.26 18.41 -32.73
N ARG V 340 -41.90 17.41 -33.32
CA ARG V 340 -42.63 16.39 -32.57
C ARG V 340 -41.69 15.33 -32.01
N ASP V 341 -40.74 14.88 -32.83
CA ASP V 341 -39.76 13.93 -32.30
C ASP V 341 -38.94 14.52 -31.16
N GLU V 342 -38.65 15.82 -31.25
CA GLU V 342 -37.88 16.50 -30.23
C GLU V 342 -38.67 16.96 -29.03
N GLY V 343 -39.95 17.27 -29.24
CA GLY V 343 -40.79 17.84 -28.18
C GLY V 343 -41.52 16.81 -27.35
N PHE V 344 -41.77 15.63 -27.93
CA PHE V 344 -42.47 14.55 -27.24
C PHE V 344 -41.49 13.58 -26.58
N GLY V 345 -41.83 13.16 -25.36
CA GLY V 345 -41.11 12.11 -24.65
C GLY V 345 -41.35 10.70 -25.20
N PRO V 346 -40.61 9.70 -24.69
CA PRO V 346 -40.68 8.37 -25.23
C PRO V 346 -42.01 7.64 -25.04
N GLU V 347 -42.63 7.73 -23.86
CA GLU V 347 -43.93 7.07 -23.64
C GLU V 347 -44.98 7.66 -24.57
N VAL V 348 -44.99 8.97 -24.66
CA VAL V 348 -45.87 9.69 -25.55
C VAL V 348 -45.65 9.22 -27.00
N LYS V 349 -44.40 9.21 -27.45
CA LYS V 349 -44.15 8.77 -28.85
C LYS V 349 -44.61 7.35 -29.10
N ARG V 350 -44.47 6.49 -28.09
CA ARG V 350 -44.98 5.10 -28.12
C ARG V 350 -46.50 4.99 -28.30
N ARG V 351 -47.26 5.85 -27.65
CA ARG V 351 -48.69 5.76 -27.71
C ARG V 351 -49.21 6.44 -28.96
N ILE V 352 -48.47 7.43 -29.44
CA ILE V 352 -48.75 8.01 -30.76
C ILE V 352 -48.59 6.98 -31.89
N MET V 353 -47.46 6.27 -31.93
CA MET V 353 -47.24 5.24 -32.95
C MET V 353 -48.34 4.19 -32.88
N LEU V 354 -48.54 3.64 -31.69
CA LEU V 354 -49.57 2.63 -31.45
C LEU V 354 -50.96 3.10 -31.88
N GLY V 355 -51.30 4.33 -31.49
CA GLY V 355 -52.58 4.93 -31.81
C GLY V 355 -52.78 5.10 -33.30
N THR V 356 -51.80 5.66 -33.99
CA THR V 356 -52.00 5.84 -35.44
C THR V 356 -52.09 4.50 -36.19
N PHE V 357 -51.51 3.45 -35.59
CA PHE V 357 -51.72 2.09 -36.09
C PHE V 357 -53.16 1.60 -35.84
N ALA V 358 -53.63 1.69 -34.60
CA ALA V 358 -54.95 1.20 -34.21
C ALA V 358 -56.12 1.85 -34.95
N LEU V 359 -55.88 3.04 -35.51
CA LEU V 359 -56.90 3.80 -36.24
C LEU V 359 -56.73 3.65 -37.74
N SER V 360 -55.60 3.09 -38.15
CA SER V 360 -55.33 2.90 -39.55
C SER V 360 -56.37 1.95 -40.15
N ALA V 361 -56.83 2.28 -41.35
CA ALA V 361 -57.81 1.48 -42.05
C ALA V 361 -57.15 0.15 -42.32
N GLY V 362 -57.91 -0.92 -42.20
CA GLY V 362 -57.29 -2.22 -42.30
C GLY V 362 -57.06 -2.80 -40.93
N TYR V 363 -56.87 -1.93 -39.92
CA TYR V 363 -56.65 -2.38 -38.53
C TYR V 363 -57.67 -1.80 -37.54
N TYR V 364 -58.39 -0.77 -37.95
CA TYR V 364 -59.36 -0.09 -37.13
C TYR V 364 -60.40 -1.02 -36.53
N ASP V 365 -60.99 -1.87 -37.38
CA ASP V 365 -62.01 -2.85 -37.00
C ASP V 365 -61.55 -3.84 -35.93
N ALA V 366 -60.34 -4.33 -36.06
CA ALA V 366 -59.79 -5.33 -35.15
C ALA V 366 -59.17 -4.70 -33.90
N TYR V 367 -58.83 -3.43 -33.99
CA TYR V 367 -58.23 -2.71 -32.89
C TYR V 367 -59.24 -1.80 -32.18
N TYR V 368 -59.37 -0.55 -32.60
CA TYR V 368 -60.17 0.45 -31.88
C TYR V 368 -61.65 0.08 -31.82
N LEU V 369 -62.24 -0.26 -32.97
CA LEU V 369 -63.67 -0.56 -32.92
C LEU V 369 -63.95 -1.80 -32.06
N LYS V 370 -63.17 -2.87 -32.26
CA LYS V 370 -63.23 -4.02 -31.38
C LYS V 370 -63.18 -3.66 -29.91
N ALA V 371 -62.19 -2.84 -29.53
CA ALA V 371 -61.99 -2.46 -28.14
C ALA V 371 -63.21 -1.72 -27.56
N GLN V 372 -63.84 -0.90 -28.39
CA GLN V 372 -64.97 -0.10 -27.96
C GLN V 372 -66.15 -1.00 -27.73
N LYS V 373 -66.18 -2.14 -28.43
CA LYS V 373 -67.20 -3.16 -28.20
C LYS V 373 -66.92 -3.96 -26.94
N VAL V 374 -65.70 -4.52 -26.84
CA VAL V 374 -65.27 -5.17 -25.59
C VAL V 374 -65.49 -4.26 -24.37
N ARG V 375 -65.47 -2.95 -24.59
CA ARG V 375 -65.64 -1.94 -23.55
C ARG V 375 -67.09 -1.88 -23.06
N ARG V 376 -68.03 -2.10 -23.98
CA ARG V 376 -69.43 -2.24 -23.62
C ARG V 376 -69.73 -3.52 -22.86
N LEU V 377 -69.08 -4.61 -23.26
CA LEU V 377 -69.18 -5.86 -22.50
C LEU V 377 -68.75 -5.65 -21.05
N ILE V 378 -67.60 -5.02 -20.86
CA ILE V 378 -67.06 -4.72 -19.54
C ILE V 378 -68.00 -3.83 -18.71
N THR V 379 -68.54 -2.81 -19.36
CA THR V 379 -69.48 -1.87 -18.71
C THR V 379 -70.65 -2.65 -18.21
N ASN V 380 -71.16 -3.54 -19.06
CA ASN V 380 -72.31 -4.35 -18.76
C ASN V 380 -72.11 -5.32 -17.60
N ASP V 381 -70.91 -5.92 -17.50
CA ASP V 381 -70.54 -6.72 -16.34
C ASP V 381 -70.88 -5.92 -15.09
N PHE V 382 -70.48 -4.65 -15.08
CA PHE V 382 -70.63 -3.81 -13.90
C PHE V 382 -72.09 -3.50 -13.60
N LEU V 383 -72.85 -3.06 -14.60
CA LEU V 383 -74.27 -2.73 -14.40
C LEU V 383 -75.06 -3.90 -13.84
N LYS V 384 -74.68 -5.11 -14.27
CA LYS V 384 -75.34 -6.31 -13.78
C LYS V 384 -74.92 -6.65 -12.33
N ALA V 385 -73.61 -6.63 -12.07
CA ALA V 385 -73.12 -6.76 -10.69
C ALA V 385 -73.70 -5.70 -9.74
N PHE V 386 -73.99 -4.50 -10.26
CA PHE V 386 -74.57 -3.44 -9.41
C PHE V 386 -76.04 -3.66 -9.11
N GLU V 387 -76.61 -4.70 -9.72
CA GLU V 387 -77.99 -5.10 -9.43
C GLU V 387 -78.06 -5.78 -8.07
N GLU V 388 -76.96 -6.42 -7.69
CA GLU V 388 -76.83 -7.20 -6.47
C GLU V 388 -76.13 -6.47 -5.34
N VAL V 389 -75.19 -5.57 -5.67
CA VAL V 389 -74.39 -4.86 -4.66
C VAL V 389 -74.39 -3.35 -4.88
N ASP V 390 -73.81 -2.61 -3.95
CA ASP V 390 -73.83 -1.16 -4.05
C ASP V 390 -72.50 -0.54 -4.48
N VAL V 391 -71.40 -1.17 -4.07
CA VAL V 391 -70.07 -0.72 -4.42
C VAL V 391 -69.26 -1.97 -4.70
N ILE V 392 -68.18 -1.84 -5.47
CA ILE V 392 -67.28 -2.93 -5.77
C ILE V 392 -65.93 -2.59 -5.15
N ALA V 393 -65.38 -3.49 -4.37
CA ALA V 393 -64.13 -3.18 -3.70
C ALA V 393 -62.95 -4.05 -4.18
N SER V 394 -61.77 -3.47 -4.15
CA SER V 394 -60.55 -4.20 -4.44
C SER V 394 -59.42 -3.33 -3.93
N PRO V 395 -58.19 -3.90 -3.89
CA PRO V 395 -57.03 -3.03 -3.73
C PRO V 395 -56.99 -2.04 -4.89
N THR V 396 -56.38 -0.89 -4.68
CA THR V 396 -56.26 0.10 -5.76
C THR V 396 -55.14 -0.33 -6.70
N THR V 397 -54.17 -1.04 -6.13
CA THR V 397 -52.92 -1.39 -6.74
C THR V 397 -52.52 -2.80 -6.32
N PRO V 398 -51.92 -3.58 -7.23
CA PRO V 398 -51.45 -4.93 -6.87
C PRO V 398 -50.21 -4.97 -5.97
N THR V 399 -49.48 -3.85 -5.91
CA THR V 399 -48.24 -3.77 -5.13
C THR V 399 -48.18 -2.54 -4.27
N LEU V 400 -47.19 -2.54 -3.36
CA LEU V 400 -46.72 -1.36 -2.68
C LEU V 400 -45.97 -0.46 -3.67
N PRO V 401 -45.86 0.86 -3.35
CA PRO V 401 -45.08 1.80 -4.14
C PRO V 401 -43.77 1.18 -4.56
N PHE V 402 -43.48 1.20 -5.84
CA PHE V 402 -42.27 0.54 -6.38
C PHE V 402 -41.08 1.52 -6.54
N LYS V 403 -39.89 0.99 -6.86
CA LYS V 403 -38.71 1.85 -6.94
C LYS V 403 -38.56 2.51 -8.30
N PHE V 404 -37.89 3.68 -8.32
CA PHE V 404 -37.51 4.35 -9.56
C PHE V 404 -36.71 3.38 -10.43
N GLY V 405 -36.89 3.50 -11.74
CA GLY V 405 -36.21 2.64 -12.72
C GLY V 405 -36.72 1.21 -12.80
N GLU V 406 -37.65 0.85 -11.93
CA GLU V 406 -38.08 -0.53 -11.82
C GLU V 406 -39.00 -0.95 -12.98
N ARG V 407 -39.71 0.03 -13.54
CA ARG V 407 -40.71 -0.25 -14.59
C ARG V 407 -40.44 0.58 -15.85
N LEU V 408 -39.17 0.96 -16.03
CA LEU V 408 -38.76 1.72 -17.21
C LEU V 408 -38.13 0.79 -18.24
N GLU V 409 -37.67 -0.38 -17.79
CA GLU V 409 -37.02 -1.33 -18.69
C GLU V 409 -37.98 -1.73 -19.84
N ASN V 410 -39.01 -2.51 -19.52
CA ASN V 410 -40.09 -2.83 -20.45
C ASN V 410 -41.27 -1.89 -20.16
N PRO V 411 -41.71 -1.10 -21.19
CA PRO V 411 -42.85 -0.21 -21.05
C PRO V 411 -44.08 -0.94 -20.49
N ILE V 412 -44.26 -2.19 -20.91
CA ILE V 412 -45.36 -3.03 -20.45
C ILE V 412 -45.45 -3.20 -18.93
N GLU V 413 -44.31 -3.26 -18.27
CA GLU V 413 -44.26 -3.40 -16.82
C GLU V 413 -44.91 -2.19 -16.14
N MET V 414 -44.85 -1.04 -16.80
CA MET V 414 -45.54 0.19 -16.31
C MET V 414 -47.07 0.06 -16.42
N TYR V 415 -47.54 -0.49 -17.54
CA TYR V 415 -48.96 -0.65 -17.81
C TYR V 415 -49.64 -1.54 -16.79
N LEU V 416 -48.94 -2.59 -16.38
CA LEU V 416 -49.48 -3.53 -15.38
C LEU V 416 -49.76 -2.92 -13.99
N SER V 417 -49.33 -1.68 -13.77
CA SER V 417 -49.67 -0.95 -12.58
C SER V 417 -51.16 -0.62 -12.51
N ASP V 418 -51.81 -0.64 -13.67
CA ASP V 418 -53.16 -0.10 -13.83
C ASP V 418 -54.26 -1.17 -13.85
N ILE V 419 -53.87 -2.44 -13.72
CA ILE V 419 -54.79 -3.56 -13.84
C ILE V 419 -56.08 -3.43 -13.00
N LEU V 420 -56.02 -2.69 -11.91
CA LEU V 420 -57.14 -2.65 -10.97
C LEU V 420 -57.89 -1.34 -11.07
N THR V 421 -57.32 -0.42 -11.86
CA THR V 421 -57.81 0.96 -11.95
C THR V 421 -58.51 1.28 -13.26
N VAL V 422 -58.04 0.68 -14.37
CA VAL V 422 -58.62 0.97 -15.70
C VAL V 422 -60.08 0.54 -15.89
N PRO V 423 -60.52 -0.54 -15.21
CA PRO V 423 -61.91 -0.93 -15.44
C PRO V 423 -62.93 0.20 -15.14
N ALA V 424 -62.67 1.03 -14.14
CA ALA V 424 -63.63 2.10 -13.78
C ALA V 424 -63.74 3.21 -14.86
N ASN V 425 -62.64 3.49 -15.56
CA ASN V 425 -62.67 4.50 -16.61
C ASN V 425 -63.38 3.97 -17.84
N LEU V 426 -63.16 2.69 -18.11
CA LEU V 426 -63.78 2.00 -19.24
C LEU V 426 -65.29 2.06 -19.11
N ALA V 427 -65.79 1.75 -17.91
CA ALA V 427 -67.22 1.78 -17.64
C ALA V 427 -67.77 3.19 -17.37
N GLY V 428 -66.87 4.18 -17.34
CA GLY V 428 -67.25 5.56 -17.01
C GLY V 428 -67.74 5.78 -15.58
N LEU V 429 -67.40 4.84 -14.71
CA LEU V 429 -67.84 4.79 -13.32
C LEU V 429 -67.01 5.68 -12.38
N PRO V 430 -67.61 6.15 -11.29
CA PRO V 430 -66.77 6.84 -10.31
C PRO V 430 -65.99 5.83 -9.49
N ALA V 431 -64.85 6.23 -8.95
CA ALA V 431 -64.03 5.31 -8.18
C ALA V 431 -63.14 6.09 -7.22
N ILE V 432 -63.04 5.62 -5.99
CA ILE V 432 -62.24 6.31 -4.99
C ILE V 432 -61.11 5.40 -4.52
N SER V 433 -59.96 5.99 -4.22
CA SER V 433 -58.90 5.28 -3.51
C SER V 433 -58.72 5.89 -2.14
N ILE V 434 -58.77 5.04 -1.12
CA ILE V 434 -58.80 5.42 0.28
C ILE V 434 -57.65 4.69 0.97
N PRO V 435 -56.92 5.37 1.90
CA PRO V 435 -55.81 4.66 2.54
C PRO V 435 -56.33 3.72 3.63
N ILE V 436 -55.87 2.47 3.55
CA ILE V 436 -56.44 1.38 4.36
C ILE V 436 -55.45 0.76 5.38
N ALA V 437 -54.15 0.95 5.13
CA ALA V 437 -53.12 0.52 6.05
C ALA V 437 -51.76 1.07 5.61
N TRP V 438 -50.76 0.84 6.46
CA TRP V 438 -49.35 1.12 6.16
C TRP V 438 -48.57 -0.15 6.37
N LYS V 439 -47.86 -0.56 5.33
CA LYS V 439 -47.24 -1.88 5.31
C LYS V 439 -45.79 -1.71 4.90
N ASP V 440 -44.88 -2.11 5.78
CA ASP V 440 -43.43 -1.95 5.58
C ASP V 440 -43.07 -0.47 5.35
N GLY V 441 -43.84 0.42 6.01
CA GLY V 441 -43.64 1.88 5.96
C GLY V 441 -44.33 2.61 4.83
N LEU V 442 -45.06 1.87 4.00
CA LEU V 442 -45.62 2.33 2.74
C LEU V 442 -47.16 2.27 2.72
N PRO V 443 -47.83 3.34 2.24
CA PRO V 443 -49.29 3.38 2.11
C PRO V 443 -49.87 2.27 1.22
N VAL V 444 -51.07 1.84 1.58
CA VAL V 444 -51.85 0.89 0.78
C VAL V 444 -53.25 1.48 0.60
N GLY V 445 -53.70 1.50 -0.65
CA GLY V 445 -55.03 2.04 -0.98
C GLY V 445 -56.09 0.96 -1.16
N GLY V 446 -57.27 1.21 -0.60
CA GLY V 446 -58.45 0.42 -0.92
C GLY V 446 -59.29 1.18 -1.92
N GLN V 447 -59.87 0.47 -2.89
CA GLN V 447 -60.66 1.11 -3.94
C GLN V 447 -62.10 0.72 -3.82
N LEU V 448 -62.97 1.69 -4.04
CA LEU V 448 -64.38 1.41 -4.15
C LEU V 448 -64.84 2.00 -5.46
N ILE V 449 -65.55 1.18 -6.24
CA ILE V 449 -66.09 1.60 -7.50
C ILE V 449 -67.59 1.70 -7.28
N GLY V 450 -68.17 2.85 -7.61
CA GLY V 450 -69.60 3.07 -7.44
C GLY V 450 -70.39 3.09 -8.73
N LYS V 451 -71.72 3.15 -8.60
CA LYS V 451 -72.64 3.28 -9.73
C LYS V 451 -72.50 4.66 -10.32
N HIS V 452 -72.86 4.79 -11.60
CA HIS V 452 -72.87 6.07 -12.26
C HIS V 452 -73.65 7.04 -11.38
N TRP V 453 -73.02 8.18 -11.08
CA TRP V 453 -73.66 9.30 -10.35
C TRP V 453 -73.67 9.12 -8.82
N ASP V 454 -73.12 7.99 -8.35
CA ASP V 454 -73.16 7.62 -6.95
C ASP V 454 -71.86 7.90 -6.22
N GLU V 455 -71.32 9.10 -6.41
CA GLU V 455 -70.14 9.54 -5.67
C GLU V 455 -70.45 9.68 -4.17
N THR V 456 -71.71 9.97 -3.85
CA THR V 456 -72.16 10.10 -2.46
C THR V 456 -71.73 8.89 -1.64
N THR V 457 -72.12 7.71 -2.12
CA THR V 457 -71.88 6.50 -1.37
C THR V 457 -70.39 6.27 -1.16
N LEU V 458 -69.64 6.31 -2.26
CA LEU V 458 -68.19 6.26 -2.22
C LEU V 458 -67.63 7.19 -1.16
N LEU V 459 -68.18 8.40 -1.08
CA LEU V 459 -67.68 9.37 -0.12
C LEU V 459 -68.11 9.03 1.30
N GLN V 460 -69.35 8.59 1.45
CA GLN V 460 -69.87 8.19 2.75
C GLN V 460 -69.00 7.08 3.35
N ILE V 461 -68.79 6.00 2.62
CA ILE V 461 -67.93 4.91 3.10
C ILE V 461 -66.52 5.40 3.42
N SER V 462 -66.06 6.40 2.67
CA SER V 462 -64.74 6.96 2.91
C SER V 462 -64.72 7.71 4.24
N TYR V 463 -65.80 8.44 4.53
CA TYR V 463 -65.95 9.14 5.79
C TYR V 463 -66.03 8.18 6.98
N LEU V 464 -66.75 7.08 6.81
CA LEU V 464 -66.83 6.09 7.87
C LEU V 464 -65.46 5.45 8.11
N TRP V 465 -64.75 5.16 7.03
CA TRP V 465 -63.47 4.47 7.18
C TRP V 465 -62.43 5.31 7.91
N GLU V 466 -62.43 6.63 7.67
CA GLU V 466 -61.42 7.48 8.28
C GLU V 466 -61.63 7.62 9.79
N GLN V 467 -62.89 7.46 10.23
CA GLN V 467 -63.25 7.48 11.65
C GLN V 467 -62.62 6.30 12.35
N LYS V 468 -62.66 5.15 11.69
CA LYS V 468 -62.03 3.95 12.24
C LYS V 468 -60.51 4.04 12.10
N PHE V 469 -60.04 4.48 10.93
CA PHE V 469 -58.62 4.50 10.61
C PHE V 469 -58.24 5.91 10.18
N LYS V 470 -57.65 6.67 11.11
CA LYS V 470 -57.37 8.09 10.95
C LYS V 470 -56.05 8.33 10.19
N HIS V 471 -56.09 8.07 8.88
CA HIS V 471 -54.91 8.14 8.03
C HIS V 471 -54.42 9.56 7.83
N TYR V 472 -55.29 10.53 8.11
CA TYR V 472 -54.98 11.94 7.94
C TYR V 472 -53.96 12.44 8.97
N GLU V 473 -53.70 11.62 9.98
CA GLU V 473 -52.75 11.94 11.03
C GLU V 473 -51.35 11.47 10.69
N LYS V 474 -51.25 10.52 9.76
CA LYS V 474 -49.94 10.05 9.30
C LYS V 474 -49.31 11.07 8.36
N ILE V 475 -48.35 11.84 8.88
CA ILE V 475 -47.70 12.90 8.11
C ILE V 475 -46.23 12.58 7.83
N PRO V 476 -45.85 12.50 6.55
CA PRO V 476 -44.48 12.15 6.23
C PRO V 476 -43.57 13.36 6.37
N LEU V 477 -42.26 13.12 6.30
CA LEU V 477 -41.26 14.20 6.42
C LEU V 477 -41.49 15.12 7.63
N THR V 478 -41.76 14.49 8.77
CA THR V 478 -41.93 15.10 10.10
C THR V 478 -42.94 16.26 10.14
N GLU W 3 -69.28 10.56 -81.96
CA GLU W 3 -68.13 10.25 -81.07
C GLU W 3 -68.21 8.82 -80.48
N LYS W 4 -67.05 8.15 -80.43
CA LYS W 4 -66.92 6.78 -79.89
C LYS W 4 -67.11 6.72 -78.37
N TYR W 5 -66.70 7.77 -77.68
CA TYR W 5 -66.59 7.75 -76.22
C TYR W 5 -67.71 8.46 -75.49
N GLU W 6 -67.60 8.44 -74.15
CA GLU W 6 -68.59 8.95 -73.23
C GLU W 6 -67.83 9.50 -72.04
N ALA W 7 -68.17 10.70 -71.60
CA ALA W 7 -67.55 11.23 -70.40
C ALA W 7 -68.40 10.86 -69.18
N VAL W 8 -67.73 10.44 -68.11
CA VAL W 8 -68.40 10.16 -66.84
C VAL W 8 -67.85 11.15 -65.82
N ILE W 9 -68.73 11.97 -65.26
CA ILE W 9 -68.33 13.08 -64.39
C ILE W 9 -69.06 13.04 -63.04
N GLY W 10 -68.29 13.17 -61.96
CA GLY W 10 -68.82 13.32 -60.62
C GLY W 10 -68.19 14.53 -59.95
N LEU W 11 -68.93 15.18 -59.05
CA LEU W 11 -68.43 16.37 -58.39
C LEU W 11 -68.52 16.27 -56.87
N GLU W 12 -67.59 16.95 -56.20
CA GLU W 12 -67.55 17.04 -54.75
C GLU W 12 -67.62 18.51 -54.38
N ILE W 13 -68.75 18.92 -53.83
CA ILE W 13 -69.00 20.33 -53.57
C ILE W 13 -68.95 20.60 -52.08
N HIS W 14 -68.27 21.66 -51.69
CA HIS W 14 -68.33 22.13 -50.31
C HIS W 14 -69.05 23.44 -50.26
N VAL W 15 -70.13 23.49 -49.49
CA VAL W 15 -71.01 24.65 -49.45
C VAL W 15 -70.95 25.30 -48.07
N GLN W 16 -70.61 26.57 -48.04
CA GLN W 16 -70.55 27.29 -46.80
C GLN W 16 -71.93 27.71 -46.29
N MET W 17 -72.24 27.34 -45.06
CA MET W 17 -73.54 27.66 -44.48
C MET W 17 -73.62 29.09 -43.99
N ASP W 18 -74.69 29.77 -44.38
CA ASP W 18 -74.91 31.16 -43.97
C ASP W 18 -75.37 31.28 -42.51
N THR W 19 -74.55 30.76 -41.59
CA THR W 19 -74.80 30.94 -40.17
C THR W 19 -74.04 32.17 -39.66
N LYS W 20 -74.42 32.66 -38.48
CA LYS W 20 -73.76 33.82 -37.86
C LYS W 20 -72.47 33.36 -37.21
N THR W 21 -72.47 32.11 -36.80
CA THR W 21 -71.48 31.55 -35.88
C THR W 21 -70.80 30.31 -36.49
N LYS W 22 -69.60 29.98 -36.04
CA LYS W 22 -68.87 28.81 -36.58
C LYS W 22 -69.53 27.47 -36.19
N MET W 23 -69.02 26.37 -36.72
CA MET W 23 -69.65 25.06 -36.52
C MET W 23 -69.60 24.57 -35.05
N PHE W 24 -68.48 24.85 -34.40
CA PHE W 24 -68.12 24.18 -33.16
C PHE W 24 -67.68 25.15 -32.08
N CYS W 25 -67.76 26.44 -32.38
CA CYS W 25 -67.68 27.52 -31.38
C CYS W 25 -68.50 28.74 -31.78
N GLY W 26 -68.52 29.74 -30.92
CA GLY W 26 -69.37 30.93 -31.11
C GLY W 26 -68.73 32.12 -31.82
N CYS W 27 -67.58 31.89 -32.47
CA CYS W 27 -66.93 32.93 -33.24
C CYS W 27 -67.76 33.24 -34.47
N LYS W 28 -67.68 34.49 -34.92
CA LYS W 28 -68.43 34.94 -36.08
C LYS W 28 -67.90 34.34 -37.37
N VAL W 29 -68.83 33.99 -38.24
CA VAL W 29 -68.55 33.73 -39.64
C VAL W 29 -68.76 35.06 -40.37
N GLU W 30 -67.69 35.63 -40.94
CA GLU W 30 -67.81 36.81 -41.78
C GLU W 30 -66.64 36.94 -42.75
N PHE W 31 -66.90 37.51 -43.93
CA PHE W 31 -65.87 37.64 -44.98
C PHE W 31 -65.06 38.93 -44.84
N GLY W 32 -63.75 38.81 -45.07
CA GLY W 32 -62.82 39.94 -45.07
C GLY W 32 -62.49 40.62 -43.74
N ALA W 33 -62.54 39.87 -42.63
CA ALA W 33 -62.11 40.44 -41.35
C ALA W 33 -60.58 40.49 -41.27
N GLU W 34 -60.06 41.23 -40.29
CA GLU W 34 -58.61 41.24 -39.98
C GLU W 34 -58.16 39.85 -39.55
N PRO W 35 -56.98 39.41 -40.06
CA PRO W 35 -56.52 38.03 -39.85
C PRO W 35 -56.50 37.63 -38.39
N ASN W 36 -57.00 36.42 -38.12
CA ASN W 36 -57.01 35.84 -36.78
C ASN W 36 -57.72 36.73 -35.74
N THR W 37 -58.85 37.31 -36.13
CA THR W 37 -59.69 38.07 -35.19
C THR W 37 -60.95 37.34 -34.69
N ASN W 38 -61.62 36.62 -35.59
CA ASN W 38 -62.79 35.82 -35.22
C ASN W 38 -62.40 34.41 -34.81
N VAL W 39 -61.77 34.33 -33.65
CA VAL W 39 -60.95 33.21 -33.32
C VAL W 39 -60.98 32.97 -31.80
N CYS W 40 -60.78 31.72 -31.37
CA CYS W 40 -60.94 31.33 -29.97
C CYS W 40 -60.19 30.03 -29.73
N PRO W 41 -60.09 29.57 -28.47
CA PRO W 41 -59.39 28.32 -28.16
C PRO W 41 -59.92 27.14 -28.94
N VAL W 42 -61.23 27.10 -29.18
CA VAL W 42 -61.85 25.97 -29.85
C VAL W 42 -61.40 25.87 -31.30
N CYS W 43 -61.61 26.94 -32.06
CA CYS W 43 -61.35 26.93 -33.50
C CYS W 43 -59.87 27.14 -33.79
N LEU W 44 -59.10 27.41 -32.75
CA LEU W 44 -57.66 27.62 -32.90
C LEU W 44 -56.88 26.35 -32.60
N GLY W 45 -57.60 25.29 -32.23
CA GLY W 45 -56.97 24.00 -31.93
C GLY W 45 -56.06 24.15 -30.72
N MET W 46 -56.53 24.88 -29.72
CA MET W 46 -55.76 25.05 -28.50
C MET W 46 -55.89 23.83 -27.59
N PRO W 47 -54.86 23.58 -26.76
CA PRO W 47 -54.95 22.49 -25.80
C PRO W 47 -56.15 22.69 -24.84
N GLY W 48 -56.95 21.65 -24.63
CA GLY W 48 -58.03 21.71 -23.65
C GLY W 48 -59.35 22.18 -24.19
N ALA W 49 -59.36 22.65 -25.43
CA ALA W 49 -60.54 23.29 -26.03
C ALA W 49 -61.51 22.26 -26.66
N LEU W 50 -62.82 22.41 -26.45
CA LEU W 50 -63.81 21.40 -26.84
C LEU W 50 -64.86 21.93 -27.83
N PRO W 51 -65.29 21.11 -28.81
CA PRO W 51 -66.31 21.51 -29.78
C PRO W 51 -67.75 21.45 -29.26
N ILE W 52 -68.56 22.44 -29.65
CA ILE W 52 -70.00 22.44 -29.36
C ILE W 52 -70.81 22.70 -30.65
N VAL W 53 -71.61 21.72 -31.04
CA VAL W 53 -72.36 21.76 -32.30
C VAL W 53 -73.31 22.96 -32.38
N ASN W 54 -73.25 23.65 -33.52
CA ASN W 54 -74.18 24.73 -33.87
C ASN W 54 -75.54 24.19 -34.34
N LYS W 55 -76.59 24.55 -33.60
CA LYS W 55 -77.95 24.11 -33.92
C LYS W 55 -78.44 24.53 -35.31
N ARG W 56 -78.19 25.79 -35.68
CA ARG W 56 -78.61 26.31 -36.99
C ARG W 56 -77.86 25.63 -38.13
N ALA W 57 -76.57 25.33 -37.91
CA ALA W 57 -75.81 24.60 -38.90
C ALA W 57 -76.53 23.28 -39.14
N VAL W 58 -76.96 22.63 -38.07
CA VAL W 58 -77.69 21.37 -38.19
C VAL W 58 -79.02 21.57 -38.91
N GLU W 59 -79.76 22.61 -38.51
CA GLU W 59 -81.05 22.90 -39.12
C GLU W 59 -80.88 23.15 -40.61
N TYR W 60 -79.88 23.95 -40.97
CA TYR W 60 -79.69 24.31 -42.37
C TYR W 60 -79.30 23.10 -43.23
N ALA W 61 -78.48 22.20 -42.67
CA ALA W 61 -78.00 21.03 -43.38
C ALA W 61 -79.12 20.00 -43.61
N ILE W 62 -80.04 19.91 -42.65
CA ILE W 62 -81.25 19.11 -42.83
C ILE W 62 -82.11 19.70 -43.96
N ARG W 63 -82.38 21.01 -43.89
CA ARG W 63 -83.12 21.70 -44.91
C ARG W 63 -82.50 21.49 -46.29
N ALA W 64 -81.19 21.65 -46.41
CA ALA W 64 -80.52 21.41 -47.71
C ALA W 64 -80.67 19.96 -48.18
N SER W 65 -80.54 19.02 -47.25
CA SER W 65 -80.67 17.60 -47.59
C SER W 65 -82.02 17.28 -48.19
N LEU W 66 -83.08 17.80 -47.56
CA LEU W 66 -84.46 17.62 -48.03
C LEU W 66 -84.68 18.31 -49.37
N ALA W 67 -84.12 19.52 -49.53
CA ALA W 67 -84.26 20.26 -50.75
C ALA W 67 -83.56 19.51 -51.87
N LEU W 68 -82.55 18.71 -51.50
CA LEU W 68 -81.89 17.81 -52.47
C LEU W 68 -82.48 16.39 -52.54
N ASN W 69 -83.64 16.24 -51.92
CA ASN W 69 -84.45 15.01 -51.97
C ASN W 69 -83.76 13.80 -51.36
N CYS W 70 -82.93 14.08 -50.34
CA CYS W 70 -82.15 13.08 -49.64
C CYS W 70 -82.97 12.43 -48.53
N GLU W 71 -82.60 11.20 -48.20
CA GLU W 71 -83.04 10.57 -46.97
C GLU W 71 -82.18 11.13 -45.85
N VAL W 72 -82.81 11.78 -44.88
CA VAL W 72 -82.11 12.31 -43.72
C VAL W 72 -82.11 11.25 -42.63
N HIS W 73 -80.91 10.91 -42.15
CA HIS W 73 -80.74 9.87 -41.14
C HIS W 73 -80.83 10.41 -39.73
N GLU W 74 -81.72 9.82 -38.96
CA GLU W 74 -82.05 10.36 -37.66
C GLU W 74 -80.86 10.25 -36.70
N GLU W 75 -79.91 9.35 -37.01
CA GLU W 75 -78.64 9.37 -36.31
C GLU W 75 -77.44 9.41 -37.25
N SER W 76 -76.54 10.35 -37.00
CA SER W 76 -75.29 10.46 -37.74
C SER W 76 -74.17 10.83 -36.77
N VAL W 77 -72.93 10.67 -37.22
CA VAL W 77 -71.77 10.70 -36.32
C VAL W 77 -70.67 11.58 -36.87
N PHE W 78 -70.21 12.53 -36.06
CA PHE W 78 -69.03 13.32 -36.38
C PHE W 78 -67.76 12.52 -36.21
N ALA W 79 -66.98 12.41 -37.28
CA ALA W 79 -65.73 11.67 -37.26
C ALA W 79 -64.53 12.59 -37.40
N ARG W 80 -63.39 12.17 -36.86
CA ARG W 80 -62.15 12.92 -37.02
C ARG W 80 -61.40 12.49 -38.27
N LYS W 81 -61.12 13.46 -39.14
CA LYS W 81 -60.36 13.19 -40.35
C LYS W 81 -58.97 13.80 -40.20
N HIS W 82 -57.96 12.95 -40.07
CA HIS W 82 -56.60 13.38 -39.70
C HIS W 82 -55.70 13.70 -40.88
N TYR W 83 -55.07 14.87 -40.81
CA TYR W 83 -53.96 15.22 -41.69
C TYR W 83 -53.20 16.43 -41.15
N PHE W 84 -51.93 16.54 -41.52
CA PHE W 84 -51.13 17.66 -41.04
C PHE W 84 -51.01 18.69 -42.13
N TYR W 85 -51.45 19.90 -41.82
CA TYR W 85 -51.38 21.03 -42.73
C TYR W 85 -51.63 22.34 -41.97
N PRO W 86 -50.80 23.37 -42.22
CA PRO W 86 -50.77 24.63 -41.46
C PRO W 86 -52.12 25.34 -41.30
N ASP W 87 -53.03 25.21 -42.26
CA ASP W 87 -54.39 25.79 -42.10
C ASP W 87 -55.40 24.91 -41.35
N LEU W 88 -54.93 23.77 -40.80
CA LEU W 88 -55.80 22.85 -40.05
C LEU W 88 -55.27 22.66 -38.65
N PRO W 89 -55.82 23.46 -37.71
CA PRO W 89 -55.31 23.66 -36.37
C PRO W 89 -55.23 22.43 -35.43
N LYS W 90 -56.12 21.45 -35.59
CA LYS W 90 -56.17 20.34 -34.65
C LYS W 90 -55.39 19.11 -35.15
N GLY W 91 -55.00 19.12 -36.41
CA GLY W 91 -54.39 17.96 -37.00
C GLY W 91 -55.49 17.04 -37.43
N TYR W 92 -56.74 17.49 -37.26
CA TYR W 92 -57.87 16.79 -37.86
C TYR W 92 -58.99 17.73 -38.25
N GLN W 93 -59.81 17.30 -39.19
CA GLN W 93 -61.03 17.96 -39.54
C GLN W 93 -62.17 17.14 -38.98
N ILE W 94 -63.09 17.80 -38.28
CA ILE W 94 -64.30 17.11 -37.84
C ILE W 94 -65.32 17.15 -38.98
N SER W 95 -65.68 15.97 -39.45
CA SER W 95 -66.69 15.80 -40.47
C SER W 95 -67.55 14.60 -40.14
N GLN W 96 -68.08 13.96 -41.17
CA GLN W 96 -68.79 12.72 -41.04
C GLN W 96 -68.25 11.77 -42.09
N TYR W 97 -68.37 10.48 -41.82
CA TYR W 97 -67.74 9.46 -42.65
C TYR W 97 -68.73 8.33 -42.96
N GLU W 98 -68.61 7.15 -42.35
CA GLU W 98 -69.75 6.23 -42.36
C GLU W 98 -70.75 6.98 -41.51
N LYS W 99 -72.04 6.74 -41.64
CA LYS W 99 -73.02 7.57 -40.87
C LYS W 99 -73.01 9.10 -41.14
N PRO W 100 -73.17 9.52 -42.42
CA PRO W 100 -73.42 10.93 -42.75
C PRO W 100 -74.87 11.33 -42.51
N LEU W 101 -75.14 12.62 -42.51
CA LEU W 101 -76.50 13.11 -42.30
C LEU W 101 -77.53 12.65 -43.35
N ALA W 102 -77.18 12.75 -44.62
CA ALA W 102 -78.13 12.54 -45.71
C ALA W 102 -77.51 11.73 -46.85
N THR W 103 -78.35 11.06 -47.60
CA THR W 103 -77.93 10.06 -48.54
C THR W 103 -79.06 9.89 -49.56
N ASN W 104 -78.74 9.33 -50.73
CA ASN W 104 -79.75 8.96 -51.74
C ASN W 104 -80.69 10.10 -52.12
N GLY W 105 -80.11 11.16 -52.66
CA GLY W 105 -80.90 12.29 -53.14
C GLY W 105 -80.73 12.48 -54.63
N TRP W 106 -81.24 13.60 -55.15
CA TRP W 106 -81.23 13.86 -56.56
C TRP W 106 -81.48 15.31 -56.90
N VAL W 107 -80.86 15.76 -57.98
CA VAL W 107 -81.16 17.07 -58.56
C VAL W 107 -81.61 16.88 -60.00
N GLU W 108 -82.62 17.63 -60.41
CA GLU W 108 -83.06 17.60 -61.79
C GLU W 108 -82.51 18.77 -62.61
N LEU W 109 -81.89 18.42 -63.73
CA LEU W 109 -81.34 19.37 -64.69
C LEU W 109 -82.29 19.57 -65.87
N ASN W 110 -82.49 20.83 -66.25
CA ASN W 110 -83.22 21.14 -67.47
C ASN W 110 -82.20 21.46 -68.54
N LEU W 111 -82.21 20.63 -69.59
CA LEU W 111 -81.23 20.71 -70.66
C LEU W 111 -81.72 21.65 -71.78
N PRO W 112 -80.77 22.23 -72.56
CA PRO W 112 -81.12 23.16 -73.64
C PRO W 112 -82.11 22.53 -74.62
N ASN W 113 -81.81 21.31 -75.09
CA ASN W 113 -82.71 20.57 -75.99
C ASN W 113 -84.13 20.36 -75.45
N GLY W 114 -84.35 20.77 -74.19
CA GLY W 114 -85.68 20.71 -73.56
C GLY W 114 -85.91 19.50 -72.69
N GLU W 115 -84.96 18.57 -72.69
CA GLU W 115 -85.07 17.36 -71.89
C GLU W 115 -84.56 17.54 -70.47
N LYS W 116 -85.11 16.75 -69.57
CA LYS W 116 -84.80 16.84 -68.16
C LYS W 116 -84.08 15.59 -67.72
N LYS W 117 -83.03 15.79 -66.93
CA LYS W 117 -82.09 14.73 -66.55
C LYS W 117 -81.91 14.75 -65.04
N LYS W 118 -81.60 13.60 -64.44
CA LYS W 118 -81.27 13.57 -63.02
C LYS W 118 -79.83 13.26 -62.71
N VAL W 119 -79.31 13.99 -61.72
CA VAL W 119 -78.02 13.76 -61.13
C VAL W 119 -78.24 13.41 -59.65
N ARG W 120 -77.77 12.24 -59.26
CA ARG W 120 -77.94 11.76 -57.91
C ARG W 120 -76.98 12.43 -56.95
N ILE W 121 -77.47 12.69 -55.74
CA ILE W 121 -76.64 13.05 -54.61
C ILE W 121 -76.34 11.80 -53.81
N ARG W 122 -75.05 11.46 -53.75
CA ARG W 122 -74.54 10.28 -53.06
C ARG W 122 -74.62 10.52 -51.55
N ARG W 123 -74.19 11.71 -51.10
CA ARG W 123 -74.29 12.06 -49.69
C ARG W 123 -74.28 13.57 -49.46
N LEU W 124 -74.81 13.96 -48.31
CA LEU W 124 -74.55 15.27 -47.77
C LEU W 124 -74.13 15.07 -46.32
N HIS W 125 -72.95 15.58 -45.98
CA HIS W 125 -72.55 15.58 -44.59
C HIS W 125 -72.12 16.96 -44.08
N ILE W 126 -72.08 17.09 -42.77
CA ILE W 126 -71.72 18.30 -42.07
C ILE W 126 -70.25 18.25 -41.69
N GLU W 127 -69.58 19.36 -41.86
CA GLU W 127 -68.18 19.43 -41.45
C GLU W 127 -67.70 20.87 -41.34
N GLU W 128 -66.58 21.05 -40.68
CA GLU W 128 -66.02 22.36 -40.48
C GLU W 128 -64.95 22.64 -41.51
N ASP W 129 -64.76 23.93 -41.82
CA ASP W 129 -63.75 24.43 -42.73
C ASP W 129 -62.36 24.49 -42.09
N ALA W 130 -61.33 24.47 -42.94
CA ALA W 130 -59.96 24.79 -42.54
C ALA W 130 -59.76 26.31 -42.65
N GLY W 131 -58.58 26.82 -42.24
CA GLY W 131 -58.25 28.25 -42.42
C GLY W 131 -57.73 28.53 -43.82
N LYS W 132 -57.10 29.69 -44.02
CA LYS W 132 -56.48 30.01 -45.30
C LYS W 132 -55.04 30.46 -45.20
N ASN W 133 -54.24 29.97 -46.14
CA ASN W 133 -52.83 30.33 -46.25
C ASN W 133 -52.59 31.41 -47.30
N ILE W 134 -51.68 32.33 -46.96
CA ILE W 134 -51.11 33.29 -47.90
C ILE W 134 -49.60 32.99 -48.02
N HIS W 135 -49.07 32.92 -49.23
CA HIS W 135 -47.62 32.75 -49.42
C HIS W 135 -46.93 34.09 -49.65
N GLU W 136 -45.83 34.30 -48.94
CA GLU W 136 -45.10 35.55 -49.01
C GLU W 136 -43.62 35.24 -48.84
N GLY W 137 -42.88 35.24 -49.95
CA GLY W 137 -41.45 34.90 -49.90
C GLY W 137 -41.26 33.43 -49.59
N ASP W 138 -40.40 33.14 -48.62
CA ASP W 138 -40.10 31.75 -48.23
C ASP W 138 -40.98 31.28 -47.04
N LYS W 139 -42.01 32.08 -46.74
CA LYS W 139 -42.93 31.76 -45.65
C LYS W 139 -44.41 31.63 -46.10
N THR W 140 -45.19 30.88 -45.32
CA THR W 140 -46.65 30.88 -45.47
C THR W 140 -47.28 31.59 -44.27
N LEU W 141 -48.23 32.48 -44.54
CA LEU W 141 -48.93 33.21 -43.51
C LEU W 141 -50.33 32.61 -43.33
N VAL W 142 -50.65 32.24 -42.09
CA VAL W 142 -51.87 31.49 -41.81
C VAL W 142 -52.92 32.34 -41.10
N ASP W 143 -54.07 32.50 -41.73
CA ASP W 143 -55.22 33.14 -41.12
C ASP W 143 -56.22 32.05 -40.77
N LEU W 144 -56.58 31.93 -39.50
CA LEU W 144 -57.52 30.91 -39.03
C LEU W 144 -58.92 31.46 -38.75
N ASN W 145 -59.25 32.62 -39.31
CA ASN W 145 -60.62 33.13 -39.26
C ASN W 145 -61.67 32.15 -39.81
N ARG W 146 -61.31 31.42 -40.86
CA ARG W 146 -62.27 30.55 -41.52
C ARG W 146 -62.31 29.13 -40.91
N ALA W 147 -61.26 28.76 -40.18
CA ALA W 147 -61.20 27.48 -39.48
C ALA W 147 -62.46 27.29 -38.67
N GLY W 148 -63.16 26.19 -38.91
CA GLY W 148 -64.36 25.87 -38.16
C GLY W 148 -65.66 26.38 -38.73
N THR W 149 -65.60 27.10 -39.84
CA THR W 149 -66.79 27.58 -40.53
C THR W 149 -67.54 26.31 -41.03
N PRO W 150 -68.89 26.28 -40.88
CA PRO W 150 -69.66 25.11 -41.26
C PRO W 150 -69.76 24.90 -42.75
N LEU W 151 -69.59 23.65 -43.18
CA LEU W 151 -69.70 23.28 -44.58
C LEU W 151 -70.61 22.10 -44.74
N MET W 152 -71.35 22.09 -45.84
CA MET W 152 -72.03 20.90 -46.29
C MET W 152 -71.12 20.26 -47.35
N GLU W 153 -70.65 19.04 -47.14
CA GLU W 153 -69.95 18.39 -48.25
C GLU W 153 -70.99 17.64 -49.04
N ILE W 154 -71.17 17.99 -50.31
CA ILE W 154 -72.12 17.35 -51.20
C ILE W 154 -71.39 16.52 -52.28
N VAL W 155 -71.66 15.22 -52.33
CA VAL W 155 -71.00 14.38 -53.31
C VAL W 155 -72.05 13.83 -54.26
N THR W 156 -71.75 13.94 -55.55
CA THR W 156 -72.57 13.54 -56.65
C THR W 156 -72.23 12.10 -57.02
N GLU W 157 -73.18 11.34 -57.58
CA GLU W 157 -72.81 10.10 -58.29
C GLU W 157 -72.21 10.46 -59.68
N PRO W 158 -71.45 9.54 -60.31
CA PRO W 158 -70.88 9.95 -61.60
C PRO W 158 -71.94 9.95 -62.73
N ASP W 159 -72.98 10.76 -62.53
CA ASP W 159 -74.13 10.78 -63.42
C ASP W 159 -74.01 11.84 -64.52
N ILE W 160 -73.11 12.80 -64.35
CA ILE W 160 -72.95 13.89 -65.28
C ILE W 160 -72.16 13.40 -66.52
N ARG W 161 -72.57 13.88 -67.71
CA ARG W 161 -72.04 13.36 -68.97
C ARG W 161 -71.37 14.41 -69.87
N THR W 162 -71.50 15.68 -69.49
CA THR W 162 -71.13 16.78 -70.38
C THR W 162 -70.61 17.98 -69.58
N PRO W 163 -69.59 18.70 -70.11
CA PRO W 163 -69.12 19.93 -69.43
C PRO W 163 -70.25 20.90 -69.15
N GLU W 164 -71.20 21.02 -70.08
CA GLU W 164 -72.34 21.93 -69.93
C GLU W 164 -73.23 21.47 -68.76
N GLU W 165 -73.47 20.16 -68.72
CA GLU W 165 -74.23 19.52 -67.67
C GLU W 165 -73.62 19.76 -66.30
N ALA W 166 -72.30 19.73 -66.23
CA ALA W 166 -71.58 20.01 -64.99
C ALA W 166 -71.86 21.42 -64.48
N ARG W 167 -71.77 22.41 -65.38
CA ARG W 167 -72.08 23.80 -65.09
C ARG W 167 -73.55 23.95 -64.70
N LEU W 168 -74.44 23.42 -65.52
CA LEU W 168 -75.88 23.45 -65.23
C LEU W 168 -76.23 22.83 -63.87
N PHE W 169 -75.56 21.72 -63.53
CA PHE W 169 -75.71 21.15 -62.20
C PHE W 169 -75.30 22.14 -61.13
N LEU W 170 -74.11 22.71 -61.25
CA LEU W 170 -73.63 23.63 -60.24
C LEU W 170 -74.54 24.85 -60.09
N GLU W 171 -75.10 25.34 -61.20
CA GLU W 171 -76.01 26.49 -61.22
C GLU W 171 -77.32 26.21 -60.46
N LYS W 172 -77.88 25.02 -60.69
CA LYS W 172 -79.09 24.55 -60.04
C LYS W 172 -78.83 24.31 -58.55
N LEU W 173 -77.74 23.62 -58.23
CA LEU W 173 -77.33 23.46 -56.83
C LEU W 173 -77.25 24.81 -56.13
N ARG W 174 -76.65 25.79 -56.79
CA ARG W 174 -76.51 27.11 -56.22
C ARG W 174 -77.87 27.71 -55.93
N ASN W 175 -78.80 27.55 -56.89
CA ASN W 175 -80.10 28.16 -56.83
C ASN W 175 -80.99 27.53 -55.80
N ILE W 176 -80.94 26.20 -55.70
CA ILE W 176 -81.61 25.52 -54.58
C ILE W 176 -81.12 25.98 -53.21
N MET W 177 -79.80 26.02 -52.99
CA MET W 177 -79.24 26.56 -51.75
C MET W 177 -79.70 27.97 -51.44
N ARG W 178 -79.69 28.83 -52.45
CA ARG W 178 -80.13 30.21 -52.26
C ARG W 178 -81.61 30.29 -51.91
N TYR W 179 -82.45 29.55 -52.64
CA TYR W 179 -83.89 29.51 -52.39
C TYR W 179 -84.22 28.96 -51.02
N ALA W 180 -83.60 27.83 -50.68
CA ALA W 180 -83.74 27.26 -49.34
C ALA W 180 -83.26 28.19 -48.24
N GLY W 181 -82.39 29.13 -48.59
CA GLY W 181 -81.87 30.13 -47.66
C GLY W 181 -80.75 29.63 -46.78
N VAL W 182 -80.05 28.59 -47.23
CA VAL W 182 -79.03 27.94 -46.38
C VAL W 182 -77.62 28.48 -46.62
N SER W 183 -77.38 29.01 -47.82
CA SER W 183 -76.08 29.55 -48.19
C SER W 183 -76.22 30.53 -49.31
N LYS W 184 -75.29 31.48 -49.39
CA LYS W 184 -75.20 32.43 -50.51
C LYS W 184 -74.55 31.77 -51.74
N ALA W 185 -73.70 30.78 -51.49
CA ALA W 185 -73.23 29.81 -52.51
C ALA W 185 -72.59 30.39 -53.77
N ASP W 186 -71.91 31.52 -53.60
CA ASP W 186 -71.19 32.15 -54.68
C ASP W 186 -69.72 31.75 -54.61
N MET W 187 -69.23 31.12 -55.69
CA MET W 187 -67.81 30.72 -55.79
C MET W 187 -66.85 31.89 -55.58
N GLU W 188 -67.24 33.07 -56.08
CA GLU W 188 -66.47 34.34 -55.91
C GLU W 188 -65.95 34.56 -54.48
N LYS W 189 -66.82 34.30 -53.49
CA LYS W 189 -66.49 34.61 -52.11
C LYS W 189 -66.06 33.37 -51.31
N GLY W 190 -65.77 32.28 -52.03
CA GLY W 190 -65.35 31.01 -51.44
C GLY W 190 -66.45 30.21 -50.75
N GLN W 191 -67.70 30.56 -51.03
CA GLN W 191 -68.85 29.97 -50.38
C GLN W 191 -69.26 28.64 -51.02
N LEU W 192 -68.71 28.37 -52.19
CA LEU W 192 -68.94 27.12 -52.87
C LEU W 192 -67.63 26.74 -53.48
N ARG W 193 -67.16 25.53 -53.19
CA ARG W 193 -65.98 24.97 -53.81
C ARG W 193 -66.38 23.73 -54.59
N CYS W 194 -65.61 23.39 -55.62
CA CYS W 194 -65.95 22.26 -56.43
C CYS W 194 -64.72 21.50 -56.93
N ASP W 195 -64.67 20.20 -56.62
CA ASP W 195 -63.61 19.35 -57.14
C ASP W 195 -64.25 18.43 -58.16
N ILE W 196 -63.58 18.28 -59.30
CA ILE W 196 -64.13 17.56 -60.42
C ILE W 196 -63.45 16.22 -60.54
N ASN W 197 -64.23 15.18 -60.83
CA ASN W 197 -63.70 13.85 -61.11
C ASN W 197 -64.25 13.42 -62.45
N VAL W 198 -63.37 12.91 -63.31
CA VAL W 198 -63.77 12.59 -64.68
C VAL W 198 -63.00 11.41 -65.29
N SER W 199 -63.74 10.53 -65.94
CA SER W 199 -63.20 9.39 -66.68
C SER W 199 -63.89 9.30 -68.03
N ILE W 200 -63.31 8.56 -68.97
CA ILE W 200 -63.97 8.29 -70.26
C ILE W 200 -64.22 6.81 -70.46
N ARG W 201 -65.04 6.49 -71.44
CA ARG W 201 -65.66 5.20 -71.53
C ARG W 201 -66.19 5.02 -72.96
N PRO W 202 -65.80 3.93 -73.66
CA PRO W 202 -66.50 3.62 -74.93
C PRO W 202 -68.01 3.74 -74.78
N LYS W 203 -68.66 4.39 -75.75
CA LYS W 203 -70.10 4.67 -75.69
C LYS W 203 -70.92 3.42 -75.38
N GLY W 204 -71.90 3.56 -74.49
CA GLY W 204 -72.77 2.45 -74.10
C GLY W 204 -72.12 1.38 -73.23
N SER W 205 -70.85 1.57 -72.86
CA SER W 205 -70.18 0.67 -71.91
C SER W 205 -70.72 0.90 -70.49
N LYS W 206 -70.67 -0.14 -69.67
CA LYS W 206 -71.13 -0.03 -68.29
C LYS W 206 -69.95 -0.07 -67.30
N GLU W 207 -68.76 -0.40 -67.82
CA GLU W 207 -67.55 -0.37 -67.02
C GLU W 207 -67.09 1.08 -66.78
N PHE W 208 -66.29 1.30 -65.75
CA PHE W 208 -65.80 2.65 -65.47
C PHE W 208 -64.34 2.85 -65.84
N GLY W 209 -64.07 3.93 -66.56
CA GLY W 209 -62.70 4.27 -66.97
C GLY W 209 -61.93 4.85 -65.81
N THR W 210 -60.61 4.94 -65.96
CA THR W 210 -59.74 5.47 -64.90
C THR W 210 -59.98 6.95 -64.65
N ARG W 211 -59.96 7.32 -63.37
CA ARG W 211 -60.47 8.59 -62.88
C ARG W 211 -59.39 9.64 -62.65
N VAL W 212 -59.61 10.83 -63.21
CA VAL W 212 -58.76 12.01 -62.95
C VAL W 212 -59.54 13.03 -62.14
N GLU W 213 -58.88 13.60 -61.13
CA GLU W 213 -59.49 14.64 -60.32
C GLU W 213 -58.86 15.99 -60.63
N ILE W 214 -59.68 16.98 -60.94
CA ILE W 214 -59.19 18.34 -61.13
C ILE W 214 -59.61 19.20 -59.95
N LYS W 215 -58.63 19.76 -59.22
CA LYS W 215 -58.94 20.56 -58.04
C LYS W 215 -58.77 22.07 -58.25
N ASN W 216 -59.41 22.85 -57.37
CA ASN W 216 -59.35 24.33 -57.40
C ASN W 216 -59.69 24.98 -58.74
N VAL W 217 -60.87 24.62 -59.25
CA VAL W 217 -61.47 25.32 -60.37
C VAL W 217 -62.46 26.30 -59.71
N ASN W 218 -62.32 27.58 -60.04
CA ASN W 218 -62.86 28.69 -59.21
C ASN W 218 -64.14 29.38 -59.68
N SER W 219 -64.72 28.91 -60.77
CA SER W 219 -65.98 29.49 -61.31
C SER W 219 -66.71 28.41 -62.06
N PHE W 220 -68.02 28.60 -62.24
CA PHE W 220 -68.83 27.63 -62.95
C PHE W 220 -68.37 27.51 -64.40
N ARG W 221 -67.95 28.63 -64.97
CA ARG W 221 -67.46 28.66 -66.36
C ARG W 221 -66.14 27.89 -66.47
N PHE W 222 -65.29 28.06 -65.47
CA PHE W 222 -64.00 27.36 -65.44
C PHE W 222 -64.13 25.83 -65.32
N VAL W 223 -65.16 25.36 -64.61
CA VAL W 223 -65.39 23.91 -64.53
C VAL W 223 -65.78 23.36 -65.90
N GLN W 224 -66.55 24.13 -66.67
CA GLN W 224 -66.89 23.72 -68.03
C GLN W 224 -65.61 23.68 -68.89
N LYS W 225 -64.77 24.71 -68.80
CA LYS W 225 -63.54 24.78 -69.59
C LYS W 225 -62.57 23.66 -69.22
N ALA W 226 -62.34 23.49 -67.93
CA ALA W 226 -61.47 22.42 -67.45
C ALA W 226 -61.94 21.09 -67.99
N LEU W 227 -63.24 20.83 -67.90
CA LEU W 227 -63.81 19.58 -68.36
C LEU W 227 -63.74 19.43 -69.87
N GLU W 228 -64.04 20.51 -70.59
CA GLU W 228 -63.96 20.51 -72.06
C GLU W 228 -62.59 20.03 -72.53
N TYR W 229 -61.53 20.59 -71.95
CA TYR W 229 -60.18 20.22 -72.31
C TYR W 229 -59.83 18.80 -71.88
N GLU W 230 -60.12 18.47 -70.62
CA GLU W 230 -59.72 17.20 -70.03
C GLU W 230 -60.32 15.99 -70.76
N ILE W 231 -61.57 16.13 -71.18
CA ILE W 231 -62.23 15.11 -72.00
C ILE W 231 -61.46 14.90 -73.31
N GLU W 232 -61.14 16.01 -73.99
CA GLU W 232 -60.30 15.95 -75.20
C GLU W 232 -58.97 15.27 -74.88
N ARG W 233 -58.30 15.73 -73.83
CA ARG W 233 -57.01 15.19 -73.41
C ARG W 233 -57.03 13.67 -73.26
N GLN W 234 -58.04 13.17 -72.56
CA GLN W 234 -58.17 11.74 -72.28
C GLN W 234 -58.48 10.94 -73.53
N ILE W 235 -59.33 11.49 -74.40
CA ILE W 235 -59.68 10.84 -75.66
C ILE W 235 -58.43 10.70 -76.56
N ASN W 236 -57.66 11.78 -76.68
CA ASN W 236 -56.35 11.74 -77.35
C ASN W 236 -55.50 10.57 -76.87
N VAL W 237 -55.14 10.61 -75.58
CA VAL W 237 -54.33 9.56 -74.92
C VAL W 237 -54.76 8.16 -75.30
N VAL W 238 -56.06 7.87 -75.16
CA VAL W 238 -56.62 6.53 -75.37
C VAL W 238 -56.58 6.06 -76.83
N GLU W 239 -56.91 6.96 -77.77
CA GLU W 239 -56.88 6.62 -79.19
C GLU W 239 -55.48 6.61 -79.80
N GLU W 240 -54.53 7.24 -79.11
CA GLU W 240 -53.11 7.16 -79.46
C GLU W 240 -52.50 5.83 -79.01
N GLY W 241 -53.31 4.97 -78.42
CA GLY W 241 -52.87 3.67 -77.91
C GLY W 241 -52.37 3.67 -76.47
N GLY W 242 -52.43 4.84 -75.81
CA GLY W 242 -51.96 4.98 -74.44
C GLY W 242 -53.01 4.72 -73.38
N GLU W 243 -52.56 4.53 -72.15
CA GLU W 243 -53.45 4.37 -71.01
C GLU W 243 -53.50 5.67 -70.22
N VAL W 244 -54.72 6.09 -69.86
CA VAL W 244 -54.93 7.26 -69.01
C VAL W 244 -54.57 6.94 -67.55
N VAL W 245 -53.76 7.81 -66.95
CA VAL W 245 -53.20 7.59 -65.62
C VAL W 245 -54.01 8.32 -64.54
N GLN W 246 -54.24 7.62 -63.43
CA GLN W 246 -55.01 8.16 -62.32
C GLN W 246 -54.20 9.15 -61.47
N GLU W 247 -54.62 10.42 -61.50
CA GLU W 247 -53.94 11.48 -60.77
C GLU W 247 -54.85 12.66 -60.46
N THR W 248 -54.34 13.59 -59.69
CA THR W 248 -54.97 14.88 -59.52
C THR W 248 -54.29 15.89 -60.46
N ARG W 249 -55.05 16.82 -61.01
CA ARG W 249 -54.51 17.85 -61.89
C ARG W 249 -55.02 19.21 -61.49
N THR W 250 -54.42 20.23 -62.09
CA THR W 250 -54.80 21.63 -61.86
C THR W 250 -55.24 22.26 -63.17
N PHE W 251 -55.97 23.36 -63.08
CA PHE W 251 -56.46 24.06 -64.26
C PHE W 251 -56.00 25.51 -64.25
N ASP W 252 -55.35 25.92 -65.33
CA ASP W 252 -54.95 27.32 -65.48
C ASP W 252 -55.99 28.06 -66.29
N PRO W 253 -56.67 29.04 -65.66
CA PRO W 253 -57.70 29.82 -66.31
C PRO W 253 -57.14 30.51 -67.57
N GLN W 254 -55.94 31.08 -67.43
CA GLN W 254 -55.26 31.80 -68.51
C GLN W 254 -54.98 30.96 -69.77
N THR W 255 -54.58 29.70 -69.58
CA THR W 255 -54.28 28.78 -70.70
C THR W 255 -55.45 27.89 -71.15
N GLY W 256 -56.41 27.69 -70.25
CA GLY W 256 -57.53 26.78 -70.51
C GLY W 256 -57.12 25.31 -70.58
N LYS W 257 -56.05 24.96 -69.88
CA LYS W 257 -55.48 23.61 -69.93
C LYS W 257 -55.34 23.02 -68.54
N THR W 258 -55.32 21.69 -68.47
CA THR W 258 -55.11 20.96 -67.22
C THR W 258 -53.71 20.37 -67.16
N TYR W 259 -53.07 20.45 -65.99
CA TYR W 259 -51.69 20.00 -65.84
C TYR W 259 -51.48 19.01 -64.71
N PRO W 260 -50.67 17.97 -64.96
CA PRO W 260 -50.30 17.05 -63.89
C PRO W 260 -49.46 17.80 -62.85
N MET W 261 -49.21 17.18 -61.71
CA MET W 261 -48.49 17.84 -60.64
C MET W 261 -47.06 17.34 -60.53
N ARG W 262 -46.14 18.26 -60.22
CA ARG W 262 -44.72 17.92 -60.13
C ARG W 262 -44.39 17.01 -58.94
N THR W 263 -45.24 17.06 -57.93
CA THR W 263 -45.09 16.27 -56.71
C THR W 263 -45.88 14.95 -56.78
N LYS W 264 -45.15 13.84 -56.65
CA LYS W 264 -45.71 12.49 -56.66
C LYS W 264 -46.20 12.11 -55.24
N GLU W 265 -46.86 13.07 -54.59
CA GLU W 265 -47.29 12.94 -53.19
C GLU W 265 -48.65 12.22 -53.05
N GLU W 266 -48.57 10.95 -52.66
CA GLU W 266 -49.75 10.11 -52.40
C GLU W 266 -50.49 10.52 -51.13
N ALA W 267 -51.80 10.28 -51.11
CA ALA W 267 -52.62 10.58 -49.94
C ALA W 267 -52.31 9.63 -48.80
N GLU W 268 -52.56 10.11 -47.59
CA GLU W 268 -52.30 9.34 -46.38
C GLU W 268 -53.62 9.00 -45.69
N ASP W 269 -53.66 7.81 -45.10
CA ASP W 269 -54.82 7.30 -44.35
C ASP W 269 -55.34 8.36 -43.38
N TYR W 270 -56.64 8.61 -43.43
CA TYR W 270 -57.22 9.64 -42.59
C TYR W 270 -57.53 9.19 -41.15
N ARG W 271 -57.37 7.90 -40.86
CA ARG W 271 -57.52 7.38 -39.50
C ARG W 271 -58.83 7.86 -38.89
N TYR W 272 -59.90 7.71 -39.65
CA TYR W 272 -61.25 8.08 -39.24
C TYR W 272 -61.77 7.36 -37.99
N PHE W 273 -62.39 8.11 -37.07
CA PHE W 273 -63.08 7.51 -35.95
C PHE W 273 -64.03 8.53 -35.29
N PRO W 274 -65.08 8.05 -34.60
CA PRO W 274 -66.07 9.04 -34.06
C PRO W 274 -65.39 9.98 -33.07
N ASP W 275 -65.47 11.27 -33.31
CA ASP W 275 -64.91 12.25 -32.39
C ASP W 275 -65.42 11.92 -30.99
N PRO W 276 -64.51 11.64 -30.03
CA PRO W 276 -64.95 11.33 -28.69
C PRO W 276 -65.32 12.55 -27.86
N ASP W 277 -65.10 13.77 -28.39
CA ASP W 277 -65.62 14.98 -27.71
C ASP W 277 -67.09 15.23 -28.00
N LEU W 278 -67.69 14.44 -28.91
CA LEU W 278 -69.06 14.69 -29.34
C LEU W 278 -69.89 13.39 -29.34
N VAL W 279 -71.12 13.47 -28.82
CA VAL W 279 -72.08 12.36 -28.95
C VAL W 279 -72.69 12.36 -30.36
N PRO W 280 -73.27 11.21 -30.79
CA PRO W 280 -73.96 11.18 -32.08
C PRO W 280 -75.02 12.27 -32.24
N LEU W 281 -75.14 12.75 -33.48
CA LEU W 281 -76.14 13.71 -33.84
C LEU W 281 -77.45 12.95 -33.99
N LYS W 282 -78.36 13.18 -33.04
CA LYS W 282 -79.69 12.58 -33.09
C LYS W 282 -80.70 13.61 -33.56
N VAL W 283 -81.33 13.31 -34.69
CA VAL W 283 -82.25 14.20 -35.35
C VAL W 283 -83.66 13.61 -35.24
N LYS W 284 -84.48 14.20 -34.37
CA LYS W 284 -85.88 13.78 -34.19
C LYS W 284 -86.69 13.84 -35.49
N LYS W 285 -87.51 12.81 -35.73
CA LYS W 285 -88.42 12.82 -36.88
C LYS W 285 -89.29 14.06 -36.90
N GLU W 286 -89.71 14.47 -35.71
CA GLU W 286 -90.56 15.65 -35.52
C GLU W 286 -89.91 16.93 -36.05
N TRP W 287 -88.59 17.01 -36.00
CA TRP W 287 -87.86 18.19 -36.46
C TRP W 287 -87.68 18.20 -37.96
N ILE W 288 -87.46 17.03 -38.54
CA ILE W 288 -87.47 16.82 -39.99
C ILE W 288 -88.82 17.23 -40.58
N GLU W 289 -89.92 16.72 -39.99
CA GLU W 289 -91.31 17.11 -40.31
C GLU W 289 -91.51 18.60 -40.29
N GLU W 290 -91.00 19.26 -39.26
CA GLU W 290 -91.18 20.69 -39.06
C GLU W 290 -90.45 21.51 -40.12
N ILE W 291 -89.27 21.03 -40.53
CA ILE W 291 -88.46 21.71 -41.53
C ILE W 291 -89.03 21.46 -42.92
N LYS W 292 -89.52 20.25 -43.15
CA LYS W 292 -90.26 19.86 -44.36
C LYS W 292 -91.53 20.71 -44.58
N LYS W 293 -92.34 20.84 -43.54
CA LYS W 293 -93.59 21.63 -43.53
C LYS W 293 -93.34 23.11 -43.82
N ASN W 294 -92.25 23.63 -43.26
CA ASN W 294 -91.90 25.05 -43.37
C ASN W 294 -90.83 25.38 -44.40
N MET W 295 -90.60 24.44 -45.31
CA MET W 295 -89.62 24.61 -46.36
C MET W 295 -89.96 25.84 -47.19
N PRO W 296 -88.99 26.77 -47.39
CA PRO W 296 -89.14 27.82 -48.39
C PRO W 296 -89.45 27.27 -49.79
N GLU W 297 -89.96 28.10 -50.68
CA GLU W 297 -90.27 27.66 -52.03
C GLU W 297 -89.00 27.44 -52.85
N LEU W 298 -88.98 26.37 -53.63
CA LEU W 298 -87.81 25.94 -54.37
C LEU W 298 -87.97 26.29 -55.86
N PRO W 299 -86.86 26.40 -56.61
CA PRO W 299 -86.93 26.91 -57.98
C PRO W 299 -87.90 26.19 -58.93
N ASP W 300 -87.93 24.86 -58.90
CA ASP W 300 -88.81 24.09 -59.81
C ASP W 300 -90.30 24.33 -59.51
N GLN W 301 -90.62 24.44 -58.22
CA GLN W 301 -91.94 24.83 -57.74
C GLN W 301 -92.31 26.24 -58.22
N ARG W 302 -91.48 27.23 -57.91
CA ARG W 302 -91.76 28.60 -58.28
C ARG W 302 -92.03 28.70 -59.79
N PHE W 303 -91.23 28.00 -60.58
CA PHE W 303 -91.34 27.98 -62.03
C PHE W 303 -92.73 27.64 -62.54
N GLU W 304 -93.32 26.56 -62.04
CA GLU W 304 -94.67 26.18 -62.45
C GLU W 304 -95.73 27.12 -61.85
N ARG W 305 -95.47 27.67 -60.68
CA ARG W 305 -96.42 28.58 -60.04
C ARG W 305 -96.56 29.90 -60.81
N LEU W 306 -95.45 30.46 -61.27
CA LEU W 306 -95.50 31.71 -62.04
C LEU W 306 -96.18 31.53 -63.40
N ILE W 307 -95.81 30.46 -64.10
CA ILE W 307 -96.50 30.02 -65.32
C ILE W 307 -98.02 29.98 -65.14
N LYS W 308 -98.47 29.49 -63.99
CA LYS W 308 -99.89 29.46 -63.68
C LYS W 308 -100.41 30.80 -63.13
N GLU W 309 -99.95 31.18 -61.93
CA GLU W 309 -100.47 32.35 -61.25
C GLU W 309 -100.43 33.65 -62.07
N TYR W 310 -99.56 33.69 -63.08
CA TYR W 310 -99.32 34.93 -63.83
C TYR W 310 -99.33 34.71 -65.34
N GLY W 311 -99.44 33.45 -65.77
CA GLY W 311 -99.48 33.12 -67.19
C GLY W 311 -98.25 33.47 -68.01
N LEU W 312 -97.08 33.54 -67.35
CA LEU W 312 -95.83 33.80 -68.04
C LEU W 312 -95.43 32.63 -68.92
N SER W 313 -94.61 32.91 -69.93
CA SER W 313 -94.02 31.87 -70.78
C SER W 313 -92.88 31.16 -70.05
N GLU W 314 -92.48 30.00 -70.54
CA GLU W 314 -91.35 29.26 -69.93
C GLU W 314 -90.03 30.02 -70.04
N TYR W 315 -89.96 30.91 -71.03
CA TYR W 315 -88.80 31.77 -71.21
C TYR W 315 -88.76 32.84 -70.13
N GLU W 316 -89.94 33.40 -69.84
CA GLU W 316 -90.08 34.47 -68.88
C GLU W 316 -89.88 33.98 -67.46
N ALA W 317 -90.64 32.95 -67.07
CA ALA W 317 -90.52 32.35 -65.75
C ALA W 317 -89.09 31.87 -65.46
N GLY W 318 -88.44 31.27 -66.45
CA GLY W 318 -87.05 30.82 -66.33
C GLY W 318 -86.09 31.92 -65.91
N ILE W 319 -86.19 33.07 -66.58
CA ILE W 319 -85.41 34.26 -66.21
C ILE W 319 -85.65 34.66 -64.75
N LEU W 320 -86.92 34.72 -64.36
CA LEU W 320 -87.32 35.21 -63.04
C LEU W 320 -86.96 34.24 -61.93
N VAL W 321 -86.85 32.96 -62.29
CA VAL W 321 -86.55 31.92 -61.30
C VAL W 321 -85.05 31.65 -61.21
N ASN W 322 -84.34 31.70 -62.35
CA ASN W 322 -82.88 31.52 -62.36
C ASN W 322 -82.09 32.60 -61.63
N HIS W 323 -82.65 33.81 -61.60
CA HIS W 323 -82.17 34.90 -60.76
C HIS W 323 -83.32 35.25 -59.81
N LYS W 324 -83.28 34.71 -58.59
CA LYS W 324 -84.37 34.80 -57.63
C LYS W 324 -84.86 36.20 -57.37
N GLU W 325 -83.93 37.14 -57.21
CA GLU W 325 -84.23 38.53 -56.87
C GLU W 325 -84.98 39.29 -57.96
N VAL W 326 -84.94 38.78 -59.19
CA VAL W 326 -85.72 39.33 -60.30
C VAL W 326 -87.18 38.90 -60.15
N GLY W 327 -87.39 37.61 -59.87
CA GLY W 327 -88.73 37.12 -59.57
C GLY W 327 -89.37 37.78 -58.37
N ASP W 328 -88.58 38.01 -57.32
CA ASP W 328 -89.07 38.71 -56.12
C ASP W 328 -89.49 40.14 -56.44
N PHE W 329 -88.69 40.82 -57.25
CA PHE W 329 -88.99 42.17 -57.73
C PHE W 329 -90.31 42.15 -58.51
N PHE W 330 -90.40 41.27 -59.49
CA PHE W 330 -91.60 41.10 -60.30
C PHE W 330 -92.83 40.98 -59.45
N GLU W 331 -92.80 40.07 -58.48
CA GLU W 331 -93.99 39.77 -57.70
C GLU W 331 -94.41 40.91 -56.78
N GLU W 332 -93.45 41.68 -56.29
CA GLU W 332 -93.74 42.85 -55.46
C GLU W 332 -94.30 43.97 -56.33
N ALA W 333 -93.96 43.97 -57.62
CA ALA W 333 -94.50 44.95 -58.56
C ALA W 333 -95.93 44.59 -58.98
N VAL W 334 -96.14 43.34 -59.38
CA VAL W 334 -97.45 42.84 -59.78
C VAL W 334 -98.46 43.00 -58.65
N ARG W 335 -97.97 43.24 -57.45
CA ARG W 335 -98.84 43.39 -56.29
C ARG W 335 -99.44 44.81 -56.28
N HIS W 336 -98.61 45.79 -56.63
CA HIS W 336 -99.05 47.19 -56.72
C HIS W 336 -99.95 47.50 -57.91
N PHE W 337 -99.79 46.76 -58.99
CA PHE W 337 -100.66 46.89 -60.17
C PHE W 337 -100.78 45.55 -60.89
N LYS W 338 -101.97 44.95 -60.84
CA LYS W 338 -102.17 43.57 -61.29
C LYS W 338 -102.21 43.40 -62.82
N GLU W 339 -101.17 43.91 -63.48
CA GLU W 339 -100.93 43.69 -64.91
C GLU W 339 -99.62 42.90 -65.10
N PRO W 340 -99.70 41.57 -65.04
CA PRO W 340 -98.51 40.71 -65.07
C PRO W 340 -97.78 40.76 -66.42
N LYS W 341 -98.53 40.62 -67.50
CA LYS W 341 -97.95 40.59 -68.84
C LYS W 341 -97.20 41.88 -69.16
N GLY W 342 -97.78 43.01 -68.79
CA GLY W 342 -97.16 44.29 -69.03
C GLY W 342 -95.91 44.46 -68.20
N ILE W 343 -95.96 44.02 -66.94
CA ILE W 343 -94.81 44.17 -66.05
C ILE W 343 -93.58 43.33 -66.44
N VAL W 344 -93.76 42.06 -66.81
CA VAL W 344 -92.61 41.25 -67.24
C VAL W 344 -91.96 41.84 -68.46
N ASN W 345 -92.76 42.34 -69.38
CA ASN W 345 -92.27 42.96 -70.58
C ASN W 345 -91.29 44.07 -70.23
N TRP W 346 -91.75 45.05 -69.47
CA TRP W 346 -90.94 46.22 -69.11
C TRP W 346 -89.77 45.90 -68.17
N LEU W 347 -89.93 44.85 -67.37
CA LEU W 347 -88.87 44.33 -66.52
C LEU W 347 -87.74 43.70 -67.34
N ILE W 348 -88.10 42.74 -68.18
CA ILE W 348 -87.12 41.99 -68.98
C ILE W 348 -86.54 42.80 -70.13
N ASN W 349 -87.41 43.48 -70.88
CA ASN W 349 -87.00 44.14 -72.12
C ASN W 349 -86.38 45.50 -71.88
N ASP W 350 -86.64 46.08 -70.70
CA ASP W 350 -86.22 47.45 -70.44
C ASP W 350 -85.33 47.63 -69.20
N LEU W 351 -85.89 47.37 -68.03
CA LEU W 351 -85.20 47.64 -66.74
C LEU W 351 -83.90 46.86 -66.54
N LEU W 352 -83.98 45.54 -66.74
CA LEU W 352 -82.86 44.64 -66.59
C LEU W 352 -81.63 45.07 -67.40
N GLY W 353 -81.83 45.42 -68.67
CA GLY W 353 -80.73 45.86 -69.52
C GLY W 353 -80.14 47.19 -69.10
N LEU W 354 -81.00 48.07 -68.57
CA LEU W 354 -80.56 49.39 -68.14
C LEU W 354 -79.73 49.31 -66.87
N LEU W 355 -80.12 48.41 -65.97
CA LEU W 355 -79.36 48.14 -64.74
C LEU W 355 -78.01 47.47 -65.00
N ARG W 356 -78.02 46.51 -65.94
CA ARG W 356 -76.80 45.83 -66.38
C ARG W 356 -75.74 46.82 -66.82
N ASP W 357 -76.15 47.75 -67.67
CA ASP W 357 -75.29 48.80 -68.24
C ASP W 357 -74.64 49.67 -67.18
N LYS W 358 -75.45 50.10 -66.20
CA LYS W 358 -74.98 50.86 -65.05
C LYS W 358 -74.23 50.00 -64.05
N GLY W 359 -74.27 48.68 -64.24
CA GLY W 359 -73.54 47.74 -63.40
C GLY W 359 -74.15 47.58 -62.01
N ILE W 360 -75.47 47.76 -61.92
CA ILE W 360 -76.16 47.65 -60.63
C ILE W 360 -77.15 46.48 -60.54
N SER W 361 -77.10 45.78 -59.41
CA SER W 361 -77.92 44.62 -59.13
C SER W 361 -79.38 45.03 -58.91
N ILE W 362 -80.31 44.11 -59.18
CA ILE W 362 -81.74 44.35 -59.02
C ILE W 362 -82.18 44.61 -57.58
N GLU W 363 -81.43 44.10 -56.61
CA GLU W 363 -81.75 44.37 -55.20
C GLU W 363 -81.55 45.86 -54.91
N GLU W 364 -80.60 46.45 -55.62
CA GLU W 364 -80.15 47.83 -55.38
C GLU W 364 -80.64 48.88 -56.41
N SER W 365 -81.63 48.52 -57.24
CA SER W 365 -82.06 49.40 -58.31
C SER W 365 -82.87 50.60 -57.81
N PRO W 366 -82.64 51.79 -58.40
CA PRO W 366 -83.41 53.00 -58.07
C PRO W 366 -84.90 52.85 -58.39
N VAL W 367 -85.21 52.10 -59.44
CA VAL W 367 -86.58 51.78 -59.77
C VAL W 367 -87.03 50.67 -58.84
N LYS W 368 -87.91 51.03 -57.92
CA LYS W 368 -88.51 50.07 -56.98
C LYS W 368 -89.71 49.42 -57.65
N PRO W 369 -90.10 48.22 -57.18
CA PRO W 369 -91.28 47.56 -57.73
C PRO W 369 -92.51 48.47 -57.86
N GLU W 370 -92.65 49.44 -56.94
CA GLU W 370 -93.77 50.40 -56.99
C GLU W 370 -93.68 51.27 -58.24
N HIS W 371 -92.47 51.70 -58.56
CA HIS W 371 -92.22 52.61 -59.67
C HIS W 371 -92.45 51.96 -61.01
N LEU W 372 -92.10 50.68 -61.13
CA LEU W 372 -92.36 49.95 -62.36
C LEU W 372 -93.86 49.69 -62.55
N ALA W 373 -94.52 49.24 -61.48
CA ALA W 373 -95.97 49.05 -61.49
C ALA W 373 -96.69 50.34 -61.83
N GLU W 374 -96.19 51.45 -61.29
CA GLU W 374 -96.73 52.77 -61.61
C GLU W 374 -96.50 53.19 -63.06
N LEU W 375 -95.27 53.01 -63.55
CA LEU W 375 -94.98 53.32 -64.96
C LEU W 375 -95.85 52.50 -65.90
N VAL W 376 -95.94 51.19 -65.65
CA VAL W 376 -96.73 50.29 -66.49
C VAL W 376 -98.22 50.65 -66.43
N LYS W 377 -98.62 51.30 -65.34
CA LYS W 377 -99.98 51.81 -65.18
C LYS W 377 -100.29 52.93 -66.18
N LEU W 378 -99.39 53.91 -66.26
CA LEU W 378 -99.49 55.02 -67.20
C LEU W 378 -99.49 54.60 -68.67
N ILE W 379 -98.76 53.54 -69.00
CA ILE W 379 -98.74 52.97 -70.35
C ILE W 379 -100.06 52.25 -70.68
N LYS W 380 -100.58 51.50 -69.72
CA LYS W 380 -101.83 50.76 -69.90
C LYS W 380 -103.03 51.71 -70.02
N GLU W 381 -103.10 52.70 -69.11
CA GLU W 381 -104.20 53.66 -69.05
C GLU W 381 -104.09 54.75 -70.12
N LYS W 382 -103.07 54.63 -70.97
CA LYS W 382 -102.82 55.51 -72.10
C LYS W 382 -102.50 56.95 -71.68
N VAL W 383 -102.02 57.11 -70.45
CA VAL W 383 -101.60 58.42 -69.94
C VAL W 383 -100.35 58.93 -70.68
N ILE W 384 -99.41 58.01 -70.93
CA ILE W 384 -98.28 58.27 -71.85
C ILE W 384 -98.11 57.14 -72.87
N SER W 385 -97.30 57.40 -73.90
CA SER W 385 -97.01 56.44 -74.95
C SER W 385 -95.76 55.63 -74.62
N THR W 386 -95.65 54.46 -75.24
CA THR W 386 -94.47 53.61 -75.17
C THR W 386 -93.20 54.42 -75.44
N LYS W 387 -93.24 55.23 -76.50
CA LYS W 387 -92.11 56.10 -76.86
C LYS W 387 -91.65 56.97 -75.69
N ILE W 388 -92.63 57.57 -74.99
CA ILE W 388 -92.36 58.41 -73.83
C ILE W 388 -92.01 57.54 -72.63
N GLY W 389 -92.68 56.41 -72.49
CA GLY W 389 -92.39 55.42 -71.46
C GLY W 389 -90.95 54.94 -71.43
N LYS W 390 -90.35 54.79 -72.61
CA LYS W 390 -88.95 54.37 -72.73
C LYS W 390 -87.98 55.49 -72.37
N GLU W 391 -88.42 56.74 -72.56
CA GLU W 391 -87.63 57.92 -72.19
C GLU W 391 -87.60 58.12 -70.68
N VAL W 392 -88.74 57.87 -70.02
CA VAL W 392 -88.85 58.10 -68.59
C VAL W 392 -88.22 56.97 -67.73
N ILE W 393 -88.31 55.74 -68.22
CA ILE W 393 -87.65 54.60 -67.55
C ILE W 393 -86.13 54.80 -67.51
N LYS W 394 -85.56 55.33 -68.59
CA LYS W 394 -84.14 55.65 -68.67
C LYS W 394 -83.71 56.66 -67.62
N GLU W 395 -84.56 57.65 -67.38
CA GLU W 395 -84.26 58.67 -66.41
C GLU W 395 -84.63 58.24 -64.99
N MET W 396 -85.64 57.39 -64.87
CA MET W 396 -85.96 56.74 -63.61
C MET W 396 -84.72 56.05 -63.05
N VAL W 397 -84.05 55.27 -63.90
CA VAL W 397 -82.80 54.60 -63.56
C VAL W 397 -81.70 55.62 -63.26
N GLU W 398 -81.66 56.69 -64.06
CA GLU W 398 -80.66 57.74 -63.92
C GLU W 398 -80.79 58.57 -62.64
N THR W 399 -82.03 58.79 -62.19
CA THR W 399 -82.31 59.64 -61.05
C THR W 399 -82.75 58.84 -59.84
N GLY W 400 -83.90 58.21 -59.95
CA GLY W 400 -84.53 57.52 -58.82
C GLY W 400 -85.91 58.08 -58.55
N LYS W 401 -86.35 59.01 -59.39
CA LYS W 401 -87.64 59.67 -59.24
C LYS W 401 -88.77 58.78 -59.74
N THR W 402 -89.96 58.93 -59.16
CA THR W 402 -91.15 58.17 -59.58
C THR W 402 -91.47 58.47 -61.03
N PRO W 403 -92.16 57.55 -61.73
CA PRO W 403 -92.62 57.86 -63.09
C PRO W 403 -93.51 59.11 -63.16
N SER W 404 -94.48 59.22 -62.23
CA SER W 404 -95.38 60.38 -62.19
C SER W 404 -94.66 61.68 -61.86
N GLN W 405 -93.63 61.60 -61.01
CA GLN W 405 -92.74 62.73 -60.75
C GLN W 405 -92.16 63.36 -62.01
N ILE W 406 -91.48 62.55 -62.83
CA ILE W 406 -90.84 63.05 -64.07
C ILE W 406 -91.82 63.34 -65.23
N VAL W 407 -93.02 62.74 -65.17
CA VAL W 407 -94.08 63.06 -66.11
C VAL W 407 -94.53 64.52 -65.92
N GLU W 408 -94.75 64.90 -64.66
CA GLU W 408 -95.12 66.27 -64.31
C GLU W 408 -93.97 67.23 -64.61
N GLU W 409 -92.79 66.90 -64.11
CA GLU W 409 -91.58 67.71 -64.28
C GLU W 409 -91.22 68.04 -65.74
N LYS W 410 -91.79 67.27 -66.68
CA LYS W 410 -91.47 67.45 -68.11
C LYS W 410 -92.71 67.58 -69.02
N GLY W 411 -93.90 67.59 -68.42
CA GLY W 411 -95.14 67.72 -69.18
C GLY W 411 -95.69 66.37 -69.63
N LEU W 412 -96.99 66.16 -69.45
CA LEU W 412 -97.63 64.88 -69.78
C LEU W 412 -97.60 64.60 -71.30
N VAL X 2 -41.89 -6.75 -35.76
CA VAL X 2 -42.43 -5.87 -36.83
C VAL X 2 -41.32 -5.02 -37.50
N ASP X 3 -41.45 -4.84 -38.82
CA ASP X 3 -40.38 -4.30 -39.67
C ASP X 3 -39.85 -2.93 -39.26
N ARG X 4 -38.68 -2.61 -39.80
CA ARG X 4 -38.18 -1.24 -39.80
C ARG X 4 -39.07 -0.42 -40.71
N GLU X 5 -39.42 -0.99 -41.86
CA GLU X 5 -40.34 -0.38 -42.82
C GLU X 5 -41.63 0.07 -42.13
N TRP X 6 -42.17 -0.79 -41.28
CA TRP X 6 -43.41 -0.50 -40.55
C TRP X 6 -43.26 0.72 -39.65
N VAL X 7 -42.23 0.70 -38.81
CA VAL X 7 -41.96 1.79 -37.88
C VAL X 7 -41.83 3.13 -38.60
N LEU X 8 -41.07 3.13 -39.70
CA LEU X 8 -40.88 4.32 -40.53
C LEU X 8 -42.17 4.82 -41.16
N LYS X 9 -42.99 3.88 -41.65
CA LYS X 9 -44.29 4.19 -42.26
C LYS X 9 -45.27 4.83 -41.27
N ILE X 10 -45.33 4.26 -40.07
CA ILE X 10 -46.24 4.75 -39.03
C ILE X 10 -45.75 6.08 -38.51
N ALA X 11 -44.45 6.23 -38.35
CA ALA X 11 -43.89 7.50 -37.87
C ALA X 11 -44.11 8.65 -38.85
N LYS X 12 -44.08 8.32 -40.13
CA LYS X 12 -44.33 9.31 -41.19
C LYS X 12 -45.75 9.85 -41.04
N LEU X 13 -46.71 8.93 -40.93
CA LEU X 13 -48.12 9.27 -40.76
C LEU X 13 -48.33 10.20 -39.58
N ALA X 14 -47.60 9.93 -38.50
CA ALA X 14 -47.70 10.68 -37.25
C ALA X 14 -46.76 11.90 -37.20
N ARG X 15 -45.98 12.11 -38.27
CA ARG X 15 -45.00 13.20 -38.32
C ARG X 15 -44.04 13.16 -37.14
N LEU X 16 -43.38 12.02 -36.99
CA LEU X 16 -42.25 11.87 -36.09
C LEU X 16 -41.06 11.55 -36.95
N GLU X 17 -40.04 12.39 -36.89
CA GLU X 17 -38.78 12.05 -37.53
C GLU X 17 -37.94 11.31 -36.50
N LEU X 18 -38.03 9.98 -36.51
CA LEU X 18 -37.36 9.20 -35.49
C LEU X 18 -35.85 9.23 -35.71
N LYS X 19 -35.11 9.32 -34.60
CA LYS X 19 -33.67 9.19 -34.61
C LYS X 19 -33.36 7.71 -34.67
N GLU X 20 -32.21 7.38 -35.23
CA GLU X 20 -31.82 5.98 -35.51
C GLU X 20 -31.90 5.06 -34.30
N GLU X 21 -31.56 5.61 -33.13
CA GLU X 21 -31.67 4.92 -31.85
C GLU X 21 -33.12 4.52 -31.50
N GLU X 22 -34.07 5.40 -31.81
CA GLU X 22 -35.51 5.20 -31.55
C GLU X 22 -36.13 4.16 -32.46
N ILE X 23 -35.79 4.21 -33.75
CA ILE X 23 -36.27 3.20 -34.70
C ILE X 23 -36.01 1.76 -34.22
N GLU X 24 -34.85 1.52 -33.62
CA GLU X 24 -34.50 0.18 -33.18
C GLU X 24 -35.22 -0.20 -31.89
N VAL X 25 -35.26 0.73 -30.93
CA VAL X 25 -35.98 0.52 -29.66
C VAL X 25 -37.47 0.33 -29.90
N PHE X 26 -38.08 1.20 -30.72
CA PHE X 26 -39.53 1.15 -30.95
C PHE X 26 -39.94 -0.07 -31.75
N GLN X 27 -38.99 -0.70 -32.43
CA GLN X 27 -39.25 -1.98 -33.09
C GLN X 27 -39.57 -3.08 -32.09
N LYS X 28 -38.73 -3.21 -31.06
CA LYS X 28 -38.93 -4.25 -30.07
C LYS X 28 -40.12 -3.89 -29.15
N GLN X 29 -40.12 -2.66 -28.65
CA GLN X 29 -41.16 -2.20 -27.72
C GLN X 29 -42.58 -2.34 -28.31
N LEU X 30 -42.76 -1.86 -29.53
CA LEU X 30 -44.07 -1.93 -30.19
C LEU X 30 -44.50 -3.34 -30.55
N SER X 31 -43.55 -4.16 -30.96
CA SER X 31 -43.83 -5.59 -31.18
C SER X 31 -44.33 -6.23 -29.91
N ASP X 32 -43.63 -5.94 -28.81
CA ASP X 32 -44.02 -6.47 -27.49
C ASP X 32 -45.43 -6.03 -27.12
N ILE X 33 -45.66 -4.73 -27.21
CA ILE X 33 -46.94 -4.12 -26.87
C ILE X 33 -48.05 -4.69 -27.75
N LEU X 34 -47.78 -4.86 -29.04
CA LEU X 34 -48.80 -5.45 -29.91
C LEU X 34 -49.13 -6.90 -29.60
N ASP X 35 -48.17 -7.65 -29.08
CA ASP X 35 -48.43 -8.99 -28.58
C ASP X 35 -49.15 -8.90 -27.23
N PHE X 36 -48.75 -7.91 -26.44
CA PHE X 36 -49.35 -7.68 -25.13
C PHE X 36 -50.85 -7.45 -25.18
N ILE X 37 -51.30 -6.60 -26.09
CA ILE X 37 -52.70 -6.17 -26.13
C ILE X 37 -53.57 -7.08 -26.97
N ASP X 38 -52.95 -8.06 -27.60
CA ASP X 38 -53.62 -8.97 -28.51
C ASP X 38 -54.39 -10.07 -27.78
N GLN X 39 -55.39 -9.70 -26.98
CA GLN X 39 -56.19 -10.71 -26.27
C GLN X 39 -57.64 -10.71 -26.68
N LEU X 40 -58.06 -9.75 -27.49
CA LEU X 40 -59.46 -9.47 -27.68
C LEU X 40 -60.17 -10.36 -28.71
N LYS X 41 -59.42 -10.99 -29.61
CA LYS X 41 -60.00 -11.86 -30.66
C LYS X 41 -60.88 -12.95 -30.09
N GLU X 42 -60.47 -13.45 -28.92
CA GLU X 42 -61.18 -14.49 -28.17
C GLU X 42 -62.65 -14.17 -27.95
N LEU X 43 -62.95 -12.88 -27.82
CA LEU X 43 -64.30 -12.44 -27.49
C LEU X 43 -65.16 -12.22 -28.71
N ASP X 44 -66.44 -12.60 -28.59
CA ASP X 44 -67.43 -12.38 -29.63
C ASP X 44 -68.05 -11.01 -29.49
N THR X 45 -67.91 -10.20 -30.54
CA THR X 45 -68.45 -8.83 -30.54
C THR X 45 -69.32 -8.51 -31.74
N GLU X 46 -69.63 -9.51 -32.56
CA GLU X 46 -70.74 -9.40 -33.50
C GLU X 46 -71.92 -9.17 -32.57
N ASN X 47 -72.85 -8.32 -32.90
CA ASN X 47 -73.97 -8.10 -31.92
C ASN X 47 -73.61 -7.42 -30.61
N VAL X 48 -72.45 -6.80 -30.54
CA VAL X 48 -72.17 -5.86 -29.46
C VAL X 48 -72.05 -4.45 -30.06
N GLU X 49 -72.80 -3.50 -29.50
CA GLU X 49 -72.67 -2.12 -29.93
C GLU X 49 -71.44 -1.46 -29.28
N PRO X 50 -70.62 -0.75 -30.09
CA PRO X 50 -69.51 0.02 -29.55
C PRO X 50 -70.00 0.95 -28.45
N TYR X 51 -69.18 1.14 -27.41
CA TYR X 51 -69.51 1.97 -26.26
C TYR X 51 -69.74 3.45 -26.58
N ILE X 52 -70.87 3.99 -26.16
CA ILE X 52 -71.06 5.44 -26.16
C ILE X 52 -71.60 5.77 -24.80
N GLN X 53 -71.31 6.98 -24.30
CA GLN X 53 -71.91 7.40 -23.07
C GLN X 53 -73.41 7.67 -23.31
N GLU X 54 -74.21 7.44 -22.27
CA GLU X 54 -75.65 7.71 -22.28
C GLU X 54 -75.99 9.20 -22.45
N PHE X 55 -76.97 9.52 -23.29
CA PHE X 55 -77.43 10.90 -23.46
C PHE X 55 -78.84 10.85 -24.02
N GLU X 56 -79.68 11.81 -23.64
CA GLU X 56 -81.07 11.85 -24.11
C GLU X 56 -81.15 12.54 -25.49
N GLU X 57 -80.59 13.74 -25.55
CA GLU X 57 -80.58 14.51 -26.79
C GLU X 57 -79.18 14.97 -27.07
N THR X 58 -78.88 15.19 -28.35
CA THR X 58 -77.61 15.79 -28.73
C THR X 58 -77.55 17.23 -28.22
N PRO X 59 -76.53 17.55 -27.40
CA PRO X 59 -76.20 18.91 -26.99
C PRO X 59 -75.83 19.84 -28.15
N MET X 60 -76.62 20.89 -28.29
CA MET X 60 -76.42 21.84 -29.34
C MET X 60 -76.42 23.20 -28.73
N ARG X 61 -76.03 24.17 -29.50
CA ARG X 61 -75.82 25.50 -29.01
C ARG X 61 -76.50 26.45 -29.98
N GLU X 62 -77.11 27.51 -29.47
CA GLU X 62 -77.77 28.50 -30.31
C GLU X 62 -76.75 29.20 -31.22
N ASP X 63 -77.21 29.67 -32.38
CA ASP X 63 -76.37 30.41 -33.32
C ASP X 63 -76.18 31.88 -32.92
N GLU X 64 -75.54 32.11 -31.77
CA GLU X 64 -75.29 33.47 -31.26
C GLU X 64 -73.79 33.68 -31.02
N PRO X 65 -73.23 34.77 -31.55
CA PRO X 65 -71.81 35.08 -31.36
C PRO X 65 -71.36 35.21 -29.88
N HIS X 66 -70.22 34.59 -29.57
CA HIS X 66 -69.54 34.78 -28.29
C HIS X 66 -68.31 35.64 -28.56
N PRO X 67 -67.88 36.46 -27.58
CA PRO X 67 -66.67 37.25 -27.75
C PRO X 67 -65.47 36.35 -28.06
N SER X 68 -64.81 36.61 -29.19
CA SER X 68 -63.58 35.92 -29.55
C SER X 68 -62.45 36.21 -28.59
N LEU X 69 -61.37 35.46 -28.76
CA LEU X 69 -60.15 35.65 -28.03
C LEU X 69 -59.44 36.88 -28.57
N ASP X 70 -58.87 37.67 -27.68
CA ASP X 70 -58.07 38.82 -28.03
C ASP X 70 -56.90 38.35 -28.91
N ARG X 71 -56.74 38.95 -30.09
CA ARG X 71 -55.74 38.49 -31.07
C ARG X 71 -54.30 38.39 -30.56
N GLU X 72 -53.95 39.30 -29.64
CA GLU X 72 -52.65 39.29 -28.97
C GLU X 72 -52.46 38.02 -28.15
N LYS X 73 -53.49 37.62 -27.40
CA LYS X 73 -53.52 36.35 -26.65
C LYS X 73 -53.55 35.15 -27.55
N ALA X 74 -54.19 35.28 -28.71
CA ALA X 74 -54.30 34.20 -29.68
C ALA X 74 -52.95 33.92 -30.35
N LEU X 75 -52.11 34.95 -30.43
CA LEU X 75 -50.84 34.87 -31.14
C LEU X 75 -49.63 34.80 -30.22
N MET X 76 -49.77 35.29 -28.98
CA MET X 76 -48.63 35.36 -28.05
C MET X 76 -47.71 34.15 -27.96
N ASN X 77 -48.28 32.95 -28.12
CA ASN X 77 -47.50 31.72 -27.99
C ASN X 77 -46.85 31.25 -29.29
N ALA X 78 -47.19 31.95 -30.39
CA ALA X 78 -46.75 31.54 -31.73
C ALA X 78 -45.24 31.60 -31.88
N PRO X 79 -44.63 30.50 -32.34
CA PRO X 79 -43.19 30.52 -32.67
C PRO X 79 -42.78 31.72 -33.54
N GLU X 80 -43.61 32.08 -34.52
CA GLU X 80 -43.33 33.20 -35.41
C GLU X 80 -44.63 33.81 -35.92
N ARG X 81 -44.80 35.11 -35.69
CA ARG X 81 -45.98 35.82 -36.18
C ARG X 81 -45.65 37.04 -37.08
N LYS X 82 -46.57 37.40 -37.98
CA LYS X 82 -46.39 38.55 -38.85
C LYS X 82 -47.71 39.17 -39.28
N ASP X 83 -47.88 40.44 -38.97
CA ASP X 83 -49.02 41.21 -39.44
C ASP X 83 -50.40 40.62 -39.08
N GLY X 84 -50.48 39.88 -37.97
CA GLY X 84 -51.74 39.23 -37.55
C GLY X 84 -51.84 37.76 -37.97
N PHE X 85 -50.81 37.25 -38.62
CA PHE X 85 -50.81 35.90 -39.16
C PHE X 85 -49.78 34.98 -38.45
N PHE X 86 -50.12 33.69 -38.38
CA PHE X 86 -49.18 32.68 -37.96
C PHE X 86 -48.20 32.46 -39.10
N VAL X 87 -46.92 32.38 -38.79
CA VAL X 87 -45.95 32.19 -39.87
C VAL X 87 -45.31 30.82 -39.78
N VAL X 88 -45.23 30.15 -40.93
CA VAL X 88 -44.58 28.85 -41.05
C VAL X 88 -43.76 28.89 -42.32
N PRO X 89 -42.83 27.94 -42.49
CA PRO X 89 -42.13 27.84 -43.79
C PRO X 89 -43.12 27.64 -44.93
N ARG X 90 -42.87 28.27 -46.07
CA ARG X 90 -43.75 28.20 -47.23
C ARG X 90 -44.18 26.77 -47.58
N VAL X 91 -45.43 26.62 -48.00
CA VAL X 91 -45.97 25.34 -48.48
C VAL X 91 -46.26 25.39 -50.00
N VAL X 92 -46.12 24.26 -50.68
CA VAL X 92 -46.31 24.24 -52.14
C VAL X 92 -47.79 24.12 -52.54
N ASN Y . 42.36 42.95 -40.51
CA ASN Y . 42.93 42.51 -39.26
C ASN Y . 44.22 41.77 -39.45
O ASN Y . 45.10 41.83 -38.58
CB ASN Y . 41.97 41.58 -38.59
CG ASN Y . 40.74 42.29 -38.08
OD1 ASN Y . 40.79 43.49 -37.84
OXT ASN Y . 44.36 41.06 -40.47
PB ADP Z . 68.97 30.57 -14.45
O1B ADP Z . 67.74 30.02 -13.75
O2B ADP Z . 69.97 29.50 -14.85
O3B ADP Z . 68.63 31.55 -15.55
PA ADP Z . 71.22 31.32 -12.78
O1A ADP Z . 72.17 30.84 -13.89
O2A ADP Z . 71.62 32.54 -11.99
O3A ADP Z . 69.71 31.51 -13.33
O5' ADP Z . 71.03 30.12 -11.71
C5' ADP Z . 69.91 30.09 -10.84
C4' ADP Z . 70.26 29.21 -9.64
O4' ADP Z . 71.48 28.50 -9.89
C3' ADP Z . 70.51 30.08 -8.43
O3' ADP Z . 70.02 29.40 -7.27
C2' ADP Z . 72.02 30.18 -8.36
O2' ADP Z . 72.48 30.36 -7.03
C1' ADP Z . 72.48 28.86 -8.94
N9 ADP Z . 73.83 28.93 -9.56
C8 ADP Z . 74.22 29.69 -10.61
N7 ADP Z . 75.54 29.50 -10.90
C5 ADP Z . 76.01 28.60 -10.02
C6 ADP Z . 77.31 27.93 -9.74
N6 ADP Z . 78.42 28.19 -10.47
N1 ADP Z . 77.38 27.05 -8.71
C2 ADP Z . 76.30 26.78 -7.96
N3 ADP Z . 75.10 27.34 -8.14
C4 ADP Z . 74.89 28.24 -9.14
MG MG AA . 59.31 28.28 -11.71
ZN ZN BA . 39.90 27.08 -12.76
N ASN CA . -23.68 -20.71 -71.00
CA ASN CA . -22.53 -19.88 -70.62
C ASN CA . -22.99 -18.71 -69.79
O ASN CA . -22.37 -18.34 -68.78
CB ASN CA . -21.79 -19.36 -71.84
CG ASN CA . -21.05 -20.44 -72.60
OD1 ASN CA . -20.72 -21.48 -72.04
OXT ASN CA . -23.99 -18.11 -70.14
PB ADP DA . -2.75 2.49 -47.33
O1B ADP DA . -2.96 3.85 -47.96
O2B ADP DA . -4.02 1.67 -47.24
O3B ADP DA . -1.52 1.76 -47.86
PA ADP DA . -3.26 3.72 -44.81
O1A ADP DA . -4.60 3.97 -45.45
O2A ADP DA . -3.19 3.19 -43.40
O3A ADP DA . -2.38 2.76 -45.78
O5' ADP DA . -2.38 5.08 -44.87
C5' ADP DA . -1.80 5.52 -46.10
C4' ADP DA . -0.69 6.51 -45.84
O4' ADP DA . -1.10 7.39 -44.81
C3' ADP DA . 0.60 5.84 -45.36
O3' ADP DA . 1.70 6.49 -46.00
C2' ADP DA . 0.61 6.10 -43.87
O2' ADP DA . 1.95 6.28 -43.40
C1' ADP DA . -0.18 7.38 -43.72
N9 ADP DA . -0.98 7.44 -42.49
C8 ADP DA . -1.81 6.49 -42.00
N7 ADP DA . -2.39 6.92 -40.85
C5 ADP DA . -1.93 8.15 -40.59
C6 ADP DA . -2.13 9.17 -39.54
N6 ADP DA . -2.96 8.93 -38.50
N1 ADP DA . -1.46 10.33 -39.66
C2 ADP DA . -0.62 10.58 -40.69
N3 ADP DA . -0.39 9.70 -41.68
C4 ADP DA . -1.01 8.50 -41.68
MG MG EA . -1.54 4.32 -56.96
ZN ZN FA . -0.04 0.32 -76.11
N ASN GA . 19.19 -13.68 -19.71
CA ASN GA . 18.23 -14.72 -20.03
C ASN GA . 16.84 -14.50 -19.38
O ASN GA . 15.82 -14.79 -19.99
CB ASN GA . 18.79 -16.05 -19.58
CG ASN GA . 19.97 -16.50 -20.45
OD1 ASN GA . 20.08 -16.06 -21.60
OXT ASN GA . 16.69 -14.08 -18.24
PB ADP HA . -13.98 -30.24 -31.83
O1B ADP HA . -15.48 -30.01 -31.85
O2B ADP HA . -13.20 -29.13 -31.14
O3B ADP HA . -13.57 -31.62 -31.33
PA ADP HA . -14.46 -29.74 -34.71
O1A ADP HA . -15.71 -28.99 -34.31
O2A ADP HA . -13.50 -29.09 -35.69
O3A ADP HA . -13.55 -30.16 -33.41
O5' ADP HA . -14.96 -31.14 -35.36
C5' ADP HA . -14.90 -32.36 -34.63
C4' ADP HA . -15.85 -33.44 -35.12
O4' ADP HA . -17.20 -33.14 -34.74
C3' ADP HA . -15.85 -33.63 -36.63
O3' ADP HA . -15.82 -35.04 -36.88
C2' ADP HA . -17.18 -33.07 -37.10
O2' ADP HA . -17.64 -33.76 -38.26
C1' ADP HA . -18.06 -33.29 -35.87
N9 ADP HA . -19.17 -32.32 -35.78
C8 ADP HA . -19.08 -30.97 -35.79
N7 ADP HA . -20.30 -30.38 -35.66
C5 ADP HA . -21.19 -31.38 -35.55
C6 ADP HA . -22.65 -31.48 -35.39
N6 ADP HA . -23.41 -30.37 -35.33
N1 ADP HA . -23.20 -32.71 -35.32
C2 ADP HA . -22.45 -33.83 -35.40
N3 ADP HA . -21.12 -33.82 -35.55
C4 ADP HA . -20.44 -32.65 -35.62
MG MG IA . -5.90 -36.50 -30.98
ZN ZN JA . 11.40 -43.75 -25.83
N ASN KA . 61.13 -54.07 57.93
CA ASN KA . 60.51 -53.35 56.82
C ASN KA . 61.23 -53.64 55.51
O ASN KA . 60.60 -53.90 54.47
CB ASN KA . 60.57 -51.86 57.09
CG ASN KA . 59.62 -51.42 58.21
OD1 ASN KA . 58.66 -52.11 58.49
OXT ASN KA . 62.46 -53.59 55.49
PB ADP LA . 48.36 -50.33 21.80
O1B ADP LA . 48.15 -51.12 23.07
O2B ADP LA . 48.66 -48.86 21.99
O3B ADP LA . 49.33 -51.01 20.83
PA ADP LA . 46.63 -50.89 19.57
O1A ADP LA . 47.73 -51.82 19.11
O2A ADP LA . 45.20 -51.39 19.43
O3A ADP LA . 46.89 -50.40 21.10
O5' ADP LA . 46.77 -49.50 18.75
C5' ADP LA . 46.19 -48.29 19.24
C4' ADP LA . 45.71 -47.46 18.07
O4' ADP LA . 46.31 -47.95 16.88
C3' ADP LA . 44.21 -47.54 17.85
O3' ADP LA . 43.73 -46.27 17.40
C2' ADP LA . 44.01 -48.52 16.70
O2' ADP LA . 42.87 -48.13 15.93
C1' ADP LA . 45.30 -48.32 15.92
N9 ADP LA . 45.70 -49.53 15.16
C8 ADP LA . 45.91 -50.77 15.65
N7 ADP LA . 46.26 -51.64 14.67
C5 ADP LA . 46.28 -50.93 13.53
C6 ADP LA . 46.60 -51.22 12.11
N6 ADP LA . 46.93 -52.47 11.75
N1 ADP LA . 46.49 -50.22 11.21
C2 ADP LA . 46.15 -48.96 11.58
N3 ADP LA . 45.86 -48.63 12.85
C4 ADP LA . 45.92 -49.55 13.85
MG MG MA . 47.89 -41.21 27.06
ZN ZN NA . 49.26 -29.04 42.25
N ASN OA . -62.39 -47.81 19.76
CA ASN OA . -61.31 -46.93 20.14
C ASN OA . -61.78 -45.81 21.06
O ASN OA . -61.10 -45.43 22.02
CB ASN OA . -60.64 -46.30 18.92
CG ASN OA . -59.85 -47.31 18.10
OD1 ASN OA . -59.41 -48.34 18.64
OXT ASN OA . -62.84 -45.25 20.84
PB ADP PA . -43.19 -22.33 42.86
O1B ADP PA . -42.92 -22.19 41.38
O2B ADP PA . -42.86 -21.05 43.62
O3B ADP PA . -44.54 -22.94 43.19
PA ADP PA . -41.67 -23.64 44.98
O1A ADP PA . -42.64 -22.91 45.90
O2A ADP PA . -41.44 -25.12 45.16
O3A ADP PA . -42.11 -23.43 43.43
O5' ADP PA . -40.27 -22.86 45.12
C5' ADP PA . -39.72 -22.21 43.97
C4' ADP PA . -38.90 -20.97 44.28
O4' ADP PA . -39.50 -20.16 45.29
C3' ADP PA . -37.51 -21.36 44.78
O3' ADP PA . -36.56 -20.49 44.17
C2' ADP PA . -37.59 -21.13 46.28
O2' ADP PA . -36.29 -20.87 46.82
C1' ADP PA . -38.52 -19.93 46.33
N9 ADP PA . -39.23 -19.81 47.62
C8 ADP PA . -40.10 -20.70 48.15
N7 ADP PA . -40.59 -20.25 49.34
C5 ADP PA . -40.03 -19.05 49.56
C6 ADP PA . -40.10 -18.04 50.63
N6 ADP PA . -40.90 -18.23 51.72
N1 ADP PA . -39.35 -16.93 50.48
C2 ADP PA . -38.56 -16.73 49.41
N3 ADP PA . -38.43 -17.61 48.40
C4 ADP PA . -39.13 -18.77 48.42
MG MG QA . -39.71 -23.11 33.23
ZN ZN RA . -38.85 -26.73 14.53
N ASN SA . 5.33 15.86 50.28
CA ASN SA . 5.62 14.84 51.25
C ASN SA . 6.79 13.94 50.89
O ASN SA . 7.68 13.71 51.74
CB ASN SA . 4.39 13.98 51.52
CG ASN SA . 3.30 14.74 52.27
OD1 ASN SA . 3.60 15.70 52.96
OXT ASN SA . 6.85 13.41 49.76
PB ADP TA . 30.90 4.30 76.71
O1B ADP TA . 29.48 4.07 77.16
O2B ADP TA . 31.62 2.98 76.48
O3B ADP TA . 31.03 5.35 75.62
PA ADP TA . 33.20 4.79 78.37
O1A ADP TA . 33.98 4.36 77.13
O2A ADP TA . 33.69 5.99 79.16
O3A ADP TA . 31.64 5.00 77.99
O5' ADP TA . 33.16 3.52 79.37
C5' ADP TA . 31.95 2.91 79.82
C4' ADP TA . 32.20 2.11 81.10
O4' ADP TA . 33.48 1.45 81.02
C3' ADP TA . 32.26 2.99 82.32
O3' ADP TA . 31.69 2.29 83.42
C2' ADP TA . 33.74 3.22 82.57
O2' ADP TA . 33.96 3.38 83.97
C1' ADP TA . 34.37 1.95 82.04
N9 ADP TA . 35.73 2.10 81.48
C8 ADP TA . 36.16 3.00 80.57
N7 ADP TA . 37.48 2.83 80.28
C5 ADP TA . 37.93 1.79 81.04
C6 ADP TA . 39.21 1.06 81.24
N6 ADP TA . 40.33 1.43 80.58
N1 ADP TA . 39.25 0.05 82.11
C2 ADP TA . 38.14 -0.32 82.79
N3 ADP TA . 36.95 0.28 82.67
C4 ADP TA . 36.77 1.32 81.82
MG MG UA . 21.38 0.98 78.81
ZN ZN VA . 1.92 -0.46 77.25
N ASN WA . 8.62 72.23 18.85
CA ASN WA . 7.84 71.10 18.39
C ASN WA . 6.44 71.18 19.06
O ASN WA . 5.40 70.83 18.49
CB ASN WA . 8.54 69.82 18.81
CG ASN WA . 9.85 69.56 18.00
OD1 ASN WA . 10.02 70.07 16.90
OXT ASN WA . 6.32 71.57 20.21
PB ADP XA . -23.42 56.21 4.29
O1B ADP XA . -23.76 55.46 5.56
O2B ADP XA . -22.90 57.61 4.55
O3B ADP XA . -22.65 55.38 3.28
PA ADP XA . -26.25 56.53 4.18
O1A ADP XA . -26.14 57.01 5.60
O2A ADP XA . -27.17 57.27 3.21
O3A ADP XA . -24.80 56.49 3.49
O5' ADP XA . -26.68 54.97 4.20
C5' ADP XA . -25.79 53.91 3.81
C4' ADP XA . -26.59 52.65 3.54
O4' ADP XA . -27.93 52.86 3.97
C3' ADP XA . -26.68 52.36 2.05
O3' ADP XA . -26.65 50.94 1.84
C2' ADP XA . -28.01 52.94 1.63
O2' ADP XA . -28.54 52.29 0.48
C1' ADP XA . -28.83 52.71 2.88
N9 ADP XA . -29.93 53.68 3.03
C8 ADP XA . -29.82 55.02 3.10
N7 ADP XA . -31.04 55.60 3.26
C5 ADP XA . -31.95 54.60 3.29
C6 ADP XA . -33.43 54.52 3.42
N6 ADP XA . -34.17 55.63 3.55
N1 ADP XA . -34.00 53.30 3.40
C2 ADP XA . -33.25 52.18 3.26
N3 ADP XA . -31.91 52.18 3.13
C4 ADP XA . -31.22 53.34 3.13
MG MG YA . -16.63 49.44 7.67
ZN ZN ZA . 0.78 42.07 12.53
N ASN AB . -51.83 5.20 -16.06
CA ASN AB . -52.50 5.87 -17.17
C ASN AB . -51.72 5.64 -18.44
O ASN AB . -52.29 5.60 -19.56
CB ASN AB . -52.54 7.34 -16.88
CG ASN AB . -53.52 7.71 -15.74
OD1 ASN AB . -54.42 6.93 -15.49
OXT ASN AB . -50.48 5.54 -18.35
PB ADP BB . -63.42 8.83 -52.49
O1B ADP BB . -63.50 10.14 -51.71
O2B ADP BB . -62.53 8.92 -53.72
O3B ADP BB . -63.20 7.61 -51.61
PA ADP BB . -65.31 8.25 -54.55
O1A ADP BB . -64.33 7.23 -55.12
O2A ADP BB . -66.80 7.94 -54.60
O3A ADP BB . -64.93 8.64 -53.03
O5' ADP BB . -65.11 9.64 -55.34
C5' ADP BB . -65.87 10.80 -55.02
C4' ADP BB . -66.30 11.46 -56.32
O4' ADP BB . -65.63 10.87 -57.43
C3' ADP BB . -67.78 11.25 -56.57
O3' ADP BB . -68.31 12.48 -57.02
C2' ADP BB . -67.85 10.23 -57.68
O2' ADP BB . -69.02 10.42 -58.47
C1' ADP BB . -66.58 10.52 -58.45
N9 ADP BB . -66.08 9.40 -59.30
C8 ADP BB . -65.67 8.18 -58.88
N7 ADP BB . -65.26 7.42 -59.92
C5 ADP BB . -65.38 8.15 -61.04
C6 ADP BB . -65.13 7.95 -62.49
N6 ADP BB . -64.64 6.79 -62.97
N1 ADP BB . -65.41 8.98 -63.33
C2 ADP BB . -65.90 10.14 -62.87
N3 ADP BB . -66.16 10.39 -61.58
C4 ADP BB . -65.93 9.46 -60.62
MG MG CB . -64.70 17.77 -47.34
ZN ZN DB . -64.04 29.99 -32.08
#